data_5TRS
#
_entry.id   5TRS
#
_cell.length_a   120.509
_cell.length_b   198.301
_cell.length_c   165.941
_cell.angle_alpha   90.000
_cell.angle_beta   103.133
_cell.angle_gamma   90.000
#
_symmetry.space_group_name_H-M   'P 1 21 1'
#
loop_
_entity.id
_entity.type
_entity.pdbx_description
1 polymer 'Proteasome subunit alpha'
2 polymer 'Proteasome subunit beta'
3 non-polymer N-tert-butoxy-N~2~-(5-methyl-1,2-oxazole-3-carbonyl)-L-asparaginyl-O-methyl-N-[(naphthalen-1-yl)methyl]-L-serinamide
4 water water
#
loop_
_entity_poly.entity_id
_entity_poly.type
_entity_poly.pdbx_seq_one_letter_code
_entity_poly.pdbx_strand_id
1 'polypeptide(L)'
;MEQAMRERSELARKGIARAKSVVALAYAGGVLFVAENPSRSLQKISELYDRVGFAAAGKFNEFDNLRRGGIQFADTRGYA
YDRRDVTGRQLANVYAQTLGTIFTEQAKPYEVELCVAEVAHYGETKRPELYRITYDGSIADEPHFVVMGGTTEPIANALK
ESYAENASLTDALRIAVAALRAGSADTSGGDQPTLGVASLEVAVLDANRPRRAFRRITGSALQALLVDQESPQSDGESSG
;
A,B,C,D,E,F,G,O,P,Q,R,S,T,U
2 'polypeptide(L)'
;TTIVALKYPGGVVMAGDRRSTQGNMISGRDVRKVYITDDYTATGIAGTAAVAVEFARLYAVELEHYEKLEGVPLTFAGKI
NRLAIMVRGNLAAAMQGLLALPLLAGYDIHASDPQSAGRIVSFDAAGGWNIEEEGYQAVGSGSLFAKSSMKKLYSQVTDG
DSGLRVAVEALYDAADDDSATGGPDLVRGIFPTAVIIDADGAVDVPESRIAELARAIIESRSGADTFGSDGGEKHHHHHH
;
H,I,J,K,L,M,N,V,W,X,Y,Z,a,b
#
# COMPACT_ATOMS: atom_id res chain seq x y z
N MET A 1 4.73 -63.60 33.82
CA MET A 1 3.65 -62.64 33.70
C MET A 1 2.69 -62.74 34.88
N GLU A 2 2.34 -63.97 35.28
CA GLU A 2 1.53 -64.14 36.48
C GLU A 2 2.36 -63.95 37.74
N GLN A 3 3.61 -64.41 37.73
CA GLN A 3 4.49 -64.15 38.85
C GLN A 3 4.78 -62.65 38.96
N ALA A 4 4.85 -61.95 37.83
CA ALA A 4 5.16 -60.52 37.89
C ALA A 4 4.02 -59.73 38.53
N MET A 5 2.80 -59.94 38.07
CA MET A 5 1.66 -59.23 38.65
C MET A 5 1.44 -59.69 40.09
N ARG A 6 1.78 -60.94 40.39
CA ARG A 6 1.74 -61.43 41.76
C ARG A 6 2.68 -60.62 42.65
N GLU A 7 3.92 -60.42 42.19
CA GLU A 7 4.89 -59.68 42.99
C GLU A 7 4.45 -58.23 43.16
N ARG A 8 3.94 -57.62 42.09
CA ARG A 8 3.45 -56.25 42.20
C ARG A 8 2.35 -56.16 43.25
N SER A 9 1.33 -57.00 43.13
CA SER A 9 0.24 -56.99 44.10
C SER A 9 0.75 -57.16 45.51
N GLU A 10 1.76 -58.02 45.71
CA GLU A 10 2.26 -58.24 47.06
C GLU A 10 2.97 -57.00 47.59
N LEU A 11 3.83 -56.38 46.78
CA LEU A 11 4.50 -55.16 47.21
C LEU A 11 3.48 -54.09 47.60
N ALA A 12 2.48 -53.87 46.74
CA ALA A 12 1.48 -52.85 47.03
C ALA A 12 0.73 -53.18 48.31
N ARG A 13 0.26 -54.43 48.44
CA ARG A 13 -0.51 -54.79 49.62
C ARG A 13 0.29 -54.60 50.89
N LYS A 14 1.55 -55.03 50.90
CA LYS A 14 2.37 -54.84 52.10
C LYS A 14 2.56 -53.37 52.41
N GLY A 15 2.90 -52.58 51.39
CA GLY A 15 3.05 -51.16 51.60
C GLY A 15 1.83 -50.52 52.23
N ILE A 16 0.65 -50.90 51.77
CA ILE A 16 -0.57 -50.34 52.34
C ILE A 16 -0.81 -50.88 53.74
N ALA A 17 -0.47 -52.15 53.96
CA ALA A 17 -0.70 -52.77 55.26
C ALA A 17 0.14 -52.13 56.36
N ARG A 18 1.28 -51.56 56.01
CA ARG A 18 2.17 -50.97 56.99
C ARG A 18 1.87 -49.50 57.26
N ALA A 19 0.82 -48.95 56.66
CA ALA A 19 0.47 -47.54 56.80
C ALA A 19 -0.68 -47.38 57.79
N LYS A 20 -0.84 -46.15 58.27
CA LYS A 20 -1.91 -45.86 59.20
C LYS A 20 -3.26 -45.94 58.50
N SER A 21 -4.31 -46.07 59.28
CA SER A 21 -5.64 -46.38 58.76
C SER A 21 -6.50 -45.13 58.62
N VAL A 22 -7.48 -45.23 57.72
CA VAL A 22 -8.40 -44.15 57.38
C VAL A 22 -9.78 -44.75 57.27
N VAL A 23 -10.79 -44.02 57.76
CA VAL A 23 -12.18 -44.45 57.66
C VAL A 23 -12.99 -43.27 57.16
N ALA A 24 -13.98 -43.55 56.32
CA ALA A 24 -14.94 -42.55 55.88
C ALA A 24 -16.31 -43.17 56.00
N LEU A 25 -17.23 -42.51 56.69
CA LEU A 25 -18.54 -43.11 56.90
C LEU A 25 -19.62 -42.05 56.73
N ALA A 26 -20.75 -42.49 56.21
CA ALA A 26 -21.87 -41.60 55.94
C ALA A 26 -22.69 -41.38 57.21
N TYR A 27 -22.99 -40.12 57.50
CA TYR A 27 -23.80 -39.75 58.64
C TYR A 27 -24.87 -38.76 58.18
N ALA A 28 -25.71 -38.35 59.13
CA ALA A 28 -26.89 -37.57 58.78
C ALA A 28 -26.53 -36.27 58.05
N GLY A 29 -25.38 -35.69 58.36
CA GLY A 29 -25.02 -34.47 57.70
C GLY A 29 -24.15 -34.61 56.49
N GLY A 30 -23.83 -35.82 56.05
CA GLY A 30 -22.98 -35.98 54.89
C GLY A 30 -21.98 -37.10 55.02
N VAL A 31 -20.70 -36.81 54.86
CA VAL A 31 -19.66 -37.83 54.94
C VAL A 31 -18.59 -37.37 55.91
N LEU A 32 -18.08 -38.30 56.71
CA LEU A 32 -17.08 -38.03 57.72
C LEU A 32 -15.81 -38.80 57.38
N PHE A 33 -14.70 -38.07 57.32
CA PHE A 33 -13.37 -38.63 57.14
C PHE A 33 -12.62 -38.51 58.44
N VAL A 34 -12.09 -39.63 58.92
CA VAL A 34 -11.24 -39.66 60.10
C VAL A 34 -10.03 -40.51 59.77
N ALA A 35 -8.85 -39.97 60.02
CA ALA A 35 -7.62 -40.68 59.68
C ALA A 35 -6.62 -40.54 60.82
N GLU A 36 -6.01 -41.68 61.16
CA GLU A 36 -4.91 -41.68 62.11
C GLU A 36 -3.74 -40.94 61.46
N ASN A 37 -3.39 -39.78 61.98
CA ASN A 37 -2.37 -38.94 61.38
C ASN A 37 -1.73 -38.06 62.45
N PRO A 38 -0.52 -38.38 62.89
CA PRO A 38 0.15 -37.53 63.88
C PRO A 38 0.58 -36.19 63.35
N SER A 39 0.78 -36.07 62.03
CA SER A 39 1.41 -34.88 61.47
C SER A 39 0.57 -33.63 61.72
N ARG A 40 1.25 -32.49 61.66
CA ARG A 40 0.63 -31.19 61.85
C ARG A 40 0.27 -30.51 60.54
N SER A 41 0.83 -30.95 59.42
CA SER A 41 0.66 -30.26 58.15
C SER A 41 0.51 -31.16 56.94
N LEU A 42 0.77 -32.45 57.05
CA LEU A 42 0.69 -33.36 55.92
C LEU A 42 -0.66 -34.07 55.95
N GLN A 43 -1.43 -33.89 54.89
CA GLN A 43 -2.83 -34.26 54.89
C GLN A 43 -3.06 -35.54 54.10
N LYS A 44 -3.94 -36.39 54.62
CA LYS A 44 -4.42 -37.58 53.91
C LYS A 44 -5.86 -37.42 53.48
N ILE A 45 -6.51 -36.33 53.86
CA ILE A 45 -7.89 -36.02 53.51
C ILE A 45 -7.90 -34.67 52.83
N SER A 46 -8.60 -34.57 51.69
CA SER A 46 -8.54 -33.33 50.94
C SER A 46 -9.85 -33.11 50.19
N GLU A 47 -10.07 -31.85 49.83
CA GLU A 47 -11.15 -31.48 48.95
C GLU A 47 -10.76 -31.75 47.51
N LEU A 48 -11.70 -32.30 46.74
CA LEU A 48 -11.52 -32.46 45.31
C LEU A 48 -12.33 -31.45 44.51
N TYR A 49 -13.64 -31.40 44.73
CA TYR A 49 -14.48 -30.43 44.04
C TYR A 49 -15.60 -30.04 44.99
N ASP A 50 -16.48 -29.16 44.51
CA ASP A 50 -17.52 -28.55 45.35
C ASP A 50 -18.10 -29.54 46.35
N ARG A 51 -18.61 -30.67 45.88
CA ARG A 51 -19.26 -31.65 46.72
C ARG A 51 -18.51 -32.97 46.77
N VAL A 52 -17.23 -32.98 46.42
CA VAL A 52 -16.47 -34.22 46.27
C VAL A 52 -15.21 -34.16 47.11
N GLY A 53 -15.00 -35.19 47.93
CA GLY A 53 -13.84 -35.28 48.79
C GLY A 53 -13.04 -36.55 48.56
N PHE A 54 -11.84 -36.56 49.12
CA PHE A 54 -10.80 -37.54 48.83
C PHE A 54 -10.10 -37.92 50.13
N ALA A 55 -9.86 -39.23 50.32
CA ALA A 55 -9.09 -39.71 51.46
C ALA A 55 -8.24 -40.89 51.00
N ALA A 56 -7.05 -41.03 51.56
CA ALA A 56 -6.10 -42.01 51.06
C ALA A 56 -5.27 -42.63 52.17
N ALA A 57 -4.75 -43.83 51.89
CA ALA A 57 -3.80 -44.49 52.76
C ALA A 57 -2.65 -45.03 51.93
N GLY A 58 -1.44 -44.99 52.48
CA GLY A 58 -0.28 -45.53 51.78
C GLY A 58 0.92 -44.62 51.75
N LYS A 59 1.70 -44.66 50.67
CA LYS A 59 2.88 -43.82 50.56
C LYS A 59 2.45 -42.38 50.27
N PHE A 60 2.97 -41.42 51.05
CA PHE A 60 2.44 -40.06 50.98
C PHE A 60 2.61 -39.46 49.60
N ASN A 61 3.83 -39.46 49.08
CA ASN A 61 4.09 -38.83 47.79
C ASN A 61 3.20 -39.41 46.70
N GLU A 62 2.86 -40.70 46.79
CA GLU A 62 2.10 -41.31 45.71
C GLU A 62 0.64 -40.91 45.76
N PHE A 63 -0.01 -41.04 46.92
CA PHE A 63 -1.41 -40.64 46.95
C PHE A 63 -1.55 -39.13 46.90
N ASP A 64 -0.47 -38.39 47.16
CA ASP A 64 -0.46 -36.96 46.89
C ASP A 64 -0.47 -36.69 45.40
N ASN A 65 0.37 -37.42 44.64
CA ASN A 65 0.30 -37.33 43.20
C ASN A 65 -1.12 -37.60 42.70
N LEU A 66 -1.75 -38.66 43.21
CA LEU A 66 -3.10 -38.97 42.76
C LEU A 66 -4.08 -37.87 43.16
N ARG A 67 -3.88 -37.26 44.32
CA ARG A 67 -4.78 -36.20 44.75
C ARG A 67 -4.68 -35.02 43.80
N ARG A 68 -3.46 -34.58 43.51
CA ARG A 68 -3.26 -33.45 42.62
C ARG A 68 -3.80 -33.74 41.22
N GLY A 69 -3.57 -34.94 40.71
CA GLY A 69 -4.12 -35.28 39.41
C GLY A 69 -5.63 -35.24 39.40
N GLY A 70 -6.26 -35.71 40.47
CA GLY A 70 -7.70 -35.65 40.55
C GLY A 70 -8.21 -34.23 40.58
N ILE A 71 -7.50 -33.36 41.27
CA ILE A 71 -7.89 -31.95 41.29
C ILE A 71 -7.77 -31.34 39.89
N GLN A 72 -6.65 -31.58 39.21
CA GLN A 72 -6.51 -31.09 37.85
C GLN A 72 -7.64 -31.59 36.96
N PHE A 73 -8.02 -32.85 37.13
CA PHE A 73 -9.09 -33.41 36.32
C PHE A 73 -10.41 -32.73 36.61
N ALA A 74 -10.74 -32.58 37.90
CA ALA A 74 -12.02 -31.99 38.27
C ALA A 74 -12.11 -30.56 37.78
N ASP A 75 -11.11 -29.73 38.11
CA ASP A 75 -11.15 -28.34 37.69
C ASP A 75 -11.23 -28.25 36.17
N THR A 76 -10.49 -29.10 35.46
CA THR A 76 -10.53 -29.07 34.01
C THR A 76 -11.91 -29.41 33.47
N ARG A 77 -12.55 -30.46 33.99
CA ARG A 77 -13.88 -30.81 33.50
C ARG A 77 -14.90 -29.73 33.82
N GLY A 78 -14.86 -29.21 35.05
CA GLY A 78 -15.79 -28.15 35.39
C GLY A 78 -15.61 -26.92 34.53
N TYR A 79 -14.37 -26.63 34.13
CA TYR A 79 -14.14 -25.51 33.23
C TYR A 79 -14.66 -25.81 31.82
N ALA A 80 -14.38 -27.00 31.31
CA ALA A 80 -14.79 -27.34 29.95
C ALA A 80 -16.30 -27.39 29.81
N TYR A 81 -17.01 -27.82 30.85
CA TYR A 81 -18.47 -27.90 30.81
C TYR A 81 -19.09 -26.97 31.84
N ASP A 82 -19.32 -27.48 33.04
CA ASP A 82 -19.85 -26.68 34.13
C ASP A 82 -19.65 -27.43 35.42
N ARG A 83 -19.59 -26.67 36.52
CA ARG A 83 -19.26 -27.25 37.80
C ARG A 83 -20.24 -28.34 38.19
N ARG A 84 -21.48 -28.21 37.76
CA ARG A 84 -22.55 -29.13 38.09
C ARG A 84 -22.45 -30.45 37.32
N ASP A 85 -21.54 -30.54 36.35
CA ASP A 85 -21.30 -31.76 35.61
C ASP A 85 -20.21 -32.63 36.22
N VAL A 86 -19.49 -32.14 37.21
CA VAL A 86 -18.49 -32.94 37.90
C VAL A 86 -19.20 -33.81 38.93
N THR A 87 -18.95 -35.11 38.87
CA THR A 87 -19.61 -36.07 39.73
C THR A 87 -18.57 -36.92 40.45
N GLY A 88 -19.00 -37.54 41.54
CA GLY A 88 -18.12 -38.46 42.24
C GLY A 88 -17.80 -39.69 41.43
N ARG A 89 -18.81 -40.28 40.79
CA ARG A 89 -18.57 -41.47 39.97
C ARG A 89 -17.50 -41.18 38.91
N GLN A 90 -17.49 -39.96 38.39
CA GLN A 90 -16.49 -39.59 37.39
C GLN A 90 -15.08 -39.68 37.96
N LEU A 91 -14.86 -39.02 39.09
CA LEU A 91 -13.53 -38.99 39.69
C LEU A 91 -13.09 -40.39 40.13
N ALA A 92 -14.01 -41.15 40.73
CA ALA A 92 -13.67 -42.53 41.07
C ALA A 92 -13.27 -43.31 39.83
N ASN A 93 -14.01 -43.13 38.74
CA ASN A 93 -13.73 -43.84 37.50
C ASN A 93 -12.33 -43.49 36.99
N VAL A 94 -12.00 -42.21 37.00
CA VAL A 94 -10.69 -41.79 36.50
C VAL A 94 -9.59 -42.32 37.40
N TYR A 95 -9.85 -42.44 38.70
CA TYR A 95 -8.86 -43.01 39.59
C TYR A 95 -8.67 -44.50 39.32
N ALA A 96 -9.75 -45.22 39.03
CA ALA A 96 -9.63 -46.63 38.66
C ALA A 96 -8.78 -46.79 37.41
N GLN A 97 -9.08 -46.03 36.37
CA GLN A 97 -8.32 -46.07 35.13
C GLN A 97 -6.84 -45.76 35.40
N THR A 98 -6.59 -44.71 36.18
CA THR A 98 -5.22 -44.27 36.44
C THR A 98 -4.43 -45.31 37.21
N LEU A 99 -4.98 -45.78 38.35
CA LEU A 99 -4.26 -46.75 39.16
C LEU A 99 -4.10 -48.09 38.43
N GLY A 100 -5.05 -48.46 37.60
CA GLY A 100 -4.82 -49.62 36.75
C GLY A 100 -3.59 -49.44 35.89
N THR A 101 -3.50 -48.29 35.19
CA THR A 101 -2.34 -48.03 34.35
C THR A 101 -1.05 -48.03 35.16
N ILE A 102 -1.04 -47.33 36.30
CA ILE A 102 0.16 -47.32 37.14
C ILE A 102 0.56 -48.75 37.50
N PHE A 103 -0.41 -49.53 37.94
CA PHE A 103 -0.13 -50.88 38.44
C PHE A 103 0.48 -51.75 37.37
N THR A 104 0.00 -51.63 36.13
CA THR A 104 0.51 -52.53 35.10
C THR A 104 1.75 -52.00 34.39
N GLU A 105 1.95 -50.69 34.32
CA GLU A 105 2.96 -50.14 33.43
C GLU A 105 4.06 -49.33 34.12
N GLN A 106 3.85 -48.85 35.33
CA GLN A 106 4.90 -48.05 35.94
C GLN A 106 6.00 -48.92 36.50
N ALA A 107 7.15 -48.30 36.76
CA ALA A 107 8.30 -49.02 37.28
C ALA A 107 7.96 -49.73 38.58
N LYS A 108 7.17 -49.09 39.43
CA LYS A 108 6.76 -49.65 40.70
C LYS A 108 5.32 -49.26 40.96
N PRO A 109 4.47 -50.21 41.35
CA PRO A 109 3.06 -49.87 41.61
C PRO A 109 2.94 -48.92 42.77
N TYR A 110 1.84 -48.18 42.79
CA TYR A 110 1.61 -47.25 43.87
C TYR A 110 1.08 -48.02 45.08
N GLU A 111 1.69 -47.81 46.24
CA GLU A 111 1.22 -48.44 47.46
C GLU A 111 0.20 -47.53 48.14
N VAL A 112 -0.99 -47.45 47.53
CA VAL A 112 -2.04 -46.56 48.00
C VAL A 112 -3.40 -47.23 47.90
N GLU A 113 -4.35 -46.71 48.66
CA GLU A 113 -5.77 -47.01 48.52
C GLU A 113 -6.52 -45.70 48.67
N LEU A 114 -7.53 -45.53 47.82
CA LEU A 114 -8.21 -44.25 47.65
C LEU A 114 -9.68 -44.39 47.97
N CYS A 115 -10.26 -43.30 48.47
CA CYS A 115 -11.69 -43.18 48.70
C CYS A 115 -12.14 -41.85 48.13
N VAL A 116 -13.15 -41.89 47.27
CA VAL A 116 -13.76 -40.70 46.70
C VAL A 116 -15.21 -40.68 47.16
N ALA A 117 -15.61 -39.58 47.80
CA ALA A 117 -16.93 -39.49 48.40
C ALA A 117 -17.67 -38.28 47.85
N GLU A 118 -18.98 -38.41 47.71
CA GLU A 118 -19.77 -37.30 47.22
C GLU A 118 -21.05 -37.17 48.04
N VAL A 119 -21.42 -35.93 48.32
CA VAL A 119 -22.67 -35.62 48.98
C VAL A 119 -23.57 -34.87 48.01
N ALA A 120 -24.81 -34.66 48.42
CA ALA A 120 -25.77 -33.97 47.57
C ALA A 120 -25.43 -32.49 47.48
N HIS A 121 -25.94 -31.85 46.42
CA HIS A 121 -25.81 -30.42 46.27
C HIS A 121 -26.80 -29.70 47.17
N TYR A 122 -26.47 -28.46 47.53
CA TYR A 122 -27.29 -27.72 48.49
C TYR A 122 -28.74 -27.66 48.02
N GLY A 123 -29.65 -28.04 48.91
CA GLY A 123 -31.05 -28.02 48.61
C GLY A 123 -31.54 -29.22 47.84
N GLU A 124 -30.64 -30.08 47.38
CA GLU A 124 -31.00 -31.29 46.69
C GLU A 124 -30.97 -32.45 47.67
N THR A 125 -31.64 -33.53 47.29
CA THR A 125 -31.74 -34.73 48.12
C THR A 125 -31.05 -35.88 47.40
N LYS A 126 -30.02 -36.42 48.02
CA LYS A 126 -29.25 -37.51 47.44
C LYS A 126 -28.32 -38.08 48.50
N ARG A 127 -28.40 -39.38 48.71
CA ARG A 127 -27.60 -39.95 49.78
C ARG A 127 -26.14 -40.00 49.37
N PRO A 128 -25.22 -39.87 50.32
CA PRO A 128 -23.80 -39.87 49.97
C PRO A 128 -23.40 -41.12 49.21
N GLU A 129 -22.33 -41.00 48.44
CA GLU A 129 -21.74 -42.11 47.72
C GLU A 129 -20.32 -42.26 48.18
N LEU A 130 -19.88 -43.50 48.37
CA LEU A 130 -18.51 -43.78 48.73
C LEU A 130 -17.94 -44.71 47.68
N TYR A 131 -16.74 -44.42 47.23
CA TYR A 131 -16.08 -45.28 46.26
C TYR A 131 -14.70 -45.60 46.79
N ARG A 132 -14.33 -46.87 46.75
CA ARG A 132 -12.98 -47.25 47.15
C ARG A 132 -12.28 -47.82 45.93
N ILE A 133 -11.10 -47.30 45.64
CA ILE A 133 -10.27 -47.73 44.54
C ILE A 133 -8.97 -48.24 45.13
N THR A 134 -8.61 -49.47 44.80
CA THR A 134 -7.42 -50.09 45.37
C THR A 134 -6.27 -50.01 44.38
N TYR A 135 -5.11 -50.45 44.81
CA TYR A 135 -3.86 -50.21 44.09
C TYR A 135 -3.87 -50.75 42.67
N ASP A 136 -4.82 -51.59 42.29
CA ASP A 136 -4.83 -52.20 40.97
C ASP A 136 -5.94 -51.67 40.07
N GLY A 137 -6.65 -50.64 40.49
CA GLY A 137 -7.75 -50.10 39.71
C GLY A 137 -9.09 -50.72 40.00
N SER A 138 -9.14 -51.69 40.90
CA SER A 138 -10.42 -52.27 41.27
C SER A 138 -11.24 -51.20 41.99
N ILE A 139 -12.53 -51.17 41.71
CA ILE A 139 -13.39 -50.11 42.20
C ILE A 139 -14.60 -50.73 42.87
N ALA A 140 -15.04 -50.11 43.96
CA ALA A 140 -16.15 -50.65 44.72
C ALA A 140 -17.05 -49.53 45.19
N ASP A 141 -18.34 -49.76 45.06
CA ASP A 141 -19.39 -48.84 45.44
C ASP A 141 -19.87 -49.17 46.84
N GLU A 142 -19.90 -48.17 47.72
CA GLU A 142 -20.16 -48.41 49.12
C GLU A 142 -21.12 -47.38 49.69
N PRO A 143 -22.14 -47.84 50.43
CA PRO A 143 -23.20 -46.95 50.90
C PRO A 143 -23.03 -46.47 52.34
N HIS A 144 -22.21 -47.15 53.14
CA HIS A 144 -22.16 -46.84 54.56
C HIS A 144 -20.79 -46.39 55.04
N PHE A 145 -19.75 -47.18 54.80
CA PHE A 145 -18.44 -46.80 55.30
C PHE A 145 -17.36 -47.48 54.48
N VAL A 146 -16.15 -46.94 54.60
CA VAL A 146 -14.97 -47.38 53.87
C VAL A 146 -13.79 -47.34 54.84
N VAL A 147 -12.98 -48.39 54.83
CA VAL A 147 -11.81 -48.51 55.68
C VAL A 147 -10.63 -48.80 54.79
N MET A 148 -9.49 -48.18 55.10
CA MET A 148 -8.32 -48.28 54.24
C MET A 148 -7.05 -48.25 55.08
N GLY A 149 -6.09 -49.09 54.72
CA GLY A 149 -4.76 -48.93 55.30
C GLY A 149 -4.59 -49.66 56.61
N GLY A 150 -3.37 -50.13 56.83
CA GLY A 150 -3.06 -50.86 58.05
C GLY A 150 -3.81 -52.18 58.11
N THR A 151 -4.21 -52.55 59.32
CA THR A 151 -4.93 -53.80 59.58
C THR A 151 -6.42 -53.48 59.55
N THR A 152 -7.06 -53.78 58.42
CA THR A 152 -8.42 -53.29 58.20
C THR A 152 -9.47 -54.15 58.91
N GLU A 153 -9.29 -55.48 58.94
CA GLU A 153 -10.31 -56.37 59.49
C GLU A 153 -10.82 -55.97 60.87
N PRO A 154 -9.97 -55.70 61.87
CA PRO A 154 -10.52 -55.24 63.16
C PRO A 154 -11.39 -54.02 63.04
N ILE A 155 -10.96 -53.04 62.26
CA ILE A 155 -11.70 -51.79 62.10
C ILE A 155 -13.03 -52.03 61.41
N ALA A 156 -13.00 -52.79 60.32
CA ALA A 156 -14.22 -53.08 59.58
C ALA A 156 -15.22 -53.81 60.45
N ASN A 157 -14.75 -54.71 61.32
CA ASN A 157 -15.68 -55.38 62.22
C ASN A 157 -16.21 -54.41 63.28
N ALA A 158 -15.33 -53.59 63.86
CA ALA A 158 -15.78 -52.62 64.86
C ALA A 158 -16.91 -51.75 64.31
N LEU A 159 -16.73 -51.22 63.09
CA LEU A 159 -17.81 -50.45 62.49
C LEU A 159 -19.02 -51.34 62.22
N LYS A 160 -18.80 -52.48 61.57
CA LYS A 160 -19.82 -53.48 61.28
C LYS A 160 -20.74 -53.67 62.47
N GLU A 161 -20.18 -53.67 63.68
CA GLU A 161 -20.98 -53.75 64.89
C GLU A 161 -21.67 -52.43 65.18
N SER A 162 -20.90 -51.35 65.33
CA SER A 162 -21.43 -50.14 65.94
C SER A 162 -21.82 -49.07 64.92
N TYR A 163 -22.27 -49.45 63.72
CA TYR A 163 -22.61 -48.45 62.73
C TYR A 163 -24.12 -48.39 62.56
N ALA A 164 -24.65 -47.17 62.65
CA ALA A 164 -26.04 -46.87 62.41
C ALA A 164 -26.16 -45.81 61.32
N GLU A 165 -27.10 -46.00 60.40
CA GLU A 165 -27.34 -45.00 59.39
C GLU A 165 -27.76 -43.69 60.04
N ASN A 166 -27.54 -42.59 59.33
CA ASN A 166 -27.94 -41.26 59.77
C ASN A 166 -27.55 -40.95 61.21
N ALA A 167 -26.38 -41.41 61.63
CA ALA A 167 -25.89 -41.03 62.94
C ALA A 167 -25.59 -39.53 62.98
N SER A 168 -25.54 -38.98 64.19
CA SER A 168 -25.13 -37.59 64.33
C SER A 168 -23.63 -37.46 64.15
N LEU A 169 -23.15 -36.23 64.05
CA LEU A 169 -21.72 -36.02 63.84
C LEU A 169 -20.92 -36.52 65.03
N THR A 170 -21.36 -36.18 66.25
CA THR A 170 -20.62 -36.61 67.43
C THR A 170 -20.62 -38.13 67.57
N ASP A 171 -21.77 -38.75 67.37
CA ASP A 171 -21.85 -40.21 67.43
C ASP A 171 -20.99 -40.86 66.36
N ALA A 172 -21.15 -40.44 65.12
CA ALA A 172 -20.38 -41.03 64.03
C ALA A 172 -18.89 -40.87 64.29
N LEU A 173 -18.49 -39.72 64.80
CA LEU A 173 -17.09 -39.53 65.15
C LEU A 173 -16.67 -40.50 66.24
N ARG A 174 -17.53 -40.73 67.22
CA ARG A 174 -17.19 -41.66 68.30
C ARG A 174 -17.00 -43.07 67.78
N ILE A 175 -17.95 -43.57 66.98
CA ILE A 175 -17.80 -44.94 66.49
C ILE A 175 -16.60 -45.04 65.56
N ALA A 176 -16.28 -43.96 64.83
CA ALA A 176 -15.14 -44.01 63.92
C ALA A 176 -13.83 -44.08 64.71
N VAL A 177 -13.65 -43.21 65.71
CA VAL A 177 -12.42 -43.27 66.51
C VAL A 177 -12.33 -44.59 67.25
N ALA A 178 -13.45 -45.11 67.72
CA ALA A 178 -13.46 -46.43 68.35
C ALA A 178 -12.96 -47.49 67.36
N ALA A 179 -13.57 -47.57 66.19
CA ALA A 179 -13.18 -48.57 65.21
C ALA A 179 -11.72 -48.44 64.83
N LEU A 180 -11.21 -47.21 64.75
CA LEU A 180 -9.80 -47.03 64.45
C LEU A 180 -8.94 -47.59 65.59
N ARG A 181 -9.25 -47.18 66.82
CA ARG A 181 -8.54 -47.67 67.99
C ARG A 181 -8.49 -49.19 68.04
N ALA A 182 -9.46 -49.86 67.44
CA ALA A 182 -9.41 -51.32 67.34
C ALA A 182 -8.34 -51.81 66.39
N GLY A 183 -7.53 -50.94 65.80
CA GLY A 183 -6.39 -51.37 65.01
C GLY A 183 -5.12 -51.28 65.83
N SER A 184 -5.04 -52.09 66.89
CA SER A 184 -3.92 -52.06 67.82
C SER A 184 -2.61 -52.47 67.15
N PRO A 193 -3.61 -47.76 73.71
CA PRO A 193 -3.40 -46.59 72.85
C PRO A 193 -4.67 -45.75 72.71
N THR A 194 -4.58 -44.46 73.00
CA THR A 194 -5.71 -43.54 72.90
C THR A 194 -5.45 -42.53 71.79
N LEU A 195 -6.46 -42.30 70.96
CA LEU A 195 -6.37 -41.37 69.84
C LEU A 195 -7.02 -40.04 70.25
N GLY A 196 -6.28 -38.95 70.07
CA GLY A 196 -6.78 -37.63 70.41
C GLY A 196 -6.62 -36.64 69.28
N VAL A 197 -6.70 -35.35 69.59
CA VAL A 197 -6.62 -34.34 68.54
C VAL A 197 -5.25 -34.33 67.89
N ALA A 198 -4.20 -34.41 68.70
CA ALA A 198 -2.84 -34.33 68.16
C ALA A 198 -2.53 -35.50 67.23
N SER A 199 -3.25 -36.62 67.35
CA SER A 199 -3.01 -37.78 66.50
C SER A 199 -4.12 -38.06 65.50
N LEU A 200 -5.09 -37.16 65.34
CA LEU A 200 -6.17 -37.38 64.39
C LEU A 200 -6.20 -36.29 63.32
N GLU A 201 -6.79 -36.65 62.18
CA GLU A 201 -7.15 -35.72 61.13
C GLU A 201 -8.61 -35.96 60.79
N VAL A 202 -9.44 -34.93 60.89
CA VAL A 202 -10.87 -35.07 60.75
C VAL A 202 -11.38 -34.03 59.77
N ALA A 203 -12.30 -34.45 58.90
CA ALA A 203 -12.94 -33.51 57.99
C ALA A 203 -14.28 -34.11 57.56
N VAL A 204 -15.15 -33.26 57.02
CA VAL A 204 -16.47 -33.70 56.60
C VAL A 204 -16.83 -33.07 55.26
N LEU A 205 -17.58 -33.83 54.47
CA LEU A 205 -18.35 -33.26 53.37
C LEU A 205 -19.73 -32.97 53.95
N ASP A 206 -19.99 -31.69 54.22
CA ASP A 206 -21.16 -31.22 54.94
C ASP A 206 -22.21 -30.81 53.93
N ALA A 207 -23.18 -31.69 53.68
CA ALA A 207 -24.16 -31.44 52.65
C ALA A 207 -25.02 -30.22 52.91
N ASN A 208 -24.87 -29.60 54.07
CA ASN A 208 -25.70 -28.45 54.41
C ASN A 208 -24.99 -27.14 54.11
N ARG A 209 -23.80 -27.19 53.54
CA ARG A 209 -23.05 -26.02 53.11
C ARG A 209 -23.47 -25.64 51.69
N PRO A 210 -23.54 -24.35 51.38
CA PRO A 210 -24.15 -23.94 50.11
C PRO A 210 -23.35 -24.34 48.89
N ARG A 211 -22.02 -24.19 48.89
CA ARG A 211 -21.28 -24.68 47.74
C ARG A 211 -20.19 -25.66 48.17
N ARG A 212 -19.03 -25.14 48.56
CA ARG A 212 -17.91 -25.99 48.93
C ARG A 212 -18.24 -26.75 50.21
N ALA A 213 -18.46 -28.05 50.10
CA ALA A 213 -18.93 -28.85 51.23
C ALA A 213 -17.81 -29.32 52.14
N PHE A 214 -16.56 -29.31 51.67
CA PHE A 214 -15.45 -29.84 52.46
C PHE A 214 -15.11 -28.87 53.58
N ARG A 215 -15.09 -29.37 54.81
CA ARG A 215 -14.82 -28.57 55.98
C ARG A 215 -13.96 -29.39 56.93
N ARG A 216 -12.94 -28.76 57.52
CA ARG A 216 -12.08 -29.43 58.48
C ARG A 216 -12.50 -29.13 59.91
N ILE A 217 -12.29 -30.12 60.77
CA ILE A 217 -12.64 -30.03 62.19
C ILE A 217 -11.34 -30.20 62.97
N THR A 218 -10.63 -29.10 63.23
CA THR A 218 -9.33 -29.12 63.87
C THR A 218 -9.38 -28.52 65.27
N GLY A 219 -8.46 -28.97 66.12
CA GLY A 219 -8.17 -28.26 67.34
C GLY A 219 -9.33 -28.23 68.31
N SER A 220 -9.58 -27.05 68.88
CA SER A 220 -10.59 -26.88 69.91
C SER A 220 -11.93 -27.46 69.50
N ALA A 221 -12.33 -27.27 68.24
CA ALA A 221 -13.58 -27.85 67.76
C ALA A 221 -13.56 -29.36 67.83
N LEU A 222 -12.49 -29.98 67.33
CA LEU A 222 -12.42 -31.44 67.36
C LEU A 222 -12.45 -31.96 68.79
N GLN A 223 -11.68 -31.32 69.68
CA GLN A 223 -11.72 -31.69 71.09
C GLN A 223 -13.13 -31.59 71.63
N ALA A 224 -13.84 -30.51 71.30
CA ALA A 224 -15.21 -30.34 71.74
C ALA A 224 -16.09 -31.50 71.26
N LEU A 225 -15.84 -32.00 70.05
CA LEU A 225 -16.62 -33.14 69.59
C LEU A 225 -16.17 -34.48 70.18
N LEU A 226 -14.98 -34.54 70.78
CA LEU A 226 -14.55 -35.82 71.33
C LEU A 226 -14.96 -36.01 72.79
N VAL A 227 -15.31 -34.93 73.49
CA VAL A 227 -15.73 -35.05 74.89
C VAL A 227 -17.25 -35.20 75.00
N MET B 1 8.05 -66.85 24.50
CA MET B 1 7.15 -66.58 23.38
C MET B 1 5.88 -67.42 23.48
N GLU B 2 5.89 -68.62 22.87
CA GLU B 2 4.71 -69.49 22.92
C GLU B 2 4.31 -69.82 24.34
N GLN B 3 5.21 -69.65 25.31
CA GLN B 3 4.84 -69.78 26.71
C GLN B 3 4.42 -68.44 27.30
N ALA B 4 5.06 -67.35 26.91
CA ALA B 4 4.61 -66.02 27.34
C ALA B 4 3.14 -65.82 26.98
N MET B 5 2.77 -66.14 25.74
CA MET B 5 1.38 -65.97 25.34
C MET B 5 0.46 -66.91 26.08
N ARG B 6 0.92 -68.11 26.41
CA ARG B 6 0.10 -69.01 27.20
C ARG B 6 -0.10 -68.48 28.62
N GLU B 7 0.94 -67.86 29.18
CA GLU B 7 0.79 -67.26 30.50
C GLU B 7 -0.21 -66.11 30.46
N ARG B 8 -0.12 -65.26 29.43
CA ARG B 8 -1.09 -64.18 29.28
C ARG B 8 -2.50 -64.73 29.16
N SER B 9 -2.69 -65.70 28.28
CA SER B 9 -4.00 -66.32 28.10
C SER B 9 -4.55 -66.83 29.42
N GLU B 10 -3.68 -67.42 30.25
CA GLU B 10 -4.16 -67.95 31.51
C GLU B 10 -4.56 -66.83 32.46
N LEU B 11 -3.73 -65.78 32.57
CA LEU B 11 -4.08 -64.65 33.42
C LEU B 11 -5.45 -64.11 33.06
N ALA B 12 -5.67 -63.88 31.77
CA ALA B 12 -6.97 -63.35 31.33
C ALA B 12 -8.09 -64.33 31.64
N ARG B 13 -7.92 -65.59 31.25
CA ARG B 13 -8.98 -66.58 31.42
C ARG B 13 -9.40 -66.72 32.87
N LYS B 14 -8.44 -66.77 33.80
CA LYS B 14 -8.81 -66.80 35.21
C LYS B 14 -9.51 -65.51 35.60
N GLY B 15 -8.98 -64.37 35.16
CA GLY B 15 -9.62 -63.10 35.49
C GLY B 15 -11.09 -63.05 35.11
N ILE B 16 -11.42 -63.50 33.91
CA ILE B 16 -12.82 -63.52 33.50
C ILE B 16 -13.59 -64.56 34.28
N ALA B 17 -12.97 -65.71 34.56
CA ALA B 17 -13.67 -66.75 35.29
C ALA B 17 -14.04 -66.31 36.69
N ARG B 18 -13.25 -65.43 37.29
CA ARG B 18 -13.52 -64.95 38.64
C ARG B 18 -14.64 -63.91 38.70
N ALA B 19 -15.00 -63.31 37.57
CA ALA B 19 -15.93 -62.19 37.54
C ALA B 19 -17.37 -62.67 37.36
N LYS B 20 -18.31 -61.78 37.66
CA LYS B 20 -19.73 -62.08 37.56
C LYS B 20 -20.15 -62.22 36.10
N SER B 21 -21.30 -62.85 35.87
CA SER B 21 -21.72 -63.27 34.55
C SER B 21 -22.73 -62.31 33.90
N VAL B 22 -22.79 -62.37 32.57
CA VAL B 22 -23.64 -61.54 31.73
C VAL B 22 -24.20 -62.42 30.62
N VAL B 23 -25.46 -62.19 30.26
CA VAL B 23 -26.11 -62.91 29.16
C VAL B 23 -26.83 -61.93 28.27
N ALA B 24 -26.81 -62.19 26.97
CA ALA B 24 -27.55 -61.41 25.98
C ALA B 24 -28.24 -62.35 25.01
N LEU B 25 -29.54 -62.16 24.82
CA LEU B 25 -30.29 -63.05 23.95
C LEU B 25 -31.31 -62.26 23.14
N ALA B 26 -31.54 -62.71 21.91
CA ALA B 26 -32.44 -62.04 20.99
C ALA B 26 -33.87 -62.45 21.27
N TYR B 27 -34.77 -61.47 21.33
CA TYR B 27 -36.18 -61.75 21.53
C TYR B 27 -37.00 -60.96 20.51
N ALA B 28 -38.32 -61.15 20.58
CA ALA B 28 -39.20 -60.63 19.54
C ALA B 28 -39.07 -59.14 19.37
N GLY B 29 -38.79 -58.42 20.45
CA GLY B 29 -38.67 -56.98 20.39
C GLY B 29 -37.28 -56.45 20.19
N GLY B 30 -36.29 -57.31 20.00
CA GLY B 30 -34.93 -56.84 19.82
C GLY B 30 -33.90 -57.71 20.51
N VAL B 31 -33.08 -57.12 21.37
CA VAL B 31 -32.06 -57.86 22.10
C VAL B 31 -32.14 -57.51 23.58
N LEU B 32 -31.94 -58.50 24.44
CA LEU B 32 -32.04 -58.28 25.88
C LEU B 32 -30.68 -58.58 26.51
N PHE B 33 -30.19 -57.61 27.30
CA PHE B 33 -28.98 -57.74 28.10
C PHE B 33 -29.37 -57.85 29.56
N VAL B 34 -28.90 -58.90 30.22
CA VAL B 34 -29.15 -59.12 31.64
C VAL B 34 -27.82 -59.50 32.30
N ALA B 35 -27.44 -58.78 33.34
CA ALA B 35 -26.15 -59.05 33.99
C ALA B 35 -26.28 -58.94 35.50
N GLU B 36 -25.71 -59.90 36.22
CA GLU B 36 -25.61 -59.79 37.66
C GLU B 36 -24.63 -58.69 38.00
N ASN B 37 -25.12 -57.64 38.66
CA ASN B 37 -24.31 -56.46 38.95
C ASN B 37 -24.82 -55.82 40.23
N PRO B 38 -24.09 -55.97 41.33
CA PRO B 38 -24.54 -55.37 42.60
C PRO B 38 -24.47 -53.86 42.63
N SER B 39 -23.62 -53.24 41.82
CA SER B 39 -23.33 -51.82 41.95
C SER B 39 -24.57 -50.96 41.72
N ARG B 40 -24.53 -49.76 42.31
CA ARG B 40 -25.55 -48.75 42.07
C ARG B 40 -25.19 -47.81 40.93
N SER B 41 -23.90 -47.56 40.72
CA SER B 41 -23.45 -46.55 39.77
C SER B 41 -22.45 -47.04 38.73
N LEU B 42 -21.84 -48.20 38.92
CA LEU B 42 -20.85 -48.73 38.00
C LEU B 42 -21.52 -49.76 37.10
N GLN B 43 -21.24 -49.66 35.80
CA GLN B 43 -22.12 -50.19 34.78
C GLN B 43 -21.38 -51.15 33.85
N LYS B 44 -22.06 -52.23 33.43
CA LYS B 44 -21.48 -53.21 32.52
C LYS B 44 -22.16 -53.31 31.16
N ILE B 45 -23.32 -52.69 30.95
CA ILE B 45 -24.03 -52.73 29.69
C ILE B 45 -24.28 -51.31 29.21
N SER B 46 -23.95 -51.03 27.96
CA SER B 46 -24.00 -49.63 27.54
C SER B 46 -24.44 -49.52 26.10
N GLU B 47 -24.91 -48.33 25.77
CA GLU B 47 -25.24 -47.97 24.40
C GLU B 47 -23.97 -47.61 23.64
N LEU B 48 -23.87 -48.08 22.40
CA LEU B 48 -22.79 -47.68 21.51
C LEU B 48 -23.27 -46.71 20.43
N TYR B 49 -24.28 -47.08 19.67
CA TYR B 49 -24.82 -46.19 18.65
C TYR B 49 -26.31 -46.46 18.55
N ASP B 50 -26.97 -45.73 17.65
CA ASP B 50 -28.42 -45.75 17.52
C ASP B 50 -28.99 -47.15 17.75
N ARG B 51 -28.50 -48.12 16.98
CA ARG B 51 -29.02 -49.48 17.03
C ARG B 51 -27.99 -50.49 17.53
N VAL B 52 -26.93 -50.06 18.20
CA VAL B 52 -25.87 -50.97 18.61
C VAL B 52 -25.59 -50.79 20.10
N GLY B 53 -25.61 -51.91 20.83
CA GLY B 53 -25.37 -51.92 22.26
C GLY B 53 -24.20 -52.81 22.63
N PHE B 54 -23.77 -52.66 23.88
CA PHE B 54 -22.49 -53.17 24.37
C PHE B 54 -22.72 -53.82 25.72
N ALA B 55 -22.10 -54.98 25.92
CA ALA B 55 -22.12 -55.64 27.22
C ALA B 55 -20.76 -56.27 27.47
N ALA B 56 -20.33 -56.31 28.72
CA ALA B 56 -18.98 -56.75 29.03
C ALA B 56 -18.95 -57.51 30.34
N ALA B 57 -17.94 -58.37 30.47
CA ALA B 57 -17.66 -59.07 31.71
C ALA B 57 -16.17 -59.00 31.99
N GLY B 58 -15.81 -58.86 33.26
CA GLY B 58 -14.40 -58.82 33.64
C GLY B 58 -14.02 -57.65 34.53
N LYS B 59 -12.80 -57.17 34.37
CA LYS B 59 -12.28 -56.06 35.18
C LYS B 59 -12.86 -54.72 34.70
N PHE B 60 -13.39 -53.94 35.65
CA PHE B 60 -14.19 -52.77 35.29
C PHE B 60 -13.38 -51.73 34.51
N ASN B 61 -12.26 -51.27 35.06
CA ASN B 61 -11.53 -50.20 34.39
C ASN B 61 -11.16 -50.59 32.96
N GLU B 62 -10.92 -51.87 32.70
CA GLU B 62 -10.48 -52.29 31.38
C GLU B 62 -11.63 -52.34 30.38
N PHE B 63 -12.74 -53.01 30.71
CA PHE B 63 -13.83 -53.02 29.75
C PHE B 63 -14.56 -51.68 29.69
N ASP B 64 -14.38 -50.84 30.71
CA ASP B 64 -14.87 -49.48 30.60
C ASP B 64 -14.06 -48.68 29.60
N ASN B 65 -12.72 -48.79 29.68
CA ASN B 65 -11.88 -48.19 28.65
C ASN B 65 -12.29 -48.66 27.26
N LEU B 66 -12.51 -49.97 27.09
CA LEU B 66 -12.97 -50.45 25.78
C LEU B 66 -14.31 -49.86 25.41
N ARG B 67 -15.18 -49.66 26.39
CA ARG B 67 -16.50 -49.09 26.11
C ARG B 67 -16.37 -47.67 25.56
N ARG B 68 -15.58 -46.83 26.24
CA ARG B 68 -15.37 -45.46 25.76
C ARG B 68 -14.71 -45.46 24.40
N GLY B 69 -13.73 -46.34 24.18
CA GLY B 69 -13.11 -46.42 22.86
C GLY B 69 -14.11 -46.79 21.77
N GLY B 70 -15.02 -47.71 22.08
CA GLY B 70 -16.02 -48.08 21.10
C GLY B 70 -16.99 -46.95 20.81
N ILE B 71 -17.39 -46.22 21.86
CA ILE B 71 -18.27 -45.08 21.66
C ILE B 71 -17.59 -44.05 20.78
N GLN B 72 -16.30 -43.82 21.00
CA GLN B 72 -15.57 -42.84 20.21
C GLN B 72 -15.47 -43.28 18.75
N PHE B 73 -15.12 -44.54 18.51
CA PHE B 73 -15.11 -45.04 17.15
C PHE B 73 -16.46 -44.85 16.48
N ALA B 74 -17.53 -45.23 17.16
CA ALA B 74 -18.84 -45.16 16.54
C ALA B 74 -19.22 -43.72 16.20
N ASP B 75 -19.17 -42.83 17.19
CA ASP B 75 -19.56 -41.44 16.93
C ASP B 75 -18.68 -40.79 15.86
N THR B 76 -17.37 -41.04 15.90
CA THR B 76 -16.50 -40.48 14.88
C THR B 76 -16.88 -41.02 13.50
N ARG B 77 -17.10 -42.32 13.39
CA ARG B 77 -17.45 -42.92 12.11
C ARG B 77 -18.76 -42.37 11.59
N GLY B 78 -19.76 -42.23 12.46
CA GLY B 78 -21.03 -41.65 12.07
C GLY B 78 -20.93 -40.20 11.63
N TYR B 79 -20.05 -39.42 12.27
CA TYR B 79 -19.85 -38.04 11.85
C TYR B 79 -19.15 -37.97 10.50
N ALA B 80 -18.09 -38.76 10.33
CA ALA B 80 -17.29 -38.70 9.11
C ALA B 80 -18.06 -39.13 7.87
N TYR B 81 -19.01 -40.05 8.03
CA TYR B 81 -19.81 -40.51 6.90
C TYR B 81 -21.28 -40.20 7.12
N ASP B 82 -21.98 -41.13 7.74
CA ASP B 82 -23.39 -40.95 8.07
C ASP B 82 -23.77 -41.97 9.11
N ARG B 83 -24.78 -41.61 9.91
CA ARG B 83 -25.17 -42.43 11.05
C ARG B 83 -25.58 -43.83 10.60
N ARG B 84 -26.11 -43.95 9.39
CA ARG B 84 -26.58 -45.24 8.91
C ARG B 84 -25.45 -46.16 8.50
N ASP B 85 -24.22 -45.65 8.38
CA ASP B 85 -23.09 -46.47 8.01
C ASP B 85 -22.45 -47.15 9.20
N VAL B 86 -22.83 -46.78 10.42
CA VAL B 86 -22.34 -47.44 11.62
C VAL B 86 -23.12 -48.73 11.82
N THR B 87 -22.41 -49.84 11.92
CA THR B 87 -23.04 -51.15 12.04
C THR B 87 -22.41 -51.91 13.20
N GLY B 88 -23.12 -52.93 13.67
CA GLY B 88 -22.56 -53.78 14.71
C GLY B 88 -21.32 -54.53 14.25
N ARG B 89 -21.37 -55.08 13.04
CA ARG B 89 -20.22 -55.81 12.49
C ARG B 89 -18.96 -54.97 12.58
N GLN B 90 -19.05 -53.69 12.21
CA GLN B 90 -17.92 -52.77 12.33
C GLN B 90 -17.37 -52.74 13.74
N LEU B 91 -18.24 -52.53 14.73
CA LEU B 91 -17.79 -52.41 16.11
C LEU B 91 -17.16 -53.70 16.60
N ALA B 92 -17.74 -54.85 16.27
CA ALA B 92 -17.12 -56.10 16.63
C ALA B 92 -15.74 -56.23 16.02
N ASN B 93 -15.61 -55.84 14.74
CA ASN B 93 -14.32 -55.94 14.05
C ASN B 93 -13.27 -55.06 14.73
N VAL B 94 -13.61 -53.80 15.02
CA VAL B 94 -12.63 -52.92 15.63
C VAL B 94 -12.29 -53.37 17.04
N TYR B 95 -13.26 -53.97 17.75
CA TYR B 95 -12.97 -54.52 19.06
C TYR B 95 -12.02 -55.72 18.96
N ALA B 96 -12.21 -56.57 17.94
CA ALA B 96 -11.28 -57.68 17.74
C ALA B 96 -9.88 -57.16 17.50
N GLN B 97 -9.74 -56.19 16.60
CA GLN B 97 -8.44 -55.60 16.32
C GLN B 97 -7.81 -55.05 17.60
N THR B 98 -8.60 -54.29 18.36
CA THR B 98 -8.09 -53.65 19.56
C THR B 98 -7.66 -54.65 20.61
N LEU B 99 -8.52 -55.60 20.95
CA LEU B 99 -8.17 -56.57 21.99
C LEU B 99 -7.03 -57.48 21.55
N GLY B 100 -6.92 -57.79 20.26
CA GLY B 100 -5.74 -58.50 19.79
C GLY B 100 -4.46 -57.73 20.07
N THR B 101 -4.43 -56.45 19.68
CA THR B 101 -3.25 -55.64 19.95
C THR B 101 -2.95 -55.57 21.45
N ILE B 102 -3.99 -55.31 22.25
CA ILE B 102 -3.80 -55.25 23.70
C ILE B 102 -3.20 -56.55 24.20
N PHE B 103 -3.75 -57.67 23.75
CA PHE B 103 -3.32 -58.97 24.25
C PHE B 103 -1.86 -59.22 23.94
N THR B 104 -1.39 -58.79 22.76
CA THR B 104 -0.01 -59.12 22.43
C THR B 104 1.01 -58.11 22.95
N GLU B 105 0.65 -56.82 23.05
CA GLU B 105 1.66 -55.79 23.22
C GLU B 105 1.55 -54.99 24.51
N GLN B 106 0.42 -54.99 25.19
CA GLN B 106 0.31 -54.18 26.39
C GLN B 106 1.02 -54.85 27.57
N ALA B 107 1.27 -54.04 28.59
CA ALA B 107 1.98 -54.55 29.78
C ALA B 107 1.29 -55.76 30.38
N LYS B 108 -0.04 -55.76 30.40
CA LYS B 108 -0.83 -56.87 30.92
C LYS B 108 -2.07 -57.00 30.06
N PRO B 109 -2.44 -58.21 29.65
CA PRO B 109 -3.63 -58.38 28.81
C PRO B 109 -4.88 -57.95 29.55
N TYR B 110 -5.91 -57.61 28.78
CA TYR B 110 -7.17 -57.19 29.38
C TYR B 110 -7.97 -58.41 29.80
N GLU B 111 -8.43 -58.41 31.05
CA GLU B 111 -9.25 -59.51 31.58
C GLU B 111 -10.72 -59.20 31.34
N VAL B 112 -11.12 -59.26 30.07
CA VAL B 112 -12.47 -58.86 29.66
C VAL B 112 -13.02 -59.79 28.59
N GLU B 113 -14.35 -59.79 28.46
CA GLU B 113 -15.04 -60.38 27.34
C GLU B 113 -16.18 -59.46 26.93
N LEU B 114 -16.39 -59.34 25.61
CA LEU B 114 -17.26 -58.33 25.03
C LEU B 114 -18.37 -58.98 24.23
N CYS B 115 -19.53 -58.33 24.24
CA CYS B 115 -20.66 -58.68 23.39
C CYS B 115 -21.15 -57.41 22.74
N VAL B 116 -21.22 -57.40 21.41
CA VAL B 116 -21.74 -56.27 20.67
C VAL B 116 -22.98 -56.75 19.95
N ALA B 117 -24.10 -56.05 20.17
CA ALA B 117 -25.38 -56.48 19.63
C ALA B 117 -25.99 -55.37 18.79
N GLU B 118 -26.71 -55.75 17.74
CA GLU B 118 -27.34 -54.78 16.86
C GLU B 118 -28.75 -55.23 16.52
N VAL B 119 -29.68 -54.29 16.53
CA VAL B 119 -31.05 -54.55 16.11
C VAL B 119 -31.30 -53.80 14.81
N ALA B 120 -32.45 -54.11 14.19
CA ALA B 120 -32.77 -53.50 12.92
C ALA B 120 -33.15 -52.03 13.12
N HIS B 121 -33.05 -51.28 12.04
CA HIS B 121 -33.48 -49.89 12.08
C HIS B 121 -35.00 -49.84 12.04
N TYR B 122 -35.56 -48.76 12.57
CA TYR B 122 -37.00 -48.66 12.73
C TYR B 122 -37.70 -48.93 11.41
N GLY B 123 -38.68 -49.82 11.45
CA GLY B 123 -39.46 -50.15 10.27
C GLY B 123 -38.83 -51.15 9.35
N GLU B 124 -37.59 -51.55 9.59
CA GLU B 124 -36.94 -52.55 8.76
C GLU B 124 -37.06 -53.91 9.45
N THR B 125 -36.87 -54.96 8.66
CA THR B 125 -36.96 -56.33 9.14
C THR B 125 -35.59 -56.96 9.01
N LYS B 126 -34.92 -57.18 10.14
CA LYS B 126 -33.60 -57.78 10.14
C LYS B 126 -33.39 -58.48 11.47
N ARG B 127 -32.98 -59.74 11.41
CA ARG B 127 -32.73 -60.46 12.64
C ARG B 127 -31.60 -59.79 13.40
N PRO B 128 -31.75 -59.61 14.71
CA PRO B 128 -30.66 -59.05 15.50
C PRO B 128 -29.35 -59.78 15.29
N GLU B 129 -28.23 -59.12 15.53
CA GLU B 129 -26.92 -59.75 15.43
C GLU B 129 -26.23 -59.67 16.78
N LEU B 130 -25.56 -60.77 17.14
CA LEU B 130 -24.81 -60.83 18.38
C LEU B 130 -23.39 -61.25 18.04
N TYR B 131 -22.42 -60.55 18.63
CA TYR B 131 -21.01 -60.85 18.41
C TYR B 131 -20.32 -60.99 19.74
N ARG B 132 -19.47 -62.01 19.85
CA ARG B 132 -18.65 -62.25 21.03
C ARG B 132 -17.21 -61.99 20.68
N ILE B 133 -16.55 -61.14 21.46
CA ILE B 133 -15.13 -60.86 21.31
C ILE B 133 -14.43 -61.25 22.59
N THR B 134 -13.42 -62.09 22.48
CA THR B 134 -12.73 -62.63 23.64
C THR B 134 -11.44 -61.88 23.89
N TYR B 135 -10.80 -62.19 25.02
CA TYR B 135 -9.66 -61.41 25.49
C TYR B 135 -8.49 -61.41 24.52
N ASP B 136 -8.50 -62.26 23.50
CA ASP B 136 -7.39 -62.36 22.55
C ASP B 136 -7.75 -61.85 21.17
N GLY B 137 -8.91 -61.22 21.03
CA GLY B 137 -9.35 -60.73 19.74
C GLY B 137 -10.14 -61.71 18.93
N SER B 138 -10.37 -62.93 19.42
CA SER B 138 -11.20 -63.88 18.70
C SER B 138 -12.63 -63.39 18.69
N ILE B 139 -13.30 -63.57 17.57
CA ILE B 139 -14.63 -63.03 17.34
C ILE B 139 -15.53 -64.15 16.83
N ALA B 140 -16.78 -64.12 17.26
CA ALA B 140 -17.73 -65.17 16.90
C ALA B 140 -19.10 -64.56 16.67
N ASP B 141 -19.76 -65.02 15.62
CA ASP B 141 -21.08 -64.57 15.22
C ASP B 141 -22.11 -65.51 15.80
N GLU B 142 -22.77 -65.09 16.90
CA GLU B 142 -23.73 -66.02 17.46
C GLU B 142 -25.14 -65.69 16.97
N PRO B 143 -26.02 -66.68 16.84
CA PRO B 143 -27.33 -66.41 16.26
C PRO B 143 -28.45 -66.22 17.28
N HIS B 144 -28.26 -66.73 18.50
CA HIS B 144 -29.34 -66.73 19.47
C HIS B 144 -28.98 -66.04 20.77
N PHE B 145 -27.87 -66.42 21.41
CA PHE B 145 -27.53 -65.86 22.71
C PHE B 145 -26.03 -65.95 22.94
N VAL B 146 -25.57 -65.19 23.93
CA VAL B 146 -24.16 -65.08 24.30
C VAL B 146 -24.08 -65.03 25.82
N VAL B 147 -23.10 -65.76 26.36
CA VAL B 147 -22.86 -65.82 27.80
C VAL B 147 -21.40 -65.45 28.04
N MET B 148 -21.15 -64.66 29.08
CA MET B 148 -19.83 -64.11 29.31
C MET B 148 -19.56 -64.03 30.81
N GLY B 149 -18.36 -64.40 31.20
CA GLY B 149 -17.92 -64.15 32.56
C GLY B 149 -18.32 -65.25 33.53
N GLY B 150 -17.47 -65.46 34.52
CA GLY B 150 -17.71 -66.50 35.51
C GLY B 150 -17.67 -67.89 34.91
N THR B 151 -18.50 -68.77 35.45
CA THR B 151 -18.58 -70.15 34.99
C THR B 151 -19.69 -70.20 33.96
N THR B 152 -19.32 -70.17 32.69
CA THR B 152 -20.31 -69.97 31.64
C THR B 152 -21.05 -71.26 31.29
N GLU B 153 -20.44 -72.42 31.47
CA GLU B 153 -21.06 -73.65 30.99
C GLU B 153 -22.44 -73.91 31.59
N PRO B 154 -22.65 -73.80 32.91
CA PRO B 154 -24.02 -74.00 33.42
C PRO B 154 -25.04 -73.08 32.78
N ILE B 155 -24.70 -71.79 32.66
CA ILE B 155 -25.63 -70.82 32.09
C ILE B 155 -25.90 -71.14 30.63
N ALA B 156 -24.85 -71.47 29.89
CA ALA B 156 -25.02 -71.81 28.49
C ALA B 156 -25.93 -73.01 28.33
N ASN B 157 -25.82 -74.01 29.21
CA ASN B 157 -26.68 -75.18 29.11
C ASN B 157 -28.12 -74.82 29.42
N ALA B 158 -28.33 -74.07 30.50
CA ALA B 158 -29.67 -73.62 30.85
C ALA B 158 -30.32 -72.92 29.66
N LEU B 159 -29.55 -72.08 28.97
CA LEU B 159 -30.07 -71.42 27.78
C LEU B 159 -30.35 -72.40 26.64
N LYS B 160 -29.35 -73.23 26.27
CA LYS B 160 -29.55 -74.19 25.18
C LYS B 160 -30.88 -74.91 25.32
N GLU B 161 -31.16 -75.40 26.53
CA GLU B 161 -32.38 -76.19 26.73
C GLU B 161 -33.60 -75.34 27.02
N SER B 162 -33.43 -74.11 27.48
CA SER B 162 -34.55 -73.28 27.91
C SER B 162 -34.65 -71.99 27.10
N TYR B 163 -34.31 -72.04 25.82
CA TYR B 163 -34.35 -70.86 24.96
C TYR B 163 -35.50 -70.94 23.98
N ALA B 164 -36.25 -69.85 23.88
CA ALA B 164 -37.33 -69.69 22.92
C ALA B 164 -36.95 -68.55 21.99
N GLU B 165 -37.09 -68.80 20.68
CA GLU B 165 -36.59 -67.88 19.67
C GLU B 165 -37.25 -66.50 19.75
N ASN B 166 -38.58 -66.45 19.62
CA ASN B 166 -39.31 -65.19 19.59
C ASN B 166 -40.06 -64.92 20.89
N ALA B 167 -39.44 -65.20 22.03
CA ALA B 167 -40.11 -64.99 23.31
C ALA B 167 -40.44 -63.51 23.52
N SER B 168 -41.41 -63.28 24.40
CA SER B 168 -41.76 -61.92 24.81
C SER B 168 -40.70 -61.38 25.74
N LEU B 169 -40.83 -60.09 26.07
CA LEU B 169 -39.83 -59.45 26.92
C LEU B 169 -39.79 -60.12 28.30
N THR B 170 -40.95 -60.31 28.92
CA THR B 170 -40.99 -60.97 30.22
C THR B 170 -40.51 -62.40 30.10
N ASP B 171 -40.92 -63.09 29.05
CA ASP B 171 -40.51 -64.47 28.82
C ASP B 171 -38.99 -64.58 28.75
N ALA B 172 -38.39 -63.82 27.84
CA ALA B 172 -36.94 -63.88 27.66
C ALA B 172 -36.22 -63.48 28.94
N LEU B 173 -36.75 -62.49 29.65
CA LEU B 173 -36.13 -62.07 30.90
C LEU B 173 -36.14 -63.21 31.92
N ARG B 174 -37.31 -63.84 32.12
CA ARG B 174 -37.37 -64.90 33.12
C ARG B 174 -36.42 -66.05 32.79
N ILE B 175 -36.33 -66.44 31.51
CA ILE B 175 -35.38 -67.50 31.19
C ILE B 175 -33.95 -67.03 31.40
N ALA B 176 -33.68 -65.74 31.17
CA ALA B 176 -32.33 -65.22 31.34
C ALA B 176 -31.91 -65.27 32.81
N VAL B 177 -32.76 -64.74 33.71
CA VAL B 177 -32.42 -64.79 35.13
C VAL B 177 -32.32 -66.23 35.61
N ALA B 178 -33.19 -67.10 35.07
CA ALA B 178 -33.08 -68.51 35.39
C ALA B 178 -31.69 -69.04 35.06
N ALA B 179 -31.26 -68.85 33.81
CA ALA B 179 -29.93 -69.31 33.41
C ALA B 179 -28.84 -68.69 34.27
N LEU B 180 -29.01 -67.43 34.68
CA LEU B 180 -28.01 -66.82 35.55
C LEU B 180 -27.96 -67.50 36.91
N ARG B 181 -29.07 -68.07 37.37
CA ARG B 181 -29.07 -68.77 38.65
C ARG B 181 -28.25 -70.07 38.60
N ALA B 182 -28.13 -70.67 37.43
CA ALA B 182 -27.42 -71.94 37.32
C ALA B 182 -25.91 -71.73 37.25
N LEU B 195 -32.27 -63.65 43.44
CA LEU B 195 -31.68 -62.40 42.96
C LEU B 195 -32.68 -61.61 42.11
N GLY B 196 -32.92 -60.37 42.52
CA GLY B 196 -33.83 -59.49 41.81
C GLY B 196 -33.23 -58.12 41.61
N VAL B 197 -34.09 -57.12 41.38
CA VAL B 197 -33.70 -55.76 41.04
C VAL B 197 -32.42 -55.31 41.74
N ALA B 198 -32.25 -55.69 43.01
CA ALA B 198 -31.17 -55.10 43.78
C ALA B 198 -29.80 -55.60 43.32
N SER B 199 -29.72 -56.80 42.77
CA SER B 199 -28.42 -57.32 42.32
C SER B 199 -28.33 -57.50 40.81
N LEU B 200 -29.32 -57.07 40.04
CA LEU B 200 -29.27 -57.22 38.60
C LEU B 200 -29.27 -55.86 37.92
N GLU B 201 -28.72 -55.87 36.71
CA GLU B 201 -28.83 -54.74 35.81
C GLU B 201 -29.32 -55.25 34.46
N VAL B 202 -30.39 -54.64 33.96
CA VAL B 202 -31.08 -55.10 32.78
C VAL B 202 -31.21 -53.93 31.81
N ALA B 203 -31.03 -54.20 30.52
CA ALA B 203 -31.23 -53.19 29.50
C ALA B 203 -31.57 -53.90 28.21
N VAL B 204 -32.17 -53.17 27.29
CA VAL B 204 -32.67 -53.76 26.06
C VAL B 204 -32.36 -52.87 24.87
N LEU B 205 -32.08 -53.50 23.73
CA LEU B 205 -32.13 -52.85 22.43
C LEU B 205 -33.52 -53.10 21.86
N ASP B 206 -34.37 -52.08 21.92
CA ASP B 206 -35.79 -52.19 21.60
C ASP B 206 -35.96 -51.74 20.15
N ALA B 207 -36.09 -52.72 19.25
CA ALA B 207 -36.14 -52.46 17.82
C ALA B 207 -37.34 -51.61 17.42
N ASN B 208 -38.20 -51.30 18.38
CA ASN B 208 -39.40 -50.52 18.13
C ASN B 208 -39.22 -49.05 18.47
N ARG B 209 -38.02 -48.61 18.76
CA ARG B 209 -37.97 -47.18 18.96
C ARG B 209 -37.48 -46.49 17.69
N PRO B 210 -37.87 -45.23 17.46
CA PRO B 210 -37.55 -44.59 16.17
C PRO B 210 -36.07 -44.45 15.88
N ARG B 211 -35.27 -43.94 16.81
CA ARG B 211 -33.83 -43.77 16.57
C ARG B 211 -33.00 -44.54 17.59
N ARG B 212 -32.90 -44.07 18.83
CA ARG B 212 -32.03 -44.68 19.82
C ARG B 212 -32.76 -45.83 20.49
N ALA B 213 -32.31 -47.05 20.22
CA ALA B 213 -33.02 -48.24 20.67
C ALA B 213 -32.68 -48.63 22.10
N PHE B 214 -31.55 -48.16 22.63
CA PHE B 214 -31.10 -48.62 23.94
C PHE B 214 -31.97 -48.03 25.04
N ARG B 215 -32.53 -48.90 25.87
CA ARG B 215 -33.41 -48.49 26.95
C ARG B 215 -33.08 -49.32 28.19
N ARG B 216 -32.86 -48.64 29.31
CA ARG B 216 -32.64 -49.31 30.59
C ARG B 216 -33.96 -49.63 31.27
N ILE B 217 -33.99 -50.73 32.00
CA ILE B 217 -35.16 -51.19 32.72
C ILE B 217 -34.80 -51.24 34.20
N THR B 218 -34.99 -50.11 34.88
CA THR B 218 -34.60 -49.98 36.28
C THR B 218 -35.83 -49.91 37.17
N GLY B 219 -35.66 -50.34 38.41
CA GLY B 219 -36.64 -50.05 39.45
C GLY B 219 -37.96 -50.78 39.25
N SER B 220 -39.05 -50.03 39.47
CA SER B 220 -40.39 -50.62 39.51
C SER B 220 -40.67 -51.48 38.29
N ALA B 221 -40.37 -50.94 37.10
CA ALA B 221 -40.64 -51.67 35.87
C ALA B 221 -39.94 -53.01 35.87
N LEU B 222 -38.67 -53.04 36.27
CA LEU B 222 -37.94 -54.30 36.28
C LEU B 222 -38.62 -55.30 37.19
N GLN B 223 -39.05 -54.86 38.38
CA GLN B 223 -39.76 -55.76 39.27
C GLN B 223 -40.98 -56.35 38.57
N ALA B 224 -41.72 -55.52 37.84
CA ALA B 224 -42.91 -55.98 37.14
C ALA B 224 -42.59 -57.12 36.18
N LEU B 225 -41.43 -57.07 35.54
CA LEU B 225 -41.09 -58.13 34.60
C LEU B 225 -40.61 -59.41 35.27
N LEU B 226 -40.25 -59.35 36.55
CA LEU B 226 -39.79 -60.55 37.25
C LEU B 226 -40.93 -61.28 37.93
N VAL B 227 -42.00 -60.57 38.29
CA VAL B 227 -43.11 -61.18 39.02
C VAL B 227 -43.80 -62.23 38.17
N ASP B 228 -44.16 -61.86 36.93
CA ASP B 228 -44.85 -62.78 36.05
C ASP B 228 -44.09 -62.98 34.74
N MET C 1 18.69 -67.07 20.71
CA MET C 1 18.08 -66.19 19.73
C MET C 1 17.21 -66.99 18.77
N GLU C 2 17.74 -68.11 18.30
CA GLU C 2 16.98 -68.97 17.41
C GLU C 2 15.79 -69.61 18.13
N GLN C 3 15.93 -69.85 19.44
CA GLN C 3 14.78 -70.33 20.21
C GLN C 3 13.61 -69.37 20.12
N ALA C 4 13.89 -68.07 20.06
CA ALA C 4 12.83 -67.12 19.78
C ALA C 4 12.23 -67.39 18.40
N MET C 5 13.08 -67.53 17.38
CA MET C 5 12.59 -67.74 16.03
C MET C 5 11.90 -69.09 15.88
N ARG C 6 12.50 -70.15 16.41
CA ARG C 6 11.83 -71.46 16.40
C ARG C 6 10.47 -71.38 17.05
N GLU C 7 10.41 -70.78 18.24
CA GLU C 7 9.16 -70.70 18.99
C GLU C 7 8.12 -69.91 18.19
N ARG C 8 8.54 -68.83 17.54
CA ARG C 8 7.63 -68.06 16.69
C ARG C 8 7.09 -68.91 15.56
N SER C 9 7.98 -69.56 14.80
CA SER C 9 7.54 -70.42 13.70
C SER C 9 6.57 -71.49 14.18
N GLU C 10 6.81 -72.05 15.37
CA GLU C 10 5.94 -73.08 15.88
C GLU C 10 4.58 -72.53 16.26
N LEU C 11 4.56 -71.39 16.96
CA LEU C 11 3.28 -70.76 17.31
C LEU C 11 2.47 -70.47 16.07
N ALA C 12 3.10 -69.87 15.07
CA ALA C 12 2.38 -69.53 13.84
C ALA C 12 1.87 -70.78 13.15
N ARG C 13 2.75 -71.78 12.99
CA ARG C 13 2.35 -73.00 12.29
C ARG C 13 1.18 -73.69 12.99
N LYS C 14 1.26 -73.82 14.32
CA LYS C 14 0.18 -74.45 15.07
C LYS C 14 -1.11 -73.64 14.96
N GLY C 15 -1.02 -72.33 15.16
CA GLY C 15 -2.18 -71.47 15.03
C GLY C 15 -2.86 -71.64 13.70
N ILE C 16 -2.07 -71.73 12.62
CA ILE C 16 -2.65 -71.94 11.30
C ILE C 16 -3.26 -73.32 11.21
N ALA C 17 -2.65 -74.30 11.88
CA ALA C 17 -3.17 -75.66 11.83
C ALA C 17 -4.55 -75.75 12.47
N ARG C 18 -4.77 -75.04 13.57
CA ARG C 18 -6.07 -75.12 14.24
C ARG C 18 -7.20 -74.47 13.45
N ALA C 19 -6.88 -73.59 12.51
CA ALA C 19 -7.90 -72.83 11.81
C ALA C 19 -8.47 -73.62 10.64
N LYS C 20 -9.64 -73.17 10.17
CA LYS C 20 -10.31 -73.84 9.06
C LYS C 20 -9.55 -73.64 7.75
N SER C 21 -9.88 -74.46 6.77
CA SER C 21 -9.13 -74.56 5.52
C SER C 21 -9.78 -73.73 4.41
N VAL C 22 -8.94 -73.35 3.44
CA VAL C 22 -9.33 -72.51 2.30
C VAL C 22 -8.67 -73.06 1.05
N VAL C 23 -9.37 -73.00 -0.07
CA VAL C 23 -8.85 -73.46 -1.35
C VAL C 23 -9.10 -72.38 -2.39
N ALA C 24 -8.11 -72.15 -3.25
CA ALA C 24 -8.24 -71.26 -4.40
C ALA C 24 -7.65 -71.93 -5.62
N LEU C 25 -8.43 -72.03 -6.70
CA LEU C 25 -7.95 -72.76 -7.86
C LEU C 25 -8.43 -72.07 -9.14
N ALA C 26 -7.60 -72.16 -10.18
CA ALA C 26 -7.87 -71.54 -11.46
C ALA C 26 -8.80 -72.40 -12.33
N TYR C 27 -9.82 -71.77 -12.90
CA TYR C 27 -10.75 -72.42 -13.82
C TYR C 27 -10.97 -71.54 -15.04
N ALA C 28 -11.78 -72.05 -15.97
CA ALA C 28 -11.91 -71.42 -17.29
C ALA C 28 -12.39 -69.97 -17.20
N GLY C 29 -13.22 -69.66 -16.21
CA GLY C 29 -13.74 -68.32 -16.09
C GLY C 29 -12.94 -67.43 -15.17
N GLY C 30 -11.82 -67.91 -14.64
CA GLY C 30 -11.04 -67.10 -13.73
C GLY C 30 -10.46 -67.86 -12.56
N VAL C 31 -10.74 -67.40 -11.34
CA VAL C 31 -10.23 -68.03 -10.13
C VAL C 31 -11.38 -68.24 -9.16
N LEU C 32 -11.35 -69.35 -8.44
CA LEU C 32 -12.40 -69.73 -7.49
C LEU C 32 -11.82 -69.81 -6.09
N PHE C 33 -12.45 -69.11 -5.16
CA PHE C 33 -12.16 -69.16 -3.74
C PHE C 33 -13.29 -69.88 -3.04
N VAL C 34 -12.96 -70.94 -2.29
CA VAL C 34 -13.93 -71.67 -1.50
C VAL C 34 -13.31 -71.93 -0.13
N ALA C 35 -14.01 -71.56 0.93
CA ALA C 35 -13.47 -71.67 2.28
C ALA C 35 -14.54 -72.11 3.26
N GLU C 36 -14.17 -72.99 4.19
CA GLU C 36 -15.07 -73.35 5.28
C GLU C 36 -15.28 -72.13 6.16
N ASN C 37 -16.51 -71.62 6.20
CA ASN C 37 -16.82 -70.42 6.98
C ASN C 37 -18.27 -70.47 7.42
N PRO C 38 -18.53 -70.82 8.67
CA PRO C 38 -19.92 -70.80 9.15
C PRO C 38 -20.46 -69.39 9.35
N SER C 39 -19.60 -68.40 9.57
CA SER C 39 -20.06 -67.09 9.97
C SER C 39 -20.92 -66.43 8.90
N ARG C 40 -21.95 -65.72 9.36
CA ARG C 40 -22.75 -64.91 8.46
C ARG C 40 -21.98 -63.68 8.01
N SER C 41 -21.29 -63.00 8.93
CA SER C 41 -20.75 -61.68 8.68
C SER C 41 -19.25 -61.61 8.55
N LEU C 42 -18.53 -62.65 8.97
CA LEU C 42 -17.08 -62.61 8.98
C LEU C 42 -16.53 -63.34 7.76
N GLN C 43 -15.74 -62.64 6.96
CA GLN C 43 -15.36 -63.09 5.63
C GLN C 43 -13.86 -63.33 5.57
N LYS C 44 -13.48 -64.46 4.96
CA LYS C 44 -12.08 -64.80 4.75
C LYS C 44 -11.63 -64.55 3.33
N ILE C 45 -12.54 -64.21 2.43
CA ILE C 45 -12.24 -63.96 1.03
C ILE C 45 -12.72 -62.57 0.70
N SER C 46 -11.88 -61.80 0.02
CA SER C 46 -12.19 -60.40 -0.23
C SER C 46 -11.59 -59.93 -1.54
N GLU C 47 -12.12 -58.82 -2.02
CA GLU C 47 -11.56 -58.12 -3.16
C GLU C 47 -10.39 -57.25 -2.69
N LEU C 48 -9.32 -57.24 -3.49
CA LEU C 48 -8.21 -56.31 -3.28
C LEU C 48 -8.25 -55.17 -4.28
N TYR C 49 -8.25 -55.51 -5.57
CA TYR C 49 -8.32 -54.50 -6.61
C TYR C 49 -9.07 -55.10 -7.79
N ASP C 50 -9.22 -54.30 -8.85
CA ASP C 50 -10.06 -54.65 -9.98
C ASP C 50 -10.00 -56.13 -10.33
N ARG C 51 -8.79 -56.63 -10.58
CA ARG C 51 -8.61 -58.01 -11.01
C ARG C 51 -7.83 -58.82 -10.00
N VAL C 52 -7.76 -58.37 -8.75
CA VAL C 52 -6.92 -59.00 -7.75
C VAL C 52 -7.77 -59.34 -6.53
N GLY C 53 -7.72 -60.61 -6.12
CA GLY C 53 -8.48 -61.09 -4.99
C GLY C 53 -7.58 -61.68 -3.91
N PHE C 54 -8.18 -61.90 -2.75
CA PHE C 54 -7.48 -62.20 -1.51
C PHE C 54 -8.21 -63.30 -0.76
N ALA C 55 -7.44 -64.25 -0.25
CA ALA C 55 -8.00 -65.29 0.61
C ALA C 55 -7.00 -65.59 1.72
N ALA C 56 -7.52 -65.92 2.90
CA ALA C 56 -6.65 -66.10 4.05
C ALA C 56 -7.15 -67.21 4.95
N ALA C 57 -6.23 -67.79 5.69
CA ALA C 57 -6.55 -68.77 6.73
C ALA C 57 -5.76 -68.41 7.98
N GLY C 58 -6.37 -68.62 9.14
CA GLY C 58 -5.69 -68.33 10.39
C GLY C 58 -6.51 -67.50 11.35
N LYS C 59 -5.85 -66.66 12.14
CA LYS C 59 -6.55 -65.83 13.10
C LYS C 59 -7.21 -64.64 12.41
N PHE C 60 -8.49 -64.41 12.71
CA PHE C 60 -9.28 -63.45 11.94
C PHE C 60 -8.72 -62.04 12.01
N ASN C 61 -8.57 -61.49 13.22
CA ASN C 61 -8.17 -60.09 13.31
C ASN C 61 -6.83 -59.84 12.61
N GLU C 62 -5.94 -60.83 12.60
CA GLU C 62 -4.63 -60.61 12.01
C GLU C 62 -4.69 -60.59 10.49
N PHE C 63 -5.31 -61.61 9.87
CA PHE C 63 -5.37 -61.56 8.42
C PHE C 63 -6.36 -60.51 7.93
N ASP C 64 -7.26 -60.04 8.78
CA ASP C 64 -8.09 -58.89 8.43
C ASP C 64 -7.26 -57.62 8.42
N ASN C 65 -6.41 -57.42 9.43
CA ASN C 65 -5.45 -56.34 9.37
C ASN C 65 -4.66 -56.38 8.07
N LEU C 66 -4.17 -57.56 7.69
CA LEU C 66 -3.42 -57.65 6.44
C LEU C 66 -4.31 -57.33 5.24
N ARG C 67 -5.58 -57.71 5.30
CA ARG C 67 -6.47 -57.44 4.18
C ARG C 67 -6.64 -55.93 3.99
N ARG C 68 -6.91 -55.22 5.08
CA ARG C 68 -7.06 -53.78 4.99
C ARG C 68 -5.75 -53.13 4.54
N GLY C 69 -4.63 -53.65 5.01
CA GLY C 69 -3.35 -53.13 4.55
C GLY C 69 -3.16 -53.32 3.06
N GLY C 70 -3.61 -54.45 2.52
CA GLY C 70 -3.52 -54.67 1.09
C GLY C 70 -4.44 -53.76 0.29
N ILE C 71 -5.66 -53.55 0.79
CA ILE C 71 -6.57 -52.62 0.12
C ILE C 71 -6.00 -51.21 0.16
N GLN C 72 -5.39 -50.84 1.28
CA GLN C 72 -4.75 -49.54 1.42
C GLN C 72 -3.62 -49.37 0.41
N PHE C 73 -2.69 -50.32 0.40
CA PHE C 73 -1.59 -50.26 -0.57
C PHE C 73 -2.12 -50.20 -1.99
N ALA C 74 -3.07 -51.07 -2.32
CA ALA C 74 -3.56 -51.15 -3.69
C ALA C 74 -4.20 -49.84 -4.13
N ASP C 75 -5.17 -49.34 -3.35
CA ASP C 75 -5.82 -48.09 -3.73
C ASP C 75 -4.83 -46.94 -3.79
N THR C 76 -3.90 -46.87 -2.84
CA THR C 76 -2.94 -45.79 -2.83
C THR C 76 -2.09 -45.81 -4.09
N ARG C 77 -1.57 -46.97 -4.45
CA ARG C 77 -0.75 -47.07 -5.65
C ARG C 77 -1.55 -46.80 -6.91
N GLY C 78 -2.77 -47.32 -6.98
CA GLY C 78 -3.59 -47.07 -8.16
C GLY C 78 -3.89 -45.60 -8.35
N TYR C 79 -4.04 -44.86 -7.25
CA TYR C 79 -4.23 -43.41 -7.34
C TYR C 79 -2.94 -42.70 -7.73
N ALA C 80 -1.83 -43.07 -7.11
CA ALA C 80 -0.57 -42.37 -7.35
C ALA C 80 -0.06 -42.55 -8.77
N TYR C 81 -0.33 -43.69 -9.37
CA TYR C 81 0.09 -43.94 -10.74
C TYR C 81 -1.14 -44.16 -11.61
N ASP C 82 -1.56 -45.42 -11.74
CA ASP C 82 -2.75 -45.74 -12.51
C ASP C 82 -3.16 -47.16 -12.16
N ARG C 83 -4.45 -47.45 -12.33
CA ARG C 83 -4.98 -48.73 -11.90
C ARG C 83 -4.30 -49.89 -12.60
N ARG C 84 -3.93 -49.72 -13.85
CA ARG C 84 -3.27 -50.83 -14.54
C ARG C 84 -1.88 -51.10 -14.00
N ASP C 85 -1.36 -50.26 -13.12
CA ASP C 85 -0.05 -50.49 -12.54
C ASP C 85 -0.12 -51.39 -11.32
N VAL C 86 -1.31 -51.64 -10.79
CA VAL C 86 -1.48 -52.55 -9.68
C VAL C 86 -1.54 -53.97 -10.21
N THR C 87 -0.66 -54.83 -9.73
CA THR C 87 -0.52 -56.20 -10.21
C THR C 87 -0.50 -57.17 -9.04
N GLY C 88 -0.77 -58.44 -9.34
CA GLY C 88 -0.69 -59.45 -8.30
C GLY C 88 0.72 -59.62 -7.74
N ARG C 89 1.73 -59.59 -8.61
CA ARG C 89 3.11 -59.69 -8.15
C ARG C 89 3.40 -58.65 -7.09
N GLN C 90 2.89 -57.43 -7.26
CA GLN C 90 3.16 -56.37 -6.30
C GLN C 90 2.50 -56.66 -4.95
N LEU C 91 1.21 -56.94 -4.93
CA LEU C 91 0.54 -57.17 -3.66
C LEU C 91 1.15 -58.36 -2.93
N ALA C 92 1.45 -59.44 -3.67
CA ALA C 92 2.13 -60.57 -3.05
C ALA C 92 3.49 -60.15 -2.49
N ASN C 93 4.24 -59.36 -3.25
CA ASN C 93 5.57 -58.94 -2.83
C ASN C 93 5.50 -58.12 -1.55
N VAL C 94 4.59 -57.14 -1.50
CA VAL C 94 4.47 -56.31 -0.31
C VAL C 94 3.98 -57.14 0.87
N TYR C 95 3.15 -58.16 0.62
CA TYR C 95 2.75 -59.02 1.71
C TYR C 95 3.93 -59.82 2.24
N ALA C 96 4.81 -60.28 1.36
CA ALA C 96 6.00 -60.96 1.84
C ALA C 96 6.84 -60.03 2.71
N GLN C 97 7.09 -58.82 2.24
CA GLN C 97 7.87 -57.87 3.03
C GLN C 97 7.20 -57.61 4.38
N THR C 98 5.90 -57.37 4.37
CA THR C 98 5.19 -57.04 5.60
C THR C 98 5.22 -58.19 6.59
N LEU C 99 4.85 -59.39 6.14
CA LEU C 99 4.84 -60.53 7.04
C LEU C 99 6.24 -60.87 7.52
N GLY C 100 7.26 -60.61 6.71
CA GLY C 100 8.61 -60.73 7.22
C GLY C 100 8.86 -59.80 8.40
N THR C 101 8.54 -58.52 8.22
CA THR C 101 8.74 -57.55 9.30
C THR C 101 7.93 -57.94 10.53
N ILE C 102 6.66 -58.27 10.35
CA ILE C 102 5.83 -58.72 11.47
C ILE C 102 6.47 -59.90 12.16
N PHE C 103 6.89 -60.89 11.38
CA PHE C 103 7.40 -62.14 11.94
C PHE C 103 8.63 -61.90 12.80
N THR C 104 9.52 -61.00 12.38
CA THR C 104 10.73 -60.82 13.17
C THR C 104 10.57 -59.80 14.29
N GLU C 105 9.69 -58.81 14.13
CA GLU C 105 9.68 -57.65 15.01
C GLU C 105 8.40 -57.42 15.79
N GLN C 106 7.28 -58.02 15.39
CA GLN C 106 6.07 -57.79 16.17
C GLN C 106 6.12 -58.57 17.47
N ALA C 107 5.28 -58.14 18.42
CA ALA C 107 5.25 -58.77 19.73
C ALA C 107 4.97 -60.27 19.62
N LYS C 108 4.09 -60.66 18.70
CA LYS C 108 3.74 -62.05 18.48
C LYS C 108 3.55 -62.21 16.98
N PRO C 109 4.11 -63.24 16.37
CA PRO C 109 3.95 -63.41 14.93
C PRO C 109 2.50 -63.61 14.54
N TYR C 110 2.20 -63.31 13.28
CA TYR C 110 0.85 -63.45 12.79
C TYR C 110 0.57 -64.91 12.43
N GLU C 111 -0.52 -65.44 12.95
CA GLU C 111 -0.94 -66.82 12.66
C GLU C 111 -1.84 -66.81 11.43
N VAL C 112 -1.24 -66.55 10.27
CA VAL C 112 -1.99 -66.40 9.03
C VAL C 112 -1.24 -67.03 7.86
N GLU C 113 -2.00 -67.36 6.82
CA GLU C 113 -1.49 -67.70 5.51
C GLU C 113 -2.37 -67.03 4.47
N LEU C 114 -1.74 -66.47 3.44
CA LEU C 114 -2.38 -65.58 2.50
C LEU C 114 -2.26 -66.12 1.09
N CYS C 115 -3.27 -65.83 0.28
CA CYS C 115 -3.24 -66.10 -1.15
C CYS C 115 -3.71 -64.86 -1.89
N VAL C 116 -2.91 -64.41 -2.85
CA VAL C 116 -3.24 -63.27 -3.70
C VAL C 116 -3.38 -63.80 -5.12
N ALA C 117 -4.52 -63.53 -5.75
CA ALA C 117 -4.82 -64.10 -7.06
C ALA C 117 -5.11 -63.00 -8.06
N GLU C 118 -4.69 -63.19 -9.30
CA GLU C 118 -4.96 -62.21 -10.33
C GLU C 118 -5.37 -62.89 -11.62
N VAL C 119 -6.40 -62.34 -12.26
CA VAL C 119 -6.86 -62.81 -13.55
C VAL C 119 -6.57 -61.74 -14.60
N ALA C 120 -6.77 -62.10 -15.86
CA ALA C 120 -6.48 -61.17 -16.94
C ALA C 120 -7.50 -60.06 -16.97
N HIS C 121 -7.11 -58.95 -17.57
CA HIS C 121 -8.06 -57.86 -17.77
C HIS C 121 -9.02 -58.22 -18.90
N TYR C 122 -10.18 -57.57 -18.87
CA TYR C 122 -11.25 -57.91 -19.81
C TYR C 122 -10.74 -57.86 -21.24
N GLY C 123 -10.99 -58.93 -21.99
CA GLY C 123 -10.59 -59.00 -23.37
C GLY C 123 -9.17 -59.43 -23.61
N GLU C 124 -8.37 -59.59 -22.56
CA GLU C 124 -6.99 -60.05 -22.71
C GLU C 124 -6.88 -61.55 -22.45
N THR C 125 -5.78 -62.12 -22.94
CA THR C 125 -5.49 -63.55 -22.80
C THR C 125 -4.24 -63.67 -21.95
N LYS C 126 -4.43 -64.02 -20.67
CA LYS C 126 -3.31 -64.26 -19.77
C LYS C 126 -3.76 -65.27 -18.74
N ARG C 127 -2.96 -66.31 -18.52
CA ARG C 127 -3.36 -67.35 -17.57
C ARG C 127 -3.27 -66.80 -16.14
N PRO C 128 -4.23 -67.17 -15.28
CA PRO C 128 -4.27 -66.59 -13.93
C PRO C 128 -2.99 -66.86 -13.16
N GLU C 129 -2.75 -66.03 -12.15
CA GLU C 129 -1.60 -66.15 -11.28
C GLU C 129 -2.08 -66.37 -9.85
N LEU C 130 -1.42 -67.29 -9.14
CA LEU C 130 -1.74 -67.56 -7.75
C LEU C 130 -0.49 -67.39 -6.91
N TYR C 131 -0.62 -66.71 -5.77
CA TYR C 131 0.51 -66.48 -4.89
C TYR C 131 0.19 -66.92 -3.48
N ARG C 132 1.16 -67.61 -2.86
CA ARG C 132 1.08 -68.04 -1.47
C ARG C 132 2.10 -67.28 -0.64
N ILE C 133 1.64 -66.64 0.44
CA ILE C 133 2.51 -65.97 1.38
C ILE C 133 2.29 -66.58 2.75
N THR C 134 3.36 -67.04 3.39
CA THR C 134 3.28 -67.73 4.67
C THR C 134 3.64 -66.80 5.82
N TYR C 135 3.46 -67.31 7.03
CA TYR C 135 3.54 -66.48 8.24
C TYR C 135 4.89 -65.80 8.42
N ASP C 136 5.92 -66.25 7.72
CA ASP C 136 7.25 -65.70 7.91
C ASP C 136 7.72 -64.87 6.72
N GLY C 137 6.82 -64.59 5.78
CA GLY C 137 7.19 -63.84 4.60
C GLY C 137 7.65 -64.69 3.44
N SER C 138 7.69 -66.00 3.59
CA SER C 138 8.05 -66.85 2.47
C SER C 138 6.97 -66.76 1.41
N ILE C 139 7.38 -66.73 0.16
CA ILE C 139 6.49 -66.44 -0.95
C ILE C 139 6.66 -67.53 -1.99
N ALA C 140 5.56 -67.91 -2.63
CA ALA C 140 5.57 -69.02 -3.56
C ALA C 140 4.64 -68.73 -4.73
N ASP C 141 5.14 -69.03 -5.92
CA ASP C 141 4.45 -68.82 -7.17
C ASP C 141 3.71 -70.10 -7.54
N GLU C 142 2.39 -70.03 -7.56
CA GLU C 142 1.59 -71.22 -7.81
C GLU C 142 0.73 -71.06 -9.06
N PRO C 143 0.65 -72.12 -9.88
CA PRO C 143 0.01 -72.04 -11.20
C PRO C 143 -1.36 -72.68 -11.28
N HIS C 144 -1.69 -73.58 -10.36
CA HIS C 144 -2.94 -74.33 -10.47
C HIS C 144 -3.86 -74.13 -9.26
N PHE C 145 -3.37 -74.35 -8.05
CA PHE C 145 -4.24 -74.21 -6.89
C PHE C 145 -3.40 -73.96 -5.65
N VAL C 146 -4.08 -73.49 -4.61
CA VAL C 146 -3.47 -73.16 -3.32
C VAL C 146 -4.41 -73.60 -2.22
N VAL C 147 -3.85 -74.20 -1.18
CA VAL C 147 -4.58 -74.68 -0.01
C VAL C 147 -3.96 -74.08 1.23
N MET C 148 -4.80 -73.67 2.18
CA MET C 148 -4.27 -72.97 3.35
C MET C 148 -5.07 -73.33 4.59
N GLY C 149 -4.38 -73.56 5.68
CA GLY C 149 -5.07 -73.69 6.96
C GLY C 149 -5.53 -75.11 7.25
N GLY C 150 -5.53 -75.44 8.54
CA GLY C 150 -5.94 -76.77 8.95
C GLY C 150 -4.99 -77.84 8.45
N THR C 151 -5.56 -78.98 8.11
CA THR C 151 -4.80 -80.14 7.64
C THR C 151 -4.73 -80.05 6.13
N THR C 152 -3.62 -79.54 5.61
CA THR C 152 -3.53 -79.16 4.21
C THR C 152 -3.27 -80.35 3.30
N GLU C 153 -2.42 -81.28 3.75
CA GLU C 153 -1.95 -82.34 2.85
C GLU C 153 -3.07 -83.18 2.24
N PRO C 154 -4.08 -83.64 3.00
CA PRO C 154 -5.16 -84.39 2.33
C PRO C 154 -5.85 -83.61 1.23
N ILE C 155 -6.17 -82.33 1.47
CA ILE C 155 -6.87 -81.55 0.46
C ILE C 155 -5.98 -81.33 -0.75
N ALA C 156 -4.71 -80.99 -0.53
CA ALA C 156 -3.80 -80.81 -1.64
C ALA C 156 -3.70 -82.07 -2.48
N ASN C 157 -3.71 -83.24 -1.83
CA ASN C 157 -3.66 -84.49 -2.57
C ASN C 157 -4.95 -84.73 -3.34
N ALA C 158 -6.10 -84.51 -2.69
CA ALA C 158 -7.39 -84.65 -3.35
C ALA C 158 -7.46 -83.82 -4.62
N LEU C 159 -7.01 -82.57 -4.55
CA LEU C 159 -6.99 -81.74 -5.75
C LEU C 159 -5.99 -82.27 -6.77
N LYS C 160 -4.75 -82.52 -6.34
CA LYS C 160 -3.71 -82.97 -7.25
C LYS C 160 -4.15 -84.18 -8.07
N GLU C 161 -4.83 -85.12 -7.43
CA GLU C 161 -5.32 -86.31 -8.10
C GLU C 161 -6.63 -86.08 -8.86
N SER C 162 -7.21 -84.88 -8.80
CA SER C 162 -8.45 -84.67 -9.54
C SER C 162 -8.63 -83.23 -9.99
N TYR C 163 -7.56 -82.56 -10.37
CA TYR C 163 -7.64 -81.20 -10.88
C TYR C 163 -7.44 -81.25 -12.39
N ALA C 164 -8.36 -80.64 -13.12
CA ALA C 164 -8.24 -80.50 -14.56
C ALA C 164 -8.25 -79.02 -14.90
N GLU C 165 -7.29 -78.60 -15.72
CA GLU C 165 -7.23 -77.21 -16.11
C GLU C 165 -8.50 -76.85 -16.90
N ASN C 166 -8.73 -75.55 -17.05
CA ASN C 166 -9.87 -75.02 -17.80
C ASN C 166 -11.18 -75.72 -17.43
N ALA C 167 -11.34 -76.06 -16.15
CA ALA C 167 -12.58 -76.66 -15.68
C ALA C 167 -13.75 -75.66 -15.78
N SER C 168 -14.96 -76.21 -15.79
CA SER C 168 -16.14 -75.37 -15.71
C SER C 168 -16.37 -74.89 -14.27
N LEU C 169 -17.26 -73.91 -14.12
CA LEU C 169 -17.51 -73.36 -12.78
C LEU C 169 -18.15 -74.41 -11.88
N THR C 170 -19.16 -75.13 -12.39
CA THR C 170 -19.77 -76.19 -11.59
C THR C 170 -18.76 -77.29 -11.28
N ASP C 171 -17.98 -77.68 -12.29
CA ASP C 171 -16.96 -78.70 -12.07
C ASP C 171 -15.94 -78.25 -11.04
N ALA C 172 -15.36 -77.05 -11.24
CA ALA C 172 -14.33 -76.57 -10.32
C ALA C 172 -14.86 -76.44 -8.90
N LEU C 173 -16.09 -75.96 -8.76
CA LEU C 173 -16.67 -75.88 -7.41
C LEU C 173 -16.83 -77.26 -6.80
N ARG C 174 -17.27 -78.23 -7.62
CA ARG C 174 -17.51 -79.58 -7.10
C ARG C 174 -16.22 -80.23 -6.63
N ILE C 175 -15.17 -80.20 -7.46
CA ILE C 175 -13.88 -80.72 -7.01
C ILE C 175 -13.37 -79.95 -5.80
N ALA C 176 -13.68 -78.65 -5.72
CA ALA C 176 -13.20 -77.88 -4.58
C ALA C 176 -13.85 -78.35 -3.28
N VAL C 177 -15.18 -78.45 -3.25
CA VAL C 177 -15.87 -78.91 -2.03
C VAL C 177 -15.49 -80.34 -1.73
N ALA C 178 -15.30 -81.16 -2.76
CA ALA C 178 -14.83 -82.53 -2.54
C ALA C 178 -13.49 -82.52 -1.80
N ALA C 179 -12.51 -81.80 -2.35
CA ALA C 179 -11.19 -81.74 -1.73
C ALA C 179 -11.29 -81.20 -0.30
N LEU C 180 -12.20 -80.26 -0.06
CA LEU C 180 -12.35 -79.75 1.30
C LEU C 180 -12.85 -80.83 2.25
N ARG C 181 -13.96 -81.49 1.90
CA ARG C 181 -14.49 -82.55 2.75
C ARG C 181 -13.45 -83.63 3.00
N ALA C 182 -12.56 -83.87 2.04
CA ALA C 182 -11.45 -84.81 2.23
C ALA C 182 -10.47 -84.29 3.27
N GLY C 183 -10.97 -84.06 4.49
CA GLY C 183 -10.18 -83.48 5.55
C GLY C 183 -11.05 -82.86 6.61
N SER C 184 -10.62 -82.94 7.87
CA SER C 184 -11.39 -82.44 9.00
C SER C 184 -12.78 -83.06 9.05
N LEU C 195 -21.54 -80.53 4.37
CA LEU C 195 -20.69 -79.45 3.88
C LEU C 195 -21.36 -78.68 2.73
N GLY C 196 -22.26 -77.77 3.07
CA GLY C 196 -23.07 -77.08 2.09
C GLY C 196 -23.07 -75.58 2.31
N VAL C 197 -24.20 -74.96 1.93
CA VAL C 197 -24.29 -73.50 1.85
C VAL C 197 -24.02 -72.86 3.21
N ALA C 198 -24.66 -73.37 4.26
CA ALA C 198 -24.61 -72.70 5.55
C ALA C 198 -23.20 -72.64 6.13
N SER C 199 -22.29 -73.50 5.67
CA SER C 199 -20.92 -73.54 6.19
C SER C 199 -19.86 -73.09 5.19
N LEU C 200 -20.23 -72.53 4.04
CA LEU C 200 -19.24 -72.17 3.04
C LEU C 200 -19.20 -70.67 2.77
N GLU C 201 -18.05 -70.23 2.25
CA GLU C 201 -17.87 -68.90 1.70
C GLU C 201 -17.24 -69.07 0.32
N VAL C 202 -17.91 -68.56 -0.72
CA VAL C 202 -17.53 -68.81 -2.10
C VAL C 202 -17.47 -67.49 -2.86
N ALA C 203 -16.45 -67.33 -3.70
CA ALA C 203 -16.36 -66.15 -4.55
C ALA C 203 -15.44 -66.45 -5.72
N VAL C 204 -15.51 -65.62 -6.76
CA VAL C 204 -14.71 -65.83 -7.96
C VAL C 204 -14.12 -64.50 -8.42
N LEU C 205 -12.92 -64.58 -8.97
CA LEU C 205 -12.38 -63.54 -9.83
C LEU C 205 -12.77 -63.94 -11.24
N ASP C 206 -13.80 -63.27 -11.77
CA ASP C 206 -14.45 -63.65 -13.01
C ASP C 206 -13.85 -62.82 -14.13
N ALA C 207 -12.94 -63.41 -14.88
CA ALA C 207 -12.20 -62.69 -15.91
C ALA C 207 -13.11 -62.13 -16.99
N ASN C 208 -14.40 -62.42 -16.92
CA ASN C 208 -15.32 -61.93 -17.93
C ASN C 208 -16.07 -60.67 -17.51
N ARG C 209 -15.87 -60.20 -16.29
CA ARG C 209 -16.48 -58.94 -15.96
C ARG C 209 -15.67 -57.79 -16.56
N PRO C 210 -16.30 -56.68 -16.89
CA PRO C 210 -15.55 -55.58 -17.53
C PRO C 210 -14.46 -54.99 -16.65
N ARG C 211 -14.80 -54.54 -15.43
CA ARG C 211 -13.80 -53.93 -14.55
C ARG C 211 -13.59 -54.76 -13.29
N ARG C 212 -14.55 -54.78 -12.36
CA ARG C 212 -14.39 -55.43 -11.06
C ARG C 212 -14.73 -56.90 -11.19
N ALA C 213 -13.72 -57.76 -11.08
CA ALA C 213 -13.90 -59.19 -11.33
C ALA C 213 -14.44 -59.96 -10.12
N PHE C 214 -14.35 -59.39 -8.93
CA PHE C 214 -14.72 -60.13 -7.73
C PHE C 214 -16.23 -60.24 -7.60
N ARG C 215 -16.73 -61.47 -7.45
CA ARG C 215 -18.14 -61.70 -7.19
C ARG C 215 -18.30 -62.77 -6.12
N ARG C 216 -19.25 -62.58 -5.23
CA ARG C 216 -19.63 -63.65 -4.32
C ARG C 216 -20.72 -64.50 -4.95
N ILE C 217 -20.72 -65.78 -4.60
CA ILE C 217 -21.72 -66.70 -5.14
C ILE C 217 -22.52 -67.22 -3.95
N THR C 218 -23.23 -66.34 -3.26
CA THR C 218 -23.88 -66.76 -2.03
C THR C 218 -25.31 -67.19 -2.28
N GLY C 219 -25.79 -68.07 -1.41
CA GLY C 219 -27.21 -68.41 -1.34
C GLY C 219 -27.73 -69.24 -2.50
N SER C 220 -28.92 -68.88 -2.96
CA SER C 220 -29.65 -69.70 -3.93
C SER C 220 -28.81 -70.06 -5.15
N ALA C 221 -28.08 -69.09 -5.69
CA ALA C 221 -27.19 -69.37 -6.81
C ALA C 221 -26.18 -70.44 -6.43
N LEU C 222 -25.61 -70.34 -5.22
CA LEU C 222 -24.64 -71.32 -4.78
C LEU C 222 -25.25 -72.71 -4.76
N GLN C 223 -26.49 -72.83 -4.26
CA GLN C 223 -27.17 -74.11 -4.31
C GLN C 223 -27.22 -74.62 -5.74
N ALA C 224 -27.53 -73.74 -6.69
CA ALA C 224 -27.59 -74.19 -8.08
C ALA C 224 -26.26 -74.79 -8.51
N LEU C 225 -25.14 -74.25 -8.02
CA LEU C 225 -23.83 -74.78 -8.37
C LEU C 225 -23.45 -76.03 -7.60
N LEU C 226 -24.11 -76.32 -6.48
CA LEU C 226 -23.77 -77.51 -5.71
C LEU C 226 -24.60 -78.71 -6.11
N VAL C 227 -25.76 -78.48 -6.75
CA VAL C 227 -26.58 -79.58 -7.23
C VAL C 227 -25.86 -80.37 -8.33
N ASP C 228 -25.05 -79.69 -9.13
CA ASP C 228 -24.34 -80.33 -10.22
C ASP C 228 -22.83 -80.25 -10.04
N MET D 1 28.22 -61.65 25.13
CA MET D 1 27.78 -61.09 23.85
C MET D 1 28.39 -61.80 22.66
N GLU D 2 29.66 -62.20 22.80
CA GLU D 2 30.34 -62.96 21.75
C GLU D 2 29.54 -64.18 21.34
N GLN D 3 28.77 -64.72 22.28
CA GLN D 3 27.97 -65.92 22.07
C GLN D 3 26.70 -65.59 21.28
N ALA D 4 26.05 -64.48 21.61
CA ALA D 4 24.97 -63.97 20.79
C ALA D 4 25.41 -63.81 19.34
N MET D 5 26.59 -63.22 19.13
CA MET D 5 27.09 -63.04 17.78
C MET D 5 27.32 -64.38 17.10
N ARG D 6 27.85 -65.36 17.83
CA ARG D 6 27.94 -66.71 17.28
C ARG D 6 26.57 -67.21 16.84
N GLU D 7 25.53 -66.93 17.63
CA GLU D 7 24.19 -67.36 17.26
C GLU D 7 23.71 -66.71 15.98
N ARG D 8 23.93 -65.41 15.84
CA ARG D 8 23.54 -64.73 14.60
C ARG D 8 24.27 -65.33 13.40
N SER D 9 25.60 -65.47 13.51
CA SER D 9 26.35 -66.07 12.42
C SER D 9 25.81 -67.44 12.04
N GLU D 10 25.45 -68.25 13.03
CA GLU D 10 24.99 -69.60 12.73
C GLU D 10 23.61 -69.58 12.08
N LEU D 11 22.69 -68.77 12.63
CA LEU D 11 21.36 -68.65 12.04
C LEU D 11 21.46 -68.22 10.59
N ALA D 12 22.27 -67.20 10.32
CA ALA D 12 22.40 -66.73 8.96
C ALA D 12 23.00 -67.81 8.06
N ARG D 13 24.13 -68.38 8.47
CA ARG D 13 24.82 -69.35 7.60
C ARG D 13 23.90 -70.52 7.28
N LYS D 14 23.16 -71.01 8.27
CA LYS D 14 22.21 -72.09 8.00
C LYS D 14 21.16 -71.62 7.00
N GLY D 15 20.63 -70.42 7.21
CA GLY D 15 19.65 -69.88 6.28
C GLY D 15 20.14 -69.84 4.85
N ILE D 16 21.38 -69.39 4.63
CA ILE D 16 21.90 -69.35 3.27
C ILE D 16 22.15 -70.76 2.74
N ALA D 17 22.60 -71.66 3.62
CA ALA D 17 22.91 -73.01 3.18
C ALA D 17 21.66 -73.73 2.69
N ARG D 18 20.52 -73.50 3.34
CA ARG D 18 19.27 -74.14 2.98
C ARG D 18 18.52 -73.39 1.88
N ALA D 19 19.21 -72.57 1.10
CA ALA D 19 18.57 -71.89 -0.02
C ALA D 19 19.27 -72.27 -1.33
N LYS D 20 18.57 -72.05 -2.43
CA LYS D 20 19.10 -72.43 -3.72
C LYS D 20 20.25 -71.51 -4.11
N SER D 21 21.06 -71.98 -5.05
CA SER D 21 22.36 -71.39 -5.37
C SER D 21 22.31 -70.45 -6.57
N VAL D 22 23.29 -69.55 -6.61
CA VAL D 22 23.42 -68.55 -7.67
C VAL D 22 24.89 -68.43 -8.03
N VAL D 23 25.16 -68.24 -9.32
CA VAL D 23 26.52 -68.07 -9.84
C VAL D 23 26.54 -66.85 -10.76
N ALA D 24 27.65 -66.10 -10.69
CA ALA D 24 27.89 -64.99 -11.59
C ALA D 24 29.32 -65.07 -12.07
N LEU D 25 29.53 -65.03 -13.38
CA LEU D 25 30.87 -65.20 -13.91
C LEU D 25 31.09 -64.27 -15.09
N ALA D 26 32.32 -63.79 -15.22
CA ALA D 26 32.68 -62.88 -16.28
C ALA D 26 32.99 -63.65 -17.56
N TYR D 27 32.43 -63.19 -18.67
CA TYR D 27 32.68 -63.81 -19.97
C TYR D 27 33.01 -62.72 -20.98
N ALA D 28 33.30 -63.13 -22.22
CA ALA D 28 33.86 -62.21 -23.21
C ALA D 28 32.95 -61.02 -23.48
N GLY D 29 31.64 -61.20 -23.38
CA GLY D 29 30.70 -60.13 -23.63
C GLY D 29 30.25 -59.36 -22.43
N GLY D 30 30.79 -59.65 -21.24
CA GLY D 30 30.36 -58.95 -20.06
C GLY D 30 30.26 -59.85 -18.84
N VAL D 31 29.10 -59.88 -18.18
CA VAL D 31 28.92 -60.71 -16.99
C VAL D 31 27.64 -61.52 -17.15
N LEU D 32 27.68 -62.76 -16.67
CA LEU D 32 26.54 -63.67 -16.76
C LEU D 32 26.09 -64.05 -15.36
N PHE D 33 24.80 -63.87 -15.10
CA PHE D 33 24.14 -64.32 -13.88
C PHE D 33 23.27 -65.51 -14.23
N VAL D 34 23.48 -66.61 -13.51
CA VAL D 34 22.69 -67.82 -13.67
C VAL D 34 22.33 -68.31 -12.27
N ALA D 35 21.04 -68.51 -12.03
CA ALA D 35 20.59 -68.87 -10.69
C ALA D 35 19.49 -69.91 -10.74
N GLU D 36 19.61 -70.91 -9.87
CA GLU D 36 18.54 -71.88 -9.70
C GLU D 36 17.32 -71.18 -9.09
N ASN D 37 16.22 -71.13 -9.83
CA ASN D 37 15.03 -70.39 -9.41
C ASN D 37 13.81 -71.06 -10.00
N PRO D 38 13.03 -71.78 -9.20
CA PRO D 38 11.82 -72.43 -9.73
C PRO D 38 10.75 -71.45 -10.15
N SER D 39 10.75 -70.23 -9.60
CA SER D 39 9.66 -69.30 -9.81
C SER D 39 9.56 -68.88 -11.28
N ARG D 40 8.61 -67.99 -11.55
CA ARG D 40 8.34 -67.54 -12.91
C ARG D 40 8.30 -66.02 -12.97
N SER D 41 7.84 -65.37 -11.91
CA SER D 41 7.81 -63.91 -11.84
C SER D 41 8.66 -63.33 -10.72
N LEU D 42 9.13 -64.14 -9.78
CA LEU D 42 9.92 -63.65 -8.65
C LEU D 42 11.39 -63.84 -8.99
N GLN D 43 12.19 -62.81 -8.74
CA GLN D 43 13.52 -62.72 -9.33
C GLN D 43 14.60 -62.62 -8.26
N LYS D 44 15.70 -63.34 -8.49
CA LYS D 44 16.90 -63.24 -7.68
C LYS D 44 18.00 -62.46 -8.37
N ILE D 45 17.79 -62.07 -9.63
CA ILE D 45 18.73 -61.29 -10.41
C ILE D 45 18.04 -60.03 -10.87
N SER D 46 18.70 -58.89 -10.73
CA SER D 46 18.06 -57.63 -11.05
C SER D 46 19.09 -56.63 -11.53
N GLU D 47 18.60 -55.61 -12.23
CA GLU D 47 19.41 -54.46 -12.59
C GLU D 47 19.48 -53.50 -11.42
N LEU D 48 20.66 -52.95 -11.17
CA LEU D 48 20.82 -51.88 -10.18
C LEU D 48 20.95 -50.53 -10.85
N TYR D 49 21.88 -50.41 -11.79
CA TYR D 49 22.05 -49.17 -12.53
C TYR D 49 22.49 -49.53 -13.93
N ASP D 50 22.70 -48.50 -14.76
CA ASP D 50 22.97 -48.67 -16.19
C ASP D 50 23.86 -49.89 -16.47
N ARG D 51 25.04 -49.91 -15.85
CA ARG D 51 26.03 -50.95 -16.10
C ARG D 51 26.27 -51.81 -14.88
N VAL D 52 25.37 -51.79 -13.92
CA VAL D 52 25.61 -52.47 -12.65
C VAL D 52 24.43 -53.38 -12.37
N GLY D 53 24.73 -54.65 -12.09
CA GLY D 53 23.72 -55.65 -11.83
C GLY D 53 23.90 -56.30 -10.47
N PHE D 54 22.87 -57.02 -10.06
CA PHE D 54 22.69 -57.52 -8.70
C PHE D 54 22.17 -58.94 -8.74
N ALA D 55 22.74 -59.80 -7.89
CA ALA D 55 22.25 -61.16 -7.75
C ALA D 55 22.32 -61.54 -6.29
N ALA D 56 21.37 -62.36 -5.84
CA ALA D 56 21.27 -62.64 -4.43
C ALA D 56 20.86 -64.08 -4.19
N ALA D 57 21.21 -64.59 -3.02
CA ALA D 57 20.78 -65.90 -2.56
C ALA D 57 20.28 -65.76 -1.13
N GLY D 58 19.24 -66.50 -0.81
CA GLY D 58 18.72 -66.49 0.55
C GLY D 58 17.22 -66.28 0.65
N LYS D 59 16.79 -65.63 1.72
CA LYS D 59 15.36 -65.38 1.95
C LYS D 59 14.90 -64.25 1.05
N PHE D 60 13.79 -64.47 0.33
CA PHE D 60 13.40 -63.55 -0.73
C PHE D 60 13.11 -62.15 -0.22
N ASN D 61 12.20 -62.01 0.74
CA ASN D 61 11.82 -60.68 1.18
C ASN D 61 13.02 -59.86 1.64
N GLU D 62 14.02 -60.51 2.22
CA GLU D 62 15.15 -59.77 2.73
C GLU D 62 16.06 -59.28 1.61
N PHE D 63 16.47 -60.16 0.70
CA PHE D 63 17.33 -59.66 -0.36
C PHE D 63 16.57 -58.81 -1.36
N ASP D 64 15.25 -58.90 -1.39
CA ASP D 64 14.48 -57.94 -2.18
C ASP D 64 14.50 -56.56 -1.54
N ASN D 65 14.31 -56.49 -0.22
CA ASN D 65 14.51 -55.22 0.46
C ASN D 65 15.89 -54.64 0.16
N LEU D 66 16.93 -55.46 0.26
CA LEU D 66 18.27 -54.96 -0.05
C LEU D 66 18.38 -54.53 -1.50
N ARG D 67 17.68 -55.21 -2.40
CA ARG D 67 17.70 -54.82 -3.81
C ARG D 67 17.09 -53.44 -4.00
N ARG D 68 15.91 -53.22 -3.43
CA ARG D 68 15.27 -51.91 -3.55
C ARG D 68 16.13 -50.83 -2.91
N GLY D 69 16.74 -51.13 -1.77
CA GLY D 69 17.63 -50.14 -1.17
C GLY D 69 18.79 -49.79 -2.08
N GLY D 70 19.34 -50.77 -2.78
CA GLY D 70 20.41 -50.48 -3.70
C GLY D 70 19.94 -49.63 -4.87
N ILE D 71 18.73 -49.91 -5.37
CA ILE D 71 18.18 -49.10 -6.45
C ILE D 71 17.94 -47.66 -6.00
N GLN D 72 17.47 -47.47 -4.76
CA GLN D 72 17.26 -46.12 -4.25
C GLN D 72 18.58 -45.39 -4.09
N PHE D 73 19.60 -46.06 -3.56
CA PHE D 73 20.91 -45.44 -3.47
C PHE D 73 21.44 -45.06 -4.85
N ALA D 74 21.38 -45.99 -5.79
CA ALA D 74 21.93 -45.74 -7.11
C ALA D 74 21.21 -44.57 -7.79
N ASP D 75 19.88 -44.64 -7.84
CA ASP D 75 19.11 -43.58 -8.48
C ASP D 75 19.36 -42.23 -7.81
N THR D 76 19.40 -42.22 -6.48
CA THR D 76 19.66 -40.96 -5.79
C THR D 76 21.02 -40.39 -6.15
N ARG D 77 22.06 -41.23 -6.15
CA ARG D 77 23.38 -40.71 -6.47
C ARG D 77 23.44 -40.21 -7.90
N GLY D 78 22.81 -40.90 -8.83
CA GLY D 78 22.77 -40.42 -10.20
C GLY D 78 22.07 -39.08 -10.32
N TYR D 79 21.05 -38.84 -9.48
CA TYR D 79 20.40 -37.54 -9.49
C TYR D 79 21.28 -36.46 -8.88
N ALA D 80 21.83 -36.73 -7.70
CA ALA D 80 22.60 -35.72 -6.99
C ALA D 80 23.89 -35.37 -7.70
N TYR D 81 24.51 -36.34 -8.37
CA TYR D 81 25.75 -36.10 -9.09
C TYR D 81 25.60 -36.35 -10.59
N ASP D 82 25.85 -37.57 -11.03
CA ASP D 82 25.71 -37.90 -12.44
C ASP D 82 25.68 -39.40 -12.60
N ARG D 83 25.02 -39.84 -13.68
CA ARG D 83 24.85 -41.27 -13.88
C ARG D 83 26.19 -41.98 -13.99
N ARG D 84 27.18 -41.30 -14.56
CA ARG D 84 28.51 -41.88 -14.71
C ARG D 84 29.26 -41.96 -13.39
N ASP D 85 28.76 -41.32 -12.34
CA ASP D 85 29.42 -41.41 -11.04
C ASP D 85 28.95 -42.59 -10.20
N VAL D 86 27.92 -43.29 -10.63
CA VAL D 86 27.47 -44.49 -9.94
C VAL D 86 28.36 -45.64 -10.38
N THR D 87 28.97 -46.32 -9.42
CA THR D 87 29.91 -47.38 -9.70
C THR D 87 29.52 -48.64 -8.93
N GLY D 88 29.99 -49.78 -9.42
CA GLY D 88 29.77 -51.03 -8.71
C GLY D 88 30.48 -51.06 -7.37
N ARG D 89 31.68 -50.48 -7.31
CA ARG D 89 32.40 -50.36 -6.05
C ARG D 89 31.54 -49.66 -5.01
N GLN D 90 30.86 -48.59 -5.42
CA GLN D 90 30.02 -47.83 -4.51
C GLN D 90 28.91 -48.69 -3.94
N LEU D 91 28.16 -49.36 -4.81
CA LEU D 91 27.04 -50.18 -4.38
C LEU D 91 27.48 -51.34 -3.50
N ALA D 92 28.58 -52.00 -3.87
CA ALA D 92 29.10 -53.04 -2.98
C ALA D 92 29.45 -52.46 -1.62
N ASN D 93 30.07 -51.28 -1.61
CA ASN D 93 30.47 -50.67 -0.35
C ASN D 93 29.27 -50.40 0.54
N VAL D 94 28.22 -49.77 -0.01
CA VAL D 94 27.06 -49.46 0.80
C VAL D 94 26.35 -50.74 1.22
N TYR D 95 26.43 -51.80 0.42
CA TYR D 95 25.87 -53.08 0.84
C TYR D 95 26.66 -53.64 2.02
N ALA D 96 27.98 -53.47 2.02
CA ALA D 96 28.77 -53.89 3.16
C ALA D 96 28.34 -53.16 4.42
N GLN D 97 28.26 -51.83 4.34
CA GLN D 97 27.85 -51.02 5.47
C GLN D 97 26.46 -51.44 5.97
N THR D 98 25.53 -51.58 5.03
CA THR D 98 24.15 -51.90 5.39
C THR D 98 24.05 -53.25 6.06
N LEU D 99 24.62 -54.29 5.45
CA LEU D 99 24.52 -55.62 6.03
C LEU D 99 25.25 -55.71 7.36
N GLY D 100 26.33 -54.95 7.53
CA GLY D 100 26.92 -54.87 8.86
C GLY D 100 25.94 -54.35 9.88
N THR D 101 25.31 -53.20 9.60
CA THR D 101 24.33 -52.65 10.53
C THR D 101 23.20 -53.63 10.80
N ILE D 102 22.65 -54.25 9.75
CA ILE D 102 21.59 -55.23 9.94
C ILE D 102 22.06 -56.34 10.88
N PHE D 103 23.25 -56.88 10.61
CA PHE D 103 23.71 -58.04 11.36
C PHE D 103 23.89 -57.71 12.83
N THR D 104 24.40 -56.52 13.14
CA THR D 104 24.66 -56.22 14.54
C THR D 104 23.46 -55.63 15.27
N GLU D 105 22.57 -54.95 14.56
CA GLU D 105 21.57 -54.14 15.23
C GLU D 105 20.12 -54.54 14.98
N GLN D 106 19.82 -55.28 13.92
CA GLN D 106 18.43 -55.62 13.69
C GLN D 106 17.97 -56.79 14.55
N ALA D 107 16.65 -56.92 14.68
CA ALA D 107 16.07 -57.96 15.50
C ALA D 107 16.55 -59.35 15.10
N LYS D 108 16.66 -59.60 13.79
CA LYS D 108 17.13 -60.86 13.31
C LYS D 108 17.98 -60.58 12.07
N PRO D 109 19.17 -61.18 11.96
CA PRO D 109 20.02 -60.91 10.81
C PRO D 109 19.38 -61.36 9.51
N TYR D 110 19.85 -60.78 8.43
CA TYR D 110 19.34 -61.14 7.11
C TYR D 110 20.05 -62.40 6.63
N GLU D 111 19.27 -63.39 6.22
CA GLU D 111 19.82 -64.63 5.68
C GLU D 111 20.03 -64.49 4.18
N VAL D 112 21.01 -63.67 3.81
CA VAL D 112 21.25 -63.35 2.41
C VAL D 112 22.74 -63.33 2.11
N GLU D 113 23.05 -63.51 0.83
CA GLU D 113 24.38 -63.30 0.28
C GLU D 113 24.22 -62.58 -1.05
N LEU D 114 25.05 -61.57 -1.28
CA LEU D 114 24.87 -60.65 -2.39
C LEU D 114 26.08 -60.62 -3.32
N CYS D 115 25.80 -60.38 -4.60
CA CYS D 115 26.82 -60.18 -5.62
C CYS D 115 26.47 -58.95 -6.42
N VAL D 116 27.43 -58.04 -6.55
CA VAL D 116 27.30 -56.82 -7.34
C VAL D 116 28.31 -56.88 -8.46
N ALA D 117 27.84 -56.74 -9.70
CA ALA D 117 28.71 -56.87 -10.86
C ALA D 117 28.64 -55.61 -11.72
N GLU D 118 29.77 -55.27 -12.33
CA GLU D 118 29.84 -54.10 -13.19
C GLU D 118 30.63 -54.41 -14.45
N VAL D 119 30.13 -53.93 -15.59
CA VAL D 119 30.84 -54.03 -16.84
C VAL D 119 31.23 -52.64 -17.29
N ALA D 120 32.06 -52.58 -18.33
CA ALA D 120 32.54 -51.30 -18.83
C ALA D 120 31.42 -50.55 -19.53
N HIS D 121 31.60 -49.25 -19.66
CA HIS D 121 30.66 -48.43 -20.41
C HIS D 121 30.90 -48.65 -21.90
N TYR D 122 29.86 -48.39 -22.70
CA TYR D 122 29.92 -48.69 -24.13
C TYR D 122 31.15 -48.07 -24.79
N GLY D 123 31.91 -48.90 -25.49
CA GLY D 123 33.09 -48.44 -26.19
C GLY D 123 34.33 -48.35 -25.34
N GLU D 124 34.24 -48.56 -24.04
CA GLU D 124 35.40 -48.51 -23.17
C GLU D 124 35.96 -49.90 -22.97
N THR D 125 37.23 -49.95 -22.57
CA THR D 125 37.94 -51.20 -22.33
C THR D 125 38.26 -51.27 -20.85
N LYS D 126 37.57 -52.15 -20.13
CA LYS D 126 37.75 -52.25 -18.69
C LYS D 126 37.26 -53.63 -18.24
N ARG D 127 38.08 -54.31 -17.45
CA ARG D 127 37.74 -55.66 -17.03
C ARG D 127 36.56 -55.62 -16.06
N PRO D 128 35.58 -56.52 -16.23
CA PRO D 128 34.44 -56.56 -15.32
C PRO D 128 34.84 -56.62 -13.86
N GLU D 129 33.95 -56.20 -12.97
CA GLU D 129 34.17 -56.26 -11.54
C GLU D 129 33.09 -57.13 -10.90
N LEU D 130 33.49 -57.98 -9.97
CA LEU D 130 32.56 -58.79 -9.20
C LEU D 130 32.84 -58.59 -7.73
N TYR D 131 31.77 -58.36 -6.96
CA TYR D 131 31.85 -58.14 -5.54
C TYR D 131 30.90 -59.08 -4.83
N ARG D 132 31.39 -59.67 -3.74
CA ARG D 132 30.60 -60.54 -2.88
C ARG D 132 30.45 -59.85 -1.52
N ILE D 133 29.21 -59.75 -1.05
CA ILE D 133 28.93 -59.24 0.29
C ILE D 133 28.19 -60.33 1.04
N THR D 134 28.69 -60.68 2.22
CA THR D 134 28.11 -61.75 3.00
C THR D 134 27.23 -61.18 4.11
N TYR D 135 26.54 -62.09 4.80
CA TYR D 135 25.46 -61.71 5.70
C TYR D 135 25.90 -60.80 6.84
N ASP D 136 27.20 -60.67 7.09
CA ASP D 136 27.69 -59.86 8.20
C ASP D 136 28.42 -58.60 7.75
N GLY D 137 28.34 -58.26 6.47
CA GLY D 137 29.01 -57.09 5.95
C GLY D 137 30.41 -57.32 5.44
N SER D 138 30.91 -58.55 5.51
CA SER D 138 32.20 -58.85 4.92
C SER D 138 32.10 -58.74 3.41
N ILE D 139 33.11 -58.15 2.78
CA ILE D 139 33.07 -57.85 1.36
C ILE D 139 34.35 -58.38 0.74
N ALA D 140 34.24 -58.92 -0.46
CA ALA D 140 35.37 -59.54 -1.13
C ALA D 140 35.31 -59.25 -2.61
N ASP D 141 36.46 -58.91 -3.17
CA ASP D 141 36.60 -58.61 -4.58
C ASP D 141 37.05 -59.88 -5.29
N GLU D 142 36.34 -60.26 -6.35
CA GLU D 142 36.73 -61.48 -7.02
C GLU D 142 36.83 -61.25 -8.52
N PRO D 143 37.75 -61.93 -9.20
CA PRO D 143 38.13 -61.49 -10.55
C PRO D 143 37.47 -62.26 -11.67
N HIS D 144 36.97 -63.47 -11.36
CA HIS D 144 36.46 -64.35 -12.40
C HIS D 144 35.02 -64.77 -12.16
N PHE D 145 34.71 -65.28 -10.97
CA PHE D 145 33.37 -65.78 -10.74
C PHE D 145 33.05 -65.72 -9.26
N VAL D 146 31.76 -65.81 -8.96
CA VAL D 146 31.24 -65.72 -7.61
C VAL D 146 30.11 -66.74 -7.48
N VAL D 147 30.11 -67.47 -6.37
CA VAL D 147 29.10 -68.48 -6.08
C VAL D 147 28.51 -68.20 -4.72
N MET D 148 27.19 -68.31 -4.58
CA MET D 148 26.55 -67.99 -3.32
C MET D 148 25.32 -68.86 -3.12
N GLY D 149 25.13 -69.29 -1.88
CA GLY D 149 23.92 -69.98 -1.45
C GLY D 149 24.01 -71.47 -1.63
N GLY D 150 23.35 -72.19 -0.73
CA GLY D 150 23.37 -73.64 -0.77
C GLY D 150 24.75 -74.20 -0.49
N THR D 151 25.07 -75.29 -1.18
CA THR D 151 26.34 -75.98 -1.02
C THR D 151 27.30 -75.45 -2.08
N THR D 152 28.17 -74.51 -1.68
CA THR D 152 28.98 -73.78 -2.64
C THR D 152 30.26 -74.49 -3.03
N GLU D 153 30.76 -75.43 -2.22
CA GLU D 153 32.05 -76.04 -2.52
C GLU D 153 32.07 -76.79 -3.85
N PRO D 154 31.13 -77.70 -4.15
CA PRO D 154 31.16 -78.36 -5.45
C PRO D 154 31.13 -77.39 -6.61
N ILE D 155 30.30 -76.36 -6.53
CA ILE D 155 30.19 -75.39 -7.62
C ILE D 155 31.50 -74.63 -7.75
N ALA D 156 32.05 -74.17 -6.63
CA ALA D 156 33.30 -73.42 -6.66
C ALA D 156 34.41 -74.23 -7.29
N ASN D 157 34.46 -75.52 -7.00
CA ASN D 157 35.48 -76.36 -7.61
C ASN D 157 35.21 -76.55 -9.09
N ALA D 158 33.95 -76.79 -9.45
CA ALA D 158 33.58 -76.94 -10.86
C ALA D 158 34.02 -75.74 -11.70
N LEU D 159 33.76 -74.51 -11.22
CA LEU D 159 34.29 -73.36 -11.95
C LEU D 159 35.81 -73.30 -11.88
N LYS D 160 36.37 -73.54 -10.69
CA LYS D 160 37.82 -73.54 -10.54
C LYS D 160 38.52 -74.37 -11.60
N GLU D 161 37.88 -75.45 -12.04
CA GLU D 161 38.45 -76.27 -13.10
C GLU D 161 38.02 -75.80 -14.49
N SER D 162 36.72 -75.58 -14.68
CA SER D 162 36.17 -75.41 -16.02
C SER D 162 35.92 -73.94 -16.38
N TYR D 163 36.69 -73.01 -15.84
CA TYR D 163 36.52 -71.60 -16.18
C TYR D 163 37.69 -71.15 -17.03
N ALA D 164 37.38 -70.55 -18.18
CA ALA D 164 38.38 -69.93 -19.05
C ALA D 164 37.99 -68.48 -19.29
N GLU D 165 38.98 -67.59 -19.21
CA GLU D 165 38.69 -66.19 -19.47
C GLU D 165 38.16 -66.02 -20.90
N ASN D 166 37.61 -64.85 -21.17
CA ASN D 166 37.06 -64.49 -22.48
C ASN D 166 36.25 -65.61 -23.13
N ALA D 167 35.54 -66.39 -22.32
CA ALA D 167 34.68 -67.44 -22.85
C ALA D 167 33.52 -66.84 -23.64
N SER D 168 32.94 -67.66 -24.52
CA SER D 168 31.74 -67.21 -25.22
C SER D 168 30.54 -67.30 -24.29
N LEU D 169 29.43 -66.71 -24.74
CA LEU D 169 28.21 -66.73 -23.93
C LEU D 169 27.70 -68.14 -23.74
N THR D 170 27.66 -68.92 -24.82
CA THR D 170 27.21 -70.30 -24.72
C THR D 170 28.15 -71.13 -23.86
N ASP D 171 29.46 -70.95 -24.04
CA ASP D 171 30.43 -71.68 -23.23
C ASP D 171 30.22 -71.37 -21.75
N ALA D 172 30.20 -70.08 -21.40
CA ALA D 172 30.05 -69.66 -20.02
C ALA D 172 28.72 -70.13 -19.43
N LEU D 173 27.65 -70.07 -20.22
CA LEU D 173 26.36 -70.54 -19.72
C LEU D 173 26.41 -72.02 -19.40
N ARG D 174 26.94 -72.83 -20.32
CA ARG D 174 27.00 -74.26 -20.10
C ARG D 174 27.91 -74.61 -18.91
N ILE D 175 29.07 -73.95 -18.81
CA ILE D 175 29.94 -74.14 -17.66
C ILE D 175 29.21 -73.78 -16.38
N ALA D 176 28.37 -72.76 -16.44
CA ALA D 176 27.62 -72.33 -15.26
C ALA D 176 26.61 -73.38 -14.83
N VAL D 177 25.80 -73.85 -15.78
CA VAL D 177 24.80 -74.87 -15.45
C VAL D 177 25.48 -76.15 -14.97
N ALA D 178 26.62 -76.49 -15.58
CA ALA D 178 27.39 -77.64 -15.12
C ALA D 178 27.77 -77.46 -13.66
N ALA D 179 28.43 -76.35 -13.35
CA ALA D 179 28.85 -76.09 -11.98
C ALA D 179 27.66 -76.08 -11.02
N LEU D 180 26.51 -75.58 -11.48
CA LEU D 180 25.33 -75.59 -10.63
C LEU D 180 24.88 -77.00 -10.32
N ARG D 181 24.80 -77.84 -11.36
CA ARG D 181 24.39 -79.23 -11.16
C ARG D 181 25.32 -79.93 -10.16
N ALA D 182 26.63 -79.67 -10.26
CA ALA D 182 27.58 -80.29 -9.35
C ALA D 182 27.25 -79.96 -7.90
N GLY D 183 26.87 -78.71 -7.62
CA GLY D 183 26.53 -78.34 -6.26
C GLY D 183 25.23 -78.96 -5.78
N SER D 184 24.31 -79.21 -6.70
CA SER D 184 23.04 -79.83 -6.33
C SER D 184 22.95 -81.25 -6.89
N THR D 194 20.45 -80.92 -16.47
CA THR D 194 19.14 -81.48 -16.20
C THR D 194 18.19 -80.40 -15.67
N LEU D 195 18.60 -79.15 -15.82
CA LEU D 195 17.86 -78.00 -15.33
C LEU D 195 17.16 -77.31 -16.50
N GLY D 196 15.82 -77.30 -16.46
CA GLY D 196 15.06 -76.70 -17.52
C GLY D 196 14.90 -75.20 -17.36
N VAL D 197 14.49 -74.56 -18.46
CA VAL D 197 14.31 -73.11 -18.50
C VAL D 197 13.45 -72.66 -17.31
N ALA D 198 12.35 -73.36 -17.07
CA ALA D 198 11.45 -73.02 -15.97
C ALA D 198 12.13 -73.10 -14.61
N SER D 199 13.27 -73.80 -14.52
CA SER D 199 13.95 -73.93 -13.23
C SER D 199 15.19 -73.05 -13.13
N LEU D 200 15.52 -72.32 -14.19
CA LEU D 200 16.66 -71.42 -14.17
C LEU D 200 16.16 -70.00 -14.32
N GLU D 201 16.99 -69.07 -13.84
CA GLU D 201 16.81 -67.66 -14.10
C GLU D 201 18.15 -67.16 -14.62
N VAL D 202 18.12 -66.56 -15.81
CA VAL D 202 19.34 -66.18 -16.50
C VAL D 202 19.24 -64.72 -16.89
N ALA D 203 20.34 -63.98 -16.72
CA ALA D 203 20.42 -62.60 -17.16
C ALA D 203 21.88 -62.25 -17.35
N VAL D 204 22.13 -61.17 -18.08
CA VAL D 204 23.49 -60.76 -18.42
C VAL D 204 23.66 -59.26 -18.30
N LEU D 205 24.85 -58.85 -17.90
CA LEU D 205 25.34 -57.50 -18.11
C LEU D 205 26.08 -57.52 -19.44
N ASP D 206 25.45 -56.96 -20.46
CA ASP D 206 25.92 -57.04 -21.85
C ASP D 206 26.73 -55.80 -22.13
N ALA D 207 28.05 -55.93 -22.07
CA ALA D 207 28.94 -54.79 -22.23
C ALA D 207 28.84 -54.16 -23.62
N ASN D 208 28.08 -54.74 -24.53
CA ASN D 208 27.96 -54.17 -25.86
C ASN D 208 26.70 -53.35 -26.04
N ARG D 209 25.82 -53.34 -25.06
CA ARG D 209 24.64 -52.52 -25.24
C ARG D 209 24.97 -51.05 -25.01
N PRO D 210 24.29 -50.14 -25.72
CA PRO D 210 24.63 -48.71 -25.62
C PRO D 210 24.53 -48.16 -24.21
N ARG D 211 23.36 -48.24 -23.59
CA ARG D 211 23.17 -47.64 -22.26
C ARG D 211 22.87 -48.67 -21.20
N ARG D 212 21.70 -49.30 -21.22
CA ARG D 212 21.27 -50.20 -20.16
C ARG D 212 21.78 -51.61 -20.48
N ALA D 213 22.74 -52.09 -19.69
CA ALA D 213 23.42 -53.33 -20.02
C ALA D 213 22.67 -54.56 -19.56
N PHE D 214 21.76 -54.42 -18.60
CA PHE D 214 21.09 -55.60 -18.06
C PHE D 214 20.08 -56.12 -19.07
N ARG D 215 20.12 -57.42 -19.31
CA ARG D 215 19.27 -58.05 -20.31
C ARG D 215 18.92 -59.45 -19.82
N ARG D 216 17.62 -59.74 -19.75
CA ARG D 216 17.18 -61.07 -19.36
C ARG D 216 17.16 -62.00 -20.56
N ILE D 217 17.41 -63.28 -20.29
CA ILE D 217 17.44 -64.31 -21.32
C ILE D 217 16.33 -65.29 -20.96
N THR D 218 15.14 -65.04 -21.49
CA THR D 218 13.93 -65.78 -21.15
C THR D 218 13.48 -66.68 -22.29
N GLY D 219 12.82 -67.78 -21.92
CA GLY D 219 12.02 -68.55 -22.83
C GLY D 219 12.80 -69.21 -23.96
N SER D 220 12.22 -69.14 -25.16
CA SER D 220 12.76 -69.84 -26.32
C SER D 220 14.24 -69.50 -26.55
N ALA D 221 14.61 -68.23 -26.39
CA ALA D 221 16.00 -67.85 -26.53
C ALA D 221 16.87 -68.60 -25.54
N LEU D 222 16.44 -68.67 -24.28
CA LEU D 222 17.21 -69.38 -23.28
C LEU D 222 17.34 -70.86 -23.64
N GLN D 223 16.22 -71.48 -24.04
CA GLN D 223 16.28 -72.89 -24.43
C GLN D 223 17.30 -73.09 -25.55
N ALA D 224 17.27 -72.20 -26.54
CA ALA D 224 18.24 -72.27 -27.64
C ALA D 224 19.67 -72.14 -27.13
N LEU D 225 19.88 -71.31 -26.10
CA LEU D 225 21.22 -71.09 -25.59
C LEU D 225 21.75 -72.24 -24.74
N LEU D 226 20.91 -73.20 -24.36
CA LEU D 226 21.39 -74.28 -23.52
C LEU D 226 21.99 -75.41 -24.34
N VAL D 227 21.42 -75.68 -25.50
CA VAL D 227 21.90 -76.77 -26.35
C VAL D 227 22.17 -76.28 -27.78
N MET E 1 28.73 -56.72 33.86
CA MET E 1 29.47 -55.48 33.70
C MET E 1 30.91 -55.72 33.27
N GLU E 2 31.77 -56.06 34.23
CA GLU E 2 33.18 -56.26 33.94
C GLU E 2 33.38 -57.45 32.99
N GLN E 3 32.55 -58.47 33.12
CA GLN E 3 32.62 -59.60 32.21
C GLN E 3 32.20 -59.19 30.80
N ALA E 4 31.14 -58.39 30.69
CA ALA E 4 30.74 -57.86 29.39
C ALA E 4 31.90 -57.13 28.72
N MET E 5 32.58 -56.26 29.47
CA MET E 5 33.68 -55.51 28.87
C MET E 5 34.83 -56.43 28.48
N ARG E 6 35.07 -57.48 29.27
CA ARG E 6 36.09 -58.45 28.85
C ARG E 6 35.67 -59.16 27.57
N GLU E 7 34.37 -59.42 27.40
CA GLU E 7 33.90 -60.08 26.19
C GLU E 7 34.04 -59.18 24.98
N ARG E 8 33.69 -57.89 25.14
CA ARG E 8 33.88 -56.95 24.04
C ARG E 8 35.34 -56.86 23.65
N SER E 9 36.22 -56.62 24.63
CA SER E 9 37.65 -56.53 24.32
C SER E 9 38.14 -57.78 23.62
N GLU E 10 37.67 -58.95 24.05
CA GLU E 10 38.13 -60.18 23.42
C GLU E 10 37.60 -60.31 21.99
N LEU E 11 36.31 -60.00 21.78
CA LEU E 11 35.78 -60.04 20.43
C LEU E 11 36.58 -59.15 19.50
N ALA E 12 36.85 -57.92 19.94
CA ALA E 12 37.59 -56.99 19.09
C ALA E 12 38.99 -57.51 18.81
N ARG E 13 39.71 -57.90 19.86
CA ARG E 13 41.09 -58.36 19.69
C ARG E 13 41.16 -59.57 18.76
N LYS E 14 40.24 -60.53 18.93
CA LYS E 14 40.23 -61.71 18.07
C LYS E 14 39.95 -61.33 16.63
N GLY E 15 38.92 -60.51 16.42
CA GLY E 15 38.61 -60.05 15.07
C GLY E 15 39.78 -59.37 14.38
N ILE E 16 40.50 -58.53 15.11
CA ILE E 16 41.63 -57.83 14.52
C ILE E 16 42.78 -58.80 14.25
N ALA E 17 42.99 -59.76 15.15
CA ALA E 17 44.08 -60.70 14.96
C ALA E 17 43.90 -61.55 13.71
N ARG E 18 42.66 -61.71 13.24
CA ARG E 18 42.40 -62.46 12.03
C ARG E 18 42.76 -61.70 10.77
N ALA E 19 42.85 -60.37 10.84
CA ALA E 19 42.90 -59.56 9.63
C ALA E 19 44.34 -59.40 9.14
N LYS E 20 44.49 -59.04 7.88
CA LYS E 20 45.81 -58.85 7.31
C LYS E 20 46.45 -57.61 7.92
N SER E 21 47.76 -57.54 7.81
CA SER E 21 48.54 -56.56 8.56
C SER E 21 48.85 -55.34 7.72
N VAL E 22 49.14 -54.24 8.42
CA VAL E 22 49.45 -52.95 7.84
C VAL E 22 50.61 -52.36 8.62
N VAL E 23 51.50 -51.67 7.91
CA VAL E 23 52.67 -51.02 8.48
C VAL E 23 52.71 -49.59 8.00
N ALA E 24 53.07 -48.68 8.90
CA ALA E 24 53.29 -47.27 8.56
C ALA E 24 54.59 -46.83 9.20
N LEU E 25 55.50 -46.29 8.39
CA LEU E 25 56.81 -45.94 8.92
C LEU E 25 57.28 -44.63 8.33
N ALA E 26 58.03 -43.88 9.13
CA ALA E 26 58.52 -42.57 8.72
C ALA E 26 59.83 -42.72 7.94
N TYR E 27 59.91 -42.04 6.80
CA TYR E 27 61.13 -42.03 6.02
C TYR E 27 61.46 -40.59 5.63
N ALA E 28 62.62 -40.43 4.97
CA ALA E 28 63.17 -39.09 4.74
C ALA E 28 62.23 -38.19 3.95
N GLY E 29 61.44 -38.76 3.05
CA GLY E 29 60.53 -38.00 2.24
C GLY E 29 59.13 -37.89 2.78
N GLY E 30 58.86 -38.41 3.98
CA GLY E 30 57.54 -38.35 4.56
C GLY E 30 57.14 -39.60 5.31
N VAL E 31 55.99 -40.18 4.99
CA VAL E 31 55.52 -41.38 5.67
C VAL E 31 55.08 -42.40 4.64
N LEU E 32 55.38 -43.68 4.89
CA LEU E 32 55.08 -44.76 3.96
C LEU E 32 54.08 -45.71 4.59
N PHE E 33 53.00 -45.98 3.86
CA PHE E 33 51.98 -46.95 4.24
C PHE E 33 52.08 -48.15 3.31
N VAL E 34 52.19 -49.34 3.89
CA VAL E 34 52.20 -50.59 3.15
C VAL E 34 51.25 -51.55 3.84
N ALA E 35 50.34 -52.16 3.08
CA ALA E 35 49.34 -53.04 3.64
C ALA E 35 49.12 -54.25 2.75
N GLU E 36 49.00 -55.43 3.38
CA GLU E 36 48.61 -56.63 2.66
C GLU E 36 47.17 -56.49 2.19
N ASN E 37 46.97 -56.40 0.88
CA ASN E 37 45.63 -56.22 0.35
C ASN E 37 45.53 -56.78 -1.05
N PRO E 38 44.89 -57.93 -1.24
CA PRO E 38 44.77 -58.49 -2.58
C PRO E 38 43.83 -57.72 -3.49
N SER E 39 42.88 -56.98 -2.93
CA SER E 39 41.83 -56.38 -3.73
C SER E 39 42.37 -55.35 -4.71
N ARG E 40 41.65 -55.18 -5.82
CA ARG E 40 41.96 -54.11 -6.76
C ARG E 40 41.44 -52.77 -6.28
N SER E 41 40.21 -52.75 -5.75
CA SER E 41 39.48 -51.51 -5.58
C SER E 41 39.11 -51.16 -4.14
N LEU E 42 39.21 -52.10 -3.20
CA LEU E 42 38.83 -51.85 -1.82
C LEU E 42 40.07 -51.54 -1.02
N GLN E 43 40.08 -50.39 -0.35
CA GLN E 43 41.31 -49.76 0.13
C GLN E 43 41.36 -49.77 1.65
N LYS E 44 42.54 -50.06 2.19
CA LYS E 44 42.80 -49.95 3.62
C LYS E 44 43.56 -48.69 3.98
N ILE E 45 44.03 -47.94 2.99
CA ILE E 45 44.77 -46.71 3.22
C ILE E 45 44.11 -45.59 2.42
N SER E 46 43.95 -44.43 3.06
CA SER E 46 43.25 -43.34 2.38
C SER E 46 43.80 -42.02 2.85
N GLU E 47 43.54 -41.00 2.04
CA GLU E 47 43.86 -39.63 2.41
C GLU E 47 42.82 -39.10 3.39
N LEU E 48 43.27 -38.36 4.39
CA LEU E 48 42.36 -37.64 5.27
C LEU E 48 42.33 -36.14 4.96
N TYR E 49 43.49 -35.49 4.99
CA TYR E 49 43.54 -34.08 4.68
C TYR E 49 44.90 -33.78 4.05
N ASP E 50 45.13 -32.50 3.74
CA ASP E 50 46.31 -32.07 2.99
C ASP E 50 47.56 -32.87 3.34
N ARG E 51 47.91 -32.88 4.62
CA ARG E 51 49.13 -33.53 5.09
C ARG E 51 48.84 -34.69 6.03
N VAL E 52 47.63 -35.24 6.02
CA VAL E 52 47.24 -36.24 7.00
C VAL E 52 46.69 -37.47 6.29
N GLY E 53 47.24 -38.64 6.64
CA GLY E 53 46.83 -39.90 6.05
C GLY E 53 46.35 -40.88 7.10
N PHE E 54 45.70 -41.94 6.62
CA PHE E 54 44.90 -42.86 7.41
C PHE E 54 45.15 -44.28 6.94
N ALA E 55 45.34 -45.20 7.88
CA ALA E 55 45.46 -46.61 7.53
C ALA E 55 44.79 -47.43 8.61
N ALA E 56 44.19 -48.55 8.23
CA ALA E 56 43.38 -49.31 9.17
C ALA E 56 43.54 -50.79 8.91
N ALA E 57 43.30 -51.58 9.96
CA ALA E 57 43.27 -53.02 9.84
C ALA E 57 42.04 -53.56 10.57
N GLY E 58 41.41 -54.59 10.00
CA GLY E 58 40.24 -55.18 10.62
C GLY E 58 39.07 -55.37 9.70
N LYS E 59 37.86 -55.20 10.24
CA LYS E 59 36.63 -55.36 9.46
C LYS E 59 36.43 -54.15 8.55
N PHE E 60 36.21 -54.39 7.27
CA PHE E 60 36.24 -53.30 6.29
C PHE E 60 35.15 -52.27 6.53
N ASN E 61 33.89 -52.71 6.57
CA ASN E 61 32.80 -51.73 6.67
C ASN E 61 32.97 -50.84 7.89
N GLU E 62 33.55 -51.36 8.96
CA GLU E 62 33.69 -50.60 10.19
C GLU E 62 34.79 -49.54 10.10
N PHE E 63 36.00 -49.93 9.66
CA PHE E 63 37.04 -48.91 9.55
C PHE E 63 36.81 -47.99 8.37
N ASP E 64 36.01 -48.42 7.39
CA ASP E 64 35.60 -47.50 6.34
C ASP E 64 34.64 -46.45 6.88
N ASN E 65 33.66 -46.87 7.71
CA ASN E 65 32.84 -45.89 8.40
C ASN E 65 33.70 -44.89 9.14
N LEU E 66 34.68 -45.37 9.90
CA LEU E 66 35.54 -44.44 10.63
C LEU E 66 36.33 -43.55 9.67
N ARG E 67 36.73 -44.09 8.52
CA ARG E 67 37.47 -43.31 7.55
C ARG E 67 36.64 -42.16 7.02
N ARG E 68 35.41 -42.47 6.56
CA ARG E 68 34.54 -41.43 6.04
C ARG E 68 34.20 -40.42 7.10
N GLY E 69 33.95 -40.87 8.33
CA GLY E 69 33.68 -39.94 9.40
C GLY E 69 34.86 -39.01 9.65
N GLY E 70 36.07 -39.54 9.57
CA GLY E 70 37.23 -38.70 9.75
C GLY E 70 37.37 -37.68 8.65
N ILE E 71 37.08 -38.07 7.42
CA ILE E 71 37.11 -37.13 6.30
C ILE E 71 36.09 -36.01 6.53
N GLN E 72 34.86 -36.40 6.87
CA GLN E 72 33.84 -35.42 7.23
C GLN E 72 34.36 -34.45 8.28
N PHE E 73 35.02 -34.98 9.32
CA PHE E 73 35.47 -34.12 10.41
C PHE E 73 36.52 -33.14 9.92
N ALA E 74 37.52 -33.63 9.19
CA ALA E 74 38.60 -32.76 8.74
C ALA E 74 38.08 -31.68 7.81
N ASP E 75 37.33 -32.06 6.78
CA ASP E 75 36.83 -31.07 5.85
C ASP E 75 35.99 -30.02 6.57
N THR E 76 35.18 -30.47 7.53
CA THR E 76 34.35 -29.53 8.28
C THR E 76 35.19 -28.55 9.08
N ARG E 77 36.20 -29.04 9.80
CA ARG E 77 37.02 -28.12 10.58
C ARG E 77 37.79 -27.16 9.69
N GLY E 78 38.34 -27.65 8.59
CA GLY E 78 39.05 -26.77 7.69
C GLY E 78 38.17 -25.70 7.10
N TYR E 79 36.90 -26.03 6.83
CA TYR E 79 35.98 -25.01 6.32
C TYR E 79 35.62 -24.02 7.41
N ALA E 80 35.31 -24.51 8.61
CA ALA E 80 34.90 -23.61 9.68
C ALA E 80 36.02 -22.67 10.11
N TYR E 81 37.27 -23.13 10.04
CA TYR E 81 38.40 -22.29 10.42
C TYR E 81 39.31 -22.05 9.21
N ASP E 82 40.31 -22.90 9.01
CA ASP E 82 41.17 -22.78 7.86
C ASP E 82 41.97 -24.06 7.70
N ARG E 83 42.39 -24.33 6.47
CA ARG E 83 42.99 -25.61 6.15
C ARG E 83 44.24 -25.89 6.99
N ARG E 84 44.97 -24.86 7.38
CA ARG E 84 46.19 -25.09 8.15
C ARG E 84 45.90 -25.33 9.62
N ASP E 85 44.65 -25.40 10.02
CA ASP E 85 44.31 -25.67 11.41
C ASP E 85 43.97 -27.14 11.65
N VAL E 86 43.79 -27.92 10.60
CA VAL E 86 43.55 -29.36 10.73
C VAL E 86 44.89 -30.05 10.92
N THR E 87 45.01 -30.82 11.98
CA THR E 87 46.25 -31.46 12.35
C THR E 87 46.02 -32.95 12.59
N GLY E 88 47.11 -33.70 12.56
CA GLY E 88 47.02 -35.12 12.87
C GLY E 88 46.57 -35.37 14.30
N ARG E 89 47.16 -34.63 15.25
CA ARG E 89 46.75 -34.76 16.65
C ARG E 89 45.24 -34.65 16.79
N GLN E 90 44.62 -33.74 16.04
CA GLN E 90 43.18 -33.53 16.12
C GLN E 90 42.43 -34.78 15.69
N LEU E 91 42.74 -35.28 14.49
CA LEU E 91 42.03 -36.44 13.96
C LEU E 91 42.24 -37.66 14.85
N ALA E 92 43.46 -37.86 15.35
CA ALA E 92 43.70 -38.94 16.30
C ALA E 92 42.83 -38.77 17.53
N ASN E 93 42.70 -37.55 18.03
CA ASN E 93 41.90 -37.31 19.23
C ASN E 93 40.44 -37.70 18.97
N VAL E 94 39.88 -37.27 17.84
CA VAL E 94 38.50 -37.60 17.54
C VAL E 94 38.32 -39.10 17.36
N TYR E 95 39.33 -39.78 16.82
CA TYR E 95 39.24 -41.22 16.68
C TYR E 95 39.27 -41.92 18.04
N ALA E 96 40.07 -41.40 18.98
CA ALA E 96 40.07 -41.95 20.32
C ALA E 96 38.71 -41.79 20.97
N GLN E 97 38.15 -40.58 20.93
CA GLN E 97 36.82 -40.36 21.50
C GLN E 97 35.77 -41.25 20.84
N THR E 98 35.79 -41.29 19.51
CA THR E 98 34.78 -42.03 18.75
C THR E 98 34.86 -43.51 19.06
N LEU E 99 36.05 -44.08 18.97
CA LEU E 99 36.18 -45.51 19.23
C LEU E 99 35.88 -45.85 20.69
N GLY E 100 36.17 -44.95 21.62
CA GLY E 100 35.71 -45.17 22.98
C GLY E 100 34.21 -45.32 23.06
N THR E 101 33.49 -44.36 22.47
CA THR E 101 32.03 -44.43 22.47
C THR E 101 31.55 -45.72 21.80
N ILE E 102 32.10 -46.05 20.63
CA ILE E 102 31.72 -47.28 19.96
C ILE E 102 31.94 -48.48 20.87
N PHE E 103 33.11 -48.54 21.49
CA PHE E 103 33.49 -49.71 22.28
C PHE E 103 32.54 -49.93 23.43
N THR E 104 32.12 -48.85 24.09
CA THR E 104 31.27 -49.05 25.26
C THR E 104 29.78 -49.07 24.94
N GLU E 105 29.34 -48.45 23.85
CA GLU E 105 27.92 -48.22 23.64
C GLU E 105 27.31 -48.90 22.42
N GLN E 106 28.10 -49.32 21.44
CA GLN E 106 27.53 -49.89 20.25
C GLN E 106 27.08 -51.32 20.52
N ALA E 107 26.22 -51.83 19.64
CA ALA E 107 25.74 -53.20 19.78
C ALA E 107 26.89 -54.18 19.83
N LYS E 108 27.92 -53.95 19.02
CA LYS E 108 29.11 -54.78 18.96
C LYS E 108 30.29 -53.85 18.75
N PRO E 109 31.39 -54.03 19.49
CA PRO E 109 32.54 -53.15 19.31
C PRO E 109 33.12 -53.27 17.91
N TYR E 110 33.85 -52.24 17.51
CA TYR E 110 34.44 -52.24 16.19
C TYR E 110 35.73 -53.05 16.21
N GLU E 111 35.84 -53.99 15.27
CA GLU E 111 37.06 -54.79 15.13
C GLU E 111 38.00 -54.06 14.16
N VAL E 112 38.57 -52.96 14.67
CA VAL E 112 39.42 -52.09 13.87
C VAL E 112 40.62 -51.65 14.68
N GLU E 113 41.69 -51.30 13.96
CA GLU E 113 42.85 -50.61 14.52
C GLU E 113 43.26 -49.54 13.52
N LEU E 114 43.61 -48.37 14.02
CA LEU E 114 43.76 -47.18 13.22
C LEU E 114 45.15 -46.58 13.38
N CYS E 115 45.63 -45.98 12.30
CA CYS E 115 46.86 -45.21 12.27
C CYS E 115 46.59 -43.90 11.56
N VAL E 116 46.90 -42.79 12.21
CA VAL E 116 46.78 -41.46 11.64
C VAL E 116 48.17 -40.84 11.59
N ALA E 117 48.58 -40.40 10.41
CA ALA E 117 49.93 -39.91 10.19
C ALA E 117 49.90 -38.50 9.63
N GLU E 118 50.88 -37.70 10.00
CA GLU E 118 50.97 -36.33 9.53
C GLU E 118 52.41 -35.99 9.15
N VAL E 119 52.57 -35.32 8.02
CA VAL E 119 53.87 -34.82 7.61
C VAL E 119 53.83 -33.29 7.62
N ALA E 120 55.00 -32.69 7.48
CA ALA E 120 55.11 -31.24 7.54
C ALA E 120 54.52 -30.60 6.29
N HIS E 121 54.20 -29.32 6.41
CA HIS E 121 53.76 -28.55 5.27
C HIS E 121 54.95 -28.21 4.38
N TYR E 122 54.67 -27.92 3.12
CA TYR E 122 55.74 -27.71 2.15
C TYR E 122 56.75 -26.68 2.63
N GLY E 123 58.03 -27.06 2.59
CA GLY E 123 59.12 -26.17 2.95
C GLY E 123 59.43 -26.08 4.43
N GLU E 124 58.63 -26.69 5.29
CA GLU E 124 58.84 -26.65 6.72
C GLU E 124 59.59 -27.89 7.18
N THR E 125 60.20 -27.79 8.36
CA THR E 125 60.97 -28.89 8.93
C THR E 125 60.29 -29.33 10.22
N LYS E 126 59.55 -30.43 10.15
CA LYS E 126 58.90 -30.99 11.32
C LYS E 126 58.87 -32.50 11.16
N ARG E 127 59.38 -33.20 12.16
CA ARG E 127 59.41 -34.65 12.10
C ARG E 127 58.00 -35.19 11.89
N PRO E 128 57.81 -36.17 11.01
CA PRO E 128 56.49 -36.79 10.86
C PRO E 128 55.93 -37.25 12.19
N GLU E 129 54.61 -37.33 12.29
CA GLU E 129 53.93 -37.80 13.48
C GLU E 129 53.09 -39.03 13.15
N LEU E 130 53.14 -40.03 14.03
CA LEU E 130 52.37 -41.25 13.88
C LEU E 130 51.54 -41.50 15.13
N TYR E 131 50.27 -41.84 14.93
CA TYR E 131 49.35 -42.14 16.02
C TYR E 131 48.68 -43.48 15.77
N ARG E 132 48.59 -44.29 16.81
CA ARG E 132 47.87 -45.55 16.79
C ARG E 132 46.66 -45.44 17.71
N ILE E 133 45.48 -45.75 17.18
CA ILE E 133 44.25 -45.74 17.95
C ILE E 133 43.69 -47.15 17.91
N THR E 134 43.43 -47.72 19.07
CA THR E 134 43.00 -49.11 19.16
C THR E 134 41.48 -49.20 19.39
N TYR E 135 40.97 -50.42 19.35
CA TYR E 135 39.53 -50.65 19.30
C TYR E 135 38.77 -50.09 20.49
N ASP E 136 39.45 -49.71 21.57
CA ASP E 136 38.76 -49.22 22.76
C ASP E 136 38.97 -47.73 23.00
N GLY E 137 39.54 -47.02 22.03
CA GLY E 137 39.81 -45.61 22.16
C GLY E 137 41.16 -45.27 22.72
N SER E 138 41.97 -46.28 23.04
CA SER E 138 43.31 -46.01 23.51
C SER E 138 44.13 -45.43 22.37
N ILE E 139 44.98 -44.45 22.70
CA ILE E 139 45.74 -43.70 21.71
C ILE E 139 47.20 -43.72 22.11
N ALA E 140 48.08 -43.82 21.12
CA ALA E 140 49.51 -43.95 21.37
C ALA E 140 50.29 -43.15 20.33
N ASP E 141 51.31 -42.45 20.82
CA ASP E 141 52.18 -41.58 20.04
C ASP E 141 53.44 -42.35 19.68
N GLU E 142 53.59 -42.72 18.39
CA GLU E 142 54.76 -43.52 18.03
C GLU E 142 55.71 -42.74 17.13
N PRO E 143 57.03 -42.82 17.38
CA PRO E 143 57.96 -41.89 16.70
C PRO E 143 58.58 -42.42 15.42
N HIS E 144 58.59 -43.74 15.22
CA HIS E 144 59.31 -44.35 14.11
C HIS E 144 58.40 -45.17 13.21
N PHE E 145 57.61 -46.07 13.76
CA PHE E 145 56.76 -46.92 12.96
C PHE E 145 55.57 -47.39 13.78
N VAL E 146 54.56 -47.88 13.09
CA VAL E 146 53.32 -48.38 13.66
C VAL E 146 52.91 -49.63 12.89
N VAL E 147 52.49 -50.66 13.61
CA VAL E 147 52.08 -51.93 13.02
C VAL E 147 50.68 -52.25 13.52
N MET E 148 49.83 -52.75 12.63
CA MET E 148 48.42 -52.97 12.99
C MET E 148 47.90 -54.21 12.28
N GLY E 149 47.10 -54.98 13.00
CA GLY E 149 46.38 -56.06 12.37
C GLY E 149 47.18 -57.35 12.31
N GLY E 150 46.46 -58.47 12.41
CA GLY E 150 47.10 -59.77 12.38
C GLY E 150 48.02 -60.00 13.57
N THR E 151 49.09 -60.71 13.33
CA THR E 151 50.07 -61.07 14.37
C THR E 151 51.17 -60.03 14.33
N THR E 152 51.11 -59.06 15.24
CA THR E 152 51.98 -57.90 15.11
C THR E 152 53.40 -58.16 15.58
N GLU E 153 53.63 -59.12 16.49
CA GLU E 153 54.95 -59.27 17.10
C GLU E 153 56.05 -59.50 16.07
N PRO E 154 55.94 -60.44 15.13
CA PRO E 154 57.04 -60.62 14.17
C PRO E 154 57.32 -59.39 13.33
N ILE E 155 56.29 -58.71 12.84
CA ILE E 155 56.51 -57.51 12.01
C ILE E 155 57.14 -56.41 12.85
N ALA E 156 56.66 -56.20 14.07
CA ALA E 156 57.23 -55.18 14.93
C ALA E 156 58.70 -55.45 15.22
N ASN E 157 59.07 -56.72 15.44
CA ASN E 157 60.47 -57.03 15.70
C ASN E 157 61.31 -56.87 14.44
N ALA E 158 60.85 -57.39 13.31
CA ALA E 158 61.58 -57.23 12.06
C ALA E 158 61.85 -55.77 11.76
N LEU E 159 60.83 -54.92 11.94
CA LEU E 159 61.03 -53.49 11.74
C LEU E 159 61.99 -52.93 12.78
N LYS E 160 61.84 -53.33 14.04
CA LYS E 160 62.71 -52.83 15.09
C LYS E 160 64.17 -53.20 14.86
N GLU E 161 64.43 -54.27 14.11
CA GLU E 161 65.79 -54.66 13.77
C GLU E 161 66.29 -54.00 12.48
N SER E 162 65.40 -53.75 11.54
CA SER E 162 65.84 -53.25 10.24
C SER E 162 65.32 -51.85 9.92
N TYR E 163 65.03 -51.03 10.92
CA TYR E 163 64.53 -49.69 10.66
C TYR E 163 65.60 -48.66 10.95
N ALA E 164 65.86 -47.83 9.97
CA ALA E 164 66.76 -46.70 10.07
C ALA E 164 66.01 -45.43 9.69
N GLU E 165 66.22 -44.36 10.46
CA GLU E 165 65.61 -43.10 10.12
C GLU E 165 66.09 -42.65 8.74
N ASN E 166 65.40 -41.64 8.20
CA ASN E 166 65.73 -41.04 6.91
C ASN E 166 66.13 -42.02 5.82
N ALA E 167 65.49 -43.18 5.77
CA ALA E 167 65.74 -44.12 4.68
C ALA E 167 65.23 -43.55 3.37
N SER E 168 65.71 -44.13 2.26
CA SER E 168 65.16 -43.78 0.97
C SER E 168 63.78 -44.41 0.82
N LEU E 169 63.06 -44.00 -0.23
CA LEU E 169 61.74 -44.57 -0.45
C LEU E 169 61.85 -46.06 -0.76
N THR E 170 62.77 -46.42 -1.66
CA THR E 170 62.97 -47.83 -1.99
C THR E 170 63.45 -48.62 -0.78
N ASP E 171 64.40 -48.05 -0.04
CA ASP E 171 64.92 -48.72 1.15
C ASP E 171 63.81 -48.97 2.15
N ALA E 172 63.07 -47.91 2.52
CA ALA E 172 62.00 -48.05 3.50
C ALA E 172 60.95 -49.03 3.03
N LEU E 173 60.64 -49.00 1.73
CA LEU E 173 59.65 -49.94 1.19
C LEU E 173 60.13 -51.38 1.35
N ARG E 174 61.38 -51.66 0.98
CA ARG E 174 61.92 -53.01 1.16
C ARG E 174 61.85 -53.45 2.61
N ILE E 175 62.27 -52.57 3.53
CA ILE E 175 62.16 -52.89 4.95
C ILE E 175 60.71 -53.22 5.33
N ALA E 176 59.77 -52.50 4.72
CA ALA E 176 58.36 -52.71 5.06
C ALA E 176 57.84 -54.05 4.56
N VAL E 177 58.03 -54.36 3.28
CA VAL E 177 57.54 -55.63 2.75
C VAL E 177 58.25 -56.80 3.43
N ALA E 178 59.54 -56.63 3.72
CA ALA E 178 60.25 -57.67 4.46
C ALA E 178 59.57 -57.93 5.79
N ALA E 179 59.38 -56.88 6.60
CA ALA E 179 58.75 -57.05 7.90
C ALA E 179 57.35 -57.64 7.78
N LEU E 180 56.61 -57.26 6.73
CA LEU E 180 55.27 -57.81 6.54
C LEU E 180 55.31 -59.31 6.29
N ARG E 181 56.25 -59.76 5.44
CA ARG E 181 56.33 -61.19 5.12
C ARG E 181 56.39 -62.05 6.37
N ALA E 182 57.08 -61.59 7.41
CA ALA E 182 57.16 -62.34 8.65
C ALA E 182 55.82 -62.34 9.38
N GLY E 183 54.81 -62.97 8.80
CA GLY E 183 53.51 -63.06 9.47
C GLY E 183 52.31 -62.96 8.56
N THR E 194 54.90 -64.19 -2.17
CA THR E 194 53.46 -64.07 -1.97
C THR E 194 53.10 -62.59 -1.78
N LEU E 195 54.11 -61.75 -1.54
CA LEU E 195 53.91 -60.32 -1.31
C LEU E 195 54.53 -59.55 -2.48
N GLY E 196 53.71 -59.21 -3.47
CA GLY E 196 54.15 -58.43 -4.60
C GLY E 196 53.15 -57.35 -4.97
N VAL E 197 53.28 -56.79 -6.18
CA VAL E 197 52.39 -55.73 -6.62
C VAL E 197 50.94 -56.15 -6.51
N ALA E 198 50.62 -57.34 -7.04
CA ALA E 198 49.23 -57.74 -7.13
C ALA E 198 48.58 -57.94 -5.77
N SER E 199 49.36 -58.16 -4.72
CA SER E 199 48.81 -58.38 -3.39
C SER E 199 49.10 -57.27 -2.39
N LEU E 200 49.64 -56.13 -2.81
CA LEU E 200 49.95 -55.06 -1.88
C LEU E 200 49.17 -53.78 -2.19
N GLU E 201 49.04 -52.95 -1.15
CA GLU E 201 48.58 -51.58 -1.28
C GLU E 201 49.60 -50.67 -0.62
N VAL E 202 50.16 -49.75 -1.40
CA VAL E 202 51.26 -48.90 -0.94
C VAL E 202 50.90 -47.46 -1.28
N ALA E 203 51.18 -46.55 -0.37
CA ALA E 203 50.95 -45.13 -0.62
C ALA E 203 51.86 -44.34 0.31
N VAL E 204 52.02 -43.07 0.01
CA VAL E 204 52.97 -42.23 0.73
C VAL E 204 52.35 -40.87 1.04
N LEU E 205 52.72 -40.34 2.20
CA LEU E 205 52.57 -38.92 2.52
C LEU E 205 53.89 -38.26 2.15
N ASP E 206 53.89 -37.57 1.02
CA ASP E 206 55.10 -37.05 0.41
C ASP E 206 55.28 -35.60 0.83
N ALA E 207 56.13 -35.38 1.83
CA ALA E 207 56.36 -34.04 2.39
C ALA E 207 56.93 -33.08 1.35
N ASN E 208 57.19 -33.57 0.14
CA ASN E 208 57.74 -32.76 -0.93
C ASN E 208 56.66 -32.23 -1.87
N ARG E 209 55.42 -32.69 -1.74
CA ARG E 209 54.33 -32.17 -2.54
C ARG E 209 53.89 -30.81 -2.01
N PRO E 210 53.48 -29.90 -2.91
CA PRO E 210 53.12 -28.55 -2.46
C PRO E 210 51.94 -28.53 -1.50
N ARG E 211 50.80 -29.10 -1.89
CA ARG E 211 49.62 -29.10 -1.02
C ARG E 211 49.21 -30.51 -0.64
N ARG E 212 48.67 -31.29 -1.56
CA ARG E 212 48.10 -32.59 -1.22
C ARG E 212 49.23 -33.62 -1.13
N ALA E 213 49.56 -34.04 0.09
CA ALA E 213 50.73 -34.86 0.29
C ALA E 213 50.48 -36.33 0.01
N PHE E 214 49.23 -36.76 0.00
CA PHE E 214 48.91 -38.17 -0.20
C PHE E 214 49.11 -38.52 -1.67
N ARG E 215 49.82 -39.62 -1.92
CA ARG E 215 50.10 -40.07 -3.28
C ARG E 215 50.20 -41.58 -3.28
N ARG E 216 49.41 -42.25 -4.10
CA ARG E 216 49.48 -43.69 -4.20
C ARG E 216 50.58 -44.14 -5.14
N ILE E 217 51.14 -45.31 -4.84
CA ILE E 217 52.22 -45.91 -5.62
C ILE E 217 51.67 -47.23 -6.16
N THR E 218 51.02 -47.17 -7.32
CA THR E 218 50.35 -48.31 -7.91
C THR E 218 51.07 -48.79 -9.17
N GLY E 219 50.93 -50.08 -9.45
CA GLY E 219 51.26 -50.63 -10.76
C GLY E 219 52.73 -50.57 -11.11
N SER E 220 53.00 -50.16 -12.34
CA SER E 220 54.36 -50.17 -12.88
C SER E 220 55.34 -49.44 -11.97
N ALA E 221 54.91 -48.29 -11.43
CA ALA E 221 55.77 -47.57 -10.49
C ALA E 221 56.09 -48.43 -9.27
N LEU E 222 55.07 -49.07 -8.70
CA LEU E 222 55.29 -49.89 -7.52
C LEU E 222 56.25 -51.03 -7.82
N GLN E 223 56.04 -51.71 -8.95
CA GLN E 223 56.95 -52.78 -9.37
C GLN E 223 58.37 -52.26 -9.47
N ALA E 224 58.55 -51.09 -10.08
CA ALA E 224 59.88 -50.51 -10.18
C ALA E 224 60.49 -50.23 -8.81
N LEU E 225 59.67 -49.80 -7.86
CA LEU E 225 60.18 -49.53 -6.52
C LEU E 225 60.41 -50.79 -5.71
N LEU E 226 59.91 -51.94 -6.15
CA LEU E 226 60.11 -53.16 -5.39
C LEU E 226 61.41 -53.84 -5.78
N VAL E 227 61.77 -53.80 -7.05
CA VAL E 227 62.96 -54.45 -7.55
C VAL E 227 63.84 -53.43 -8.29
N MET F 1 22.00 -54.61 44.72
CA MET F 1 22.45 -53.63 43.74
C MET F 1 23.92 -53.31 43.95
N GLU F 2 24.44 -53.63 45.14
CA GLU F 2 25.86 -53.49 45.37
C GLU F 2 26.68 -54.14 44.25
N GLN F 3 26.24 -55.30 43.77
CA GLN F 3 26.93 -55.98 42.67
C GLN F 3 27.21 -55.03 41.53
N ALA F 4 26.17 -54.37 41.00
CA ALA F 4 26.40 -53.44 39.92
C ALA F 4 27.39 -52.36 40.32
N MET F 5 27.14 -51.71 41.45
CA MET F 5 28.03 -50.63 41.89
C MET F 5 29.39 -51.16 42.35
N ARG F 6 29.43 -52.37 42.91
CA ARG F 6 30.71 -52.98 43.29
C ARG F 6 31.58 -53.23 42.07
N GLU F 7 31.01 -53.88 41.06
CA GLU F 7 31.76 -54.21 39.85
C GLU F 7 32.17 -52.94 39.12
N ARG F 8 31.27 -51.97 38.98
CA ARG F 8 31.61 -50.71 38.33
C ARG F 8 32.73 -49.99 39.08
N SER F 9 32.54 -49.79 40.38
CA SER F 9 33.55 -49.12 41.19
C SER F 9 34.90 -49.81 41.09
N GLU F 10 34.89 -51.15 41.06
CA GLU F 10 36.15 -51.87 40.98
C GLU F 10 36.80 -51.71 39.62
N LEU F 11 36.01 -51.79 38.54
CA LEU F 11 36.55 -51.57 37.21
C LEU F 11 37.23 -50.21 37.12
N ALA F 12 36.57 -49.18 37.64
CA ALA F 12 37.17 -47.86 37.62
C ALA F 12 38.46 -47.85 38.43
N ARG F 13 38.41 -48.41 39.64
CA ARG F 13 39.58 -48.41 40.51
C ARG F 13 40.78 -49.08 39.84
N LYS F 14 40.56 -50.23 39.20
CA LYS F 14 41.65 -50.88 38.47
C LYS F 14 42.14 -50.01 37.35
N GLY F 15 41.22 -49.44 36.57
CA GLY F 15 41.63 -48.56 35.48
C GLY F 15 42.55 -47.45 35.93
N ILE F 16 42.25 -46.84 37.08
CA ILE F 16 43.12 -45.78 37.57
C ILE F 16 44.45 -46.36 38.05
N ALA F 17 44.41 -47.55 38.66
CA ALA F 17 45.64 -48.12 39.20
C ALA F 17 46.65 -48.44 38.09
N ARG F 18 46.18 -48.90 36.94
CA ARG F 18 47.07 -49.26 35.86
C ARG F 18 47.71 -48.06 35.17
N ALA F 19 47.39 -46.84 35.56
CA ALA F 19 47.83 -45.67 34.83
C ALA F 19 48.93 -44.93 35.58
N LYS F 20 49.66 -44.10 34.84
CA LYS F 20 50.76 -43.34 35.42
C LYS F 20 50.23 -42.24 36.35
N SER F 21 51.11 -41.76 37.21
CA SER F 21 50.73 -40.92 38.34
C SER F 21 50.87 -39.43 38.05
N VAL F 22 50.13 -38.64 38.81
CA VAL F 22 50.12 -37.19 38.68
C VAL F 22 50.13 -36.58 40.07
N VAL F 23 50.86 -35.46 40.22
CA VAL F 23 50.94 -34.73 41.48
C VAL F 23 50.70 -33.25 41.22
N ALA F 24 49.95 -32.62 42.13
CA ALA F 24 49.74 -31.19 42.13
C ALA F 24 49.89 -30.69 43.56
N LEU F 25 50.74 -29.69 43.75
CA LEU F 25 51.02 -29.20 45.09
C LEU F 25 51.15 -27.67 45.06
N ALA F 26 50.71 -27.04 46.14
CA ALA F 26 50.74 -25.60 46.25
C ALA F 26 52.11 -25.14 46.71
N TYR F 27 52.67 -24.13 46.03
CA TYR F 27 53.96 -23.57 46.38
C TYR F 27 53.88 -22.05 46.39
N ALA F 28 55.03 -21.43 46.70
CA ALA F 28 55.06 -20.00 46.97
C ALA F 28 54.56 -19.16 45.81
N GLY F 29 54.75 -19.63 44.58
CA GLY F 29 54.29 -18.88 43.43
C GLY F 29 52.93 -19.27 42.91
N GLY F 30 52.24 -20.21 43.54
CA GLY F 30 50.97 -20.64 43.02
C GLY F 30 50.76 -22.14 43.16
N VAL F 31 50.50 -22.83 42.05
CA VAL F 31 50.29 -24.27 42.10
C VAL F 31 51.15 -24.94 41.04
N LEU F 32 51.70 -26.11 41.38
CA LEU F 32 52.56 -26.87 40.50
C LEU F 32 51.92 -28.21 40.13
N PHE F 33 51.83 -28.45 38.84
CA PHE F 33 51.40 -29.72 38.28
C PHE F 33 52.61 -30.42 37.67
N VAL F 34 52.86 -31.64 38.10
CA VAL F 34 53.92 -32.48 37.53
C VAL F 34 53.35 -33.88 37.33
N ALA F 35 53.48 -34.41 36.12
CA ALA F 35 52.84 -35.68 35.79
C ALA F 35 53.76 -36.55 34.96
N GLU F 36 53.79 -37.83 35.29
CA GLU F 36 54.50 -38.81 34.48
C GLU F 36 53.81 -38.91 33.12
N ASN F 37 54.50 -38.52 32.05
CA ASN F 37 53.91 -38.56 30.71
C ASN F 37 55.00 -38.72 29.67
N PRO F 38 55.17 -39.92 29.13
CA PRO F 38 56.15 -40.11 28.04
C PRO F 38 55.74 -39.42 26.76
N SER F 39 54.45 -39.13 26.57
CA SER F 39 53.97 -38.63 25.30
C SER F 39 54.58 -37.26 24.97
N ARG F 40 54.45 -36.89 23.71
CA ARG F 40 54.88 -35.58 23.23
C ARG F 40 53.73 -34.68 22.86
N SER F 41 52.67 -35.22 22.24
CA SER F 41 51.56 -34.41 21.77
C SER F 41 50.29 -34.56 22.58
N LEU F 42 50.17 -35.59 23.40
CA LEU F 42 48.98 -35.82 24.20
C LEU F 42 49.24 -35.44 25.65
N GLN F 43 48.34 -34.64 26.21
CA GLN F 43 48.62 -33.91 27.45
C GLN F 43 47.67 -34.33 28.55
N LYS F 44 48.20 -34.33 29.79
CA LYS F 44 47.41 -34.62 30.98
C LYS F 44 47.14 -33.39 31.84
N ILE F 45 47.78 -32.26 31.56
CA ILE F 45 47.60 -31.05 32.34
C ILE F 45 47.16 -29.95 31.40
N SER F 46 46.14 -29.20 31.80
CA SER F 46 45.58 -28.21 30.89
C SER F 46 45.07 -27.02 31.67
N GLU F 47 44.95 -25.92 30.95
CA GLU F 47 44.32 -24.71 31.44
C GLU F 47 42.81 -24.87 31.35
N LEU F 48 42.11 -24.40 32.39
CA LEU F 48 40.66 -24.31 32.34
C LEU F 48 40.20 -22.87 32.18
N TYR F 49 40.61 -21.98 33.07
CA TYR F 49 40.26 -20.58 32.96
C TYR F 49 41.41 -19.76 33.51
N ASP F 50 41.24 -18.43 33.51
CA ASP F 50 42.31 -17.51 33.84
C ASP F 50 43.20 -18.03 34.96
N ARG F 51 42.60 -18.32 36.11
CA ARG F 51 43.33 -18.72 37.29
C ARG F 51 43.02 -20.14 37.72
N VAL F 52 42.49 -20.97 36.81
CA VAL F 52 42.02 -22.31 37.15
C VAL F 52 42.66 -23.31 36.21
N GLY F 53 43.30 -24.33 36.79
CA GLY F 53 43.98 -25.36 36.03
C GLY F 53 43.45 -26.75 36.36
N PHE F 54 43.83 -27.70 35.50
CA PHE F 54 43.23 -29.03 35.45
C PHE F 54 44.32 -30.07 35.25
N ALA F 55 44.22 -31.17 36.01
CA ALA F 55 45.13 -32.30 35.86
C ALA F 55 44.35 -33.59 36.06
N ALA F 56 44.74 -34.63 35.33
CA ALA F 56 43.96 -35.86 35.34
C ALA F 56 44.86 -37.07 35.25
N ALA F 57 44.34 -38.20 35.75
CA ALA F 57 45.01 -39.48 35.59
C ALA F 57 43.97 -40.51 35.15
N GLY F 58 44.38 -41.41 34.28
CA GLY F 58 43.49 -42.46 33.83
C GLY F 58 43.43 -42.61 32.33
N LYS F 59 42.28 -43.02 31.83
CA LYS F 59 42.10 -43.26 30.40
C LYS F 59 41.99 -41.95 29.65
N PHE F 60 42.80 -41.80 28.60
CA PHE F 60 42.98 -40.49 27.96
C PHE F 60 41.67 -39.97 27.39
N ASN F 61 41.02 -40.75 26.52
CA ASN F 61 39.84 -40.21 25.85
C ASN F 61 38.80 -39.74 26.84
N GLU F 62 38.69 -40.39 27.99
CA GLU F 62 37.66 -40.05 28.94
C GLU F 62 37.99 -38.76 29.69
N PHE F 63 39.19 -38.65 30.25
CA PHE F 63 39.49 -37.40 30.96
C PHE F 63 39.72 -36.26 30.00
N ASP F 64 39.99 -36.55 28.73
CA ASP F 64 40.02 -35.49 27.73
C ASP F 64 38.62 -34.98 27.46
N ASN F 65 37.65 -35.89 27.32
CA ASN F 65 36.26 -35.47 27.24
C ASN F 65 35.91 -34.57 28.42
N LEU F 66 36.28 -34.99 29.63
CA LEU F 66 35.96 -34.17 30.80
C LEU F 66 36.67 -32.83 30.73
N ARG F 67 37.89 -32.82 30.22
CA ARG F 67 38.63 -31.57 30.12
C ARG F 67 37.92 -30.59 29.19
N ARG F 68 37.52 -31.07 28.01
CA ARG F 68 36.82 -30.21 27.07
C ARG F 68 35.50 -29.74 27.65
N GLY F 69 34.78 -30.62 28.33
CA GLY F 69 33.52 -30.22 28.95
C GLY F 69 33.72 -29.12 29.98
N GLY F 70 34.80 -29.20 30.74
CA GLY F 70 35.10 -28.15 31.71
C GLY F 70 35.47 -26.85 31.04
N ILE F 71 36.22 -26.89 29.94
CA ILE F 71 36.54 -25.68 29.21
C ILE F 71 35.26 -25.04 28.68
N GLN F 72 34.36 -25.86 28.12
CA GLN F 72 33.10 -25.35 27.61
C GLN F 72 32.26 -24.72 28.72
N PHE F 73 32.12 -25.41 29.85
CA PHE F 73 31.37 -24.87 30.97
C PHE F 73 31.96 -23.55 31.45
N ALA F 74 33.28 -23.50 31.62
CA ALA F 74 33.91 -22.28 32.13
C ALA F 74 33.71 -21.13 31.17
N ASP F 75 34.09 -21.31 29.90
CA ASP F 75 33.98 -20.22 28.93
C ASP F 75 32.54 -19.76 28.78
N THR F 76 31.59 -20.70 28.75
CA THR F 76 30.19 -20.33 28.65
C THR F 76 29.74 -19.52 29.85
N ARG F 77 30.10 -19.98 31.05
CA ARG F 77 29.70 -19.28 32.27
C ARG F 77 30.32 -17.90 32.34
N GLY F 78 31.59 -17.78 31.98
CA GLY F 78 32.25 -16.48 31.96
C GLY F 78 31.65 -15.53 30.94
N TYR F 79 31.20 -16.06 29.80
CA TYR F 79 30.54 -15.19 28.84
C TYR F 79 29.17 -14.76 29.34
N ALA F 80 28.39 -15.69 29.87
CA ALA F 80 27.03 -15.38 30.30
C ALA F 80 27.02 -14.40 31.46
N TYR F 81 28.03 -14.46 32.33
CA TYR F 81 28.11 -13.54 33.47
C TYR F 81 29.36 -12.67 33.36
N ASP F 82 30.48 -13.11 33.91
CA ASP F 82 31.72 -12.35 33.79
C ASP F 82 32.89 -13.25 34.18
N ARG F 83 34.07 -12.91 33.67
CA ARG F 83 35.24 -13.76 33.85
C ARG F 83 35.59 -13.94 35.31
N ARG F 84 35.28 -12.95 36.14
CA ARG F 84 35.58 -13.02 37.55
C ARG F 84 34.59 -13.87 38.34
N ASP F 85 33.54 -14.38 37.67
CA ASP F 85 32.57 -15.25 38.31
C ASP F 85 32.90 -16.73 38.18
N VAL F 86 33.86 -17.09 37.34
CA VAL F 86 34.27 -18.49 37.21
C VAL F 86 35.25 -18.81 38.34
N THR F 87 34.97 -19.84 39.10
CA THR F 87 35.76 -20.21 40.25
C THR F 87 36.16 -21.67 40.18
N GLY F 88 37.21 -22.03 40.92
CA GLY F 88 37.62 -23.42 41.00
C GLY F 88 36.57 -24.27 41.68
N ARG F 89 35.87 -23.71 42.67
CA ARG F 89 34.78 -24.44 43.31
C ARG F 89 33.69 -24.79 42.31
N GLN F 90 33.37 -23.87 41.40
CA GLN F 90 32.34 -24.14 40.40
C GLN F 90 32.73 -25.33 39.53
N LEU F 91 33.92 -25.28 38.93
CA LEU F 91 34.34 -26.35 38.05
C LEU F 91 34.47 -27.67 38.81
N ALA F 92 35.03 -27.65 40.01
CA ALA F 92 35.10 -28.88 40.79
C ALA F 92 33.71 -29.44 41.01
N ASN F 93 32.75 -28.56 41.33
CA ASN F 93 31.39 -28.99 41.58
C ASN F 93 30.77 -29.64 40.34
N VAL F 94 30.88 -28.98 39.18
CA VAL F 94 30.28 -29.53 37.97
C VAL F 94 30.98 -30.81 37.53
N TYR F 95 32.29 -30.92 37.79
CA TYR F 95 32.96 -32.18 37.49
C TYR F 95 32.45 -33.28 38.40
N ALA F 96 32.20 -32.96 39.67
CA ALA F 96 31.64 -33.95 40.57
C ALA F 96 30.28 -34.42 40.09
N GLN F 97 29.39 -33.48 39.77
CA GLN F 97 28.08 -33.86 39.27
C GLN F 97 28.20 -34.71 38.02
N THR F 98 29.05 -34.29 37.09
CA THR F 98 29.20 -34.99 35.82
C THR F 98 29.68 -36.41 36.03
N LEU F 99 30.75 -36.58 36.79
CA LEU F 99 31.28 -37.92 37.02
C LEU F 99 30.29 -38.78 37.80
N GLY F 100 29.50 -38.19 38.69
CA GLY F 100 28.43 -38.95 39.31
C GLY F 100 27.46 -39.51 38.29
N THR F 101 26.95 -38.64 37.41
CA THR F 101 26.03 -39.10 36.37
C THR F 101 26.67 -40.17 35.51
N ILE F 102 27.90 -39.95 35.07
CA ILE F 102 28.61 -40.94 34.27
C ILE F 102 28.70 -42.26 35.00
N PHE F 103 29.09 -42.20 36.27
CA PHE F 103 29.30 -43.41 37.05
C PHE F 103 28.02 -44.21 37.18
N THR F 104 26.89 -43.52 37.32
CA THR F 104 25.63 -44.21 37.54
C THR F 104 24.89 -44.61 36.27
N GLU F 105 25.02 -43.86 35.18
CA GLU F 105 24.12 -44.05 34.05
C GLU F 105 24.81 -44.43 32.75
N GLN F 106 26.12 -44.22 32.60
CA GLN F 106 26.76 -44.58 31.35
C GLN F 106 27.01 -46.08 31.31
N ALA F 107 27.21 -46.60 30.10
CA ALA F 107 27.43 -48.02 29.90
C ALA F 107 28.60 -48.53 30.72
N LYS F 108 29.66 -47.73 30.84
CA LYS F 108 30.85 -48.07 31.60
C LYS F 108 31.36 -46.82 32.29
N PRO F 109 31.69 -46.90 33.57
CA PRO F 109 32.17 -45.71 34.28
C PRO F 109 33.49 -45.20 33.72
N TYR F 110 33.77 -43.94 34.00
CA TYR F 110 35.01 -43.33 33.53
C TYR F 110 36.15 -43.73 34.45
N GLU F 111 37.23 -44.23 33.87
CA GLU F 111 38.42 -44.57 34.65
C GLU F 111 39.33 -43.35 34.72
N VAL F 112 38.90 -42.36 35.50
CA VAL F 112 39.61 -41.09 35.59
C VAL F 112 39.62 -40.60 37.03
N GLU F 113 40.60 -39.74 37.32
CA GLU F 113 40.67 -38.97 38.55
C GLU F 113 41.12 -37.56 38.20
N LEU F 114 40.45 -36.57 38.77
CA LEU F 114 40.63 -35.18 38.36
C LEU F 114 41.07 -34.30 39.51
N CYS F 115 41.86 -33.28 39.19
CA CYS F 115 42.27 -32.25 40.11
C CYS F 115 42.03 -30.89 39.47
N VAL F 116 41.33 -30.03 40.18
CA VAL F 116 41.08 -28.66 39.74
C VAL F 116 41.72 -27.73 40.77
N ALA F 117 42.58 -26.82 40.30
CA ALA F 117 43.32 -25.93 41.19
C ALA F 117 43.07 -24.48 40.82
N GLU F 118 43.04 -23.61 41.82
CA GLU F 118 42.82 -22.20 41.56
C GLU F 118 43.79 -21.38 42.40
N VAL F 119 44.38 -20.37 41.77
CA VAL F 119 45.26 -19.44 42.46
C VAL F 119 44.57 -18.09 42.51
N ALA F 120 45.15 -17.16 43.26
CA ALA F 120 44.56 -15.84 43.39
C ALA F 120 44.71 -15.03 42.10
N HIS F 121 43.87 -14.03 41.95
CA HIS F 121 44.00 -13.11 40.84
C HIS F 121 45.16 -12.16 41.10
N TYR F 122 45.70 -11.59 40.02
CA TYR F 122 46.89 -10.76 40.13
C TYR F 122 46.69 -9.68 41.17
N GLY F 123 47.63 -9.58 42.11
CA GLY F 123 47.56 -8.57 43.13
C GLY F 123 46.73 -8.94 44.34
N GLU F 124 46.05 -10.06 44.33
CA GLU F 124 45.24 -10.49 45.46
C GLU F 124 46.01 -11.48 46.33
N THR F 125 45.58 -11.59 47.58
CA THR F 125 46.23 -12.45 48.57
C THR F 125 45.25 -13.51 49.09
N LYS F 126 45.20 -14.66 48.45
CA LYS F 126 44.43 -15.78 48.98
C LYS F 126 45.14 -17.09 48.68
N ARG F 127 45.00 -18.05 49.58
CA ARG F 127 45.73 -19.30 49.44
C ARG F 127 45.18 -20.11 48.28
N PRO F 128 46.04 -20.79 47.52
CA PRO F 128 45.56 -21.67 46.46
C PRO F 128 44.53 -22.69 46.94
N GLU F 129 43.71 -23.19 46.03
CA GLU F 129 42.75 -24.24 46.33
C GLU F 129 43.01 -25.44 45.43
N LEU F 130 42.93 -26.62 46.02
CA LEU F 130 43.10 -27.88 45.30
C LEU F 130 41.86 -28.74 45.54
N TYR F 131 41.33 -29.30 44.45
CA TYR F 131 40.15 -30.14 44.52
C TYR F 131 40.44 -31.47 43.83
N ARG F 132 39.99 -32.54 44.47
CA ARG F 132 40.09 -33.90 43.94
C ARG F 132 38.68 -34.40 43.65
N ILE F 133 38.44 -34.83 42.43
CA ILE F 133 37.16 -35.44 42.06
C ILE F 133 37.48 -36.85 41.58
N THR F 134 36.84 -37.86 42.19
CA THR F 134 37.13 -39.24 41.87
C THR F 134 36.06 -39.82 40.95
N TYR F 135 36.28 -41.07 40.53
CA TYR F 135 35.49 -41.68 39.46
C TYR F 135 34.00 -41.78 39.78
N ASP F 136 33.59 -41.61 41.04
CA ASP F 136 32.19 -41.75 41.43
C ASP F 136 31.56 -40.42 41.82
N GLY F 137 32.24 -39.32 41.56
CA GLY F 137 31.70 -38.02 41.87
C GLY F 137 32.05 -37.52 43.25
N SER F 138 32.76 -38.30 44.05
CA SER F 138 33.19 -37.81 45.35
C SER F 138 34.19 -36.69 45.14
N ILE F 139 34.09 -35.66 45.95
CA ILE F 139 34.88 -34.45 45.80
C ILE F 139 35.51 -34.12 47.14
N ALA F 140 36.74 -33.63 47.10
CA ALA F 140 37.50 -33.37 48.31
C ALA F 140 38.32 -32.10 48.16
N ASP F 141 38.33 -31.32 49.23
CA ASP F 141 39.06 -30.06 49.30
C ASP F 141 40.41 -30.34 49.95
N GLU F 142 41.43 -30.39 49.15
CA GLU F 142 42.68 -30.62 49.85
C GLU F 142 43.41 -29.29 50.09
N PRO F 143 44.25 -29.20 51.12
CA PRO F 143 44.85 -27.91 51.44
C PRO F 143 46.27 -27.73 50.93
N HIS F 144 46.99 -28.82 50.70
CA HIS F 144 48.41 -28.71 50.37
C HIS F 144 48.80 -29.39 49.07
N PHE F 145 48.41 -30.64 48.87
CA PHE F 145 48.84 -31.34 47.68
C PHE F 145 47.84 -32.43 47.37
N VAL F 146 47.86 -32.89 46.13
CA VAL F 146 46.96 -33.95 45.69
C VAL F 146 47.74 -34.85 44.75
N VAL F 147 47.58 -36.16 44.93
CA VAL F 147 48.22 -37.16 44.09
C VAL F 147 47.13 -38.07 43.56
N MET F 148 47.24 -38.44 42.29
CA MET F 148 46.18 -39.23 41.68
C MET F 148 46.82 -40.17 40.68
N GLY F 149 46.29 -41.39 40.62
CA GLY F 149 46.68 -42.34 39.61
C GLY F 149 47.86 -43.19 40.02
N GLY F 150 47.88 -44.42 39.51
CA GLY F 150 48.92 -45.36 39.86
C GLY F 150 48.86 -45.76 41.33
N THR F 151 50.04 -45.96 41.91
CA THR F 151 50.17 -46.37 43.30
C THR F 151 50.30 -45.10 44.13
N THR F 152 49.20 -44.67 44.73
CA THR F 152 49.14 -43.34 45.31
C THR F 152 49.78 -43.28 46.69
N GLU F 153 49.58 -44.28 47.54
CA GLU F 153 49.98 -44.15 48.93
C GLU F 153 51.47 -43.91 49.14
N PRO F 154 52.41 -44.58 48.44
CA PRO F 154 53.82 -44.24 48.65
C PRO F 154 54.16 -42.80 48.31
N ILE F 155 53.68 -42.31 47.17
CA ILE F 155 53.94 -40.94 46.77
C ILE F 155 53.30 -39.97 47.76
N ALA F 156 52.06 -40.27 48.15
CA ALA F 156 51.35 -39.44 49.11
C ALA F 156 52.12 -39.34 50.42
N ASN F 157 52.74 -40.44 50.86
CA ASN F 157 53.54 -40.39 52.09
C ASN F 157 54.80 -39.57 51.89
N ALA F 158 55.50 -39.79 50.77
CA ALA F 158 56.71 -39.04 50.49
C ALA F 158 56.44 -37.54 50.58
N LEU F 159 55.36 -37.08 49.95
CA LEU F 159 55.01 -35.68 50.10
C LEU F 159 54.56 -35.38 51.52
N LYS F 160 53.89 -36.33 52.16
CA LYS F 160 53.33 -36.10 53.48
C LYS F 160 54.43 -35.86 54.50
N GLU F 161 55.68 -36.20 54.19
CA GLU F 161 56.79 -35.95 55.07
C GLU F 161 57.82 -34.98 54.52
N SER F 162 57.83 -34.73 53.20
CA SER F 162 58.84 -33.87 52.59
C SER F 162 58.22 -32.65 51.93
N TYR F 163 57.12 -32.13 52.47
CA TYR F 163 56.45 -30.96 51.92
C TYR F 163 56.62 -29.74 52.81
N ALA F 164 57.03 -28.63 52.20
CA ALA F 164 57.13 -27.34 52.85
C ALA F 164 56.18 -26.41 52.10
N GLU F 165 55.38 -25.64 52.82
CA GLU F 165 54.34 -24.83 52.20
C GLU F 165 54.85 -23.84 51.17
N ASN F 166 55.43 -22.73 51.60
CA ASN F 166 55.91 -21.73 50.65
C ASN F 166 57.25 -22.07 50.02
N ALA F 167 57.46 -23.33 49.62
CA ALA F 167 58.69 -23.70 48.95
C ALA F 167 58.84 -22.97 47.63
N SER F 168 60.07 -22.92 47.15
CA SER F 168 60.38 -22.31 45.85
C SER F 168 59.92 -23.21 44.71
N LEU F 169 59.95 -22.64 43.51
CA LEU F 169 59.56 -23.42 42.33
C LEU F 169 60.54 -24.56 42.11
N THR F 170 61.83 -24.28 42.19
CA THR F 170 62.83 -25.33 42.04
C THR F 170 62.70 -26.35 43.16
N ASP F 171 62.52 -25.88 44.39
CA ASP F 171 62.35 -26.78 45.52
C ASP F 171 61.13 -27.67 45.32
N ALA F 172 59.98 -27.06 45.07
CA ALA F 172 58.74 -27.81 44.91
C ALA F 172 58.85 -28.79 43.76
N LEU F 173 59.51 -28.38 42.68
CA LEU F 173 59.69 -29.30 41.56
C LEU F 173 60.50 -30.51 42.00
N ARG F 174 61.67 -30.28 42.59
CA ARG F 174 62.53 -31.40 42.99
C ARG F 174 61.80 -32.34 43.93
N ILE F 175 61.12 -31.82 44.96
CA ILE F 175 60.46 -32.71 45.91
C ILE F 175 59.29 -33.44 45.25
N ALA F 176 58.61 -32.79 44.31
CA ALA F 176 57.48 -33.45 43.64
C ALA F 176 57.98 -34.60 42.79
N VAL F 177 59.00 -34.37 41.97
CA VAL F 177 59.56 -35.44 41.15
C VAL F 177 60.10 -36.55 42.03
N ALA F 178 60.65 -36.18 43.19
CA ALA F 178 61.06 -37.20 44.15
C ALA F 178 59.89 -38.10 44.53
N ALA F 179 58.81 -37.48 45.02
CA ALA F 179 57.65 -38.26 45.43
C ALA F 179 57.13 -39.12 44.29
N LEU F 180 57.19 -38.60 43.06
CA LEU F 180 56.76 -39.40 41.92
C LEU F 180 57.66 -40.62 41.75
N ARG F 181 58.96 -40.44 41.98
CA ARG F 181 59.87 -41.57 41.87
C ARG F 181 59.60 -42.62 42.95
N ALA F 182 59.26 -42.18 44.17
CA ALA F 182 58.99 -43.12 45.25
C ALA F 182 57.87 -44.10 44.91
N GLY F 183 56.99 -43.74 43.99
CA GLY F 183 55.97 -44.68 43.55
C GLY F 183 56.55 -45.87 42.81
N SER F 184 57.63 -45.65 42.06
CA SER F 184 58.32 -46.74 41.39
C SER F 184 59.06 -47.63 42.39
N LEU F 195 62.46 -37.84 37.02
CA LEU F 195 62.12 -38.93 36.11
C LEU F 195 62.45 -38.56 34.67
N GLY F 196 63.24 -37.51 34.50
CA GLY F 196 63.67 -37.08 33.17
C GLY F 196 62.73 -36.06 32.54
N VAL F 197 63.32 -35.15 31.76
CA VAL F 197 62.52 -34.14 31.07
C VAL F 197 61.80 -34.69 29.85
N ALA F 198 62.18 -35.88 29.37
CA ALA F 198 61.48 -36.52 28.27
C ALA F 198 60.30 -37.35 28.73
N SER F 199 60.25 -37.73 30.00
CA SER F 199 59.16 -38.54 30.54
C SER F 199 58.21 -37.77 31.43
N LEU F 200 58.32 -36.43 31.47
CA LEU F 200 57.46 -35.61 32.31
C LEU F 200 56.63 -34.63 31.49
N GLU F 201 55.52 -34.20 32.11
CA GLU F 201 54.75 -33.06 31.66
C GLU F 201 54.57 -32.16 32.87
N VAL F 202 55.03 -30.92 32.76
CA VAL F 202 55.10 -30.03 33.91
C VAL F 202 54.46 -28.70 33.53
N ALA F 203 53.70 -28.11 34.48
CA ALA F 203 53.10 -26.81 34.27
C ALA F 203 52.78 -26.20 35.63
N VAL F 204 52.53 -24.89 35.63
CA VAL F 204 52.23 -24.14 36.85
C VAL F 204 51.09 -23.18 36.61
N LEU F 205 50.30 -22.96 37.66
CA LEU F 205 49.44 -21.78 37.77
C LEU F 205 50.24 -20.74 38.54
N ASP F 206 50.72 -19.73 37.81
CA ASP F 206 51.69 -18.75 38.30
C ASP F 206 50.91 -17.53 38.79
N ALA F 207 50.75 -17.43 40.10
CA ALA F 207 49.92 -16.38 40.67
C ALA F 207 50.42 -14.98 40.35
N ASN F 208 51.61 -14.84 39.76
CA ASN F 208 52.15 -13.53 39.45
C ASN F 208 51.96 -13.15 37.99
N ARG F 209 51.09 -13.82 37.29
CA ARG F 209 50.80 -13.38 35.94
C ARG F 209 49.57 -12.47 35.93
N PRO F 210 49.49 -11.53 34.99
CA PRO F 210 48.42 -10.52 35.06
C PRO F 210 47.04 -11.08 34.79
N ARG F 211 46.92 -12.10 33.94
CA ARG F 211 45.60 -12.65 33.64
C ARG F 211 45.68 -14.17 33.53
N ARG F 212 46.07 -14.66 32.35
CA ARG F 212 46.17 -16.09 32.13
C ARG F 212 47.33 -16.66 32.93
N ALA F 213 47.00 -17.44 33.97
CA ALA F 213 48.01 -17.89 34.92
C ALA F 213 48.74 -19.14 34.48
N PHE F 214 48.18 -19.90 33.54
CA PHE F 214 48.74 -21.20 33.19
C PHE F 214 49.99 -21.02 32.32
N ARG F 215 51.11 -21.53 32.81
CA ARG F 215 52.37 -21.51 32.07
C ARG F 215 52.97 -22.91 32.07
N ARG F 216 53.44 -23.36 30.91
CA ARG F 216 54.11 -24.64 30.82
C ARG F 216 55.61 -24.48 31.02
N ILE F 217 56.23 -25.52 31.55
CA ILE F 217 57.67 -25.55 31.82
C ILE F 217 58.24 -26.64 30.94
N THR F 218 58.61 -26.29 29.71
CA THR F 218 59.08 -27.28 28.76
C THR F 218 60.57 -27.13 28.48
N GLY F 219 61.20 -28.26 28.17
CA GLY F 219 62.50 -28.28 27.53
C GLY F 219 63.62 -27.67 28.36
N SER F 220 64.47 -26.91 27.66
CA SER F 220 65.66 -26.33 28.25
C SER F 220 65.34 -25.55 29.51
N ALA F 221 64.22 -24.83 29.52
CA ALA F 221 63.79 -24.13 30.73
C ALA F 221 63.57 -25.13 31.88
N LEU F 222 62.87 -26.23 31.59
CA LEU F 222 62.58 -27.23 32.63
C LEU F 222 63.85 -27.88 33.16
N GLN F 223 64.78 -28.24 32.27
CA GLN F 223 66.01 -28.89 32.69
C GLN F 223 66.76 -28.09 33.73
N ALA F 224 66.82 -26.76 33.56
CA ALA F 224 67.55 -25.91 34.49
C ALA F 224 67.05 -26.07 35.92
N LEU F 225 65.75 -26.27 36.10
CA LEU F 225 65.21 -26.44 37.45
C LEU F 225 65.46 -27.83 38.02
N LEU F 226 65.89 -28.80 37.22
CA LEU F 226 66.14 -30.14 37.73
C LEU F 226 67.60 -30.31 38.18
N MET G 1 10.96 -57.43 41.38
CA MET G 1 10.27 -56.32 42.03
C MET G 1 10.65 -56.22 43.50
N GLU G 2 10.25 -57.23 44.28
CA GLU G 2 10.49 -57.19 45.72
C GLU G 2 11.99 -57.22 46.03
N GLN G 3 12.72 -58.11 45.35
CA GLN G 3 14.17 -58.13 45.48
C GLN G 3 14.78 -56.79 45.10
N ALA G 4 14.36 -56.24 43.95
CA ALA G 4 14.93 -54.99 43.46
C ALA G 4 14.73 -53.87 44.47
N MET G 5 13.51 -53.69 44.96
CA MET G 5 13.26 -52.60 45.89
C MET G 5 13.99 -52.82 47.20
N ARG G 6 14.08 -54.07 47.66
CA ARG G 6 14.86 -54.34 48.87
C ARG G 6 16.33 -53.95 48.67
N GLU G 7 16.89 -54.28 47.51
CA GLU G 7 18.29 -53.97 47.25
C GLU G 7 18.53 -52.46 47.17
N ARG G 8 17.63 -51.75 46.48
CA ARG G 8 17.76 -50.29 46.41
C ARG G 8 17.71 -49.68 47.79
N SER G 9 16.67 -50.00 48.57
CA SER G 9 16.56 -49.47 49.92
C SER G 9 17.80 -49.77 50.74
N GLU G 10 18.38 -50.96 50.58
CA GLU G 10 19.56 -51.31 51.36
C GLU G 10 20.78 -50.49 50.91
N LEU G 11 20.98 -50.35 49.60
CA LEU G 11 22.07 -49.53 49.09
C LEU G 11 21.99 -48.12 49.65
N ALA G 12 20.80 -47.53 49.58
CA ALA G 12 20.63 -46.17 50.07
C ALA G 12 20.90 -46.09 51.58
N ARG G 13 20.30 -46.99 52.35
CA ARG G 13 20.46 -46.92 53.80
C ARG G 13 21.93 -47.05 54.20
N LYS G 14 22.65 -48.01 53.62
CA LYS G 14 24.06 -48.14 53.95
C LYS G 14 24.84 -46.91 53.53
N GLY G 15 24.58 -46.42 52.32
CA GLY G 15 25.24 -45.20 51.89
C GLY G 15 25.07 -44.06 52.87
N ILE G 16 23.87 -43.89 53.40
CA ILE G 16 23.63 -42.80 54.35
C ILE G 16 24.33 -43.08 55.67
N ALA G 17 24.36 -44.34 56.09
CA ALA G 17 24.97 -44.65 57.38
C ALA G 17 26.46 -44.34 57.40
N ARG G 18 27.13 -44.44 56.26
CA ARG G 18 28.56 -44.18 56.21
C ARG G 18 28.88 -42.70 56.03
N ALA G 19 27.90 -41.82 56.16
CA ALA G 19 28.09 -40.39 55.91
C ALA G 19 28.13 -39.63 57.22
N LYS G 20 28.66 -38.41 57.16
CA LYS G 20 28.74 -37.59 58.36
C LYS G 20 27.34 -37.16 58.76
N SER G 21 27.18 -36.78 60.02
CA SER G 21 25.85 -36.53 60.57
C SER G 21 25.52 -35.05 60.57
N VAL G 22 24.21 -34.76 60.55
CA VAL G 22 23.68 -33.41 60.50
C VAL G 22 22.51 -33.34 61.46
N VAL G 23 22.37 -32.21 62.16
CA VAL G 23 21.32 -31.97 63.13
C VAL G 23 20.66 -30.64 62.84
N ALA G 24 19.34 -30.59 62.97
CA ALA G 24 18.59 -29.35 62.87
C ALA G 24 17.58 -29.29 63.99
N LEU G 25 17.58 -28.23 64.78
CA LEU G 25 16.70 -28.18 65.94
C LEU G 25 16.15 -26.77 66.12
N ALA G 26 14.90 -26.70 66.58
CA ALA G 26 14.22 -25.43 66.77
C ALA G 26 14.59 -24.82 68.10
N TYR G 27 14.94 -23.53 68.09
CA TYR G 27 15.27 -22.82 69.31
C TYR G 27 14.52 -21.49 69.34
N ALA G 28 14.70 -20.77 70.44
CA ALA G 28 13.88 -19.58 70.70
C ALA G 28 14.03 -18.53 69.59
N GLY G 29 15.18 -18.48 68.94
CA GLY G 29 15.41 -17.53 67.87
C GLY G 29 15.14 -18.04 66.47
N GLY G 30 14.64 -19.26 66.32
CA GLY G 30 14.38 -19.78 64.99
C GLY G 30 14.76 -21.24 64.85
N VAL G 31 15.59 -21.55 63.87
CA VAL G 31 16.05 -22.92 63.63
C VAL G 31 17.56 -22.92 63.52
N LEU G 32 18.19 -23.97 64.06
CA LEU G 32 19.64 -24.10 64.09
C LEU G 32 20.06 -25.34 63.31
N PHE G 33 20.98 -25.15 62.37
CA PHE G 33 21.61 -26.24 61.61
C PHE G 33 23.04 -26.39 62.07
N VAL G 34 23.42 -27.62 62.42
CA VAL G 34 24.78 -27.95 62.81
C VAL G 34 25.16 -29.25 62.13
N ALA G 35 26.29 -29.27 61.41
CA ALA G 35 26.67 -30.46 60.66
C ALA G 35 28.15 -30.75 60.75
N GLU G 36 28.50 -32.02 60.93
CA GLU G 36 29.89 -32.44 60.86
C GLU G 36 30.37 -32.27 59.43
N ASN G 37 31.31 -31.35 59.21
CA ASN G 37 31.77 -31.05 57.85
C ASN G 37 33.22 -30.59 57.94
N PRO G 38 34.16 -31.47 57.60
CA PRO G 38 35.58 -31.07 57.65
C PRO G 38 35.98 -30.06 56.59
N SER G 39 35.28 -29.99 55.46
CA SER G 39 35.71 -29.15 54.37
C SER G 39 35.70 -27.68 54.76
N ARG G 40 36.31 -26.85 53.92
CA ARG G 40 36.30 -25.40 54.14
C ARG G 40 35.66 -24.65 52.99
N SER G 41 35.07 -25.36 52.02
CA SER G 41 34.36 -24.70 50.93
C SER G 41 33.14 -25.46 50.45
N LEU G 42 32.98 -26.73 50.82
CA LEU G 42 31.84 -27.54 50.40
C LEU G 42 30.84 -27.57 51.53
N GLN G 43 29.56 -27.39 51.20
CA GLN G 43 28.60 -26.99 52.21
C GLN G 43 27.35 -27.86 52.13
N LYS G 44 26.93 -28.38 53.29
CA LYS G 44 25.78 -29.26 53.46
C LYS G 44 24.54 -28.54 53.97
N ILE G 45 24.66 -27.26 54.30
CA ILE G 45 23.56 -26.45 54.80
C ILE G 45 23.43 -25.25 53.88
N SER G 46 22.19 -24.94 53.48
CA SER G 46 22.01 -23.91 52.48
C SER G 46 20.70 -23.18 52.68
N GLU G 47 20.65 -21.98 52.10
CA GLU G 47 19.40 -21.24 51.99
C GLU G 47 18.59 -21.73 50.81
N LEU G 48 17.29 -21.87 50.99
CA LEU G 48 16.37 -22.16 49.90
C LEU G 48 15.54 -20.95 49.52
N TYR G 49 14.87 -20.33 50.47
CA TYR G 49 14.08 -19.15 50.18
C TYR G 49 14.14 -18.24 51.39
N ASP G 50 13.46 -17.10 51.30
CA ASP G 50 13.55 -16.04 52.31
C ASP G 50 13.67 -16.62 53.71
N ARG G 51 12.70 -17.44 54.10
CA ARG G 51 12.62 -18.01 55.43
C ARG G 51 12.72 -19.52 55.45
N VAL G 52 13.28 -20.13 54.40
CA VAL G 52 13.32 -21.57 54.29
C VAL G 52 14.77 -21.99 54.07
N GLY G 53 15.24 -22.93 54.89
CA GLY G 53 16.61 -23.43 54.81
C GLY G 53 16.64 -24.93 54.60
N PHE G 54 17.82 -25.43 54.25
CA PHE G 54 18.00 -26.77 53.73
C PHE G 54 19.26 -27.38 54.32
N ALA G 55 19.18 -28.65 54.71
CA ALA G 55 20.34 -29.38 55.18
C ALA G 55 20.24 -30.82 54.70
N ALA G 56 21.38 -31.43 54.43
CA ALA G 56 21.39 -32.76 53.83
C ALA G 56 22.54 -33.60 54.37
N ALA G 57 22.37 -34.91 54.31
CA ALA G 57 23.43 -35.85 54.63
C ALA G 57 23.49 -36.91 53.54
N GLY G 58 24.70 -37.35 53.20
CA GLY G 58 24.84 -38.37 52.18
C GLY G 58 25.85 -38.03 51.10
N LYS G 59 25.60 -38.48 49.86
CA LYS G 59 26.51 -38.20 48.76
C LYS G 59 26.37 -36.76 48.30
N PHE G 60 27.50 -36.05 48.21
CA PHE G 60 27.46 -34.62 48.00
C PHE G 60 26.80 -34.26 46.66
N ASN G 61 27.27 -34.85 45.56
CA ASN G 61 26.71 -34.44 44.27
C ASN G 61 25.21 -34.66 44.22
N GLU G 62 24.72 -35.68 44.91
CA GLU G 62 23.30 -35.99 44.82
C GLU G 62 22.46 -35.00 45.61
N PHE G 63 22.80 -34.76 46.88
CA PHE G 63 21.98 -33.81 47.62
C PHE G 63 22.23 -32.38 47.18
N ASP G 64 23.34 -32.12 46.50
CA ASP G 64 23.52 -30.81 45.88
C ASP G 64 22.59 -30.67 44.68
N ASN G 65 22.47 -31.73 43.86
CA ASN G 65 21.45 -31.71 42.80
C ASN G 65 20.08 -31.38 43.38
N LEU G 66 19.71 -32.03 44.48
CA LEU G 66 18.43 -31.75 45.10
C LEU G 66 18.35 -30.32 45.62
N ARG G 67 19.46 -29.80 46.13
CA ARG G 67 19.49 -28.44 46.63
C ARG G 67 19.20 -27.42 45.54
N ARG G 68 19.91 -27.55 44.42
CA ARG G 68 19.68 -26.65 43.30
C ARG G 68 18.27 -26.80 42.77
N GLY G 69 17.77 -28.03 42.68
CA GLY G 69 16.40 -28.20 42.24
C GLY G 69 15.42 -27.49 43.15
N GLY G 70 15.67 -27.53 44.46
CA GLY G 70 14.79 -26.84 45.37
C GLY G 70 14.86 -25.33 45.24
N ILE G 71 16.05 -24.80 45.00
CA ILE G 71 16.18 -23.36 44.75
C ILE G 71 15.46 -22.99 43.47
N GLN G 72 15.54 -23.85 42.45
CA GLN G 72 14.82 -23.60 41.20
C GLN G 72 13.32 -23.55 41.44
N PHE G 73 12.79 -24.54 42.16
CA PHE G 73 11.36 -24.57 42.46
C PHE G 73 10.96 -23.34 43.27
N ALA G 74 11.73 -23.01 44.29
CA ALA G 74 11.36 -21.88 45.15
C ALA G 74 11.36 -20.58 44.35
N ASP G 75 12.45 -20.27 43.66
CA ASP G 75 12.53 -19.03 42.91
C ASP G 75 11.46 -18.96 41.83
N THR G 76 11.24 -20.06 41.12
CA THR G 76 10.21 -20.06 40.07
C THR G 76 8.83 -19.82 40.66
N ARG G 77 8.49 -20.51 41.74
CA ARG G 77 7.16 -20.32 42.32
C ARG G 77 6.98 -18.91 42.84
N GLY G 78 8.00 -18.37 43.50
CA GLY G 78 7.91 -16.99 43.97
C GLY G 78 7.74 -16.00 42.84
N TYR G 79 8.36 -16.28 41.69
CA TYR G 79 8.16 -15.41 40.53
C TYR G 79 6.75 -15.55 39.98
N ALA G 80 6.28 -16.79 39.81
CA ALA G 80 4.98 -17.01 39.20
C ALA G 80 3.83 -16.49 40.07
N TYR G 81 3.99 -16.55 41.39
CA TYR G 81 2.96 -16.07 42.30
C TYR G 81 3.46 -14.91 43.14
N ASP G 82 4.04 -15.19 44.30
CA ASP G 82 4.61 -14.15 45.13
C ASP G 82 5.50 -14.78 46.17
N ARG G 83 6.46 -14.00 46.66
CA ARG G 83 7.47 -14.53 47.56
C ARG G 83 6.86 -15.12 48.83
N ARG G 84 5.72 -14.59 49.26
CA ARG G 84 5.09 -15.05 50.48
C ARG G 84 4.27 -16.31 50.29
N ASP G 85 4.14 -16.81 49.07
CA ASP G 85 3.44 -18.05 48.82
C ASP G 85 4.35 -19.26 48.84
N VAL G 86 5.66 -19.05 48.90
CA VAL G 86 6.63 -20.15 48.99
C VAL G 86 6.72 -20.56 50.46
N THR G 87 6.48 -21.84 50.72
CA THR G 87 6.43 -22.33 52.09
C THR G 87 7.32 -23.55 52.27
N GLY G 88 7.69 -23.82 53.52
CA GLY G 88 8.49 -25.00 53.81
C GLY G 88 7.76 -26.29 53.50
N ARG G 89 6.47 -26.36 53.83
CA ARG G 89 5.69 -27.55 53.49
C ARG G 89 5.73 -27.83 51.99
N GLN G 90 5.76 -26.77 51.17
CA GLN G 90 5.84 -26.95 49.73
C GLN G 90 7.15 -27.61 49.33
N LEU G 91 8.28 -27.05 49.78
CA LEU G 91 9.56 -27.61 49.40
C LEU G 91 9.70 -29.05 49.90
N ALA G 92 9.26 -29.31 51.12
CA ALA G 92 9.28 -30.68 51.62
C ALA G 92 8.44 -31.59 50.73
N ASN G 93 7.27 -31.13 50.32
CA ASN G 93 6.39 -31.93 49.50
C ASN G 93 7.06 -32.30 48.18
N VAL G 94 7.62 -31.32 47.48
CA VAL G 94 8.25 -31.63 46.20
C VAL G 94 9.49 -32.49 46.39
N TYR G 95 10.18 -32.35 47.51
CA TYR G 95 11.32 -33.23 47.75
C TYR G 95 10.86 -34.67 47.91
N ALA G 96 9.72 -34.87 48.57
CA ALA G 96 9.15 -36.21 48.67
C ALA G 96 8.80 -36.77 47.31
N GLN G 97 8.07 -35.98 46.51
CA GLN G 97 7.69 -36.45 45.18
C GLN G 97 8.92 -36.79 44.35
N THR G 98 9.91 -35.91 44.36
CA THR G 98 11.12 -36.07 43.57
C THR G 98 11.91 -37.29 44.01
N LEU G 99 12.17 -37.43 45.30
CA LEU G 99 12.94 -38.58 45.77
C LEU G 99 12.19 -39.88 45.56
N GLY G 100 10.85 -39.85 45.62
CA GLY G 100 10.11 -41.03 45.21
C GLY G 100 10.41 -41.40 43.76
N THR G 101 10.34 -40.41 42.87
CA THR G 101 10.63 -40.68 41.46
C THR G 101 12.04 -41.22 41.28
N ILE G 102 13.03 -40.56 41.89
CA ILE G 102 14.41 -41.01 41.79
C ILE G 102 14.55 -42.45 42.27
N PHE G 103 14.00 -42.73 43.45
CA PHE G 103 14.17 -44.03 44.07
C PHE G 103 13.58 -45.13 43.19
N THR G 104 12.45 -44.87 42.54
CA THR G 104 11.83 -45.93 41.76
C THR G 104 12.35 -46.02 40.34
N GLU G 105 12.81 -44.92 39.74
CA GLU G 105 13.08 -44.89 38.31
C GLU G 105 14.51 -44.58 37.91
N GLN G 106 15.33 -44.01 38.80
CA GLN G 106 16.69 -43.72 38.38
C GLN G 106 17.56 -44.97 38.38
N ALA G 107 18.68 -44.87 37.68
CA ALA G 107 19.61 -45.98 37.58
C ALA G 107 20.07 -46.45 38.95
N LYS G 108 20.31 -45.52 39.87
CA LYS G 108 20.74 -45.87 41.23
C LYS G 108 20.05 -44.86 42.14
N PRO G 109 19.46 -45.30 43.25
CA PRO G 109 18.78 -44.37 44.14
C PRO G 109 19.76 -43.37 44.74
N TYR G 110 19.22 -42.24 45.18
CA TYR G 110 20.05 -41.22 45.79
C TYR G 110 20.31 -41.59 47.24
N GLU G 111 21.58 -41.60 47.63
CA GLU G 111 21.96 -41.91 49.00
C GLU G 111 22.01 -40.61 49.80
N VAL G 112 20.83 -40.05 50.03
CA VAL G 112 20.71 -38.74 50.66
C VAL G 112 19.59 -38.78 51.69
N GLU G 113 19.66 -37.87 52.64
CA GLU G 113 18.59 -37.60 53.58
C GLU G 113 18.48 -36.10 53.73
N LEU G 114 17.26 -35.59 53.74
CA LEU G 114 17.00 -34.18 53.59
C LEU G 114 16.23 -33.61 54.77
N CYS G 115 16.53 -32.36 55.09
CA CYS G 115 15.78 -31.59 56.08
C CYS G 115 15.47 -30.21 55.51
N VAL G 116 14.19 -29.84 55.53
CA VAL G 116 13.71 -28.54 55.11
C VAL G 116 13.11 -27.85 56.31
N ALA G 117 13.58 -26.64 56.62
CA ALA G 117 13.15 -25.93 57.82
C ALA G 117 12.58 -24.57 57.45
N GLU G 118 11.57 -24.13 58.21
CA GLU G 118 10.95 -22.84 57.98
C GLU G 118 10.69 -22.14 59.30
N VAL G 119 10.98 -20.84 59.35
CA VAL G 119 10.67 -20.01 60.50
C VAL G 119 9.59 -19.02 60.13
N ALA G 120 9.07 -18.33 61.14
CA ALA G 120 8.01 -17.37 60.91
C ALA G 120 8.55 -16.14 60.19
N HIS G 121 7.64 -15.40 59.56
CA HIS G 121 8.05 -14.15 58.96
C HIS G 121 8.29 -13.08 60.01
N TYR G 122 9.12 -12.10 59.66
CA TYR G 122 9.50 -11.06 60.60
C TYR G 122 8.25 -10.42 61.18
N GLY G 123 8.18 -10.35 62.51
CA GLY G 123 7.05 -9.74 63.16
C GLY G 123 5.86 -10.65 63.36
N GLU G 124 5.89 -11.86 62.82
CA GLU G 124 4.83 -12.83 63.04
C GLU G 124 5.22 -13.80 64.14
N THR G 125 4.22 -14.46 64.69
CA THR G 125 4.41 -15.47 65.72
C THR G 125 3.91 -16.80 65.17
N LYS G 126 4.83 -17.72 64.90
CA LYS G 126 4.43 -19.05 64.46
C LYS G 126 5.60 -19.99 64.69
N ARG G 127 5.29 -21.18 65.20
CA ARG G 127 6.32 -22.11 65.62
C ARG G 127 7.14 -22.58 64.41
N PRO G 128 8.44 -22.80 64.58
CA PRO G 128 9.25 -23.31 63.47
C PRO G 128 8.71 -24.64 62.99
N GLU G 129 8.97 -24.94 61.72
CA GLU G 129 8.60 -26.22 61.14
C GLU G 129 9.86 -26.92 60.63
N LEU G 130 9.92 -28.22 60.89
CA LEU G 130 11.02 -29.04 60.44
C LEU G 130 10.44 -30.23 59.68
N TYR G 131 11.01 -30.51 58.52
CA TYR G 131 10.58 -31.62 57.68
C TYR G 131 11.79 -32.48 57.34
N ARG G 132 11.59 -33.79 57.45
CA ARG G 132 12.58 -34.78 57.12
C ARG G 132 12.06 -35.60 55.94
N ILE G 133 12.88 -35.70 54.89
CA ILE G 133 12.56 -36.50 53.71
C ILE G 133 13.66 -37.54 53.55
N THR G 134 13.27 -38.80 53.43
CA THR G 134 14.22 -39.89 53.33
C THR G 134 14.38 -40.34 51.88
N TYR G 135 15.31 -41.27 51.67
CA TYR G 135 15.74 -41.61 50.31
C TYR G 135 14.63 -42.16 49.42
N ASP G 136 13.50 -42.56 49.98
CA ASP G 136 12.43 -43.15 49.18
C ASP G 136 11.22 -42.25 49.08
N GLY G 137 11.35 -41.00 49.49
CA GLY G 137 10.25 -40.07 49.43
C GLY G 137 9.40 -40.04 50.67
N SER G 138 9.71 -40.83 51.68
CA SER G 138 8.95 -40.76 52.92
C SER G 138 9.22 -39.41 53.58
N ILE G 139 8.16 -38.79 54.09
CA ILE G 139 8.27 -37.46 54.64
C ILE G 139 7.58 -37.40 55.99
N ALA G 140 8.20 -36.70 56.94
CA ALA G 140 7.62 -36.55 58.27
C ALA G 140 8.09 -35.23 58.84
N ASP G 141 7.18 -34.49 59.47
CA ASP G 141 7.52 -33.24 60.12
C ASP G 141 7.72 -33.49 61.61
N GLU G 142 8.78 -32.91 62.16
CA GLU G 142 8.93 -33.08 63.59
C GLU G 142 9.01 -31.72 64.28
N PRO G 143 8.54 -31.62 65.52
CA PRO G 143 8.31 -30.30 66.10
C PRO G 143 9.53 -29.73 66.79
N HIS G 144 10.49 -30.58 67.12
CA HIS G 144 11.61 -30.17 67.96
C HIS G 144 12.96 -30.31 67.29
N PHE G 145 13.28 -31.47 66.73
CA PHE G 145 14.59 -31.61 66.10
C PHE G 145 14.56 -32.75 65.10
N VAL G 146 15.59 -32.77 64.24
CA VAL G 146 15.76 -33.73 63.16
C VAL G 146 17.23 -34.10 63.10
N VAL G 147 17.50 -35.40 62.95
CA VAL G 147 18.86 -35.91 62.87
C VAL G 147 18.96 -36.76 61.60
N MET G 148 20.10 -36.65 60.92
CA MET G 148 20.26 -37.30 59.62
C MET G 148 21.70 -37.78 59.44
N GLY G 149 21.83 -38.97 58.90
CA GLY G 149 23.14 -39.42 58.46
C GLY G 149 23.93 -40.10 59.55
N GLY G 150 24.75 -41.05 59.14
CA GLY G 150 25.55 -41.81 60.08
C GLY G 150 24.68 -42.63 61.01
N THR G 151 25.14 -42.76 62.25
CA THR G 151 24.44 -43.54 63.27
C THR G 151 23.55 -42.60 64.07
N THR G 152 22.26 -42.58 63.74
CA THR G 152 21.39 -41.56 64.29
C THR G 152 20.93 -41.87 65.71
N GLU G 153 20.71 -43.14 66.03
CA GLU G 153 20.14 -43.50 67.34
C GLU G 153 20.85 -42.85 68.52
N PRO G 154 22.19 -42.87 68.61
CA PRO G 154 22.82 -42.19 69.76
C PRO G 154 22.55 -40.70 69.81
N ILE G 155 22.64 -40.02 68.66
CA ILE G 155 22.45 -38.58 68.61
C ILE G 155 21.02 -38.22 68.99
N ALA G 156 20.06 -38.93 68.39
CA ALA G 156 18.66 -38.69 68.69
C ALA G 156 18.35 -38.95 70.16
N ASN G 157 18.98 -39.97 70.76
CA ASN G 157 18.75 -40.22 72.17
C ASN G 157 19.33 -39.10 73.03
N ALA G 158 20.54 -38.66 72.72
CA ALA G 158 21.14 -37.55 73.44
C ALA G 158 20.24 -36.32 73.42
N LEU G 159 19.73 -35.98 72.23
CA LEU G 159 18.83 -34.84 72.12
C LEU G 159 17.54 -35.07 72.90
N LYS G 160 16.94 -36.26 72.75
CA LYS G 160 15.76 -36.60 73.53
C LYS G 160 15.98 -36.36 75.01
N GLU G 161 17.16 -36.72 75.51
CA GLU G 161 17.47 -36.48 76.91
C GLU G 161 17.65 -34.99 77.21
N SER G 162 18.20 -34.23 76.28
CA SER G 162 18.73 -32.92 76.64
C SER G 162 18.19 -31.77 75.77
N TYR G 163 16.95 -31.85 75.31
CA TYR G 163 16.37 -30.78 74.50
C TYR G 163 15.29 -30.06 75.29
N ALA G 164 15.38 -28.74 75.33
CA ALA G 164 14.37 -27.88 75.93
C ALA G 164 13.88 -26.88 74.90
N GLU G 165 12.57 -26.69 74.81
CA GLU G 165 12.05 -25.69 73.89
C GLU G 165 12.61 -24.32 74.26
N ASN G 166 12.45 -23.36 73.35
CA ASN G 166 12.90 -21.98 73.53
C ASN G 166 14.27 -21.84 74.20
N ALA G 167 15.20 -22.74 73.89
CA ALA G 167 16.55 -22.59 74.40
C ALA G 167 17.21 -21.35 73.81
N SER G 168 18.26 -20.87 74.48
CA SER G 168 19.03 -19.78 73.90
C SER G 168 19.91 -20.32 72.77
N LEU G 169 20.48 -19.41 71.99
CA LEU G 169 21.31 -19.84 70.87
C LEU G 169 22.54 -20.61 71.36
N THR G 170 23.21 -20.10 72.39
CA THR G 170 24.38 -20.77 72.91
C THR G 170 24.03 -22.16 73.46
N ASP G 171 22.92 -22.25 74.20
CA ASP G 171 22.48 -23.54 74.71
C ASP G 171 22.19 -24.50 73.58
N ALA G 172 21.36 -24.09 72.62
CA ALA G 172 20.98 -24.99 71.54
C ALA G 172 22.21 -25.47 70.78
N LEU G 173 23.18 -24.59 70.53
CA LEU G 173 24.40 -25.02 69.86
C LEU G 173 25.17 -26.03 70.70
N ARG G 174 25.24 -25.81 72.01
CA ARG G 174 25.93 -26.77 72.87
C ARG G 174 25.26 -28.14 72.84
N ILE G 175 23.95 -28.17 73.09
CA ILE G 175 23.19 -29.42 73.02
C ILE G 175 23.40 -30.11 71.68
N ALA G 176 23.50 -29.32 70.60
CA ALA G 176 23.68 -29.90 69.27
C ALA G 176 25.05 -30.53 69.12
N VAL G 177 26.12 -29.80 69.44
CA VAL G 177 27.46 -30.38 69.30
C VAL G 177 27.65 -31.57 70.21
N ALA G 178 27.07 -31.50 71.42
CA ALA G 178 27.10 -32.66 72.30
C ALA G 178 26.46 -33.87 71.65
N ALA G 179 25.21 -33.72 71.19
CA ALA G 179 24.53 -34.85 70.57
C ALA G 179 25.30 -35.38 69.38
N LEU G 180 25.93 -34.49 68.60
CA LEU G 180 26.75 -34.98 67.49
C LEU G 180 27.95 -35.75 68.00
N ARG G 181 28.54 -35.30 69.10
CA ARG G 181 29.78 -35.89 69.59
C ARG G 181 29.60 -37.36 69.93
N ALA G 182 28.39 -37.76 70.32
CA ALA G 182 28.10 -39.17 70.52
C ALA G 182 28.02 -39.89 69.18
N GLY G 183 29.08 -39.84 68.39
CA GLY G 183 29.08 -40.46 67.07
C GLY G 183 30.29 -40.11 66.24
N SER G 184 31.09 -41.12 65.91
CA SER G 184 32.26 -40.93 65.07
C SER G 184 32.79 -42.29 64.61
N GLY G 196 37.33 -33.08 67.08
CA GLY G 196 36.13 -32.97 66.27
C GLY G 196 35.26 -31.77 66.59
N VAL G 197 35.89 -30.69 67.06
CA VAL G 197 35.21 -29.42 67.29
C VAL G 197 35.87 -28.38 66.40
N ALA G 198 35.13 -27.31 66.07
CA ALA G 198 35.55 -26.25 65.18
C ALA G 198 35.53 -26.73 63.72
N SER G 199 35.45 -28.03 63.51
CA SER G 199 35.38 -28.62 62.16
C SER G 199 33.94 -28.98 61.87
N LEU G 200 33.12 -27.96 62.09
CA LEU G 200 31.68 -27.99 61.96
C LEU G 200 31.26 -27.01 60.88
N GLU G 201 30.03 -27.17 60.41
CA GLU G 201 29.38 -26.19 59.57
C GLU G 201 28.08 -25.83 60.27
N VAL G 202 27.93 -24.56 60.60
CA VAL G 202 26.85 -24.10 61.46
C VAL G 202 26.16 -22.93 60.78
N ALA G 203 24.84 -22.92 60.81
CA ALA G 203 24.08 -21.78 60.29
C ALA G 203 22.71 -21.81 60.92
N VAL G 204 22.00 -20.68 60.83
CA VAL G 204 20.71 -20.52 61.48
C VAL G 204 19.70 -19.86 60.56
N LEU G 205 18.44 -20.24 60.74
CA LEU G 205 17.29 -19.46 60.27
C LEU G 205 16.85 -18.58 61.44
N ASP G 206 17.18 -17.30 61.36
CA ASP G 206 17.01 -16.33 62.43
C ASP G 206 15.70 -15.58 62.19
N ALA G 207 14.66 -15.97 62.90
CA ALA G 207 13.33 -15.38 62.70
C ALA G 207 13.33 -13.89 62.99
N ASN G 208 14.45 -13.36 63.45
CA ASN G 208 14.56 -11.96 63.81
C ASN G 208 15.15 -11.13 62.68
N ARG G 209 15.43 -11.74 61.54
CA ARG G 209 15.90 -10.97 60.39
C ARG G 209 14.73 -10.61 59.48
N PRO G 210 14.79 -9.43 58.88
CA PRO G 210 13.61 -8.89 58.18
C PRO G 210 13.21 -9.69 56.94
N ARG G 211 14.14 -9.94 56.02
CA ARG G 211 13.83 -10.61 54.76
C ARG G 211 14.49 -11.98 54.72
N ARG G 212 15.80 -12.03 54.47
CA ARG G 212 16.52 -13.27 54.28
C ARG G 212 17.00 -13.76 55.65
N ALA G 213 16.42 -14.85 56.12
CA ALA G 213 16.67 -15.30 57.48
C ALA G 213 17.93 -16.12 57.63
N PHE G 214 18.45 -16.67 56.53
CA PHE G 214 19.56 -17.58 56.63
C PHE G 214 20.82 -16.81 57.00
N ARG G 215 21.69 -17.44 57.80
CA ARG G 215 22.87 -16.75 58.28
C ARG G 215 23.89 -17.76 58.76
N ARG G 216 25.14 -17.62 58.31
CA ARG G 216 26.20 -18.52 58.74
C ARG G 216 26.96 -17.96 59.93
N ILE G 217 27.45 -18.86 60.77
CA ILE G 217 28.22 -18.52 61.96
C ILE G 217 29.58 -19.19 61.80
N THR G 218 30.54 -18.46 61.23
CA THR G 218 31.87 -18.98 60.95
C THR G 218 32.90 -18.36 61.88
N GLY G 219 33.97 -19.11 62.12
CA GLY G 219 35.19 -18.52 62.68
C GLY G 219 35.05 -18.00 64.08
N SER G 220 35.63 -16.81 64.30
CA SER G 220 35.73 -16.24 65.63
C SER G 220 34.37 -16.20 66.33
N ALA G 221 33.31 -15.86 65.59
CA ALA G 221 31.98 -15.85 66.19
C ALA G 221 31.59 -17.22 66.71
N LEU G 222 31.81 -18.27 65.90
CA LEU G 222 31.46 -19.61 66.33
C LEU G 222 32.29 -20.02 67.54
N GLN G 223 33.59 -19.73 67.51
CA GLN G 223 34.45 -19.99 68.67
C GLN G 223 33.91 -19.31 69.91
N ALA G 224 33.52 -18.04 69.79
CA ALA G 224 32.95 -17.31 70.92
C ALA G 224 31.70 -18.00 71.43
N LEU G 225 30.91 -18.58 70.52
CA LEU G 225 29.70 -19.26 70.94
C LEU G 225 29.97 -20.62 71.56
N LEU G 226 31.16 -21.19 71.35
CA LEU G 226 31.50 -22.49 71.92
C LEU G 226 32.25 -22.42 73.24
N VAL G 227 32.31 -21.26 73.89
CA VAL G 227 33.08 -21.13 75.14
C VAL G 227 32.26 -20.49 76.25
N THR H 1 -19.86 0.31 29.02
CA THR H 1 -19.60 -0.37 30.28
C THR H 1 -19.00 0.59 31.28
N THR H 2 -19.43 0.49 32.54
CA THR H 2 -18.79 1.21 33.63
C THR H 2 -18.85 0.36 34.87
N ILE H 3 -17.69 0.15 35.50
CA ILE H 3 -17.57 -0.57 36.75
C ILE H 3 -16.84 0.30 37.76
N VAL H 4 -17.39 0.40 38.96
CA VAL H 4 -16.78 1.22 40.02
C VAL H 4 -16.44 0.33 41.21
N ALA H 5 -15.41 0.72 41.93
CA ALA H 5 -15.03 0.06 43.18
C ALA H 5 -14.45 1.11 44.11
N LEU H 6 -14.83 1.03 45.39
CA LEU H 6 -14.33 1.99 46.37
C LEU H 6 -14.12 1.32 47.72
N LYS H 7 -13.17 1.88 48.46
CA LYS H 7 -12.83 1.43 49.80
C LYS H 7 -13.66 2.19 50.82
N TYR H 8 -14.22 1.48 51.79
CA TYR H 8 -14.82 2.10 52.95
C TYR H 8 -14.21 1.48 54.19
N PRO H 9 -14.37 2.13 55.36
CA PRO H 9 -13.78 1.58 56.59
C PRO H 9 -14.21 0.14 56.83
N GLY H 10 -13.26 -0.78 56.68
CA GLY H 10 -13.51 -2.18 56.95
C GLY H 10 -14.03 -2.98 55.77
N GLY H 11 -14.07 -2.41 54.58
CA GLY H 11 -14.53 -3.19 53.44
C GLY H 11 -14.33 -2.47 52.14
N VAL H 12 -14.85 -3.08 51.08
CA VAL H 12 -14.81 -2.55 49.72
C VAL H 12 -16.12 -2.88 49.03
N VAL H 13 -16.50 -2.05 48.07
CA VAL H 13 -17.72 -2.26 47.30
C VAL H 13 -17.38 -2.14 45.82
N MET H 14 -18.03 -2.97 45.01
CA MET H 14 -17.88 -2.91 43.57
C MET H 14 -19.24 -3.06 42.91
N ALA H 15 -19.51 -2.24 41.90
CA ALA H 15 -20.79 -2.28 41.21
C ALA H 15 -20.58 -2.07 39.72
N GLY H 16 -21.48 -2.63 38.94
CA GLY H 16 -21.37 -2.55 37.49
C GLY H 16 -22.74 -2.45 36.86
N ASP H 17 -22.78 -1.83 35.69
CA ASP H 17 -24.01 -1.62 34.95
C ASP H 17 -24.43 -2.92 34.27
N ARG H 18 -25.54 -2.87 33.53
CA ARG H 18 -26.16 -4.07 33.00
C ARG H 18 -26.29 -4.08 31.48
N ARG H 19 -25.69 -3.13 30.78
CA ARG H 19 -25.97 -2.95 29.36
C ARG H 19 -24.96 -3.66 28.47
N SER H 20 -25.46 -4.25 27.39
CA SER H 20 -24.63 -4.84 26.35
C SER H 20 -25.01 -4.22 25.01
N THR H 21 -24.00 -3.77 24.27
CA THR H 21 -24.21 -3.05 23.01
C THR H 21 -23.41 -3.69 21.90
N GLN H 22 -23.93 -3.59 20.69
CA GLN H 22 -23.21 -3.86 19.45
C GLN H 22 -23.24 -2.59 18.62
N GLY H 23 -22.18 -1.80 18.71
CA GLY H 23 -22.18 -0.49 18.10
C GLY H 23 -23.14 0.43 18.82
N ASN H 24 -24.13 0.95 18.10
CA ASN H 24 -25.16 1.78 18.73
C ASN H 24 -26.34 0.98 19.23
N MET H 25 -26.48 -0.28 18.83
CA MET H 25 -27.63 -1.07 19.17
C MET H 25 -27.47 -1.67 20.56
N ILE H 26 -28.56 -1.67 21.33
CA ILE H 26 -28.60 -2.26 22.66
C ILE H 26 -28.97 -3.72 22.52
N SER H 27 -28.01 -4.61 22.80
CA SER H 27 -28.18 -6.05 22.67
C SER H 27 -28.45 -6.75 23.99
N GLY H 28 -28.40 -6.04 25.11
CA GLY H 28 -28.69 -6.67 26.38
C GLY H 28 -29.00 -5.69 27.47
N ARG H 29 -29.94 -6.03 28.35
CA ARG H 29 -30.34 -5.18 29.46
C ARG H 29 -30.07 -5.77 30.83
N ASP H 30 -29.77 -7.07 30.94
CA ASP H 30 -29.65 -7.75 32.22
C ASP H 30 -28.25 -8.30 32.46
N VAL H 31 -27.29 -7.95 31.60
CA VAL H 31 -25.97 -8.56 31.65
C VAL H 31 -25.29 -8.30 32.99
N ARG H 32 -24.56 -9.29 33.50
CA ARG H 32 -23.84 -9.20 34.75
C ARG H 32 -22.35 -9.12 34.48
N LYS H 33 -21.69 -8.11 35.05
CA LYS H 33 -20.28 -7.85 34.78
C LYS H 33 -19.40 -7.93 36.01
N VAL H 34 -19.96 -8.07 37.21
CA VAL H 34 -19.20 -8.18 38.44
C VAL H 34 -19.44 -9.57 38.99
N TYR H 35 -18.35 -10.32 39.19
CA TYR H 35 -18.41 -11.70 39.63
C TYR H 35 -17.61 -11.88 40.90
N ILE H 36 -18.13 -12.69 41.81
CA ILE H 36 -17.36 -13.09 42.98
C ILE H 36 -16.42 -14.20 42.54
N THR H 37 -15.12 -13.91 42.49
CA THR H 37 -14.16 -14.90 42.03
C THR H 37 -13.57 -15.71 43.15
N ASP H 38 -13.60 -15.22 44.38
CA ASP H 38 -13.12 -16.00 45.49
C ASP H 38 -13.72 -15.43 46.77
N ASP H 39 -13.61 -16.19 47.86
CA ASP H 39 -14.27 -15.84 49.11
C ASP H 39 -13.97 -14.42 49.54
N TYR H 40 -12.86 -13.84 49.09
CA TYR H 40 -12.49 -12.49 49.49
C TYR H 40 -12.13 -11.60 48.30
N THR H 41 -12.53 -11.95 47.08
CA THR H 41 -12.21 -11.11 45.92
C THR H 41 -13.34 -11.17 44.91
N ALA H 42 -13.59 -10.02 44.28
CA ALA H 42 -14.51 -9.86 43.17
C ALA H 42 -13.79 -9.16 42.02
N THR H 43 -14.20 -9.51 40.80
CA THR H 43 -13.64 -8.97 39.56
C THR H 43 -14.75 -8.42 38.69
N GLY H 44 -14.56 -7.21 38.17
CA GLY H 44 -15.45 -6.66 37.16
C GLY H 44 -14.67 -6.34 35.90
N ILE H 45 -15.23 -6.70 34.74
CA ILE H 45 -14.48 -6.59 33.49
C ILE H 45 -15.28 -5.80 32.47
N ALA H 46 -14.56 -5.03 31.65
CA ALA H 46 -15.15 -4.23 30.58
C ALA H 46 -14.52 -4.60 29.25
N GLY H 47 -15.31 -4.58 28.19
CA GLY H 47 -14.79 -4.91 26.89
C GLY H 47 -15.59 -5.98 26.18
N THR H 48 -14.94 -6.75 25.30
CA THR H 48 -15.64 -7.81 24.59
C THR H 48 -16.18 -8.82 25.58
N ALA H 49 -17.48 -9.11 25.45
CA ALA H 49 -18.18 -9.94 26.43
C ALA H 49 -17.54 -11.32 26.54
N ALA H 50 -17.32 -11.98 25.42
CA ALA H 50 -16.72 -13.31 25.44
C ALA H 50 -15.41 -13.30 26.22
N VAL H 51 -14.53 -12.36 25.90
CA VAL H 51 -13.23 -12.29 26.55
C VAL H 51 -13.38 -12.02 28.04
N ALA H 52 -14.31 -11.13 28.40
CA ALA H 52 -14.48 -10.77 29.80
C ALA H 52 -14.96 -11.95 30.62
N VAL H 53 -15.98 -12.65 30.13
CA VAL H 53 -16.52 -13.80 30.83
C VAL H 53 -15.47 -14.89 30.98
N GLU H 54 -14.73 -15.16 29.90
CA GLU H 54 -13.66 -16.14 30.02
C GLU H 54 -12.64 -15.71 31.06
N PHE H 55 -12.30 -14.42 31.10
CA PHE H 55 -11.38 -13.91 32.13
C PHE H 55 -11.87 -14.25 33.53
N ALA H 56 -13.08 -13.82 33.86
CA ALA H 56 -13.60 -14.02 35.21
C ALA H 56 -13.65 -15.51 35.56
N ARG H 57 -14.18 -16.31 34.64
CA ARG H 57 -14.34 -17.74 34.89
C ARG H 57 -12.99 -18.42 35.13
N LEU H 58 -12.09 -18.28 34.16
CA LEU H 58 -10.80 -18.92 34.24
C LEU H 58 -10.01 -18.43 35.44
N TYR H 59 -10.19 -17.17 35.81
CA TYR H 59 -9.49 -16.63 36.96
C TYR H 59 -9.98 -17.28 38.25
N ALA H 60 -11.30 -17.35 38.43
CA ALA H 60 -11.85 -18.04 39.60
C ALA H 60 -11.35 -19.47 39.68
N VAL H 61 -11.37 -20.18 38.55
CA VAL H 61 -10.88 -21.55 38.53
C VAL H 61 -9.42 -21.60 38.92
N GLU H 62 -8.61 -20.63 38.47
CA GLU H 62 -7.20 -20.69 38.81
C GLU H 62 -6.97 -20.48 40.30
N LEU H 63 -7.65 -19.51 40.91
CA LEU H 63 -7.47 -19.27 42.33
C LEU H 63 -7.87 -20.48 43.15
N GLU H 64 -9.08 -21.00 42.93
CA GLU H 64 -9.50 -22.16 43.71
C GLU H 64 -8.63 -23.37 43.42
N HIS H 65 -8.14 -23.50 42.18
CA HIS H 65 -7.22 -24.57 41.85
C HIS H 65 -5.99 -24.52 42.73
N TYR H 66 -5.35 -23.35 42.81
CA TYR H 66 -4.21 -23.23 43.71
C TYR H 66 -4.59 -23.58 45.14
N GLU H 67 -5.77 -23.11 45.58
CA GLU H 67 -6.17 -23.32 46.97
C GLU H 67 -6.32 -24.81 47.30
N LYS H 68 -6.94 -25.58 46.42
CA LYS H 68 -7.09 -27.00 46.68
C LYS H 68 -5.78 -27.74 46.53
N LEU H 69 -4.92 -27.33 45.61
CA LEU H 69 -3.66 -28.04 45.43
C LEU H 69 -2.74 -27.84 46.63
N GLU H 70 -2.65 -26.61 47.14
CA GLU H 70 -1.65 -26.31 48.16
C GLU H 70 -2.22 -26.15 49.56
N GLY H 71 -3.52 -26.26 49.76
CA GLY H 71 -4.08 -26.22 51.09
C GLY H 71 -4.23 -24.84 51.70
N VAL H 72 -3.84 -23.79 51.01
CA VAL H 72 -3.99 -22.43 51.51
C VAL H 72 -4.23 -21.52 50.31
N PRO H 73 -5.05 -20.49 50.41
CA PRO H 73 -5.26 -19.59 49.28
C PRO H 73 -4.03 -18.74 49.00
N LEU H 74 -4.00 -18.18 47.80
CA LEU H 74 -2.92 -17.30 47.42
C LEU H 74 -2.91 -16.04 48.28
N THR H 75 -1.72 -15.50 48.50
CA THR H 75 -1.65 -14.14 49.01
C THR H 75 -2.27 -13.18 48.00
N PHE H 76 -2.70 -12.01 48.48
CA PHE H 76 -3.34 -11.08 47.57
C PHE H 76 -2.40 -10.68 46.45
N ALA H 77 -1.12 -10.45 46.77
CA ALA H 77 -0.14 -10.16 45.74
C ALA H 77 -0.14 -11.24 44.67
N GLY H 78 -0.25 -12.50 45.09
CA GLY H 78 -0.29 -13.59 44.12
C GLY H 78 -1.50 -13.50 43.21
N LYS H 79 -2.66 -13.22 43.78
CA LYS H 79 -3.86 -13.05 42.97
C LYS H 79 -3.67 -11.96 41.93
N ILE H 80 -3.09 -10.82 42.35
CA ILE H 80 -2.81 -9.74 41.42
C ILE H 80 -1.90 -10.22 40.30
N ASN H 81 -0.80 -10.88 40.64
CA ASN H 81 0.16 -11.28 39.61
C ASN H 81 -0.46 -12.25 38.62
N ARG H 82 -1.29 -13.16 39.10
CA ARG H 82 -1.93 -14.11 38.19
C ARG H 82 -2.90 -13.42 37.26
N LEU H 83 -3.74 -12.51 37.78
CA LEU H 83 -4.64 -11.77 36.91
C LEU H 83 -3.86 -10.97 35.88
N ALA H 84 -2.77 -10.32 36.30
CA ALA H 84 -1.95 -9.56 35.37
C ALA H 84 -1.41 -10.46 34.26
N ILE H 85 -0.87 -11.62 34.62
CA ILE H 85 -0.32 -12.52 33.61
C ILE H 85 -1.39 -12.96 32.62
N MET H 86 -2.62 -13.15 33.10
CA MET H 86 -3.71 -13.49 32.19
C MET H 86 -3.99 -12.34 31.21
N VAL H 87 -4.13 -11.13 31.76
CA VAL H 87 -4.41 -9.97 30.93
C VAL H 87 -3.34 -9.80 29.87
N ARG H 88 -2.07 -9.89 30.26
CA ARG H 88 -1.01 -9.77 29.27
C ARG H 88 -1.03 -10.91 28.28
N GLY H 89 -1.48 -12.08 28.72
CA GLY H 89 -1.66 -13.16 27.79
C GLY H 89 -2.61 -12.80 26.67
N ASN H 90 -3.64 -12.01 26.98
CA ASN H 90 -4.60 -11.68 25.93
C ASN H 90 -4.15 -10.51 25.04
N LEU H 91 -2.95 -9.96 25.23
CA LEU H 91 -2.59 -8.73 24.52
C LEU H 91 -2.70 -8.88 23.02
N ALA H 92 -2.27 -10.01 22.48
CA ALA H 92 -2.29 -10.19 21.04
C ALA H 92 -3.71 -10.03 20.49
N ALA H 93 -4.66 -10.79 21.05
CA ALA H 93 -6.05 -10.65 20.63
C ALA H 93 -6.58 -9.25 20.88
N ALA H 94 -6.20 -8.64 22.00
CA ALA H 94 -6.68 -7.29 22.30
C ALA H 94 -6.28 -6.33 21.19
N MET H 95 -5.05 -6.46 20.69
CA MET H 95 -4.63 -5.63 19.56
C MET H 95 -5.48 -5.90 18.32
N GLN H 96 -6.18 -7.03 18.27
CA GLN H 96 -7.03 -7.35 17.13
C GLN H 96 -8.51 -7.15 17.41
N GLY H 97 -8.85 -6.51 18.52
CA GLY H 97 -10.23 -6.17 18.81
C GLY H 97 -10.86 -6.93 19.96
N LEU H 98 -10.23 -7.99 20.45
CA LEU H 98 -10.79 -8.76 21.56
C LEU H 98 -10.21 -8.27 22.90
N LEU H 99 -10.45 -6.99 23.16
CA LEU H 99 -9.88 -6.32 24.33
C LEU H 99 -10.82 -6.47 25.52
N ALA H 100 -10.22 -6.71 26.69
CA ALA H 100 -10.99 -6.79 27.93
C ALA H 100 -10.09 -6.40 29.09
N LEU H 101 -10.56 -5.45 29.92
CA LEU H 101 -9.80 -5.00 31.07
C LEU H 101 -10.53 -5.32 32.35
N PRO H 102 -9.87 -5.88 33.33
CA PRO H 102 -10.51 -6.14 34.62
C PRO H 102 -10.22 -5.07 35.65
N LEU H 103 -11.01 -5.10 36.71
CA LEU H 103 -10.83 -4.29 37.90
C LEU H 103 -11.04 -5.22 39.08
N LEU H 104 -10.08 -5.25 39.99
CA LEU H 104 -10.07 -6.22 41.07
C LEU H 104 -10.34 -5.52 42.38
N ALA H 105 -11.25 -6.07 43.18
CA ALA H 105 -11.53 -5.56 44.50
C ALA H 105 -11.47 -6.72 45.47
N GLY H 106 -10.76 -6.54 46.59
CA GLY H 106 -10.63 -7.63 47.53
C GLY H 106 -10.47 -7.14 48.95
N TYR H 107 -10.49 -8.09 49.88
CA TYR H 107 -10.23 -7.84 51.29
C TYR H 107 -9.07 -8.75 51.70
N ASP H 108 -7.95 -8.15 52.08
CA ASP H 108 -6.74 -8.93 52.39
C ASP H 108 -6.81 -9.37 53.84
N ILE H 109 -7.11 -10.65 54.05
CA ILE H 109 -7.25 -11.18 55.39
C ILE H 109 -5.93 -11.18 56.16
N HIS H 110 -4.80 -10.99 55.48
CA HIS H 110 -3.50 -10.93 56.14
C HIS H 110 -3.02 -9.50 56.36
N ALA H 111 -3.87 -8.52 56.15
CA ALA H 111 -3.46 -7.14 56.31
C ALA H 111 -3.34 -6.79 57.79
N SER H 112 -2.54 -5.76 58.06
CA SER H 112 -2.33 -5.33 59.44
C SER H 112 -3.61 -4.80 60.06
N ASP H 113 -4.20 -3.77 59.46
CA ASP H 113 -5.37 -3.10 60.02
C ASP H 113 -6.64 -3.65 59.38
N PRO H 114 -7.59 -4.19 60.16
CA PRO H 114 -8.82 -4.72 59.56
C PRO H 114 -9.74 -3.67 58.96
N GLN H 115 -9.43 -2.38 59.12
CA GLN H 115 -10.27 -1.34 58.54
C GLN H 115 -9.74 -0.82 57.21
N SER H 116 -8.42 -0.88 57.01
CA SER H 116 -7.80 -0.53 55.74
C SER H 116 -7.30 -1.76 54.99
N ALA H 117 -7.95 -2.90 55.23
CA ALA H 117 -7.61 -4.14 54.54
C ALA H 117 -8.24 -4.21 53.16
N GLY H 118 -9.04 -3.22 52.78
CA GLY H 118 -9.60 -3.19 51.46
C GLY H 118 -8.53 -2.96 50.40
N ARG H 119 -8.75 -3.56 49.24
CA ARG H 119 -7.79 -3.49 48.16
C ARG H 119 -8.51 -3.26 46.84
N ILE H 120 -7.98 -2.33 46.05
CA ILE H 120 -8.50 -2.03 44.72
C ILE H 120 -7.32 -2.00 43.75
N VAL H 121 -7.37 -2.85 42.73
CA VAL H 121 -6.28 -3.00 41.79
C VAL H 121 -6.83 -2.79 40.39
N SER H 122 -6.17 -1.95 39.61
CA SER H 122 -6.53 -1.73 38.22
C SER H 122 -5.45 -2.27 37.31
N PHE H 123 -5.85 -2.59 36.08
CA PHE H 123 -4.99 -3.26 35.11
C PHE H 123 -5.09 -2.56 33.77
N ASP H 124 -4.05 -2.70 32.96
CA ASP H 124 -4.04 -2.22 31.58
C ASP H 124 -3.87 -3.38 30.61
N ALA H 125 -4.00 -3.07 29.32
CA ALA H 125 -4.06 -4.10 28.29
C ALA H 125 -2.79 -4.92 28.21
N ALA H 126 -1.67 -4.41 28.71
CA ALA H 126 -0.41 -5.14 28.66
C ALA H 126 -0.12 -5.87 29.95
N GLY H 127 -1.07 -5.88 30.89
CA GLY H 127 -0.90 -6.57 32.15
C GLY H 127 -0.36 -5.74 33.28
N GLY H 128 0.03 -4.49 33.03
CA GLY H 128 0.44 -3.63 34.12
C GLY H 128 -0.69 -3.44 35.11
N TRP H 129 -0.32 -3.17 36.36
CA TRP H 129 -1.32 -3.02 37.40
C TRP H 129 -0.89 -1.93 38.36
N ASN H 130 -1.89 -1.37 39.03
CA ASN H 130 -1.66 -0.39 40.09
C ASN H 130 -2.61 -0.68 41.23
N ILE H 131 -2.06 -0.79 42.45
CA ILE H 131 -2.87 -0.86 43.66
C ILE H 131 -3.25 0.56 44.05
N GLU H 132 -4.56 0.80 44.16
CA GLU H 132 -5.06 2.15 44.29
C GLU H 132 -5.03 2.58 45.75
N GLU H 133 -4.22 3.61 46.04
CA GLU H 133 -4.11 4.18 47.37
C GLU H 133 -5.10 5.30 47.62
N GLU H 134 -5.92 5.66 46.64
CA GLU H 134 -6.77 6.83 46.75
C GLU H 134 -8.22 6.54 47.10
N GLY H 135 -8.63 5.27 47.13
CA GLY H 135 -9.90 4.90 47.67
C GLY H 135 -10.95 4.46 46.67
N TYR H 136 -10.84 4.87 45.41
CA TYR H 136 -11.84 4.50 44.40
C TYR H 136 -11.17 4.32 43.05
N GLN H 137 -11.86 3.62 42.15
CA GLN H 137 -11.38 3.41 40.79
C GLN H 137 -12.54 2.89 39.95
N ALA H 138 -12.42 3.03 38.63
CA ALA H 138 -13.44 2.57 37.70
C ALA H 138 -12.79 2.08 36.41
N VAL H 139 -13.56 1.35 35.60
CA VAL H 139 -13.09 0.86 34.32
C VAL H 139 -14.27 0.82 33.36
N GLY H 140 -13.98 1.02 32.07
CA GLY H 140 -14.99 1.01 31.04
C GLY H 140 -15.09 2.35 30.34
N SER H 141 -16.00 2.40 29.36
CA SER H 141 -16.16 3.60 28.55
C SER H 141 -16.71 4.77 29.36
N GLY H 142 -17.37 4.52 30.48
CA GLY H 142 -17.83 5.58 31.36
C GLY H 142 -16.98 5.80 32.59
N SER H 143 -15.77 5.23 32.64
CA SER H 143 -14.99 5.27 33.86
C SER H 143 -14.60 6.68 34.24
N LEU H 144 -14.39 7.55 33.25
CA LEU H 144 -13.95 8.89 33.58
C LEU H 144 -15.04 9.67 34.28
N PHE H 145 -16.27 9.54 33.81
CA PHE H 145 -17.39 10.20 34.46
C PHE H 145 -17.60 9.68 35.87
N ALA H 146 -17.49 8.37 36.05
CA ALA H 146 -17.69 7.78 37.38
C ALA H 146 -16.57 8.18 38.34
N LYS H 147 -15.31 8.13 37.89
CA LYS H 147 -14.22 8.56 38.74
C LYS H 147 -14.38 10.02 39.11
N SER H 148 -14.78 10.85 38.15
CA SER H 148 -14.91 12.27 38.43
C SER H 148 -16.07 12.56 39.36
N SER H 149 -17.12 11.73 39.32
CA SER H 149 -18.21 11.87 40.28
C SER H 149 -17.76 11.45 41.67
N MET H 150 -17.14 10.28 41.77
CA MET H 150 -16.70 9.79 43.07
C MET H 150 -15.69 10.73 43.70
N LYS H 151 -14.92 11.45 42.88
CA LYS H 151 -14.00 12.43 43.42
C LYS H 151 -14.73 13.44 44.27
N LYS H 152 -15.97 13.76 43.92
CA LYS H 152 -16.76 14.72 44.68
C LYS H 152 -17.61 14.05 45.74
N LEU H 153 -18.04 12.82 45.53
CA LEU H 153 -18.94 12.16 46.47
C LEU H 153 -18.24 11.32 47.53
N TYR H 154 -16.92 11.19 47.47
CA TYR H 154 -16.26 10.18 48.31
C TYR H 154 -16.22 10.56 49.78
N SER H 155 -16.16 11.86 50.09
CA SER H 155 -16.12 12.28 51.50
C SER H 155 -17.33 11.77 52.28
N GLN H 156 -18.43 11.45 51.62
CA GLN H 156 -19.62 10.99 52.32
C GLN H 156 -19.53 9.54 52.73
N VAL H 157 -18.45 8.84 52.41
CA VAL H 157 -18.35 7.41 52.63
C VAL H 157 -17.84 7.21 54.06
N THR H 158 -18.67 6.65 54.91
CA THR H 158 -18.30 6.35 56.28
C THR H 158 -18.55 4.91 56.68
N ASP H 159 -19.38 4.17 55.97
CA ASP H 159 -19.64 2.78 56.24
C ASP H 159 -19.96 2.09 54.93
N GLY H 160 -20.37 0.83 55.00
CA GLY H 160 -20.68 0.10 53.79
C GLY H 160 -21.87 0.65 53.05
N ASP H 161 -22.86 1.16 53.78
CA ASP H 161 -24.09 1.61 53.13
C ASP H 161 -23.86 2.91 52.37
N SER H 162 -23.18 3.87 53.00
CA SER H 162 -22.89 5.11 52.29
C SER H 162 -21.99 4.84 51.09
N GLY H 163 -21.04 3.92 51.25
CA GLY H 163 -20.19 3.57 50.12
C GLY H 163 -20.97 2.96 48.98
N LEU H 164 -21.90 2.07 49.28
CA LEU H 164 -22.73 1.52 48.22
C LEU H 164 -23.51 2.62 47.53
N ARG H 165 -24.07 3.56 48.31
CA ARG H 165 -24.76 4.70 47.71
C ARG H 165 -23.85 5.44 46.74
N VAL H 166 -22.65 5.80 47.17
CA VAL H 166 -21.75 6.56 46.31
C VAL H 166 -21.42 5.78 45.06
N ALA H 167 -21.25 4.46 45.19
CA ALA H 167 -20.97 3.66 44.00
C ALA H 167 -22.12 3.72 43.01
N VAL H 168 -23.35 3.47 43.47
CA VAL H 168 -24.49 3.49 42.57
C VAL H 168 -24.67 4.87 41.94
N GLU H 169 -24.40 5.94 42.69
CA GLU H 169 -24.55 7.27 42.11
C GLU H 169 -23.46 7.51 41.06
N ALA H 170 -22.25 7.00 41.30
CA ALA H 170 -21.21 7.08 40.28
C ALA H 170 -21.64 6.37 39.00
N LEU H 171 -22.20 5.17 39.12
CA LEU H 171 -22.74 4.50 37.95
C LEU H 171 -23.86 5.31 37.31
N TYR H 172 -24.62 6.03 38.13
CA TYR H 172 -25.70 6.85 37.57
C TYR H 172 -25.14 7.95 36.69
N ASP H 173 -24.15 8.69 37.19
CA ASP H 173 -23.54 9.75 36.38
C ASP H 173 -22.85 9.18 35.15
N ALA H 174 -22.16 8.05 35.30
CA ALA H 174 -21.54 7.41 34.15
C ALA H 174 -22.57 7.12 33.07
N ALA H 175 -23.66 6.45 33.42
CA ALA H 175 -24.70 6.19 32.43
C ALA H 175 -25.32 7.48 31.92
N ASP H 176 -25.26 8.54 32.71
CA ASP H 176 -25.83 9.82 32.30
C ASP H 176 -25.04 10.43 31.15
N ASP H 177 -23.72 10.23 31.14
CA ASP H 177 -22.89 10.85 30.11
C ASP H 177 -22.39 9.88 29.06
N ASP H 178 -22.65 8.58 29.18
CA ASP H 178 -22.16 7.56 28.26
C ASP H 178 -23.30 6.67 27.79
N SER H 179 -23.51 6.59 26.48
CA SER H 179 -24.62 5.79 25.98
C SER H 179 -24.33 4.31 26.08
N ALA H 180 -23.07 3.91 26.21
CA ALA H 180 -22.73 2.51 26.31
C ALA H 180 -22.91 1.96 27.72
N THR H 181 -23.16 2.83 28.69
CA THR H 181 -23.45 2.43 30.06
C THR H 181 -24.93 2.65 30.33
N GLY H 182 -25.61 1.62 30.84
CA GLY H 182 -27.04 1.70 31.05
C GLY H 182 -27.34 2.12 32.47
N GLY H 183 -28.27 3.05 32.60
CA GLY H 183 -28.71 3.48 33.91
C GLY H 183 -29.79 2.57 34.45
N PRO H 184 -30.34 2.90 35.61
CA PRO H 184 -31.39 2.06 36.20
C PRO H 184 -32.67 2.14 35.36
N ASP H 185 -33.23 0.97 35.06
CA ASP H 185 -34.45 0.85 34.27
C ASP H 185 -35.61 0.66 35.25
N LEU H 186 -36.34 1.74 35.51
CA LEU H 186 -37.43 1.63 36.47
C LEU H 186 -38.62 0.90 35.89
N VAL H 187 -38.76 0.84 34.58
CA VAL H 187 -39.88 0.10 33.99
C VAL H 187 -39.65 -1.39 34.12
N ARG H 188 -38.46 -1.87 33.75
CA ARG H 188 -38.14 -3.28 33.80
C ARG H 188 -37.59 -3.73 35.14
N GLY H 189 -37.25 -2.82 36.03
CA GLY H 189 -36.71 -3.18 37.32
C GLY H 189 -35.33 -3.81 37.25
N ILE H 190 -34.44 -3.24 36.45
CA ILE H 190 -33.07 -3.72 36.30
C ILE H 190 -32.13 -2.63 36.79
N PHE H 191 -31.28 -2.97 37.73
CA PHE H 191 -30.39 -2.02 38.38
C PHE H 191 -28.98 -2.57 38.35
N PRO H 192 -27.98 -1.73 38.61
CA PRO H 192 -26.61 -2.24 38.65
C PRO H 192 -26.49 -3.39 39.65
N THR H 193 -25.50 -4.25 39.42
CA THR H 193 -25.20 -5.27 40.39
C THR H 193 -24.05 -4.81 41.27
N ALA H 194 -24.06 -5.23 42.53
CA ALA H 194 -23.04 -4.80 43.47
C ALA H 194 -22.62 -5.98 44.31
N VAL H 195 -21.38 -5.93 44.77
CA VAL H 195 -20.78 -6.90 45.67
C VAL H 195 -20.06 -6.14 46.77
N ILE H 196 -20.21 -6.61 48.01
CA ILE H 196 -19.56 -6.03 49.17
C ILE H 196 -18.63 -7.07 49.76
N ILE H 197 -17.46 -6.62 50.23
CA ILE H 197 -16.44 -7.51 50.77
C ILE H 197 -15.94 -6.89 52.07
N ASP H 198 -16.05 -7.63 53.16
CA ASP H 198 -15.51 -7.20 54.44
C ASP H 198 -14.83 -8.40 55.09
N ALA H 199 -14.60 -8.30 56.40
CA ALA H 199 -13.91 -9.39 57.10
C ALA H 199 -14.68 -10.69 57.03
N ASP H 200 -16.00 -10.64 56.85
CA ASP H 200 -16.81 -11.84 56.74
C ASP H 200 -16.85 -12.41 55.34
N GLY H 201 -16.18 -11.79 54.37
CA GLY H 201 -16.15 -12.34 53.02
C GLY H 201 -16.79 -11.45 51.98
N ALA H 202 -17.09 -12.02 50.83
CA ALA H 202 -17.72 -11.31 49.73
C ALA H 202 -19.14 -11.82 49.54
N VAL H 203 -20.10 -10.89 49.48
CA VAL H 203 -21.50 -11.26 49.29
C VAL H 203 -22.10 -10.35 48.22
N ASP H 204 -23.02 -10.91 47.44
CA ASP H 204 -23.79 -10.14 46.48
C ASP H 204 -24.73 -9.19 47.20
N VAL H 205 -24.73 -7.93 46.80
CA VAL H 205 -25.70 -6.97 47.34
C VAL H 205 -27.07 -7.27 46.76
N PRO H 206 -28.11 -7.35 47.58
CA PRO H 206 -29.45 -7.69 47.06
C PRO H 206 -30.00 -6.61 46.15
N GLU H 207 -30.79 -7.05 45.17
CA GLU H 207 -31.35 -6.15 44.16
C GLU H 207 -32.19 -5.05 44.78
N SER H 208 -32.97 -5.38 45.81
CA SER H 208 -33.88 -4.40 46.41
C SER H 208 -33.13 -3.20 46.97
N ARG H 209 -32.01 -3.45 47.66
CA ARG H 209 -31.25 -2.35 48.23
C ARG H 209 -30.79 -1.39 47.14
N ILE H 210 -30.23 -1.93 46.06
CA ILE H 210 -29.81 -1.10 44.95
C ILE H 210 -30.99 -0.33 44.39
N ALA H 211 -32.16 -0.98 44.32
CA ALA H 211 -33.35 -0.28 43.83
C ALA H 211 -33.65 0.94 44.68
N GLU H 212 -33.71 0.76 46.00
CA GLU H 212 -33.99 1.88 46.89
C GLU H 212 -32.99 3.01 46.71
N LEU H 213 -31.71 2.67 46.62
CA LEU H 213 -30.69 3.70 46.44
C LEU H 213 -30.86 4.43 45.11
N ALA H 214 -31.19 3.68 44.05
CA ALA H 214 -31.43 4.30 42.76
C ALA H 214 -32.57 5.30 42.84
N ARG H 215 -33.75 4.85 43.24
CA ARG H 215 -34.89 5.76 43.35
C ARG H 215 -34.58 6.96 44.23
N ALA H 216 -33.78 6.76 45.28
CA ALA H 216 -33.38 7.88 46.11
C ALA H 216 -32.57 8.89 45.32
N ILE H 217 -31.65 8.42 44.48
CA ILE H 217 -30.83 9.33 43.67
C ILE H 217 -31.68 10.04 42.63
N ILE H 218 -32.53 9.28 41.93
CA ILE H 218 -33.40 9.84 40.91
C ILE H 218 -34.29 10.94 41.50
N GLU H 219 -34.91 10.67 42.64
CA GLU H 219 -35.74 11.72 43.22
C GLU H 219 -34.91 12.82 43.85
N SER H 220 -33.63 12.57 44.14
CA SER H 220 -32.77 13.65 44.59
C SER H 220 -32.46 14.61 43.44
N ARG H 221 -32.44 14.11 42.21
CA ARG H 221 -32.09 14.92 41.05
C ARG H 221 -33.27 15.63 40.42
N SER H 222 -34.50 15.32 40.80
CA SER H 222 -35.64 15.95 40.17
C SER H 222 -36.05 17.25 40.88
N THR I 1 -32.06 -14.70 6.03
CA THR I 1 -32.33 -15.73 7.03
C THR I 1 -32.96 -15.10 8.24
N THR I 2 -33.93 -15.77 8.84
CA THR I 2 -34.49 -15.33 10.12
C THR I 2 -34.84 -16.56 10.94
N ILE I 3 -34.34 -16.59 12.17
CA ILE I 3 -34.68 -17.61 13.15
C ILE I 3 -35.23 -16.90 14.36
N VAL I 4 -36.40 -17.33 14.84
CA VAL I 4 -37.00 -16.74 16.02
C VAL I 4 -37.13 -17.83 17.07
N ALA I 5 -37.11 -17.41 18.33
CA ALA I 5 -37.39 -18.31 19.43
C ALA I 5 -38.06 -17.51 20.52
N LEU I 6 -39.08 -18.10 21.14
CA LEU I 6 -39.73 -17.40 22.25
C LEU I 6 -40.23 -18.43 23.27
N LYS I 7 -40.27 -17.98 24.51
CA LYS I 7 -40.73 -18.79 25.63
C LYS I 7 -42.22 -18.65 25.80
N TYR I 8 -42.89 -19.77 26.04
CA TYR I 8 -44.27 -19.76 26.46
C TYR I 8 -44.39 -20.56 27.75
N PRO I 9 -45.49 -20.40 28.49
CA PRO I 9 -45.61 -21.13 29.77
C PRO I 9 -45.40 -22.63 29.64
N GLY I 10 -44.31 -23.12 30.19
CA GLY I 10 -44.05 -24.54 30.17
C GLY I 10 -43.33 -25.05 28.96
N GLY I 11 -42.86 -24.17 28.08
CA GLY I 11 -42.16 -24.64 26.91
C GLY I 11 -41.50 -23.49 26.16
N VAL I 12 -40.93 -23.84 25.01
CA VAL I 12 -40.24 -22.89 24.16
C VAL I 12 -40.50 -23.27 22.72
N VAL I 13 -40.47 -22.29 21.83
CA VAL I 13 -40.71 -22.52 20.41
C VAL I 13 -39.62 -21.84 19.59
N MET I 14 -39.21 -22.50 18.50
CA MET I 14 -38.22 -21.95 17.58
C MET I 14 -38.67 -22.18 16.15
N ALA I 15 -38.54 -21.18 15.30
CA ALA I 15 -38.99 -21.30 13.93
C ALA I 15 -38.03 -20.59 12.99
N GLY I 16 -37.94 -21.08 11.78
CA GLY I 16 -37.02 -20.53 10.81
C GLY I 16 -37.58 -20.59 9.40
N ASP I 17 -37.12 -19.64 8.59
CA ASP I 17 -37.55 -19.52 7.21
C ASP I 17 -36.83 -20.55 6.35
N ARG I 18 -37.15 -20.55 5.05
CA ARG I 18 -36.73 -21.63 4.17
C ARG I 18 -35.89 -21.18 2.98
N ARG I 19 -35.45 -19.93 2.95
CA ARG I 19 -34.81 -19.37 1.77
C ARG I 19 -33.30 -19.47 1.89
N SER I 20 -32.64 -19.79 0.78
CA SER I 20 -31.19 -19.79 0.69
C SER I 20 -30.80 -18.91 -0.49
N THR I 21 -29.84 -18.01 -0.27
CA THR I 21 -29.48 -17.02 -1.27
C THR I 21 -27.98 -17.02 -1.54
N GLN I 22 -27.63 -16.68 -2.77
CA GLN I 22 -26.27 -16.33 -3.16
C GLN I 22 -26.32 -14.90 -3.67
N GLY I 23 -26.04 -13.94 -2.81
CA GLY I 23 -26.22 -12.57 -3.19
C GLY I 23 -27.69 -12.28 -3.38
N ASN I 24 -28.07 -11.84 -4.58
CA ASN I 24 -29.48 -11.57 -4.87
C ASN I 24 -30.22 -12.80 -5.37
N MET I 25 -29.51 -13.84 -5.80
CA MET I 25 -30.16 -14.99 -6.39
C MET I 25 -30.68 -15.93 -5.32
N ILE I 26 -31.89 -16.46 -5.55
CA ILE I 26 -32.49 -17.42 -4.64
C ILE I 26 -31.99 -18.79 -5.03
N SER I 27 -31.13 -19.38 -4.19
CA SER I 27 -30.54 -20.68 -4.47
C SER I 27 -31.24 -21.80 -3.74
N GLY I 28 -32.22 -21.50 -2.91
CA GLY I 28 -32.96 -22.53 -2.23
C GLY I 28 -34.29 -22.05 -1.71
N ARG I 29 -35.31 -22.90 -1.77
CA ARG I 29 -36.62 -22.57 -1.26
C ARG I 29 -37.10 -23.47 -0.13
N ASP I 30 -36.49 -24.62 0.08
CA ASP I 30 -36.98 -25.61 1.03
C ASP I 30 -36.00 -25.93 2.15
N VAL I 31 -34.91 -25.17 2.28
CA VAL I 31 -33.86 -25.54 3.23
C VAL I 31 -34.39 -25.60 4.65
N ARG I 32 -33.64 -26.27 5.51
CA ARG I 32 -33.98 -26.44 6.92
C ARG I 32 -32.89 -25.78 7.75
N LYS I 33 -33.27 -24.79 8.54
CA LYS I 33 -32.31 -24.03 9.35
C LYS I 33 -32.48 -24.25 10.84
N VAL I 34 -33.51 -24.94 11.27
CA VAL I 34 -33.73 -25.25 12.68
C VAL I 34 -33.62 -26.76 12.82
N TYR I 35 -32.71 -27.20 13.68
CA TYR I 35 -32.46 -28.61 13.89
C TYR I 35 -32.61 -28.95 15.37
N ILE I 36 -33.17 -30.12 15.63
CA ILE I 36 -33.26 -30.67 16.97
C ILE I 36 -31.90 -31.29 17.30
N THR I 37 -31.20 -30.72 18.28
CA THR I 37 -29.88 -31.20 18.63
C THR I 37 -29.88 -32.25 19.74
N ASP I 38 -30.90 -32.29 20.60
CA ASP I 38 -31.04 -33.40 21.54
C ASP I 38 -32.46 -33.39 22.07
N ASP I 39 -32.77 -34.40 22.88
CA ASP I 39 -34.14 -34.62 23.34
C ASP I 39 -34.78 -33.37 23.92
N TYR I 40 -33.99 -32.43 24.42
CA TYR I 40 -34.52 -31.22 25.03
C TYR I 40 -33.88 -29.96 24.49
N THR I 41 -33.26 -30.01 23.31
CA THR I 41 -32.60 -28.83 22.78
C THR I 41 -32.73 -28.78 21.27
N ALA I 42 -33.00 -27.57 20.76
CA ALA I 42 -33.03 -27.27 19.34
C ALA I 42 -32.15 -26.06 19.05
N THR I 43 -31.53 -26.06 17.87
CA THR I 43 -30.65 -24.99 17.44
C THR I 43 -31.06 -24.49 16.05
N GLY I 44 -31.15 -23.18 15.89
CA GLY I 44 -31.33 -22.58 14.58
C GLY I 44 -30.16 -21.67 14.28
N ILE I 45 -29.63 -21.75 13.07
CA ILE I 45 -28.40 -21.03 12.74
C ILE I 45 -28.59 -20.19 11.49
N ALA I 46 -27.95 -19.02 11.49
CA ALA I 46 -28.01 -18.09 10.36
C ALA I 46 -26.61 -17.79 9.86
N GLY I 47 -26.46 -17.63 8.55
CA GLY I 47 -25.16 -17.34 8.00
C GLY I 47 -24.80 -18.29 6.87
N THR I 48 -23.51 -18.54 6.70
CA THR I 48 -23.05 -19.44 5.66
C THR I 48 -23.62 -20.84 5.89
N ALA I 49 -24.25 -21.38 4.85
CA ALA I 49 -24.97 -22.64 5.00
C ALA I 49 -24.04 -23.76 5.46
N ALA I 50 -22.91 -23.92 4.77
CA ALA I 50 -21.99 -24.99 5.10
C ALA I 50 -21.63 -24.96 6.58
N VAL I 51 -21.26 -23.79 7.08
CA VAL I 51 -20.89 -23.66 8.48
C VAL I 51 -22.08 -23.93 9.40
N ALA I 52 -23.27 -23.49 9.00
CA ALA I 52 -24.43 -23.67 9.87
C ALA I 52 -24.75 -25.14 10.04
N VAL I 53 -24.80 -25.87 8.93
CA VAL I 53 -25.10 -27.30 8.99
C VAL I 53 -24.02 -28.04 9.77
N GLU I 54 -22.74 -27.72 9.50
CA GLU I 54 -21.69 -28.38 10.25
C GLU I 54 -21.83 -28.11 11.75
N PHE I 55 -22.15 -26.88 12.13
CA PHE I 55 -22.42 -26.56 13.53
C PHE I 55 -23.50 -27.45 14.11
N ALA I 56 -24.67 -27.48 13.48
CA ALA I 56 -25.78 -28.24 14.05
C ALA I 56 -25.42 -29.71 14.23
N ARG I 57 -24.88 -30.32 13.17
CA ARG I 57 -24.53 -31.74 13.20
C ARG I 57 -23.49 -32.03 14.27
N LEU I 58 -22.37 -31.31 14.21
CA LEU I 58 -21.28 -31.53 15.15
C LEU I 58 -21.71 -31.32 16.59
N TYR I 59 -22.57 -30.32 16.83
CA TYR I 59 -23.03 -30.05 18.19
C TYR I 59 -23.90 -31.19 18.72
N ALA I 60 -24.88 -31.64 17.92
CA ALA I 60 -25.67 -32.80 18.32
C ALA I 60 -24.78 -33.99 18.64
N VAL I 61 -23.79 -34.25 17.77
CA VAL I 61 -22.87 -35.35 18.02
C VAL I 61 -22.13 -35.16 19.35
N GLU I 62 -21.72 -33.93 19.65
CA GLU I 62 -20.97 -33.72 20.88
C GLU I 62 -21.83 -33.99 22.10
N LEU I 63 -23.08 -33.50 22.08
CA LEU I 63 -23.96 -33.73 23.22
C LEU I 63 -24.20 -35.22 23.44
N GLU I 64 -24.63 -35.93 22.40
CA GLU I 64 -24.87 -37.35 22.59
C GLU I 64 -23.61 -38.08 23.00
N HIS I 65 -22.45 -37.64 22.50
CA HIS I 65 -21.18 -38.25 22.89
C HIS I 65 -20.98 -38.18 24.39
N TYR I 66 -21.08 -36.98 24.98
CA TYR I 66 -20.94 -36.90 26.43
C TYR I 66 -21.96 -37.78 27.12
N GLU I 67 -23.19 -37.81 26.61
CA GLU I 67 -24.23 -38.57 27.29
C GLU I 67 -23.92 -40.07 27.31
N LYS I 68 -23.44 -40.62 26.21
CA LYS I 68 -23.12 -42.05 26.19
C LYS I 68 -21.86 -42.35 26.99
N LEU I 69 -20.88 -41.45 26.97
CA LEU I 69 -19.66 -41.72 27.71
C LEU I 69 -19.91 -41.71 29.20
N GLU I 70 -20.62 -40.71 29.69
CA GLU I 70 -20.77 -40.51 31.13
C GLU I 70 -22.13 -40.93 31.67
N GLY I 71 -23.02 -41.43 30.82
CA GLY I 71 -24.28 -41.98 31.26
C GLY I 71 -25.36 -40.97 31.62
N VAL I 72 -25.08 -39.68 31.54
CA VAL I 72 -26.05 -38.65 31.89
C VAL I 72 -25.84 -37.46 30.99
N PRO I 73 -26.92 -36.78 30.60
CA PRO I 73 -26.76 -35.61 29.74
C PRO I 73 -26.10 -34.45 30.44
N LEU I 74 -25.59 -33.53 29.63
CA LEU I 74 -24.95 -32.34 30.15
C LEU I 74 -25.95 -31.46 30.86
N THR I 75 -25.50 -30.75 31.88
CA THR I 75 -26.31 -29.68 32.42
C THR I 75 -26.53 -28.65 31.33
N PHE I 76 -27.61 -27.88 31.45
CA PHE I 76 -27.86 -26.89 30.42
C PHE I 76 -26.70 -25.91 30.30
N ALA I 77 -26.14 -25.49 31.44
CA ALA I 77 -24.96 -24.64 31.42
C ALA I 77 -23.84 -25.25 30.59
N GLY I 78 -23.63 -26.56 30.73
CA GLY I 78 -22.60 -27.21 29.94
C GLY I 78 -22.86 -27.13 28.45
N LYS I 79 -24.11 -27.39 28.04
CA LYS I 79 -24.47 -27.28 26.63
C LYS I 79 -24.18 -25.87 26.11
N ILE I 80 -24.55 -24.86 26.90
CA ILE I 80 -24.24 -23.48 26.52
C ILE I 80 -22.74 -23.31 26.30
N ASN I 81 -21.93 -23.75 27.28
CA ASN I 81 -20.50 -23.51 27.20
C ASN I 81 -19.90 -24.21 25.99
N ARG I 82 -20.39 -25.41 25.67
CA ARG I 82 -19.87 -26.14 24.52
C ARG I 82 -20.21 -25.45 23.21
N LEU I 83 -21.46 -25.01 23.03
CA LEU I 83 -21.78 -24.29 21.80
C LEU I 83 -20.93 -23.03 21.69
N ALA I 84 -20.79 -22.30 22.79
CA ALA I 84 -19.97 -21.09 22.78
C ALA I 84 -18.56 -21.38 22.35
N ILE I 85 -17.96 -22.43 22.91
CA ILE I 85 -16.60 -22.78 22.56
C ILE I 85 -16.49 -23.12 21.08
N MET I 86 -17.51 -23.77 20.54
CA MET I 86 -17.49 -24.10 19.12
C MET I 86 -17.47 -22.85 18.26
N VAL I 87 -18.38 -21.91 18.55
CA VAL I 87 -18.43 -20.64 17.81
C VAL I 87 -17.09 -19.91 17.90
N ARG I 88 -16.62 -19.69 19.13
CA ARG I 88 -15.33 -19.06 19.35
C ARG I 88 -14.25 -19.74 18.52
N GLY I 89 -14.37 -21.06 18.36
CA GLY I 89 -13.44 -21.77 17.50
C GLY I 89 -13.57 -21.34 16.06
N ASN I 90 -14.78 -21.05 15.61
CA ASN I 90 -14.92 -20.66 14.21
C ASN I 90 -14.63 -19.19 13.96
N LEU I 91 -14.22 -18.43 14.98
CA LEU I 91 -14.07 -16.97 14.79
C LEU I 91 -13.12 -16.61 13.65
N ALA I 92 -11.96 -17.28 13.58
CA ALA I 92 -10.97 -16.90 12.58
C ALA I 92 -11.52 -17.04 11.17
N ALA I 93 -12.09 -18.19 10.84
CA ALA I 93 -12.75 -18.35 9.55
C ALA I 93 -13.89 -17.36 9.38
N ALA I 94 -14.60 -17.05 10.47
CA ALA I 94 -15.72 -16.12 10.38
C ALA I 94 -15.28 -14.75 9.89
N MET I 95 -14.07 -14.33 10.27
CA MET I 95 -13.60 -13.04 9.77
C MET I 95 -13.10 -13.09 8.34
N GLN I 96 -12.97 -14.28 7.76
CA GLN I 96 -12.66 -14.43 6.34
C GLN I 96 -13.90 -14.73 5.51
N GLY I 97 -15.08 -14.55 6.06
CA GLY I 97 -16.33 -14.65 5.31
C GLY I 97 -17.21 -15.82 5.66
N LEU I 98 -16.72 -16.81 6.40
CA LEU I 98 -17.53 -17.99 6.75
C LEU I 98 -18.19 -17.83 8.11
N LEU I 99 -19.05 -16.82 8.22
CA LEU I 99 -19.70 -16.49 9.49
C LEU I 99 -20.99 -17.27 9.65
N ALA I 100 -21.22 -17.76 10.88
CA ALA I 100 -22.48 -18.43 11.20
C ALA I 100 -22.76 -18.25 12.69
N LEU I 101 -23.95 -17.76 13.01
CA LEU I 101 -24.34 -17.55 14.38
C LEU I 101 -25.49 -18.47 14.75
N PRO I 102 -25.40 -19.14 15.89
CA PRO I 102 -26.51 -19.99 16.32
C PRO I 102 -27.41 -19.29 17.32
N LEU I 103 -28.59 -19.87 17.50
CA LEU I 103 -29.56 -19.49 18.51
C LEU I 103 -30.07 -20.78 19.12
N LEU I 104 -30.01 -20.85 20.43
CA LEU I 104 -30.26 -22.08 21.16
C LEU I 104 -31.56 -21.96 21.93
N ALA I 105 -32.42 -22.96 21.80
CA ALA I 105 -33.67 -23.03 22.55
C ALA I 105 -33.72 -24.38 23.24
N GLY I 106 -34.08 -24.38 24.53
CA GLY I 106 -34.09 -25.63 25.26
C GLY I 106 -35.10 -25.63 26.39
N TYR I 107 -35.28 -26.81 26.98
CA TYR I 107 -36.10 -27.03 28.16
C TYR I 107 -35.22 -27.68 29.23
N ASP I 108 -35.00 -26.97 30.34
CA ASP I 108 -34.10 -27.42 31.40
C ASP I 108 -34.84 -28.34 32.36
N ILE I 109 -34.62 -29.65 32.24
CA ILE I 109 -35.31 -30.58 33.11
C ILE I 109 -34.90 -30.45 34.57
N HIS I 110 -33.78 -29.76 34.85
CA HIS I 110 -33.35 -29.54 36.22
C HIS I 110 -33.78 -28.18 36.76
N ALA I 111 -34.66 -27.47 36.06
CA ALA I 111 -35.17 -26.21 36.53
C ALA I 111 -36.19 -26.46 37.65
N SER I 112 -36.38 -25.44 38.49
CA SER I 112 -37.31 -25.60 39.62
C SER I 112 -38.74 -25.76 39.14
N ASP I 113 -39.33 -24.72 38.49
CA ASP I 113 -40.72 -24.95 38.14
C ASP I 113 -40.86 -25.29 36.66
N PRO I 114 -41.83 -26.13 36.28
CA PRO I 114 -42.02 -26.45 34.86
C PRO I 114 -42.50 -25.26 34.05
N GLN I 115 -42.74 -24.11 34.67
CA GLN I 115 -43.34 -22.97 34.01
C GLN I 115 -42.30 -22.13 33.30
N SER I 116 -41.20 -21.85 33.97
CA SER I 116 -40.10 -21.06 33.44
C SER I 116 -38.87 -21.91 33.14
N ALA I 117 -39.09 -23.18 32.85
CA ALA I 117 -37.96 -24.06 32.52
C ALA I 117 -37.47 -23.87 31.10
N GLY I 118 -38.16 -23.06 30.30
CA GLY I 118 -37.67 -22.75 28.97
C GLY I 118 -36.45 -21.87 29.01
N ARG I 119 -35.57 -22.05 28.04
CA ARG I 119 -34.31 -21.31 27.98
C ARG I 119 -34.05 -20.88 26.54
N ILE I 120 -33.63 -19.64 26.38
CA ILE I 120 -33.27 -19.08 25.08
C ILE I 120 -31.90 -18.42 25.22
N VAL I 121 -30.95 -18.87 24.43
CA VAL I 121 -29.57 -18.41 24.52
C VAL I 121 -29.14 -17.91 23.15
N SER I 122 -28.58 -16.71 23.12
CA SER I 122 -28.04 -16.16 21.88
C SER I 122 -26.52 -16.04 21.97
N PHE I 123 -25.86 -16.03 20.82
CA PHE I 123 -24.41 -16.07 20.75
C PHE I 123 -23.91 -15.01 19.78
N ASP I 124 -22.66 -14.57 19.99
CA ASP I 124 -21.99 -13.68 19.06
C ASP I 124 -20.79 -14.37 18.46
N ALA I 125 -20.19 -13.71 17.46
CA ALA I 125 -19.14 -14.36 16.68
C ALA I 125 -17.92 -14.71 17.51
N ALA I 126 -17.74 -14.08 18.67
CA ALA I 126 -16.58 -14.32 19.50
C ALA I 126 -16.85 -15.34 20.59
N GLY I 127 -18.02 -15.97 20.57
CA GLY I 127 -18.36 -16.98 21.55
C GLY I 127 -19.13 -16.46 22.75
N GLY I 128 -19.32 -15.15 22.88
CA GLY I 128 -20.15 -14.66 23.96
C GLY I 128 -21.57 -15.16 23.85
N TRP I 129 -22.24 -15.25 24.99
CA TRP I 129 -23.61 -15.74 25.00
C TRP I 129 -24.40 -14.97 26.03
N ASN I 130 -25.72 -14.92 25.83
CA ASN I 130 -26.61 -14.32 26.81
C ASN I 130 -27.88 -15.16 26.86
N ILE I 131 -28.28 -15.54 28.07
CA ILE I 131 -29.54 -16.22 28.31
C ILE I 131 -30.62 -15.15 28.37
N GLU I 132 -31.63 -15.29 27.52
CA GLU I 132 -32.57 -14.21 27.25
C GLU I 132 -33.70 -14.24 28.27
N GLU I 133 -33.81 -13.19 29.08
CA GLU I 133 -34.81 -13.12 30.13
C GLU I 133 -36.11 -12.46 29.69
N GLU I 134 -36.12 -11.73 28.58
CA GLU I 134 -37.30 -11.02 28.15
C GLU I 134 -38.23 -11.85 27.27
N GLY I 135 -37.93 -13.13 27.06
CA GLY I 135 -38.89 -14.06 26.52
C GLY I 135 -38.70 -14.42 25.07
N TYR I 136 -38.05 -13.59 24.27
CA TYR I 136 -37.88 -13.91 22.86
C TYR I 136 -36.54 -13.40 22.36
N GLN I 137 -36.14 -13.94 21.21
CA GLN I 137 -34.89 -13.54 20.58
C GLN I 137 -34.93 -14.02 19.14
N ALA I 138 -34.12 -13.39 18.30
CA ALA I 138 -34.04 -13.77 16.90
C ALA I 138 -32.62 -13.56 16.39
N VAL I 139 -32.31 -14.19 15.27
CA VAL I 139 -31.00 -14.08 14.66
C VAL I 139 -31.18 -14.18 13.15
N GLY I 140 -30.28 -13.52 12.43
CA GLY I 140 -30.32 -13.54 10.98
C GLY I 140 -30.49 -12.14 10.41
N SER I 141 -30.47 -12.08 9.08
CA SER I 141 -30.53 -10.79 8.39
C SER I 141 -31.84 -10.07 8.62
N GLY I 142 -32.90 -10.80 8.96
CA GLY I 142 -34.18 -10.21 9.29
C GLY I 142 -34.49 -10.16 10.76
N SER I 143 -33.50 -10.40 11.63
CA SER I 143 -33.77 -10.56 13.05
C SER I 143 -34.35 -9.30 13.69
N LEU I 144 -33.99 -8.12 13.21
CA LEU I 144 -34.49 -6.91 13.86
C LEU I 144 -35.98 -6.71 13.58
N PHE I 145 -36.41 -6.98 12.36
CA PHE I 145 -37.84 -6.85 12.06
C PHE I 145 -38.66 -7.84 12.89
N ALA I 146 -38.18 -9.08 13.01
CA ALA I 146 -38.90 -10.09 13.76
C ALA I 146 -38.90 -9.78 15.25
N LYS I 147 -37.76 -9.36 15.79
CA LYS I 147 -37.72 -9.00 17.21
C LYS I 147 -38.67 -7.85 17.50
N SER I 148 -38.67 -6.84 16.64
CA SER I 148 -39.53 -5.69 16.88
C SER I 148 -41.00 -6.03 16.71
N SER I 149 -41.32 -7.01 15.86
CA SER I 149 -42.69 -7.49 15.76
C SER I 149 -43.09 -8.24 17.02
N MET I 150 -42.23 -9.15 17.49
CA MET I 150 -42.54 -9.87 18.72
C MET I 150 -42.68 -8.92 19.89
N LYS I 151 -41.97 -7.80 19.89
CA LYS I 151 -42.10 -6.84 20.98
C LYS I 151 -43.54 -6.39 21.13
N LYS I 152 -44.29 -6.33 20.04
CA LYS I 152 -45.68 -5.93 20.11
C LYS I 152 -46.61 -7.12 20.29
N LEU I 153 -46.23 -8.30 19.78
CA LEU I 153 -47.12 -9.44 19.80
C LEU I 153 -46.93 -10.38 21.00
N TYR I 154 -45.94 -10.15 21.85
CA TYR I 154 -45.59 -11.18 22.83
C TYR I 154 -46.62 -11.27 23.96
N SER I 155 -47.25 -10.15 24.30
CA SER I 155 -48.27 -10.15 25.34
C SER I 155 -49.40 -11.14 25.05
N GLN I 156 -49.61 -11.48 23.79
CA GLN I 156 -50.69 -12.40 23.44
C GLN I 156 -50.32 -13.86 23.60
N VAL I 157 -49.10 -14.16 24.03
CA VAL I 157 -48.63 -15.53 24.14
C VAL I 157 -49.02 -16.06 25.51
N THR I 158 -49.90 -17.06 25.53
CA THR I 158 -50.30 -17.73 26.77
C THR I 158 -50.17 -19.24 26.72
N ASP I 159 -50.05 -19.85 25.54
CA ASP I 159 -49.92 -21.29 25.41
C ASP I 159 -49.03 -21.60 24.21
N GLY I 160 -48.94 -22.88 23.86
CA GLY I 160 -48.13 -23.28 22.73
C GLY I 160 -48.65 -22.77 21.39
N ASP I 161 -49.97 -22.75 21.21
CA ASP I 161 -50.51 -22.34 19.92
C ASP I 161 -50.35 -20.85 19.71
N SER I 162 -50.63 -20.05 20.73
CA SER I 162 -50.42 -18.61 20.62
C SER I 162 -48.94 -18.30 20.40
N GLY I 163 -48.05 -19.04 21.07
CA GLY I 163 -46.63 -18.85 20.84
C GLY I 163 -46.21 -19.19 19.43
N LEU I 164 -46.74 -20.30 18.90
CA LEU I 164 -46.43 -20.66 17.52
C LEU I 164 -46.96 -19.60 16.55
N ARG I 165 -48.15 -19.05 16.83
CA ARG I 165 -48.67 -17.99 15.96
C ARG I 165 -47.79 -16.75 16.01
N VAL I 166 -47.42 -16.31 17.20
CA VAL I 166 -46.58 -15.12 17.29
C VAL I 166 -45.25 -15.36 16.58
N ALA I 167 -44.69 -16.56 16.71
CA ALA I 167 -43.44 -16.86 16.01
C ALA I 167 -43.62 -16.77 14.51
N VAL I 168 -44.62 -17.45 13.96
CA VAL I 168 -44.82 -17.44 12.51
C VAL I 168 -45.09 -16.02 12.03
N GLU I 169 -45.82 -15.22 12.80
CA GLU I 169 -46.09 -13.86 12.35
C GLU I 169 -44.81 -13.03 12.34
N ALA I 170 -43.96 -13.21 13.35
CA ALA I 170 -42.68 -12.53 13.35
C ALA I 170 -41.87 -12.88 12.12
N LEU I 171 -41.83 -14.17 11.77
CA LEU I 171 -41.16 -14.57 10.54
C LEU I 171 -41.80 -13.93 9.32
N TYR I 172 -43.12 -13.71 9.36
CA TYR I 172 -43.81 -13.07 8.25
C TYR I 172 -43.39 -11.63 8.08
N ASP I 173 -43.34 -10.86 9.18
CA ASP I 173 -42.89 -9.48 9.09
C ASP I 173 -41.43 -9.40 8.66
N ALA I 174 -40.60 -10.30 9.17
CA ALA I 174 -39.21 -10.37 8.73
C ALA I 174 -39.12 -10.57 7.23
N ALA I 175 -39.82 -11.58 6.71
CA ALA I 175 -39.82 -11.81 5.27
C ALA I 175 -40.43 -10.63 4.52
N ASP I 176 -41.30 -9.88 5.17
CA ASP I 176 -41.94 -8.74 4.55
C ASP I 176 -40.94 -7.62 4.31
N ASP I 177 -39.98 -7.45 5.21
CA ASP I 177 -39.02 -6.36 5.08
C ASP I 177 -37.62 -6.80 4.66
N ASP I 178 -37.34 -8.10 4.56
CA ASP I 178 -35.99 -8.58 4.27
C ASP I 178 -36.05 -9.55 3.10
N SER I 179 -35.33 -9.22 2.02
CA SER I 179 -35.39 -10.04 0.82
C SER I 179 -34.63 -11.34 0.96
N ALA I 180 -33.72 -11.43 1.91
CA ALA I 180 -32.99 -12.66 2.15
C ALA I 180 -33.76 -13.65 3.02
N THR I 181 -34.90 -13.23 3.56
CA THR I 181 -35.78 -14.07 4.35
C THR I 181 -37.00 -14.42 3.52
N GLY I 182 -37.34 -15.71 3.49
CA GLY I 182 -38.43 -16.18 2.65
C GLY I 182 -39.75 -16.26 3.40
N GLY I 183 -40.80 -15.75 2.77
CA GLY I 183 -42.12 -15.86 3.33
C GLY I 183 -42.82 -17.13 2.91
N PRO I 184 -44.07 -17.28 3.34
CA PRO I 184 -44.82 -18.49 2.97
C PRO I 184 -45.13 -18.52 1.49
N ASP I 185 -44.85 -19.65 0.86
CA ASP I 185 -45.11 -19.83 -0.57
C ASP I 185 -46.42 -20.60 -0.67
N LEU I 186 -47.51 -19.88 -0.92
CA LEU I 186 -48.80 -20.54 -1.05
C LEU I 186 -48.92 -21.31 -2.35
N VAL I 187 -48.12 -20.96 -3.37
CA VAL I 187 -48.17 -21.70 -4.62
C VAL I 187 -47.52 -23.07 -4.47
N ARG I 188 -46.31 -23.11 -3.92
CA ARG I 188 -45.60 -24.37 -3.76
C ARG I 188 -45.92 -25.09 -2.47
N GLY I 189 -46.59 -24.44 -1.52
CA GLY I 189 -46.88 -25.06 -0.25
C GLY I 189 -45.64 -25.28 0.59
N ILE I 190 -44.79 -24.25 0.68
CA ILE I 190 -43.59 -24.28 1.49
C ILE I 190 -43.73 -23.23 2.57
N PHE I 191 -43.59 -23.64 3.82
CA PHE I 191 -43.80 -22.80 4.97
C PHE I 191 -42.62 -22.91 5.92
N PRO I 192 -42.46 -21.98 6.86
CA PRO I 192 -41.37 -22.08 7.83
C PRO I 192 -41.40 -23.41 8.57
N THR I 193 -40.25 -23.83 9.06
CA THR I 193 -40.19 -25.00 9.93
C THR I 193 -40.12 -24.55 11.36
N ALA I 194 -40.71 -25.35 12.24
CA ALA I 194 -40.74 -25.00 13.66
C ALA I 194 -40.45 -26.23 14.49
N VAL I 195 -39.91 -26.00 15.67
CA VAL I 195 -39.67 -27.01 16.69
C VAL I 195 -40.27 -26.48 17.97
N ILE I 196 -41.00 -27.34 18.68
CA ILE I 196 -41.61 -26.98 19.95
C ILE I 196 -41.06 -27.91 21.01
N ILE I 197 -40.78 -27.37 22.19
CA ILE I 197 -40.11 -28.12 23.25
C ILE I 197 -40.84 -27.88 24.56
N ASP I 198 -41.27 -28.96 25.21
CA ASP I 198 -41.87 -28.86 26.54
C ASP I 198 -41.33 -30.02 27.38
N ALA I 199 -42.03 -30.33 28.47
CA ALA I 199 -41.58 -31.37 29.37
C ALA I 199 -41.51 -32.73 28.69
N ASP I 200 -42.29 -32.93 27.63
CA ASP I 200 -42.25 -34.20 26.91
C ASP I 200 -41.14 -34.26 25.89
N GLY I 201 -40.37 -33.20 25.72
CA GLY I 201 -39.27 -33.19 24.79
C GLY I 201 -39.43 -32.20 23.67
N ALA I 202 -38.63 -32.37 22.62
CA ALA I 202 -38.63 -31.50 21.46
C ALA I 202 -39.21 -32.26 20.29
N VAL I 203 -40.21 -31.68 19.63
CA VAL I 203 -40.87 -32.31 18.49
C VAL I 203 -41.00 -31.29 17.38
N ASP I 204 -40.94 -31.78 16.15
CA ASP I 204 -41.21 -30.96 14.97
C ASP I 204 -42.68 -30.59 14.94
N VAL I 205 -42.97 -29.31 14.73
CA VAL I 205 -44.37 -28.91 14.52
C VAL I 205 -44.79 -29.36 13.12
N PRO I 206 -45.93 -30.02 12.97
CA PRO I 206 -46.33 -30.50 11.64
C PRO I 206 -46.60 -29.35 10.68
N GLU I 207 -46.29 -29.59 9.41
CA GLU I 207 -46.41 -28.54 8.40
C GLU I 207 -47.83 -27.99 8.34
N SER I 208 -48.83 -28.84 8.57
CA SER I 208 -50.22 -28.42 8.47
C SER I 208 -50.53 -27.27 9.43
N ARG I 209 -50.08 -27.37 10.68
CA ARG I 209 -50.36 -26.30 11.65
C ARG I 209 -49.76 -24.98 11.19
N ILE I 210 -48.51 -25.01 10.74
CA ILE I 210 -47.85 -23.78 10.34
C ILE I 210 -48.50 -23.19 9.11
N ALA I 211 -48.89 -24.05 8.16
CA ALA I 211 -49.60 -23.57 6.98
C ALA I 211 -50.90 -22.89 7.37
N GLU I 212 -51.68 -23.52 8.26
CA GLU I 212 -52.93 -22.92 8.72
C GLU I 212 -52.68 -21.56 9.35
N LEU I 213 -51.63 -21.44 10.16
CA LEU I 213 -51.34 -20.15 10.77
C LEU I 213 -50.95 -19.13 9.71
N ALA I 214 -50.17 -19.53 8.72
CA ALA I 214 -49.81 -18.61 7.65
C ALA I 214 -51.05 -18.08 6.95
N ARG I 215 -51.91 -18.98 6.48
CA ARG I 215 -53.13 -18.55 5.80
C ARG I 215 -53.96 -17.63 6.68
N ALA I 216 -54.00 -17.91 7.99
CA ALA I 216 -54.76 -17.03 8.88
C ALA I 216 -54.17 -15.64 8.90
N ILE I 217 -52.85 -15.53 8.96
CA ILE I 217 -52.20 -14.23 9.01
C ILE I 217 -52.40 -13.48 7.70
N ILE I 218 -52.18 -14.16 6.58
CA ILE I 218 -52.37 -13.55 5.27
C ILE I 218 -53.80 -13.03 5.13
N GLU I 219 -54.79 -13.83 5.52
CA GLU I 219 -56.17 -13.38 5.43
C GLU I 219 -56.40 -12.15 6.30
N SER I 220 -55.84 -12.15 7.51
CA SER I 220 -56.02 -10.99 8.37
C SER I 220 -55.37 -9.73 7.80
N ARG I 221 -54.33 -9.90 6.99
CA ARG I 221 -53.64 -8.72 6.46
C ARG I 221 -54.29 -8.12 5.22
N SER I 222 -55.28 -8.78 4.64
CA SER I 222 -55.97 -8.22 3.49
C SER I 222 -57.17 -7.39 3.95
N THR J 1 -18.38 -23.86 -19.08
CA THR J 1 -18.79 -25.19 -18.65
C THR J 1 -20.26 -25.17 -18.26
N THR J 2 -20.97 -26.24 -18.60
CA THR J 2 -22.32 -26.42 -18.07
C THR J 2 -22.56 -27.91 -17.86
N ILE J 3 -23.00 -28.26 -16.66
CA ILE J 3 -23.35 -29.62 -16.30
C ILE J 3 -24.80 -29.61 -15.86
N VAL J 4 -25.61 -30.50 -16.42
CA VAL J 4 -27.02 -30.58 -16.05
C VAL J 4 -27.33 -31.96 -15.50
N ALA J 5 -28.32 -32.01 -14.62
CA ALA J 5 -28.85 -33.28 -14.14
C ALA J 5 -30.33 -33.10 -13.86
N LEU J 6 -31.12 -34.12 -14.21
CA LEU J 6 -32.56 -34.07 -13.96
C LEU J 6 -33.08 -35.46 -13.66
N LYS J 7 -34.17 -35.50 -12.89
CA LYS J 7 -34.83 -36.74 -12.50
C LYS J 7 -35.89 -37.12 -13.52
N TYR J 8 -35.91 -38.41 -13.89
CA TYR J 8 -37.02 -38.90 -14.70
C TYR J 8 -37.68 -40.07 -13.99
N PRO J 9 -38.89 -40.48 -14.38
CA PRO J 9 -39.54 -41.61 -13.70
C PRO J 9 -38.67 -42.85 -13.64
N GLY J 10 -38.17 -43.17 -12.46
CA GLY J 10 -37.36 -44.34 -12.26
C GLY J 10 -35.88 -44.17 -12.46
N GLY J 11 -35.39 -42.95 -12.64
CA GLY J 11 -33.97 -42.76 -12.86
C GLY J 11 -33.56 -41.31 -12.82
N VAL J 12 -32.29 -41.08 -13.17
CA VAL J 12 -31.71 -39.75 -13.20
C VAL J 12 -30.77 -39.70 -14.39
N VAL J 13 -30.59 -38.49 -14.94
CA VAL J 13 -29.70 -38.28 -16.09
C VAL J 13 -28.80 -37.08 -15.82
N MET J 14 -27.56 -37.17 -16.26
CA MET J 14 -26.61 -36.07 -16.14
C MET J 14 -25.83 -35.96 -17.44
N ALA J 15 -25.63 -34.73 -17.92
CA ALA J 15 -24.92 -34.50 -19.15
C ALA J 15 -24.06 -33.25 -19.04
N GLY J 16 -22.96 -33.22 -19.79
CA GLY J 16 -22.05 -32.10 -19.74
C GLY J 16 -21.44 -31.83 -21.09
N ASP J 17 -21.06 -30.57 -21.30
CA ASP J 17 -20.46 -30.12 -22.54
C ASP J 17 -19.00 -30.54 -22.60
N ARG J 18 -18.33 -30.19 -23.70
CA ARG J 18 -17.01 -30.73 -24.00
C ARG J 18 -15.92 -29.67 -24.16
N ARG J 19 -16.18 -28.41 -23.81
CA ARG J 19 -15.26 -27.32 -24.12
C ARG J 19 -14.34 -27.02 -22.95
N SER J 20 -13.06 -26.74 -23.27
CA SER J 20 -12.06 -26.34 -22.30
C SER J 20 -11.42 -25.03 -22.76
N THR J 21 -11.33 -24.06 -21.86
CA THR J 21 -10.87 -22.72 -22.22
C THR J 21 -9.76 -22.23 -21.32
N GLN J 22 -8.91 -21.36 -21.88
CA GLN J 22 -7.94 -20.54 -21.15
C GLN J 22 -8.35 -19.10 -21.44
N GLY J 23 -9.18 -18.52 -20.58
CA GLY J 23 -9.69 -17.21 -20.87
C GLY J 23 -10.59 -17.24 -22.08
N ASN J 24 -10.20 -16.51 -23.13
CA ASN J 24 -10.94 -16.52 -24.38
C ASN J 24 -10.51 -17.62 -25.32
N MET J 25 -9.35 -18.22 -25.09
CA MET J 25 -8.82 -19.22 -26.01
C MET J 25 -9.46 -20.57 -25.76
N ILE J 26 -9.80 -21.27 -26.84
CA ILE J 26 -10.34 -22.62 -26.74
C ILE J 26 -9.16 -23.59 -26.73
N SER J 27 -8.92 -24.22 -25.59
CA SER J 27 -7.82 -25.15 -25.44
C SER J 27 -8.28 -26.60 -25.50
N GLY J 28 -9.58 -26.84 -25.61
CA GLY J 28 -10.06 -28.20 -25.72
C GLY J 28 -11.46 -28.32 -26.29
N ARG J 29 -11.68 -29.34 -27.09
CA ARG J 29 -12.99 -29.61 -27.69
C ARG J 29 -13.58 -30.94 -27.30
N ASP J 30 -12.78 -31.85 -26.73
CA ASP J 30 -13.19 -33.22 -26.51
C ASP J 30 -13.23 -33.60 -25.04
N VAL J 31 -13.04 -32.65 -24.12
CA VAL J 31 -12.91 -33.00 -22.72
C VAL J 31 -14.18 -33.65 -22.19
N ARG J 32 -14.02 -34.46 -21.14
CA ARG J 32 -15.14 -35.12 -20.47
C ARG J 32 -15.22 -34.58 -19.05
N LYS J 33 -16.39 -34.08 -18.69
CA LYS J 33 -16.61 -33.48 -17.39
C LYS J 33 -17.55 -34.28 -16.50
N VAL J 34 -18.16 -35.33 -17.04
CA VAL J 34 -19.08 -36.18 -16.30
C VAL J 34 -18.46 -37.56 -16.21
N TYR J 35 -18.28 -38.05 -14.99
CA TYR J 35 -17.62 -39.31 -14.72
C TYR J 35 -18.53 -40.22 -13.92
N ILE J 36 -18.49 -41.52 -14.22
CA ILE J 36 -19.16 -42.49 -13.37
C ILE J 36 -18.25 -42.74 -12.18
N THR J 37 -18.65 -42.29 -11.01
CA THR J 37 -17.82 -42.42 -9.83
C THR J 37 -18.12 -43.68 -9.03
N ASP J 38 -19.31 -44.27 -9.20
CA ASP J 38 -19.61 -45.52 -8.55
C ASP J 38 -20.81 -46.15 -9.24
N ASP J 39 -21.07 -47.42 -8.93
CA ASP J 39 -22.07 -48.19 -9.66
C ASP J 39 -23.41 -47.48 -9.76
N TYR J 40 -23.71 -46.58 -8.81
CA TYR J 40 -24.99 -45.89 -8.81
C TYR J 40 -24.83 -44.38 -8.65
N THR J 41 -23.65 -43.82 -8.92
CA THR J 41 -23.47 -42.39 -8.82
C THR J 41 -22.53 -41.90 -9.91
N ALA J 42 -22.87 -40.74 -10.48
CA ALA J 42 -22.02 -40.02 -11.40
C ALA J 42 -21.86 -38.60 -10.89
N THR J 43 -20.69 -38.02 -11.13
CA THR J 43 -20.34 -36.68 -10.70
C THR J 43 -19.86 -35.89 -11.90
N GLY J 44 -20.38 -34.68 -12.06
CA GLY J 44 -19.88 -33.75 -13.07
C GLY J 44 -19.37 -32.51 -12.38
N ILE J 45 -18.24 -31.99 -12.85
CA ILE J 45 -17.58 -30.88 -12.15
C ILE J 45 -17.28 -29.74 -13.10
N ALA J 46 -17.35 -28.53 -12.58
CA ALA J 46 -17.05 -27.31 -13.32
C ALA J 46 -15.98 -26.52 -12.60
N GLY J 47 -15.12 -25.85 -13.37
CA GLY J 47 -14.07 -25.03 -12.80
C GLY J 47 -12.70 -25.34 -13.35
N THR J 48 -11.64 -25.08 -12.58
CA THR J 48 -10.31 -25.37 -13.07
C THR J 48 -10.13 -26.87 -13.28
N ALA J 49 -9.61 -27.24 -14.46
CA ALA J 49 -9.58 -28.63 -14.88
C ALA J 49 -8.83 -29.51 -13.89
N ALA J 50 -7.62 -29.11 -13.49
CA ALA J 50 -6.82 -29.92 -12.59
C ALA J 50 -7.60 -30.32 -11.35
N VAL J 51 -8.23 -29.34 -10.70
CA VAL J 51 -8.98 -29.61 -9.49
C VAL J 51 -10.17 -30.51 -9.77
N ALA J 52 -10.84 -30.31 -10.90
CA ALA J 52 -12.03 -31.10 -11.21
C ALA J 52 -11.69 -32.57 -11.42
N VAL J 53 -10.68 -32.84 -12.23
CA VAL J 53 -10.29 -34.23 -12.46
C VAL J 53 -9.80 -34.85 -11.16
N GLU J 54 -9.01 -34.11 -10.37
CA GLU J 54 -8.57 -34.65 -9.09
C GLU J 54 -9.77 -35.00 -8.20
N PHE J 55 -10.78 -34.12 -8.17
CA PHE J 55 -12.00 -34.40 -7.42
C PHE J 55 -12.64 -35.71 -7.87
N ALA J 56 -12.95 -35.82 -9.16
CA ALA J 56 -13.66 -37.00 -9.65
C ALA J 56 -12.89 -38.27 -9.36
N ARG J 57 -11.59 -38.26 -9.68
CA ARG J 57 -10.75 -39.44 -9.50
C ARG J 57 -10.65 -39.83 -8.03
N LEU J 58 -10.25 -38.89 -7.17
CA LEU J 58 -10.09 -39.18 -5.76
C LEU J 58 -11.41 -39.61 -5.13
N TYR J 59 -12.52 -39.02 -5.56
CA TYR J 59 -13.83 -39.38 -5.01
C TYR J 59 -14.19 -40.82 -5.37
N ALA J 60 -14.05 -41.18 -6.65
CA ALA J 60 -14.30 -42.56 -7.02
C ALA J 60 -13.44 -43.52 -6.22
N VAL J 61 -12.15 -43.20 -6.08
CA VAL J 61 -11.26 -44.04 -5.31
C VAL J 61 -11.75 -44.16 -3.87
N GLU J 62 -12.21 -43.05 -3.29
CA GLU J 62 -12.62 -43.08 -1.89
C GLU J 62 -13.85 -43.95 -1.68
N LEU J 63 -14.84 -43.82 -2.55
CA LEU J 63 -16.04 -44.66 -2.42
C LEU J 63 -15.69 -46.13 -2.55
N GLU J 64 -14.98 -46.50 -3.61
CA GLU J 64 -14.64 -47.92 -3.76
C GLU J 64 -13.77 -48.39 -2.60
N HIS J 65 -12.92 -47.51 -2.07
CA HIS J 65 -12.09 -47.86 -0.92
C HIS J 65 -12.96 -48.27 0.26
N TYR J 66 -13.91 -47.42 0.65
CA TYR J 66 -14.80 -47.80 1.75
C TYR J 66 -15.52 -49.10 1.45
N GLU J 67 -15.97 -49.27 0.20
CA GLU J 67 -16.73 -50.47 -0.15
C GLU J 67 -15.90 -51.72 0.04
N LYS J 68 -14.63 -51.69 -0.35
CA LYS J 68 -13.78 -52.87 -0.19
C LYS J 68 -13.36 -53.08 1.26
N LEU J 69 -13.14 -52.01 2.02
CA LEU J 69 -12.72 -52.18 3.41
C LEU J 69 -13.84 -52.77 4.26
N GLU J 70 -15.04 -52.22 4.15
CA GLU J 70 -16.12 -52.60 5.06
C GLU J 70 -17.14 -53.53 4.43
N GLY J 71 -16.97 -53.91 3.19
CA GLY J 71 -17.83 -54.89 2.57
C GLY J 71 -19.18 -54.38 2.10
N VAL J 72 -19.50 -53.11 2.31
CA VAL J 72 -20.78 -52.56 1.89
C VAL J 72 -20.58 -51.11 1.44
N PRO J 73 -21.31 -50.66 0.43
CA PRO J 73 -21.13 -49.28 -0.04
C PRO J 73 -21.65 -48.28 1.00
N LEU J 74 -21.17 -47.05 0.88
CA LEU J 74 -21.65 -45.99 1.75
C LEU J 74 -23.10 -45.68 1.43
N THR J 75 -23.86 -45.31 2.46
CA THR J 75 -25.17 -44.76 2.21
C THR J 75 -25.04 -43.47 1.42
N PHE J 76 -26.11 -43.10 0.73
CA PHE J 76 -26.06 -41.92 -0.13
C PHE J 76 -25.72 -40.68 0.69
N ALA J 77 -26.30 -40.55 1.88
CA ALA J 77 -25.90 -39.47 2.77
C ALA J 77 -24.39 -39.47 2.99
N GLY J 78 -23.81 -40.66 3.17
CA GLY J 78 -22.37 -40.74 3.37
C GLY J 78 -21.59 -40.23 2.17
N LYS J 79 -22.01 -40.63 0.97
CA LYS J 79 -21.38 -40.14 -0.25
C LYS J 79 -21.45 -38.62 -0.35
N ILE J 80 -22.63 -38.07 -0.07
CA ILE J 80 -22.79 -36.62 -0.08
C ILE J 80 -21.80 -35.98 0.88
N ASN J 81 -21.72 -36.50 2.11
CA ASN J 81 -20.87 -35.88 3.11
C ASN J 81 -19.40 -35.96 2.71
N ARG J 82 -18.97 -37.06 2.11
CA ARG J 82 -17.55 -37.12 1.76
C ARG J 82 -17.23 -36.14 0.64
N LEU J 83 -18.06 -36.08 -0.41
CA LEU J 83 -17.82 -35.10 -1.47
C LEU J 83 -17.80 -33.67 -0.90
N ALA J 84 -18.74 -33.36 0.00
CA ALA J 84 -18.77 -32.05 0.63
C ALA J 84 -17.47 -31.78 1.38
N ILE J 85 -17.00 -32.75 2.17
CA ILE J 85 -15.77 -32.56 2.92
C ILE J 85 -14.62 -32.27 1.96
N MET J 86 -14.64 -32.93 0.80
CA MET J 86 -13.60 -32.71 -0.20
C MET J 86 -13.60 -31.27 -0.71
N VAL J 87 -14.76 -30.77 -1.09
CA VAL J 87 -14.85 -29.39 -1.57
C VAL J 87 -14.34 -28.43 -0.49
N ARG J 88 -14.89 -28.54 0.72
CA ARG J 88 -14.45 -27.71 1.83
C ARG J 88 -12.96 -27.81 2.05
N GLY J 89 -12.37 -28.95 1.68
CA GLY J 89 -10.93 -29.06 1.71
C GLY J 89 -10.26 -28.20 0.66
N ASN J 90 -10.89 -28.09 -0.52
CA ASN J 90 -10.27 -27.27 -1.55
C ASN J 90 -10.56 -25.77 -1.40
N LEU J 91 -11.31 -25.37 -0.36
CA LEU J 91 -11.71 -23.98 -0.27
C LEU J 91 -10.52 -23.03 -0.28
N ALA J 92 -9.46 -23.37 0.44
CA ALA J 92 -8.32 -22.45 0.52
C ALA J 92 -7.78 -22.14 -0.87
N ALA J 93 -7.50 -23.17 -1.66
CA ALA J 93 -7.04 -22.95 -3.03
C ALA J 93 -8.08 -22.20 -3.85
N ALA J 94 -9.37 -22.51 -3.65
CA ALA J 94 -10.39 -21.81 -4.40
C ALA J 94 -10.33 -20.31 -4.16
N MET J 95 -10.03 -19.91 -2.92
CA MET J 95 -9.79 -18.51 -2.63
C MET J 95 -8.71 -17.93 -3.51
N GLN J 96 -7.71 -18.73 -3.88
CA GLN J 96 -6.61 -18.25 -4.72
C GLN J 96 -6.79 -18.59 -6.18
N GLY J 97 -7.99 -19.00 -6.59
CA GLY J 97 -8.32 -19.16 -7.99
C GLY J 97 -8.57 -20.56 -8.49
N LEU J 98 -8.24 -21.59 -7.73
CA LEU J 98 -8.41 -22.97 -8.20
C LEU J 98 -9.76 -23.54 -7.80
N LEU J 99 -10.83 -22.91 -8.30
CA LEU J 99 -12.19 -23.26 -7.90
C LEU J 99 -12.75 -24.40 -8.74
N ALA J 100 -13.45 -25.31 -8.08
CA ALA J 100 -14.16 -26.40 -8.75
C ALA J 100 -15.37 -26.79 -7.94
N LEU J 101 -16.53 -26.84 -8.58
CA LEU J 101 -17.77 -27.20 -7.96
C LEU J 101 -18.31 -28.49 -8.57
N PRO J 102 -18.72 -29.44 -7.76
CA PRO J 102 -19.31 -30.66 -8.33
C PRO J 102 -20.83 -30.62 -8.32
N LEU J 103 -21.41 -31.50 -9.12
CA LEU J 103 -22.84 -31.76 -9.16
C LEU J 103 -22.98 -33.26 -9.19
N LEU J 104 -23.76 -33.80 -8.26
CA LEU J 104 -23.85 -35.23 -8.03
C LEU J 104 -25.22 -35.72 -8.45
N ALA J 105 -25.25 -36.79 -9.22
CA ALA J 105 -26.50 -37.45 -9.59
C ALA J 105 -26.35 -38.92 -9.23
N GLY J 106 -27.34 -39.47 -8.55
CA GLY J 106 -27.24 -40.85 -8.11
C GLY J 106 -28.61 -41.50 -8.02
N TYR J 107 -28.59 -42.81 -7.77
CA TYR J 107 -29.78 -43.59 -7.54
C TYR J 107 -29.61 -44.31 -6.21
N ASP J 108 -30.48 -43.99 -5.24
CA ASP J 108 -30.33 -44.53 -3.88
C ASP J 108 -31.00 -45.89 -3.82
N ILE J 109 -30.19 -46.95 -3.84
CA ILE J 109 -30.74 -48.31 -3.84
C ILE J 109 -31.46 -48.64 -2.54
N HIS J 110 -31.23 -47.86 -1.48
CA HIS J 110 -31.92 -48.04 -0.21
C HIS J 110 -33.09 -47.09 -0.05
N ALA J 111 -33.50 -46.42 -1.12
CA ALA J 111 -34.59 -45.46 -1.02
C ALA J 111 -35.92 -46.20 -0.85
N SER J 112 -36.88 -45.49 -0.27
CA SER J 112 -38.21 -46.06 -0.06
C SER J 112 -38.92 -46.33 -1.38
N ASP J 113 -39.17 -45.28 -2.17
CA ASP J 113 -39.92 -45.40 -3.42
C ASP J 113 -38.96 -45.50 -4.60
N PRO J 114 -39.01 -46.57 -5.39
CA PRO J 114 -38.07 -46.69 -6.52
C PRO J 114 -38.35 -45.71 -7.64
N GLN J 115 -39.56 -45.18 -7.75
CA GLN J 115 -39.85 -44.21 -8.80
C GLN J 115 -39.06 -42.92 -8.58
N SER J 116 -39.05 -42.43 -7.34
CA SER J 116 -38.32 -41.22 -6.98
C SER J 116 -37.01 -41.53 -6.27
N ALA J 117 -36.39 -42.66 -6.57
CA ALA J 117 -35.11 -43.01 -5.97
C ALA J 117 -33.94 -42.24 -6.56
N GLY J 118 -34.18 -41.44 -7.60
CA GLY J 118 -33.14 -40.58 -8.12
C GLY J 118 -32.82 -39.46 -7.15
N ARG J 119 -31.56 -39.03 -7.18
CA ARG J 119 -31.07 -37.98 -6.30
C ARG J 119 -30.18 -37.03 -7.09
N ILE J 120 -30.37 -35.75 -6.86
CA ILE J 120 -29.54 -34.71 -7.46
C ILE J 120 -29.10 -33.77 -6.35
N VAL J 121 -27.80 -33.64 -6.15
CA VAL J 121 -27.23 -32.85 -5.06
C VAL J 121 -26.26 -31.85 -5.65
N SER J 122 -26.39 -30.58 -5.25
CA SER J 122 -25.51 -29.52 -5.67
C SER J 122 -24.67 -29.01 -4.51
N PHE J 123 -23.53 -28.39 -4.82
CA PHE J 123 -22.57 -27.99 -3.81
C PHE J 123 -22.11 -26.56 -4.05
N ASP J 124 -21.64 -25.92 -2.99
CA ASP J 124 -21.02 -24.62 -3.07
C ASP J 124 -19.56 -24.71 -2.62
N ALA J 125 -18.83 -23.62 -2.81
CA ALA J 125 -17.39 -23.66 -2.63
C ALA J 125 -16.97 -24.00 -1.21
N ALA J 126 -17.85 -23.83 -0.24
CA ALA J 126 -17.53 -24.08 1.16
C ALA J 126 -17.97 -25.45 1.62
N GLY J 127 -18.45 -26.29 0.71
CA GLY J 127 -18.89 -27.61 1.08
C GLY J 127 -20.35 -27.75 1.38
N GLY J 128 -21.10 -26.64 1.39
CA GLY J 128 -22.53 -26.77 1.53
C GLY J 128 -23.12 -27.55 0.39
N TRP J 129 -24.26 -28.19 0.64
CA TRP J 129 -24.91 -29.01 -0.36
C TRP J 129 -26.40 -28.83 -0.23
N ASN J 130 -27.11 -29.10 -1.32
CA ASN J 130 -28.56 -29.08 -1.32
C ASN J 130 -29.06 -30.25 -2.15
N ILE J 131 -29.94 -31.05 -1.57
CA ILE J 131 -30.62 -32.11 -2.29
C ILE J 131 -31.81 -31.51 -3.01
N GLU J 132 -31.85 -31.66 -4.33
CA GLU J 132 -32.80 -30.95 -5.17
C GLU J 132 -34.10 -31.73 -5.25
N GLU J 133 -35.18 -31.10 -4.79
CA GLU J 133 -36.50 -31.68 -4.98
C GLU J 133 -37.17 -31.17 -6.24
N GLU J 134 -36.75 -30.00 -6.73
CA GLU J 134 -37.39 -29.38 -7.88
C GLU J 134 -37.31 -30.24 -9.14
N GLY J 135 -36.38 -31.19 -9.20
CA GLY J 135 -36.30 -32.12 -10.30
C GLY J 135 -35.09 -31.94 -11.20
N TYR J 136 -34.50 -30.76 -11.24
CA TYR J 136 -33.37 -30.49 -12.12
C TYR J 136 -32.40 -29.54 -11.43
N GLN J 137 -31.16 -29.52 -11.93
CA GLN J 137 -30.15 -28.62 -11.42
C GLN J 137 -28.99 -28.59 -12.42
N ALA J 138 -28.19 -27.53 -12.35
CA ALA J 138 -27.04 -27.37 -13.22
C ALA J 138 -25.95 -26.61 -12.49
N VAL J 139 -24.73 -26.69 -13.04
CA VAL J 139 -23.58 -26.00 -12.46
C VAL J 139 -22.68 -25.55 -13.61
N GLY J 140 -22.00 -24.44 -13.42
CA GLY J 140 -21.09 -23.91 -14.42
C GLY J 140 -21.52 -22.55 -14.91
N SER J 141 -20.71 -22.01 -15.82
CA SER J 141 -20.93 -20.67 -16.32
C SER J 141 -22.22 -20.55 -17.10
N GLY J 142 -22.72 -21.64 -17.66
CA GLY J 142 -23.99 -21.65 -18.37
C GLY J 142 -25.12 -22.23 -17.56
N SER J 143 -24.94 -22.39 -16.25
CA SER J 143 -25.93 -23.07 -15.43
C SER J 143 -27.24 -22.31 -15.36
N LEU J 144 -27.21 -20.99 -15.42
CA LEU J 144 -28.44 -20.22 -15.29
C LEU J 144 -29.31 -20.37 -16.53
N PHE J 145 -28.69 -20.32 -17.71
CA PHE J 145 -29.44 -20.49 -18.95
C PHE J 145 -30.03 -21.88 -19.04
N ALA J 146 -29.26 -22.89 -18.65
CA ALA J 146 -29.76 -24.26 -18.71
C ALA J 146 -30.87 -24.49 -17.71
N LYS J 147 -30.70 -24.01 -16.49
CA LYS J 147 -31.76 -24.15 -15.50
C LYS J 147 -33.04 -23.46 -15.96
N SER J 148 -32.92 -22.25 -16.51
CA SER J 148 -34.13 -21.56 -16.94
C SER J 148 -34.77 -22.24 -18.12
N SER J 149 -33.99 -22.93 -18.95
CA SER J 149 -34.60 -23.73 -20.01
C SER J 149 -35.35 -24.92 -19.43
N MET J 150 -34.69 -25.66 -18.54
CA MET J 150 -35.32 -26.84 -17.94
C MET J 150 -36.57 -26.46 -17.18
N LYS J 151 -36.62 -25.26 -16.61
CA LYS J 151 -37.83 -24.83 -15.93
C LYS J 151 -39.04 -24.86 -16.85
N LYS J 152 -38.83 -24.58 -18.13
CA LYS J 152 -39.95 -24.58 -19.06
C LYS J 152 -40.15 -25.93 -19.72
N LEU J 153 -39.06 -26.68 -19.92
CA LEU J 153 -39.12 -27.93 -20.65
C LEU J 153 -39.35 -29.15 -19.77
N TYR J 154 -39.42 -28.99 -18.45
CA TYR J 154 -39.40 -30.17 -17.59
C TYR J 154 -40.68 -30.98 -17.68
N SER J 155 -41.82 -30.33 -17.97
CA SER J 155 -43.08 -31.03 -18.10
C SER J 155 -43.03 -32.14 -19.14
N GLN J 156 -42.10 -32.09 -20.09
CA GLN J 156 -42.03 -33.09 -21.15
C GLN J 156 -41.32 -34.36 -20.73
N VAL J 157 -40.80 -34.44 -19.51
CA VAL J 157 -40.01 -35.60 -19.12
C VAL J 157 -40.98 -36.65 -18.60
N THR J 158 -41.07 -37.76 -19.31
CA THR J 158 -41.91 -38.89 -18.93
C THR J 158 -41.17 -40.22 -18.90
N ASP J 159 -40.02 -40.33 -19.55
CA ASP J 159 -39.23 -41.55 -19.55
C ASP J 159 -37.77 -41.16 -19.64
N GLY J 160 -36.89 -42.15 -19.81
CA GLY J 160 -35.48 -41.85 -19.88
C GLY J 160 -35.08 -41.04 -21.09
N ASP J 161 -35.71 -41.30 -22.23
CA ASP J 161 -35.32 -40.59 -23.45
C ASP J 161 -35.85 -39.17 -23.49
N SER J 162 -37.10 -38.94 -23.09
CA SER J 162 -37.57 -37.56 -23.06
C SER J 162 -36.73 -36.74 -22.10
N GLY J 163 -36.34 -37.34 -20.97
CA GLY J 163 -35.46 -36.65 -20.05
C GLY J 163 -34.10 -36.37 -20.67
N LEU J 164 -33.53 -37.35 -21.35
CA LEU J 164 -32.25 -37.14 -22.01
C LEU J 164 -32.34 -36.02 -23.04
N ARG J 165 -33.47 -35.93 -23.73
CA ARG J 165 -33.66 -34.84 -24.69
C ARG J 165 -33.72 -33.49 -23.98
N VAL J 166 -34.47 -33.39 -22.89
CA VAL J 166 -34.52 -32.12 -22.17
C VAL J 166 -33.13 -31.73 -21.70
N ALA J 167 -32.34 -32.72 -21.25
CA ALA J 167 -30.98 -32.43 -20.82
C ALA J 167 -30.15 -31.88 -21.97
N VAL J 168 -30.13 -32.59 -23.09
CA VAL J 168 -29.31 -32.15 -24.23
C VAL J 168 -29.76 -30.78 -24.72
N GLU J 169 -31.06 -30.52 -24.69
CA GLU J 169 -31.56 -29.21 -25.12
C GLU J 169 -31.14 -28.12 -24.15
N ALA J 170 -31.16 -28.42 -22.85
CA ALA J 170 -30.66 -27.47 -21.86
C ALA J 170 -29.21 -27.11 -22.14
N LEU J 171 -28.39 -28.12 -22.42
CA LEU J 171 -27.01 -27.84 -22.81
C LEU J 171 -26.94 -27.02 -24.08
N TYR J 172 -27.89 -27.20 -25.00
CA TYR J 172 -27.88 -26.41 -26.23
C TYR J 172 -28.13 -24.93 -25.92
N ASP J 173 -29.13 -24.64 -25.09
CA ASP J 173 -29.39 -23.25 -24.70
C ASP J 173 -28.21 -22.66 -23.94
N ALA J 174 -27.62 -23.45 -23.04
CA ALA J 174 -26.45 -23.00 -22.29
C ALA J 174 -25.35 -22.56 -23.24
N ALA J 175 -24.94 -23.44 -24.15
CA ALA J 175 -23.91 -23.08 -25.11
C ALA J 175 -24.37 -21.94 -26.01
N ASP J 176 -25.68 -21.78 -26.17
CA ASP J 176 -26.21 -20.74 -27.03
C ASP J 176 -25.93 -19.37 -26.43
N ASP J 177 -26.01 -19.25 -25.10
CA ASP J 177 -25.79 -17.96 -24.48
C ASP J 177 -24.46 -17.83 -23.76
N ASP J 178 -23.66 -18.89 -23.67
CA ASP J 178 -22.40 -18.85 -22.95
C ASP J 178 -21.28 -19.36 -23.84
N SER J 179 -20.28 -18.51 -24.08
CA SER J 179 -19.19 -18.88 -24.98
C SER J 179 -18.22 -19.87 -24.34
N ALA J 180 -18.25 -19.99 -23.01
CA ALA J 180 -17.40 -20.96 -22.33
C ALA J 180 -18.00 -22.36 -22.32
N THR J 181 -19.23 -22.51 -22.76
CA THR J 181 -19.89 -23.80 -22.90
C THR J 181 -19.96 -24.16 -24.37
N GLY J 182 -19.57 -25.39 -24.70
CA GLY J 182 -19.50 -25.80 -26.09
C GLY J 182 -20.78 -26.45 -26.54
N GLY J 183 -21.25 -26.05 -27.71
CA GLY J 183 -22.39 -26.67 -28.32
C GLY J 183 -21.96 -27.87 -29.14
N PRO J 184 -22.93 -28.49 -29.82
CA PRO J 184 -22.60 -29.66 -30.65
C PRO J 184 -21.75 -29.22 -31.83
N ASP J 185 -20.67 -29.95 -32.07
CA ASP J 185 -19.74 -29.65 -33.16
C ASP J 185 -20.09 -30.59 -34.30
N LEU J 186 -20.86 -30.08 -35.26
CA LEU J 186 -21.28 -30.93 -36.36
C LEU J 186 -20.17 -31.21 -37.34
N VAL J 187 -19.14 -30.37 -37.41
CA VAL J 187 -18.03 -30.62 -38.33
C VAL J 187 -17.16 -31.76 -37.82
N ARG J 188 -16.78 -31.70 -36.54
CA ARG J 188 -15.93 -32.72 -35.94
C ARG J 188 -16.72 -33.87 -35.34
N GLY J 189 -18.03 -33.73 -35.20
CA GLY J 189 -18.84 -34.77 -34.62
C GLY J 189 -18.58 -35.00 -33.14
N ILE J 190 -18.50 -33.93 -32.36
CA ILE J 190 -18.26 -34.01 -30.93
C ILE J 190 -19.51 -33.47 -30.22
N PHE J 191 -20.08 -34.28 -29.34
CA PHE J 191 -21.33 -33.97 -28.69
C PHE J 191 -21.18 -34.09 -27.18
N PRO J 192 -22.10 -33.52 -26.40
CA PRO J 192 -22.01 -33.64 -24.95
C PRO J 192 -21.96 -35.09 -24.54
N THR J 193 -21.38 -35.34 -23.38
CA THR J 193 -21.39 -36.68 -22.82
C THR J 193 -22.52 -36.77 -21.81
N ALA J 194 -23.11 -37.95 -21.71
CA ALA J 194 -24.21 -38.15 -20.78
C ALA J 194 -24.07 -39.48 -20.08
N VAL J 195 -24.58 -39.52 -18.85
CA VAL J 195 -24.64 -40.72 -18.03
C VAL J 195 -26.07 -40.84 -17.56
N ILE J 196 -26.62 -42.05 -17.64
CA ILE J 196 -27.98 -42.33 -17.22
C ILE J 196 -27.88 -43.36 -16.10
N ILE J 197 -28.72 -43.20 -15.08
CA ILE J 197 -28.65 -44.07 -13.91
C ILE J 197 -30.07 -44.45 -13.50
N ASP J 198 -30.33 -45.76 -13.41
CA ASP J 198 -31.60 -46.24 -12.86
C ASP J 198 -31.30 -47.42 -11.96
N ALA J 199 -32.32 -48.23 -11.70
CA ALA J 199 -32.15 -49.36 -10.79
C ALA J 199 -31.13 -50.36 -11.30
N ASP J 200 -30.86 -50.38 -12.60
CA ASP J 200 -29.87 -51.29 -13.17
C ASP J 200 -28.46 -50.75 -13.07
N GLY J 201 -28.27 -49.54 -12.56
CA GLY J 201 -26.94 -48.97 -12.38
C GLY J 201 -26.75 -47.72 -13.21
N ALA J 202 -25.48 -47.33 -13.35
CA ALA J 202 -25.07 -46.15 -14.09
C ALA J 202 -24.37 -46.58 -15.37
N VAL J 203 -24.80 -46.03 -16.50
CA VAL J 203 -24.25 -46.37 -17.81
C VAL J 203 -23.95 -45.09 -18.58
N ASP J 204 -22.87 -45.12 -19.37
CA ASP J 204 -22.58 -44.06 -20.31
C ASP J 204 -23.60 -44.11 -21.45
N VAL J 205 -24.19 -42.97 -21.76
CA VAL J 205 -25.07 -42.93 -22.94
C VAL J 205 -24.21 -42.96 -24.19
N PRO J 206 -24.50 -43.82 -25.16
CA PRO J 206 -23.66 -43.88 -26.36
C PRO J 206 -23.73 -42.59 -27.15
N GLU J 207 -22.60 -42.25 -27.79
CA GLU J 207 -22.49 -40.98 -28.49
C GLU J 207 -23.56 -40.83 -29.57
N SER J 208 -23.89 -41.92 -30.25
CA SER J 208 -24.83 -41.85 -31.37
C SER J 208 -26.20 -41.32 -30.95
N ARG J 209 -26.73 -41.80 -29.82
CA ARG J 209 -28.06 -41.37 -29.39
C ARG J 209 -28.08 -39.87 -29.12
N ILE J 210 -27.07 -39.38 -28.42
CA ILE J 210 -26.96 -37.95 -28.16
C ILE J 210 -26.87 -37.19 -29.47
N ALA J 211 -26.10 -37.71 -30.42
CA ALA J 211 -26.00 -37.07 -31.72
C ALA J 211 -27.37 -36.92 -32.36
N GLU J 212 -28.16 -37.99 -32.36
CA GLU J 212 -29.52 -37.91 -32.89
C GLU J 212 -30.32 -36.81 -32.21
N LEU J 213 -30.34 -36.80 -30.87
CA LEU J 213 -31.14 -35.81 -30.17
C LEU J 213 -30.67 -34.39 -30.47
N ALA J 214 -29.36 -34.18 -30.54
CA ALA J 214 -28.82 -32.88 -30.89
C ALA J 214 -29.30 -32.45 -32.25
N ARG J 215 -29.13 -33.30 -33.26
CA ARG J 215 -29.57 -32.95 -34.61
C ARG J 215 -31.06 -32.63 -34.63
N ALA J 216 -31.86 -33.38 -33.87
CA ALA J 216 -33.28 -33.07 -33.76
C ALA J 216 -33.49 -31.65 -33.22
N ILE J 217 -32.72 -31.27 -32.20
CA ILE J 217 -32.88 -29.96 -31.60
C ILE J 217 -32.46 -28.86 -32.57
N ILE J 218 -31.30 -29.04 -33.21
CA ILE J 218 -30.81 -28.07 -34.18
C ILE J 218 -31.84 -27.83 -35.27
N GLU J 219 -32.32 -28.91 -35.89
CA GLU J 219 -33.26 -28.76 -36.98
C GLU J 219 -34.61 -28.24 -36.49
N SER J 220 -34.96 -28.49 -35.23
CA SER J 220 -36.21 -27.97 -34.70
C SER J 220 -36.22 -26.45 -34.60
N ARG J 221 -35.05 -25.84 -34.45
CA ARG J 221 -34.94 -24.39 -34.30
C ARG J 221 -34.75 -23.65 -35.61
N SER J 222 -34.53 -24.36 -36.72
CA SER J 222 -34.36 -23.70 -38.01
C SER J 222 -35.69 -23.56 -38.73
N THR K 1 10.64 -19.59 -26.41
CA THR K 1 10.75 -21.04 -26.44
C THR K 1 9.57 -21.62 -27.20
N THR K 2 9.82 -22.65 -27.99
CA THR K 2 8.74 -23.39 -28.64
C THR K 2 9.10 -24.85 -28.73
N ILE K 3 8.21 -25.71 -28.27
CA ILE K 3 8.35 -27.16 -28.36
C ILE K 3 7.14 -27.68 -29.14
N VAL K 4 7.39 -28.50 -30.15
CA VAL K 4 6.30 -29.07 -30.93
C VAL K 4 6.36 -30.58 -30.81
N ALA K 5 5.20 -31.20 -30.91
CA ALA K 5 5.13 -32.64 -30.97
C ALA K 5 3.93 -33.04 -31.80
N LEU K 6 4.09 -34.06 -32.63
CA LEU K 6 2.96 -34.52 -33.43
C LEU K 6 3.04 -36.03 -33.63
N LYS K 7 1.86 -36.62 -33.84
CA LYS K 7 1.70 -38.04 -34.10
C LYS K 7 1.80 -38.28 -35.60
N TYR K 8 2.54 -39.30 -35.98
CA TYR K 8 2.52 -39.77 -37.36
C TYR K 8 2.21 -41.25 -37.35
N PRO K 9 1.79 -41.81 -38.48
CA PRO K 9 1.45 -43.24 -38.51
C PRO K 9 2.58 -44.11 -38.02
N GLY K 10 2.37 -44.73 -36.87
CA GLY K 10 3.33 -45.64 -36.28
C GLY K 10 4.35 -45.02 -35.38
N GLY K 11 4.24 -43.73 -35.06
CA GLY K 11 5.22 -43.11 -34.21
C GLY K 11 4.83 -41.72 -33.79
N VAL K 12 5.77 -41.06 -33.11
CA VAL K 12 5.58 -39.71 -32.62
C VAL K 12 6.90 -38.95 -32.75
N VAL K 13 6.82 -37.64 -32.96
CA VAL K 13 8.00 -36.80 -33.11
C VAL K 13 7.87 -35.55 -32.25
N MET K 14 9.00 -35.13 -31.67
CA MET K 14 9.06 -33.91 -30.86
C MET K 14 10.32 -33.12 -31.21
N ALA K 15 10.19 -31.81 -31.33
CA ALA K 15 11.32 -30.95 -31.70
C ALA K 15 11.27 -29.65 -30.93
N GLY K 16 12.43 -29.05 -30.72
CA GLY K 16 12.51 -27.81 -29.98
C GLY K 16 13.62 -26.90 -30.48
N ASP K 17 13.40 -25.60 -30.32
CA ASP K 17 14.35 -24.58 -30.73
C ASP K 17 15.49 -24.50 -29.73
N ARG K 18 16.45 -23.61 -29.99
CA ARG K 18 17.71 -23.61 -29.25
C ARG K 18 17.99 -22.30 -28.53
N ARG K 19 17.04 -21.38 -28.45
CA ARG K 19 17.32 -20.03 -27.97
C ARG K 19 17.00 -19.89 -26.47
N SER K 20 17.87 -19.16 -25.77
CA SER K 20 17.67 -18.82 -24.37
C SER K 20 17.76 -17.32 -24.20
N THR K 21 16.78 -16.73 -23.51
CA THR K 21 16.69 -15.28 -23.41
C THR K 21 16.53 -14.79 -21.97
N GLN K 22 17.10 -13.61 -21.73
CA GLN K 22 16.87 -12.78 -20.55
C GLN K 22 16.32 -11.45 -21.05
N GLY K 23 15.00 -11.30 -21.03
CA GLY K 23 14.36 -10.15 -21.62
C GLY K 23 14.54 -10.11 -23.12
N ASN K 24 15.12 -9.03 -23.64
CA ASN K 24 15.40 -8.94 -25.06
C ASN K 24 16.75 -9.51 -25.44
N MET K 25 17.61 -9.77 -24.47
CA MET K 25 18.96 -10.23 -24.76
C MET K 25 18.95 -11.72 -25.03
N ILE K 26 19.70 -12.13 -26.04
CA ILE K 26 19.86 -13.54 -26.36
C ILE K 26 21.01 -14.06 -25.53
N SER K 27 20.70 -14.87 -24.52
CA SER K 27 21.71 -15.39 -23.60
C SER K 27 22.13 -16.80 -23.96
N GLY K 28 21.53 -17.40 -24.97
CA GLY K 28 21.96 -18.72 -25.41
C GLY K 28 21.53 -19.04 -26.82
N ARG K 29 22.40 -19.70 -27.57
CA ARG K 29 22.14 -20.11 -28.95
C ARG K 29 22.11 -21.61 -29.11
N ASP K 30 22.64 -22.36 -28.15
CA ASP K 30 22.84 -23.79 -28.27
C ASP K 30 22.01 -24.58 -27.27
N VAL K 31 21.13 -23.90 -26.53
CA VAL K 31 20.41 -24.54 -25.44
C VAL K 31 19.59 -25.72 -25.96
N ARG K 32 19.51 -26.78 -25.17
CA ARG K 32 18.81 -28.00 -25.56
C ARG K 32 17.61 -28.20 -24.64
N LYS K 33 16.43 -28.33 -25.23
CA LYS K 33 15.19 -28.30 -24.47
C LYS K 33 14.39 -29.58 -24.55
N VAL K 34 14.79 -30.56 -25.36
CA VAL K 34 14.06 -31.80 -25.51
C VAL K 34 14.94 -32.93 -24.99
N TYR K 35 14.42 -33.70 -24.03
CA TYR K 35 15.16 -34.75 -23.37
C TYR K 35 14.43 -36.08 -23.53
N ILE K 36 15.19 -37.14 -23.74
CA ILE K 36 14.62 -38.48 -23.73
C ILE K 36 14.48 -38.91 -22.27
N THR K 37 13.24 -39.05 -21.82
CA THR K 37 13.00 -39.35 -20.41
C THR K 37 12.89 -40.84 -20.12
N ASP K 38 12.56 -41.67 -21.09
CA ASP K 38 12.65 -43.12 -20.89
C ASP K 38 12.58 -43.78 -22.26
N ASP K 39 12.73 -45.11 -22.27
CA ASP K 39 12.85 -45.87 -23.52
C ASP K 39 11.75 -45.53 -24.51
N TYR K 40 10.60 -45.01 -24.07
CA TYR K 40 9.54 -44.70 -25.03
C TYR K 40 8.94 -43.31 -24.84
N THR K 41 9.61 -42.40 -24.14
CA THR K 41 9.03 -41.08 -23.96
C THR K 41 10.11 -40.02 -23.92
N ALA K 42 9.79 -38.87 -24.53
CA ALA K 42 10.62 -37.69 -24.47
C ALA K 42 9.78 -36.52 -23.97
N THR K 43 10.44 -35.60 -23.28
CA THR K 43 9.80 -34.43 -22.68
C THR K 43 10.53 -33.17 -23.13
N GLY K 44 9.77 -32.17 -23.56
CA GLY K 44 10.33 -30.85 -23.85
C GLY K 44 9.66 -29.83 -22.95
N ILE K 45 10.44 -28.91 -22.41
CA ILE K 45 9.93 -28.00 -21.40
C ILE K 45 10.21 -26.56 -21.81
N ALA K 46 9.27 -25.69 -21.49
CA ALA K 46 9.40 -24.26 -21.75
C ALA K 46 9.20 -23.53 -20.45
N GLY K 47 9.94 -22.43 -20.27
CA GLY K 47 9.85 -21.60 -19.09
C GLY K 47 11.23 -21.35 -18.51
N THR K 48 11.28 -21.06 -17.21
CA THR K 48 12.55 -20.79 -16.57
C THR K 48 13.45 -22.02 -16.62
N ALA K 49 14.68 -21.83 -17.09
CA ALA K 49 15.58 -22.93 -17.40
C ALA K 49 15.81 -23.84 -16.20
N ALA K 50 16.13 -23.25 -15.05
CA ALA K 50 16.40 -24.05 -13.86
C ALA K 50 15.28 -25.03 -13.60
N VAL K 51 14.05 -24.53 -13.58
CA VAL K 51 12.91 -25.41 -13.30
C VAL K 51 12.77 -26.46 -14.39
N ALA K 52 13.03 -26.09 -15.64
CA ALA K 52 12.88 -27.05 -16.74
C ALA K 52 13.86 -28.20 -16.61
N VAL K 53 15.13 -27.90 -16.37
CA VAL K 53 16.10 -28.98 -16.23
C VAL K 53 15.76 -29.83 -15.00
N GLU K 54 15.36 -29.22 -13.89
CA GLU K 54 14.99 -30.03 -12.73
C GLU K 54 13.83 -30.95 -13.04
N PHE K 55 12.82 -30.45 -13.76
CA PHE K 55 11.71 -31.28 -14.19
C PHE K 55 12.20 -32.48 -14.99
N ALA K 56 12.96 -32.23 -16.06
CA ALA K 56 13.38 -33.30 -16.95
C ALA K 56 14.20 -34.34 -16.21
N ARG K 57 15.18 -33.87 -15.44
CA ARG K 57 16.08 -34.75 -14.71
C ARG K 57 15.31 -35.63 -13.74
N LEU K 58 14.55 -34.98 -12.85
CA LEU K 58 13.81 -35.68 -11.83
C LEU K 58 12.80 -36.65 -12.42
N TYR K 59 12.18 -36.26 -13.54
CA TYR K 59 11.18 -37.12 -14.16
C TYR K 59 11.79 -38.39 -14.72
N ALA K 60 12.88 -38.25 -15.49
CA ALA K 60 13.57 -39.44 -15.99
C ALA K 60 13.96 -40.36 -14.84
N VAL K 61 14.53 -39.80 -13.79
CA VAL K 61 14.94 -40.62 -12.65
C VAL K 61 13.73 -41.33 -12.04
N GLU K 62 12.61 -40.64 -11.91
CA GLU K 62 11.44 -41.26 -11.27
C GLU K 62 10.91 -42.43 -12.09
N LEU K 63 10.79 -42.23 -13.40
CA LEU K 63 10.26 -43.31 -14.25
C LEU K 63 11.16 -44.53 -14.20
N GLU K 64 12.46 -44.36 -14.45
CA GLU K 64 13.33 -45.52 -14.43
C GLU K 64 13.43 -46.14 -13.05
N HIS K 65 13.31 -45.31 -12.01
CA HIS K 65 13.27 -45.82 -10.64
C HIS K 65 12.15 -46.83 -10.46
N TYR K 66 10.92 -46.44 -10.81
CA TYR K 66 9.82 -47.40 -10.73
C TYR K 66 10.11 -48.64 -11.56
N GLU K 67 10.66 -48.46 -12.76
CA GLU K 67 10.87 -49.61 -13.63
C GLU K 67 11.84 -50.61 -13.02
N LYS K 68 12.95 -50.14 -12.46
CA LYS K 68 13.90 -51.08 -11.86
C LYS K 68 13.36 -51.67 -10.57
N LEU K 69 12.57 -50.91 -9.81
CA LEU K 69 12.05 -51.43 -8.55
C LEU K 69 11.05 -52.55 -8.78
N GLU K 70 10.11 -52.35 -9.70
CA GLU K 70 9.01 -53.29 -9.86
C GLU K 70 9.16 -54.22 -11.05
N GLY K 71 10.25 -54.13 -11.81
CA GLY K 71 10.51 -55.04 -12.89
C GLY K 71 9.74 -54.79 -14.17
N VAL K 72 8.88 -53.79 -14.20
CA VAL K 72 8.09 -53.48 -15.39
C VAL K 72 7.89 -51.97 -15.45
N PRO K 73 7.90 -51.35 -16.62
CA PRO K 73 7.68 -49.91 -16.68
C PRO K 73 6.24 -49.53 -16.33
N LEU K 74 6.08 -48.24 -16.03
CA LEU K 74 4.76 -47.69 -15.77
C LEU K 74 3.90 -47.71 -17.03
N THR K 75 2.59 -47.87 -16.83
CA THR K 75 1.67 -47.60 -17.91
C THR K 75 1.77 -46.13 -18.30
N PHE K 76 1.36 -45.83 -19.53
CA PHE K 76 1.48 -44.45 -19.99
C PHE K 76 0.66 -43.52 -19.11
N ALA K 77 -0.55 -43.93 -18.73
CA ALA K 77 -1.35 -43.14 -17.82
C ALA K 77 -0.58 -42.82 -16.55
N GLY K 78 0.18 -43.78 -16.03
CA GLY K 78 0.97 -43.53 -14.84
C GLY K 78 2.02 -42.46 -15.06
N LYS K 79 2.73 -42.54 -16.18
CA LYS K 79 3.71 -41.51 -16.51
C LYS K 79 3.05 -40.14 -16.57
N ILE K 80 1.88 -40.07 -17.21
CA ILE K 80 1.14 -38.81 -17.25
C ILE K 80 0.88 -38.30 -15.86
N ASN K 81 0.34 -39.15 -14.98
CA ASN K 81 -0.05 -38.67 -13.67
C ASN K 81 1.15 -38.19 -12.88
N ARG K 82 2.30 -38.87 -13.00
CA ARG K 82 3.46 -38.41 -12.25
C ARG K 82 3.95 -37.06 -12.74
N LEU K 83 4.01 -36.87 -14.06
CA LEU K 83 4.40 -35.55 -14.56
C LEU K 83 3.43 -34.47 -14.09
N ALA K 84 2.14 -34.75 -14.15
CA ALA K 84 1.15 -33.79 -13.69
C ALA K 84 1.36 -33.43 -12.22
N ILE K 85 1.54 -34.44 -11.38
CA ILE K 85 1.73 -34.21 -9.96
C ILE K 85 2.97 -33.36 -9.72
N MET K 86 4.01 -33.57 -10.52
CA MET K 86 5.21 -32.75 -10.37
C MET K 86 4.91 -31.28 -10.66
N VAL K 87 4.25 -31.01 -11.80
CA VAL K 87 3.91 -29.63 -12.14
C VAL K 87 3.08 -28.97 -11.04
N ARG K 88 1.99 -29.64 -10.64
CA ARG K 88 1.18 -29.08 -9.56
C ARG K 88 2.01 -28.85 -8.32
N GLY K 89 3.05 -29.66 -8.12
CA GLY K 89 3.98 -29.39 -7.04
C GLY K 89 4.71 -28.08 -7.23
N ASN K 90 5.06 -27.74 -8.47
CA ASN K 90 5.76 -26.48 -8.70
C ASN K 90 4.84 -25.27 -8.75
N LEU K 91 3.53 -25.44 -8.57
CA LEU K 91 2.62 -24.32 -8.81
C LEU K 91 2.99 -23.07 -8.02
N ALA K 92 3.34 -23.22 -6.73
CA ALA K 92 3.63 -22.04 -5.91
C ALA K 92 4.80 -21.23 -6.47
N ALA K 93 5.93 -21.91 -6.71
CA ALA K 93 7.07 -21.22 -7.30
C ALA K 93 6.69 -20.60 -8.63
N ALA K 94 5.82 -21.27 -9.40
CA ALA K 94 5.36 -20.69 -10.66
C ALA K 94 4.64 -19.37 -10.42
N MET K 95 3.84 -19.30 -9.36
CA MET K 95 3.19 -18.03 -9.05
C MET K 95 4.16 -16.98 -8.54
N GLN K 96 5.35 -17.37 -8.10
CA GLN K 96 6.39 -16.38 -7.79
C GLN K 96 7.33 -16.12 -8.96
N GLY K 97 7.01 -16.59 -10.16
CA GLY K 97 7.78 -16.25 -11.34
C GLY K 97 8.56 -17.40 -11.94
N LEU K 98 8.68 -18.52 -11.25
CA LEU K 98 9.43 -19.67 -11.73
C LEU K 98 8.50 -20.70 -12.39
N LEU K 99 7.86 -20.29 -13.47
CA LEU K 99 6.90 -21.13 -14.17
C LEU K 99 7.61 -21.96 -15.23
N ALA K 100 7.20 -23.23 -15.36
CA ALA K 100 7.72 -24.09 -16.41
C ALA K 100 6.66 -25.13 -16.76
N LEU K 101 6.35 -25.25 -18.06
CA LEU K 101 5.37 -26.18 -18.53
C LEU K 101 6.03 -27.23 -19.43
N PRO K 102 5.73 -28.50 -19.23
CA PRO K 102 6.27 -29.54 -20.09
C PRO K 102 5.30 -29.95 -21.18
N LEU K 103 5.82 -30.65 -22.17
CA LEU K 103 5.07 -31.29 -23.24
C LEU K 103 5.66 -32.68 -23.36
N LEU K 104 4.78 -33.68 -23.29
CA LEU K 104 5.19 -35.07 -23.21
C LEU K 104 4.80 -35.78 -24.49
N ALA K 105 5.74 -36.51 -25.08
CA ALA K 105 5.44 -37.31 -26.24
C ALA K 105 5.93 -38.72 -25.98
N GLY K 106 5.09 -39.71 -26.25
CA GLY K 106 5.48 -41.07 -25.97
C GLY K 106 4.84 -42.04 -26.93
N TYR K 107 5.28 -43.28 -26.82
CA TYR K 107 4.74 -44.39 -27.59
C TYR K 107 4.24 -45.42 -26.59
N ASP K 108 2.94 -45.68 -26.60
CA ASP K 108 2.34 -46.58 -25.62
C ASP K 108 2.48 -48.00 -26.14
N ILE K 109 3.42 -48.75 -25.56
CA ILE K 109 3.67 -50.11 -25.99
C ILE K 109 2.48 -51.02 -25.74
N HIS K 110 1.51 -50.59 -24.92
CA HIS K 110 0.34 -51.40 -24.63
C HIS K 110 -0.88 -51.02 -25.45
N ALA K 111 -0.72 -50.16 -26.45
CA ALA K 111 -1.87 -49.79 -27.27
C ALA K 111 -2.22 -50.93 -28.22
N SER K 112 -3.50 -50.98 -28.62
CA SER K 112 -3.96 -52.03 -29.51
C SER K 112 -3.30 -51.94 -30.87
N ASP K 113 -3.47 -50.79 -31.55
CA ASP K 113 -2.99 -50.62 -32.91
C ASP K 113 -1.62 -49.97 -32.90
N PRO K 114 -0.58 -50.62 -33.44
CA PRO K 114 0.77 -50.03 -33.40
C PRO K 114 0.95 -48.80 -34.26
N GLN K 115 -0.12 -48.31 -34.88
CA GLN K 115 -0.03 -47.10 -35.69
C GLN K 115 -0.57 -45.87 -34.99
N SER K 116 -1.50 -46.03 -34.04
CA SER K 116 -2.01 -44.94 -33.23
C SER K 116 -1.52 -45.04 -31.80
N ALA K 117 -0.37 -45.66 -31.59
CA ALA K 117 0.21 -45.76 -30.26
C ALA K 117 0.92 -44.49 -29.85
N GLY K 118 1.02 -43.50 -30.73
CA GLY K 118 1.61 -42.25 -30.35
C GLY K 118 0.74 -41.50 -29.37
N ARG K 119 1.38 -40.75 -28.49
CA ARG K 119 0.68 -40.00 -27.46
C ARG K 119 1.35 -38.64 -27.33
N ILE K 120 0.53 -37.60 -27.29
CA ILE K 120 0.99 -36.24 -27.13
C ILE K 120 0.19 -35.67 -25.99
N VAL K 121 0.85 -35.23 -24.93
CA VAL K 121 0.16 -34.77 -23.74
C VAL K 121 0.67 -33.38 -23.40
N SER K 122 -0.25 -32.45 -23.16
CA SER K 122 0.08 -31.10 -22.75
C SER K 122 -0.37 -30.87 -21.31
N PHE K 123 0.28 -29.91 -20.64
CA PHE K 123 0.05 -29.68 -19.22
C PHE K 123 -0.10 -28.19 -18.97
N ASP K 124 -0.81 -27.85 -17.89
CA ASP K 124 -0.92 -26.46 -17.44
C ASP K 124 -0.29 -26.31 -16.07
N ALA K 125 -0.19 -25.06 -15.61
CA ALA K 125 0.56 -24.75 -14.42
C ALA K 125 -0.02 -25.39 -13.16
N ALA K 126 -1.28 -25.79 -13.19
CA ALA K 126 -1.93 -26.36 -12.03
C ALA K 126 -1.92 -27.87 -12.04
N GLY K 127 -1.23 -28.49 -12.99
CA GLY K 127 -1.16 -29.92 -13.09
C GLY K 127 -2.18 -30.55 -14.01
N GLY K 128 -3.12 -29.78 -14.55
CA GLY K 128 -4.03 -30.32 -15.54
C GLY K 128 -3.28 -30.81 -16.77
N TRP K 129 -3.87 -31.77 -17.45
CA TRP K 129 -3.26 -32.35 -18.63
C TRP K 129 -4.34 -32.66 -19.65
N ASN K 130 -3.93 -32.72 -20.91
CA ASN K 130 -4.81 -33.10 -21.99
C ASN K 130 -4.05 -34.00 -22.95
N ILE K 131 -4.64 -35.16 -23.22
CA ILE K 131 -4.15 -36.05 -24.27
C ILE K 131 -4.70 -35.54 -25.60
N GLU K 132 -3.79 -35.19 -26.50
CA GLU K 132 -4.15 -34.52 -27.75
C GLU K 132 -4.46 -35.58 -28.78
N GLU K 133 -5.73 -35.86 -28.98
CA GLU K 133 -6.07 -36.75 -30.08
C GLU K 133 -6.13 -36.03 -31.42
N GLU K 134 -5.78 -34.74 -31.45
CA GLU K 134 -5.76 -33.97 -32.69
C GLU K 134 -4.49 -34.22 -33.51
N GLY K 135 -3.48 -34.85 -32.93
CA GLY K 135 -2.31 -35.22 -33.67
C GLY K 135 -1.09 -34.35 -33.42
N TYR K 136 -1.29 -33.12 -32.98
CA TYR K 136 -0.16 -32.23 -32.74
C TYR K 136 -0.47 -31.32 -31.56
N GLN K 137 0.59 -30.75 -30.98
CA GLN K 137 0.47 -29.81 -29.88
C GLN K 137 1.83 -29.14 -29.71
N ALA K 138 1.81 -27.97 -29.08
CA ALA K 138 3.04 -27.21 -28.85
C ALA K 138 2.93 -26.48 -27.52
N VAL K 139 4.07 -26.03 -27.03
CA VAL K 139 4.12 -25.27 -25.79
C VAL K 139 5.24 -24.25 -25.92
N GLY K 140 5.08 -23.12 -25.25
CA GLY K 140 6.06 -22.04 -25.27
C GLY K 140 5.49 -20.76 -25.84
N SER K 141 6.31 -19.72 -25.85
CA SER K 141 5.82 -18.41 -26.26
C SER K 141 5.42 -18.39 -27.73
N GLY K 142 5.96 -19.29 -28.54
CA GLY K 142 5.58 -19.40 -29.92
C GLY K 142 4.63 -20.54 -30.20
N SER K 143 4.06 -21.16 -29.17
CA SER K 143 3.27 -22.36 -29.38
C SER K 143 2.03 -22.08 -30.19
N LEU K 144 1.45 -20.89 -30.08
CA LEU K 144 0.22 -20.62 -30.81
C LEU K 144 0.50 -20.51 -32.31
N PHE K 145 1.59 -19.85 -32.67
CA PHE K 145 1.97 -19.78 -34.07
C PHE K 145 2.28 -21.17 -34.62
N ALA K 146 2.96 -21.99 -33.82
CA ALA K 146 3.30 -23.34 -34.26
C ALA K 146 2.05 -24.20 -34.42
N LYS K 147 1.11 -24.11 -33.47
CA LYS K 147 -0.12 -24.87 -33.61
C LYS K 147 -0.87 -24.44 -34.85
N SER K 148 -0.96 -23.14 -35.10
CA SER K 148 -1.72 -22.70 -36.26
C SER K 148 -1.03 -23.07 -37.57
N SER K 149 0.29 -23.18 -37.57
CA SER K 149 0.98 -23.69 -38.75
C SER K 149 0.68 -25.18 -38.96
N MET K 150 0.80 -25.97 -37.90
CA MET K 150 0.53 -27.40 -38.03
C MET K 150 -0.91 -27.66 -38.44
N LYS K 151 -1.84 -26.79 -38.04
CA LYS K 151 -3.23 -26.96 -38.45
C LYS K 151 -3.37 -27.00 -39.96
N LYS K 152 -2.50 -26.30 -40.68
CA LYS K 152 -2.54 -26.30 -42.13
C LYS K 152 -1.60 -27.35 -42.74
N LEU K 153 -0.48 -27.64 -42.09
CA LEU K 153 0.49 -28.55 -42.67
C LEU K 153 0.31 -30.00 -42.24
N TYR K 154 -0.65 -30.31 -41.38
CA TYR K 154 -0.67 -31.64 -40.78
C TYR K 154 -1.11 -32.71 -41.77
N SER K 155 -1.97 -32.35 -42.73
CA SER K 155 -2.39 -33.32 -43.73
C SER K 155 -1.21 -33.90 -44.50
N GLN K 156 -0.08 -33.21 -44.54
CA GLN K 156 1.08 -33.70 -45.27
C GLN K 156 1.90 -34.72 -44.49
N VAL K 157 1.48 -35.08 -43.29
CA VAL K 157 2.25 -35.98 -42.44
C VAL K 157 1.87 -37.41 -42.81
N THR K 158 2.83 -38.17 -43.34
CA THR K 158 2.59 -39.55 -43.73
C THR K 158 3.56 -40.56 -43.15
N ASP K 159 4.74 -40.15 -42.70
CA ASP K 159 5.69 -41.07 -42.10
C ASP K 159 6.51 -40.29 -41.08
N GLY K 160 7.56 -40.93 -40.57
CA GLY K 160 8.44 -40.23 -39.66
C GLY K 160 9.16 -39.07 -40.31
N ASP K 161 9.49 -39.21 -41.60
CA ASP K 161 10.25 -38.17 -42.27
C ASP K 161 9.39 -36.94 -42.57
N SER K 162 8.18 -37.16 -43.13
CA SER K 162 7.30 -36.03 -43.38
C SER K 162 6.88 -35.37 -42.07
N GLY K 163 6.63 -36.18 -41.04
CA GLY K 163 6.30 -35.61 -39.74
C GLY K 163 7.43 -34.78 -39.18
N LEU K 164 8.67 -35.26 -39.29
CA LEU K 164 9.80 -34.47 -38.84
C LEU K 164 9.89 -33.16 -39.61
N ARG K 165 9.65 -33.21 -40.93
CA ARG K 165 9.71 -31.98 -41.72
C ARG K 165 8.65 -30.99 -41.27
N VAL K 166 7.44 -31.47 -40.98
CA VAL K 166 6.39 -30.56 -40.51
C VAL K 166 6.77 -30.01 -39.14
N ALA K 167 7.40 -30.81 -38.30
CA ALA K 167 7.83 -30.30 -36.99
C ALA K 167 8.83 -29.16 -37.15
N VAL K 168 9.88 -29.39 -37.94
CA VAL K 168 10.89 -28.34 -38.13
C VAL K 168 10.28 -27.10 -38.79
N GLU K 169 9.33 -27.30 -39.72
CA GLU K 169 8.73 -26.13 -40.34
C GLU K 169 7.88 -25.37 -39.34
N ALA K 170 7.17 -26.09 -38.47
CA ALA K 170 6.40 -25.43 -37.42
C ALA K 170 7.30 -24.60 -36.53
N LEU K 171 8.43 -25.17 -36.09
CA LEU K 171 9.38 -24.37 -35.32
C LEU K 171 9.88 -23.18 -36.12
N TYR K 172 10.00 -23.33 -37.43
CA TYR K 172 10.42 -22.21 -38.26
C TYR K 172 9.41 -21.08 -38.19
N ASP K 173 8.12 -21.39 -38.35
CA ASP K 173 7.10 -20.36 -38.25
C ASP K 173 7.07 -19.74 -36.86
N ALA K 174 7.22 -20.56 -35.83
CA ALA K 174 7.28 -20.04 -34.48
C ALA K 174 8.37 -18.99 -34.35
N ALA K 175 9.58 -19.33 -34.79
CA ALA K 175 10.69 -18.37 -34.75
C ALA K 175 10.41 -17.16 -35.65
N ASP K 176 9.62 -17.35 -36.69
CA ASP K 176 9.33 -16.25 -37.60
C ASP K 176 8.46 -15.20 -36.92
N ASP K 177 7.55 -15.62 -36.05
CA ASP K 177 6.67 -14.64 -35.39
C ASP K 177 7.01 -14.37 -33.93
N ASP K 178 7.95 -15.09 -33.33
CA ASP K 178 8.26 -14.93 -31.91
C ASP K 178 9.76 -14.77 -31.72
N SER K 179 10.17 -13.66 -31.12
CA SER K 179 11.59 -13.38 -30.93
C SER K 179 12.21 -14.21 -29.83
N ALA K 180 11.42 -14.83 -28.97
CA ALA K 180 11.95 -15.68 -27.93
C ALA K 180 12.25 -17.10 -28.42
N THR K 181 11.84 -17.44 -29.64
CA THR K 181 12.13 -18.73 -30.25
C THR K 181 13.14 -18.54 -31.36
N GLY K 182 14.20 -19.35 -31.35
CA GLY K 182 15.27 -19.21 -32.31
C GLY K 182 15.09 -20.09 -33.52
N GLY K 183 15.27 -19.51 -34.71
CA GLY K 183 15.20 -20.28 -35.93
C GLY K 183 16.51 -20.93 -36.27
N PRO K 184 16.53 -21.60 -37.43
CA PRO K 184 17.76 -22.29 -37.84
C PRO K 184 18.84 -21.27 -38.16
N ASP K 185 20.02 -21.47 -37.58
CA ASP K 185 21.16 -20.60 -37.81
C ASP K 185 22.05 -21.29 -38.83
N LEU K 186 21.91 -20.90 -40.09
CA LEU K 186 22.70 -21.53 -41.15
C LEU K 186 24.16 -21.10 -41.11
N VAL K 187 24.46 -19.95 -40.49
CA VAL K 187 25.85 -19.53 -40.41
C VAL K 187 26.62 -20.38 -39.41
N ARG K 188 26.08 -20.57 -38.23
CA ARG K 188 26.76 -21.36 -37.22
C ARG K 188 26.42 -22.85 -37.33
N GLY K 189 25.41 -23.19 -38.11
CA GLY K 189 25.02 -24.57 -38.21
C GLY K 189 24.39 -25.12 -36.95
N ILE K 190 23.48 -24.35 -36.35
CA ILE K 190 22.76 -24.77 -35.15
C ILE K 190 21.28 -24.86 -35.53
N PHE K 191 20.69 -26.01 -35.28
CA PHE K 191 19.32 -26.29 -35.68
C PHE K 191 18.53 -26.83 -34.50
N PRO K 192 17.20 -26.82 -34.58
CA PRO K 192 16.41 -27.43 -33.51
C PRO K 192 16.82 -28.87 -33.29
N THR K 193 16.58 -29.35 -32.08
CA THR K 193 16.82 -30.76 -31.80
C THR K 193 15.50 -31.49 -31.90
N ALA K 194 15.58 -32.76 -32.29
CA ALA K 194 14.37 -33.56 -32.46
C ALA K 194 14.61 -34.94 -31.88
N VAL K 195 13.52 -35.55 -31.45
CA VAL K 195 13.48 -36.91 -30.94
C VAL K 195 12.35 -37.62 -31.65
N ILE K 196 12.61 -38.85 -32.09
CA ILE K 196 11.63 -39.69 -32.77
C ILE K 196 11.40 -40.91 -31.90
N ILE K 197 10.14 -41.34 -31.82
CA ILE K 197 9.78 -42.46 -30.96
C ILE K 197 8.85 -43.37 -31.74
N ASP K 198 9.23 -44.63 -31.89
CA ASP K 198 8.34 -45.63 -32.48
C ASP K 198 8.51 -46.92 -31.67
N ALA K 199 8.10 -48.04 -32.26
CA ALA K 199 8.17 -49.31 -31.55
C ALA K 199 9.58 -49.69 -31.15
N ASP K 200 10.59 -49.18 -31.85
CA ASP K 200 11.97 -49.48 -31.50
C ASP K 200 12.51 -48.58 -30.40
N GLY K 201 11.73 -47.64 -29.91
CA GLY K 201 12.13 -46.79 -28.81
C GLY K 201 12.21 -45.33 -29.22
N ALA K 202 12.87 -44.56 -28.37
CA ALA K 202 13.07 -43.13 -28.58
C ALA K 202 14.54 -42.89 -28.88
N VAL K 203 14.81 -42.23 -30.00
CA VAL K 203 16.17 -41.92 -30.40
C VAL K 203 16.24 -40.47 -30.85
N ASP K 204 17.39 -39.84 -30.59
CA ASP K 204 17.66 -38.49 -31.07
C ASP K 204 17.80 -38.47 -32.58
N VAL K 205 17.12 -37.53 -33.22
CA VAL K 205 17.28 -37.34 -34.67
C VAL K 205 18.63 -36.71 -34.95
N PRO K 206 19.40 -37.23 -35.90
CA PRO K 206 20.72 -36.68 -36.17
C PRO K 206 20.65 -35.26 -36.72
N GLU K 207 21.68 -34.48 -36.40
CA GLU K 207 21.73 -33.09 -36.84
C GLU K 207 21.61 -32.98 -38.35
N SER K 208 22.16 -33.95 -39.08
CA SER K 208 22.20 -33.88 -40.53
C SER K 208 20.81 -33.71 -41.13
N ARG K 209 19.87 -34.59 -40.77
CA ARG K 209 18.59 -34.55 -41.46
C ARG K 209 17.78 -33.32 -41.08
N ILE K 210 18.02 -32.78 -39.89
CA ILE K 210 17.34 -31.53 -39.55
C ILE K 210 17.93 -30.38 -40.34
N ALA K 211 19.26 -30.33 -40.47
CA ALA K 211 19.87 -29.30 -41.28
C ALA K 211 19.37 -29.37 -42.72
N GLU K 212 19.31 -30.58 -43.26
CA GLU K 212 18.79 -30.79 -44.60
C GLU K 212 17.37 -30.26 -44.73
N LEU K 213 16.48 -30.69 -43.83
CA LEU K 213 15.09 -30.26 -43.91
C LEU K 213 14.95 -28.76 -43.74
N ALA K 214 15.74 -28.17 -42.84
CA ALA K 214 15.70 -26.72 -42.65
C ALA K 214 16.08 -25.99 -43.93
N ARG K 215 17.21 -26.36 -44.52
CA ARG K 215 17.62 -25.73 -45.78
C ARG K 215 16.53 -25.89 -46.84
N ALA K 216 15.99 -27.10 -46.97
CA ALA K 216 14.88 -27.31 -47.89
C ALA K 216 13.74 -26.32 -47.63
N ILE K 217 13.44 -26.07 -46.36
CA ILE K 217 12.33 -25.18 -46.04
C ILE K 217 12.65 -23.76 -46.44
N ILE K 218 13.84 -23.29 -46.11
CA ILE K 218 14.26 -21.93 -46.47
C ILE K 218 14.22 -21.75 -47.98
N GLU K 219 14.95 -22.60 -48.71
CA GLU K 219 14.93 -22.52 -50.17
C GLU K 219 13.52 -22.62 -50.71
N SER K 220 12.63 -23.33 -50.02
CA SER K 220 11.23 -23.37 -50.42
C SER K 220 10.55 -22.02 -50.22
N ARG K 221 11.01 -21.24 -49.23
CA ARG K 221 10.38 -19.95 -48.99
C ARG K 221 11.01 -18.85 -49.81
N SER K 222 12.17 -19.09 -50.43
CA SER K 222 12.82 -18.08 -51.26
C SER K 222 12.45 -18.17 -52.74
N GLY K 223 11.97 -19.32 -53.20
CA GLY K 223 11.64 -19.49 -54.60
C GLY K 223 12.86 -19.53 -55.49
N THR L 1 32.51 -5.73 -12.28
CA THR L 1 33.15 -7.03 -12.30
C THR L 1 33.06 -7.63 -13.68
N THR L 2 34.14 -8.27 -14.15
CA THR L 2 34.10 -9.01 -15.41
C THR L 2 35.00 -10.22 -15.30
N ILE L 3 34.45 -11.39 -15.62
CA ILE L 3 35.20 -12.64 -15.71
C ILE L 3 34.98 -13.22 -17.09
N VAL L 4 36.07 -13.60 -17.75
CA VAL L 4 36.01 -14.18 -19.09
C VAL L 4 36.62 -15.57 -19.05
N ALA L 5 36.18 -16.42 -19.97
CA ALA L 5 36.78 -17.73 -20.17
C ALA L 5 36.64 -18.07 -21.64
N LEU L 6 37.69 -18.69 -22.21
CA LEU L 6 37.63 -19.09 -23.60
C LEU L 6 38.42 -20.38 -23.79
N LYS L 7 38.01 -21.16 -24.79
CA LYS L 7 38.68 -22.41 -25.16
C LYS L 7 39.74 -22.17 -26.22
N TYR L 8 40.89 -22.79 -26.03
CA TYR L 8 41.91 -22.87 -27.07
C TYR L 8 42.26 -24.32 -27.32
N PRO L 9 42.90 -24.64 -28.46
CA PRO L 9 43.25 -26.04 -28.74
C PRO L 9 44.06 -26.68 -27.63
N GLY L 10 43.43 -27.61 -26.91
CA GLY L 10 44.06 -28.34 -25.84
C GLY L 10 43.93 -27.72 -24.47
N GLY L 11 43.13 -26.67 -24.31
CA GLY L 11 43.02 -26.08 -23.00
C GLY L 11 41.92 -25.05 -22.91
N VAL L 12 41.87 -24.41 -21.75
CA VAL L 12 40.89 -23.38 -21.41
C VAL L 12 41.59 -22.31 -20.61
N VAL L 13 41.14 -21.07 -20.75
CA VAL L 13 41.71 -19.96 -20.01
C VAL L 13 40.57 -19.16 -19.39
N MET L 14 40.81 -18.67 -18.18
CA MET L 14 39.84 -17.83 -17.49
C MET L 14 40.57 -16.69 -16.81
N ALA L 15 40.01 -15.49 -16.89
CA ALA L 15 40.66 -14.33 -16.31
C ALA L 15 39.61 -13.41 -15.73
N GLY L 16 40.00 -12.66 -14.71
CA GLY L 16 39.08 -11.77 -14.05
C GLY L 16 39.81 -10.53 -13.55
N ASP L 17 39.08 -9.43 -13.48
CA ASP L 17 39.63 -8.15 -13.06
C ASP L 17 39.81 -8.15 -11.55
N ARG L 18 40.30 -7.02 -11.03
CA ARG L 18 40.76 -6.92 -9.65
C ARG L 18 40.01 -5.89 -8.82
N ARG L 19 38.93 -5.32 -9.33
CA ARG L 19 38.30 -4.18 -8.69
C ARG L 19 37.15 -4.62 -7.79
N SER L 20 37.01 -3.95 -6.65
CA SER L 20 35.87 -4.13 -5.75
C SER L 20 35.26 -2.77 -5.48
N THR L 21 33.94 -2.67 -5.58
CA THR L 21 33.26 -1.39 -5.45
C THR L 21 32.15 -1.47 -4.41
N GLN L 22 31.90 -0.34 -3.76
CA GLN L 22 30.72 -0.11 -2.94
C GLN L 22 29.99 1.07 -3.56
N GLY L 23 29.03 0.79 -4.42
CA GLY L 23 28.39 1.84 -5.18
C GLY L 23 29.38 2.43 -6.16
N ASN L 24 29.61 3.74 -6.06
CA ASN L 24 30.56 4.41 -6.93
C ASN L 24 31.97 4.38 -6.40
N MET L 25 32.14 4.05 -5.12
CA MET L 25 33.43 4.10 -4.46
C MET L 25 34.23 2.85 -4.75
N ILE L 26 35.53 3.02 -4.98
CA ILE L 26 36.42 1.89 -5.19
C ILE L 26 36.92 1.41 -3.84
N SER L 27 36.49 0.21 -3.44
CA SER L 27 36.86 -0.37 -2.17
C SER L 27 37.95 -1.43 -2.29
N GLY L 28 38.38 -1.75 -3.50
CA GLY L 28 39.48 -2.69 -3.66
C GLY L 28 40.16 -2.67 -5.01
N ARG L 29 41.49 -2.81 -5.00
CA ARG L 29 42.28 -2.85 -6.23
C ARG L 29 43.03 -4.14 -6.45
N ASP L 30 43.19 -4.97 -5.42
CA ASP L 30 44.04 -6.16 -5.48
C ASP L 30 43.22 -7.43 -5.39
N VAL L 31 41.90 -7.29 -5.45
CA VAL L 31 40.97 -8.38 -5.22
C VAL L 31 41.19 -9.53 -6.21
N ARG L 32 40.74 -10.73 -5.82
CA ARG L 32 40.88 -11.94 -6.61
C ARG L 32 39.50 -12.56 -6.83
N LYS L 33 39.11 -12.71 -8.08
CA LYS L 33 37.79 -13.21 -8.42
C LYS L 33 37.78 -14.55 -9.16
N VAL L 34 38.93 -15.07 -9.54
CA VAL L 34 39.02 -16.35 -10.23
C VAL L 34 39.80 -17.31 -9.34
N TYR L 35 39.19 -18.46 -9.04
CA TYR L 35 39.78 -19.42 -8.13
C TYR L 35 39.91 -20.79 -8.79
N ILE L 36 41.01 -21.47 -8.51
CA ILE L 36 41.17 -22.86 -8.92
C ILE L 36 40.39 -23.72 -7.94
N THR L 37 39.31 -24.34 -8.40
CA THR L 37 38.49 -25.13 -7.49
C THR L 37 38.90 -26.59 -7.43
N ASP L 38 39.59 -27.10 -8.43
CA ASP L 38 40.20 -28.42 -8.32
C ASP L 38 41.26 -28.55 -9.41
N ASP L 39 41.97 -29.67 -9.37
CA ASP L 39 43.13 -29.89 -10.23
C ASP L 39 42.83 -29.60 -11.70
N TYR L 40 41.56 -29.70 -12.11
CA TYR L 40 41.18 -29.48 -13.50
C TYR L 40 40.01 -28.51 -13.63
N THR L 41 39.75 -27.69 -12.63
CA THR L 41 38.61 -26.80 -12.71
C THR L 41 38.91 -25.49 -12.01
N ALA L 42 38.47 -24.40 -12.64
CA ALA L 42 38.51 -23.05 -12.08
C ALA L 42 37.14 -22.43 -12.17
N THR L 43 36.82 -21.58 -11.19
CA THR L 43 35.55 -20.87 -11.14
C THR L 43 35.83 -19.40 -10.96
N GLY L 44 35.14 -18.58 -11.72
CA GLY L 44 35.17 -17.14 -11.52
C GLY L 44 33.77 -16.67 -11.19
N ILE L 45 33.65 -15.78 -10.22
CA ILE L 45 32.32 -15.39 -9.74
C ILE L 45 32.18 -13.88 -9.74
N ALA L 46 30.97 -13.42 -10.03
CA ALA L 46 30.64 -12.01 -10.02
C ALA L 46 29.47 -11.77 -9.08
N GLY L 47 29.48 -10.62 -8.41
CA GLY L 47 28.40 -10.27 -7.51
C GLY L 47 28.89 -9.89 -6.13
N THR L 48 28.06 -10.07 -5.11
CA THR L 48 28.46 -9.73 -3.76
C THR L 48 29.68 -10.54 -3.34
N ALA L 49 30.70 -9.84 -2.86
CA ALA L 49 32.00 -10.46 -2.59
C ALA L 49 31.89 -11.62 -1.63
N ALA L 50 31.24 -11.40 -0.48
CA ALA L 50 31.11 -12.43 0.55
C ALA L 50 30.52 -13.71 -0.02
N VAL L 51 29.40 -13.60 -0.73
CA VAL L 51 28.75 -14.76 -1.30
C VAL L 51 29.67 -15.44 -2.30
N ALA L 52 30.41 -14.66 -3.07
CA ALA L 52 31.28 -15.24 -4.09
C ALA L 52 32.38 -16.09 -3.47
N VAL L 53 33.09 -15.55 -2.48
CA VAL L 53 34.14 -16.34 -1.85
C VAL L 53 33.55 -17.57 -1.17
N GLU L 54 32.39 -17.42 -0.52
CA GLU L 54 31.78 -18.61 0.08
C GLU L 54 31.50 -19.66 -0.99
N PHE L 55 30.98 -19.25 -2.14
CA PHE L 55 30.78 -20.17 -3.25
C PHE L 55 32.07 -20.90 -3.61
N ALA L 56 33.14 -20.16 -3.87
CA ALA L 56 34.39 -20.81 -4.29
C ALA L 56 34.89 -21.79 -3.23
N ARG L 57 34.96 -21.36 -1.97
CA ARG L 57 35.49 -22.21 -0.91
C ARG L 57 34.63 -23.45 -0.73
N LEU L 58 33.33 -23.25 -0.51
CA LEU L 58 32.43 -24.37 -0.28
C LEU L 58 32.44 -25.35 -1.45
N TYR L 59 32.52 -24.83 -2.68
CA TYR L 59 32.52 -25.68 -3.85
C TYR L 59 33.78 -26.53 -3.92
N ALA L 60 34.95 -25.90 -3.74
CA ALA L 60 36.19 -26.65 -3.72
C ALA L 60 36.15 -27.75 -2.66
N VAL L 61 35.69 -27.41 -1.47
CA VAL L 61 35.58 -28.40 -0.40
C VAL L 61 34.64 -29.53 -0.81
N GLU L 62 33.55 -29.20 -1.49
CA GLU L 62 32.61 -30.25 -1.86
C GLU L 62 33.24 -31.22 -2.86
N LEU L 63 33.93 -30.69 -3.87
CA LEU L 63 34.57 -31.55 -4.86
C LEU L 63 35.64 -32.43 -4.22
N GLU L 64 36.59 -31.82 -3.51
CA GLU L 64 37.66 -32.62 -2.90
C GLU L 64 37.11 -33.59 -1.87
N HIS L 65 36.04 -33.20 -1.18
CA HIS L 65 35.35 -34.09 -0.26
C HIS L 65 34.88 -35.35 -0.97
N TYR L 66 34.14 -35.18 -2.07
CA TYR L 66 33.71 -36.36 -2.83
C TYR L 66 34.90 -37.18 -3.27
N GLU L 67 35.98 -36.51 -3.72
CA GLU L 67 37.13 -37.24 -4.22
C GLU L 67 37.77 -38.10 -3.13
N LYS L 68 37.90 -37.58 -1.92
CA LYS L 68 38.48 -38.40 -0.86
C LYS L 68 37.52 -39.48 -0.39
N LEU L 69 36.22 -39.20 -0.38
CA LEU L 69 35.27 -40.19 0.11
C LEU L 69 35.16 -41.38 -0.84
N GLU L 70 35.04 -41.14 -2.13
CA GLU L 70 34.74 -42.20 -3.07
C GLU L 70 35.96 -42.63 -3.88
N GLY L 71 37.12 -42.04 -3.63
CA GLY L 71 38.36 -42.47 -4.24
C GLY L 71 38.57 -42.04 -5.67
N VAL L 72 37.63 -41.33 -6.27
CA VAL L 72 37.75 -40.89 -7.65
C VAL L 72 37.06 -39.53 -7.77
N PRO L 73 37.57 -38.60 -8.56
CA PRO L 73 36.91 -37.30 -8.69
C PRO L 73 35.59 -37.44 -9.44
N LEU L 74 34.75 -36.42 -9.26
CA LEU L 74 33.47 -36.37 -9.94
C LEU L 74 33.67 -36.24 -11.44
N THR L 75 32.75 -36.82 -12.20
CA THR L 75 32.70 -36.48 -13.61
C THR L 75 32.38 -35.00 -13.75
N PHE L 76 32.74 -34.43 -14.90
CA PHE L 76 32.49 -32.99 -15.07
C PHE L 76 31.02 -32.67 -14.95
N ALA L 77 30.15 -33.49 -15.53
CA ALA L 77 28.71 -33.27 -15.39
C ALA L 77 28.30 -33.18 -13.93
N GLY L 78 28.86 -34.04 -13.08
CA GLY L 78 28.54 -33.99 -11.67
C GLY L 78 28.94 -32.68 -11.03
N LYS L 79 30.15 -32.20 -11.35
CA LYS L 79 30.61 -30.91 -10.86
C LYS L 79 29.63 -29.81 -11.28
N ILE L 80 29.18 -29.87 -12.54
CA ILE L 80 28.19 -28.92 -13.03
C ILE L 80 26.95 -28.95 -12.15
N ASN L 81 26.41 -30.14 -11.89
CA ASN L 81 25.18 -30.21 -11.12
C ASN L 81 25.38 -29.68 -9.71
N ARG L 82 26.54 -29.92 -9.12
CA ARG L 82 26.78 -29.42 -7.77
C ARG L 82 26.80 -27.91 -7.73
N LEU L 83 27.53 -27.28 -8.65
CA LEU L 83 27.53 -25.83 -8.68
C LEU L 83 26.13 -25.29 -8.93
N ALA L 84 25.39 -25.93 -9.83
CA ALA L 84 24.02 -25.52 -10.10
C ALA L 84 23.16 -25.58 -8.85
N ILE L 85 23.23 -26.69 -8.11
CA ILE L 85 22.43 -26.84 -6.91
C ILE L 85 22.80 -25.79 -5.88
N MET L 86 24.09 -25.47 -5.76
CA MET L 86 24.51 -24.43 -4.82
C MET L 86 23.93 -23.09 -5.21
N VAL L 87 24.07 -22.71 -6.47
CA VAL L 87 23.53 -21.46 -6.97
C VAL L 87 22.03 -21.38 -6.73
N ARG L 88 21.30 -22.46 -7.02
CA ARG L 88 19.86 -22.45 -6.78
C ARG L 88 19.57 -22.30 -5.29
N GLY L 89 20.33 -23.00 -4.45
CA GLY L 89 20.18 -22.84 -3.02
C GLY L 89 20.26 -21.41 -2.57
N ASN L 90 21.08 -20.59 -3.23
CA ASN L 90 21.19 -19.20 -2.83
C ASN L 90 20.08 -18.31 -3.38
N LEU L 91 19.06 -18.83 -4.06
CA LEU L 91 18.11 -17.96 -4.76
C LEU L 91 17.43 -16.97 -3.81
N ALA L 92 17.01 -17.43 -2.64
CA ALA L 92 16.28 -16.55 -1.72
C ALA L 92 17.11 -15.34 -1.34
N ALA L 93 18.33 -15.57 -0.85
CA ALA L 93 19.23 -14.47 -0.54
C ALA L 93 19.53 -13.64 -1.77
N ALA L 94 19.62 -14.27 -2.94
CA ALA L 94 19.92 -13.54 -4.16
C ALA L 94 18.86 -12.49 -4.43
N MET L 95 17.59 -12.83 -4.23
CA MET L 95 16.53 -11.85 -4.44
C MET L 95 16.70 -10.65 -3.52
N GLN L 96 17.14 -10.87 -2.29
CA GLN L 96 17.32 -9.81 -1.30
C GLN L 96 18.65 -9.07 -1.43
N GLY L 97 19.40 -9.26 -2.51
CA GLY L 97 20.58 -8.46 -2.76
C GLY L 97 21.92 -9.19 -2.71
N LEU L 98 21.98 -10.41 -2.19
CA LEU L 98 23.24 -11.14 -2.12
C LEU L 98 23.44 -12.03 -3.35
N LEU L 99 23.47 -11.40 -4.52
CA LEU L 99 23.55 -12.14 -5.76
C LEU L 99 24.99 -12.44 -6.12
N ALA L 100 25.23 -13.67 -6.59
CA ALA L 100 26.54 -14.07 -7.07
C ALA L 100 26.34 -15.13 -8.13
N LEU L 101 26.92 -14.91 -9.31
CA LEU L 101 26.83 -15.81 -10.44
C LEU L 101 28.20 -16.37 -10.76
N PRO L 102 28.33 -17.65 -10.92
CA PRO L 102 29.63 -18.21 -11.29
C PRO L 102 29.75 -18.48 -12.77
N LEU L 103 30.98 -18.70 -13.19
CA LEU L 103 31.37 -19.13 -14.52
C LEU L 103 32.37 -20.24 -14.31
N LEU L 104 32.11 -21.39 -14.92
CA LEU L 104 32.86 -22.60 -14.68
C LEU L 104 33.71 -22.90 -15.89
N ALA L 105 34.99 -23.13 -15.67
CA ALA L 105 35.89 -23.52 -16.74
C ALA L 105 36.64 -24.76 -16.31
N GLY L 106 36.69 -25.76 -17.16
CA GLY L 106 37.36 -26.99 -16.78
C GLY L 106 37.95 -27.69 -17.98
N TYR L 107 38.71 -28.74 -17.68
CA TYR L 107 39.27 -29.64 -18.67
C TYR L 107 38.80 -31.05 -18.33
N ASP L 108 38.02 -31.64 -19.23
CA ASP L 108 37.41 -32.95 -18.98
C ASP L 108 38.38 -34.04 -19.41
N ILE L 109 39.00 -34.69 -18.41
CA ILE L 109 39.96 -35.75 -18.71
C ILE L 109 39.32 -36.98 -19.32
N HIS L 110 37.99 -37.12 -19.24
CA HIS L 110 37.29 -38.26 -19.82
C HIS L 110 36.74 -37.99 -21.20
N ALA L 111 37.12 -36.89 -21.82
CA ALA L 111 36.61 -36.59 -23.15
C ALA L 111 37.30 -37.47 -24.19
N SER L 112 36.62 -37.66 -25.32
CA SER L 112 37.19 -38.45 -26.40
C SER L 112 38.42 -37.77 -26.99
N ASP L 113 38.26 -36.55 -27.49
CA ASP L 113 39.35 -35.84 -28.16
C ASP L 113 40.04 -34.93 -27.17
N PRO L 114 41.34 -35.10 -26.92
CA PRO L 114 42.03 -34.23 -25.96
C PRO L 114 42.18 -32.79 -26.42
N GLN L 115 41.91 -32.49 -27.68
CA GLN L 115 41.97 -31.12 -28.14
C GLN L 115 40.66 -30.37 -27.94
N SER L 116 39.55 -31.09 -27.83
CA SER L 116 38.24 -30.51 -27.58
C SER L 116 37.73 -30.86 -26.19
N ALA L 117 38.64 -31.11 -25.25
CA ALA L 117 38.27 -31.43 -23.88
C ALA L 117 37.97 -30.20 -23.04
N GLY L 118 38.18 -29.00 -23.57
CA GLY L 118 37.88 -27.81 -22.80
C GLY L 118 36.40 -27.63 -22.61
N ARG L 119 36.03 -27.08 -21.44
CA ARG L 119 34.63 -26.89 -21.09
C ARG L 119 34.42 -25.54 -20.45
N ILE L 120 33.35 -24.87 -20.88
CA ILE L 120 32.92 -23.59 -20.34
C ILE L 120 31.44 -23.69 -20.07
N VAL L 121 31.04 -23.47 -18.82
CA VAL L 121 29.65 -23.59 -18.38
C VAL L 121 29.25 -22.30 -17.72
N SER L 122 28.09 -21.76 -18.10
CA SER L 122 27.55 -20.55 -17.51
C SER L 122 26.28 -20.86 -16.73
N PHE L 123 25.98 -19.99 -15.76
CA PHE L 123 24.90 -20.20 -14.81
C PHE L 123 24.05 -18.95 -14.66
N ASP L 124 22.82 -19.13 -14.23
CA ASP L 124 21.92 -18.04 -13.88
C ASP L 124 21.55 -18.13 -12.40
N ALA L 125 20.90 -17.07 -11.91
CA ALA L 125 20.67 -16.94 -10.48
C ALA L 125 19.78 -18.02 -9.91
N ALA L 126 19.01 -18.71 -10.75
CA ALA L 126 18.08 -19.72 -10.29
C ALA L 126 18.64 -21.13 -10.42
N GLY L 127 19.90 -21.27 -10.81
CA GLY L 127 20.51 -22.56 -10.97
C GLY L 127 20.52 -23.13 -12.37
N GLY L 128 19.90 -22.47 -13.34
CA GLY L 128 20.03 -22.91 -14.72
C GLY L 128 21.46 -22.85 -15.19
N TRP L 129 21.81 -23.71 -16.15
CA TRP L 129 23.17 -23.74 -16.65
C TRP L 129 23.15 -24.07 -18.13
N ASN L 130 24.21 -23.65 -18.83
CA ASN L 130 24.38 -23.98 -20.24
C ASN L 130 25.86 -24.27 -20.49
N ILE L 131 26.14 -25.38 -21.16
CA ILE L 131 27.49 -25.70 -21.60
C ILE L 131 27.76 -24.95 -22.89
N GLU L 132 28.82 -24.14 -22.89
CA GLU L 132 29.04 -23.19 -23.97
C GLU L 132 29.77 -23.87 -25.12
N GLU L 133 29.09 -23.96 -26.27
CA GLU L 133 29.61 -24.68 -27.43
C GLU L 133 30.20 -23.74 -28.47
N GLU L 134 30.65 -22.54 -28.06
CA GLU L 134 31.08 -21.52 -29.01
C GLU L 134 32.44 -20.91 -28.69
N GLY L 135 33.13 -21.34 -27.64
CA GLY L 135 34.51 -21.02 -27.43
C GLY L 135 34.79 -19.96 -26.39
N TYR L 136 33.85 -19.07 -26.10
CA TYR L 136 34.09 -18.03 -25.13
C TYR L 136 32.80 -17.71 -24.39
N GLN L 137 32.95 -17.07 -23.23
CA GLN L 137 31.84 -16.58 -22.42
C GLN L 137 32.39 -15.64 -21.37
N ALA L 138 31.52 -14.79 -20.84
CA ALA L 138 31.89 -13.87 -19.77
C ALA L 138 30.69 -13.64 -18.87
N VAL L 139 30.97 -13.10 -17.68
CA VAL L 139 29.93 -12.78 -16.70
C VAL L 139 30.37 -11.55 -15.95
N GLY L 140 29.41 -10.76 -15.51
CA GLY L 140 29.67 -9.53 -14.78
C GLY L 140 29.11 -8.33 -15.51
N SER L 141 29.29 -7.16 -14.89
CA SER L 141 28.70 -5.93 -15.41
C SER L 141 29.32 -5.51 -16.74
N GLY L 142 30.54 -5.95 -17.03
CA GLY L 142 31.16 -5.72 -18.31
C GLY L 142 31.14 -6.91 -19.23
N SER L 143 30.34 -7.93 -18.92
CA SER L 143 30.38 -9.16 -19.67
C SER L 143 29.97 -8.96 -21.11
N LEU L 144 29.09 -8.00 -21.37
CA LEU L 144 28.61 -7.79 -22.73
C LEU L 144 29.73 -7.22 -23.59
N PHE L 145 30.49 -6.27 -23.05
CA PHE L 145 31.61 -5.70 -23.80
C PHE L 145 32.68 -6.74 -24.04
N ALA L 146 32.98 -7.58 -23.05
CA ALA L 146 34.00 -8.60 -23.23
C ALA L 146 33.57 -9.62 -24.27
N LYS L 147 32.30 -10.04 -24.21
CA LYS L 147 31.80 -10.96 -25.22
C LYS L 147 31.86 -10.34 -26.61
N SER L 148 31.50 -9.07 -26.74
CA SER L 148 31.51 -8.45 -28.06
C SER L 148 32.93 -8.26 -28.57
N SER L 149 33.90 -8.05 -27.68
CA SER L 149 35.29 -7.97 -28.10
C SER L 149 35.79 -9.33 -28.55
N MET L 150 35.56 -10.37 -27.74
CA MET L 150 36.00 -11.70 -28.10
C MET L 150 35.34 -12.18 -29.39
N LYS L 151 34.11 -11.74 -29.65
CA LYS L 151 33.44 -12.11 -30.89
C LYS L 151 34.26 -11.68 -32.10
N LYS L 152 34.99 -10.58 -31.99
CA LYS L 152 35.81 -10.09 -33.10
C LYS L 152 37.23 -10.62 -33.05
N LEU L 153 37.75 -10.88 -31.85
CA LEU L 153 39.14 -11.31 -31.70
C LEU L 153 39.32 -12.83 -31.65
N TYR L 154 38.25 -13.62 -31.67
CA TYR L 154 38.41 -15.03 -31.37
C TYR L 154 39.11 -15.78 -32.50
N SER L 155 39.01 -15.27 -33.73
CA SER L 155 39.67 -15.92 -34.85
C SER L 155 41.16 -16.06 -34.62
N GLN L 156 41.75 -15.20 -33.80
CA GLN L 156 43.20 -15.18 -33.57
C GLN L 156 43.67 -16.18 -32.52
N VAL L 157 42.78 -16.97 -31.93
CA VAL L 157 43.18 -17.88 -30.86
C VAL L 157 43.64 -19.18 -31.51
N THR L 158 44.92 -19.49 -31.37
CA THR L 158 45.48 -20.72 -31.92
C THR L 158 46.24 -21.55 -30.91
N ASP L 159 46.68 -20.98 -29.80
CA ASP L 159 47.43 -21.68 -28.78
C ASP L 159 47.09 -21.09 -27.43
N GLY L 160 47.83 -21.49 -26.40
CA GLY L 160 47.56 -20.95 -25.08
C GLY L 160 47.87 -19.47 -24.97
N ASP L 161 48.90 -19.02 -25.66
CA ASP L 161 49.31 -17.62 -25.52
C ASP L 161 48.35 -16.69 -26.23
N SER L 162 47.94 -17.01 -27.46
CA SER L 162 46.99 -16.17 -28.15
C SER L 162 45.65 -16.12 -27.41
N GLY L 163 45.20 -17.26 -26.89
CA GLY L 163 43.97 -17.27 -26.11
C GLY L 163 44.09 -16.44 -24.86
N LEU L 164 45.22 -16.56 -24.17
CA LEU L 164 45.44 -15.73 -22.99
C LEU L 164 45.39 -14.26 -23.37
N ARG L 165 45.94 -13.92 -24.53
CA ARG L 165 45.98 -12.52 -24.96
C ARG L 165 44.59 -12.00 -25.26
N VAL L 166 43.81 -12.73 -26.06
CA VAL L 166 42.45 -12.32 -26.34
C VAL L 166 41.67 -12.18 -25.04
N ALA L 167 41.93 -13.05 -24.08
CA ALA L 167 41.24 -12.93 -22.79
C ALA L 167 41.56 -11.62 -22.11
N VAL L 168 42.84 -11.31 -21.95
CA VAL L 168 43.21 -10.07 -21.27
C VAL L 168 42.70 -8.86 -22.03
N GLU L 169 42.70 -8.92 -23.37
CA GLU L 169 42.22 -7.78 -24.14
C GLU L 169 40.72 -7.60 -23.95
N ALA L 170 39.97 -8.69 -23.87
CA ALA L 170 38.56 -8.60 -23.55
C ALA L 170 38.35 -7.94 -22.20
N LEU L 171 39.13 -8.31 -21.20
CA LEU L 171 39.05 -7.59 -19.93
C LEU L 171 39.40 -6.12 -20.08
N TYR L 172 40.30 -5.78 -21.01
CA TYR L 172 40.65 -4.39 -21.26
C TYR L 172 39.48 -3.61 -21.81
N ASP L 173 38.80 -4.16 -22.82
CA ASP L 173 37.63 -3.48 -23.36
C ASP L 173 36.51 -3.39 -22.32
N ALA L 174 36.32 -4.46 -21.55
CA ALA L 174 35.32 -4.42 -20.49
C ALA L 174 35.58 -3.28 -19.54
N ALA L 175 36.79 -3.19 -19.00
CA ALA L 175 37.11 -2.09 -18.12
C ALA L 175 37.04 -0.76 -18.84
N ASP L 176 37.20 -0.76 -20.16
CA ASP L 176 37.14 0.47 -20.93
C ASP L 176 35.73 1.04 -20.95
N ASP L 177 34.71 0.19 -20.97
CA ASP L 177 33.34 0.69 -21.02
C ASP L 177 32.55 0.52 -19.72
N ASP L 178 33.11 -0.14 -18.70
CA ASP L 178 32.38 -0.36 -17.44
C ASP L 178 33.24 0.10 -16.26
N SER L 179 32.72 1.02 -15.47
CA SER L 179 33.49 1.57 -14.35
C SER L 179 33.61 0.60 -13.19
N ALA L 180 32.77 -0.42 -13.13
CA ALA L 180 32.87 -1.40 -12.07
C ALA L 180 33.91 -2.46 -12.37
N THR L 181 34.48 -2.46 -13.58
CA THR L 181 35.53 -3.36 -13.98
C THR L 181 36.84 -2.60 -14.04
N GLY L 182 37.88 -3.13 -13.40
CA GLY L 182 39.15 -2.44 -13.32
C GLY L 182 40.08 -2.86 -14.43
N GLY L 183 40.68 -1.88 -15.08
CA GLY L 183 41.67 -2.14 -16.10
C GLY L 183 43.04 -2.29 -15.50
N PRO L 184 44.06 -2.44 -16.33
CA PRO L 184 45.41 -2.60 -15.81
C PRO L 184 45.89 -1.33 -15.13
N ASP L 185 46.39 -1.47 -13.91
CA ASP L 185 46.90 -0.35 -13.12
C ASP L 185 48.41 -0.40 -13.27
N LEU L 186 48.94 0.37 -14.22
CA LEU L 186 50.38 0.35 -14.45
C LEU L 186 51.14 1.09 -13.36
N VAL L 187 50.47 1.97 -12.62
CA VAL L 187 51.13 2.70 -11.55
C VAL L 187 51.43 1.78 -10.38
N ARG L 188 50.44 1.02 -9.93
CA ARG L 188 50.60 0.10 -8.82
C ARG L 188 51.03 -1.29 -9.26
N GLY L 189 50.98 -1.58 -10.55
CA GLY L 189 51.33 -2.90 -11.04
C GLY L 189 50.33 -3.97 -10.67
N ILE L 190 49.04 -3.69 -10.83
CA ILE L 190 47.99 -4.65 -10.52
C ILE L 190 47.29 -4.99 -11.81
N PHE L 191 47.24 -6.27 -12.14
CA PHE L 191 46.70 -6.73 -13.42
C PHE L 191 45.68 -7.82 -13.17
N PRO L 192 44.83 -8.13 -14.16
CA PRO L 192 43.87 -9.22 -13.98
C PRO L 192 44.56 -10.52 -13.62
N THR L 193 43.82 -11.39 -12.93
CA THR L 193 44.33 -12.72 -12.63
C THR L 193 43.80 -13.69 -13.66
N ALA L 194 44.61 -14.68 -14.00
CA ALA L 194 44.22 -15.65 -15.00
C ALA L 194 44.65 -17.03 -14.54
N VAL L 195 43.90 -18.02 -15.01
CA VAL L 195 44.14 -19.43 -14.78
C VAL L 195 44.06 -20.12 -16.14
N ILE L 196 45.02 -21.00 -16.41
CA ILE L 196 45.04 -21.78 -17.64
C ILE L 196 45.01 -23.24 -17.26
N ILE L 197 44.26 -24.03 -18.03
CA ILE L 197 44.03 -25.45 -17.72
C ILE L 197 44.21 -26.27 -18.99
N ASP L 198 45.09 -27.26 -18.93
CA ASP L 198 45.25 -28.21 -20.03
C ASP L 198 45.35 -29.60 -19.45
N ALA L 199 45.81 -30.56 -20.24
CA ALA L 199 45.91 -31.93 -19.78
C ALA L 199 46.85 -32.07 -18.59
N ASP L 200 47.79 -31.16 -18.44
CA ASP L 200 48.73 -31.21 -17.33
C ASP L 200 48.17 -30.58 -16.07
N GLY L 201 46.96 -30.07 -16.09
CA GLY L 201 46.30 -29.52 -14.92
C GLY L 201 45.98 -28.05 -15.05
N ALA L 202 45.63 -27.43 -13.92
CA ALA L 202 45.27 -26.03 -13.83
C ALA L 202 46.34 -25.27 -13.09
N VAL L 203 46.84 -24.19 -13.68
CA VAL L 203 47.89 -23.38 -13.07
C VAL L 203 47.54 -21.90 -13.18
N ASP L 204 47.92 -21.15 -12.14
CA ASP L 204 47.83 -19.69 -12.16
C ASP L 204 48.85 -19.12 -13.12
N VAL L 205 48.42 -18.21 -14.00
CA VAL L 205 49.34 -17.49 -14.87
C VAL L 205 50.08 -16.44 -14.05
N PRO L 206 51.40 -16.34 -14.16
CA PRO L 206 52.15 -15.38 -13.35
C PRO L 206 51.78 -13.94 -13.68
N GLU L 207 51.85 -13.09 -12.66
CA GLU L 207 51.45 -11.69 -12.82
C GLU L 207 52.28 -11.01 -13.90
N SER L 208 53.57 -11.32 -13.96
CA SER L 208 54.46 -10.67 -14.92
C SER L 208 54.01 -10.90 -16.36
N ARG L 209 53.51 -12.11 -16.65
CA ARG L 209 53.09 -12.44 -18.00
C ARG L 209 51.90 -11.60 -18.43
N ILE L 210 50.88 -11.54 -17.59
CA ILE L 210 49.73 -10.68 -17.87
C ILE L 210 50.17 -9.24 -17.98
N ALA L 211 51.12 -8.82 -17.15
CA ALA L 211 51.65 -7.46 -17.27
C ALA L 211 52.17 -7.22 -18.68
N GLU L 212 52.99 -8.14 -19.19
CA GLU L 212 53.48 -8.01 -20.55
C GLU L 212 52.33 -7.89 -21.54
N LEU L 213 51.30 -8.73 -21.40
CA LEU L 213 50.22 -8.67 -22.37
C LEU L 213 49.46 -7.36 -22.28
N ALA L 214 49.24 -6.86 -21.07
CA ALA L 214 48.58 -5.57 -20.90
C ALA L 214 49.36 -4.48 -21.61
N ARG L 215 50.67 -4.38 -21.34
CA ARG L 215 51.47 -3.37 -22.00
C ARG L 215 51.40 -3.53 -23.51
N ALA L 216 51.39 -4.77 -24.01
CA ALA L 216 51.30 -4.97 -25.45
C ALA L 216 50.00 -4.39 -26.00
N ILE L 217 48.90 -4.61 -25.29
CA ILE L 217 47.61 -4.12 -25.77
C ILE L 217 47.60 -2.60 -25.74
N ILE L 218 48.05 -2.01 -24.64
CA ILE L 218 48.10 -0.56 -24.49
C ILE L 218 48.93 0.07 -25.61
N GLU L 219 50.12 -0.47 -25.86
CA GLU L 219 50.92 0.06 -26.96
C GLU L 219 50.18 -0.08 -28.29
N SER L 220 49.50 -1.20 -28.52
CA SER L 220 48.77 -1.38 -29.77
C SER L 220 47.67 -0.34 -29.93
N ARG L 221 47.14 0.17 -28.82
CA ARG L 221 46.05 1.13 -28.88
C ARG L 221 46.53 2.58 -29.00
N SER L 222 47.82 2.83 -28.81
CA SER L 222 48.36 4.19 -28.88
C SER L 222 48.88 4.57 -30.26
N GLY L 223 48.91 3.64 -31.21
CA GLY L 223 49.41 3.94 -32.53
C GLY L 223 50.92 4.09 -32.60
N THR M 1 32.15 7.62 14.65
CA THR M 1 33.19 6.65 14.92
C THR M 1 34.25 6.66 13.83
N THR M 2 35.51 6.51 14.20
CA THR M 2 36.56 6.26 13.22
C THR M 2 37.61 5.38 13.85
N ILE M 3 37.95 4.29 13.17
CA ILE M 3 39.00 3.37 13.58
C ILE M 3 40.03 3.32 12.47
N VAL M 4 41.28 3.49 12.83
CA VAL M 4 42.37 3.46 11.87
C VAL M 4 43.33 2.35 12.27
N ALA M 5 43.99 1.78 11.26
CA ALA M 5 45.04 0.80 11.50
C ALA M 5 46.06 0.92 10.39
N LEU M 6 47.34 0.85 10.75
CA LEU M 6 48.38 0.94 9.75
C LEU M 6 49.56 0.07 10.15
N LYS M 7 50.30 -0.38 9.14
CA LYS M 7 51.48 -1.20 9.30
C LYS M 7 52.72 -0.32 9.42
N TYR M 8 53.60 -0.66 10.36
CA TYR M 8 54.92 -0.07 10.39
C TYR M 8 55.94 -1.19 10.34
N PRO M 9 57.21 -0.89 10.04
CA PRO M 9 58.22 -1.96 9.97
C PRO M 9 58.27 -2.79 11.24
N GLY M 10 57.82 -4.02 11.13
CA GLY M 10 57.85 -4.95 12.25
C GLY M 10 56.65 -4.93 13.15
N GLY M 11 55.59 -4.21 12.81
CA GLY M 11 54.43 -4.19 13.67
C GLY M 11 53.24 -3.52 13.01
N VAL M 12 52.19 -3.36 13.80
CA VAL M 12 50.95 -2.73 13.36
C VAL M 12 50.38 -1.91 14.50
N VAL M 13 49.65 -0.86 14.16
CA VAL M 13 49.05 0.04 15.14
C VAL M 13 47.58 0.25 14.80
N MET M 14 46.75 0.36 15.84
CA MET M 14 45.34 0.63 15.67
C MET M 14 44.90 1.68 16.67
N ALA M 15 44.08 2.63 16.24
CA ALA M 15 43.62 3.67 17.13
C ALA M 15 42.17 3.99 16.82
N GLY M 16 41.44 4.42 17.86
CA GLY M 16 40.04 4.72 17.71
C GLY M 16 39.63 5.86 18.62
N ASP M 17 38.60 6.58 18.19
CA ASP M 17 38.08 7.74 18.91
C ASP M 17 37.21 7.28 20.08
N ARG M 18 36.66 8.26 20.81
CA ARG M 18 36.02 8.01 22.09
C ARG M 18 34.57 8.45 22.16
N ARG M 19 33.94 8.81 21.05
CA ARG M 19 32.63 9.43 21.09
C ARG M 19 31.54 8.40 20.88
N SER M 20 30.44 8.58 21.61
CA SER M 20 29.22 7.79 21.43
C SER M 20 28.07 8.75 21.21
N THR M 21 27.28 8.51 20.17
CA THR M 21 26.19 9.42 19.81
C THR M 21 24.87 8.66 19.68
N GLN M 22 23.78 9.38 19.96
CA GLN M 22 22.41 8.96 19.66
C GLN M 22 21.85 10.00 18.70
N GLY M 23 21.96 9.73 17.41
CA GLY M 23 21.58 10.75 16.45
C GLY M 23 22.52 11.92 16.51
N ASN M 24 21.98 13.10 16.82
CA ASN M 24 22.81 14.29 16.94
C ASN M 24 23.37 14.46 18.33
N MET M 25 22.82 13.79 19.33
CA MET M 25 23.20 13.98 20.71
C MET M 25 24.45 13.18 21.08
N ILE M 26 25.32 13.79 21.87
CA ILE M 26 26.51 13.12 22.37
C ILE M 26 26.14 12.38 23.64
N SER M 27 26.13 11.05 23.57
CA SER M 27 25.78 10.20 24.70
C SER M 27 26.99 9.58 25.37
N GLY M 28 28.19 9.82 24.87
CA GLY M 28 29.38 9.30 25.51
C GLY M 28 30.64 10.00 25.08
N ARG M 29 31.58 10.20 26.00
CA ARG M 29 32.85 10.84 25.68
C ARG M 29 34.07 9.97 25.91
N ASP M 30 33.95 8.86 26.65
CA ASP M 30 35.11 8.10 27.05
C ASP M 30 35.13 6.66 26.52
N VAL M 31 34.20 6.29 25.63
CA VAL M 31 34.07 4.90 25.25
C VAL M 31 35.37 4.38 24.63
N ARG M 32 35.52 3.06 24.67
CA ARG M 32 36.69 2.41 24.10
C ARG M 32 36.21 1.52 22.96
N LYS M 33 36.73 1.77 21.77
CA LYS M 33 36.29 1.05 20.58
C LYS M 33 37.36 0.11 20.05
N VAL M 34 38.55 0.12 20.64
CA VAL M 34 39.65 -0.74 20.23
C VAL M 34 39.94 -1.69 21.37
N TYR M 35 39.90 -2.99 21.09
CA TYR M 35 40.07 -4.04 22.09
C TYR M 35 41.20 -4.98 21.67
N ILE M 36 42.00 -5.40 22.65
CA ILE M 36 42.98 -6.45 22.45
C ILE M 36 42.23 -7.77 22.53
N THR M 37 42.15 -8.50 21.41
CA THR M 37 41.38 -9.74 21.40
C THR M 37 42.22 -10.96 21.71
N ASP M 38 43.53 -10.90 21.48
CA ASP M 38 44.41 -11.98 21.93
C ASP M 38 45.82 -11.47 21.87
N ASP M 39 46.77 -12.28 22.34
CA ASP M 39 48.15 -11.84 22.48
C ASP M 39 48.72 -11.22 21.21
N TYR M 40 48.17 -11.55 20.04
CA TYR M 40 48.69 -11.01 18.80
C TYR M 40 47.59 -10.43 17.93
N THR M 41 46.45 -10.06 18.50
CA THR M 41 45.33 -9.54 17.71
C THR M 41 44.57 -8.48 18.47
N ALA M 42 44.21 -7.41 17.76
CA ALA M 42 43.34 -6.36 18.26
C ALA M 42 42.21 -6.14 17.25
N THR M 43 41.03 -5.80 17.78
CA THR M 43 39.84 -5.55 16.98
C THR M 43 39.24 -4.22 17.37
N GLY M 44 38.90 -3.40 16.39
CA GLY M 44 38.16 -2.17 16.61
C GLY M 44 36.85 -2.21 15.83
N ILE M 45 35.77 -1.76 16.46
CA ILE M 45 34.47 -1.92 15.83
C ILE M 45 33.75 -0.58 15.74
N ALA M 46 32.99 -0.41 14.67
CA ALA M 46 32.18 0.79 14.44
C ALA M 46 30.74 0.40 14.23
N GLY M 47 29.81 1.20 14.73
CA GLY M 47 28.41 0.92 14.54
C GLY M 47 27.61 0.91 15.83
N THR M 48 26.54 0.14 15.86
CA THR M 48 25.73 0.06 17.07
C THR M 48 26.56 -0.48 18.22
N ALA M 49 26.55 0.26 19.33
CA ALA M 49 27.43 -0.06 20.46
C ALA M 49 27.21 -1.48 20.96
N ALA M 50 25.95 -1.84 21.23
CA ALA M 50 25.66 -3.17 21.76
C ALA M 50 26.26 -4.25 20.88
N VAL M 51 26.00 -4.17 19.58
CA VAL M 51 26.50 -5.18 18.66
C VAL M 51 28.02 -5.16 18.60
N ALA M 52 28.62 -3.96 18.67
CA ALA M 52 30.07 -3.86 18.56
C ALA M 52 30.75 -4.53 19.74
N VAL M 53 30.32 -4.18 20.96
CA VAL M 53 30.93 -4.77 22.15
C VAL M 53 30.70 -6.27 22.19
N GLU M 54 29.49 -6.71 21.86
CA GLU M 54 29.25 -8.15 21.85
C GLU M 54 30.17 -8.84 20.84
N PHE M 55 30.39 -8.21 19.68
CA PHE M 55 31.36 -8.75 18.74
C PHE M 55 32.73 -8.92 19.39
N ALA M 56 33.29 -7.84 19.94
CA ALA M 56 34.64 -7.92 20.49
C ALA M 56 34.75 -8.98 21.57
N ARG M 57 33.78 -8.97 22.50
CA ARG M 57 33.78 -9.89 23.63
C ARG M 57 33.68 -11.33 23.16
N LEU M 58 32.64 -11.64 22.38
CA LEU M 58 32.43 -12.99 21.91
C LEU M 58 33.59 -13.48 21.06
N TYR M 59 34.20 -12.59 20.29
CA TYR M 59 35.33 -12.98 19.45
C TYR M 59 36.52 -13.39 20.29
N ALA M 60 36.87 -12.57 21.29
CA ALA M 60 37.95 -12.97 22.20
C ALA M 60 37.65 -14.31 22.85
N VAL M 61 36.41 -14.48 23.32
CA VAL M 61 36.02 -15.75 23.93
C VAL M 61 36.22 -16.90 22.95
N GLU M 62 35.86 -16.69 21.69
CA GLU M 62 35.96 -17.78 20.72
C GLU M 62 37.41 -18.15 20.46
N LEU M 63 38.28 -17.15 20.29
CA LEU M 63 39.69 -17.43 20.02
C LEU M 63 40.33 -18.18 21.18
N GLU M 64 40.20 -17.66 22.39
CA GLU M 64 40.81 -18.34 23.52
C GLU M 64 40.18 -19.71 23.73
N HIS M 65 38.89 -19.86 23.42
CA HIS M 65 38.24 -21.16 23.49
C HIS M 65 38.95 -22.17 22.61
N TYR M 66 39.15 -21.85 21.33
CA TYR M 66 39.87 -22.75 20.46
C TYR M 66 41.27 -23.04 21.01
N GLU M 67 41.93 -22.00 21.55
CA GLU M 67 43.30 -22.20 22.04
C GLU M 67 43.35 -23.21 23.17
N LYS M 68 42.42 -23.11 24.12
CA LYS M 68 42.44 -24.04 25.24
C LYS M 68 41.98 -25.43 24.83
N LEU M 69 41.03 -25.52 23.89
CA LEU M 69 40.56 -26.84 23.49
C LEU M 69 41.64 -27.61 22.72
N GLU M 70 42.30 -26.96 21.77
CA GLU M 70 43.23 -27.68 20.90
C GLU M 70 44.69 -27.44 21.21
N GLY M 71 45.02 -26.64 22.22
CA GLY M 71 46.40 -26.49 22.63
C GLY M 71 47.25 -25.58 21.77
N VAL M 72 46.70 -24.98 20.74
CA VAL M 72 47.44 -24.06 19.87
C VAL M 72 46.46 -23.00 19.39
N PRO M 73 46.87 -21.75 19.24
CA PRO M 73 45.94 -20.74 18.75
C PRO M 73 45.61 -20.96 17.29
N LEU M 74 44.52 -20.34 16.86
CA LEU M 74 44.13 -20.41 15.47
C LEU M 74 45.16 -19.75 14.59
N THR M 75 45.32 -20.28 13.38
CA THR M 75 46.07 -19.56 12.37
C THR M 75 45.36 -18.26 12.06
N PHE M 76 46.13 -17.28 11.55
CA PHE M 76 45.55 -15.97 11.31
C PHE M 76 44.39 -16.07 10.34
N ALA M 77 44.55 -16.86 9.29
CA ALA M 77 43.44 -17.09 8.37
C ALA M 77 42.21 -17.58 9.11
N GLY M 78 42.39 -18.48 10.07
CA GLY M 78 41.25 -18.97 10.82
C GLY M 78 40.55 -17.88 11.61
N LYS M 79 41.34 -17.05 12.29
CA LYS M 79 40.78 -15.91 13.03
C LYS M 79 39.96 -15.01 12.10
N ILE M 80 40.51 -14.73 10.91
CA ILE M 80 39.76 -13.96 9.93
C ILE M 80 38.43 -14.64 9.63
N ASN M 81 38.46 -15.94 9.37
CA ASN M 81 37.22 -16.60 8.96
C ASN M 81 36.19 -16.56 10.06
N ARG M 82 36.60 -16.71 11.32
CA ARG M 82 35.60 -16.70 12.38
C ARG M 82 34.99 -15.32 12.53
N LEU M 83 35.83 -14.27 12.50
CA LEU M 83 35.28 -12.91 12.57
C LEU M 83 34.30 -12.66 11.43
N ALA M 84 34.67 -13.07 10.22
CA ALA M 84 33.78 -12.89 9.06
C ALA M 84 32.46 -13.62 9.28
N ILE M 85 32.51 -14.86 9.74
CA ILE M 85 31.28 -15.62 9.94
C ILE M 85 30.39 -14.94 10.98
N MET M 86 31.01 -14.35 12.00
CA MET M 86 30.22 -13.63 12.99
C MET M 86 29.49 -12.46 12.34
N VAL M 87 30.24 -11.64 11.60
CA VAL M 87 29.64 -10.48 10.94
C VAL M 87 28.50 -10.91 10.02
N ARG M 88 28.71 -11.98 9.24
CA ARG M 88 27.65 -12.48 8.38
C ARG M 88 26.45 -12.91 9.19
N GLY M 89 26.69 -13.53 10.34
CA GLY M 89 25.59 -13.94 11.19
C GLY M 89 24.69 -12.79 11.55
N ASN M 90 25.28 -11.61 11.75
CA ASN M 90 24.45 -10.46 12.16
C ASN M 90 23.72 -9.78 11.01
N LEU M 91 23.79 -10.30 9.78
CA LEU M 91 23.33 -9.53 8.63
C LEU M 91 21.87 -9.11 8.74
N ALA M 92 20.98 -10.00 9.20
CA ALA M 92 19.58 -9.65 9.27
C ALA M 92 19.33 -8.46 10.18
N ALA M 93 19.83 -8.54 11.41
CA ALA M 93 19.71 -7.43 12.34
C ALA M 93 20.32 -6.17 11.76
N ALA M 94 21.44 -6.30 11.06
CA ALA M 94 22.04 -5.13 10.43
C ALA M 94 21.07 -4.50 9.44
N MET M 95 20.40 -5.34 8.65
CA MET M 95 19.42 -4.84 7.71
C MET M 95 18.28 -4.13 8.40
N GLN M 96 18.01 -4.45 9.67
CA GLN M 96 17.01 -3.66 10.41
C GLN M 96 17.63 -2.57 11.28
N GLY M 97 18.89 -2.23 11.08
CA GLY M 97 19.48 -1.08 11.76
C GLY M 97 20.57 -1.35 12.78
N LEU M 98 20.80 -2.60 13.18
CA LEU M 98 21.85 -2.89 14.17
C LEU M 98 23.17 -3.26 13.49
N LEU M 99 23.71 -2.32 12.72
CA LEU M 99 24.89 -2.58 11.92
C LEU M 99 26.16 -2.33 12.72
N ALA M 100 27.14 -3.21 12.55
CA ALA M 100 28.45 -3.05 13.18
C ALA M 100 29.49 -3.71 12.30
N LEU M 101 30.55 -2.98 11.96
CA LEU M 101 31.62 -3.48 11.14
C LEU M 101 32.92 -3.49 11.94
N PRO M 102 33.66 -4.57 11.93
CA PRO M 102 34.95 -4.58 12.62
C PRO M 102 36.11 -4.29 11.69
N LEU M 103 37.26 -4.00 12.30
CA LEU M 103 38.54 -3.84 11.62
C LEU M 103 39.56 -4.59 12.45
N LEU M 104 40.31 -5.47 11.80
CA LEU M 104 41.18 -6.43 12.47
C LEU M 104 42.65 -6.07 12.23
N ALA M 105 43.44 -6.03 13.30
CA ALA M 105 44.88 -5.80 13.19
C ALA M 105 45.61 -6.87 13.98
N GLY M 106 46.64 -7.47 13.36
CA GLY M 106 47.34 -8.54 14.03
C GLY M 106 48.77 -8.62 13.59
N TYR M 107 49.52 -9.49 14.25
CA TYR M 107 50.90 -9.82 13.91
C TYR M 107 50.95 -11.32 13.70
N ASP M 108 51.26 -11.75 12.48
CA ASP M 108 51.22 -13.18 12.15
C ASP M 108 52.52 -13.82 12.57
N ILE M 109 52.49 -14.56 13.68
CA ILE M 109 53.70 -15.17 14.21
C ILE M 109 54.24 -16.25 13.29
N HIS M 110 53.44 -16.75 12.36
CA HIS M 110 53.84 -17.77 11.41
C HIS M 110 54.23 -17.18 10.06
N ALA M 111 54.39 -15.87 9.98
CA ALA M 111 54.64 -15.22 8.70
C ALA M 111 56.04 -15.52 8.17
N SER M 112 56.18 -15.38 6.87
CA SER M 112 57.46 -15.64 6.21
C SER M 112 58.51 -14.64 6.70
N ASP M 113 58.29 -13.36 6.45
CA ASP M 113 59.24 -12.32 6.81
C ASP M 113 58.78 -11.67 8.11
N PRO M 114 59.59 -11.67 9.18
CA PRO M 114 59.15 -11.08 10.45
C PRO M 114 58.98 -9.57 10.43
N GLN M 115 59.28 -8.89 9.31
CA GLN M 115 59.06 -7.46 9.23
C GLN M 115 57.77 -7.09 8.52
N SER M 116 57.23 -7.98 7.70
CA SER M 116 55.94 -7.77 7.05
C SER M 116 54.87 -8.67 7.66
N ALA M 117 55.03 -9.03 8.94
CA ALA M 117 54.09 -9.89 9.64
C ALA M 117 52.85 -9.14 10.14
N GLY M 118 52.81 -7.82 9.99
CA GLY M 118 51.60 -7.10 10.34
C GLY M 118 50.48 -7.41 9.37
N ARG M 119 49.26 -7.42 9.88
CA ARG M 119 48.08 -7.74 9.08
C ARG M 119 46.95 -6.80 9.43
N ILE M 120 46.27 -6.29 8.40
CA ILE M 120 45.11 -5.42 8.56
C ILE M 120 44.01 -5.95 7.66
N VAL M 121 42.86 -6.26 8.25
CA VAL M 121 41.75 -6.88 7.53
C VAL M 121 40.51 -6.04 7.76
N SER M 122 39.79 -5.73 6.68
CA SER M 122 38.53 -5.00 6.77
C SER M 122 37.38 -5.92 6.38
N PHE M 123 36.19 -5.58 6.86
CA PHE M 123 35.01 -6.42 6.68
C PHE M 123 33.82 -5.59 6.23
N ASP M 124 32.88 -6.24 5.55
CA ASP M 124 31.62 -5.61 5.23
C ASP M 124 30.48 -6.36 5.91
N ALA M 125 29.30 -5.77 5.86
CA ALA M 125 28.17 -6.27 6.64
C ALA M 125 27.77 -7.68 6.27
N ALA M 126 28.19 -8.18 5.12
CA ALA M 126 27.80 -9.51 4.66
C ALA M 126 28.84 -10.58 4.97
N GLY M 127 29.89 -10.25 5.71
CA GLY M 127 30.92 -11.21 6.01
C GLY M 127 32.09 -11.21 5.06
N GLY M 128 32.04 -10.42 4.00
CA GLY M 128 33.20 -10.26 3.15
C GLY M 128 34.35 -9.62 3.91
N TRP M 129 35.56 -9.90 3.46
CA TRP M 129 36.77 -9.37 4.09
C TRP M 129 37.81 -9.09 3.03
N ASN M 130 38.73 -8.19 3.35
CA ASN M 130 39.87 -7.93 2.49
C ASN M 130 41.11 -7.74 3.34
N ILE M 131 42.16 -8.46 3.00
CA ILE M 131 43.46 -8.25 3.60
C ILE M 131 44.14 -7.11 2.86
N GLU M 132 44.46 -6.05 3.60
CA GLU M 132 44.90 -4.80 3.00
C GLU M 132 46.41 -4.81 2.83
N GLU M 133 46.88 -4.67 1.60
CA GLU M 133 48.31 -4.50 1.36
C GLU M 133 48.72 -3.05 1.18
N GLU M 134 47.77 -2.15 0.89
CA GLU M 134 48.11 -0.74 0.73
C GLU M 134 48.71 -0.15 2.00
N GLY M 135 48.71 -0.88 3.11
CA GLY M 135 49.44 -0.48 4.29
C GLY M 135 48.61 0.14 5.40
N TYR M 136 47.44 0.70 5.07
CA TYR M 136 46.59 1.36 6.06
C TYR M 136 45.14 1.10 5.70
N GLN M 137 44.26 1.29 6.68
CA GLN M 137 42.84 1.12 6.43
C GLN M 137 42.07 1.75 7.59
N ALA M 138 40.79 2.07 7.35
CA ALA M 138 39.95 2.65 8.39
C ALA M 138 38.50 2.22 8.21
N VAL M 139 37.71 2.39 9.27
CA VAL M 139 36.29 2.06 9.26
C VAL M 139 35.56 3.06 10.15
N GLY M 140 34.31 3.35 9.80
CA GLY M 140 33.48 4.27 10.55
C GLY M 140 33.05 5.46 9.70
N SER M 141 32.24 6.31 10.32
CA SER M 141 31.65 7.42 9.59
C SER M 141 32.67 8.43 9.12
N GLY M 142 33.84 8.49 9.76
CA GLY M 142 34.94 9.33 9.33
C GLY M 142 36.04 8.59 8.61
N SER M 143 35.81 7.34 8.20
CA SER M 143 36.89 6.53 7.64
C SER M 143 37.44 7.11 6.34
N LEU M 144 36.61 7.80 5.56
CA LEU M 144 37.10 8.35 4.30
C LEU M 144 38.08 9.49 4.53
N PHE M 145 37.79 10.35 5.50
CA PHE M 145 38.70 11.44 5.80
C PHE M 145 40.03 10.91 6.33
N ALA M 146 39.97 9.89 7.20
CA ALA M 146 41.20 9.33 7.75
C ALA M 146 42.01 8.60 6.68
N LYS M 147 41.35 7.80 5.83
CA LYS M 147 42.08 7.15 4.75
C LYS M 147 42.71 8.16 3.81
N SER M 148 41.96 9.21 3.47
CA SER M 148 42.51 10.19 2.54
C SER M 148 43.65 10.98 3.18
N SER M 149 43.62 11.14 4.51
CA SER M 149 44.75 11.76 5.20
C SER M 149 45.96 10.84 5.19
N MET M 150 45.76 9.57 5.55
CA MET M 150 46.87 8.62 5.57
C MET M 150 47.47 8.43 4.19
N LYS M 151 46.67 8.58 3.14
CA LYS M 151 47.22 8.48 1.80
C LYS M 151 48.35 9.48 1.59
N LYS M 152 48.27 10.63 2.27
CA LYS M 152 49.28 11.66 2.16
C LYS M 152 50.34 11.56 3.23
N LEU M 153 49.99 11.07 4.42
CA LEU M 153 50.92 11.02 5.53
C LEU M 153 51.66 9.70 5.67
N TYR M 154 51.37 8.70 4.85
CA TYR M 154 51.90 7.36 5.13
C TYR M 154 53.39 7.29 4.86
N SER M 155 53.88 8.05 3.90
CA SER M 155 55.31 8.06 3.59
C SER M 155 56.16 8.44 4.80
N GLN M 156 55.59 9.11 5.80
CA GLN M 156 56.35 9.50 6.98
C GLN M 156 56.48 8.38 8.01
N VAL M 157 55.93 7.21 7.75
CA VAL M 157 55.94 6.12 8.73
C VAL M 157 57.22 5.32 8.53
N THR M 158 58.11 5.34 9.53
CA THR M 158 59.34 4.56 9.50
C THR M 158 59.57 3.69 10.73
N ASP M 159 58.89 3.95 11.83
CA ASP M 159 59.01 3.12 13.03
C ASP M 159 57.67 3.13 13.75
N GLY M 160 57.64 2.57 14.96
CA GLY M 160 56.40 2.53 15.72
C GLY M 160 55.90 3.90 16.12
N ASP M 161 56.81 4.81 16.45
CA ASP M 161 56.37 6.12 16.94
C ASP M 161 55.83 6.98 15.81
N SER M 162 56.51 7.00 14.67
CA SER M 162 55.98 7.75 13.53
C SER M 162 54.65 7.19 13.08
N GLY M 163 54.50 5.87 13.10
CA GLY M 163 53.22 5.26 12.75
C GLY M 163 52.11 5.63 13.70
N LEU M 164 52.39 5.58 15.01
CA LEU M 164 51.37 5.99 15.97
C LEU M 164 50.97 7.43 15.74
N ARG M 165 51.95 8.31 15.57
CA ARG M 165 51.63 9.70 15.27
C ARG M 165 50.70 9.81 14.07
N VAL M 166 51.07 9.18 12.95
CA VAL M 166 50.25 9.27 11.76
C VAL M 166 48.83 8.80 12.05
N ALA M 167 48.69 7.74 12.84
CA ALA M 167 47.35 7.26 13.17
C ALA M 167 46.55 8.32 13.91
N VAL M 168 47.15 8.91 14.95
CA VAL M 168 46.43 9.92 15.73
C VAL M 168 46.08 11.13 14.87
N GLU M 169 46.95 11.49 13.92
CA GLU M 169 46.63 12.63 13.07
C GLU M 169 45.49 12.31 12.12
N ALA M 170 45.47 11.08 11.59
CA ALA M 170 44.33 10.66 10.76
C ALA M 170 43.03 10.76 11.54
N LEU M 171 43.03 10.26 12.78
CA LEU M 171 41.84 10.45 13.62
C LEU M 171 41.54 11.92 13.84
N TYR M 172 42.57 12.77 13.87
CA TYR M 172 42.31 14.19 14.05
C TYR M 172 41.54 14.76 12.86
N ASP M 173 41.99 14.43 11.64
CA ASP M 173 41.28 14.91 10.46
C ASP M 173 39.88 14.32 10.38
N ALA M 174 39.75 13.04 10.74
CA ALA M 174 38.44 12.40 10.79
C ALA M 174 37.49 13.17 11.69
N ALA M 175 37.91 13.45 12.92
CA ALA M 175 37.07 14.22 13.83
C ALA M 175 36.85 15.63 13.30
N ASP M 176 37.79 16.14 12.51
CA ASP M 176 37.69 17.50 11.99
C ASP M 176 36.55 17.62 11.00
N ASP M 177 36.32 16.59 10.19
CA ASP M 177 35.26 16.67 9.18
C ASP M 177 34.02 15.85 9.53
N ASP M 178 34.01 15.10 10.63
CA ASP M 178 32.90 14.23 10.98
C ASP M 178 32.44 14.50 12.40
N SER M 179 31.17 14.89 12.54
CA SER M 179 30.65 15.25 13.85
C SER M 179 30.38 14.03 14.71
N ALA M 180 30.32 12.84 14.12
CA ALA M 180 30.16 11.62 14.87
C ALA M 180 31.48 11.07 15.40
N THR M 181 32.61 11.66 15.03
CA THR M 181 33.93 11.28 15.51
C THR M 181 34.44 12.35 16.47
N GLY M 182 34.96 11.91 17.62
CA GLY M 182 35.43 12.83 18.64
C GLY M 182 36.91 13.11 18.53
N GLY M 183 37.27 14.38 18.61
CA GLY M 183 38.65 14.78 18.63
C GLY M 183 39.20 14.80 20.04
N PRO M 184 40.45 15.20 20.19
CA PRO M 184 41.05 15.24 21.53
C PRO M 184 40.41 16.32 22.37
N ASP M 185 39.99 15.95 23.58
CA ASP M 185 39.34 16.88 24.51
C ASP M 185 40.40 17.31 25.51
N LEU M 186 41.00 18.47 25.28
CA LEU M 186 42.04 18.94 26.17
C LEU M 186 41.49 19.40 27.50
N VAL M 187 40.20 19.73 27.58
CA VAL M 187 39.61 20.13 28.84
C VAL M 187 39.47 18.93 29.77
N ARG M 188 38.90 17.84 29.27
CA ARG M 188 38.70 16.65 30.09
C ARG M 188 39.87 15.70 30.06
N GLY M 189 40.82 15.91 29.16
CA GLY M 189 41.97 15.04 29.04
C GLY M 189 41.61 13.66 28.53
N ILE M 190 40.75 13.58 27.52
CA ILE M 190 40.33 12.32 26.92
C ILE M 190 40.84 12.28 25.49
N PHE M 191 41.57 11.22 25.17
CA PHE M 191 42.24 11.08 23.89
C PHE M 191 41.91 9.73 23.29
N PRO M 192 42.15 9.55 21.99
CA PRO M 192 41.89 8.25 21.38
C PRO M 192 42.63 7.14 22.09
N THR M 193 42.10 5.93 21.98
CA THR M 193 42.82 4.77 22.50
C THR M 193 43.56 4.10 21.35
N ALA M 194 44.71 3.52 21.68
CA ALA M 194 45.54 2.87 20.67
C ALA M 194 46.10 1.57 21.23
N VAL M 195 46.34 0.63 20.31
CA VAL M 195 46.97 -0.64 20.61
C VAL M 195 48.10 -0.82 19.61
N ILE M 196 49.24 -1.30 20.09
CA ILE M 196 50.41 -1.56 19.26
C ILE M 196 50.73 -3.04 19.34
N ILE M 197 51.10 -3.63 18.19
CA ILE M 197 51.34 -5.07 18.09
C ILE M 197 52.64 -5.30 17.31
N ASP M 198 53.58 -5.99 17.93
CA ASP M 198 54.81 -6.39 17.26
C ASP M 198 55.13 -7.82 17.67
N ALA M 199 56.38 -8.23 17.48
CA ALA M 199 56.75 -9.61 17.81
C ALA M 199 56.60 -9.89 19.29
N ASP M 200 56.66 -8.88 20.15
CA ASP M 200 56.47 -9.11 21.57
C ASP M 200 55.01 -9.18 21.96
N GLY M 201 54.10 -8.97 21.01
CA GLY M 201 52.69 -9.07 21.30
C GLY M 201 51.93 -7.77 21.13
N ALA M 202 50.73 -7.71 21.67
CA ALA M 202 49.88 -6.54 21.60
C ALA M 202 49.79 -5.91 22.98
N VAL M 203 50.09 -4.62 23.06
CA VAL M 203 50.04 -3.90 24.32
C VAL M 203 49.33 -2.57 24.08
N ASP M 204 48.61 -2.12 25.12
CA ASP M 204 47.96 -0.83 25.10
C ASP M 204 48.97 0.30 25.10
N VAL M 205 48.79 1.27 24.22
CA VAL M 205 49.62 2.48 24.25
C VAL M 205 49.16 3.34 25.43
N PRO M 206 50.07 3.79 26.28
CA PRO M 206 49.66 4.58 27.44
C PRO M 206 49.08 5.93 27.01
N GLU M 207 48.10 6.40 27.78
CA GLU M 207 47.39 7.62 27.43
C GLU M 207 48.34 8.79 27.28
N SER M 208 49.39 8.84 28.10
CA SER M 208 50.30 9.99 28.10
C SER M 208 50.91 10.22 26.72
N ARG M 209 51.36 9.16 26.05
CA ARG M 209 52.03 9.36 24.77
C ARG M 209 51.06 9.86 23.71
N ILE M 210 49.85 9.32 23.70
CA ILE M 210 48.85 9.78 22.75
C ILE M 210 48.51 11.24 23.01
N ALA M 211 48.38 11.61 24.28
CA ALA M 211 48.12 13.00 24.61
C ALA M 211 49.22 13.90 24.07
N GLU M 212 50.49 13.51 24.30
CA GLU M 212 51.60 14.29 23.78
C GLU M 212 51.49 14.47 22.28
N LEU M 213 51.24 13.39 21.54
CA LEU M 213 51.16 13.50 20.09
C LEU M 213 49.99 14.38 19.65
N ALA M 214 48.85 14.24 20.31
CA ALA M 214 47.69 15.07 20.00
C ALA M 214 48.02 16.54 20.17
N ARG M 215 48.64 16.90 21.29
CA ARG M 215 49.03 18.30 21.48
C ARG M 215 50.01 18.74 20.41
N ALA M 216 51.00 17.91 20.08
CA ALA M 216 51.95 18.28 19.05
C ALA M 216 51.26 18.62 17.74
N ILE M 217 50.26 17.82 17.36
CA ILE M 217 49.55 18.07 16.11
C ILE M 217 48.72 19.35 16.21
N ILE M 218 48.00 19.50 17.33
CA ILE M 218 47.17 20.69 17.52
C ILE M 218 48.02 21.96 17.39
N GLU M 219 48.99 22.11 18.27
CA GLU M 219 49.86 23.28 18.22
C GLU M 219 50.56 23.39 16.87
N SER M 220 50.78 22.26 16.19
CA SER M 220 51.33 22.33 14.84
C SER M 220 50.37 22.97 13.86
N ARG M 221 49.08 22.87 14.09
CA ARG M 221 48.12 23.46 13.15
C ARG M 221 47.71 24.89 13.50
N SER M 222 48.01 25.37 14.70
CA SER M 222 47.67 26.76 15.05
C SER M 222 48.83 27.70 14.77
N THR N 1 8.30 10.32 32.69
CA THR N 1 9.12 9.56 33.62
C THR N 1 10.50 10.16 33.65
N THR N 2 11.10 10.23 34.83
CA THR N 2 12.50 10.58 34.95
C THR N 2 13.07 9.82 36.14
N ILE N 3 14.18 9.13 35.91
CA ILE N 3 14.91 8.43 36.95
C ILE N 3 16.31 9.02 36.95
N VAL N 4 16.79 9.43 38.11
CA VAL N 4 18.13 10.00 38.21
C VAL N 4 18.95 9.15 39.16
N ALA N 5 20.26 9.14 38.91
CA ALA N 5 21.19 8.49 39.83
C ALA N 5 22.50 9.23 39.78
N LEU N 6 23.12 9.42 40.94
CA LEU N 6 24.41 10.08 41.00
C LEU N 6 25.27 9.47 42.10
N LYS N 7 26.58 9.54 41.90
CA LYS N 7 27.53 9.07 42.88
C LYS N 7 27.91 10.19 43.83
N TYR N 8 28.00 9.86 45.11
CA TYR N 8 28.59 10.73 46.12
C TYR N 8 29.72 9.96 46.77
N PRO N 9 30.63 10.64 47.47
CA PRO N 9 31.76 9.92 48.09
C PRO N 9 31.34 8.78 48.99
N GLY N 10 31.60 7.57 48.56
CA GLY N 10 31.29 6.38 49.31
C GLY N 10 29.93 5.79 49.05
N GLY N 11 29.19 6.28 48.07
CA GLY N 11 27.88 5.71 47.80
C GLY N 11 27.27 6.25 46.53
N VAL N 12 26.02 5.86 46.30
CA VAL N 12 25.23 6.27 45.14
C VAL N 12 23.80 6.47 45.60
N VAL N 13 23.09 7.33 44.88
CA VAL N 13 21.69 7.61 45.15
C VAL N 13 20.90 7.54 43.84
N MET N 14 19.68 7.02 43.93
CA MET N 14 18.78 6.96 42.79
C MET N 14 17.39 7.35 43.22
N ALA N 15 16.72 8.18 42.42
CA ALA N 15 15.39 8.63 42.76
C ALA N 15 14.57 8.71 41.50
N GLY N 16 13.27 8.52 41.63
CA GLY N 16 12.37 8.51 40.49
C GLY N 16 11.03 9.10 40.84
N ASP N 17 10.38 9.66 39.82
CA ASP N 17 9.10 10.32 40.00
C ASP N 17 8.00 9.29 40.18
N ARG N 18 6.77 9.78 40.36
CA ARG N 18 5.66 8.94 40.78
C ARG N 18 4.49 8.95 39.81
N ARG N 19 4.65 9.54 38.63
CA ARG N 19 3.52 9.77 37.74
C ARG N 19 3.40 8.64 36.72
N SER N 20 2.17 8.25 36.41
CA SER N 20 1.87 7.31 35.35
C SER N 20 0.84 7.91 34.41
N THR N 21 1.10 7.85 33.11
CA THR N 21 0.24 8.50 32.13
C THR N 21 -0.19 7.54 31.04
N GLN N 22 -1.36 7.80 30.48
CA GLN N 22 -1.84 7.19 29.24
C GLN N 22 -2.05 8.34 28.25
N GLY N 23 -1.06 8.59 27.42
CA GLY N 23 -1.13 9.76 26.57
C GLY N 23 -1.07 11.04 27.39
N ASN N 24 -2.11 11.86 27.31
CA ASN N 24 -2.16 13.09 28.08
C ASN N 24 -2.78 12.89 29.46
N MET N 25 -3.47 11.78 29.70
CA MET N 25 -4.17 11.57 30.96
C MET N 25 -3.22 11.05 32.04
N ILE N 26 -3.39 11.56 33.24
CA ILE N 26 -2.64 11.11 34.40
C ILE N 26 -3.37 9.92 34.98
N SER N 27 -2.79 8.72 34.86
CA SER N 27 -3.42 7.51 35.37
C SER N 27 -2.84 7.05 36.69
N GLY N 28 -1.81 7.72 37.20
CA GLY N 28 -1.27 7.35 38.49
C GLY N 28 -0.45 8.45 39.15
N ARG N 29 -0.57 8.55 40.47
CA ARG N 29 0.15 9.55 41.24
C ARG N 29 1.11 8.97 42.27
N ASP N 30 0.99 7.70 42.62
CA ASP N 30 1.78 7.11 43.70
C ASP N 30 2.71 6.03 43.19
N VAL N 31 2.79 5.85 41.87
CA VAL N 31 3.50 4.73 41.26
C VAL N 31 4.97 4.74 41.67
N ARG N 32 5.50 3.56 41.97
CA ARG N 32 6.89 3.39 42.38
C ARG N 32 7.69 2.82 41.22
N LYS N 33 8.81 3.48 40.88
CA LYS N 33 9.61 3.08 39.74
C LYS N 33 11.05 2.73 40.09
N VAL N 34 11.48 2.91 41.33
CA VAL N 34 12.84 2.61 41.74
C VAL N 34 12.79 1.47 42.74
N TYR N 35 13.49 0.39 42.43
CA TYR N 35 13.47 -0.83 43.23
C TYR N 35 14.87 -1.23 43.67
N ILE N 36 15.00 -1.71 44.90
CA ILE N 36 16.23 -2.34 45.37
C ILE N 36 16.24 -3.77 44.85
N THR N 37 17.15 -4.07 43.92
CA THR N 37 17.17 -5.40 43.31
C THR N 37 18.05 -6.39 44.05
N ASP N 38 19.02 -5.92 44.82
CA ASP N 38 19.75 -6.82 45.71
C ASP N 38 20.43 -5.97 46.76
N ASP N 39 21.05 -6.64 47.73
CA ASP N 39 21.58 -5.96 48.90
C ASP N 39 22.49 -4.79 48.54
N TYR N 40 23.08 -4.77 47.35
CA TYR N 40 23.98 -3.69 46.96
C TYR N 40 23.62 -3.10 45.60
N THR N 41 22.39 -3.29 45.14
CA THR N 41 22.00 -2.81 43.82
C THR N 41 20.55 -2.35 43.82
N ALA N 42 20.32 -1.20 43.18
CA ALA N 42 18.98 -0.67 42.95
C ALA N 42 18.83 -0.36 41.46
N THR N 43 17.62 -0.55 40.95
CA THR N 43 17.30 -0.32 39.54
C THR N 43 16.06 0.55 39.40
N GLY N 44 16.13 1.55 38.54
CA GLY N 44 14.97 2.33 38.18
C GLY N 44 14.72 2.20 36.69
N ILE N 45 13.44 2.04 36.31
CA ILE N 45 13.11 1.75 34.93
C ILE N 45 12.08 2.74 34.40
N ALA N 46 12.19 3.06 33.11
CA ALA N 46 11.29 3.98 32.43
C ALA N 46 10.66 3.30 31.23
N GLY N 47 9.40 3.63 30.95
CA GLY N 47 8.74 3.06 29.80
C GLY N 47 7.41 2.43 30.10
N THR N 48 7.03 1.42 29.30
CA THR N 48 5.77 0.73 29.53
C THR N 48 5.78 0.08 30.90
N ALA N 49 4.74 0.37 31.68
CA ALA N 49 4.71 -0.05 33.07
C ALA N 49 4.86 -1.56 33.22
N ALA N 50 4.05 -2.31 32.47
CA ALA N 50 4.10 -3.76 32.57
C ALA N 50 5.52 -4.29 32.39
N VAL N 51 6.17 -3.85 31.32
CA VAL N 51 7.52 -4.33 31.02
C VAL N 51 8.50 -3.88 32.10
N ALA N 52 8.33 -2.66 32.62
CA ALA N 52 9.26 -2.16 33.62
C ALA N 52 9.19 -2.99 34.90
N VAL N 53 7.98 -3.22 35.40
CA VAL N 53 7.86 -4.01 36.61
C VAL N 53 8.34 -5.44 36.39
N GLU N 54 7.96 -6.05 35.26
CA GLU N 54 8.46 -7.40 35.00
C GLU N 54 9.98 -7.44 34.96
N PHE N 55 10.60 -6.45 34.32
CA PHE N 55 12.05 -6.35 34.32
C PHE N 55 12.61 -6.36 35.74
N ALA N 56 12.15 -5.42 36.57
CA ALA N 56 12.72 -5.29 37.91
C ALA N 56 12.56 -6.58 38.70
N ARG N 57 11.36 -7.15 38.67
CA ARG N 57 11.07 -8.35 39.44
C ARG N 57 11.94 -9.51 38.97
N LEU N 58 11.89 -9.81 37.68
CA LEU N 58 12.67 -10.91 37.12
C LEU N 58 14.15 -10.73 37.36
N TYR N 59 14.63 -9.49 37.30
CA TYR N 59 16.04 -9.21 37.51
C TYR N 59 16.45 -9.51 38.95
N ALA N 60 15.68 -9.02 39.92
CA ALA N 60 15.95 -9.33 41.32
C ALA N 60 15.99 -10.84 41.54
N VAL N 61 14.98 -11.56 41.00
CA VAL N 61 14.97 -13.00 41.14
C VAL N 61 16.21 -13.63 40.52
N GLU N 62 16.64 -13.13 39.36
CA GLU N 62 17.77 -13.74 38.68
C GLU N 62 19.05 -13.58 39.50
N LEU N 63 19.28 -12.39 40.05
CA LEU N 63 20.47 -12.17 40.85
C LEU N 63 20.48 -13.07 42.08
N GLU N 64 19.42 -13.00 42.89
CA GLU N 64 19.43 -13.79 44.11
C GLU N 64 19.45 -15.28 43.81
N HIS N 65 18.84 -15.69 42.69
CA HIS N 65 18.90 -17.07 42.26
C HIS N 65 20.34 -17.51 42.10
N TYR N 66 21.14 -16.73 41.35
CA TYR N 66 22.56 -17.06 41.24
C TYR N 66 23.22 -17.13 42.60
N GLU N 67 22.91 -16.18 43.48
CA GLU N 67 23.59 -16.14 44.78
C GLU N 67 23.30 -17.37 45.62
N LYS N 68 22.06 -17.82 45.66
CA LYS N 68 21.74 -19.00 46.45
C LYS N 68 22.29 -20.27 45.80
N LEU N 69 22.33 -20.33 44.47
CA LEU N 69 22.84 -21.53 43.82
C LEU N 69 24.35 -21.68 44.03
N GLU N 70 25.11 -20.60 43.87
CA GLU N 70 26.56 -20.68 43.86
C GLU N 70 27.22 -20.18 45.13
N GLY N 71 26.46 -19.71 46.11
CA GLY N 71 27.04 -19.34 47.39
C GLY N 71 27.73 -18.00 47.44
N VAL N 72 27.76 -17.25 46.35
CA VAL N 72 28.40 -15.93 46.33
C VAL N 72 27.63 -15.06 45.35
N PRO N 73 27.45 -13.77 45.61
CA PRO N 73 26.74 -12.93 44.64
C PRO N 73 27.56 -12.71 43.39
N LEU N 74 26.87 -12.30 42.33
CA LEU N 74 27.54 -12.00 41.08
C LEU N 74 28.46 -10.79 41.22
N THR N 75 29.53 -10.80 40.43
CA THR N 75 30.33 -9.61 40.25
C THR N 75 29.48 -8.52 39.63
N PHE N 76 29.87 -7.27 39.85
CA PHE N 76 29.08 -6.18 39.31
C PHE N 76 29.02 -6.24 37.79
N ALA N 77 30.15 -6.56 37.16
CA ALA N 77 30.16 -6.76 35.71
C ALA N 77 29.13 -7.80 35.31
N GLY N 78 29.01 -8.88 36.10
CA GLY N 78 27.99 -9.89 35.79
C GLY N 78 26.59 -9.34 35.87
N LYS N 79 26.29 -8.56 36.91
CA LYS N 79 24.99 -7.93 37.03
C LYS N 79 24.69 -7.04 35.83
N ILE N 80 25.67 -6.25 35.40
CA ILE N 80 25.52 -5.42 34.21
C ILE N 80 25.18 -6.28 33.01
N ASN N 81 25.96 -7.35 32.78
CA ASN N 81 25.73 -8.15 31.59
C ASN N 81 24.35 -8.77 31.61
N ARG N 82 23.89 -9.20 32.77
CA ARG N 82 22.58 -9.84 32.81
C ARG N 82 21.47 -8.85 32.51
N LEU N 83 21.52 -7.66 33.11
CA LEU N 83 20.49 -6.66 32.81
C LEU N 83 20.49 -6.33 31.31
N ALA N 84 21.68 -6.16 30.74
CA ALA N 84 21.80 -5.87 29.31
C ALA N 84 21.18 -6.99 28.48
N ILE N 85 21.50 -8.24 28.81
CA ILE N 85 20.96 -9.37 28.05
C ILE N 85 19.45 -9.37 28.10
N MET N 86 18.89 -8.99 29.25
CA MET N 86 17.43 -8.92 29.38
C MET N 86 16.84 -7.87 28.45
N VAL N 87 17.40 -6.67 28.47
CA VAL N 87 16.90 -5.60 27.60
C VAL N 87 16.96 -6.03 26.13
N ARG N 88 18.13 -6.49 25.69
CA ARG N 88 18.27 -6.95 24.30
C ARG N 88 17.26 -8.04 23.99
N GLY N 89 16.94 -8.87 24.98
CA GLY N 89 15.85 -9.79 24.80
C GLY N 89 14.54 -9.09 24.51
N ASN N 90 14.32 -7.94 25.13
CA ASN N 90 13.05 -7.27 24.88
C ASN N 90 13.04 -6.41 23.62
N LEU N 91 14.14 -6.30 22.88
CA LEU N 91 14.18 -5.33 21.79
C LEU N 91 13.05 -5.53 20.79
N ALA N 92 12.76 -6.78 20.43
CA ALA N 92 11.73 -7.04 19.42
C ALA N 92 10.38 -6.48 19.85
N ALA N 93 9.93 -6.84 21.06
CA ALA N 93 8.68 -6.31 21.58
C ALA N 93 8.73 -4.79 21.72
N ALA N 94 9.89 -4.25 22.12
CA ALA N 94 10.01 -2.80 22.28
C ALA N 94 9.74 -2.08 20.97
N MET N 95 10.20 -2.62 19.85
CA MET N 95 9.93 -1.97 18.58
C MET N 95 8.44 -1.99 18.22
N GLN N 96 7.63 -2.82 18.88
CA GLN N 96 6.19 -2.79 18.72
C GLN N 96 5.50 -1.93 19.78
N GLY N 97 6.24 -1.15 20.55
CA GLY N 97 5.64 -0.22 21.50
C GLY N 97 5.83 -0.56 22.95
N LEU N 98 6.32 -1.76 23.29
CA LEU N 98 6.52 -2.18 24.68
C LEU N 98 7.96 -1.91 25.13
N LEU N 99 8.34 -0.64 25.11
CA LEU N 99 9.72 -0.24 25.40
C LEU N 99 9.92 -0.03 26.89
N ALA N 100 11.08 -0.46 27.39
CA ALA N 100 11.47 -0.20 28.77
C ALA N 100 12.98 -0.12 28.86
N LEU N 101 13.49 0.99 29.41
CA LEU N 101 14.91 1.18 29.58
C LEU N 101 15.23 1.29 31.06
N PRO N 102 16.22 0.54 31.55
CA PRO N 102 16.60 0.66 32.95
C PRO N 102 17.81 1.54 33.16
N LEU N 103 18.02 1.90 34.42
CA LEU N 103 19.20 2.58 34.93
C LEU N 103 19.58 1.87 36.21
N LEU N 104 20.86 1.49 36.30
CA LEU N 104 21.36 0.64 37.37
C LEU N 104 22.29 1.46 38.25
N ALA N 105 22.08 1.41 39.56
CA ALA N 105 23.00 2.05 40.50
C ALA N 105 23.37 1.03 41.56
N GLY N 106 24.68 0.91 41.82
CA GLY N 106 25.13 -0.09 42.78
C GLY N 106 26.41 0.33 43.47
N TYR N 107 26.78 -0.48 44.46
CA TYR N 107 28.02 -0.31 45.21
C TYR N 107 28.84 -1.60 45.06
N ASP N 108 30.02 -1.49 44.44
CA ASP N 108 30.85 -2.65 44.15
C ASP N 108 31.70 -2.97 45.36
N ILE N 109 31.29 -4.00 46.10
CA ILE N 109 31.98 -4.38 47.32
C ILE N 109 33.39 -4.90 47.07
N HIS N 110 33.72 -5.27 45.83
CA HIS N 110 35.04 -5.76 45.51
C HIS N 110 35.93 -4.69 44.88
N ALA N 111 35.51 -3.44 44.90
CA ALA N 111 36.30 -2.41 44.25
C ALA N 111 37.55 -2.10 45.08
N SER N 112 38.56 -1.57 44.39
CA SER N 112 39.81 -1.24 45.07
C SER N 112 39.59 -0.15 46.12
N ASP N 113 39.13 1.02 45.69
CA ASP N 113 38.92 2.12 46.62
C ASP N 113 37.46 2.16 47.03
N PRO N 114 37.14 2.00 48.31
CA PRO N 114 35.72 2.07 48.73
C PRO N 114 35.14 3.46 48.63
N GLN N 115 35.97 4.48 48.39
CA GLN N 115 35.46 5.83 48.22
C GLN N 115 34.78 5.97 46.86
N SER N 116 35.41 5.45 45.81
CA SER N 116 34.89 5.50 44.45
C SER N 116 34.27 4.17 44.01
N ALA N 117 33.76 3.40 44.96
CA ALA N 117 33.13 2.12 44.66
C ALA N 117 31.71 2.26 44.14
N GLY N 118 31.17 3.47 44.06
CA GLY N 118 29.86 3.66 43.48
C GLY N 118 29.88 3.42 41.98
N ARG N 119 28.76 2.92 41.48
CA ARG N 119 28.60 2.59 40.07
C ARG N 119 27.25 3.06 39.55
N ILE N 120 27.27 3.68 38.37
CA ILE N 120 26.06 4.11 37.68
C ILE N 120 26.17 3.62 36.24
N VAL N 121 25.22 2.78 35.82
CA VAL N 121 25.27 2.15 34.51
C VAL N 121 23.97 2.45 33.79
N SER N 122 24.06 2.92 32.55
CA SER N 122 22.90 3.23 31.73
C SER N 122 22.81 2.27 30.54
N PHE N 123 21.60 2.12 30.01
CA PHE N 123 21.33 1.14 28.99
C PHE N 123 20.50 1.73 27.86
N ASP N 124 20.63 1.16 26.68
CA ASP N 124 19.79 1.51 25.54
C ASP N 124 18.97 0.29 25.10
N ALA N 125 18.02 0.54 24.21
CA ALA N 125 17.03 -0.47 23.88
C ALA N 125 17.64 -1.71 23.27
N ALA N 126 18.86 -1.63 22.77
CA ALA N 126 19.52 -2.75 22.11
C ALA N 126 20.42 -3.53 23.06
N GLY N 127 20.41 -3.20 24.35
CA GLY N 127 21.24 -3.90 25.29
C GLY N 127 22.58 -3.25 25.55
N GLY N 128 22.91 -2.19 24.84
CA GLY N 128 24.12 -1.46 25.14
C GLY N 128 24.09 -0.87 26.53
N TRP N 129 25.27 -0.69 27.11
CA TRP N 129 25.40 -0.15 28.45
C TRP N 129 26.62 0.75 28.48
N ASN N 130 26.61 1.68 29.42
CA ASN N 130 27.76 2.55 29.66
C ASN N 130 27.91 2.69 31.16
N ILE N 131 29.11 2.40 31.65
CA ILE N 131 29.45 2.68 33.04
C ILE N 131 29.87 4.13 33.13
N GLU N 132 29.17 4.92 33.93
CA GLU N 132 29.37 6.36 33.93
C GLU N 132 30.49 6.75 34.87
N GLU N 133 31.54 7.33 34.30
CA GLU N 133 32.67 7.85 35.05
C GLU N 133 32.62 9.36 35.17
N GLU N 134 31.42 9.94 35.12
CA GLU N 134 31.25 11.37 35.29
C GLU N 134 30.23 11.76 36.34
N GLY N 135 29.62 10.79 37.04
CA GLY N 135 29.03 11.00 38.34
C GLY N 135 27.52 10.95 38.38
N TYR N 136 26.85 11.25 37.27
CA TYR N 136 25.39 11.26 37.29
C TYR N 136 24.85 10.78 35.96
N GLN N 137 23.58 10.37 35.97
CA GLN N 137 22.91 9.89 34.77
C GLN N 137 21.41 9.87 35.03
N ALA N 138 20.64 9.87 33.96
CA ALA N 138 19.19 9.85 34.07
C ALA N 138 18.61 9.09 32.91
N VAL N 139 17.35 8.71 33.04
CA VAL N 139 16.64 7.99 31.99
C VAL N 139 15.18 8.40 32.05
N GLY N 140 14.53 8.41 30.90
CA GLY N 140 13.12 8.76 30.80
C GLY N 140 12.90 9.98 29.94
N SER N 141 11.62 10.33 29.79
CA SER N 141 11.22 11.43 28.92
C SER N 141 11.70 12.77 29.42
N GLY N 142 12.00 12.91 30.71
CA GLY N 142 12.59 14.10 31.26
C GLY N 142 14.08 13.99 31.53
N SER N 143 14.74 12.97 31.01
CA SER N 143 16.13 12.72 31.37
C SER N 143 17.05 13.84 30.95
N LEU N 144 16.75 14.51 29.84
CA LEU N 144 17.65 15.54 29.36
C LEU N 144 17.67 16.74 30.30
N PHE N 145 16.50 17.14 30.79
CA PHE N 145 16.43 18.23 31.73
C PHE N 145 17.16 17.88 33.03
N ALA N 146 17.01 16.64 33.50
CA ALA N 146 17.67 16.25 34.73
C ALA N 146 19.17 16.24 34.56
N LYS N 147 19.67 15.67 33.47
CA LYS N 147 21.11 15.68 33.25
C LYS N 147 21.64 17.08 33.16
N SER N 148 20.95 17.97 32.44
CA SER N 148 21.45 19.32 32.30
C SER N 148 21.38 20.10 33.61
N SER N 149 20.42 19.77 34.49
CA SER N 149 20.37 20.37 35.82
C SER N 149 21.53 19.88 36.67
N MET N 150 21.76 18.56 36.69
CA MET N 150 22.87 18.03 37.44
C MET N 150 24.21 18.55 36.93
N LYS N 151 24.31 18.86 35.64
CA LYS N 151 25.57 19.38 35.11
C LYS N 151 25.99 20.64 35.85
N LYS N 152 25.03 21.44 36.29
CA LYS N 152 25.34 22.66 37.01
C LYS N 152 25.33 22.46 38.51
N LEU N 153 24.52 21.53 39.02
CA LEU N 153 24.42 21.36 40.46
C LEU N 153 25.35 20.29 41.03
N TYR N 154 26.14 19.60 40.20
CA TYR N 154 26.85 18.44 40.70
C TYR N 154 28.06 18.82 41.56
N SER N 155 28.69 19.96 41.26
CA SER N 155 29.83 20.40 42.06
C SER N 155 29.50 20.54 43.53
N GLN N 156 28.22 20.70 43.88
CA GLN N 156 27.79 20.87 45.25
C GLN N 156 27.65 19.55 46.01
N VAL N 157 27.92 18.41 45.38
CA VAL N 157 27.70 17.11 46.02
C VAL N 157 28.94 16.71 46.80
N THR N 158 28.81 16.64 48.13
CA THR N 158 29.90 16.23 49.00
C THR N 158 29.52 15.17 50.03
N ASP N 159 28.24 14.92 50.27
CA ASP N 159 27.81 13.99 51.30
C ASP N 159 26.59 13.24 50.79
N GLY N 160 26.06 12.33 51.59
CA GLY N 160 24.85 11.63 51.19
C GLY N 160 23.68 12.56 51.11
N ASP N 161 23.63 13.55 52.01
CA ASP N 161 22.51 14.47 52.04
C ASP N 161 22.56 15.43 50.86
N SER N 162 23.74 15.97 50.57
CA SER N 162 23.85 16.86 49.42
C SER N 162 23.54 16.13 48.13
N GLY N 163 24.00 14.88 47.99
CA GLY N 163 23.69 14.13 46.80
C GLY N 163 22.21 13.85 46.67
N LEU N 164 21.57 13.45 47.77
CA LEU N 164 20.13 13.21 47.71
C LEU N 164 19.39 14.48 47.31
N ARG N 165 19.78 15.61 47.90
CA ARG N 165 19.14 16.88 47.57
C ARG N 165 19.30 17.22 46.09
N VAL N 166 20.50 17.03 45.55
CA VAL N 166 20.70 17.32 44.13
C VAL N 166 19.85 16.40 43.27
N ALA N 167 19.71 15.14 43.69
CA ALA N 167 18.87 14.23 42.93
C ALA N 167 17.42 14.70 42.88
N VAL N 168 16.83 14.96 44.05
CA VAL N 168 15.43 15.39 44.04
C VAL N 168 15.27 16.69 43.28
N GLU N 169 16.27 17.57 43.33
CA GLU N 169 16.17 18.81 42.59
C GLU N 169 16.20 18.55 41.09
N ALA N 170 17.02 17.60 40.65
CA ALA N 170 17.02 17.20 39.25
C ALA N 170 15.65 16.72 38.82
N LEU N 171 15.03 15.86 39.63
CA LEU N 171 13.67 15.44 39.32
C LEU N 171 12.73 16.63 39.27
N TYR N 172 13.00 17.66 40.08
CA TYR N 172 12.14 18.84 40.07
C TYR N 172 12.23 19.57 38.74
N ASP N 173 13.46 19.78 38.25
CA ASP N 173 13.60 20.44 36.95
C ASP N 173 12.98 19.60 35.84
N ALA N 174 13.17 18.28 35.90
CA ALA N 174 12.54 17.40 34.93
C ALA N 174 11.03 17.59 34.92
N ALA N 175 10.39 17.49 36.08
CA ALA N 175 8.94 17.68 36.12
C ALA N 175 8.54 19.08 35.69
N ASP N 176 9.44 20.05 35.86
CA ASP N 176 9.13 21.41 35.44
C ASP N 176 9.05 21.52 33.93
N ASP N 177 9.88 20.77 33.20
CA ASP N 177 9.87 20.86 31.75
C ASP N 177 9.22 19.68 31.05
N ASP N 178 8.81 18.63 31.75
CA ASP N 178 8.24 17.45 31.12
C ASP N 178 6.91 17.10 31.80
N SER N 179 5.82 17.10 31.03
CA SER N 179 4.52 16.85 31.61
C SER N 179 4.30 15.38 31.94
N ALA N 180 5.12 14.49 31.39
CA ALA N 180 5.01 13.08 31.71
C ALA N 180 5.70 12.72 33.02
N THR N 181 6.41 13.67 33.62
CA THR N 181 7.07 13.48 34.91
C THR N 181 6.31 14.24 35.98
N GLY N 182 6.04 13.57 37.10
CA GLY N 182 5.28 14.17 38.16
C GLY N 182 6.19 14.82 39.19
N GLY N 183 5.86 16.06 39.54
CA GLY N 183 6.59 16.76 40.58
C GLY N 183 6.01 16.46 41.94
N PRO N 184 6.54 17.10 42.98
CA PRO N 184 6.02 16.85 44.33
C PRO N 184 4.60 17.37 44.48
N ASP N 185 3.73 16.51 44.99
CA ASP N 185 2.31 16.84 45.20
C ASP N 185 2.17 17.20 46.66
N LEU N 186 2.20 18.50 46.96
CA LEU N 186 2.14 18.93 48.34
C LEU N 186 0.77 18.76 48.96
N VAL N 187 -0.28 18.70 48.15
CA VAL N 187 -1.62 18.50 48.69
C VAL N 187 -1.78 17.06 49.18
N ARG N 188 -1.38 16.10 48.36
CA ARG N 188 -1.49 14.69 48.70
C ARG N 188 -0.27 14.15 49.43
N GLY N 189 0.83 14.90 49.48
CA GLY N 189 2.02 14.40 50.14
C GLY N 189 2.68 13.25 49.41
N ILE N 190 2.81 13.35 48.09
CA ILE N 190 3.43 12.32 47.27
C ILE N 190 4.72 12.89 46.69
N PHE N 191 5.82 12.21 46.92
CA PHE N 191 7.13 12.70 46.54
C PHE N 191 7.89 11.60 45.82
N PRO N 192 8.97 11.93 45.10
CA PRO N 192 9.77 10.90 44.44
C PRO N 192 10.25 9.86 45.44
N THR N 193 10.52 8.64 44.95
CA THR N 193 11.12 7.65 45.82
C THR N 193 12.62 7.66 45.59
N ALA N 194 13.38 7.38 46.65
CA ALA N 194 14.82 7.37 46.54
C ALA N 194 15.37 6.18 47.29
N VAL N 195 16.49 5.68 46.80
CA VAL N 195 17.25 4.60 47.40
C VAL N 195 18.70 5.05 47.45
N ILE N 196 19.34 4.81 48.58
CA ILE N 196 20.74 5.14 48.75
C ILE N 196 21.52 3.87 49.05
N ILE N 197 22.71 3.76 48.50
CA ILE N 197 23.53 2.55 48.60
C ILE N 197 24.94 2.96 48.95
N ASP N 198 25.47 2.46 50.05
CA ASP N 198 26.86 2.70 50.42
C ASP N 198 27.44 1.38 50.91
N ALA N 199 28.56 1.47 51.63
CA ALA N 199 29.22 0.25 52.10
C ALA N 199 28.34 -0.56 53.03
N ASP N 200 27.39 0.07 53.71
CA ASP N 200 26.49 -0.65 54.60
C ASP N 200 25.30 -1.26 53.88
N GLY N 201 25.18 -1.04 52.58
CA GLY N 201 24.13 -1.66 51.78
C GLY N 201 23.20 -0.64 51.16
N ALA N 202 22.07 -1.14 50.68
CA ALA N 202 21.06 -0.35 49.98
C ALA N 202 19.82 -0.23 50.83
N VAL N 203 19.36 0.98 51.06
CA VAL N 203 18.17 1.23 51.86
C VAL N 203 17.28 2.24 51.13
N ASP N 204 15.98 2.06 51.27
CA ASP N 204 15.03 3.05 50.78
C ASP N 204 15.14 4.31 51.63
N VAL N 205 15.22 5.45 50.97
CA VAL N 205 15.21 6.71 51.72
C VAL N 205 13.82 6.92 52.32
N PRO N 206 13.71 7.27 53.59
CA PRO N 206 12.39 7.45 54.19
C PRO N 206 11.66 8.62 53.54
N GLU N 207 10.34 8.49 53.44
CA GLU N 207 9.53 9.47 52.72
C GLU N 207 9.71 10.86 53.31
N SER N 208 9.86 10.95 54.64
CA SER N 208 9.93 12.25 55.30
C SER N 208 11.09 13.10 54.79
N ARG N 209 12.27 12.50 54.63
CA ARG N 209 13.41 13.30 54.17
C ARG N 209 13.20 13.78 52.75
N ILE N 210 12.50 12.99 51.93
CA ILE N 210 12.20 13.43 50.58
C ILE N 210 11.22 14.59 50.61
N ALA N 211 10.20 14.52 51.46
CA ALA N 211 9.26 15.63 51.60
C ALA N 211 9.98 16.90 52.04
N GLU N 212 10.90 16.78 52.99
CA GLU N 212 11.62 17.95 53.46
C GLU N 212 12.50 18.54 52.37
N LEU N 213 13.15 17.68 51.56
CA LEU N 213 13.96 18.21 50.48
C LEU N 213 13.10 18.85 49.38
N ALA N 214 11.96 18.24 49.08
CA ALA N 214 11.03 18.81 48.11
C ALA N 214 10.57 20.18 48.56
N ARG N 215 9.83 20.24 49.67
CA ARG N 215 9.34 21.52 50.18
C ARG N 215 10.46 22.53 50.33
N ALA N 216 11.67 22.07 50.67
CA ALA N 216 12.80 22.97 50.74
C ALA N 216 13.13 23.58 49.39
N ILE N 217 13.14 22.76 48.33
CA ILE N 217 13.46 23.29 47.01
C ILE N 217 12.35 24.20 46.51
N ILE N 218 11.10 23.79 46.71
CA ILE N 218 9.95 24.60 46.31
C ILE N 218 10.02 25.98 46.94
N GLU N 219 10.26 26.03 48.26
CA GLU N 219 10.44 27.33 48.90
C GLU N 219 11.66 28.06 48.35
N SER N 220 12.72 27.32 48.04
CA SER N 220 13.94 27.93 47.54
C SER N 220 13.71 28.66 46.23
N ARG N 221 12.74 28.21 45.44
CA ARG N 221 12.49 28.82 44.14
C ARG N 221 11.51 29.97 44.18
N SER N 222 10.82 30.20 45.30
CA SER N 222 9.82 31.26 45.39
C SER N 222 10.46 32.56 45.88
N GLY N 223 11.29 33.13 45.02
CA GLY N 223 11.96 34.39 45.31
C GLY N 223 12.99 34.30 46.42
N MET O 1 -20.11 55.20 -42.61
CA MET O 1 -19.88 53.77 -42.84
C MET O 1 -19.26 53.53 -44.22
N GLU O 2 -20.02 53.84 -45.26
CA GLU O 2 -19.46 53.76 -46.61
C GLU O 2 -18.35 54.78 -46.80
N GLN O 3 -18.41 55.89 -46.07
CA GLN O 3 -17.28 56.82 -46.06
C GLN O 3 -16.05 56.15 -45.47
N ALA O 4 -16.22 55.47 -44.34
CA ALA O 4 -15.10 54.76 -43.72
C ALA O 4 -14.48 53.76 -44.67
N MET O 5 -15.32 52.94 -45.32
CA MET O 5 -14.80 51.92 -46.23
C MET O 5 -14.15 52.56 -47.45
N ARG O 6 -14.66 53.69 -47.91
CA ARG O 6 -14.04 54.34 -49.06
C ARG O 6 -12.71 54.97 -48.69
N GLU O 7 -12.60 55.49 -47.47
CA GLU O 7 -11.33 56.05 -47.02
C GLU O 7 -10.29 54.95 -46.81
N ARG O 8 -10.69 53.83 -46.20
CA ARG O 8 -9.78 52.71 -46.06
C ARG O 8 -9.31 52.22 -47.43
N SER O 9 -10.26 51.97 -48.32
CA SER O 9 -9.91 51.53 -49.67
C SER O 9 -8.96 52.52 -50.33
N GLU O 10 -9.14 53.81 -50.09
CA GLU O 10 -8.26 54.80 -50.72
C GLU O 10 -6.84 54.72 -50.16
N LEU O 11 -6.72 54.65 -48.83
CA LEU O 11 -5.41 54.52 -48.22
C LEU O 11 -4.68 53.30 -48.78
N ALA O 12 -5.39 52.17 -48.84
CA ALA O 12 -4.78 50.95 -49.34
C ALA O 12 -4.37 51.09 -50.81
N ARG O 13 -5.28 51.55 -51.67
CA ARG O 13 -4.97 51.59 -53.10
C ARG O 13 -3.78 52.50 -53.37
N LYS O 14 -3.77 53.70 -52.78
CA LYS O 14 -2.62 54.59 -53.00
C LYS O 14 -1.34 53.99 -52.43
N GLY O 15 -1.40 53.42 -51.24
CA GLY O 15 -0.23 52.76 -50.70
C GLY O 15 0.34 51.74 -51.66
N ILE O 16 -0.51 50.97 -52.32
CA ILE O 16 -0.02 49.98 -53.28
C ILE O 16 0.53 50.68 -54.52
N ALA O 17 -0.11 51.77 -54.93
CA ALA O 17 0.34 52.49 -56.12
C ALA O 17 1.73 53.10 -55.93
N ARG O 18 2.11 53.39 -54.69
CA ARG O 18 3.41 54.03 -54.46
C ARG O 18 4.58 53.04 -54.52
N ALA O 19 4.36 51.79 -54.13
CA ALA O 19 5.46 50.84 -54.00
C ALA O 19 5.83 50.23 -55.35
N LYS O 20 7.01 49.61 -55.39
CA LYS O 20 7.54 49.02 -56.61
C LYS O 20 6.70 47.83 -57.07
N SER O 21 6.88 47.47 -58.33
CA SER O 21 6.02 46.52 -59.02
C SER O 21 6.61 45.11 -59.03
N VAL O 22 5.74 44.12 -59.17
CA VAL O 22 6.09 42.70 -59.15
C VAL O 22 5.27 41.99 -60.23
N VAL O 23 5.88 41.00 -60.87
CA VAL O 23 5.19 40.18 -61.86
C VAL O 23 5.45 38.72 -61.57
N ALA O 24 4.43 37.90 -61.80
CA ALA O 24 4.50 36.45 -61.71
C ALA O 24 3.92 35.89 -62.99
N LEU O 25 4.65 35.00 -63.64
CA LEU O 25 4.31 34.57 -64.98
C LEU O 25 4.50 33.06 -65.12
N ALA O 26 3.60 32.42 -65.85
CA ALA O 26 3.66 30.99 -66.06
C ALA O 26 4.56 30.68 -67.24
N TYR O 27 5.50 29.76 -67.06
CA TYR O 27 6.34 29.36 -68.18
C TYR O 27 6.41 27.85 -68.25
N ALA O 28 7.12 27.35 -69.26
CA ALA O 28 7.09 25.93 -69.58
C ALA O 28 7.55 25.08 -68.42
N GLY O 29 8.46 25.58 -67.61
CA GLY O 29 8.98 24.86 -66.46
C GLY O 29 8.31 25.14 -65.14
N GLY O 30 7.26 25.95 -65.11
CA GLY O 30 6.62 26.27 -63.85
C GLY O 30 6.17 27.71 -63.73
N VAL O 31 6.62 28.40 -62.69
CA VAL O 31 6.23 29.79 -62.48
C VAL O 31 7.47 30.63 -62.22
N LEU O 32 7.48 31.85 -62.75
CA LEU O 32 8.58 32.79 -62.62
C LEU O 32 8.11 34.03 -61.88
N PHE O 33 8.83 34.38 -60.82
CA PHE O 33 8.61 35.61 -60.08
C PHE O 33 9.76 36.56 -60.39
N VAL O 34 9.41 37.77 -60.82
CA VAL O 34 10.38 38.82 -61.09
C VAL O 34 9.87 40.09 -60.44
N ALA O 35 10.70 40.70 -59.60
CA ALA O 35 10.26 41.87 -58.86
C ALA O 35 11.38 42.90 -58.77
N GLU O 36 11.00 44.14 -58.99
CA GLU O 36 11.88 45.29 -58.76
C GLU O 36 12.11 45.43 -57.26
N ASN O 37 13.34 45.20 -56.81
CA ASN O 37 13.65 45.22 -55.39
C ASN O 37 15.11 45.59 -55.23
N PRO O 38 15.40 46.84 -54.84
CA PRO O 38 16.81 47.23 -54.67
C PRO O 38 17.50 46.55 -53.50
N SER O 39 16.75 46.12 -52.49
CA SER O 39 17.38 45.63 -51.27
C SER O 39 18.18 44.37 -51.54
N ARG O 40 19.22 44.17 -50.73
CA ARG O 40 20.05 42.98 -50.80
C ARG O 40 19.69 41.95 -49.73
N SER O 41 18.85 42.30 -48.77
CA SER O 41 18.52 41.39 -47.69
C SER O 41 17.03 41.20 -47.44
N LEU O 42 16.18 42.10 -47.93
CA LEU O 42 14.74 42.01 -47.70
C LEU O 42 14.06 41.47 -48.93
N GLN O 43 13.22 40.45 -48.75
CA GLN O 43 12.65 39.69 -49.85
C GLN O 43 11.16 39.94 -49.97
N LYS O 44 10.70 40.19 -51.20
CA LYS O 44 9.28 40.28 -51.52
C LYS O 44 8.73 39.00 -52.12
N ILE O 45 9.58 38.03 -52.42
CA ILE O 45 9.17 36.77 -53.01
C ILE O 45 9.65 35.65 -52.09
N SER O 46 8.77 34.71 -51.78
CA SER O 46 9.13 33.72 -50.79
C SER O 46 8.46 32.39 -51.08
N GLU O 47 9.04 31.35 -50.52
CA GLU O 47 8.43 30.03 -50.54
C GLU O 47 7.37 29.95 -49.45
N LEU O 48 6.24 29.33 -49.78
CA LEU O 48 5.22 29.01 -48.78
C LEU O 48 5.23 27.54 -48.43
N TYR O 49 5.08 26.68 -49.43
CA TYR O 49 5.12 25.25 -49.20
C TYR O 49 5.73 24.58 -50.42
N ASP O 50 5.83 23.25 -50.36
CA ASP O 50 6.55 22.46 -51.36
C ASP O 50 6.36 22.98 -52.78
N ARG O 51 5.12 23.10 -53.22
CA ARG O 51 4.84 23.50 -54.60
C ARG O 51 4.11 24.83 -54.67
N VAL O 52 4.14 25.62 -53.60
CA VAL O 52 3.36 26.84 -53.53
C VAL O 52 4.29 27.98 -53.16
N GLY O 53 4.26 29.05 -53.97
CA GLY O 53 5.10 30.20 -53.77
C GLY O 53 4.27 31.46 -53.60
N PHE O 54 4.96 32.51 -53.16
CA PHE O 54 4.32 33.71 -52.66
C PHE O 54 5.07 34.92 -53.19
N ALA O 55 4.34 35.93 -53.64
CA ALA O 55 4.93 37.20 -54.04
C ALA O 55 3.99 38.31 -53.61
N ALA O 56 4.56 39.44 -53.21
CA ALA O 56 3.74 40.49 -52.63
C ALA O 56 4.23 41.86 -53.04
N ALA O 57 3.32 42.82 -53.03
CA ALA O 57 3.64 44.21 -53.27
C ALA O 57 2.98 45.08 -52.21
N GLY O 58 3.67 46.13 -51.80
CA GLY O 58 3.13 47.04 -50.83
C GLY O 58 4.08 47.34 -49.68
N LYS O 59 3.54 47.57 -48.49
CA LYS O 59 4.36 47.88 -47.33
C LYS O 59 5.00 46.60 -46.83
N PHE O 60 6.31 46.63 -46.59
CA PHE O 60 7.03 45.38 -46.32
C PHE O 60 6.54 44.69 -45.06
N ASN O 61 6.55 45.38 -43.92
CA ASN O 61 6.21 44.72 -42.68
C ASN O 61 4.86 44.03 -42.74
N GLU O 62 3.93 44.58 -43.50
CA GLU O 62 2.58 44.03 -43.55
C GLU O 62 2.54 42.77 -44.41
N PHE O 63 3.10 42.80 -45.62
CA PHE O 63 3.08 41.56 -46.38
C PHE O 63 4.04 40.53 -45.82
N ASP O 64 4.98 40.95 -44.98
CA ASP O 64 5.80 39.99 -44.24
C ASP O 64 4.98 39.30 -43.16
N ASN O 65 4.17 40.07 -42.42
CA ASN O 65 3.21 39.45 -41.51
C ASN O 65 2.33 38.43 -42.24
N LEU O 66 1.76 38.83 -43.39
CA LEU O 66 0.93 37.88 -44.12
C LEU O 66 1.74 36.70 -44.61
N ARG O 67 3.00 36.92 -44.98
CA ARG O 67 3.83 35.83 -45.46
C ARG O 67 4.06 34.81 -44.36
N ARG O 68 4.48 35.27 -43.20
CA ARG O 68 4.71 34.38 -42.07
C ARG O 68 3.44 33.68 -41.64
N GLY O 69 2.31 34.41 -41.65
CA GLY O 69 1.05 33.77 -41.33
C GLY O 69 0.70 32.66 -42.29
N GLY O 70 0.98 32.88 -43.58
CA GLY O 70 0.72 31.86 -44.56
C GLY O 70 1.60 30.64 -44.38
N ILE O 71 2.87 30.86 -44.03
CA ILE O 71 3.76 29.75 -43.75
C ILE O 71 3.26 28.97 -42.55
N GLN O 72 2.89 29.67 -41.47
CA GLN O 72 2.31 29.01 -40.31
C GLN O 72 1.12 28.14 -40.71
N PHE O 73 0.19 28.70 -41.49
CA PHE O 73 -0.97 27.92 -41.91
C PHE O 73 -0.56 26.69 -42.69
N ALA O 74 0.33 26.86 -43.65
CA ALA O 74 0.71 25.74 -44.51
C ALA O 74 1.35 24.62 -43.69
N ASP O 75 2.37 24.95 -42.90
CA ASP O 75 3.03 23.92 -42.11
C ASP O 75 2.06 23.24 -41.15
N THR O 76 1.16 24.01 -40.53
CA THR O 76 0.21 23.41 -39.61
C THR O 76 -0.70 22.42 -40.32
N ARG O 77 -1.22 22.81 -41.47
CA ARG O 77 -2.10 21.90 -42.20
C ARG O 77 -1.36 20.67 -42.68
N GLY O 78 -0.14 20.84 -43.18
CA GLY O 78 0.63 19.69 -43.63
C GLY O 78 0.94 18.72 -42.50
N TYR O 79 1.15 19.24 -41.30
CA TYR O 79 1.37 18.38 -40.14
C TYR O 79 0.09 17.67 -39.73
N ALA O 80 -1.01 18.43 -39.64
CA ALA O 80 -2.27 17.86 -39.17
C ALA O 80 -2.79 16.81 -40.12
N TYR O 81 -2.53 16.96 -41.42
CA TYR O 81 -2.99 15.99 -42.41
C TYR O 81 -1.82 15.35 -43.14
N ASP O 82 -1.41 15.93 -44.26
CA ASP O 82 -0.27 15.44 -45.02
C ASP O 82 0.16 16.52 -46.00
N ARG O 83 1.43 16.47 -46.39
CA ARG O 83 2.00 17.52 -47.21
C ARG O 83 1.21 17.69 -48.50
N ARG O 84 0.81 16.58 -49.11
CA ARG O 84 0.05 16.64 -50.35
C ARG O 84 -1.33 17.27 -50.18
N ASP O 85 -1.80 17.45 -48.95
CA ASP O 85 -3.12 18.04 -48.76
C ASP O 85 -3.10 19.55 -48.80
N VAL O 86 -1.92 20.15 -48.76
CA VAL O 86 -1.77 21.60 -48.88
C VAL O 86 -1.82 21.97 -50.36
N THR O 87 -2.71 22.89 -50.71
CA THR O 87 -2.89 23.31 -52.09
C THR O 87 -2.82 24.83 -52.17
N GLY O 88 -2.54 25.32 -53.37
CA GLY O 88 -2.52 26.75 -53.58
C GLY O 88 -3.88 27.38 -53.38
N ARG O 89 -4.94 26.70 -53.80
CA ARG O 89 -6.28 27.24 -53.61
C ARG O 89 -6.57 27.45 -52.14
N GLN O 90 -6.09 26.56 -51.28
CA GLN O 90 -6.27 26.73 -49.85
C GLN O 90 -5.61 28.00 -49.35
N LEU O 91 -4.31 28.17 -49.66
CA LEU O 91 -3.59 29.35 -49.18
C LEU O 91 -4.19 30.62 -49.73
N ALA O 92 -4.56 30.64 -51.00
CA ALA O 92 -5.25 31.81 -51.53
C ALA O 92 -6.53 32.07 -50.75
N ASN O 93 -7.29 31.02 -50.46
CA ASN O 93 -8.54 31.17 -49.74
C ASN O 93 -8.29 31.80 -48.38
N VAL O 94 -7.28 31.31 -47.67
CA VAL O 94 -6.96 31.82 -46.33
C VAL O 94 -6.48 33.26 -46.42
N TYR O 95 -5.77 33.61 -47.48
CA TYR O 95 -5.33 35.00 -47.64
C TYR O 95 -6.52 35.91 -47.91
N ALA O 96 -7.49 35.45 -48.69
CA ALA O 96 -8.69 36.24 -48.93
C ALA O 96 -9.45 36.47 -47.63
N GLN O 97 -9.70 35.40 -46.88
CA GLN O 97 -10.39 35.53 -45.61
C GLN O 97 -9.64 36.48 -44.68
N THR O 98 -8.33 36.31 -44.58
CA THR O 98 -7.52 37.10 -43.68
C THR O 98 -7.53 38.57 -44.05
N LEU O 99 -7.26 38.88 -45.32
CA LEU O 99 -7.25 40.28 -45.73
C LEU O 99 -8.63 40.92 -45.65
N GLY O 100 -9.70 40.16 -45.87
CA GLY O 100 -11.02 40.70 -45.59
C GLY O 100 -11.16 41.11 -44.14
N THR O 101 -10.77 40.21 -43.23
CA THR O 101 -10.84 40.51 -41.80
C THR O 101 -10.00 41.74 -41.46
N ILE O 102 -8.76 41.78 -41.93
CA ILE O 102 -7.89 42.93 -41.69
C ILE O 102 -8.52 44.21 -42.22
N PHE O 103 -9.00 44.16 -43.46
CA PHE O 103 -9.52 45.36 -44.09
C PHE O 103 -10.69 45.92 -43.32
N THR O 104 -11.54 45.06 -42.78
CA THR O 104 -12.72 45.56 -42.10
C THR O 104 -12.49 45.87 -40.63
N GLU O 105 -11.52 45.23 -39.98
CA GLU O 105 -11.40 45.29 -38.53
C GLU O 105 -10.11 45.89 -38.00
N GLN O 106 -9.06 45.96 -38.80
CA GLN O 106 -7.80 46.46 -38.27
C GLN O 106 -7.81 47.97 -38.17
N ALA O 107 -6.89 48.48 -37.32
CA ALA O 107 -6.79 49.92 -37.11
C ALA O 107 -6.55 50.63 -38.44
N LYS O 108 -5.76 50.02 -39.32
CA LYS O 108 -5.47 50.55 -40.63
C LYS O 108 -5.39 49.36 -41.56
N PRO O 109 -6.02 49.43 -42.73
CA PRO O 109 -5.96 48.30 -43.66
C PRO O 109 -4.53 48.08 -44.14
N TYR O 110 -4.27 46.87 -44.61
CA TYR O 110 -2.94 46.53 -45.10
C TYR O 110 -2.77 47.05 -46.52
N GLU O 111 -1.67 47.76 -46.75
CA GLU O 111 -1.36 48.28 -48.08
C GLU O 111 -0.56 47.22 -48.82
N VAL O 112 -1.26 46.14 -49.19
CA VAL O 112 -0.62 44.99 -49.81
C VAL O 112 -1.48 44.41 -50.93
N GLU O 113 -0.81 43.72 -51.83
CA GLU O 113 -1.42 42.86 -52.83
C GLU O 113 -0.59 41.59 -52.91
N LEU O 114 -1.27 40.45 -53.03
CA LEU O 114 -0.66 39.15 -52.87
C LEU O 114 -0.84 38.32 -54.13
N CYS O 115 0.14 37.45 -54.39
CA CYS O 115 0.05 36.44 -55.42
C CYS O 115 0.49 35.12 -54.83
N VAL O 116 -0.37 34.12 -54.94
CA VAL O 116 -0.09 32.76 -54.49
C VAL O 116 -0.10 31.88 -55.73
N ALA O 117 0.99 31.16 -55.94
CA ALA O 117 1.15 30.37 -57.15
C ALA O 117 1.44 28.91 -56.79
N GLU O 118 0.96 28.00 -57.62
CA GLU O 118 1.21 26.58 -57.42
C GLU O 118 1.56 25.93 -58.75
N VAL O 119 2.55 25.05 -58.71
CA VAL O 119 2.92 24.24 -59.85
C VAL O 119 2.62 22.79 -59.53
N ALA O 120 2.72 21.93 -60.53
CA ALA O 120 2.41 20.53 -60.34
C ALA O 120 3.49 19.85 -59.51
N HIS O 121 3.12 18.73 -58.89
CA HIS O 121 4.11 17.94 -58.18
C HIS O 121 4.99 17.17 -59.15
N TYR O 122 6.18 16.81 -58.68
CA TYR O 122 7.13 16.11 -59.51
C TYR O 122 6.50 14.87 -60.13
N GLY O 123 6.63 14.74 -61.44
CA GLY O 123 6.07 13.61 -62.15
C GLY O 123 4.62 13.77 -62.55
N GLU O 124 3.96 14.83 -62.11
CA GLU O 124 2.58 15.09 -62.49
C GLU O 124 2.53 16.07 -63.64
N THR O 125 1.43 16.04 -64.37
CA THR O 125 1.20 16.92 -65.50
C THR O 125 -0.02 17.77 -65.21
N LYS O 126 0.19 19.05 -64.92
CA LYS O 126 -0.90 19.94 -64.52
C LYS O 126 -0.48 21.38 -64.79
N ARG O 127 -1.42 22.18 -65.22
CA ARG O 127 -1.10 23.57 -65.52
C ARG O 127 -0.92 24.36 -64.22
N PRO O 128 0.03 25.30 -64.19
CA PRO O 128 0.20 26.13 -62.99
C PRO O 128 -1.06 26.91 -62.66
N GLU O 129 -1.18 27.28 -61.39
CA GLU O 129 -2.27 28.12 -60.92
C GLU O 129 -1.72 29.39 -60.34
N LEU O 130 -2.37 30.51 -60.66
CA LEU O 130 -1.99 31.82 -60.17
C LEU O 130 -3.21 32.46 -59.51
N TYR O 131 -3.02 33.01 -58.32
CA TYR O 131 -4.08 33.69 -57.60
C TYR O 131 -3.59 35.06 -57.17
N ARG O 132 -4.43 36.06 -57.36
CA ARG O 132 -4.17 37.43 -56.92
C ARG O 132 -5.21 37.80 -55.87
N ILE O 133 -4.74 38.26 -54.72
CA ILE O 133 -5.59 38.72 -53.62
C ILE O 133 -5.26 40.17 -53.29
N THR O 134 -6.27 41.02 -53.29
CA THR O 134 -6.07 42.45 -53.07
C THR O 134 -6.40 42.82 -51.63
N TYR O 135 -6.15 44.08 -51.30
CA TYR O 135 -6.17 44.57 -49.93
C TYR O 135 -7.50 44.36 -49.22
N ASP O 136 -8.58 44.05 -49.92
CA ASP O 136 -9.89 43.91 -49.29
C ASP O 136 -10.37 42.47 -49.27
N GLY O 137 -9.51 41.52 -49.62
CA GLY O 137 -9.91 40.13 -49.63
C GLY O 137 -10.47 39.66 -50.94
N SER O 138 -10.53 40.52 -51.96
CA SER O 138 -10.96 40.08 -53.27
C SER O 138 -9.94 39.12 -53.85
N ILE O 139 -10.41 38.05 -54.47
CA ILE O 139 -9.55 36.98 -54.93
C ILE O 139 -9.90 36.64 -56.37
N ALA O 140 -8.87 36.38 -57.17
CA ALA O 140 -9.08 36.03 -58.57
C ALA O 140 -7.99 35.07 -59.02
N ASP O 141 -8.37 34.04 -59.77
CA ASP O 141 -7.40 33.11 -60.34
C ASP O 141 -7.14 33.52 -61.79
N GLU O 142 -5.85 33.95 -62.08
CA GLU O 142 -5.44 34.38 -63.42
C GLU O 142 -4.70 33.27 -64.14
N PRO O 143 -4.98 33.04 -65.42
CA PRO O 143 -4.49 31.81 -66.07
C PRO O 143 -3.09 31.91 -66.66
N HIS O 144 -2.62 33.13 -66.90
CA HIS O 144 -1.36 33.34 -67.61
C HIS O 144 -0.34 34.14 -66.81
N PHE O 145 -0.72 35.31 -66.31
CA PHE O 145 0.24 36.15 -65.59
C PHE O 145 -0.49 37.04 -64.60
N VAL O 146 0.29 37.58 -63.67
CA VAL O 146 -0.20 38.46 -62.62
C VAL O 146 0.80 39.59 -62.43
N VAL O 147 0.30 40.80 -62.33
CA VAL O 147 1.11 41.99 -62.10
C VAL O 147 0.52 42.72 -60.90
N MET O 148 1.39 43.22 -60.03
CA MET O 148 0.95 43.77 -58.75
C MET O 148 1.82 44.94 -58.35
N GLY O 149 1.18 45.97 -57.83
CA GLY O 149 1.90 47.07 -57.20
C GLY O 149 2.27 48.15 -58.18
N GLY O 150 2.28 49.38 -57.70
CA GLY O 150 2.59 50.51 -58.56
C GLY O 150 1.56 50.69 -59.65
N THR O 151 2.04 51.09 -60.82
CA THR O 151 1.20 51.35 -61.99
C THR O 151 1.15 50.09 -62.84
N THR O 152 0.03 49.36 -62.77
CA THR O 152 0.00 48.04 -63.37
C THR O 152 -0.22 48.08 -64.88
N GLU O 153 -1.12 48.95 -65.37
CA GLU O 153 -1.55 48.87 -66.77
C GLU O 153 -0.44 48.86 -67.82
N PRO O 154 0.64 49.65 -67.71
CA PRO O 154 1.71 49.51 -68.72
C PRO O 154 2.39 48.15 -68.69
N ILE O 155 2.72 47.63 -67.51
CA ILE O 155 3.37 46.34 -67.43
C ILE O 155 2.42 45.23 -67.86
N ALA O 156 1.18 45.28 -67.37
CA ALA O 156 0.17 44.28 -67.70
C ALA O 156 -0.14 44.24 -69.19
N ASN O 157 -0.25 45.41 -69.82
CA ASN O 157 -0.52 45.43 -71.26
C ASN O 157 0.72 44.98 -72.03
N ALA O 158 1.90 45.43 -71.62
CA ALA O 158 3.13 44.95 -72.24
C ALA O 158 3.17 43.43 -72.26
N LEU O 159 2.81 42.80 -71.14
CA LEU O 159 2.68 41.35 -71.13
C LEU O 159 1.52 40.89 -72.00
N LYS O 160 0.46 41.71 -72.12
CA LYS O 160 -0.69 41.34 -72.92
C LYS O 160 -0.31 41.11 -74.37
N GLU O 161 0.57 41.96 -74.90
CA GLU O 161 1.00 41.79 -76.28
C GLU O 161 2.12 40.76 -76.42
N SER O 162 2.92 40.57 -75.37
CA SER O 162 4.22 39.90 -75.50
C SER O 162 4.34 38.64 -74.65
N TYR O 163 3.26 37.90 -74.49
CA TYR O 163 3.29 36.68 -73.68
C TYR O 163 3.24 35.44 -74.55
N ALA O 164 4.17 34.51 -74.32
CA ALA O 164 4.19 33.22 -74.97
C ALA O 164 4.02 32.18 -73.86
N GLU O 165 3.10 31.25 -74.07
CA GLU O 165 2.70 30.33 -73.00
C GLU O 165 3.87 29.47 -72.52
N ASN O 166 4.39 28.60 -73.38
CA ASN O 166 5.48 27.71 -72.98
C ASN O 166 6.87 28.25 -73.29
N ALA O 167 7.12 29.54 -73.08
CA ALA O 167 8.45 30.06 -73.30
C ALA O 167 9.44 29.43 -72.31
N SER O 168 10.71 29.50 -72.66
CA SER O 168 11.77 29.04 -71.77
C SER O 168 11.97 30.05 -70.64
N LEU O 169 12.78 29.65 -69.66
CA LEU O 169 13.04 30.55 -68.54
C LEU O 169 13.73 31.81 -69.02
N THR O 170 14.73 31.67 -69.90
CA THR O 170 15.42 32.86 -70.41
C THR O 170 14.47 33.74 -71.20
N ASP O 171 13.66 33.15 -72.08
CA ASP O 171 12.70 33.93 -72.86
C ASP O 171 11.69 34.61 -71.94
N ALA O 172 11.03 33.84 -71.09
CA ALA O 172 10.00 34.40 -70.21
C ALA O 172 10.56 35.45 -69.27
N LEU O 173 11.75 35.22 -68.72
CA LEU O 173 12.37 36.22 -67.85
C LEU O 173 12.67 37.49 -68.63
N ARG O 174 13.21 37.35 -69.84
CA ARG O 174 13.43 38.53 -70.68
C ARG O 174 12.14 39.30 -70.88
N ILE O 175 11.07 38.62 -71.29
CA ILE O 175 9.77 39.26 -71.46
C ILE O 175 9.34 39.95 -70.18
N ALA O 176 9.66 39.34 -69.04
CA ALA O 176 9.25 39.90 -67.76
C ALA O 176 9.98 41.21 -67.46
N VAL O 177 11.30 41.23 -67.59
CA VAL O 177 12.05 42.45 -67.33
C VAL O 177 11.68 43.53 -68.34
N ALA O 178 11.44 43.15 -69.59
CA ALA O 178 10.98 44.11 -70.58
C ALA O 178 9.69 44.78 -70.13
N ALA O 179 8.66 43.97 -69.88
CA ALA O 179 7.37 44.53 -69.48
C ALA O 179 7.48 45.32 -68.18
N LEU O 180 8.32 44.87 -67.25
CA LEU O 180 8.49 45.56 -65.98
C LEU O 180 9.14 46.92 -66.18
N ARG O 181 10.17 46.99 -67.03
CA ARG O 181 10.79 48.26 -67.36
C ARG O 181 9.77 49.24 -67.94
N ALA O 182 8.85 48.72 -68.76
CA ALA O 182 7.78 49.54 -69.31
C ALA O 182 6.80 49.94 -68.22
N GLY O 183 7.24 50.74 -67.25
CA GLY O 183 6.39 51.14 -66.14
C GLY O 183 6.88 52.39 -65.43
N THR O 194 18.43 49.46 -68.67
CA THR O 194 18.56 50.71 -67.93
C THR O 194 18.23 50.51 -66.45
N LEU O 195 17.11 49.81 -66.19
CA LEU O 195 16.74 49.48 -64.82
C LEU O 195 17.50 48.23 -64.39
N GLY O 196 18.37 48.39 -63.41
CA GLY O 196 19.41 47.43 -63.06
C GLY O 196 19.03 45.96 -62.93
N VAL O 197 20.03 45.10 -63.13
CA VAL O 197 19.84 43.66 -62.91
C VAL O 197 20.00 43.30 -61.43
N ALA O 198 21.12 43.71 -60.82
CA ALA O 198 21.32 43.47 -59.39
C ALA O 198 20.21 44.05 -58.56
N SER O 199 19.45 45.00 -59.10
CA SER O 199 18.33 45.65 -58.43
C SER O 199 17.06 44.82 -58.50
N LEU O 200 17.16 43.56 -58.91
CA LEU O 200 16.00 42.69 -59.09
C LEU O 200 16.07 41.52 -58.11
N GLU O 201 14.89 40.95 -57.87
CA GLU O 201 14.73 39.71 -57.12
C GLU O 201 13.95 38.74 -58.00
N VAL O 202 14.52 37.58 -58.27
CA VAL O 202 13.98 36.62 -59.21
C VAL O 202 13.96 35.24 -58.58
N ALA O 203 12.89 34.48 -58.82
CA ALA O 203 12.82 33.11 -58.32
C ALA O 203 11.84 32.33 -59.18
N VAL O 204 11.88 31.01 -59.06
CA VAL O 204 11.02 30.14 -59.86
C VAL O 204 10.44 29.03 -59.00
N LEU O 205 9.22 28.64 -59.33
CA LEU O 205 8.64 27.36 -58.94
C LEU O 205 8.95 26.40 -60.08
N ASP O 206 9.94 25.54 -59.85
CA ASP O 206 10.53 24.68 -60.86
C ASP O 206 9.90 23.30 -60.75
N ALA O 207 8.93 23.03 -61.62
CA ALA O 207 8.16 21.79 -61.57
C ALA O 207 9.01 20.55 -61.76
N ASN O 208 10.31 20.72 -62.00
CA ASN O 208 11.20 19.59 -62.23
C ASN O 208 11.95 19.18 -60.98
N ARG O 209 11.71 19.80 -59.91
CA ARG O 209 12.35 19.32 -58.71
C ARG O 209 11.37 18.49 -57.88
N PRO O 210 11.83 17.45 -57.21
CA PRO O 210 10.90 16.52 -56.56
C PRO O 210 10.13 17.15 -55.40
N ARG O 211 10.82 17.62 -54.37
CA ARG O 211 10.14 18.13 -53.20
C ARG O 211 9.88 19.63 -53.33
N ARG O 212 10.89 20.43 -53.03
CA ARG O 212 10.72 21.87 -52.86
C ARG O 212 10.99 22.56 -54.18
N ALA O 213 9.94 23.13 -54.77
CA ALA O 213 10.04 23.68 -56.11
C ALA O 213 10.63 25.09 -56.13
N PHE O 214 10.60 25.79 -55.00
CA PHE O 214 11.05 27.18 -54.97
C PHE O 214 12.56 27.25 -55.07
N ARG O 215 13.03 28.17 -55.91
CA ARG O 215 14.46 28.28 -56.23
C ARG O 215 14.74 29.72 -56.65
N ARG O 216 15.50 30.46 -55.84
CA ARG O 216 15.86 31.81 -56.24
C ARG O 216 17.06 31.77 -57.19
N ILE O 217 17.11 32.78 -58.06
CA ILE O 217 18.14 32.88 -59.10
C ILE O 217 18.96 34.14 -58.81
N THR O 218 20.02 34.00 -58.03
CA THR O 218 20.85 35.12 -57.61
C THR O 218 22.22 35.09 -58.28
N GLY O 219 22.81 36.28 -58.42
CA GLY O 219 24.23 36.40 -58.72
C GLY O 219 24.63 35.87 -60.09
N SER O 220 25.74 35.14 -60.12
CA SER O 220 26.33 34.68 -61.38
C SER O 220 25.28 34.00 -62.24
N ALA O 221 24.46 33.13 -61.62
CA ALA O 221 23.37 32.50 -62.34
C ALA O 221 22.40 33.54 -62.87
N LEU O 222 22.05 34.53 -62.04
CA LEU O 222 21.05 35.52 -62.44
C LEU O 222 21.49 36.29 -63.67
N GLN O 223 22.70 36.84 -63.64
CA GLN O 223 23.18 37.56 -64.81
C GLN O 223 23.36 36.64 -66.01
N ALA O 224 23.89 35.44 -65.80
CA ALA O 224 24.15 34.53 -66.92
C ALA O 224 22.90 34.29 -67.75
N LEU O 225 21.73 34.23 -67.11
CA LEU O 225 20.47 34.06 -67.83
C LEU O 225 19.98 35.35 -68.48
N LEU O 226 20.87 36.30 -68.78
CA LEU O 226 20.47 37.57 -69.38
C LEU O 226 21.33 37.82 -70.61
N VAL O 227 20.74 37.63 -71.80
CA VAL O 227 21.36 37.87 -73.10
C VAL O 227 22.80 37.36 -73.17
N MET P 1 -26.86 55.56 -35.31
CA MET P 1 -27.67 54.38 -35.02
C MET P 1 -28.60 54.05 -36.17
N GLU P 2 -29.72 54.78 -36.31
CA GLU P 2 -30.61 54.52 -37.43
C GLU P 2 -29.91 54.83 -38.75
N GLN P 3 -29.13 55.91 -38.76
CA GLN P 3 -28.27 56.17 -39.91
C GLN P 3 -27.30 55.03 -40.13
N ALA P 4 -26.73 54.49 -39.05
CA ALA P 4 -25.78 53.40 -39.18
C ALA P 4 -26.40 52.20 -39.87
N MET P 5 -27.59 51.78 -39.43
CA MET P 5 -28.24 50.63 -40.05
C MET P 5 -28.63 50.93 -41.49
N ARG P 6 -29.06 52.15 -41.76
CA ARG P 6 -29.34 52.55 -43.14
C ARG P 6 -28.11 52.34 -44.02
N GLU P 7 -26.96 52.86 -43.58
CA GLU P 7 -25.73 52.70 -44.35
C GLU P 7 -25.34 51.25 -44.51
N ARG P 8 -25.48 50.45 -43.46
CA ARG P 8 -25.16 49.03 -43.56
C ARG P 8 -25.98 48.36 -44.64
N SER P 9 -27.31 48.53 -44.59
CA SER P 9 -28.16 47.96 -45.61
C SER P 9 -27.76 48.42 -47.00
N GLU P 10 -27.37 49.69 -47.13
CA GLU P 10 -27.02 50.20 -48.45
C GLU P 10 -25.73 49.58 -48.96
N LEU P 11 -24.70 49.51 -48.11
CA LEU P 11 -23.46 48.86 -48.51
C LEU P 11 -23.72 47.44 -48.98
N ALA P 12 -24.50 46.69 -48.21
CA ALA P 12 -24.77 45.31 -48.58
C ALA P 12 -25.51 45.24 -49.91
N ARG P 13 -26.59 46.01 -50.05
CA ARG P 13 -27.40 45.96 -51.26
C ARG P 13 -26.59 46.32 -52.49
N LYS P 14 -25.76 47.36 -52.40
CA LYS P 14 -24.93 47.74 -53.52
C LYS P 14 -23.95 46.62 -53.86
N GLY P 15 -23.27 46.09 -52.84
CA GLY P 15 -22.35 44.99 -53.05
C GLY P 15 -22.97 43.80 -53.75
N ILE P 16 -24.19 43.43 -53.35
CA ILE P 16 -24.86 42.31 -54.00
C ILE P 16 -25.24 42.68 -55.42
N ALA P 17 -25.61 43.94 -55.64
CA ALA P 17 -26.00 44.38 -56.97
C ALA P 17 -24.84 44.29 -57.95
N ARG P 18 -23.62 44.59 -57.49
CA ARG P 18 -22.46 44.52 -58.37
C ARG P 18 -22.09 43.10 -58.77
N ALA P 19 -22.61 42.09 -58.08
CA ALA P 19 -22.10 40.73 -58.22
C ALA P 19 -22.86 39.94 -59.29
N LYS P 20 -22.24 38.85 -59.72
CA LYS P 20 -22.82 38.00 -60.74
C LYS P 20 -24.03 37.27 -60.18
N SER P 21 -24.86 36.74 -61.07
CA SER P 21 -26.17 36.21 -60.70
C SER P 21 -26.13 34.70 -60.53
N VAL P 22 -27.09 34.20 -59.75
CA VAL P 22 -27.22 32.78 -59.43
C VAL P 22 -28.68 32.42 -59.47
N VAL P 23 -28.99 31.23 -59.97
CA VAL P 23 -30.35 30.73 -60.06
C VAL P 23 -30.42 29.33 -59.46
N ALA P 24 -31.51 29.06 -58.74
CA ALA P 24 -31.80 27.73 -58.23
C ALA P 24 -33.26 27.43 -58.46
N LEU P 25 -33.56 26.31 -59.09
CA LEU P 25 -34.96 26.01 -59.41
C LEU P 25 -35.22 24.51 -59.29
N ALA P 26 -36.44 24.18 -58.89
CA ALA P 26 -36.84 22.79 -58.71
C ALA P 26 -37.24 22.17 -60.04
N TYR P 27 -36.72 20.97 -60.31
CA TYR P 27 -37.09 20.24 -61.51
C TYR P 27 -37.41 18.79 -61.14
N ALA P 28 -37.80 18.00 -62.14
CA ALA P 28 -38.33 16.67 -61.91
C ALA P 28 -37.34 15.77 -61.18
N GLY P 29 -36.06 15.97 -61.42
CA GLY P 29 -35.04 15.16 -60.78
C GLY P 29 -34.45 15.74 -59.52
N GLY P 30 -34.96 16.87 -59.05
CA GLY P 30 -34.41 17.47 -57.84
C GLY P 30 -34.31 18.97 -57.87
N VAL P 31 -33.12 19.50 -57.64
CA VAL P 31 -32.90 20.94 -57.65
C VAL P 31 -31.72 21.25 -58.54
N LEU P 32 -31.81 22.34 -59.29
CA LEU P 32 -30.76 22.77 -60.21
C LEU P 32 -30.20 24.11 -59.77
N PHE P 33 -28.88 24.16 -59.62
CA PHE P 33 -28.12 25.37 -59.37
C PHE P 33 -27.33 25.73 -60.61
N VAL P 34 -27.48 26.97 -61.07
CA VAL P 34 -26.75 27.50 -62.22
C VAL P 34 -26.22 28.86 -61.85
N ALA P 35 -24.93 29.07 -62.02
CA ALA P 35 -24.34 30.34 -61.62
C ALA P 35 -23.29 30.80 -62.62
N GLU P 36 -23.36 32.09 -62.98
CA GLU P 36 -22.33 32.73 -63.79
C GLU P 36 -21.05 32.81 -62.97
N ASN P 37 -20.01 32.10 -63.40
CA ASN P 37 -18.75 32.04 -62.66
C ASN P 37 -17.61 31.79 -63.63
N PRO P 38 -16.82 32.80 -63.93
CA PRO P 38 -15.69 32.60 -64.85
C PRO P 38 -14.58 31.75 -64.28
N SER P 39 -14.47 31.67 -62.96
CA SER P 39 -13.32 31.02 -62.33
C SER P 39 -13.28 29.53 -62.66
N ARG P 40 -12.12 28.93 -62.39
CA ARG P 40 -11.94 27.48 -62.43
C ARG P 40 -12.05 26.84 -61.06
N SER P 41 -11.44 27.46 -60.04
CA SER P 41 -11.27 26.83 -58.74
C SER P 41 -12.16 27.40 -57.66
N LEU P 42 -12.77 28.57 -57.86
CA LEU P 42 -13.58 29.21 -56.83
C LEU P 42 -15.05 28.93 -57.07
N GLN P 43 -15.71 28.39 -56.05
CA GLN P 43 -17.04 27.82 -56.22
C GLN P 43 -18.07 28.63 -55.46
N LYS P 44 -19.24 28.82 -56.06
CA LYS P 44 -20.35 29.50 -55.41
C LYS P 44 -21.48 28.56 -55.04
N ILE P 45 -21.44 27.31 -55.48
CA ILE P 45 -22.46 26.33 -55.20
C ILE P 45 -21.77 25.15 -54.54
N SER P 46 -22.34 24.67 -53.43
CA SER P 46 -21.62 23.65 -52.68
C SER P 46 -22.61 22.73 -51.99
N GLU P 47 -22.10 21.56 -51.61
CA GLU P 47 -22.82 20.61 -50.79
C GLU P 47 -22.78 21.07 -49.34
N LEU P 48 -23.90 20.94 -48.66
CA LEU P 48 -23.97 21.16 -47.21
C LEU P 48 -24.08 19.84 -46.46
N TYR P 49 -25.08 19.04 -46.81
CA TYR P 49 -25.27 17.74 -46.18
C TYR P 49 -25.88 16.81 -47.22
N ASP P 50 -26.13 15.56 -46.80
CA ASP P 50 -26.51 14.49 -47.70
C ASP P 50 -27.43 14.97 -48.83
N ARG P 51 -28.55 15.59 -48.47
CA ARG P 51 -29.53 16.04 -49.44
C ARG P 51 -29.74 17.55 -49.39
N VAL P 52 -28.79 18.30 -48.85
CA VAL P 52 -28.96 19.73 -48.65
C VAL P 52 -27.80 20.44 -49.34
N GLY P 53 -28.13 21.42 -50.20
CA GLY P 53 -27.16 22.15 -50.94
C GLY P 53 -27.29 23.66 -50.70
N PHE P 54 -26.26 24.37 -51.16
CA PHE P 54 -26.00 25.76 -50.83
C PHE P 54 -25.57 26.52 -52.07
N ALA P 55 -26.11 27.71 -52.27
CA ALA P 55 -25.69 28.57 -53.36
C ALA P 55 -25.71 30.01 -52.89
N ALA P 56 -24.77 30.82 -53.39
CA ALA P 56 -24.59 32.15 -52.85
C ALA P 56 -24.20 33.13 -53.95
N ALA P 57 -24.48 34.40 -53.70
CA ALA P 57 -24.04 35.48 -54.56
C ALA P 57 -23.46 36.57 -53.70
N GLY P 58 -22.40 37.22 -54.18
CA GLY P 58 -21.80 38.31 -53.43
C GLY P 58 -20.30 38.23 -53.27
N LYS P 59 -19.79 38.72 -52.16
CA LYS P 59 -18.36 38.73 -51.90
C LYS P 59 -17.88 37.33 -51.51
N PHE P 60 -16.83 36.85 -52.18
CA PHE P 60 -16.46 35.44 -52.07
C PHE P 60 -16.07 35.06 -50.65
N ASN P 61 -15.11 35.77 -50.06
CA ASN P 61 -14.63 35.36 -48.74
C ASN P 61 -15.76 35.28 -47.73
N GLU P 62 -16.77 36.14 -47.89
CA GLU P 62 -17.86 36.22 -46.92
C GLU P 62 -18.84 35.06 -47.08
N PHE P 63 -19.32 34.81 -48.29
CA PHE P 63 -20.23 33.68 -48.41
C PHE P 63 -19.50 32.35 -48.30
N ASP P 64 -18.17 32.35 -48.46
CA ASP P 64 -17.40 31.15 -48.16
C ASP P 64 -17.35 30.92 -46.65
N ASN P 65 -17.10 31.97 -45.87
CA ASN P 65 -17.22 31.85 -44.42
C ASN P 65 -18.59 31.28 -44.03
N LEU P 66 -19.67 31.83 -44.58
CA LEU P 66 -20.99 31.32 -44.23
C LEU P 66 -21.15 29.86 -44.67
N ARG P 67 -20.55 29.51 -45.80
CA ARG P 67 -20.65 28.13 -46.27
C ARG P 67 -19.97 27.17 -45.31
N ARG P 68 -18.73 27.48 -44.90
CA ARG P 68 -18.02 26.62 -43.97
C ARG P 68 -18.75 26.54 -42.64
N GLY P 69 -19.29 27.66 -42.16
CA GLY P 69 -20.06 27.61 -40.93
C GLY P 69 -21.27 26.70 -41.04
N GLY P 70 -21.93 26.71 -42.20
CA GLY P 70 -23.04 25.82 -42.41
C GLY P 70 -22.63 24.37 -42.44
N ILE P 71 -21.49 24.08 -43.06
CA ILE P 71 -20.98 22.71 -43.04
C ILE P 71 -20.70 22.27 -41.61
N GLN P 72 -20.04 23.13 -40.82
CA GLN P 72 -19.78 22.82 -39.41
C GLN P 72 -21.08 22.54 -38.66
N PHE P 73 -22.09 23.35 -38.89
CA PHE P 73 -23.35 23.18 -38.18
C PHE P 73 -24.01 21.86 -38.57
N ALA P 74 -24.10 21.60 -39.87
CA ALA P 74 -24.77 20.40 -40.34
C ALA P 74 -24.07 19.15 -39.86
N ASP P 75 -22.75 19.07 -40.07
CA ASP P 75 -22.01 17.90 -39.64
C ASP P 75 -22.14 17.69 -38.13
N THR P 76 -22.03 18.77 -37.36
CA THR P 76 -22.14 18.63 -35.91
C THR P 76 -23.50 18.12 -35.48
N ARG P 77 -24.58 18.71 -36.04
CA ARG P 77 -25.91 18.25 -35.67
C ARG P 77 -26.12 16.80 -36.07
N GLY P 78 -25.63 16.42 -37.25
CA GLY P 78 -25.77 15.03 -37.67
C GLY P 78 -25.03 14.07 -36.76
N TYR P 79 -23.89 14.49 -36.22
CA TYR P 79 -23.17 13.65 -35.26
C TYR P 79 -23.90 13.57 -33.92
N ALA P 80 -24.34 14.72 -33.41
CA ALA P 80 -24.99 14.74 -32.10
C ALA P 80 -26.32 14.02 -32.11
N TYR P 81 -27.05 14.06 -33.23
CA TYR P 81 -28.35 13.40 -33.30
C TYR P 81 -28.26 12.29 -34.33
N ASP P 82 -28.59 12.55 -35.59
CA ASP P 82 -28.50 11.55 -36.63
C ASP P 82 -28.59 12.28 -37.97
N ARG P 83 -28.03 11.65 -39.00
CA ARG P 83 -27.94 12.31 -40.29
C ARG P 83 -29.32 12.70 -40.81
N ARG P 84 -30.33 11.94 -40.43
CA ARG P 84 -31.70 12.16 -40.89
C ARG P 84 -32.36 13.35 -40.25
N ASP P 85 -31.79 13.88 -39.17
CA ASP P 85 -32.36 15.02 -38.46
C ASP P 85 -31.89 16.35 -39.00
N VAL P 86 -30.91 16.36 -39.88
CA VAL P 86 -30.48 17.59 -40.52
C VAL P 86 -31.44 17.90 -41.67
N THR P 87 -32.00 19.10 -41.66
CA THR P 87 -33.00 19.50 -42.65
C THR P 87 -32.59 20.83 -43.27
N GLY P 88 -33.14 21.09 -44.45
CA GLY P 88 -32.90 22.38 -45.08
C GLY P 88 -33.50 23.53 -44.29
N ARG P 89 -34.68 23.32 -43.70
CA ARG P 89 -35.29 24.36 -42.90
C ARG P 89 -34.37 24.80 -41.76
N GLN P 90 -33.65 23.84 -41.16
CA GLN P 90 -32.71 24.17 -40.11
C GLN P 90 -31.57 25.04 -40.62
N LEU P 91 -30.90 24.61 -41.69
CA LEU P 91 -29.78 25.38 -42.19
C LEU P 91 -30.22 26.78 -42.58
N ALA P 92 -31.38 26.89 -43.23
CA ALA P 92 -31.91 28.21 -43.53
C ALA P 92 -32.11 29.02 -42.26
N ASN P 93 -32.66 28.38 -41.22
CA ASN P 93 -32.95 29.07 -39.97
C ASN P 93 -31.68 29.62 -39.32
N VAL P 94 -30.66 28.76 -39.21
CA VAL P 94 -29.42 29.19 -38.57
C VAL P 94 -28.71 30.22 -39.43
N TYR P 95 -28.88 30.14 -40.76
CA TYR P 95 -28.30 31.16 -41.62
C TYR P 95 -29.00 32.50 -41.40
N ALA P 96 -30.31 32.48 -41.21
CA ALA P 96 -31.02 33.71 -40.90
C ALA P 96 -30.50 34.31 -39.60
N GLN P 97 -30.39 33.49 -38.55
CA GLN P 97 -29.87 33.97 -37.28
C GLN P 97 -28.48 34.56 -37.44
N THR P 98 -27.59 33.83 -38.12
CA THR P 98 -26.21 34.25 -38.25
C THR P 98 -26.10 35.56 -39.01
N LEU P 99 -26.75 35.65 -40.18
CA LEU P 99 -26.65 36.87 -40.96
C LEU P 99 -27.29 38.04 -40.23
N GLY P 100 -28.31 37.80 -39.41
CA GLY P 100 -28.80 38.85 -38.54
C GLY P 100 -27.72 39.38 -37.63
N THR P 101 -27.04 38.47 -36.92
CA THR P 101 -25.97 38.89 -36.01
C THR P 101 -24.88 39.64 -36.76
N ILE P 102 -24.43 39.08 -37.89
CA ILE P 102 -23.39 39.71 -38.71
C ILE P 102 -23.84 41.10 -39.12
N PHE P 103 -25.07 41.21 -39.60
CA PHE P 103 -25.56 42.48 -40.12
C PHE P 103 -25.56 43.55 -39.05
N THR P 104 -25.94 43.21 -37.81
CA THR P 104 -26.00 44.27 -36.80
C THR P 104 -24.68 44.48 -36.07
N GLU P 105 -23.82 43.47 -35.95
CA GLU P 105 -22.70 43.52 -35.01
C GLU P 105 -21.32 43.46 -35.64
N GLN P 106 -21.17 43.00 -36.88
CA GLN P 106 -19.81 42.95 -37.38
C GLN P 106 -19.38 44.33 -37.86
N ALA P 107 -18.06 44.51 -37.96
CA ALA P 107 -17.50 45.78 -38.37
C ALA P 107 -18.08 46.25 -39.69
N LYS P 108 -18.36 45.32 -40.59
CA LYS P 108 -18.96 45.61 -41.87
C LYS P 108 -19.90 44.46 -42.20
N PRO P 109 -21.12 44.73 -42.61
CA PRO P 109 -22.06 43.65 -42.93
C PRO P 109 -21.59 42.83 -44.12
N TYR P 110 -22.09 41.61 -44.20
CA TYR P 110 -21.72 40.73 -45.28
C TYR P 110 -22.53 41.05 -46.53
N GLU P 111 -21.83 41.26 -47.65
CA GLU P 111 -22.48 41.53 -48.93
C GLU P 111 -22.76 40.21 -49.65
N VAL P 112 -23.73 39.47 -49.13
CA VAL P 112 -24.04 38.15 -49.63
C VAL P 112 -25.55 37.96 -49.69
N GLU P 113 -25.96 37.00 -50.51
CA GLU P 113 -27.32 36.48 -50.54
C GLU P 113 -27.21 34.98 -50.69
N LEU P 114 -28.03 34.25 -49.93
CA LEU P 114 -27.90 32.82 -49.74
C LEU P 114 -29.16 32.10 -50.17
N CYS P 115 -28.98 30.88 -50.68
CA CYS P 115 -30.06 29.96 -50.99
C CYS P 115 -29.69 28.58 -50.45
N VAL P 116 -30.60 28.00 -49.68
CA VAL P 116 -30.43 26.65 -49.17
C VAL P 116 -31.54 25.80 -49.74
N ALA P 117 -31.18 24.70 -50.39
CA ALA P 117 -32.15 23.85 -51.06
C ALA P 117 -32.06 22.42 -50.55
N GLU P 118 -33.20 21.75 -50.50
CA GLU P 118 -33.25 20.37 -50.03
C GLU P 118 -34.15 19.53 -50.93
N VAL P 119 -33.69 18.32 -51.25
CA VAL P 119 -34.47 17.34 -51.99
C VAL P 119 -34.82 16.17 -51.07
N ALA P 120 -35.69 15.31 -51.57
CA ALA P 120 -36.18 14.18 -50.78
C ALA P 120 -35.11 13.11 -50.61
N HIS P 121 -35.29 12.28 -49.59
CA HIS P 121 -34.42 11.14 -49.40
C HIS P 121 -34.75 10.03 -50.39
N TYR P 122 -33.74 9.21 -50.67
CA TYR P 122 -33.86 8.20 -51.70
C TYR P 122 -35.10 7.34 -51.47
N GLY P 123 -35.95 7.26 -52.48
CA GLY P 123 -37.16 6.48 -52.36
C GLY P 123 -38.33 7.19 -51.72
N GLU P 124 -38.14 8.41 -51.22
CA GLU P 124 -39.25 9.16 -50.66
C GLU P 124 -39.81 10.13 -51.68
N THR P 125 -41.05 10.53 -51.47
CA THR P 125 -41.78 11.46 -52.35
C THR P 125 -42.11 12.73 -51.57
N LYS P 126 -41.23 13.72 -51.66
CA LYS P 126 -41.44 15.02 -51.03
C LYS P 126 -41.00 16.11 -51.98
N ARG P 127 -41.82 17.14 -52.11
CA ARG P 127 -41.45 18.25 -52.98
C ARG P 127 -40.15 18.88 -52.49
N PRO P 128 -39.31 19.37 -53.39
CA PRO P 128 -38.12 20.11 -52.98
C PRO P 128 -38.48 21.35 -52.15
N GLU P 129 -37.54 21.80 -51.34
CA GLU P 129 -37.68 23.05 -50.60
C GLU P 129 -36.57 24.00 -50.99
N LEU P 130 -36.94 25.27 -51.14
CA LEU P 130 -36.00 26.34 -51.46
C LEU P 130 -36.15 27.47 -50.45
N TYR P 131 -35.02 27.96 -49.95
CA TYR P 131 -35.01 29.05 -48.99
C TYR P 131 -34.04 30.13 -49.43
N ARG P 132 -34.47 31.40 -49.33
CA ARG P 132 -33.63 32.56 -49.61
C ARG P 132 -33.38 33.32 -48.33
N ILE P 133 -32.12 33.58 -48.01
CA ILE P 133 -31.74 34.39 -46.87
C ILE P 133 -30.91 35.57 -47.37
N THR P 134 -31.32 36.78 -47.02
CA THR P 134 -30.65 37.98 -47.49
C THR P 134 -29.74 38.55 -46.41
N TYR P 135 -28.99 39.59 -46.78
CA TYR P 135 -27.86 40.04 -45.99
C TYR P 135 -28.21 40.47 -44.58
N ASP P 136 -29.49 40.67 -44.26
CA ASP P 136 -29.87 41.14 -42.93
C ASP P 136 -30.59 40.07 -42.14
N GLY P 137 -30.58 38.82 -42.61
CA GLY P 137 -31.21 37.73 -41.93
C GLY P 137 -32.66 37.49 -42.30
N SER P 138 -33.23 38.29 -43.19
CA SER P 138 -34.57 38.02 -43.63
C SER P 138 -34.59 36.73 -44.42
N ILE P 139 -35.61 35.91 -44.19
CA ILE P 139 -35.67 34.57 -44.74
C ILE P 139 -37.01 34.39 -45.42
N ALA P 140 -37.01 33.67 -46.54
CA ALA P 140 -38.21 33.51 -47.33
C ALA P 140 -38.26 32.10 -47.89
N ASP P 141 -39.46 31.54 -47.85
CA ASP P 141 -39.75 30.20 -48.34
C ASP P 141 -40.27 30.32 -49.77
N GLU P 142 -39.55 29.71 -50.72
CA GLU P 142 -40.00 29.82 -52.10
C GLU P 142 -40.35 28.44 -52.65
N PRO P 143 -41.34 28.35 -53.54
CA PRO P 143 -41.83 27.03 -53.94
C PRO P 143 -41.27 26.51 -55.26
N HIS P 144 -40.79 27.41 -56.11
CA HIS P 144 -40.36 27.04 -57.45
C HIS P 144 -38.94 27.44 -57.75
N PHE P 145 -38.55 28.70 -57.52
CA PHE P 145 -37.22 29.13 -57.89
C PHE P 145 -36.78 30.31 -57.03
N VAL P 146 -35.47 30.54 -57.05
CA VAL P 146 -34.82 31.60 -56.30
C VAL P 146 -33.71 32.19 -57.17
N VAL P 147 -33.63 33.51 -57.21
CA VAL P 147 -32.64 34.24 -57.99
C VAL P 147 -31.89 35.16 -57.06
N MET P 148 -30.59 35.31 -57.28
CA MET P 148 -29.76 36.06 -56.35
C MET P 148 -28.69 36.82 -57.10
N GLY P 149 -28.46 38.06 -56.68
CA GLY P 149 -27.33 38.85 -57.13
C GLY P 149 -27.60 39.62 -58.40
N GLY P 150 -26.98 40.80 -58.49
CA GLY P 150 -27.15 41.65 -59.65
C GLY P 150 -28.57 42.16 -59.79
N THR P 151 -29.01 42.28 -61.04
CA THR P 151 -30.34 42.80 -61.36
C THR P 151 -31.28 41.61 -61.49
N THR P 152 -32.03 41.33 -60.43
CA THR P 152 -32.75 40.07 -60.35
C THR P 152 -34.08 40.09 -61.10
N GLU P 153 -34.75 41.24 -61.16
CA GLU P 153 -36.08 41.32 -61.76
C GLU P 153 -36.16 40.67 -63.15
N PRO P 154 -35.27 40.95 -64.10
CA PRO P 154 -35.41 40.28 -65.40
C PRO P 154 -35.40 38.77 -65.30
N ILE P 155 -34.47 38.20 -64.52
CA ILE P 155 -34.38 36.74 -64.43
C ILE P 155 -35.62 36.18 -63.75
N ALA P 156 -36.05 36.81 -62.66
CA ALA P 156 -37.22 36.31 -61.94
C ALA P 156 -38.45 36.32 -62.83
N ASN P 157 -38.62 37.37 -63.63
CA ASN P 157 -39.78 37.43 -64.52
C ASN P 157 -39.66 36.42 -65.65
N ALA P 158 -38.48 36.32 -66.26
CA ALA P 158 -38.27 35.34 -67.31
C ALA P 158 -38.62 33.93 -66.82
N LEU P 159 -38.17 33.58 -65.62
CA LEU P 159 -38.52 32.29 -65.05
C LEU P 159 -40.02 32.20 -64.77
N LYS P 160 -40.63 33.32 -64.39
CA LYS P 160 -42.06 33.31 -64.09
C LYS P 160 -42.88 32.88 -65.30
N GLU P 161 -42.44 33.25 -66.50
CA GLU P 161 -43.16 32.88 -67.72
C GLU P 161 -42.66 31.59 -68.36
N SER P 162 -41.46 31.13 -68.03
CA SER P 162 -40.89 29.96 -68.67
C SER P 162 -40.52 28.87 -67.67
N TYR P 163 -41.27 28.74 -66.59
CA TYR P 163 -40.98 27.70 -65.61
C TYR P 163 -42.03 26.62 -65.75
N ALA P 164 -41.58 25.37 -65.85
CA ALA P 164 -42.49 24.24 -65.88
C ALA P 164 -42.17 23.35 -64.69
N GLU P 165 -43.19 23.10 -63.87
CA GLU P 165 -43.03 22.23 -62.73
C GLU P 165 -42.71 20.82 -63.22
N ASN P 166 -41.55 20.31 -62.84
CA ASN P 166 -41.07 18.97 -63.18
C ASN P 166 -40.54 18.89 -64.60
N ALA P 167 -39.84 19.95 -65.05
CA ALA P 167 -39.15 19.90 -66.32
C ALA P 167 -38.00 18.90 -66.27
N SER P 168 -37.53 18.49 -67.45
CA SER P 168 -36.36 17.64 -67.51
C SER P 168 -35.11 18.45 -67.17
N LEU P 169 -34.00 17.73 -66.96
CA LEU P 169 -32.76 18.43 -66.61
C LEU P 169 -32.30 19.33 -67.74
N THR P 170 -32.33 18.83 -68.97
CA THR P 170 -31.92 19.65 -70.11
C THR P 170 -32.81 20.88 -70.24
N ASP P 171 -34.12 20.70 -70.10
CA ASP P 171 -35.03 21.84 -70.17
C ASP P 171 -34.73 22.84 -69.07
N ALA P 172 -34.72 22.39 -67.81
CA ALA P 172 -34.50 23.31 -66.70
C ALA P 172 -33.19 24.06 -66.85
N LEU P 173 -32.15 23.38 -67.33
CA LEU P 173 -30.90 24.07 -67.59
C LEU P 173 -31.09 25.11 -68.68
N ARG P 174 -31.85 24.78 -69.72
CA ARG P 174 -32.13 25.74 -70.79
C ARG P 174 -32.81 26.99 -70.24
N ILE P 175 -33.93 26.82 -69.54
CA ILE P 175 -34.65 27.97 -68.99
C ILE P 175 -33.76 28.75 -68.05
N ALA P 176 -32.89 28.07 -67.31
CA ALA P 176 -32.04 28.76 -66.35
C ALA P 176 -31.03 29.66 -67.06
N VAL P 177 -30.29 29.12 -68.03
CA VAL P 177 -29.31 29.95 -68.73
C VAL P 177 -29.99 31.05 -69.54
N ALA P 178 -31.15 30.76 -70.14
CA ALA P 178 -31.88 31.80 -70.84
C ALA P 178 -32.21 32.96 -69.92
N ALA P 179 -32.91 32.67 -68.82
CA ALA P 179 -33.26 33.71 -67.85
C ALA P 179 -32.02 34.39 -67.31
N LEU P 180 -30.93 33.65 -67.16
CA LEU P 180 -29.68 34.23 -66.66
C LEU P 180 -29.13 35.27 -67.63
N ARG P 181 -29.11 34.96 -68.93
CA ARG P 181 -28.58 35.92 -69.91
C ARG P 181 -29.53 37.09 -70.11
N ALA P 182 -30.84 36.87 -69.94
CA ALA P 182 -31.80 37.95 -70.11
C ALA P 182 -31.57 39.11 -69.15
N GLY P 183 -30.74 38.92 -68.12
CA GLY P 183 -30.41 40.00 -67.21
C GLY P 183 -28.92 40.28 -67.17
N SER P 184 -28.31 40.43 -68.34
CA SER P 184 -26.87 40.64 -68.49
C SER P 184 -26.32 41.73 -67.57
N THR P 194 -24.48 34.82 -75.09
CA THR P 194 -23.25 34.07 -75.32
C THR P 194 -22.48 33.86 -74.01
N LEU P 195 -22.82 32.77 -73.32
CA LEU P 195 -22.07 32.31 -72.17
C LEU P 195 -22.32 30.81 -72.02
N GLY P 196 -21.27 30.07 -71.77
CA GLY P 196 -21.35 28.62 -71.73
C GLY P 196 -20.43 28.04 -70.69
N VAL P 197 -19.95 26.82 -70.96
CA VAL P 197 -19.13 26.04 -70.05
C VAL P 197 -18.03 26.89 -69.41
N ALA P 198 -17.33 27.67 -70.22
CA ALA P 198 -16.19 28.42 -69.71
C ALA P 198 -16.59 29.47 -68.68
N SER P 199 -17.84 29.92 -68.68
CA SER P 199 -18.29 30.94 -67.74
C SER P 199 -19.33 30.45 -66.75
N LEU P 200 -19.61 29.15 -66.68
CA LEU P 200 -20.64 28.67 -65.78
C LEU P 200 -20.12 27.70 -64.72
N GLU P 201 -20.86 27.64 -63.62
CA GLU P 201 -20.74 26.59 -62.61
C GLU P 201 -22.14 26.04 -62.40
N VAL P 202 -22.31 24.75 -62.60
CA VAL P 202 -23.61 24.10 -62.58
C VAL P 202 -23.55 22.89 -61.67
N ALA P 203 -24.60 22.67 -60.88
CA ALA P 203 -24.65 21.49 -60.04
C ALA P 203 -26.09 21.19 -59.72
N VAL P 204 -26.35 19.97 -59.25
CA VAL P 204 -27.71 19.52 -58.98
C VAL P 204 -27.75 18.78 -57.65
N LEU P 205 -28.87 18.93 -56.96
CA LEU P 205 -29.27 18.03 -55.89
C LEU P 205 -30.14 16.99 -56.58
N ASP P 206 -29.56 15.82 -56.80
CA ASP P 206 -30.14 14.77 -57.63
C ASP P 206 -30.85 13.80 -56.71
N ALA P 207 -32.18 13.93 -56.60
CA ALA P 207 -32.96 13.16 -55.65
C ALA P 207 -32.88 11.66 -55.89
N ASN P 208 -32.22 11.21 -56.96
CA ASN P 208 -32.12 9.81 -57.26
C ASN P 208 -30.79 9.20 -56.81
N ARG P 209 -29.92 10.00 -56.20
CA ARG P 209 -28.75 9.31 -55.69
C ARG P 209 -29.02 8.79 -54.29
N PRO P 210 -28.41 7.65 -53.91
CA PRO P 210 -28.78 6.98 -52.66
C PRO P 210 -28.49 7.79 -51.40
N ARG P 211 -27.28 8.33 -51.25
CA ARG P 211 -27.01 9.15 -50.08
C ARG P 211 -26.67 10.59 -50.44
N ARG P 212 -25.43 10.84 -50.85
CA ARG P 212 -24.97 12.19 -51.15
C ARG P 212 -25.60 12.69 -52.45
N ALA P 213 -26.50 13.66 -52.34
CA ALA P 213 -27.28 14.10 -53.49
C ALA P 213 -26.56 15.15 -54.33
N PHE P 214 -25.58 15.85 -53.77
CA PHE P 214 -24.94 16.94 -54.50
C PHE P 214 -24.03 16.37 -55.57
N ARG P 215 -24.26 16.76 -56.82
CA ARG P 215 -23.44 16.29 -57.93
C ARG P 215 -23.17 17.46 -58.86
N ARG P 216 -21.92 17.65 -59.25
CA ARG P 216 -21.57 18.72 -60.18
C ARG P 216 -21.61 18.22 -61.61
N ILE P 217 -21.92 19.14 -62.52
CA ILE P 217 -22.02 18.86 -63.95
C ILE P 217 -20.94 19.68 -64.64
N THR P 218 -19.75 19.10 -64.78
CA THR P 218 -18.59 19.80 -65.30
C THR P 218 -18.23 19.34 -66.71
N GLY P 219 -17.64 20.27 -67.48
CA GLY P 219 -16.94 19.92 -68.70
C GLY P 219 -17.81 19.37 -69.82
N SER P 220 -17.28 18.33 -70.48
CA SER P 220 -17.90 17.76 -71.67
C SER P 220 -19.35 17.41 -71.44
N ALA P 221 -19.66 16.81 -70.29
CA ALA P 221 -21.05 16.49 -69.96
C ALA P 221 -21.90 17.75 -69.94
N LEU P 222 -21.40 18.81 -69.32
CA LEU P 222 -22.16 20.06 -69.26
C LEU P 222 -22.43 20.57 -70.66
N GLN P 223 -21.40 20.58 -71.51
CA GLN P 223 -21.62 20.98 -72.90
C GLN P 223 -22.70 20.14 -73.55
N ALA P 224 -22.66 18.83 -73.31
CA ALA P 224 -23.70 17.95 -73.85
C ALA P 224 -25.08 18.38 -73.38
N LEU P 225 -25.17 18.86 -72.13
CA LEU P 225 -26.46 19.32 -71.63
C LEU P 225 -26.84 20.71 -72.14
N LEU P 226 -25.89 21.45 -72.70
CA LEU P 226 -26.20 22.79 -73.18
C LEU P 226 -26.65 22.76 -74.64
N VAL P 227 -25.89 22.09 -75.51
CA VAL P 227 -26.22 22.08 -76.93
C VAL P 227 -27.51 21.31 -77.17
N ASP P 228 -27.47 19.99 -77.02
CA ASP P 228 -28.61 19.14 -77.34
C ASP P 228 -28.65 17.89 -76.45
N MET Q 1 -27.95 60.32 -25.55
CA MET Q 1 -28.89 59.65 -24.68
C MET Q 1 -30.31 59.80 -25.21
N GLU Q 2 -30.89 61.00 -25.06
CA GLU Q 2 -32.21 61.27 -25.64
C GLU Q 2 -32.22 60.99 -27.13
N GLN Q 3 -31.14 61.37 -27.83
CA GLN Q 3 -30.98 61.00 -29.22
C GLN Q 3 -31.10 59.49 -29.43
N ALA Q 4 -30.21 58.73 -28.78
CA ALA Q 4 -30.12 57.30 -29.03
C ALA Q 4 -31.43 56.59 -28.75
N MET Q 5 -32.04 56.87 -27.60
CA MET Q 5 -33.27 56.19 -27.25
C MET Q 5 -34.42 56.57 -28.18
N ARG Q 6 -34.45 57.84 -28.63
CA ARG Q 6 -35.42 58.23 -29.65
C ARG Q 6 -35.25 57.37 -30.90
N GLU Q 7 -34.01 57.24 -31.38
CA GLU Q 7 -33.78 56.52 -32.63
C GLU Q 7 -34.07 55.03 -32.48
N ARG Q 8 -33.65 54.44 -31.37
CA ARG Q 8 -33.93 53.02 -31.13
C ARG Q 8 -35.43 52.76 -31.11
N SER Q 9 -36.16 53.54 -30.30
CA SER Q 9 -37.61 53.38 -30.27
C SER Q 9 -38.22 53.53 -31.65
N GLU Q 10 -37.70 54.47 -32.45
CA GLU Q 10 -38.27 54.70 -33.77
C GLU Q 10 -37.98 53.56 -34.71
N LEU Q 11 -36.72 53.09 -34.76
CA LEU Q 11 -36.38 51.97 -35.61
C LEU Q 11 -37.23 50.75 -35.29
N ALA Q 12 -37.37 50.45 -34.00
CA ALA Q 12 -38.17 49.30 -33.61
C ALA Q 12 -39.63 49.47 -34.02
N ARG Q 13 -40.22 50.63 -33.69
CA ARG Q 13 -41.65 50.82 -33.99
C ARG Q 13 -41.91 50.72 -35.48
N LYS Q 14 -41.09 51.37 -36.30
CA LYS Q 14 -41.28 51.31 -37.75
C LYS Q 14 -41.11 49.89 -38.26
N GLY Q 15 -40.04 49.21 -37.82
CA GLY Q 15 -39.84 47.83 -38.21
C GLY Q 15 -41.03 46.94 -37.91
N ILE Q 16 -41.64 47.11 -36.74
CA ILE Q 16 -42.81 46.32 -36.41
C ILE Q 16 -43.99 46.74 -37.27
N ALA Q 17 -44.10 48.04 -37.54
CA ALA Q 17 -45.22 48.56 -38.32
C ALA Q 17 -45.24 48.01 -39.74
N ARG Q 18 -44.08 47.63 -40.28
CA ARG Q 18 -44.03 47.10 -41.63
C ARG Q 18 -44.24 45.59 -41.69
N ALA Q 19 -44.55 44.93 -40.58
CA ALA Q 19 -44.69 43.48 -40.56
C ALA Q 19 -46.16 43.08 -40.55
N LYS Q 20 -46.40 41.82 -40.89
CA LYS Q 20 -47.77 41.32 -40.92
C LYS Q 20 -48.32 41.17 -39.51
N SER Q 21 -49.64 41.06 -39.41
CA SER Q 21 -50.34 41.16 -38.14
C SER Q 21 -50.68 39.78 -37.56
N VAL Q 22 -50.86 39.76 -36.24
CA VAL Q 22 -51.15 38.56 -35.47
C VAL Q 22 -52.20 38.90 -34.41
N VAL Q 23 -53.10 37.96 -34.16
CA VAL Q 23 -54.12 38.14 -33.13
C VAL Q 23 -54.17 36.88 -32.27
N ALA Q 24 -54.41 37.08 -30.98
CA ALA Q 24 -54.64 36.00 -30.04
C ALA Q 24 -55.85 36.36 -29.21
N LEU Q 25 -56.83 35.47 -29.13
CA LEU Q 25 -58.05 35.81 -28.41
C LEU Q 25 -58.54 34.61 -27.62
N ALA Q 26 -59.14 34.91 -26.47
CA ALA Q 26 -59.64 33.87 -25.61
C ALA Q 26 -61.03 33.45 -26.07
N TYR Q 27 -61.24 32.15 -26.18
CA TYR Q 27 -62.56 31.62 -26.53
C TYR Q 27 -62.88 30.46 -25.60
N ALA Q 28 -64.07 29.89 -25.79
CA ALA Q 28 -64.60 28.92 -24.84
C ALA Q 28 -63.69 27.71 -24.67
N GLY Q 29 -62.98 27.31 -25.72
CA GLY Q 29 -62.12 26.16 -25.62
C GLY Q 29 -60.69 26.47 -25.28
N GLY Q 30 -60.36 27.74 -25.04
CA GLY Q 30 -58.98 28.08 -24.73
C GLY Q 30 -58.53 29.37 -25.36
N VAL Q 31 -57.45 29.33 -26.13
CA VAL Q 31 -56.92 30.51 -26.78
C VAL Q 31 -56.68 30.19 -28.25
N LEU Q 32 -56.95 31.17 -29.11
CA LEU Q 32 -56.78 31.03 -30.55
C LEU Q 32 -55.75 32.04 -31.03
N PHE Q 33 -54.73 31.53 -31.73
CA PHE Q 33 -53.72 32.34 -32.39
C PHE Q 33 -53.98 32.27 -33.89
N VAL Q 34 -54.11 33.42 -34.52
CA VAL Q 34 -54.29 33.51 -35.95
C VAL Q 34 -53.34 34.58 -36.47
N ALA Q 35 -52.52 34.22 -37.44
CA ALA Q 35 -51.53 35.15 -37.97
C ALA Q 35 -51.46 35.04 -39.47
N GLU Q 36 -51.41 36.19 -40.14
CA GLU Q 36 -51.17 36.21 -41.57
C GLU Q 36 -49.75 35.75 -41.85
N ASN Q 37 -49.60 34.61 -42.54
CA ASN Q 37 -48.30 34.01 -42.76
C ASN Q 37 -48.38 33.20 -44.05
N PRO Q 38 -47.84 33.72 -45.14
CA PRO Q 38 -47.89 32.97 -46.41
C PRO Q 38 -47.00 31.74 -46.42
N SER Q 39 -45.93 31.72 -45.63
CA SER Q 39 -44.93 30.67 -45.75
C SER Q 39 -45.53 29.30 -45.43
N ARG Q 40 -44.81 28.26 -45.80
CA ARG Q 40 -45.25 26.90 -45.55
C ARG Q 40 -44.54 26.25 -44.37
N SER Q 41 -43.33 26.70 -44.04
CA SER Q 41 -42.52 26.02 -43.03
C SER Q 41 -42.00 26.93 -41.92
N LEU Q 42 -42.10 28.25 -42.04
CA LEU Q 42 -41.58 29.16 -41.04
C LEU Q 42 -42.73 29.62 -40.15
N GLN Q 43 -42.52 29.56 -38.83
CA GLN Q 43 -43.59 29.70 -37.87
C GLN Q 43 -43.52 31.06 -37.17
N LYS Q 44 -44.68 31.65 -36.93
CA LYS Q 44 -44.81 32.78 -36.01
C LYS Q 44 -45.55 32.43 -34.74
N ILE Q 45 -46.09 31.22 -34.66
CA ILE Q 45 -46.82 30.73 -33.49
C ILE Q 45 -46.16 29.44 -33.06
N SER Q 46 -45.92 29.30 -31.76
CA SER Q 46 -45.19 28.14 -31.29
C SER Q 46 -45.65 27.77 -29.89
N GLU Q 47 -45.40 26.53 -29.53
CA GLU Q 47 -45.61 26.06 -28.18
C GLU Q 47 -44.43 26.46 -27.30
N LEU Q 48 -44.70 26.90 -26.08
CA LEU Q 48 -43.65 27.15 -25.10
C LEU Q 48 -43.59 26.05 -24.04
N TYR Q 49 -44.71 25.77 -23.38
CA TYR Q 49 -44.76 24.72 -22.40
C TYR Q 49 -46.15 24.12 -22.44
N ASP Q 50 -46.39 23.11 -21.61
CA ASP Q 50 -47.62 22.33 -21.63
C ASP Q 50 -48.84 23.17 -21.95
N ARG Q 51 -49.07 24.20 -21.14
CA ARG Q 51 -50.26 25.03 -21.26
C ARG Q 51 -49.95 26.46 -21.66
N VAL Q 52 -48.76 26.71 -22.19
CA VAL Q 52 -48.34 28.08 -22.50
C VAL Q 52 -47.88 28.11 -23.95
N GLY Q 53 -48.43 29.07 -24.71
CA GLY Q 53 -48.09 29.24 -26.10
C GLY Q 53 -47.54 30.63 -26.38
N PHE Q 54 -47.00 30.78 -27.57
CA PHE Q 54 -46.19 31.93 -27.95
C PHE Q 54 -46.60 32.39 -29.34
N ALA Q 55 -46.74 33.70 -29.52
CA ALA Q 55 -47.02 34.26 -30.83
C ALA Q 55 -46.24 35.57 -30.97
N ALA Q 56 -45.78 35.85 -32.20
CA ALA Q 56 -44.89 36.99 -32.37
C ALA Q 56 -45.13 37.66 -33.72
N ALA Q 57 -44.79 38.95 -33.79
CA ALA Q 57 -44.79 39.69 -35.05
C ALA Q 57 -43.52 40.50 -35.14
N GLY Q 58 -42.98 40.63 -36.36
CA GLY Q 58 -41.78 41.41 -36.55
C GLY Q 58 -40.71 40.71 -37.36
N LYS Q 59 -39.44 40.95 -37.06
CA LYS Q 59 -38.36 40.31 -37.80
C LYS Q 59 -38.19 38.85 -37.35
N PHE Q 60 -38.15 37.93 -38.32
CA PHE Q 60 -38.24 36.51 -38.00
C PHE Q 60 -37.07 36.03 -37.13
N ASN Q 61 -35.83 36.26 -37.57
CA ASN Q 61 -34.71 35.73 -36.80
C ASN Q 61 -34.73 36.22 -35.36
N GLU Q 62 -35.24 37.42 -35.15
CA GLU Q 62 -35.23 37.98 -33.81
C GLU Q 62 -36.30 37.35 -32.92
N PHE Q 63 -37.55 37.29 -33.38
CA PHE Q 63 -38.53 36.64 -32.51
C PHE Q 63 -38.34 35.15 -32.47
N ASP Q 64 -37.59 34.59 -33.41
CA ASP Q 64 -37.20 33.18 -33.30
C ASP Q 64 -36.18 33.01 -32.18
N ASN Q 65 -35.18 33.88 -32.13
CA ASN Q 65 -34.27 33.87 -30.98
C ASN Q 65 -35.04 33.98 -29.67
N LEU Q 66 -35.97 34.92 -29.56
CA LEU Q 66 -36.71 35.03 -28.32
C LEU Q 66 -37.55 33.79 -28.07
N ARG Q 67 -38.09 33.18 -29.13
CA ARG Q 67 -38.90 31.99 -28.96
C ARG Q 67 -38.08 30.85 -28.36
N ARG Q 68 -36.89 30.60 -28.94
CA ARG Q 68 -36.01 29.57 -28.42
C ARG Q 68 -35.55 29.90 -27.01
N GLY Q 69 -35.25 31.17 -26.74
CA GLY Q 69 -34.87 31.54 -25.39
C GLY Q 69 -35.97 31.24 -24.38
N GLY Q 70 -37.22 31.48 -24.78
CA GLY Q 70 -38.33 31.15 -23.90
C GLY Q 70 -38.48 29.66 -23.70
N ILE Q 71 -38.30 28.86 -24.76
CA ILE Q 71 -38.38 27.41 -24.59
C ILE Q 71 -37.27 26.92 -23.67
N GLN Q 72 -36.04 27.41 -23.85
CA GLN Q 72 -34.96 27.07 -22.94
C GLN Q 72 -35.34 27.41 -21.50
N PHE Q 73 -35.87 28.61 -21.28
CA PHE Q 73 -36.20 29.02 -19.92
C PHE Q 73 -37.24 28.09 -19.33
N ALA Q 74 -38.31 27.80 -20.08
CA ALA Q 74 -39.38 26.98 -19.56
C ALA Q 74 -38.89 25.59 -19.22
N ASP Q 75 -38.23 24.93 -20.19
CA ASP Q 75 -37.77 23.57 -19.94
C ASP Q 75 -36.80 23.50 -18.77
N THR Q 76 -35.90 24.48 -18.67
CA THR Q 76 -34.94 24.50 -17.57
C THR Q 76 -35.63 24.68 -16.22
N ARG Q 77 -36.57 25.63 -16.12
CA ARG Q 77 -37.27 25.82 -14.85
C ARG Q 77 -38.08 24.59 -14.47
N GLY Q 78 -38.76 23.99 -15.45
CA GLY Q 78 -39.52 22.79 -15.17
C GLY Q 78 -38.65 21.63 -14.71
N TYR Q 79 -37.43 21.53 -15.24
CA TYR Q 79 -36.52 20.50 -14.77
C TYR Q 79 -36.01 20.82 -13.37
N ALA Q 80 -35.61 22.06 -13.14
CA ALA Q 80 -35.04 22.41 -11.84
C ALA Q 80 -36.07 22.29 -10.73
N TYR Q 81 -37.33 22.56 -11.04
CA TYR Q 81 -38.40 22.47 -10.06
C TYR Q 81 -39.41 21.40 -10.46
N ASP Q 82 -40.44 21.79 -11.18
CA ASP Q 82 -41.44 20.84 -11.65
C ASP Q 82 -42.27 21.52 -12.72
N ARG Q 83 -42.90 20.71 -13.56
CA ARG Q 83 -43.59 21.26 -14.72
C ARG Q 83 -44.67 22.24 -14.32
N ARG Q 84 -45.31 22.03 -13.17
CA ARG Q 84 -46.43 22.89 -12.81
C ARG Q 84 -45.99 24.20 -12.17
N ASP Q 85 -44.70 24.37 -11.90
CA ASP Q 85 -44.21 25.65 -11.43
C ASP Q 85 -43.95 26.62 -12.56
N VAL Q 86 -43.97 26.14 -13.80
CA VAL Q 86 -43.83 26.98 -14.98
C VAL Q 86 -45.16 27.63 -15.29
N THR Q 87 -45.18 28.95 -15.42
CA THR Q 87 -46.41 29.70 -15.61
C THR Q 87 -46.31 30.63 -16.82
N GLY Q 88 -47.47 31.07 -17.29
CA GLY Q 88 -47.48 32.08 -18.33
C GLY Q 88 -46.91 33.40 -17.84
N ARG Q 89 -47.23 33.77 -16.59
CA ARG Q 89 -46.70 35.03 -16.06
C ARG Q 89 -45.19 34.99 -15.93
N GLN Q 90 -44.62 33.82 -15.60
CA GLN Q 90 -43.17 33.71 -15.56
C GLN Q 90 -42.56 34.01 -16.92
N LEU Q 91 -43.06 33.36 -17.96
CA LEU Q 91 -42.51 33.55 -19.28
C LEU Q 91 -42.68 34.99 -19.75
N ALA Q 92 -43.85 35.59 -19.50
CA ALA Q 92 -44.03 36.99 -19.86
C ALA Q 92 -43.04 37.89 -19.11
N ASN Q 93 -42.86 37.64 -17.81
CA ASN Q 93 -41.95 38.46 -17.01
C ASN Q 93 -40.53 38.39 -17.54
N VAL Q 94 -40.04 37.17 -17.80
CA VAL Q 94 -38.67 37.04 -18.28
C VAL Q 94 -38.54 37.60 -19.70
N TYR Q 95 -39.60 37.52 -20.52
CA TYR Q 95 -39.52 38.16 -21.83
C TYR Q 95 -39.41 39.67 -21.68
N ALA Q 96 -40.11 40.25 -20.71
CA ALA Q 96 -39.98 41.67 -20.46
C ALA Q 96 -38.55 42.03 -20.08
N GLN Q 97 -37.97 41.29 -19.13
CA GLN Q 97 -36.59 41.56 -18.73
C GLN Q 97 -35.65 41.49 -19.93
N THR Q 98 -35.80 40.42 -20.71
CA THR Q 98 -34.90 40.19 -21.84
C THR Q 98 -35.00 41.29 -22.87
N LEU Q 99 -36.22 41.61 -23.31
CA LEU Q 99 -36.38 42.64 -24.32
C LEU Q 99 -35.95 44.00 -23.81
N GLY Q 100 -36.10 44.26 -22.51
CA GLY Q 100 -35.52 45.47 -21.97
C GLY Q 100 -34.03 45.51 -22.21
N THR Q 101 -33.33 44.43 -21.85
CA THR Q 101 -31.90 44.37 -22.07
C THR Q 101 -31.55 44.54 -23.55
N ILE Q 102 -32.23 43.82 -24.43
CA ILE Q 102 -31.96 43.93 -25.86
C ILE Q 102 -32.11 45.37 -26.31
N PHE Q 103 -33.23 45.99 -25.94
CA PHE Q 103 -33.55 47.34 -26.39
C PHE Q 103 -32.48 48.32 -25.95
N THR Q 104 -31.96 48.11 -24.75
CA THR Q 104 -31.00 49.05 -24.18
C THR Q 104 -29.55 48.81 -24.56
N GLU Q 105 -29.14 47.56 -24.77
CA GLU Q 105 -27.72 47.25 -24.86
C GLU Q 105 -27.28 46.59 -26.16
N GLN Q 106 -28.19 46.00 -26.93
CA GLN Q 106 -27.73 45.31 -28.13
C GLN Q 106 -27.41 46.30 -29.24
N ALA Q 107 -26.66 45.80 -30.23
CA ALA Q 107 -26.23 46.65 -31.34
C ALA Q 107 -27.42 47.31 -32.02
N LYS Q 108 -28.53 46.59 -32.16
CA LYS Q 108 -29.73 47.11 -32.75
C LYS Q 108 -30.90 46.49 -31.99
N PRO Q 109 -31.90 47.27 -31.62
CA PRO Q 109 -33.03 46.72 -30.88
C PRO Q 109 -33.76 45.68 -31.71
N TYR Q 110 -34.48 44.81 -31.01
CA TYR Q 110 -35.26 43.78 -31.70
C TYR Q 110 -36.56 44.39 -32.18
N GLU Q 111 -36.86 44.21 -33.45
CA GLU Q 111 -38.10 44.69 -34.06
C GLU Q 111 -39.16 43.60 -33.96
N VAL Q 112 -39.63 43.37 -32.74
CA VAL Q 112 -40.58 42.31 -32.45
C VAL Q 112 -41.65 42.79 -31.47
N GLU Q 113 -42.76 42.07 -31.49
CA GLU Q 113 -43.82 42.21 -30.49
C GLU Q 113 -44.29 40.81 -30.14
N LEU Q 114 -44.49 40.56 -28.85
CA LEU Q 114 -44.67 39.23 -28.31
C LEU Q 114 -46.00 39.10 -27.59
N CYS Q 115 -46.57 37.89 -27.68
CA CYS Q 115 -47.74 37.51 -26.93
C CYS Q 115 -47.47 36.16 -26.31
N VAL Q 116 -47.64 36.07 -24.99
CA VAL Q 116 -47.51 34.82 -24.25
C VAL Q 116 -48.87 34.54 -23.66
N ALA Q 117 -49.41 33.35 -23.95
CA ALA Q 117 -50.76 33.02 -23.52
C ALA Q 117 -50.76 31.74 -22.71
N GLU Q 118 -51.65 31.67 -21.72
CA GLU Q 118 -51.75 30.49 -20.89
C GLU Q 118 -53.20 30.10 -20.66
N VAL Q 119 -53.47 28.80 -20.74
CA VAL Q 119 -54.78 28.24 -20.45
C VAL Q 119 -54.69 27.38 -19.20
N ALA Q 120 -55.85 26.96 -18.72
CA ALA Q 120 -55.93 26.17 -17.50
C ALA Q 120 -55.42 24.75 -17.75
N HIS Q 121 -55.03 24.09 -16.65
CA HIS Q 121 -54.67 22.70 -16.72
C HIS Q 121 -55.92 21.83 -16.80
N TYR Q 122 -55.76 20.62 -17.35
CA TYR Q 122 -56.90 19.76 -17.59
C TYR Q 122 -57.73 19.59 -16.34
N GLY Q 123 -59.04 19.83 -16.46
CA GLY Q 123 -59.96 19.67 -15.36
C GLY Q 123 -60.08 20.86 -14.45
N GLU Q 124 -59.26 21.89 -14.61
CA GLU Q 124 -59.37 23.09 -13.80
C GLU Q 124 -60.16 24.17 -14.53
N THR Q 125 -60.67 25.12 -13.76
CA THR Q 125 -61.48 26.21 -14.28
C THR Q 125 -60.70 27.50 -14.04
N LYS Q 126 -60.00 27.97 -15.06
CA LYS Q 126 -59.18 29.17 -14.93
C LYS Q 126 -59.32 29.99 -16.20
N ARG Q 127 -59.54 31.29 -16.03
CA ARG Q 127 -59.63 32.18 -17.18
C ARG Q 127 -58.29 32.19 -17.90
N PRO Q 128 -58.27 32.10 -19.22
CA PRO Q 128 -57.01 32.25 -19.95
C PRO Q 128 -56.38 33.59 -19.67
N GLU Q 129 -55.06 33.65 -19.82
CA GLU Q 129 -54.33 34.90 -19.63
C GLU Q 129 -53.59 35.23 -20.92
N LEU Q 130 -53.60 36.51 -21.29
CA LEU Q 130 -52.88 36.95 -22.47
C LEU Q 130 -51.90 38.04 -22.06
N TYR Q 131 -50.67 37.96 -22.55
CA TYR Q 131 -49.64 38.95 -22.23
C TYR Q 131 -49.02 39.50 -23.49
N ARG Q 132 -48.82 40.81 -23.51
CA ARG Q 132 -48.14 41.52 -24.58
C ARG Q 132 -46.83 42.09 -24.06
N ILE Q 133 -45.73 41.78 -24.74
CA ILE Q 133 -44.41 42.34 -24.45
C ILE Q 133 -43.93 43.05 -25.71
N THR Q 134 -43.59 44.32 -25.57
CA THR Q 134 -43.22 45.13 -26.72
C THR Q 134 -41.71 45.29 -26.80
N TYR Q 135 -41.27 45.94 -27.89
CA TYR Q 135 -39.85 45.97 -28.24
C TYR Q 135 -38.98 46.60 -27.17
N ASP Q 136 -39.56 47.30 -26.20
CA ASP Q 136 -38.80 47.97 -25.17
C ASP Q 136 -38.97 47.33 -23.80
N GLY Q 137 -39.63 46.18 -23.73
CA GLY Q 137 -39.84 45.50 -22.48
C GLY Q 137 -41.10 45.87 -21.74
N SER Q 138 -41.92 46.78 -22.27
CA SER Q 138 -43.18 47.08 -21.62
C SER Q 138 -44.10 45.87 -21.72
N ILE Q 139 -44.82 45.57 -20.65
CA ILE Q 139 -45.62 44.37 -20.55
C ILE Q 139 -47.01 44.73 -20.08
N ALA Q 140 -48.02 44.06 -20.63
CA ALA Q 140 -49.40 44.30 -20.24
C ALA Q 140 -50.20 43.01 -20.36
N ASP Q 141 -51.03 42.71 -19.36
CA ASP Q 141 -51.87 41.52 -19.40
C ASP Q 141 -53.26 41.92 -19.90
N GLU Q 142 -53.68 41.31 -20.86
CA GLU Q 142 -54.96 41.39 -21.52
C GLU Q 142 -55.82 40.19 -21.19
N PRO Q 143 -57.12 40.47 -21.01
CA PRO Q 143 -58.09 39.45 -20.65
C PRO Q 143 -58.87 38.90 -21.84
N HIS Q 144 -58.90 39.62 -22.96
CA HIS Q 144 -59.76 39.22 -24.06
C HIS Q 144 -58.98 38.89 -25.32
N PHE Q 145 -58.14 39.79 -25.80
CA PHE Q 145 -57.41 39.55 -27.03
C PHE Q 145 -56.19 40.45 -27.07
N VAL Q 146 -55.28 40.12 -27.98
CA VAL Q 146 -54.03 40.83 -28.20
C VAL Q 146 -53.81 40.90 -29.70
N VAL Q 147 -53.41 42.07 -30.19
CA VAL Q 147 -53.14 42.29 -31.60
C VAL Q 147 -51.74 42.86 -31.72
N MET Q 148 -50.99 42.40 -32.72
CA MET Q 148 -49.59 42.77 -32.82
C MET Q 148 -49.15 42.88 -34.27
N GLY Q 149 -48.35 43.88 -34.56
CA GLY Q 149 -47.69 43.97 -35.85
C GLY Q 149 -48.52 44.68 -36.89
N GLY Q 150 -47.82 45.37 -37.80
CA GLY Q 150 -48.48 46.11 -38.85
C GLY Q 150 -49.31 47.25 -38.31
N THR Q 151 -50.45 47.50 -38.95
CA THR Q 151 -51.35 48.57 -38.55
C THR Q 151 -52.38 47.96 -37.62
N THR Q 152 -52.15 48.09 -36.32
CA THR Q 152 -52.94 47.34 -35.35
C THR Q 152 -54.27 48.00 -35.02
N GLU Q 153 -54.40 49.32 -35.17
CA GLU Q 153 -55.61 50.01 -34.71
C GLU Q 153 -56.88 49.53 -35.40
N PRO Q 154 -56.96 49.44 -36.74
CA PRO Q 154 -58.19 48.92 -37.34
C PRO Q 154 -58.58 47.55 -36.82
N ILE Q 155 -57.61 46.66 -36.69
CA ILE Q 155 -57.89 45.30 -36.20
C ILE Q 155 -58.37 45.36 -34.76
N ALA Q 156 -57.72 46.20 -33.95
CA ALA Q 156 -58.11 46.33 -32.56
C ALA Q 156 -59.55 46.80 -32.44
N ASN Q 157 -59.98 47.71 -33.30
CA ASN Q 157 -61.37 48.16 -33.23
C ASN Q 157 -62.31 47.06 -33.72
N ALA Q 158 -61.99 46.43 -34.84
CA ALA Q 158 -62.85 45.36 -35.35
C ALA Q 158 -63.09 44.30 -34.29
N LEU Q 159 -62.03 43.86 -33.62
CA LEU Q 159 -62.23 42.90 -32.53
C LEU Q 159 -62.96 43.56 -31.36
N LYS Q 160 -62.71 44.85 -31.13
CA LYS Q 160 -63.31 45.54 -30.00
C LYS Q 160 -64.82 45.54 -30.09
N GLU Q 161 -65.37 45.54 -31.30
CA GLU Q 161 -66.82 45.57 -31.46
C GLU Q 161 -67.38 44.28 -32.07
N SER Q 162 -66.64 43.17 -32.00
CA SER Q 162 -67.22 41.90 -32.44
C SER Q 162 -66.67 40.72 -31.65
N TYR Q 163 -66.29 40.92 -30.40
CA TYR Q 163 -65.76 39.86 -29.57
C TYR Q 163 -66.78 39.50 -28.50
N ALA Q 164 -67.08 38.21 -28.40
CA ALA Q 164 -67.96 37.69 -27.37
C ALA Q 164 -67.20 36.67 -26.53
N GLU Q 165 -67.29 36.82 -25.21
CA GLU Q 165 -66.63 35.86 -24.33
C GLU Q 165 -67.19 34.47 -24.58
N ASN Q 166 -66.33 33.47 -24.44
CA ASN Q 166 -66.73 32.07 -24.60
C ASN Q 166 -67.34 31.82 -25.97
N ALA Q 167 -66.80 32.47 -27.00
CA ALA Q 167 -67.24 32.22 -28.36
C ALA Q 167 -66.89 30.80 -28.78
N SER Q 168 -67.55 30.33 -29.84
CA SER Q 168 -67.18 29.04 -30.38
C SER Q 168 -65.86 29.13 -31.13
N LEU Q 169 -65.29 27.97 -31.44
CA LEU Q 169 -64.03 27.98 -32.16
C LEU Q 169 -64.20 28.57 -33.55
N THR Q 170 -65.24 28.13 -34.27
CA THR Q 170 -65.49 28.65 -35.60
C THR Q 170 -65.79 30.15 -35.55
N ASP Q 171 -66.59 30.58 -34.57
CA ASP Q 171 -66.91 31.99 -34.44
C ASP Q 171 -65.65 32.81 -34.24
N ALA Q 172 -64.84 32.43 -33.26
CA ALA Q 172 -63.62 33.17 -32.96
C ALA Q 172 -62.71 33.22 -34.17
N LEU Q 173 -62.61 32.11 -34.91
CA LEU Q 173 -61.81 32.12 -36.13
C LEU Q 173 -62.39 33.08 -37.16
N ARG Q 174 -63.73 33.19 -37.21
CA ARG Q 174 -64.37 34.12 -38.14
C ARG Q 174 -64.05 35.57 -37.79
N ILE Q 175 -64.34 35.98 -36.56
CA ILE Q 175 -64.07 37.36 -36.17
C ILE Q 175 -62.59 37.66 -36.27
N ALA Q 176 -61.74 36.66 -36.04
CA ALA Q 176 -60.30 36.88 -36.13
C ALA Q 176 -59.87 37.15 -37.56
N VAL Q 177 -60.24 36.26 -38.49
CA VAL Q 177 -59.83 36.45 -39.89
C VAL Q 177 -60.43 37.71 -40.46
N ALA Q 178 -61.69 38.02 -40.10
CA ALA Q 178 -62.30 39.27 -40.50
C ALA Q 178 -61.50 40.45 -39.98
N ALA Q 179 -61.29 40.47 -38.66
CA ALA Q 179 -60.58 41.58 -38.01
C ALA Q 179 -59.20 41.80 -38.61
N LEU Q 180 -58.56 40.75 -39.11
CA LEU Q 180 -57.23 40.94 -39.69
C LEU Q 180 -57.29 41.86 -40.90
N ARG Q 181 -58.09 41.49 -41.91
CA ARG Q 181 -58.22 42.34 -43.09
C ARG Q 181 -59.12 43.52 -42.71
N ALA Q 182 -58.50 44.61 -42.30
CA ALA Q 182 -59.21 45.83 -41.93
C ALA Q 182 -58.24 46.99 -41.76
N LEU Q 195 -57.63 35.89 -47.66
CA LEU Q 195 -56.95 35.19 -46.57
C LEU Q 195 -57.45 33.76 -46.41
N GLY Q 196 -57.06 32.89 -47.35
CA GLY Q 196 -57.41 31.49 -47.29
C GLY Q 196 -56.48 30.69 -46.40
N VAL Q 197 -56.46 29.38 -46.63
CA VAL Q 197 -55.60 28.51 -45.84
C VAL Q 197 -54.14 28.75 -46.20
N ALA Q 198 -53.84 28.85 -47.49
CA ALA Q 198 -52.46 29.02 -47.94
C ALA Q 198 -51.80 30.26 -47.36
N SER Q 199 -52.58 31.24 -46.91
CA SER Q 199 -52.03 32.48 -46.39
C SER Q 199 -52.20 32.69 -44.88
N LEU Q 200 -52.69 31.69 -44.14
CA LEU Q 200 -52.84 31.83 -42.69
C LEU Q 200 -52.05 30.77 -41.93
N GLU Q 201 -51.73 31.10 -40.68
CA GLU Q 201 -51.21 30.14 -39.71
C GLU Q 201 -52.06 30.24 -38.46
N VAL Q 202 -52.64 29.11 -38.05
CA VAL Q 202 -53.62 29.06 -36.98
C VAL Q 202 -53.20 28.00 -35.98
N ALA Q 203 -53.40 28.28 -34.69
CA ALA Q 203 -53.13 27.30 -33.65
C ALA Q 203 -53.96 27.66 -32.44
N VAL Q 204 -54.09 26.70 -31.53
CA VAL Q 204 -54.91 26.88 -30.33
C VAL Q 204 -54.18 26.32 -29.12
N LEU Q 205 -54.41 26.97 -27.99
CA LEU Q 205 -54.18 26.37 -26.67
C LEU Q 205 -55.53 25.78 -26.25
N ASP Q 206 -55.63 24.46 -26.35
CA ASP Q 206 -56.88 23.71 -26.22
C ASP Q 206 -57.00 23.18 -24.80
N ALA Q 207 -57.79 23.87 -23.97
CA ALA Q 207 -57.89 23.55 -22.56
C ALA Q 207 -58.47 22.18 -22.27
N ASN Q 208 -58.91 21.43 -23.28
CA ASN Q 208 -59.50 20.12 -23.07
C ASN Q 208 -58.52 18.99 -23.29
N ARG Q 209 -57.26 19.30 -23.42
CA ARG Q 209 -56.41 18.15 -23.68
C ARG Q 209 -55.51 17.88 -22.49
N PRO Q 210 -55.23 16.61 -22.19
CA PRO Q 210 -54.76 16.26 -20.84
C PRO Q 210 -53.41 16.86 -20.47
N ARG Q 211 -52.48 17.00 -21.41
CA ARG Q 211 -51.18 17.55 -21.06
C ARG Q 211 -50.80 18.73 -21.94
N ARG Q 212 -50.47 18.45 -23.20
CA ARG Q 212 -49.91 19.43 -24.11
C ARG Q 212 -51.06 20.12 -24.85
N ALA Q 213 -51.28 21.40 -24.55
CA ALA Q 213 -52.46 22.08 -25.05
C ALA Q 213 -52.30 22.63 -26.46
N PHE Q 214 -51.07 22.81 -26.92
CA PHE Q 214 -50.83 23.45 -28.22
C PHE Q 214 -51.18 22.52 -29.37
N ARG Q 215 -52.02 23.01 -30.28
CA ARG Q 215 -52.50 22.23 -31.42
C ARG Q 215 -52.62 23.12 -32.65
N ARG Q 216 -51.97 22.74 -33.74
CA ARG Q 216 -52.12 23.50 -34.97
C ARG Q 216 -53.36 23.04 -35.72
N ILE Q 217 -53.96 23.96 -36.45
CA ILE Q 217 -55.16 23.68 -37.25
C ILE Q 217 -54.79 23.98 -38.69
N THR Q 218 -54.24 22.98 -39.38
CA THR Q 218 -53.71 23.16 -40.72
C THR Q 218 -54.58 22.47 -41.76
N GLY Q 219 -54.53 23.00 -42.99
CA GLY Q 219 -55.00 22.24 -44.14
C GLY Q 219 -56.50 22.01 -44.12
N SER Q 220 -56.87 20.76 -44.43
CA SER Q 220 -58.28 20.40 -44.59
C SER Q 220 -59.12 20.80 -43.39
N ALA Q 221 -58.62 20.57 -42.18
CA ALA Q 221 -59.34 20.98 -40.98
C ALA Q 221 -59.56 22.49 -40.97
N LEU Q 222 -58.50 23.24 -41.26
CA LEU Q 222 -58.61 24.69 -41.26
C LEU Q 222 -59.64 25.16 -42.27
N GLN Q 223 -59.58 24.61 -43.49
CA GLN Q 223 -60.55 24.95 -44.51
C GLN Q 223 -61.97 24.68 -44.03
N ALA Q 224 -62.18 23.52 -43.41
CA ALA Q 224 -63.51 23.20 -42.90
C ALA Q 224 -63.97 24.22 -41.88
N LEU Q 225 -63.07 24.73 -41.05
CA LEU Q 225 -63.50 25.76 -40.10
C LEU Q 225 -63.60 27.15 -40.68
N LEU Q 226 -63.04 27.42 -41.86
CA LEU Q 226 -63.09 28.77 -42.41
C LEU Q 226 -64.34 28.98 -43.26
N VAL Q 227 -64.53 28.17 -44.30
CA VAL Q 227 -65.71 28.28 -45.13
C VAL Q 227 -66.61 27.06 -44.92
N ASP Q 228 -67.51 27.15 -43.94
CA ASP Q 228 -68.48 26.09 -43.67
C ASP Q 228 -69.49 26.55 -42.62
N MET R 1 -19.80 65.58 -20.23
CA MET R 1 -20.12 65.27 -18.84
C MET R 1 -21.38 66.00 -18.41
N GLU R 2 -21.33 67.33 -18.48
CA GLU R 2 -22.51 68.14 -18.19
C GLU R 2 -23.72 67.62 -18.96
N GLN R 3 -23.57 67.51 -20.29
CA GLN R 3 -24.70 67.14 -21.13
C GLN R 3 -25.15 65.71 -20.86
N ALA R 4 -24.21 64.78 -20.72
CA ALA R 4 -24.59 63.38 -20.52
C ALA R 4 -25.42 63.21 -19.27
N MET R 5 -24.95 63.75 -18.15
CA MET R 5 -25.70 63.61 -16.91
C MET R 5 -27.01 64.38 -16.95
N ARG R 6 -27.04 65.54 -17.62
CA ARG R 6 -28.30 66.25 -17.77
C ARG R 6 -29.33 65.39 -18.49
N GLU R 7 -28.94 64.81 -19.63
CA GLU R 7 -29.87 64.02 -20.43
C GLU R 7 -30.28 62.75 -19.70
N ARG R 8 -29.34 62.07 -19.04
CA ARG R 8 -29.69 60.89 -18.28
C ARG R 8 -30.73 61.22 -17.22
N SER R 9 -30.45 62.27 -16.43
CA SER R 9 -31.40 62.69 -15.41
C SER R 9 -32.76 62.99 -16.00
N GLU R 10 -32.80 63.66 -17.16
CA GLU R 10 -34.08 64.04 -17.73
C GLU R 10 -34.84 62.82 -18.27
N LEU R 11 -34.14 61.91 -18.95
CA LEU R 11 -34.80 60.70 -19.42
C LEU R 11 -35.43 59.96 -18.26
N ALA R 12 -34.68 59.78 -17.16
CA ALA R 12 -35.23 59.07 -16.02
C ALA R 12 -36.42 59.82 -15.42
N ARG R 13 -36.26 61.12 -15.18
CA ARG R 13 -37.35 61.89 -14.57
C ARG R 13 -38.62 61.89 -15.41
N LYS R 14 -38.49 62.09 -16.73
CA LYS R 14 -39.67 62.03 -17.57
C LYS R 14 -40.29 60.63 -17.55
N GLY R 15 -39.45 59.61 -17.67
CA GLY R 15 -39.95 58.25 -17.61
C GLY R 15 -40.77 57.98 -16.37
N ILE R 16 -40.31 58.48 -15.22
CA ILE R 16 -41.06 58.27 -13.98
C ILE R 16 -42.34 59.08 -13.99
N ALA R 17 -42.29 60.30 -14.55
CA ALA R 17 -43.48 61.15 -14.55
C ALA R 17 -44.58 60.55 -15.41
N ARG R 18 -44.23 59.91 -16.51
CA ARG R 18 -45.29 59.34 -17.35
C ARG R 18 -45.95 58.08 -16.71
N ALA R 19 -45.64 57.72 -15.46
CA ALA R 19 -46.04 56.45 -14.89
C ALA R 19 -47.11 56.63 -13.81
N LYS R 20 -47.75 55.52 -13.46
CA LYS R 20 -48.77 55.55 -12.42
C LYS R 20 -48.15 55.82 -11.06
N SER R 21 -48.98 56.26 -10.12
CA SER R 21 -48.52 56.73 -8.83
C SER R 21 -48.69 55.65 -7.76
N VAL R 22 -47.87 55.76 -6.72
CA VAL R 22 -47.83 54.80 -5.62
C VAL R 22 -47.70 55.60 -4.33
N VAL R 23 -48.36 55.13 -3.27
CA VAL R 23 -48.30 55.77 -1.97
C VAL R 23 -48.02 54.72 -0.90
N ALA R 24 -47.20 55.09 0.07
CA ALA R 24 -46.89 54.27 1.23
C ALA R 24 -47.08 55.15 2.46
N LEU R 25 -47.85 54.67 3.43
CA LEU R 25 -48.28 55.51 4.53
C LEU R 25 -48.21 54.72 5.82
N ALA R 26 -47.75 55.36 6.89
CA ALA R 26 -47.63 54.68 8.18
C ALA R 26 -48.95 54.78 8.92
N TYR R 27 -49.44 53.64 9.42
CA TYR R 27 -50.67 53.65 10.20
C TYR R 27 -50.47 52.80 11.45
N ALA R 28 -51.52 52.77 12.28
CA ALA R 28 -51.41 52.17 13.61
C ALA R 28 -51.01 50.71 13.56
N GLY R 29 -51.41 49.99 12.51
CA GLY R 29 -51.10 48.59 12.37
C GLY R 29 -49.85 48.28 11.58
N GLY R 30 -49.10 49.28 11.16
CA GLY R 30 -47.89 49.05 10.39
C GLY R 30 -47.72 50.03 9.25
N VAL R 31 -47.55 49.53 8.03
CA VAL R 31 -47.39 50.38 6.86
C VAL R 31 -48.34 49.90 5.78
N LEU R 32 -48.92 50.84 5.05
CA LEU R 32 -49.90 50.58 4.01
C LEU R 32 -49.35 51.02 2.67
N PHE R 33 -49.37 50.11 1.71
CA PHE R 33 -49.02 50.40 0.34
C PHE R 33 -50.28 50.36 -0.51
N VAL R 34 -50.53 51.43 -1.25
CA VAL R 34 -51.63 51.50 -2.19
C VAL R 34 -51.09 52.07 -3.49
N ALA R 35 -51.35 51.38 -4.59
CA ALA R 35 -50.81 51.78 -5.87
C ALA R 35 -51.88 51.62 -6.94
N GLU R 36 -51.98 52.60 -7.81
CA GLU R 36 -52.85 52.50 -8.96
C GLU R 36 -52.30 51.42 -9.87
N ASN R 37 -53.05 50.33 -10.03
CA ASN R 37 -52.55 49.21 -10.81
C ASN R 37 -53.72 48.43 -11.41
N PRO R 38 -53.96 48.56 -12.71
CA PRO R 38 -55.05 47.80 -13.33
C PRO R 38 -54.78 46.32 -13.44
N SER R 39 -53.52 45.90 -13.45
CA SER R 39 -53.17 44.53 -13.78
C SER R 39 -53.72 43.54 -12.76
N ARG R 40 -53.99 42.33 -13.24
CA ARG R 40 -54.34 41.23 -12.35
C ARG R 40 -53.10 40.57 -11.76
N SER R 41 -52.05 40.42 -12.56
CA SER R 41 -50.93 39.56 -12.22
C SER R 41 -49.59 40.28 -12.07
N LEU R 42 -49.48 41.53 -12.50
CA LEU R 42 -48.21 42.24 -12.43
C LEU R 42 -48.19 43.14 -11.21
N GLN R 43 -47.22 42.92 -10.33
CA GLN R 43 -47.22 43.54 -9.00
C GLN R 43 -46.16 44.64 -8.93
N LYS R 44 -46.57 45.78 -8.36
CA LYS R 44 -45.65 46.87 -8.03
C LYS R 44 -45.30 46.91 -6.56
N ILE R 45 -45.93 46.09 -5.73
CA ILE R 45 -45.68 46.04 -4.30
C ILE R 45 -45.30 44.62 -3.94
N SER R 46 -44.24 44.47 -3.15
CA SER R 46 -43.77 43.13 -2.87
C SER R 46 -43.13 43.07 -1.50
N GLU R 47 -43.02 41.85 -1.00
CA GLU R 47 -42.28 41.58 0.22
C GLU R 47 -40.79 41.51 -0.09
N LEU R 48 -39.98 42.06 0.81
CA LEU R 48 -38.53 41.89 0.77
C LEU R 48 -38.04 40.91 1.83
N TYR R 49 -38.39 41.13 3.09
CA TYR R 49 -38.00 40.22 4.15
C TYR R 49 -39.09 40.23 5.19
N ASP R 50 -38.90 39.46 6.26
CA ASP R 50 -39.92 39.25 7.29
C ASP R 50 -40.73 40.50 7.59
N ARG R 51 -40.04 41.58 7.96
CA ARG R 51 -40.68 42.82 8.36
C ARG R 51 -40.39 43.97 7.40
N VAL R 52 -39.96 43.66 6.18
CA VAL R 52 -39.53 44.69 5.23
C VAL R 52 -40.28 44.51 3.92
N GLY R 53 -40.89 45.60 3.44
CA GLY R 53 -41.67 45.60 2.23
C GLY R 53 -41.14 46.62 1.23
N PHE R 54 -41.64 46.51 0.00
CA PHE R 54 -41.07 47.17 -1.17
C PHE R 54 -42.19 47.72 -2.05
N ALA R 55 -42.01 48.95 -2.54
CA ALA R 55 -42.94 49.55 -3.47
C ALA R 55 -42.17 50.34 -4.53
N ALA R 56 -42.68 50.35 -5.75
CA ALA R 56 -41.91 50.95 -6.84
C ALA R 56 -42.84 51.63 -7.83
N ALA R 57 -42.29 52.62 -8.54
CA ALA R 57 -42.97 53.29 -9.63
C ALA R 57 -42.04 53.41 -10.83
N GLY R 58 -42.59 53.28 -12.03
CA GLY R 58 -41.78 53.43 -13.22
C GLY R 58 -41.94 52.30 -14.21
N LYS R 59 -40.87 51.97 -14.93
CA LYS R 59 -40.89 50.90 -15.91
C LYS R 59 -40.87 49.55 -15.21
N PHE R 60 -41.78 48.65 -15.59
CA PHE R 60 -41.95 47.43 -14.81
C PHE R 60 -40.69 46.58 -14.78
N ASN R 61 -40.15 46.24 -15.96
CA ASN R 61 -39.01 45.32 -15.98
C ASN R 61 -37.86 45.83 -15.13
N GLU R 62 -37.69 47.14 -15.04
CA GLU R 62 -36.57 47.70 -14.31
C GLU R 62 -36.79 47.65 -12.81
N PHE R 63 -37.94 48.11 -12.32
CA PHE R 63 -38.13 48.02 -10.88
C PHE R 63 -38.35 46.59 -10.42
N ASP R 64 -38.72 45.69 -11.34
CA ASP R 64 -38.72 44.27 -11.02
C ASP R 64 -37.30 43.73 -10.89
N ASN R 65 -36.41 44.10 -11.81
CA ASN R 65 -35.00 43.74 -11.64
C ASN R 65 -34.48 44.20 -10.29
N LEU R 66 -34.76 45.45 -9.93
CA LEU R 66 -34.32 45.93 -8.62
C LEU R 66 -34.99 45.17 -7.49
N ARG R 67 -36.24 44.75 -7.69
CA ARG R 67 -36.96 43.98 -6.69
C ARG R 67 -36.27 42.65 -6.43
N ARG R 68 -35.99 41.89 -7.49
CA ARG R 68 -35.32 40.61 -7.32
C ARG R 68 -33.93 40.79 -6.73
N GLY R 69 -33.22 41.84 -7.14
CA GLY R 69 -31.93 42.11 -6.53
C GLY R 69 -32.05 42.36 -5.03
N GLY R 70 -33.09 43.06 -4.62
CA GLY R 70 -33.28 43.29 -3.20
C GLY R 70 -33.60 42.01 -2.44
N ILE R 71 -34.42 41.16 -3.04
CA ILE R 71 -34.71 39.87 -2.40
C ILE R 71 -33.44 39.05 -2.28
N GLN R 72 -32.62 39.01 -3.34
CA GLN R 72 -31.34 38.30 -3.26
C GLN R 72 -30.50 38.84 -2.12
N PHE R 73 -30.28 40.15 -2.08
CA PHE R 73 -29.46 40.73 -1.02
C PHE R 73 -30.00 40.36 0.35
N ALA R 74 -31.30 40.51 0.56
CA ALA R 74 -31.89 40.23 1.87
C ALA R 74 -31.70 38.78 2.25
N ASP R 75 -32.10 37.85 1.37
CA ASP R 75 -31.99 36.43 1.69
C ASP R 75 -30.55 36.01 1.95
N THR R 76 -29.61 36.50 1.14
CA THR R 76 -28.21 36.16 1.35
C THR R 76 -27.72 36.67 2.69
N ARG R 77 -28.05 37.91 3.05
CA ARG R 77 -27.61 38.45 4.34
C ARG R 77 -28.24 37.69 5.50
N GLY R 78 -29.51 37.35 5.40
CA GLY R 78 -30.12 36.55 6.45
C GLY R 78 -29.48 35.18 6.59
N TYR R 79 -29.06 34.60 5.47
CA TYR R 79 -28.39 33.31 5.54
C TYR R 79 -26.99 33.44 6.15
N ALA R 80 -26.23 34.44 5.71
CA ALA R 80 -24.86 34.60 6.16
C ALA R 80 -24.76 34.94 7.64
N TYR R 81 -25.73 35.68 8.16
CA TYR R 81 -25.73 36.08 9.56
C TYR R 81 -26.95 35.50 10.27
N ASP R 82 -28.05 36.23 10.27
CA ASP R 82 -29.29 35.74 10.86
C ASP R 82 -30.41 36.65 10.39
N ARG R 83 -31.63 36.14 10.43
CA ARG R 83 -32.75 36.87 9.85
C ARG R 83 -32.92 38.24 10.48
N ARG R 84 -32.55 38.40 11.74
CA ARG R 84 -32.81 39.65 12.43
C ARG R 84 -31.74 40.71 12.19
N ASP R 85 -30.65 40.36 11.52
CA ASP R 85 -29.67 41.36 11.11
C ASP R 85 -30.07 42.08 9.83
N VAL R 86 -31.10 41.62 9.15
CA VAL R 86 -31.62 42.30 7.98
C VAL R 86 -32.52 43.44 8.41
N THR R 87 -32.23 44.65 7.93
CA THR R 87 -32.98 45.84 8.31
C THR R 87 -33.41 46.58 7.06
N GLY R 88 -34.45 47.41 7.21
CA GLY R 88 -34.87 48.26 6.12
C GLY R 88 -33.84 49.29 5.73
N ARG R 89 -33.07 49.80 6.70
CA ARG R 89 -31.99 50.70 6.37
C ARG R 89 -31.00 50.05 5.43
N GLN R 90 -30.66 48.77 5.66
CA GLN R 90 -29.74 48.07 4.78
C GLN R 90 -30.24 48.04 3.35
N LEU R 91 -31.49 47.62 3.16
CA LEU R 91 -32.02 47.54 1.81
C LEU R 91 -32.05 48.91 1.15
N ALA R 92 -32.48 49.94 1.89
CA ALA R 92 -32.46 51.28 1.32
C ALA R 92 -31.05 51.69 0.92
N ASN R 93 -30.07 51.38 1.77
CA ASN R 93 -28.68 51.74 1.50
C ASN R 93 -28.21 51.06 0.22
N VAL R 94 -28.46 49.75 0.10
CA VAL R 94 -28.02 49.00 -1.07
C VAL R 94 -28.74 49.45 -2.33
N TYR R 95 -30.00 49.84 -2.21
CA TYR R 95 -30.71 50.39 -3.35
C TYR R 95 -30.12 51.73 -3.76
N ALA R 96 -29.68 52.53 -2.78
CA ALA R 96 -29.02 53.78 -3.09
C ALA R 96 -27.74 53.53 -3.88
N GLN R 97 -26.90 52.62 -3.38
CA GLN R 97 -25.66 52.30 -4.07
C GLN R 97 -25.93 51.75 -5.46
N THR R 98 -26.87 50.83 -5.56
CA THR R 98 -27.16 50.17 -6.81
C THR R 98 -27.65 51.16 -7.84
N LEU R 99 -28.65 51.96 -7.49
CA LEU R 99 -29.20 52.93 -8.44
C LEU R 99 -28.19 54.00 -8.79
N GLY R 100 -27.29 54.35 -7.86
CA GLY R 100 -26.19 55.23 -8.23
C GLY R 100 -25.37 54.64 -9.36
N THR R 101 -24.92 53.40 -9.20
CA THR R 101 -24.13 52.78 -10.26
C THR R 101 -24.92 52.66 -11.55
N ILE R 102 -26.17 52.19 -11.49
CA ILE R 102 -26.98 52.06 -12.69
C ILE R 102 -27.08 53.40 -13.39
N PHE R 103 -27.42 54.44 -12.65
CA PHE R 103 -27.62 55.76 -13.22
C PHE R 103 -26.36 56.27 -13.88
N THR R 104 -25.20 55.97 -13.29
CA THR R 104 -23.94 56.51 -13.78
C THR R 104 -23.30 55.69 -14.90
N GLU R 105 -23.48 54.38 -14.90
CA GLU R 105 -22.69 53.49 -15.75
C GLU R 105 -23.50 52.63 -16.71
N GLN R 106 -24.80 52.46 -16.49
CA GLN R 106 -25.56 51.56 -17.34
C GLN R 106 -25.88 52.24 -18.67
N ALA R 107 -26.21 51.43 -19.67
CA ALA R 107 -26.49 51.95 -20.99
C ALA R 107 -27.62 52.98 -20.97
N LYS R 108 -28.65 52.76 -20.16
CA LYS R 108 -29.74 53.70 -20.04
C LYS R 108 -30.13 53.69 -18.57
N PRO R 109 -30.29 54.85 -17.95
CA PRO R 109 -30.65 54.88 -16.53
C PRO R 109 -32.01 54.25 -16.29
N TYR R 110 -32.21 53.79 -15.06
CA TYR R 110 -33.48 53.15 -14.72
C TYR R 110 -34.53 54.20 -14.45
N GLU R 111 -35.68 54.06 -15.10
CA GLU R 111 -36.81 54.96 -14.89
C GLU R 111 -37.67 54.38 -13.77
N VAL R 112 -37.14 54.48 -12.56
CA VAL R 112 -37.78 53.88 -11.39
C VAL R 112 -37.67 54.83 -10.21
N GLU R 113 -38.55 54.62 -9.25
CA GLU R 113 -38.48 55.22 -7.92
C GLU R 113 -38.90 54.15 -6.92
N LEU R 114 -38.16 54.08 -5.81
CA LEU R 114 -38.27 52.97 -4.88
C LEU R 114 -38.66 53.45 -3.50
N CYS R 115 -39.40 52.62 -2.79
CA CYS R 115 -39.74 52.83 -1.38
C CYS R 115 -39.52 51.53 -0.63
N VAL R 116 -38.74 51.59 0.44
CA VAL R 116 -38.47 50.45 1.31
C VAL R 116 -39.05 50.77 2.66
N ALA R 117 -39.88 49.88 3.18
CA ALA R 117 -40.58 50.11 4.44
C ALA R 117 -40.28 49.01 5.43
N GLU R 118 -40.22 49.36 6.71
CA GLU R 118 -39.98 48.39 7.77
C GLU R 118 -40.91 48.64 8.95
N VAL R 119 -41.49 47.57 9.49
CA VAL R 119 -42.28 47.64 10.70
C VAL R 119 -41.55 46.86 11.79
N ALA R 120 -42.06 46.98 13.01
CA ALA R 120 -41.40 46.38 14.16
C ALA R 120 -41.53 44.86 14.13
N HIS R 121 -40.65 44.20 14.86
CA HIS R 121 -40.78 42.76 15.05
C HIS R 121 -41.89 42.51 16.06
N TYR R 122 -42.51 41.34 15.97
CA TYR R 122 -43.69 41.05 16.78
C TYR R 122 -43.41 41.29 18.26
N GLY R 123 -44.28 42.08 18.89
CA GLY R 123 -44.16 42.39 20.30
C GLY R 123 -43.19 43.49 20.63
N GLU R 124 -42.43 43.99 19.68
CA GLU R 124 -41.53 45.10 19.95
C GLU R 124 -42.20 46.40 19.54
N THR R 125 -41.71 47.50 20.10
CA THR R 125 -42.27 48.82 19.87
C THR R 125 -41.24 49.66 19.15
N LYS R 126 -41.55 50.01 17.90
CA LYS R 126 -40.64 50.79 17.09
C LYS R 126 -41.45 51.45 15.99
N ARG R 127 -41.32 52.75 15.84
CA ARG R 127 -42.07 53.47 14.82
C ARG R 127 -41.63 52.99 13.45
N PRO R 128 -42.56 52.74 12.54
CA PRO R 128 -42.18 52.26 11.20
C PRO R 128 -41.18 53.15 10.51
N GLU R 129 -40.45 52.61 9.55
CA GLU R 129 -39.51 53.38 8.77
C GLU R 129 -39.91 53.35 7.31
N LEU R 130 -39.83 54.50 6.66
CA LEU R 130 -40.09 54.62 5.24
C LEU R 130 -38.88 55.27 4.59
N TYR R 131 -38.43 54.68 3.48
CA TYR R 131 -37.28 55.18 2.74
C TYR R 131 -37.68 55.35 1.29
N ARG R 132 -37.26 56.47 0.72
CA ARG R 132 -37.47 56.77 -0.69
C ARG R 132 -36.10 56.82 -1.37
N ILE R 133 -35.94 56.05 -2.44
CA ILE R 133 -34.72 56.05 -3.24
C ILE R 133 -35.10 56.46 -4.66
N THR R 134 -34.41 57.47 -5.18
CA THR R 134 -34.73 57.97 -6.51
C THR R 134 -33.75 57.43 -7.54
N TYR R 135 -34.03 57.72 -8.81
CA TYR R 135 -33.35 57.08 -9.93
C TYR R 135 -31.84 57.33 -9.96
N ASP R 136 -31.33 58.27 -9.18
CA ASP R 136 -29.92 58.62 -9.20
C ASP R 136 -29.19 58.18 -7.94
N GLY R 137 -29.84 57.38 -7.09
CA GLY R 137 -29.24 56.96 -5.86
C GLY R 137 -29.50 57.85 -4.69
N SER R 138 -30.25 58.93 -4.87
CA SER R 138 -30.59 59.78 -3.75
C SER R 138 -31.50 59.03 -2.79
N ILE R 139 -31.28 59.23 -1.50
CA ILE R 139 -31.95 58.46 -0.46
C ILE R 139 -32.56 59.43 0.53
N ALA R 140 -33.76 59.11 1.03
CA ALA R 140 -34.45 59.99 1.95
C ALA R 140 -35.21 59.20 3.01
N ASP R 141 -35.07 59.62 4.25
CA ASP R 141 -35.71 59.01 5.41
C ASP R 141 -37.00 59.78 5.70
N GLU R 142 -38.15 59.19 5.38
CA GLU R 142 -39.40 59.93 5.52
C GLU R 142 -40.19 59.40 6.71
N PRO R 143 -40.84 60.28 7.49
CA PRO R 143 -41.39 59.83 8.78
C PRO R 143 -42.87 59.45 8.74
N HIS R 144 -43.60 59.92 7.73
CA HIS R 144 -45.05 59.75 7.71
C HIS R 144 -45.54 59.02 6.46
N PHE R 145 -45.16 59.47 5.28
CA PHE R 145 -45.66 58.87 4.05
C PHE R 145 -44.67 59.14 2.93
N VAL R 146 -44.84 58.39 1.86
CA VAL R 146 -43.97 58.43 0.69
C VAL R 146 -44.86 58.37 -0.54
N VAL R 147 -44.57 59.24 -1.51
CA VAL R 147 -45.33 59.31 -2.75
C VAL R 147 -44.34 59.16 -3.89
N MET R 148 -44.73 58.38 -4.91
CA MET R 148 -43.80 58.04 -5.97
C MET R 148 -44.53 57.94 -7.30
N GLY R 149 -43.92 58.47 -8.35
CA GLY R 149 -44.43 58.21 -9.68
C GLY R 149 -45.51 59.19 -10.10
N GLY R 150 -45.56 59.48 -11.39
CA GLY R 150 -46.54 60.40 -11.90
C GLY R 150 -46.35 61.80 -11.36
N THR R 151 -47.45 62.49 -11.15
CA THR R 151 -47.45 63.86 -10.65
C THR R 151 -47.64 63.81 -9.14
N THR R 152 -46.55 63.98 -8.40
CA THR R 152 -46.57 63.72 -6.97
C THR R 152 -47.19 64.87 -6.19
N GLU R 153 -46.91 66.11 -6.58
CA GLU R 153 -47.28 67.28 -5.79
C GLU R 153 -48.74 67.29 -5.33
N PRO R 154 -49.74 67.07 -6.20
CA PRO R 154 -51.12 67.03 -5.69
C PRO R 154 -51.32 66.00 -4.59
N ILE R 155 -50.79 64.79 -4.78
CA ILE R 155 -50.98 63.71 -3.82
C ILE R 155 -50.27 64.03 -2.50
N ALA R 156 -49.03 64.52 -2.60
CA ALA R 156 -48.29 64.90 -1.41
C ALA R 156 -49.02 65.99 -0.65
N ASN R 157 -49.65 66.92 -1.36
CA ASN R 157 -50.40 67.96 -0.68
C ASN R 157 -51.64 67.40 -0.01
N ALA R 158 -52.39 66.54 -0.70
CA ALA R 158 -53.55 65.91 -0.10
C ALA R 158 -53.18 65.21 1.20
N LEU R 159 -52.09 64.44 1.20
CA LEU R 159 -51.67 63.77 2.42
C LEU R 159 -51.21 64.77 3.47
N LYS R 160 -50.34 65.72 3.08
CA LYS R 160 -49.84 66.70 4.03
C LYS R 160 -50.99 67.42 4.74
N GLU R 161 -52.11 67.61 4.06
CA GLU R 161 -53.27 68.22 4.70
C GLU R 161 -54.08 67.23 5.52
N SER R 162 -54.16 65.96 5.09
CA SER R 162 -55.15 65.05 5.65
C SER R 162 -54.54 63.78 6.24
N TYR R 163 -53.34 63.86 6.82
CA TYR R 163 -52.70 62.71 7.42
C TYR R 163 -52.68 62.83 8.93
N ALA R 164 -53.14 61.78 9.61
CA ALA R 164 -53.09 61.69 11.06
C ALA R 164 -52.30 60.45 11.47
N GLU R 165 -51.37 60.62 12.40
CA GLU R 165 -50.60 59.48 12.88
C GLU R 165 -51.53 58.46 13.52
N ASN R 166 -51.32 57.19 13.16
CA ASN R 166 -52.02 56.04 13.74
C ASN R 166 -53.49 55.93 13.36
N ALA R 167 -53.82 56.23 12.12
CA ALA R 167 -55.19 55.98 11.68
C ALA R 167 -55.48 54.49 11.67
N SER R 168 -56.77 54.15 11.64
CA SER R 168 -57.12 52.75 11.49
C SER R 168 -56.84 52.33 10.04
N LEU R 169 -56.89 51.02 9.79
CA LEU R 169 -56.61 50.55 8.45
C LEU R 169 -57.63 51.09 7.46
N THR R 170 -58.92 51.04 7.80
CA THR R 170 -59.93 51.58 6.91
C THR R 170 -59.73 53.07 6.71
N ASP R 171 -59.44 53.78 7.80
CA ASP R 171 -59.22 55.23 7.71
C ASP R 171 -58.05 55.55 6.80
N ALA R 172 -56.88 54.97 7.08
CA ALA R 172 -55.70 55.25 6.28
C ALA R 172 -55.88 54.86 4.83
N LEU R 173 -56.55 53.73 4.57
CA LEU R 173 -56.80 53.34 3.19
C LEU R 173 -57.66 54.37 2.49
N ARG R 174 -58.76 54.78 3.13
CA ARG R 174 -59.63 55.77 2.50
C ARG R 174 -58.86 57.05 2.16
N ILE R 175 -58.14 57.61 3.14
CA ILE R 175 -57.41 58.84 2.86
C ILE R 175 -56.36 58.62 1.77
N ALA R 176 -55.78 57.42 1.71
CA ALA R 176 -54.75 57.14 0.71
C ALA R 176 -55.34 57.15 -0.70
N VAL R 177 -56.43 56.42 -0.91
CA VAL R 177 -57.07 56.44 -2.22
C VAL R 177 -57.56 57.83 -2.56
N ALA R 178 -58.00 58.59 -1.55
CA ALA R 178 -58.35 59.98 -1.76
C ALA R 178 -57.18 60.76 -2.35
N ALA R 179 -56.04 60.72 -1.66
CA ALA R 179 -54.85 61.42 -2.15
C ALA R 179 -54.46 60.95 -3.55
N LEU R 180 -54.67 59.68 -3.85
CA LEU R 180 -54.38 59.20 -5.21
C LEU R 180 -55.30 59.84 -6.22
N ARG R 181 -56.61 59.87 -5.93
CA ARG R 181 -57.57 60.46 -6.88
C ARG R 181 -57.24 61.90 -7.19
N ALA R 182 -56.58 62.61 -6.26
CA ALA R 182 -56.15 63.98 -6.54
C ALA R 182 -55.16 64.02 -7.69
N GLY R 183 -54.42 62.94 -7.91
CA GLY R 183 -53.45 62.91 -8.99
C GLY R 183 -54.08 62.68 -10.35
N SER R 184 -53.25 62.85 -11.38
CA SER R 184 -53.66 62.70 -12.77
C SER R 184 -54.96 63.44 -13.08
N LEU R 195 -62.07 54.39 -9.35
CA LEU R 195 -60.86 53.95 -8.68
C LEU R 195 -61.17 53.11 -7.44
N GLY R 196 -61.50 51.84 -7.68
CA GLY R 196 -61.82 50.89 -6.65
C GLY R 196 -60.96 49.65 -6.77
N VAL R 197 -61.53 48.52 -6.36
CA VAL R 197 -60.80 47.25 -6.31
C VAL R 197 -60.12 46.95 -7.63
N ALA R 198 -60.87 47.07 -8.73
CA ALA R 198 -60.35 46.60 -10.01
C ALA R 198 -59.13 47.37 -10.48
N SER R 199 -58.93 48.60 -9.99
CA SER R 199 -57.80 49.42 -10.41
C SER R 199 -56.77 49.65 -9.31
N LEU R 200 -56.85 48.95 -8.19
CA LEU R 200 -55.89 49.15 -7.11
C LEU R 200 -55.10 47.89 -6.79
N GLU R 201 -53.93 48.13 -6.20
CA GLU R 201 -53.13 47.09 -5.58
C GLU R 201 -52.80 47.56 -4.17
N VAL R 202 -53.20 46.78 -3.17
CA VAL R 202 -53.12 47.19 -1.78
C VAL R 202 -52.46 46.08 -0.96
N ALA R 203 -51.56 46.47 -0.06
CA ALA R 203 -50.93 45.50 0.83
C ALA R 203 -50.43 46.25 2.06
N VAL R 204 -50.15 45.49 3.12
CA VAL R 204 -49.74 46.06 4.39
C VAL R 204 -48.57 45.26 4.95
N LEU R 205 -47.67 45.98 5.61
CA LEU R 205 -46.73 45.40 6.56
C LEU R 205 -47.44 45.47 7.90
N ASP R 206 -47.94 44.34 8.36
CA ASP R 206 -48.81 44.23 9.53
C ASP R 206 -47.96 43.85 10.73
N ALA R 207 -47.68 44.84 11.58
CA ALA R 207 -46.80 44.64 12.73
C ALA R 207 -47.34 43.61 13.70
N ASN R 208 -48.55 43.10 13.45
CA ASN R 208 -49.19 42.14 14.33
C ASN R 208 -49.02 40.69 13.89
N ARG R 209 -48.47 40.44 12.70
CA ARG R 209 -48.17 39.07 12.34
C ARG R 209 -46.91 38.61 13.06
N PRO R 210 -46.81 37.33 13.38
CA PRO R 210 -45.68 36.85 14.20
C PRO R 210 -44.33 36.92 13.50
N ARG R 211 -44.25 36.46 12.25
CA ARG R 211 -43.00 36.51 11.50
C ARG R 211 -43.15 37.29 10.19
N ARG R 212 -43.88 36.76 9.23
CA ARG R 212 -43.97 37.39 7.91
C ARG R 212 -45.08 38.42 7.92
N ALA R 213 -44.71 39.69 7.88
CA ALA R 213 -45.67 40.77 8.07
C ALA R 213 -46.40 41.16 6.79
N PHE R 214 -45.88 40.81 5.62
CA PHE R 214 -46.47 41.27 4.37
C PHE R 214 -47.77 40.54 4.06
N ARG R 215 -48.83 41.31 3.83
CA ARG R 215 -50.16 40.76 3.55
C ARG R 215 -50.85 41.59 2.49
N ARG R 216 -51.39 40.93 1.46
CA ARG R 216 -52.15 41.62 0.44
C ARG R 216 -53.62 41.70 0.84
N ILE R 217 -54.28 42.77 0.43
CA ILE R 217 -55.69 43.00 0.72
C ILE R 217 -56.40 43.06 -0.63
N THR R 218 -56.81 41.90 -1.13
CA THR R 218 -57.39 41.77 -2.46
C THR R 218 -58.87 41.44 -2.40
N GLY R 219 -59.59 41.84 -3.45
CA GLY R 219 -60.93 41.35 -3.72
C GLY R 219 -61.98 41.80 -2.72
N SER R 220 -62.86 40.85 -2.36
CA SER R 220 -64.02 41.16 -1.53
C SER R 220 -63.62 41.89 -0.27
N ALA R 221 -62.53 41.46 0.35
CA ALA R 221 -62.04 42.17 1.53
C ALA R 221 -61.72 43.62 1.20
N LEU R 222 -61.01 43.84 0.09
CA LEU R 222 -60.61 45.20 -0.24
C LEU R 222 -61.82 46.09 -0.48
N GLN R 223 -62.78 45.64 -1.28
CA GLN R 223 -63.98 46.46 -1.47
C GLN R 223 -64.68 46.72 -0.15
N ALA R 224 -64.74 45.69 0.71
CA ALA R 224 -65.33 45.85 2.03
C ALA R 224 -64.64 46.95 2.82
N LEU R 225 -63.32 47.12 2.65
CA LEU R 225 -62.58 48.19 3.30
C LEU R 225 -62.75 49.55 2.62
N LEU R 226 -63.35 49.61 1.44
CA LEU R 226 -63.50 50.87 0.73
C LEU R 226 -64.78 51.62 1.10
N MET S 1 -10.11 66.97 -23.39
CA MET S 1 -9.25 66.94 -22.22
C MET S 1 -9.41 68.19 -21.34
N GLU S 2 -9.07 69.36 -21.89
CA GLU S 2 -9.23 70.59 -21.12
C GLU S 2 -10.66 70.75 -20.65
N GLN S 3 -11.64 70.43 -21.50
CA GLN S 3 -13.04 70.52 -21.10
C GLN S 3 -13.56 69.27 -20.42
N ALA S 4 -12.91 68.12 -20.61
CA ALA S 4 -13.31 66.96 -19.83
C ALA S 4 -13.01 67.18 -18.36
N MET S 5 -11.76 67.56 -18.05
CA MET S 5 -11.40 67.80 -16.65
C MET S 5 -12.11 69.03 -16.11
N ARG S 6 -12.31 70.06 -16.95
CA ARG S 6 -13.10 71.21 -16.54
C ARG S 6 -14.51 70.79 -16.14
N GLU S 7 -15.24 70.18 -17.08
CA GLU S 7 -16.62 69.82 -16.82
C GLU S 7 -16.74 68.89 -15.63
N ARG S 8 -15.84 67.91 -15.51
CA ARG S 8 -15.89 67.02 -14.36
C ARG S 8 -15.68 67.78 -13.05
N SER S 9 -14.59 68.54 -12.96
CA SER S 9 -14.31 69.29 -11.75
C SER S 9 -15.50 70.17 -11.37
N GLU S 10 -16.14 70.77 -12.37
CA GLU S 10 -17.27 71.64 -12.09
C GLU S 10 -18.47 70.83 -11.61
N LEU S 11 -18.74 69.68 -12.23
CA LEU S 11 -19.84 68.82 -11.77
C LEU S 11 -19.66 68.47 -10.30
N ALA S 12 -18.45 68.02 -9.94
CA ALA S 12 -18.20 67.64 -8.55
C ALA S 12 -18.31 68.83 -7.61
N ARG S 13 -17.63 69.93 -7.94
CA ARG S 13 -17.64 71.10 -7.06
C ARG S 13 -19.05 71.63 -6.84
N LYS S 14 -19.82 71.74 -7.92
CA LYS S 14 -21.20 72.20 -7.79
C LYS S 14 -22.01 71.21 -6.97
N GLY S 15 -21.85 69.91 -7.24
CA GLY S 15 -22.54 68.92 -6.45
C GLY S 15 -22.28 69.05 -4.97
N ILE S 16 -21.04 69.31 -4.59
CA ILE S 16 -20.73 69.47 -3.17
C ILE S 16 -21.33 70.76 -2.62
N ALA S 17 -21.33 71.82 -3.44
CA ALA S 17 -21.87 73.09 -2.98
C ALA S 17 -23.37 73.02 -2.71
N ARG S 18 -24.10 72.18 -3.44
CA ARG S 18 -25.54 72.06 -3.25
C ARG S 18 -25.92 71.26 -2.01
N ALA S 19 -24.96 70.70 -1.29
CA ALA S 19 -25.23 69.77 -0.21
C ALA S 19 -25.16 70.48 1.14
N LYS S 20 -25.72 69.83 2.15
CA LYS S 20 -25.70 70.38 3.49
C LYS S 20 -24.28 70.33 4.04
N SER S 21 -24.04 71.12 5.08
CA SER S 21 -22.70 71.37 5.56
C SER S 21 -22.35 70.47 6.74
N VAL S 22 -21.04 70.29 6.93
CA VAL S 22 -20.45 69.46 7.96
C VAL S 22 -19.26 70.21 8.53
N VAL S 23 -19.04 70.08 9.84
CA VAL S 23 -17.94 70.71 10.54
C VAL S 23 -17.26 69.67 11.41
N ALA S 24 -15.93 69.76 11.48
CA ALA S 24 -15.10 68.94 12.35
C ALA S 24 -14.20 69.90 13.10
N LEU S 25 -14.16 69.79 14.42
CA LEU S 25 -13.54 70.78 15.26
C LEU S 25 -12.75 70.11 16.37
N ALA S 26 -11.58 70.64 16.69
CA ALA S 26 -10.78 70.10 17.77
C ALA S 26 -11.19 70.78 19.06
N TYR S 27 -11.42 70.00 20.12
CA TYR S 27 -11.75 70.57 21.41
C TYR S 27 -10.91 69.90 22.49
N ALA S 28 -11.08 70.35 23.73
CA ALA S 28 -10.18 69.93 24.80
C ALA S 28 -10.19 68.42 24.99
N GLY S 29 -11.33 67.79 24.77
CA GLY S 29 -11.45 66.36 24.93
C GLY S 29 -11.23 65.53 23.69
N GLY S 30 -10.84 66.15 22.58
CA GLY S 30 -10.64 65.38 21.37
C GLY S 30 -11.12 66.05 20.11
N VAL S 31 -11.99 65.39 19.36
CA VAL S 31 -12.52 65.94 18.12
C VAL S 31 -14.04 65.83 18.12
N LEU S 32 -14.70 66.85 17.59
CA LEU S 32 -16.15 66.95 17.52
C LEU S 32 -16.58 67.03 16.06
N PHE S 33 -17.49 66.16 15.67
CA PHE S 33 -18.12 66.19 14.36
C PHE S 33 -19.55 66.65 14.54
N VAL S 34 -19.94 67.68 13.79
CA VAL S 34 -21.30 68.17 13.79
C VAL S 34 -21.74 68.36 12.34
N ALA S 35 -22.86 67.77 11.97
CA ALA S 35 -23.31 67.84 10.59
C ALA S 35 -24.81 68.05 10.56
N GLU S 36 -25.26 68.97 9.72
CA GLU S 36 -26.68 69.14 9.49
C GLU S 36 -27.22 67.93 8.75
N ASN S 37 -28.12 67.19 9.39
CA ASN S 37 -28.62 65.94 8.83
C ASN S 37 -30.03 65.64 9.31
N PRO S 38 -31.04 65.81 8.46
CA PRO S 38 -32.42 65.54 8.90
C PRO S 38 -32.70 64.09 9.20
N SER S 39 -31.96 63.15 8.62
CA SER S 39 -32.31 61.74 8.76
C SER S 39 -32.15 61.27 10.19
N ARG S 40 -33.01 60.33 10.59
CA ARG S 40 -32.87 59.68 11.88
C ARG S 40 -31.82 58.56 11.84
N SER S 41 -31.64 57.94 10.68
CA SER S 41 -30.83 56.73 10.56
C SER S 41 -29.74 56.77 9.51
N LEU S 42 -29.72 57.74 8.61
CA LEU S 42 -28.72 57.80 7.55
C LEU S 42 -27.62 58.75 7.96
N GLN S 43 -26.38 58.26 8.02
CA GLN S 43 -25.30 58.92 8.72
C GLN S 43 -24.27 59.51 7.76
N LYS S 44 -23.76 60.68 8.12
CA LYS S 44 -22.62 61.30 7.47
C LYS S 44 -21.34 61.23 8.29
N ILE S 45 -21.41 60.76 9.53
CA ILE S 45 -20.27 60.66 10.42
C ILE S 45 -20.14 59.22 10.89
N SER S 46 -18.91 58.70 10.88
CA SER S 46 -18.70 57.30 11.18
C SER S 46 -17.35 57.08 11.82
N GLU S 47 -17.25 55.94 12.50
CA GLU S 47 -15.97 55.45 13.00
C GLU S 47 -15.22 54.79 11.85
N LEU S 48 -13.91 55.02 11.80
CA LEU S 48 -13.06 54.30 10.88
C LEU S 48 -12.22 53.26 11.61
N TYR S 49 -11.49 53.68 12.63
CA TYR S 49 -10.71 52.74 13.43
C TYR S 49 -10.67 53.27 14.85
N ASP S 50 -10.00 52.53 15.73
CA ASP S 50 -9.99 52.80 17.17
C ASP S 50 -9.97 54.29 17.49
N ARG S 51 -8.99 55.02 16.96
CA ARG S 51 -8.84 56.43 17.25
C ARG S 51 -9.05 57.32 16.04
N VAL S 52 -9.69 56.80 14.99
CA VAL S 52 -9.82 57.52 13.72
C VAL S 52 -11.28 57.57 13.32
N GLY S 53 -11.78 58.77 13.02
CA GLY S 53 -13.15 58.98 12.63
C GLY S 53 -13.24 59.65 11.27
N PHE S 54 -14.46 59.65 10.73
CA PHE S 54 -14.72 59.97 9.34
C PHE S 54 -15.96 60.84 9.27
N ALA S 55 -15.90 61.89 8.47
CA ALA S 55 -17.07 62.72 8.22
C ALA S 55 -17.06 63.14 6.76
N ALA S 56 -18.23 63.26 6.17
CA ALA S 56 -18.30 63.50 4.74
C ALA S 56 -19.46 64.43 4.41
N ALA S 57 -19.32 65.11 3.29
CA ALA S 57 -20.40 65.93 2.74
C ALA S 57 -20.54 65.62 1.27
N GLY S 58 -21.78 65.63 0.78
CA GLY S 58 -21.99 65.40 -0.63
C GLY S 58 -23.05 64.36 -0.91
N LYS S 59 -22.88 63.61 -1.99
CA LYS S 59 -23.85 62.59 -2.38
C LYS S 59 -23.72 61.37 -1.48
N PHE S 60 -24.84 60.92 -0.91
CA PHE S 60 -24.77 59.92 0.17
C PHE S 60 -24.13 58.64 -0.31
N ASN S 61 -24.69 58.02 -1.35
CA ASN S 61 -24.19 56.72 -1.78
C ASN S 61 -22.71 56.74 -2.10
N GLU S 62 -22.20 57.86 -2.61
CA GLU S 62 -20.81 57.91 -3.00
C GLU S 62 -19.89 58.03 -1.79
N PHE S 63 -20.17 58.95 -0.86
CA PHE S 63 -19.29 59.02 0.30
C PHE S 63 -19.52 57.85 1.25
N ASP S 64 -20.66 57.18 1.14
CA ASP S 64 -20.84 55.93 1.87
C ASP S 64 -19.99 54.82 1.28
N ASN S 65 -19.94 54.72 -0.06
CA ASN S 65 -18.99 53.81 -0.69
C ASN S 65 -17.58 54.07 -0.19
N LEU S 66 -17.16 55.34 -0.17
CA LEU S 66 -15.83 55.65 0.32
C LEU S 66 -15.69 55.31 1.80
N ARG S 67 -16.75 55.48 2.57
CA ARG S 67 -16.68 55.17 3.99
C ARG S 67 -16.42 53.68 4.20
N ARG S 68 -17.22 52.84 3.54
CA ARG S 68 -17.04 51.40 3.65
C ARG S 68 -15.65 50.99 3.15
N GLY S 69 -15.18 51.62 2.09
CA GLY S 69 -13.83 51.34 1.63
C GLY S 69 -12.78 51.69 2.67
N GLY S 70 -12.95 52.81 3.36
CA GLY S 70 -11.99 53.17 4.39
C GLY S 70 -12.01 52.23 5.57
N ILE S 71 -13.20 51.81 6.00
CA ILE S 71 -13.30 50.85 7.09
C ILE S 71 -12.64 49.53 6.69
N GLN S 72 -12.86 49.09 5.45
CA GLN S 72 -12.22 47.87 4.99
C GLN S 72 -10.70 48.00 4.97
N PHE S 73 -10.19 49.08 4.39
CA PHE S 73 -8.74 49.31 4.40
C PHE S 73 -8.18 49.28 5.82
N ALA S 74 -8.81 50.00 6.73
CA ALA S 74 -8.29 50.10 8.09
C ALA S 74 -8.26 48.72 8.75
N ASP S 75 -9.38 48.01 8.74
CA ASP S 75 -9.43 46.70 9.37
C ASP S 75 -8.40 45.74 8.76
N THR S 76 -8.25 45.79 7.44
CA THR S 76 -7.26 44.92 6.79
C THR S 76 -5.84 45.26 7.25
N ARG S 77 -5.49 46.54 7.27
CA ARG S 77 -4.13 46.89 7.67
C ARG S 77 -3.87 46.51 9.12
N GLY S 78 -4.82 46.78 10.00
CA GLY S 78 -4.66 46.39 11.39
C GLY S 78 -4.55 44.89 11.56
N TYR S 79 -5.25 44.12 10.73
CA TYR S 79 -5.14 42.67 10.81
C TYR S 79 -3.79 42.19 10.30
N ALA S 80 -3.34 42.71 9.17
CA ALA S 80 -2.08 42.27 8.58
C ALA S 80 -0.88 42.63 9.44
N TYR S 81 -0.95 43.76 10.16
CA TYR S 81 0.17 44.21 10.99
C TYR S 81 -0.24 44.25 12.46
N ASP S 82 -0.77 45.38 12.90
CA ASP S 82 -1.26 45.52 14.27
C ASP S 82 -2.12 46.76 14.34
N ARG S 83 -3.05 46.77 15.29
CA ARG S 83 -4.02 47.86 15.38
C ARG S 83 -3.33 49.21 15.57
N ARG S 84 -2.15 49.22 16.21
CA ARG S 84 -1.46 50.47 16.48
C ARG S 84 -0.77 51.05 15.26
N ASP S 85 -0.63 50.27 14.19
CA ASP S 85 0.02 50.76 12.97
C ASP S 85 -0.94 51.52 12.06
N VAL S 86 -2.24 51.47 12.33
CA VAL S 86 -3.21 52.23 11.56
C VAL S 86 -3.25 53.65 12.09
N THR S 87 -3.02 54.62 11.21
CA THR S 87 -2.96 56.02 11.59
C THR S 87 -3.86 56.82 10.66
N GLY S 88 -4.20 58.03 11.12
CA GLY S 88 -5.00 58.92 10.28
C GLY S 88 -4.28 59.33 9.02
N ARG S 89 -2.96 59.58 9.10
CA ARG S 89 -2.21 59.89 7.90
C ARG S 89 -2.40 58.81 6.85
N GLN S 90 -2.51 57.55 7.30
CA GLN S 90 -2.69 56.45 6.37
C GLN S 90 -4.05 56.54 5.68
N LEU S 91 -5.12 56.67 6.47
CA LEU S 91 -6.45 56.71 5.85
C LEU S 91 -6.59 57.91 4.94
N ALA S 92 -6.11 59.07 5.37
CA ALA S 92 -6.14 60.24 4.50
C ALA S 92 -5.37 59.96 3.22
N ASN S 93 -4.21 59.33 3.32
CA ASN S 93 -3.39 59.06 2.15
C ASN S 93 -4.13 58.17 1.16
N VAL S 94 -4.70 57.07 1.64
CA VAL S 94 -5.40 56.16 0.74
C VAL S 94 -6.64 56.84 0.17
N TYR S 95 -7.26 57.74 0.93
CA TYR S 95 -8.41 58.46 0.41
C TYR S 95 -8.00 59.40 -0.70
N ALA S 96 -6.85 60.05 -0.57
CA ALA S 96 -6.37 60.91 -1.64
C ALA S 96 -6.15 60.11 -2.91
N GLN S 97 -5.44 58.98 -2.79
CA GLN S 97 -5.20 58.13 -3.96
C GLN S 97 -6.52 57.68 -4.59
N THR S 98 -7.44 57.20 -3.76
CA THR S 98 -8.69 56.64 -4.25
C THR S 98 -9.52 57.68 -4.97
N LEU S 99 -9.73 58.84 -4.34
CA LEU S 99 -10.53 59.87 -4.99
C LEU S 99 -9.87 60.40 -6.25
N GLY S 100 -8.54 60.44 -6.29
CA GLY S 100 -7.89 60.79 -7.54
C GLY S 100 -8.26 59.84 -8.66
N THR S 101 -8.11 58.53 -8.41
CA THR S 101 -8.46 57.56 -9.44
C THR S 101 -9.93 57.69 -9.85
N ILE S 102 -10.83 57.81 -8.87
CA ILE S 102 -12.25 57.99 -9.19
C ILE S 102 -12.43 59.21 -10.09
N PHE S 103 -11.81 60.32 -9.72
CA PHE S 103 -12.03 61.58 -10.43
C PHE S 103 -11.60 61.49 -11.88
N THR S 104 -10.49 60.81 -12.17
CA THR S 104 -10.03 60.77 -13.55
C THR S 104 -10.61 59.64 -14.37
N GLU S 105 -10.97 58.51 -13.75
CA GLU S 105 -11.28 57.31 -14.52
C GLU S 105 -12.70 56.79 -14.41
N GLN S 106 -13.48 57.20 -13.40
CA GLN S 106 -14.83 56.69 -13.31
C GLN S 106 -15.77 57.42 -14.27
N ALA S 107 -16.91 56.77 -14.53
CA ALA S 107 -17.89 57.33 -15.46
C ALA S 107 -18.31 58.73 -15.06
N LYS S 108 -18.48 58.98 -13.77
CA LYS S 108 -18.85 60.28 -13.26
C LYS S 108 -18.11 60.47 -11.96
N PRO S 109 -17.47 61.62 -11.76
CA PRO S 109 -16.71 61.83 -10.53
C PRO S 109 -17.62 61.80 -9.30
N TYR S 110 -17.00 61.55 -8.16
CA TYR S 110 -17.74 61.53 -6.91
C TYR S 110 -17.93 62.96 -6.41
N GLU S 111 -19.17 63.32 -6.08
CA GLU S 111 -19.46 64.64 -5.53
C GLU S 111 -19.37 64.57 -4.01
N VAL S 112 -18.16 64.45 -3.51
CA VAL S 112 -17.95 64.28 -2.07
C VAL S 112 -16.78 65.12 -1.61
N GLU S 113 -16.79 65.42 -0.32
CA GLU S 113 -15.64 65.98 0.38
C GLU S 113 -15.51 65.25 1.70
N LEU S 114 -14.28 64.91 2.05
CA LEU S 114 -14.01 63.98 3.14
C LEU S 114 -13.15 64.64 4.21
N CYS S 115 -13.38 64.23 5.46
CA CYS S 115 -12.57 64.61 6.59
C CYS S 115 -12.22 63.37 7.39
N VAL S 116 -10.93 63.16 7.63
CA VAL S 116 -10.44 62.07 8.44
C VAL S 116 -9.75 62.67 9.65
N ALA S 117 -10.19 62.28 10.84
CA ALA S 117 -9.68 62.87 12.08
C ALA S 117 -9.11 61.80 13.00
N GLU S 118 -8.07 62.16 13.74
CA GLU S 118 -7.43 61.23 14.66
C GLU S 118 -7.12 61.91 15.98
N VAL S 119 -7.38 61.21 17.07
CA VAL S 119 -7.00 61.67 18.40
C VAL S 119 -5.91 60.75 18.94
N ALA S 120 -5.34 61.16 20.06
CA ALA S 120 -4.25 60.39 20.65
C ALA S 120 -4.76 59.10 21.26
N HIS S 121 -3.85 58.15 21.44
CA HIS S 121 -4.20 56.94 22.15
C HIS S 121 -4.29 57.23 23.63
N TYR S 122 -5.07 56.42 24.34
CA TYR S 122 -5.31 56.66 25.75
C TYR S 122 -3.99 56.81 26.51
N GLY S 123 -3.87 57.90 27.26
CA GLY S 123 -2.68 58.17 28.03
C GLY S 123 -1.57 58.86 27.29
N GLU S 124 -1.68 59.05 25.99
CA GLU S 124 -0.66 59.79 25.24
C GLU S 124 -1.08 61.25 25.10
N THR S 125 -0.09 62.10 24.88
CA THR S 125 -0.28 63.53 24.77
C THR S 125 0.14 63.99 23.37
N LYS S 126 -0.77 63.89 22.42
CA LYS S 126 -0.54 64.46 21.10
C LYS S 126 -1.81 65.15 20.64
N ARG S 127 -1.65 66.24 19.88
CA ARG S 127 -2.78 67.05 19.47
C ARG S 127 -3.55 66.37 18.34
N PRO S 128 -4.86 66.58 18.27
CA PRO S 128 -5.65 65.95 17.22
C PRO S 128 -5.12 66.30 15.83
N GLU S 129 -5.41 65.44 14.89
CA GLU S 129 -5.06 65.69 13.50
C GLU S 129 -6.32 65.68 12.67
N LEU S 130 -6.42 66.62 11.76
CA LEU S 130 -7.55 66.72 10.84
C LEU S 130 -7.03 66.76 9.42
N TYR S 131 -7.66 65.97 8.55
CA TYR S 131 -7.31 65.91 7.15
C TYR S 131 -8.55 66.15 6.31
N ARG S 132 -8.39 66.96 5.28
CA ARG S 132 -9.42 67.26 4.29
C ARG S 132 -9.01 66.67 2.95
N ILE S 133 -9.89 65.88 2.35
CA ILE S 133 -9.68 65.32 1.02
C ILE S 133 -10.82 65.76 0.13
N THR S 134 -10.50 66.37 -1.00
CA THR S 134 -11.52 66.92 -1.90
C THR S 134 -11.78 65.95 -3.05
N TYR S 135 -12.79 66.31 -3.86
CA TYR S 135 -13.33 65.40 -4.86
C TYR S 135 -12.31 64.96 -5.89
N ASP S 136 -11.16 65.62 -5.97
CA ASP S 136 -10.15 65.31 -6.97
C ASP S 136 -8.91 64.68 -6.38
N GLY S 137 -8.95 64.28 -5.11
CA GLY S 137 -7.80 63.68 -4.47
C GLY S 137 -6.86 64.65 -3.79
N SER S 138 -7.15 65.94 -3.84
CA SER S 138 -6.34 66.91 -3.13
C SER S 138 -6.49 66.68 -1.63
N ILE S 139 -5.39 66.80 -0.90
CA ILE S 139 -5.36 66.47 0.51
C ILE S 139 -4.74 67.65 1.24
N ALA S 140 -5.26 67.95 2.42
CA ALA S 140 -4.82 69.10 3.17
C ALA S 140 -4.77 68.77 4.65
N ASP S 141 -3.71 69.24 5.29
CA ASP S 141 -3.46 69.04 6.71
C ASP S 141 -4.03 70.24 7.46
N GLU S 142 -5.21 70.08 8.04
CA GLU S 142 -5.71 71.30 8.66
C GLU S 142 -5.40 71.30 10.15
N PRO S 143 -5.23 72.47 10.77
CA PRO S 143 -4.70 72.48 12.13
C PRO S 143 -5.73 72.70 13.24
N HIS S 144 -6.86 73.31 12.90
CA HIS S 144 -7.82 73.71 13.92
C HIS S 144 -9.21 73.16 13.66
N PHE S 145 -9.73 73.33 12.44
CA PHE S 145 -11.08 72.91 12.14
C PHE S 145 -11.18 72.66 10.64
N VAL S 146 -12.24 71.97 10.23
CA VAL S 146 -12.49 71.62 8.84
C VAL S 146 -13.96 71.80 8.55
N VAL S 147 -14.27 72.44 7.42
CA VAL S 147 -15.65 72.70 7.01
C VAL S 147 -15.83 72.11 5.62
N MET S 148 -16.99 71.50 5.38
CA MET S 148 -17.20 70.80 4.13
C MET S 148 -18.66 70.97 3.72
N GLY S 149 -18.88 71.21 2.45
CA GLY S 149 -20.25 71.18 1.95
C GLY S 149 -20.94 72.52 2.07
N GLY S 150 -21.82 72.78 1.12
CA GLY S 150 -22.58 74.01 1.03
C GLY S 150 -21.68 75.21 0.80
N THR S 151 -22.09 76.34 1.36
CA THR S 151 -21.34 77.59 1.24
C THR S 151 -20.47 77.70 2.49
N THR S 152 -19.19 77.34 2.35
CA THR S 152 -18.34 77.17 3.51
C THR S 152 -17.75 78.47 4.06
N GLU S 153 -17.61 79.51 3.24
CA GLU S 153 -16.92 80.72 3.70
C GLU S 153 -17.51 81.32 4.98
N PRO S 154 -18.83 81.49 5.10
CA PRO S 154 -19.34 82.03 6.38
C PRO S 154 -19.00 81.16 7.57
N ILE S 155 -19.14 79.85 7.43
CA ILE S 155 -18.88 78.94 8.54
C ILE S 155 -17.41 79.00 8.94
N ALA S 156 -16.52 78.97 7.96
CA ALA S 156 -15.09 79.05 8.27
C ALA S 156 -14.76 80.35 8.99
N ASN S 157 -15.39 81.46 8.58
CA ASN S 157 -15.10 82.72 9.26
C ASN S 157 -15.64 82.72 10.69
N ALA S 158 -16.89 82.25 10.86
CA ALA S 158 -17.46 82.14 12.19
C ALA S 158 -16.57 81.33 13.11
N LEU S 159 -16.05 80.21 12.63
CA LEU S 159 -15.13 79.42 13.45
C LEU S 159 -13.84 80.18 13.71
N LYS S 160 -13.33 80.92 12.72
CA LYS S 160 -12.12 81.71 12.93
C LYS S 160 -12.30 82.75 14.03
N GLU S 161 -13.52 83.28 14.18
CA GLU S 161 -13.83 84.28 15.20
C GLU S 161 -13.52 83.75 16.60
N SER S 162 -14.41 82.96 17.15
CA SER S 162 -14.26 82.46 18.52
C SER S 162 -13.92 80.98 18.45
N TYR S 163 -12.66 80.69 18.24
CA TYR S 163 -12.18 79.31 18.24
C TYR S 163 -11.33 79.09 19.48
N ALA S 164 -11.67 78.07 20.26
CA ALA S 164 -10.83 77.68 21.38
C ALA S 164 -10.41 76.23 21.17
N GLU S 165 -9.10 76.02 21.06
CA GLU S 165 -8.58 74.66 20.94
C GLU S 165 -8.83 73.87 22.21
N ASN S 166 -9.05 74.57 23.32
CA ASN S 166 -9.28 73.96 24.61
C ASN S 166 -10.68 74.27 25.13
N ALA S 167 -11.65 74.36 24.22
CA ALA S 167 -13.03 74.55 24.59
C ALA S 167 -13.60 73.32 25.29
N SER S 168 -14.69 73.54 26.01
CA SER S 168 -15.44 72.43 26.57
C SER S 168 -16.26 71.76 25.48
N LEU S 169 -16.79 70.59 25.79
CA LEU S 169 -17.62 69.90 24.80
C LEU S 169 -18.86 70.73 24.51
N THR S 170 -19.49 71.25 25.55
CA THR S 170 -20.67 72.08 25.35
C THR S 170 -20.32 73.34 24.58
N ASP S 171 -19.22 74.00 24.96
CA ASP S 171 -18.80 75.21 24.28
C ASP S 171 -18.50 74.92 22.81
N ALA S 172 -17.63 73.95 22.55
CA ALA S 172 -17.27 73.64 21.17
C ALA S 172 -18.49 73.28 20.35
N LEU S 173 -19.43 72.54 20.95
CA LEU S 173 -20.66 72.21 20.24
C LEU S 173 -21.43 73.47 19.88
N ARG S 174 -21.70 74.34 20.86
CA ARG S 174 -22.50 75.52 20.58
C ARG S 174 -21.82 76.44 19.57
N ILE S 175 -20.49 76.58 19.66
CA ILE S 175 -19.76 77.35 18.64
C ILE S 175 -19.96 76.71 17.27
N ALA S 176 -19.99 75.38 17.22
CA ALA S 176 -20.13 74.68 15.95
C ALA S 176 -21.52 74.90 15.35
N VAL S 177 -22.57 74.72 16.15
CA VAL S 177 -23.92 74.94 15.65
C VAL S 177 -24.11 76.39 15.24
N ALA S 178 -23.50 77.32 15.98
CA ALA S 178 -23.53 78.72 15.58
C ALA S 178 -22.94 78.88 14.18
N ALA S 179 -21.70 78.41 14.00
CA ALA S 179 -21.05 78.53 12.71
C ALA S 179 -21.86 77.88 11.60
N LEU S 180 -22.55 76.78 11.90
CA LEU S 180 -23.39 76.17 10.89
C LEU S 180 -24.55 77.09 10.52
N ARG S 181 -25.20 77.68 11.52
CA ARG S 181 -26.34 78.54 11.24
C ARG S 181 -25.92 79.78 10.46
N ALA S 182 -24.72 80.30 10.72
CA ALA S 182 -24.21 81.42 9.94
C ALA S 182 -23.98 81.07 8.47
N GLY S 183 -24.36 79.90 7.98
CA GLY S 183 -24.17 79.53 6.59
C GLY S 183 -25.46 79.14 5.91
N SER S 184 -26.52 79.91 6.16
CA SER S 184 -27.81 79.65 5.54
C SER S 184 -28.46 80.95 5.06
N LEU S 195 -32.12 75.05 14.74
CA LEU S 195 -31.13 74.01 14.52
C LEU S 195 -30.96 73.17 15.78
N GLY S 196 -31.89 72.22 15.99
CA GLY S 196 -31.91 71.39 17.18
C GLY S 196 -31.50 69.95 16.90
N VAL S 197 -31.88 69.07 17.83
CA VAL S 197 -31.46 67.67 17.73
C VAL S 197 -32.03 67.03 16.47
N ALA S 198 -33.30 67.32 16.16
CA ALA S 198 -33.98 66.62 15.07
C ALA S 198 -33.34 66.90 13.72
N SER S 199 -32.56 67.98 13.61
CA SER S 199 -31.88 68.32 12.36
C SER S 199 -30.36 68.16 12.43
N LEU S 200 -29.82 67.55 13.49
CA LEU S 200 -28.39 67.40 13.63
C LEU S 200 -27.95 65.95 13.74
N GLU S 201 -26.67 65.74 13.39
CA GLU S 201 -25.92 64.52 13.67
C GLU S 201 -24.62 64.92 14.33
N VAL S 202 -24.38 64.42 15.54
CA VAL S 202 -23.25 64.84 16.34
C VAL S 202 -22.50 63.60 16.82
N ALA S 203 -21.17 63.68 16.83
CA ALA S 203 -20.36 62.58 17.35
C ALA S 203 -19.01 63.15 17.75
N VAL S 204 -18.26 62.38 18.54
CA VAL S 204 -16.96 62.81 19.03
C VAL S 204 -15.96 61.67 18.97
N LEU S 205 -14.71 62.03 18.73
CA LEU S 205 -13.55 61.20 19.05
C LEU S 205 -13.07 61.65 20.42
N ASP S 206 -13.38 60.84 21.43
CA ASP S 206 -13.18 61.19 22.84
C ASP S 206 -11.85 60.58 23.28
N ALA S 207 -10.81 61.42 23.35
CA ALA S 207 -9.47 60.97 23.66
C ALA S 207 -9.36 60.31 25.02
N ASN S 208 -10.46 60.30 25.77
CA ASN S 208 -10.45 59.73 27.10
C ASN S 208 -10.98 58.31 27.13
N ARG S 209 -11.58 57.82 26.05
CA ARG S 209 -11.99 56.43 26.00
C ARG S 209 -10.76 55.54 25.91
N PRO S 210 -10.78 54.37 26.54
CA PRO S 210 -9.56 53.53 26.51
C PRO S 210 -9.28 52.88 25.17
N ARG S 211 -10.30 52.39 24.47
CA ARG S 211 -10.04 51.76 23.18
C ARG S 211 -10.68 52.53 22.04
N ARG S 212 -11.98 52.38 21.87
CA ARG S 212 -12.70 52.96 20.74
C ARG S 212 -13.19 54.35 21.12
N ALA S 213 -12.61 55.37 20.47
CA ALA S 213 -12.86 56.75 20.86
C ALA S 213 -14.14 57.32 20.27
N PHE S 214 -14.66 56.71 19.21
CA PHE S 214 -15.85 57.25 18.55
C PHE S 214 -17.08 56.98 19.38
N ARG S 215 -17.82 58.03 19.74
CA ARG S 215 -19.13 57.86 20.34
C ARG S 215 -20.07 58.94 19.84
N ARG S 216 -21.35 58.61 19.77
CA ARG S 216 -22.38 59.52 19.28
C ARG S 216 -23.08 60.21 20.44
N ILE S 217 -23.57 61.41 20.17
CA ILE S 217 -24.28 62.24 21.15
C ILE S 217 -25.71 62.39 20.64
N THR S 218 -26.57 61.45 21.03
CA THR S 218 -27.92 61.37 20.50
C THR S 218 -28.97 61.80 21.52
N GLY S 219 -30.07 62.33 21.00
CA GLY S 219 -31.29 62.45 21.78
C GLY S 219 -31.19 63.40 22.95
N SER S 220 -31.75 62.96 24.08
CA SER S 220 -31.83 63.78 25.28
C SER S 220 -30.45 64.33 25.65
N ALA S 221 -29.41 63.50 25.55
CA ALA S 221 -28.07 63.98 25.85
C ALA S 221 -27.68 65.15 24.96
N LEU S 222 -27.92 65.03 23.66
CA LEU S 222 -27.58 66.12 22.76
C LEU S 222 -28.37 67.37 23.11
N GLN S 223 -29.67 67.21 23.38
CA GLN S 223 -30.47 68.37 23.78
C GLN S 223 -29.88 69.04 25.01
N ALA S 224 -29.46 68.24 25.99
CA ALA S 224 -28.83 68.79 27.18
C ALA S 224 -27.60 69.60 26.81
N LEU S 225 -26.83 69.13 25.82
CA LEU S 225 -25.68 69.91 25.41
C LEU S 225 -26.01 71.12 24.55
N LEU S 226 -27.24 71.23 24.04
CA LEU S 226 -27.54 72.36 23.18
C LEU S 226 -28.02 73.57 23.96
N VAL S 227 -29.02 73.39 24.81
CA VAL S 227 -29.54 74.44 25.67
C VAL S 227 -29.69 73.90 27.08
N ASP S 228 -29.40 74.72 28.08
CA ASP S 228 -29.47 74.29 29.47
C ASP S 228 -30.92 74.13 29.93
N MET T 1 -4.81 64.61 -33.60
CA MET T 1 -4.24 64.04 -32.38
C MET T 1 -3.17 64.94 -31.76
N GLU T 2 -2.42 65.65 -32.59
CA GLU T 2 -1.43 66.60 -32.06
C GLU T 2 -2.12 67.60 -31.12
N GLN T 3 -3.38 67.91 -31.40
CA GLN T 3 -4.17 68.71 -30.47
C GLN T 3 -4.25 68.05 -29.10
N ALA T 4 -4.66 66.77 -29.08
CA ALA T 4 -4.77 66.05 -27.81
C ALA T 4 -3.48 66.13 -27.00
N MET T 5 -2.34 65.85 -27.64
CA MET T 5 -1.08 65.90 -26.91
C MET T 5 -0.76 67.32 -26.46
N ARG T 6 -1.15 68.33 -27.25
CA ARG T 6 -1.02 69.70 -26.79
C ARG T 6 -1.78 69.90 -25.48
N GLU T 7 -3.05 69.50 -25.47
CA GLU T 7 -3.87 69.75 -24.29
C GLU T 7 -3.34 69.01 -23.07
N ARG T 8 -2.91 67.75 -23.25
CA ARG T 8 -2.32 67.02 -22.12
C ARG T 8 -1.11 67.74 -21.57
N SER T 9 -0.16 68.08 -22.45
CA SER T 9 1.04 68.78 -21.99
C SER T 9 0.70 70.06 -21.26
N GLU T 10 -0.32 70.80 -21.75
CA GLU T 10 -0.65 72.06 -21.09
C GLU T 10 -1.26 71.82 -19.72
N LEU T 11 -2.18 70.86 -19.61
CA LEU T 11 -2.76 70.56 -18.31
C LEU T 11 -1.68 70.21 -17.31
N ALA T 12 -0.75 69.34 -17.71
CA ALA T 12 0.33 68.97 -16.80
C ALA T 12 1.21 70.17 -16.45
N ARG T 13 1.63 70.93 -17.47
CA ARG T 13 2.52 72.05 -17.24
C ARG T 13 1.90 73.05 -16.28
N LYS T 14 0.61 73.35 -16.48
CA LYS T 14 -0.09 74.26 -15.60
C LYS T 14 -0.14 73.70 -14.18
N GLY T 15 -0.49 72.43 -14.05
CA GLY T 15 -0.51 71.81 -12.74
C GLY T 15 0.81 71.95 -12.01
N ILE T 16 1.92 71.75 -12.72
CA ILE T 16 3.23 71.89 -12.09
C ILE T 16 3.50 73.37 -11.79
N ALA T 17 3.04 74.27 -12.65
CA ALA T 17 3.26 75.69 -12.44
C ALA T 17 2.56 76.20 -11.19
N ARG T 18 1.40 75.63 -10.84
CA ARG T 18 0.64 76.10 -9.70
C ARG T 18 1.10 75.51 -8.38
N ALA T 19 2.10 74.63 -8.38
CA ALA T 19 2.51 73.93 -7.18
C ALA T 19 3.73 74.58 -6.56
N LYS T 20 3.97 74.25 -5.29
CA LYS T 20 5.10 74.80 -4.57
C LYS T 20 6.40 74.26 -5.14
N SER T 21 7.49 74.97 -4.86
CA SER T 21 8.76 74.69 -5.51
C SER T 21 9.69 73.85 -4.63
N VAL T 22 10.61 73.15 -5.30
CA VAL T 22 11.56 72.26 -4.64
C VAL T 22 12.92 72.40 -5.33
N VAL T 23 14.00 72.33 -4.56
CA VAL T 23 15.34 72.32 -5.11
C VAL T 23 16.13 71.20 -4.47
N ALA T 24 17.00 70.58 -5.27
CA ALA T 24 17.94 69.57 -4.81
C ALA T 24 19.29 69.91 -5.41
N LEU T 25 20.31 70.01 -4.58
CA LEU T 25 21.61 70.45 -5.06
C LEU T 25 22.72 69.66 -4.39
N ALA T 26 23.80 69.46 -5.13
CA ALA T 26 24.94 68.70 -4.63
C ALA T 26 25.84 69.57 -3.77
N TYR T 27 26.21 69.07 -2.59
CA TYR T 27 27.13 69.78 -1.71
C TYR T 27 28.20 68.81 -1.25
N ALA T 28 29.15 69.34 -0.47
CA ALA T 28 30.35 68.57 -0.13
C ALA T 28 30.01 67.28 0.63
N GLY T 29 28.95 67.29 1.41
CA GLY T 29 28.57 66.13 2.17
C GLY T 29 27.57 65.22 1.51
N GLY T 30 27.18 65.51 0.27
CA GLY T 30 26.21 64.69 -0.42
C GLY T 30 25.22 65.47 -1.25
N VAL T 31 23.93 65.26 -1.01
CA VAL T 31 22.90 65.97 -1.76
C VAL T 31 21.88 66.55 -0.78
N LEU T 32 21.39 67.74 -1.09
CA LEU T 32 20.45 68.44 -0.23
C LEU T 32 19.12 68.62 -0.96
N PHE T 33 18.04 68.21 -0.30
CA PHE T 33 16.68 68.45 -0.75
C PHE T 33 16.08 69.51 0.17
N VAL T 34 15.56 70.58 -0.42
CA VAL T 34 14.87 71.62 0.32
C VAL T 34 13.60 71.94 -0.45
N ALA T 35 12.47 71.90 0.25
CA ALA T 35 11.18 72.08 -0.41
C ALA T 35 10.25 72.93 0.44
N GLU T 36 9.56 73.86 -0.20
CA GLU T 36 8.50 74.62 0.44
C GLU T 36 7.32 73.69 0.70
N ASN T 37 7.01 73.44 1.97
CA ASN T 37 5.94 72.51 2.33
C ASN T 37 5.40 72.91 3.69
N PRO T 38 4.22 73.54 3.74
CA PRO T 38 3.65 73.95 5.03
C PRO T 38 3.18 72.79 5.89
N SER T 39 2.89 71.64 5.30
CA SER T 39 2.21 70.58 6.03
C SER T 39 3.04 70.07 7.21
N ARG T 40 2.36 69.41 8.13
CA ARG T 40 2.98 68.81 9.31
C ARG T 40 3.30 67.34 9.11
N SER T 41 2.59 66.66 8.21
CA SER T 41 2.68 65.21 8.10
C SER T 41 2.86 64.67 6.69
N LEU T 42 2.63 65.48 5.65
CA LEU T 42 2.72 65.01 4.28
C LEU T 42 4.05 65.43 3.67
N GLN T 43 4.62 64.53 2.88
CA GLN T 43 6.03 64.60 2.50
C GLN T 43 6.15 64.73 0.99
N LYS T 44 7.10 65.57 0.55
CA LYS T 44 7.47 65.65 -0.85
C LYS T 44 8.88 65.13 -1.11
N ILE T 45 9.61 64.78 -0.05
CA ILE T 45 10.96 64.28 -0.14
C ILE T 45 10.99 62.92 0.56
N SER T 46 11.63 61.94 -0.07
CA SER T 46 11.54 60.59 0.46
C SER T 46 12.82 59.83 0.19
N GLU T 47 13.03 58.80 1.00
CA GLU T 47 14.06 57.82 0.74
C GLU T 47 13.55 56.83 -0.28
N LEU T 48 14.40 56.46 -1.25
CA LEU T 48 14.08 55.37 -2.14
C LEU T 48 14.88 54.11 -1.83
N TYR T 49 16.20 54.23 -1.76
CA TYR T 49 17.04 53.09 -1.41
C TYR T 49 18.25 53.61 -0.67
N ASP T 50 19.15 52.69 -0.29
CA ASP T 50 20.28 53.00 0.58
C ASP T 50 20.88 54.38 0.31
N ARG T 51 21.32 54.61 -0.92
CA ARG T 51 21.98 55.84 -1.31
C ARG T 51 21.16 56.64 -2.32
N VAL T 52 19.86 56.36 -2.41
CA VAL T 52 19.04 56.94 -3.46
C VAL T 52 17.86 57.65 -2.82
N GLY T 53 17.67 58.92 -3.18
CA GLY T 53 16.59 59.72 -2.66
C GLY T 53 15.71 60.26 -3.77
N PHE T 54 14.55 60.77 -3.36
CA PHE T 54 13.45 61.09 -4.24
C PHE T 54 12.83 62.42 -3.81
N ALA T 55 12.55 63.28 -4.77
CA ALA T 55 11.86 64.53 -4.49
C ALA T 55 10.90 64.82 -5.62
N ALA T 56 9.77 65.43 -5.31
CA ALA T 56 8.72 65.59 -6.30
C ALA T 56 8.01 66.92 -6.13
N ALA T 57 7.39 67.37 -7.21
CA ALA T 57 6.53 68.55 -7.20
C ALA T 57 5.26 68.23 -7.96
N GLY T 58 4.14 68.77 -7.50
CA GLY T 58 2.89 68.58 -8.20
C GLY T 58 1.74 68.12 -7.32
N LYS T 59 0.86 67.30 -7.90
CA LYS T 59 -0.28 66.78 -7.17
C LYS T 59 0.18 65.68 -6.21
N PHE T 60 -0.22 65.79 -4.94
CA PHE T 60 0.36 64.91 -3.92
C PHE T 60 0.08 63.46 -4.23
N ASN T 61 -1.19 63.10 -4.43
CA ASN T 61 -1.52 61.69 -4.63
C ASN T 61 -0.77 61.10 -5.81
N GLU T 62 -0.52 61.90 -6.84
CA GLU T 62 0.12 61.34 -8.03
C GLU T 62 1.61 61.10 -7.82
N PHE T 63 2.34 62.08 -7.34
CA PHE T 63 3.75 61.81 -7.15
C PHE T 63 3.98 60.89 -5.97
N ASP T 64 3.01 60.77 -5.05
CA ASP T 64 3.10 59.76 -4.01
C ASP T 64 2.92 58.36 -4.61
N ASN T 65 1.96 58.21 -5.52
CA ASN T 65 1.87 56.95 -6.27
C ASN T 65 3.21 56.60 -6.90
N LEU T 66 3.82 57.57 -7.57
CA LEU T 66 5.11 57.30 -8.21
C LEU T 66 6.18 56.98 -7.17
N ARG T 67 6.10 57.62 -6.01
CA ARG T 67 7.08 57.38 -4.96
C ARG T 67 6.99 55.93 -4.48
N ARG T 68 5.78 55.48 -4.17
CA ARG T 68 5.61 54.11 -3.73
C ARG T 68 6.01 53.13 -4.81
N GLY T 69 5.64 53.40 -6.05
CA GLY T 69 6.04 52.52 -7.13
C GLY T 69 7.54 52.41 -7.26
N GLY T 70 8.24 53.53 -7.08
CA GLY T 70 9.69 53.50 -7.13
C GLY T 70 10.26 52.71 -5.97
N ILE T 71 9.68 52.83 -4.78
CA ILE T 71 10.16 52.02 -3.66
C ILE T 71 9.98 50.54 -3.99
N GLN T 72 8.77 50.14 -4.35
CA GLN T 72 8.49 48.77 -4.75
C GLN T 72 9.52 48.26 -5.74
N PHE T 73 9.78 49.04 -6.80
CA PHE T 73 10.76 48.64 -7.79
C PHE T 73 12.14 48.44 -7.17
N ALA T 74 12.57 49.39 -6.36
CA ALA T 74 13.90 49.32 -5.77
C ALA T 74 14.05 48.11 -4.86
N ASP T 75 13.13 47.95 -3.90
CA ASP T 75 13.21 46.83 -2.98
C ASP T 75 13.19 45.50 -3.71
N THR T 76 12.32 45.38 -4.71
CA THR T 76 12.24 44.14 -5.47
C THR T 76 13.54 43.84 -6.18
N ARG T 77 14.13 44.84 -6.85
CA ARG T 77 15.38 44.59 -7.55
C ARG T 77 16.50 44.22 -6.59
N GLY T 78 16.59 44.92 -5.46
CA GLY T 78 17.63 44.59 -4.50
C GLY T 78 17.49 43.18 -3.95
N TYR T 79 16.25 42.73 -3.77
CA TYR T 79 16.04 41.36 -3.31
C TYR T 79 16.39 40.34 -4.38
N ALA T 80 15.92 40.56 -5.60
CA ALA T 80 16.16 39.59 -6.67
C ALA T 80 17.63 39.46 -7.00
N TYR T 81 18.40 40.53 -6.81
CA TYR T 81 19.83 40.52 -7.07
C TYR T 81 20.61 40.79 -5.79
N ASP T 82 20.90 42.05 -5.51
CA ASP T 82 21.60 42.42 -4.30
C ASP T 82 21.47 43.93 -4.16
N ARG T 83 21.58 44.41 -2.93
CA ARG T 83 21.29 45.82 -2.67
C ARG T 83 22.20 46.75 -3.46
N ARG T 84 23.42 46.33 -3.75
CA ARG T 84 24.35 47.21 -4.43
C ARG T 84 24.09 47.30 -5.94
N ASP T 85 23.23 46.46 -6.48
CA ASP T 85 22.89 46.53 -7.90
C ASP T 85 21.85 47.60 -8.20
N VAL T 86 21.24 48.16 -7.18
CA VAL T 86 20.28 49.24 -7.37
C VAL T 86 21.03 50.55 -7.51
N THR T 87 20.74 51.28 -8.59
CA THR T 87 21.41 52.55 -8.88
C THR T 87 20.38 53.63 -9.12
N GLY T 88 20.82 54.88 -8.95
CA GLY T 88 19.94 56.00 -9.22
C GLY T 88 19.57 56.10 -10.69
N ARG T 89 20.51 55.78 -11.57
CA ARG T 89 20.21 55.74 -13.00
C ARG T 89 19.04 54.83 -13.29
N GLN T 90 19.02 53.66 -12.64
CA GLN T 90 17.96 52.67 -12.88
C GLN T 90 16.60 53.25 -12.51
N LEU T 91 16.48 53.81 -11.32
CA LEU T 91 15.22 54.37 -10.87
C LEU T 91 14.80 55.55 -11.75
N ALA T 92 15.74 56.40 -12.14
CA ALA T 92 15.40 57.47 -13.06
C ALA T 92 14.83 56.91 -14.36
N ASN T 93 15.46 55.86 -14.88
CA ASN T 93 15.01 55.25 -16.12
C ASN T 93 13.59 54.71 -15.99
N VAL T 94 13.33 53.96 -14.91
CA VAL T 94 12.00 53.38 -14.73
C VAL T 94 10.95 54.47 -14.53
N TYR T 95 11.33 55.58 -13.89
CA TYR T 95 10.41 56.70 -13.79
C TYR T 95 10.14 57.32 -15.16
N ALA T 96 11.18 57.37 -16.01
CA ALA T 96 10.98 57.90 -17.35
C ALA T 96 9.97 57.05 -18.12
N GLN T 97 10.18 55.74 -18.13
CA GLN T 97 9.22 54.86 -18.82
C GLN T 97 7.82 55.00 -18.22
N THR T 98 7.73 55.00 -16.90
CA THR T 98 6.44 55.02 -16.23
C THR T 98 5.68 56.29 -16.55
N LEU T 99 6.31 57.44 -16.39
CA LEU T 99 5.64 58.70 -16.67
C LEU T 99 5.33 58.83 -18.16
N GLY T 100 6.17 58.29 -19.04
CA GLY T 100 5.81 58.27 -20.45
C GLY T 100 4.51 57.54 -20.70
N THR T 101 4.40 56.31 -20.18
CA THR T 101 3.19 55.54 -20.37
C THR T 101 1.99 56.27 -19.80
N ILE T 102 2.11 56.78 -18.58
CA ILE T 102 1.02 57.53 -17.97
C ILE T 102 0.60 58.68 -18.88
N PHE T 103 1.58 59.44 -19.36
CA PHE T 103 1.28 60.63 -20.16
C PHE T 103 0.53 60.28 -21.43
N THR T 104 0.88 59.17 -22.08
CA THR T 104 0.21 58.89 -23.35
C THR T 104 -1.07 58.10 -23.21
N GLU T 105 -1.21 57.25 -22.19
CA GLU T 105 -2.28 56.28 -22.16
C GLU T 105 -3.24 56.39 -20.99
N GLN T 106 -2.87 57.09 -19.92
CA GLN T 106 -3.75 57.19 -18.77
C GLN T 106 -4.86 58.18 -19.07
N ALA T 107 -5.92 58.12 -18.27
CA ALA T 107 -7.06 59.00 -18.47
C ALA T 107 -6.66 60.48 -18.47
N LYS T 108 -5.75 60.85 -17.58
CA LYS T 108 -5.26 62.21 -17.46
C LYS T 108 -3.79 62.13 -17.09
N PRO T 109 -2.94 62.96 -17.71
CA PRO T 109 -1.52 62.91 -17.37
C PRO T 109 -1.27 63.28 -15.92
N TYR T 110 -0.13 62.82 -15.40
CA TYR T 110 0.24 63.13 -14.04
C TYR T 110 0.84 64.53 -13.98
N GLU T 111 0.35 65.35 -13.07
CA GLU T 111 0.89 66.70 -12.89
C GLU T 111 2.03 66.63 -11.89
N VAL T 112 3.15 66.05 -12.31
CA VAL T 112 4.29 65.86 -11.42
C VAL T 112 5.59 66.17 -12.15
N GLU T 113 6.60 66.48 -11.36
CA GLU T 113 7.97 66.57 -11.82
C GLU T 113 8.82 65.89 -10.75
N LEU T 114 9.77 65.08 -11.17
CA LEU T 114 10.47 64.17 -10.29
C LEU T 114 11.97 64.44 -10.32
N CYS T 115 12.61 64.20 -9.19
CA CYS T 115 14.06 64.25 -9.07
C CYS T 115 14.52 63.00 -8.33
N VAL T 116 15.45 62.28 -8.93
CA VAL T 116 16.07 61.11 -8.32
C VAL T 116 17.54 61.42 -8.15
N ALA T 117 18.04 61.30 -6.91
CA ALA T 117 19.40 61.68 -6.60
C ALA T 117 20.13 60.51 -5.98
N GLU T 118 21.42 60.40 -6.25
CA GLU T 118 22.23 59.33 -5.69
C GLU T 118 23.56 59.87 -5.22
N VAL T 119 23.99 59.43 -4.05
CA VAL T 119 25.30 59.75 -3.52
C VAL T 119 26.14 58.48 -3.48
N ALA T 120 27.44 58.65 -3.23
CA ALA T 120 28.34 57.51 -3.26
C ALA T 120 28.11 56.61 -2.06
N HIS T 121 28.55 55.36 -2.19
CA HIS T 121 28.52 54.42 -1.09
C HIS T 121 29.65 54.73 -0.11
N TYR T 122 29.46 54.32 1.14
CA TYR T 122 30.41 54.68 2.19
C TYR T 122 31.84 54.29 1.82
N GLY T 123 32.74 55.26 1.93
CA GLY T 123 34.15 55.09 1.68
C GLY T 123 34.61 55.19 0.24
N GLU T 124 33.70 55.27 -0.72
CA GLU T 124 34.09 55.42 -2.11
C GLU T 124 33.99 56.88 -2.55
N THR T 125 34.66 57.20 -3.65
CA THR T 125 34.73 58.56 -4.17
C THR T 125 33.97 58.63 -5.48
N LYS T 126 32.89 59.39 -5.49
CA LYS T 126 32.02 59.49 -6.65
C LYS T 126 31.19 60.75 -6.54
N ARG T 127 31.12 61.53 -7.61
CA ARG T 127 30.33 62.75 -7.59
C ARG T 127 28.84 62.40 -7.55
N PRO T 128 28.05 63.11 -6.75
CA PRO T 128 26.61 62.84 -6.71
C PRO T 128 25.98 62.95 -8.09
N GLU T 129 24.84 62.27 -8.26
CA GLU T 129 24.09 62.30 -9.51
C GLU T 129 22.68 62.80 -9.27
N LEU T 130 22.20 63.65 -10.17
CA LEU T 130 20.86 64.20 -10.11
C LEU T 130 20.16 63.95 -11.43
N TYR T 131 18.92 63.48 -11.36
CA TYR T 131 18.10 63.23 -12.53
C TYR T 131 16.77 63.93 -12.35
N ARG T 132 16.31 64.64 -13.37
CA ARG T 132 15.00 65.27 -13.38
C ARG T 132 14.17 64.61 -14.47
N ILE T 133 12.98 64.16 -14.10
CA ILE T 133 12.04 63.51 -15.00
C ILE T 133 10.77 64.33 -15.01
N THR T 134 10.31 64.71 -16.20
CA THR T 134 9.13 65.53 -16.33
C THR T 134 7.91 64.68 -16.68
N TYR T 135 6.75 65.35 -16.71
CA TYR T 135 5.48 64.66 -16.80
C TYR T 135 5.32 63.80 -18.04
N ASP T 136 6.18 63.96 -19.05
CA ASP T 136 6.03 63.22 -20.29
C ASP T 136 7.11 62.17 -20.49
N GLY T 137 7.89 61.88 -19.46
CA GLY T 137 8.94 60.91 -19.59
C GLY T 137 10.26 61.46 -20.04
N SER T 138 10.35 62.77 -20.28
CA SER T 138 11.63 63.34 -20.62
C SER T 138 12.55 63.24 -19.40
N ILE T 139 13.80 62.92 -19.64
CA ILE T 139 14.74 62.69 -18.56
C ILE T 139 16.01 63.46 -18.82
N ALA T 140 16.59 64.05 -17.79
CA ALA T 140 17.81 64.82 -17.94
C ALA T 140 18.65 64.67 -16.70
N ASP T 141 19.94 64.43 -16.88
CA ASP T 141 20.89 64.34 -15.78
C ASP T 141 21.60 65.67 -15.62
N GLU T 142 21.49 66.26 -14.43
CA GLU T 142 22.12 67.55 -14.24
C GLU T 142 23.18 67.46 -13.14
N PRO T 143 24.27 68.21 -13.27
CA PRO T 143 25.47 67.90 -12.47
C PRO T 143 25.53 68.66 -11.16
N HIS T 144 24.78 69.75 -11.03
CA HIS T 144 24.93 70.63 -9.89
C HIS T 144 23.66 70.76 -9.07
N PHE T 145 22.53 71.08 -9.71
CA PHE T 145 21.30 71.28 -8.97
C PHE T 145 20.12 71.04 -9.90
N VAL T 146 18.95 70.87 -9.29
CA VAL T 146 17.71 70.60 -9.99
C VAL T 146 16.63 71.40 -9.27
N VAL T 147 15.79 72.07 -10.05
CA VAL T 147 14.71 72.89 -9.53
C VAL T 147 13.41 72.42 -10.17
N MET T 148 12.34 72.36 -9.38
CA MET T 148 11.10 71.75 -9.83
C MET T 148 9.91 72.49 -9.26
N GLY T 149 8.90 72.70 -10.08
CA GLY T 149 7.63 73.18 -9.57
C GLY T 149 7.57 74.69 -9.49
N GLY T 150 6.37 75.22 -9.69
CA GLY T 150 6.18 76.66 -9.64
C GLY T 150 6.93 77.39 -10.73
N THR T 151 7.43 78.57 -10.38
CA THR T 151 8.16 79.44 -11.31
C THR T 151 9.65 79.14 -11.16
N THR T 152 10.19 78.33 -12.06
CA THR T 152 11.53 77.79 -11.88
C THR T 152 12.63 78.74 -12.35
N GLU T 153 12.38 79.58 -13.35
CA GLU T 153 13.47 80.38 -13.92
C GLU T 153 14.13 81.29 -12.90
N PRO T 154 13.42 82.11 -12.10
CA PRO T 154 14.11 82.92 -11.10
C PRO T 154 14.97 82.11 -10.15
N ILE T 155 14.45 80.98 -9.66
CA ILE T 155 15.18 80.16 -8.71
C ILE T 155 16.43 79.58 -9.36
N ALA T 156 16.27 79.03 -10.57
CA ALA T 156 17.38 78.45 -11.30
C ALA T 156 18.47 79.49 -11.53
N ASN T 157 18.08 80.73 -11.80
CA ASN T 157 19.08 81.77 -11.98
C ASN T 157 19.77 82.11 -10.66
N ALA T 158 19.02 82.21 -9.58
CA ALA T 158 19.63 82.44 -8.27
C ALA T 158 20.71 81.40 -7.97
N LEU T 159 20.41 80.11 -8.20
CA LEU T 159 21.45 79.11 -8.00
C LEU T 159 22.57 79.29 -9.01
N LYS T 160 22.22 79.48 -10.29
CA LYS T 160 23.20 79.62 -11.35
C LYS T 160 24.16 80.78 -11.09
N GLU T 161 23.82 81.69 -10.20
CA GLU T 161 24.74 82.74 -9.77
C GLU T 161 25.43 82.44 -8.45
N SER T 162 24.74 81.85 -7.48
CA SER T 162 25.33 81.65 -6.16
C SER T 162 25.58 80.19 -5.81
N TYR T 163 25.87 79.35 -6.80
CA TYR T 163 26.17 77.95 -6.52
C TYR T 163 27.65 77.70 -6.77
N ALA T 164 28.32 77.17 -5.75
CA ALA T 164 29.70 76.75 -5.83
C ALA T 164 29.78 75.29 -5.42
N GLU T 165 30.57 74.50 -6.15
CA GLU T 165 30.71 73.10 -5.82
C GLU T 165 31.22 72.94 -4.40
N ASN T 166 31.12 71.72 -3.89
CA ASN T 166 31.63 71.36 -2.56
C ASN T 166 31.24 72.36 -1.49
N ALA T 167 30.03 72.90 -1.59
CA ALA T 167 29.56 73.80 -0.54
C ALA T 167 29.37 73.02 0.76
N SER T 168 29.42 73.74 1.87
CA SER T 168 29.12 73.14 3.15
C SER T 168 27.61 72.98 3.32
N LEU T 169 27.21 72.24 4.34
CA LEU T 169 25.79 72.00 4.57
C LEU T 169 25.06 73.30 4.88
N THR T 170 25.60 74.11 5.79
CA THR T 170 24.96 75.38 6.12
C THR T 170 24.92 76.31 4.92
N ASP T 171 26.03 76.43 4.19
CA ASP T 171 26.05 77.30 3.02
C ASP T 171 25.02 76.84 2.00
N ALA T 172 25.10 75.57 1.59
CA ALA T 172 24.20 75.06 0.56
C ALA T 172 22.75 75.21 0.99
N LEU T 173 22.46 74.98 2.27
CA LEU T 173 21.10 75.19 2.77
C LEU T 173 20.68 76.64 2.57
N ARG T 174 21.53 77.57 3.00
CA ARG T 174 21.18 78.99 2.93
C ARG T 174 20.97 79.43 1.48
N ILE T 175 21.89 79.06 0.58
CA ILE T 175 21.71 79.35 -0.83
C ILE T 175 20.40 78.76 -1.33
N ALA T 176 20.03 77.59 -0.81
CA ALA T 176 18.80 76.94 -1.28
C ALA T 176 17.57 77.73 -0.87
N VAL T 177 17.48 78.10 0.41
CA VAL T 177 16.32 78.88 0.86
C VAL T 177 16.27 80.22 0.15
N ALA T 178 17.43 80.84 -0.07
CA ALA T 178 17.49 82.09 -0.82
C ALA T 178 16.89 81.92 -2.21
N ALA T 179 17.43 80.97 -2.97
CA ALA T 179 16.94 80.75 -4.33
C ALA T 179 15.45 80.42 -4.35
N LEU T 180 14.98 79.69 -3.34
CA LEU T 180 13.55 79.40 -3.28
C LEU T 180 12.73 80.67 -3.08
N ARG T 181 13.19 81.54 -2.17
CA ARG T 181 12.41 82.73 -1.86
C ARG T 181 12.15 83.58 -3.09
N ALA T 182 13.04 83.51 -4.08
CA ALA T 182 12.91 84.30 -5.30
C ALA T 182 11.75 83.82 -6.17
N GLY T 183 10.79 83.12 -5.60
CA GLY T 183 9.64 82.61 -6.34
C GLY T 183 8.48 82.21 -5.46
N THR T 194 10.41 84.59 3.31
CA THR T 194 11.21 84.77 4.51
C THR T 194 11.07 83.57 5.44
N LEU T 195 9.88 82.97 5.41
CA LEU T 195 9.53 81.91 6.35
C LEU T 195 10.50 80.74 6.27
N GLY T 196 10.59 80.00 7.38
CA GLY T 196 11.58 78.95 7.51
C GLY T 196 11.04 77.62 7.98
N VAL T 197 11.40 77.23 9.21
CA VAL T 197 11.25 75.84 9.65
C VAL T 197 9.82 75.35 9.47
N ALA T 198 8.86 76.03 10.08
CA ALA T 198 7.47 75.58 10.02
C ALA T 198 6.96 75.49 8.59
N SER T 199 7.62 76.17 7.64
CA SER T 199 7.20 76.15 6.24
C SER T 199 8.15 75.37 5.33
N LEU T 200 9.13 74.67 5.87
CA LEU T 200 10.07 73.92 5.04
C LEU T 200 10.05 72.43 5.33
N GLU T 201 10.49 71.67 4.32
CA GLU T 201 10.81 70.26 4.44
C GLU T 201 12.22 70.06 3.88
N VAL T 202 13.12 69.56 4.72
CA VAL T 202 14.53 69.49 4.39
C VAL T 202 15.02 68.08 4.65
N ALA T 203 15.85 67.56 3.76
CA ALA T 203 16.45 66.26 3.97
C ALA T 203 17.75 66.21 3.20
N VAL T 204 18.60 65.25 3.54
CA VAL T 204 19.93 65.16 2.97
C VAL T 204 20.23 63.70 2.66
N LEU T 205 20.94 63.47 1.56
CA LEU T 205 21.64 62.22 1.31
C LEU T 205 23.07 62.43 1.77
N ASP T 206 23.40 61.86 2.92
CA ASP T 206 24.67 62.10 3.60
C ASP T 206 25.64 60.99 3.22
N ALA T 207 26.54 61.28 2.29
CA ALA T 207 27.47 60.29 1.75
C ALA T 207 28.39 59.71 2.80
N ASN T 208 28.34 60.21 4.03
CA ASN T 208 29.21 59.75 5.10
C ASN T 208 28.54 58.72 6.00
N ARG T 209 27.34 58.30 5.68
CA ARG T 209 26.78 57.30 6.56
C ARG T 209 27.06 55.90 6.02
N PRO T 210 27.14 54.91 6.91
CA PRO T 210 27.54 53.57 6.46
C PRO T 210 26.60 52.96 5.44
N ARG T 211 25.30 52.93 5.71
CA ARG T 211 24.39 52.34 4.74
C ARG T 211 23.32 53.33 4.30
N ARG T 212 22.32 53.55 5.15
CA ARG T 212 21.16 54.36 4.79
C ARG T 212 21.53 55.84 4.88
N ALA T 213 21.65 56.50 3.72
CA ALA T 213 22.15 57.86 3.63
C ALA T 213 21.09 58.93 3.85
N PHE T 214 19.81 58.58 3.75
CA PHE T 214 18.73 59.55 3.85
C PHE T 214 18.51 59.98 5.29
N ARG T 215 18.65 61.28 5.55
CA ARG T 215 18.39 61.86 6.86
C ARG T 215 17.43 63.04 6.70
N ARG T 216 16.64 63.31 7.73
CA ARG T 216 15.84 64.53 7.79
C ARG T 216 16.44 65.50 8.79
N ILE T 217 16.27 66.78 8.51
CA ILE T 217 16.78 67.86 9.34
C ILE T 217 15.56 68.63 9.82
N THR T 218 14.99 68.22 10.96
CA THR T 218 13.74 68.79 11.43
C THR T 218 13.96 69.68 12.65
N GLY T 219 13.09 70.66 12.79
CA GLY T 219 12.93 71.36 14.05
C GLY T 219 14.17 72.10 14.48
N SER T 220 14.48 71.96 15.77
CA SER T 220 15.59 72.71 16.38
C SER T 220 16.88 72.54 15.59
N ALA T 221 17.15 71.32 15.11
CA ALA T 221 18.34 71.11 14.31
C ALA T 221 18.33 71.97 13.05
N LEU T 222 17.20 71.98 12.35
CA LEU T 222 17.09 72.79 11.14
C LEU T 222 17.27 74.26 11.46
N GLN T 223 16.63 74.72 12.54
CA GLN T 223 16.78 76.11 12.98
C GLN T 223 18.25 76.43 13.22
N ALA T 224 18.96 75.55 13.90
CA ALA T 224 20.37 75.76 14.15
C ALA T 224 21.15 75.86 12.84
N LEU T 225 20.78 75.08 11.83
CA LEU T 225 21.46 75.18 10.56
C LEU T 225 21.06 76.39 9.74
N LEU T 226 19.98 77.08 10.10
CA LEU T 226 19.60 78.23 9.27
C LEU T 226 20.32 79.49 9.69
N VAL T 227 20.69 79.60 10.97
CA VAL T 227 21.43 80.74 11.47
C VAL T 227 22.92 80.43 11.48
N MET U 1 -8.55 55.26 -41.34
CA MET U 1 -8.82 56.57 -41.92
C MET U 1 -7.52 57.31 -42.19
N GLU U 2 -7.55 58.26 -43.12
CA GLU U 2 -6.32 58.79 -43.71
C GLU U 2 -5.80 60.03 -43.00
N GLN U 3 -6.67 60.92 -42.53
CA GLN U 3 -6.17 62.12 -41.87
C GLN U 3 -5.62 61.80 -40.49
N ALA U 4 -6.24 60.83 -39.78
CA ALA U 4 -5.66 60.36 -38.53
C ALA U 4 -4.23 59.88 -38.74
N MET U 5 -4.01 59.07 -39.78
CA MET U 5 -2.67 58.56 -40.03
C MET U 5 -1.73 59.69 -40.43
N ARG U 6 -2.19 60.63 -41.26
CA ARG U 6 -1.31 61.73 -41.67
C ARG U 6 -0.89 62.58 -40.47
N GLU U 7 -1.81 62.82 -39.54
CA GLU U 7 -1.43 63.59 -38.36
C GLU U 7 -0.49 62.78 -37.47
N ARG U 8 -0.74 61.48 -37.31
CA ARG U 8 0.20 60.67 -36.53
C ARG U 8 1.60 60.76 -37.11
N SER U 9 1.72 60.51 -38.41
CA SER U 9 3.01 60.60 -39.06
C SER U 9 3.64 61.96 -38.83
N GLU U 10 2.84 63.02 -38.84
CA GLU U 10 3.40 64.34 -38.66
C GLU U 10 3.90 64.54 -37.24
N LEU U 11 3.12 64.11 -36.24
CA LEU U 11 3.57 64.21 -34.85
C LEU U 11 4.89 63.51 -34.66
N ALA U 12 4.99 62.27 -35.16
CA ALA U 12 6.24 61.54 -35.01
C ALA U 12 7.38 62.26 -35.71
N ARG U 13 7.17 62.66 -36.96
CA ARG U 13 8.23 63.30 -37.73
C ARG U 13 8.74 64.56 -37.05
N LYS U 14 7.82 65.40 -36.54
CA LYS U 14 8.23 66.60 -35.83
C LYS U 14 9.01 66.24 -34.57
N GLY U 15 8.50 65.26 -33.81
CA GLY U 15 9.22 64.82 -32.62
C GLY U 15 10.65 64.40 -32.92
N ILE U 16 10.84 63.66 -34.01
CA ILE U 16 12.17 63.21 -34.39
C ILE U 16 13.02 64.40 -34.84
N ALA U 17 12.41 65.36 -35.55
CA ALA U 17 13.15 66.49 -36.07
C ALA U 17 13.72 67.37 -34.96
N ARG U 18 13.13 67.35 -33.78
CA ARG U 18 13.59 68.16 -32.66
C ARG U 18 14.64 67.48 -31.81
N ALA U 19 15.14 66.32 -32.22
CA ALA U 19 16.09 65.57 -31.42
C ALA U 19 17.48 65.63 -32.04
N LYS U 20 18.48 65.31 -31.23
CA LYS U 20 19.85 65.34 -31.69
C LYS U 20 20.11 64.20 -32.69
N SER U 21 21.16 64.35 -33.48
CA SER U 21 21.39 63.47 -34.61
C SER U 21 22.39 62.36 -34.30
N VAL U 22 22.26 61.28 -35.06
CA VAL U 22 23.07 60.06 -34.90
C VAL U 22 23.47 59.60 -36.30
N VAL U 23 24.69 59.08 -36.40
CA VAL U 23 25.23 58.56 -37.65
C VAL U 23 25.85 57.20 -37.40
N ALA U 24 25.68 56.28 -38.35
CA ALA U 24 26.35 54.99 -38.34
C ALA U 24 26.91 54.74 -39.73
N LEU U 25 28.20 54.42 -39.81
CA LEU U 25 28.81 54.27 -41.12
C LEU U 25 29.77 53.10 -41.10
N ALA U 26 29.87 52.42 -42.23
CA ALA U 26 30.73 51.24 -42.34
C ALA U 26 32.16 51.67 -42.60
N TYR U 27 33.09 51.10 -41.85
CA TYR U 27 34.51 51.39 -42.06
C TYR U 27 35.28 50.07 -42.09
N ALA U 28 36.59 50.18 -42.31
CA ALA U 28 37.39 49.00 -42.59
C ALA U 28 37.32 47.98 -41.47
N GLY U 29 37.17 48.43 -40.23
CA GLY U 29 37.12 47.55 -39.08
C GLY U 29 35.75 47.16 -38.62
N GLY U 30 34.69 47.56 -39.32
CA GLY U 30 33.36 47.21 -38.87
C GLY U 30 32.35 48.33 -39.06
N VAL U 31 31.66 48.73 -37.99
CA VAL U 31 30.66 49.78 -38.08
C VAL U 31 30.91 50.80 -36.98
N LEU U 32 30.72 52.08 -37.30
CA LEU U 32 30.99 53.18 -36.39
C LEU U 32 29.70 53.91 -36.09
N PHE U 33 29.42 54.08 -34.79
CA PHE U 33 28.32 54.87 -34.28
C PHE U 33 28.84 56.15 -33.64
N VAL U 34 28.31 57.28 -34.09
CA VAL U 34 28.62 58.58 -33.51
C VAL U 34 27.31 59.31 -33.31
N ALA U 35 27.06 59.77 -32.09
CA ALA U 35 25.81 60.43 -31.78
C ALA U 35 26.08 61.62 -30.89
N GLU U 36 25.48 62.76 -31.21
CA GLU U 36 25.54 63.92 -30.33
C GLU U 36 24.75 63.64 -29.08
N ASN U 37 25.43 63.58 -27.94
CA ASN U 37 24.80 63.20 -26.67
C ASN U 37 25.56 63.89 -25.55
N PRO U 38 25.02 64.97 -25.00
CA PRO U 38 25.69 65.64 -23.88
C PRO U 38 25.71 64.82 -22.60
N SER U 39 24.79 63.87 -22.44
CA SER U 39 24.60 63.20 -21.17
C SER U 39 25.84 62.41 -20.77
N ARG U 40 25.81 61.92 -19.53
CA ARG U 40 26.82 61.02 -18.99
C ARG U 40 26.30 59.61 -18.80
N SER U 41 25.06 59.42 -18.34
CA SER U 41 24.55 58.10 -18.03
C SER U 41 23.48 57.59 -18.98
N LEU U 42 22.88 58.45 -19.78
CA LEU U 42 21.78 58.04 -20.66
C LEU U 42 22.28 57.90 -22.10
N GLN U 43 22.11 56.71 -22.68
CA GLN U 43 22.85 56.29 -23.86
C GLN U 43 21.91 56.00 -25.02
N LYS U 44 22.28 56.49 -26.21
CA LYS U 44 21.50 56.26 -27.42
C LYS U 44 22.07 55.14 -28.28
N ILE U 45 23.24 54.62 -27.95
CA ILE U 45 23.88 53.56 -28.71
C ILE U 45 24.13 52.39 -27.77
N SER U 46 23.78 51.19 -28.21
CA SER U 46 23.85 50.05 -27.32
C SER U 46 24.15 48.79 -28.10
N GLU U 47 24.62 47.80 -27.38
CA GLU U 47 24.80 46.46 -27.89
C GLU U 47 23.47 45.73 -27.89
N LEU U 48 23.20 44.97 -28.96
CA LEU U 48 22.04 44.08 -28.99
C LEU U 48 22.44 42.63 -28.80
N TYR U 49 23.37 42.15 -29.62
CA TYR U 49 23.84 40.79 -29.51
C TYR U 49 25.30 40.78 -29.94
N ASP U 50 25.91 39.60 -29.92
CA ASP U 50 27.34 39.45 -30.15
C ASP U 50 27.86 40.42 -31.20
N ARG U 51 27.27 40.36 -32.40
CA ARG U 51 27.74 41.14 -33.52
C ARG U 51 26.70 42.16 -33.99
N VAL U 52 25.72 42.50 -33.16
CA VAL U 52 24.63 43.37 -33.58
C VAL U 52 24.53 44.53 -32.60
N GLY U 53 24.54 45.75 -33.13
CA GLY U 53 24.46 46.95 -32.32
C GLY U 53 23.26 47.78 -32.73
N PHE U 54 22.95 48.76 -31.89
CA PHE U 54 21.70 49.50 -31.92
C PHE U 54 21.99 50.97 -31.69
N ALA U 55 21.37 51.83 -32.49
CA ALA U 55 21.45 53.26 -32.26
C ALA U 55 20.11 53.88 -32.61
N ALA U 56 19.72 54.91 -31.87
CA ALA U 56 18.40 55.47 -32.07
C ALA U 56 18.44 56.97 -31.87
N ALA U 57 17.47 57.65 -32.48
CA ALA U 57 17.28 59.07 -32.27
C ALA U 57 15.81 59.34 -32.00
N GLY U 58 15.54 60.29 -31.11
CA GLY U 58 14.16 60.61 -30.80
C GLY U 58 13.90 60.68 -29.31
N LYS U 59 12.70 60.29 -28.88
CA LYS U 59 12.32 60.33 -27.47
C LYS U 59 12.98 59.18 -26.72
N PHE U 60 13.64 59.50 -25.60
CA PHE U 60 14.48 58.52 -24.93
C PHE U 60 13.68 57.32 -24.44
N ASN U 61 12.65 57.55 -23.64
CA ASN U 61 11.93 56.43 -23.06
C ASN U 61 11.41 55.50 -24.14
N GLU U 62 11.04 56.05 -25.30
CA GLU U 62 10.45 55.22 -26.35
C GLU U 62 11.50 54.37 -27.03
N PHE U 63 12.62 54.98 -27.46
CA PHE U 63 13.61 54.14 -28.11
C PHE U 63 14.34 53.25 -27.12
N ASP U 64 14.30 53.59 -25.83
CA ASP U 64 14.83 52.69 -24.80
C ASP U 64 13.92 51.48 -24.62
N ASN U 65 12.61 51.71 -24.59
CA ASN U 65 11.70 50.57 -24.63
C ASN U 65 12.04 49.66 -25.79
N LEU U 66 12.21 50.24 -26.98
CA LEU U 66 12.55 49.42 -28.14
C LEU U 66 13.90 48.73 -27.96
N ARG U 67 14.85 49.38 -27.31
CA ARG U 67 16.15 48.77 -27.10
C ARG U 67 16.03 47.53 -26.23
N ARG U 68 15.34 47.66 -25.10
CA ARG U 68 15.17 46.51 -24.21
C ARG U 68 14.40 45.39 -24.89
N GLY U 69 13.37 45.73 -25.66
CA GLY U 69 12.65 44.71 -26.39
C GLY U 69 13.54 43.97 -27.38
N GLY U 70 14.45 44.70 -28.03
CA GLY U 70 15.38 44.05 -28.93
C GLY U 70 16.36 43.14 -28.22
N ILE U 71 16.85 43.56 -27.05
CA ILE U 71 17.74 42.71 -26.27
C ILE U 71 17.02 41.45 -25.83
N GLN U 72 15.79 41.59 -25.33
CA GLN U 72 15.00 40.41 -24.95
C GLN U 72 14.82 39.48 -26.14
N PHE U 73 14.42 40.01 -27.29
CA PHE U 73 14.23 39.17 -28.46
C PHE U 73 15.50 38.43 -28.82
N ALA U 74 16.62 39.14 -28.89
CA ALA U 74 17.87 38.52 -29.28
C ALA U 74 18.27 37.42 -28.30
N ASP U 75 18.34 37.75 -27.01
CA ASP U 75 18.77 36.78 -26.03
C ASP U 75 17.86 35.54 -26.02
N THR U 76 16.54 35.76 -26.10
CA THR U 76 15.62 34.63 -26.10
C THR U 76 15.86 33.74 -27.32
N ARG U 77 16.03 34.35 -28.49
CA ARG U 77 16.26 33.55 -29.70
C ARG U 77 17.58 32.78 -29.61
N GLY U 78 18.62 33.41 -29.08
CA GLY U 78 19.88 32.70 -28.91
C GLY U 78 19.77 31.52 -27.97
N TYR U 79 18.95 31.65 -26.92
CA TYR U 79 18.76 30.53 -26.01
C TYR U 79 17.93 29.43 -26.67
N ALA U 80 16.83 29.80 -27.32
CA ALA U 80 15.92 28.82 -27.89
C ALA U 80 16.56 28.05 -29.03
N TYR U 81 17.42 28.70 -29.82
CA TYR U 81 18.09 28.02 -30.92
C TYR U 81 19.60 28.05 -30.72
N ASP U 82 20.27 29.07 -31.23
CA ASP U 82 21.70 29.18 -31.03
C ASP U 82 22.15 30.59 -31.39
N ARG U 83 23.25 31.01 -30.77
CA ARG U 83 23.74 32.38 -30.90
C ARG U 83 24.06 32.74 -32.35
N ARG U 84 24.43 31.75 -33.17
CA ARG U 84 24.69 32.01 -34.58
C ARG U 84 23.42 32.21 -35.39
N ASP U 85 22.25 31.93 -34.82
CA ASP U 85 21.00 32.13 -35.54
C ASP U 85 20.44 33.53 -35.37
N VAL U 86 21.00 34.32 -34.46
CA VAL U 86 20.57 35.70 -34.30
C VAL U 86 21.31 36.55 -35.34
N THR U 87 20.55 37.29 -36.15
CA THR U 87 21.13 38.10 -37.20
C THR U 87 20.58 39.52 -37.10
N GLY U 88 21.30 40.47 -37.69
CA GLY U 88 20.80 41.82 -37.74
C GLY U 88 19.52 41.93 -38.55
N ARG U 89 19.42 41.14 -39.63
CA ARG U 89 18.20 41.13 -40.42
C ARG U 89 16.99 40.78 -39.55
N GLN U 90 17.16 39.83 -38.65
CA GLN U 90 16.07 39.44 -37.76
C GLN U 90 15.65 40.60 -36.87
N LEU U 91 16.60 41.22 -36.17
CA LEU U 91 16.25 42.31 -35.27
C LEU U 91 15.60 43.45 -36.03
N ALA U 92 16.13 43.79 -37.19
CA ALA U 92 15.50 44.84 -38.00
C ALA U 92 14.08 44.45 -38.36
N ASN U 93 13.87 43.21 -38.75
CA ASN U 93 12.53 42.77 -39.15
C ASN U 93 11.54 42.90 -37.99
N VAL U 94 11.93 42.42 -36.80
CA VAL U 94 11.01 42.51 -35.67
C VAL U 94 10.78 43.96 -35.26
N TYR U 95 11.78 44.83 -35.42
CA TYR U 95 11.58 46.24 -35.14
C TYR U 95 10.62 46.88 -36.13
N ALA U 96 10.71 46.51 -37.41
CA ALA U 96 9.77 47.01 -38.40
C ALA U 96 8.35 46.61 -38.03
N GLN U 97 8.15 45.33 -37.72
CA GLN U 97 6.83 44.86 -37.31
C GLN U 97 6.34 45.60 -36.06
N THR U 98 7.21 45.72 -35.07
CA THR U 98 6.84 46.34 -33.81
C THR U 98 6.44 47.79 -34.01
N LEU U 99 7.28 48.57 -34.68
CA LEU U 99 6.98 49.97 -34.88
C LEU U 99 5.76 50.16 -35.77
N GLY U 100 5.54 49.26 -36.72
CA GLY U 100 4.29 49.33 -37.46
C GLY U 100 3.08 49.21 -36.56
N THR U 101 3.07 48.18 -35.71
CA THR U 101 1.94 47.99 -34.79
C THR U 101 1.78 49.20 -33.87
N ILE U 102 2.87 49.67 -33.28
CA ILE U 102 2.79 50.86 -32.43
C ILE U 102 2.17 52.02 -33.20
N PHE U 103 2.65 52.25 -34.42
CA PHE U 103 2.21 53.41 -35.17
C PHE U 103 0.72 53.36 -35.43
N THR U 104 0.18 52.19 -35.73
CA THR U 104 -1.24 52.15 -36.07
C THR U 104 -2.17 51.96 -34.88
N GLU U 105 -1.71 51.33 -33.80
CA GLU U 105 -2.63 50.88 -32.77
C GLU U 105 -2.42 51.46 -31.38
N GLN U 106 -1.24 52.00 -31.09
CA GLN U 106 -1.01 52.55 -29.76
C GLN U 106 -1.64 53.94 -29.65
N ALA U 107 -1.78 54.41 -28.42
CA ALA U 107 -2.39 55.72 -28.19
C ALA U 107 -1.64 56.81 -28.94
N LYS U 108 -0.32 56.75 -28.97
CA LYS U 108 0.52 57.74 -29.64
C LYS U 108 1.72 57.08 -30.30
N PRO U 109 2.02 57.42 -31.55
CA PRO U 109 3.15 56.78 -32.24
C PRO U 109 4.47 57.10 -31.56
N TYR U 110 5.44 56.23 -31.79
CA TYR U 110 6.75 56.45 -31.21
C TYR U 110 7.51 57.46 -32.04
N GLU U 111 8.06 58.47 -31.37
CA GLU U 111 8.88 59.49 -32.04
C GLU U 111 10.33 59.02 -32.01
N VAL U 112 10.63 57.99 -32.79
CA VAL U 112 11.93 57.36 -32.80
C VAL U 112 12.34 57.01 -34.22
N GLU U 113 13.65 56.86 -34.42
CA GLU U 113 14.22 56.25 -35.60
C GLU U 113 15.36 55.35 -35.16
N LEU U 114 15.45 54.18 -35.78
CA LEU U 114 16.28 53.08 -35.32
C LEU U 114 17.30 52.71 -36.39
N CYS U 115 18.47 52.29 -35.93
CA CYS U 115 19.49 51.70 -36.79
C CYS U 115 20.01 50.44 -36.12
N VAL U 116 19.96 49.34 -36.85
CA VAL U 116 20.45 48.05 -36.39
C VAL U 116 21.61 47.68 -37.30
N ALA U 117 22.77 47.41 -36.71
CA ALA U 117 23.97 47.17 -37.49
C ALA U 117 24.58 45.83 -37.15
N GLU U 118 25.16 45.19 -38.16
CA GLU U 118 25.79 43.89 -37.94
C GLU U 118 27.11 43.83 -38.67
N VAL U 119 28.13 43.30 -38.01
CA VAL U 119 29.42 43.05 -38.61
C VAL U 119 29.63 41.54 -38.66
N ALA U 120 30.68 41.12 -39.36
CA ALA U 120 30.93 39.71 -39.55
C ALA U 120 31.40 39.05 -38.26
N HIS U 121 31.23 37.74 -38.20
CA HIS U 121 31.78 37.00 -37.07
C HIS U 121 33.29 36.88 -37.23
N TYR U 122 33.97 36.70 -36.10
CA TYR U 122 35.42 36.71 -36.10
C TYR U 122 35.97 35.74 -37.14
N GLY U 123 36.84 36.24 -38.00
CA GLY U 123 37.46 35.43 -39.02
C GLY U 123 36.65 35.23 -40.28
N GLU U 124 35.40 35.69 -40.32
CA GLU U 124 34.60 35.57 -41.53
C GLU U 124 34.65 36.86 -42.32
N THR U 125 34.33 36.76 -43.60
CA THR U 125 34.34 37.90 -44.51
C THR U 125 32.92 38.15 -44.97
N LYS U 126 32.36 39.24 -44.48
CA LYS U 126 31.00 39.61 -44.80
C LYS U 126 30.90 41.11 -44.55
N ARG U 127 30.45 41.85 -45.55
CA ARG U 127 30.41 43.29 -45.43
C ARG U 127 29.38 43.69 -44.38
N PRO U 128 29.65 44.73 -43.59
CA PRO U 128 28.68 45.17 -42.60
C PRO U 128 27.30 45.41 -43.18
N GLU U 129 26.27 45.32 -42.35
CA GLU U 129 24.92 45.65 -42.79
C GLU U 129 24.37 46.75 -41.91
N LEU U 130 23.69 47.72 -42.53
CA LEU U 130 23.06 48.80 -41.79
C LEU U 130 21.58 48.78 -42.10
N TYR U 131 20.76 48.92 -41.07
CA TYR U 131 19.32 48.96 -41.25
C TYR U 131 18.75 50.18 -40.55
N ARG U 132 17.86 50.88 -41.25
CA ARG U 132 17.12 52.02 -40.74
C ARG U 132 15.66 51.63 -40.64
N ILE U 133 15.08 51.78 -39.46
CA ILE U 133 13.66 51.55 -39.26
C ILE U 133 13.05 52.85 -38.78
N THR U 134 12.02 53.33 -39.47
CA THR U 134 11.42 54.62 -39.18
C THR U 134 10.14 54.45 -38.38
N TYR U 135 9.59 55.59 -37.94
CA TYR U 135 8.52 55.58 -36.94
C TYR U 135 7.29 54.82 -37.38
N ASP U 136 7.15 54.49 -38.66
CA ASP U 136 5.95 53.84 -39.15
C ASP U 136 6.18 52.39 -39.52
N GLY U 137 7.35 51.84 -39.18
CA GLY U 137 7.66 50.48 -39.51
C GLY U 137 8.34 50.28 -40.84
N SER U 138 8.57 51.35 -41.59
CA SER U 138 9.30 51.23 -42.85
C SER U 138 10.75 50.88 -42.54
N ILE U 139 11.32 50.01 -43.36
CA ILE U 139 12.66 49.49 -43.12
C ILE U 139 13.46 49.60 -44.40
N ALA U 140 14.73 49.99 -44.28
CA ALA U 140 15.58 50.14 -45.46
C ALA U 140 17.00 49.75 -45.06
N ASP U 141 17.65 48.97 -45.92
CA ASP U 141 19.02 48.55 -45.67
C ASP U 141 19.98 49.46 -46.41
N GLU U 142 21.02 49.91 -45.72
CA GLU U 142 22.05 50.75 -46.26
C GLU U 142 23.40 50.04 -46.21
N PRO U 143 24.22 50.24 -47.24
CA PRO U 143 25.55 49.63 -47.30
C PRO U 143 26.65 50.56 -46.83
N HIS U 144 26.40 51.86 -46.77
CA HIS U 144 27.48 52.81 -46.49
C HIS U 144 27.24 53.61 -45.21
N PHE U 145 26.12 54.32 -45.08
CA PHE U 145 25.92 55.07 -43.85
C PHE U 145 24.43 55.35 -43.65
N VAL U 146 24.10 55.70 -42.43
CA VAL U 146 22.73 55.98 -41.99
C VAL U 146 22.76 57.19 -41.07
N VAL U 147 21.84 58.12 -41.28
CA VAL U 147 21.74 59.34 -40.49
C VAL U 147 20.32 59.44 -39.95
N MET U 148 20.19 59.82 -38.69
CA MET U 148 18.88 59.82 -38.05
C MET U 148 18.76 60.97 -37.07
N GLY U 149 17.59 61.62 -37.08
CA GLY U 149 17.26 62.59 -36.05
C GLY U 149 17.75 63.99 -36.36
N GLY U 150 16.97 64.97 -35.94
CA GLY U 150 17.31 66.36 -36.21
C GLY U 150 17.26 66.70 -37.68
N THR U 151 18.17 67.58 -38.10
CA THR U 151 18.21 68.07 -39.46
C THR U 151 19.15 67.16 -40.24
N THR U 152 18.57 66.22 -40.97
CA THR U 152 19.37 65.15 -41.56
C THR U 152 20.07 65.58 -42.84
N GLU U 153 19.39 66.37 -43.68
CA GLU U 153 19.91 66.65 -45.02
C GLU U 153 21.32 67.24 -45.03
N PRO U 154 21.68 68.22 -44.19
CA PRO U 154 23.09 68.66 -44.17
C PRO U 154 24.07 67.53 -43.91
N ILE U 155 23.74 66.66 -42.95
CA ILE U 155 24.63 65.57 -42.58
C ILE U 155 24.72 64.56 -43.73
N ALA U 156 23.58 64.20 -44.30
CA ALA U 156 23.56 63.27 -45.42
C ALA U 156 24.35 63.80 -46.61
N ASN U 157 24.28 65.11 -46.85
CA ASN U 157 25.06 65.67 -47.95
C ASN U 157 26.54 65.66 -47.61
N ALA U 158 26.91 66.09 -46.40
CA ALA U 158 28.30 66.07 -45.99
C ALA U 158 28.92 64.68 -46.14
N LEU U 159 28.21 63.64 -45.69
CA LEU U 159 28.70 62.28 -45.86
C LEU U 159 28.72 61.89 -47.33
N LYS U 160 27.60 62.11 -48.03
CA LYS U 160 27.51 61.82 -49.46
C LYS U 160 28.63 62.45 -50.25
N GLU U 161 29.29 63.47 -49.70
CA GLU U 161 30.41 64.11 -50.36
C GLU U 161 31.76 63.70 -49.80
N SER U 162 31.83 63.23 -48.55
CA SER U 162 33.13 62.91 -47.97
C SER U 162 33.21 61.50 -47.43
N TYR U 163 32.46 60.55 -48.00
CA TYR U 163 32.50 59.17 -47.54
C TYR U 163 33.16 58.30 -48.59
N ALA U 164 34.19 57.57 -48.16
CA ALA U 164 34.90 56.59 -48.98
C ALA U 164 34.84 55.23 -48.31
N GLU U 165 34.58 54.20 -49.10
CA GLU U 165 34.47 52.86 -48.54
C GLU U 165 35.75 52.46 -47.82
N ASN U 166 35.59 51.56 -46.85
CA ASN U 166 36.70 50.96 -46.10
C ASN U 166 37.67 52.00 -45.55
N ALA U 167 37.15 53.14 -45.10
CA ALA U 167 38.00 54.14 -44.47
C ALA U 167 38.56 53.59 -43.17
N SER U 168 39.62 54.23 -42.69
CA SER U 168 40.19 53.88 -41.40
C SER U 168 39.31 54.41 -40.28
N LEU U 169 39.58 53.94 -39.05
CA LEU U 169 38.76 54.35 -37.91
C LEU U 169 38.89 55.84 -37.65
N THR U 170 40.11 56.37 -37.64
CA THR U 170 40.28 57.80 -37.42
C THR U 170 39.61 58.60 -38.53
N ASP U 171 39.82 58.18 -39.78
CA ASP U 171 39.20 58.87 -40.90
C ASP U 171 37.68 58.83 -40.80
N ALA U 172 37.11 57.64 -40.61
CA ALA U 172 35.67 57.52 -40.54
C ALA U 172 35.09 58.37 -39.42
N LEU U 173 35.76 58.39 -38.26
CA LEU U 173 35.31 59.24 -37.17
C LEU U 173 35.37 60.71 -37.57
N ARG U 174 36.44 61.12 -38.26
CA ARG U 174 36.59 62.51 -38.64
C ARG U 174 35.45 62.94 -39.57
N ILE U 175 35.28 62.23 -40.69
CA ILE U 175 34.20 62.56 -41.60
C ILE U 175 32.86 62.55 -40.88
N ALA U 176 32.71 61.66 -39.89
CA ALA U 176 31.45 61.57 -39.16
C ALA U 176 31.21 62.82 -38.32
N VAL U 177 32.18 63.23 -37.50
CA VAL U 177 32.01 64.42 -36.68
C VAL U 177 31.82 65.66 -37.53
N ALA U 178 32.54 65.73 -38.66
CA ALA U 178 32.33 66.83 -39.59
C ALA U 178 30.89 66.87 -40.06
N ALA U 179 30.40 65.76 -40.61
CA ALA U 179 29.04 65.70 -41.10
C ALA U 179 28.04 66.04 -40.01
N LEU U 180 28.34 65.67 -38.76
CA LEU U 180 27.47 66.04 -37.66
C LEU U 180 27.45 67.55 -37.48
N ARG U 181 28.63 68.17 -37.45
CA ARG U 181 28.70 69.62 -37.28
C ARG U 181 27.98 70.34 -38.40
N ALA U 182 27.88 69.73 -39.58
CA ALA U 182 27.13 70.34 -40.68
C ALA U 182 25.72 70.72 -40.23
N GLY U 183 24.94 69.75 -39.81
CA GLY U 183 23.58 70.01 -39.36
C GLY U 183 23.49 70.93 -38.16
N LEU U 195 34.09 68.14 -32.34
CA LEU U 195 32.92 68.66 -31.64
C LEU U 195 33.14 68.58 -30.14
N GLY U 196 33.99 67.65 -29.71
CA GLY U 196 34.35 67.56 -28.31
C GLY U 196 33.89 66.29 -27.63
N VAL U 197 34.72 65.73 -26.76
CA VAL U 197 34.39 64.48 -26.10
C VAL U 197 33.19 64.64 -25.19
N ALA U 198 33.14 65.72 -24.42
CA ALA U 198 32.14 65.86 -23.37
C ALA U 198 30.72 65.89 -23.91
N SER U 199 30.55 66.22 -25.19
CA SER U 199 29.23 66.28 -25.81
C SER U 199 28.96 65.17 -26.81
N LEU U 200 29.82 64.16 -26.89
CA LEU U 200 29.64 63.08 -27.85
C LEU U 200 29.47 61.72 -27.17
N GLU U 201 28.84 60.81 -27.90
CA GLU U 201 28.78 59.40 -27.56
C GLU U 201 29.23 58.63 -28.78
N VAL U 202 30.29 57.84 -28.63
CA VAL U 202 30.91 57.15 -29.75
C VAL U 202 31.06 55.69 -29.36
N ALA U 203 30.75 54.79 -30.29
CA ALA U 203 30.94 53.37 -30.05
C ALA U 203 31.11 52.70 -31.40
N VAL U 204 31.65 51.49 -31.37
CA VAL U 204 31.99 50.77 -32.58
C VAL U 204 31.60 49.30 -32.45
N LEU U 205 31.16 48.71 -33.56
CA LEU U 205 31.11 47.27 -33.73
C LEU U 205 32.39 46.85 -34.43
N ASP U 206 33.31 46.26 -33.66
CA ASP U 206 34.67 45.96 -34.10
C ASP U 206 34.68 44.50 -34.56
N ALA U 207 34.66 44.29 -35.87
CA ALA U 207 34.61 42.95 -36.44
C ALA U 207 35.85 42.13 -36.08
N ASN U 208 36.80 42.74 -35.39
CA ASN U 208 38.03 42.08 -35.00
C ASN U 208 37.98 41.53 -33.58
N ARG U 209 36.94 41.69 -32.91
CA ARG U 209 36.91 41.09 -31.60
C ARG U 209 36.37 39.66 -31.68
N PRO U 210 36.84 38.76 -30.82
CA PRO U 210 36.46 37.35 -30.95
C PRO U 210 34.96 37.09 -30.86
N ARG U 211 34.31 37.51 -29.79
CA ARG U 211 32.88 37.26 -29.65
C ARG U 211 32.07 38.55 -29.59
N ARG U 212 32.24 39.36 -28.56
CA ARG U 212 31.39 40.53 -28.35
C ARG U 212 32.00 41.72 -29.07
N ALA U 213 31.34 42.15 -30.16
CA ALA U 213 31.91 43.15 -31.05
C ALA U 213 31.64 44.57 -30.59
N PHE U 214 30.68 44.79 -29.72
CA PHE U 214 30.34 46.15 -29.32
C PHE U 214 31.42 46.68 -28.39
N ARG U 215 31.74 47.96 -28.54
CA ARG U 215 32.92 48.54 -27.89
C ARG U 215 32.74 50.04 -27.81
N ARG U 216 32.80 50.61 -26.61
CA ARG U 216 32.69 52.05 -26.46
C ARG U 216 34.07 52.71 -26.50
N ILE U 217 34.11 53.92 -27.03
CA ILE U 217 35.36 54.68 -27.16
C ILE U 217 35.17 55.97 -26.37
N THR U 218 35.49 55.94 -25.08
CA THR U 218 35.26 57.07 -24.20
C THR U 218 36.56 57.73 -23.76
N GLY U 219 36.48 59.02 -23.46
CA GLY U 219 37.53 59.71 -22.72
C GLY U 219 38.81 59.86 -23.49
N SER U 220 39.92 59.62 -22.80
CA SER U 220 41.25 59.87 -23.36
C SER U 220 41.44 59.21 -24.72
N ALA U 221 40.97 57.98 -24.86
CA ALA U 221 41.06 57.30 -26.16
C ALA U 221 40.32 58.07 -27.24
N LEU U 222 39.10 58.52 -26.93
CA LEU U 222 38.31 59.23 -27.91
C LEU U 222 38.98 60.52 -28.36
N GLN U 223 39.43 61.34 -27.40
CA GLN U 223 40.13 62.57 -27.76
C GLN U 223 41.36 62.25 -28.59
N ALA U 224 42.12 61.22 -28.20
CA ALA U 224 43.29 60.82 -28.97
C ALA U 224 42.90 60.48 -30.40
N LEU U 225 41.73 59.89 -30.60
CA LEU U 225 41.30 59.61 -31.96
C LEU U 225 40.80 60.85 -32.67
N LEU U 226 40.53 61.92 -31.93
CA LEU U 226 40.08 63.16 -32.55
C LEU U 226 41.25 64.09 -32.90
N VAL U 227 42.35 64.01 -32.15
CA VAL U 227 43.53 64.81 -32.42
C VAL U 227 44.14 64.43 -33.76
N THR V 1 15.36 -2.60 -31.34
CA THR V 1 15.69 -1.53 -32.25
C THR V 1 17.16 -1.21 -32.15
N THR V 2 17.78 -0.91 -33.30
CA THR V 2 19.13 -0.39 -33.30
C THR V 2 19.28 0.61 -34.43
N ILE V 3 19.76 1.80 -34.10
CA ILE V 3 20.09 2.82 -35.07
C ILE V 3 21.56 3.12 -34.90
N VAL V 4 22.31 3.06 -35.99
CA VAL V 4 23.74 3.30 -35.94
C VAL V 4 24.05 4.48 -36.83
N ALA V 5 25.13 5.18 -36.50
CA ALA V 5 25.63 6.25 -37.34
C ALA V 5 27.13 6.31 -37.19
N LEU V 6 27.83 6.56 -38.30
CA LEU V 6 29.27 6.71 -38.25
C LEU V 6 29.70 7.76 -39.26
N LYS V 7 30.82 8.41 -38.97
CA LYS V 7 31.43 9.40 -39.83
C LYS V 7 32.41 8.73 -40.79
N TYR V 8 32.36 9.13 -42.05
CA TYR V 8 33.38 8.75 -43.03
C TYR V 8 33.91 10.00 -43.68
N PRO V 9 35.05 9.91 -44.39
CA PRO V 9 35.62 11.11 -45.01
C PRO V 9 34.65 11.87 -45.90
N GLY V 10 34.26 13.05 -45.46
CA GLY V 10 33.39 13.89 -46.23
C GLY V 10 31.91 13.64 -46.03
N GLY V 11 31.53 12.80 -45.07
CA GLY V 11 30.12 12.54 -44.90
C GLY V 11 29.83 11.74 -43.65
N VAL V 12 28.56 11.36 -43.52
CA VAL V 12 28.08 10.59 -42.39
C VAL V 12 27.04 9.60 -42.92
N VAL V 13 26.92 8.46 -42.24
CA VAL V 13 25.99 7.40 -42.61
C VAL V 13 25.19 6.99 -41.39
N MET V 14 23.90 6.72 -41.61
CA MET V 14 23.02 6.26 -40.55
C MET V 14 22.14 5.14 -41.07
N ALA V 15 21.98 4.08 -40.29
CA ALA V 15 21.17 2.95 -40.72
C ALA V 15 20.40 2.38 -39.55
N GLY V 16 19.25 1.80 -39.83
CA GLY V 16 18.39 1.27 -38.80
C GLY V 16 17.67 0.02 -39.28
N ASP V 17 17.37 -0.84 -38.32
CA ASP V 17 16.74 -2.12 -38.58
C ASP V 17 15.26 -1.93 -38.84
N ARG V 18 14.57 -3.05 -39.12
CA ARG V 18 13.20 -3.01 -39.63
C ARG V 18 12.19 -3.73 -38.75
N ARG V 19 12.56 -4.12 -37.53
CA ARG V 19 11.73 -4.96 -36.70
C ARG V 19 10.88 -4.14 -35.74
N SER V 20 9.62 -4.53 -35.58
CA SER V 20 8.75 -3.92 -34.59
C SER V 20 8.14 -5.01 -33.72
N THR V 21 8.19 -4.85 -32.40
CA THR V 21 7.76 -5.89 -31.49
C THR V 21 6.76 -5.37 -30.47
N GLN V 22 5.92 -6.28 -30.01
CA GLN V 22 5.05 -6.09 -28.85
C GLN V 22 5.48 -7.16 -27.85
N GLY V 23 6.36 -6.78 -26.93
CA GLY V 23 7.00 -7.74 -26.05
C GLY V 23 7.93 -8.64 -26.84
N ASN V 24 7.69 -9.95 -26.80
CA ASN V 24 8.44 -10.89 -27.61
C ASN V 24 7.80 -11.13 -28.97
N MET V 25 6.57 -10.65 -29.17
CA MET V 25 5.86 -10.91 -30.41
C MET V 25 6.39 -9.97 -31.49
N ILE V 26 6.63 -10.51 -32.68
CA ILE V 26 7.11 -9.71 -33.80
C ILE V 26 5.90 -9.16 -34.56
N SER V 27 5.70 -7.84 -34.45
CA SER V 27 4.58 -7.15 -35.07
C SER V 27 4.94 -6.40 -36.34
N GLY V 28 6.20 -6.38 -36.73
CA GLY V 28 6.57 -5.70 -37.95
C GLY V 28 7.90 -6.16 -38.50
N ARG V 29 7.96 -6.28 -39.82
CA ARG V 29 9.14 -6.72 -40.54
C ARG V 29 9.69 -5.66 -41.47
N ASP V 30 8.91 -4.63 -41.77
CA ASP V 30 9.21 -3.64 -42.80
C ASP V 30 9.38 -2.24 -42.26
N VAL V 31 9.36 -2.07 -40.94
CA VAL V 31 9.29 -0.74 -40.34
C VAL V 31 10.48 0.11 -40.76
N ARG V 32 10.25 1.43 -40.87
CA ARG V 32 11.29 2.38 -41.23
C ARG V 32 11.53 3.29 -40.03
N LYS V 33 12.78 3.35 -39.58
CA LYS V 33 13.12 4.09 -38.38
C LYS V 33 14.10 5.22 -38.59
N VAL V 34 14.67 5.37 -39.78
CA VAL V 34 15.63 6.43 -40.08
C VAL V 34 14.97 7.34 -41.11
N TYR V 35 14.85 8.62 -40.77
CA TYR V 35 14.12 9.58 -41.58
C TYR V 35 15.03 10.72 -41.99
N ILE V 36 14.86 11.18 -43.24
CA ILE V 36 15.52 12.39 -43.71
C ILE V 36 14.70 13.57 -43.22
N THR V 37 15.26 14.34 -42.29
CA THR V 37 14.54 15.47 -41.71
C THR V 37 14.78 16.79 -42.40
N ASP V 38 15.91 16.96 -43.10
CA ASP V 38 16.10 18.13 -43.94
C ASP V 38 17.27 17.84 -44.89
N ASP V 39 17.53 18.78 -45.80
CA ASP V 39 18.48 18.54 -46.89
C ASP V 39 19.83 18.03 -46.41
N TYR V 40 20.20 18.29 -45.15
CA TYR V 40 21.48 17.86 -44.63
C TYR V 40 21.35 17.14 -43.29
N THR V 41 20.18 16.62 -42.96
CA THR V 41 20.02 15.99 -41.65
C THR V 41 19.06 14.82 -41.70
N ALA V 42 19.45 13.75 -41.01
CA ALA V 42 18.59 12.59 -40.77
C ALA V 42 18.58 12.25 -39.30
N THR V 43 17.44 11.73 -38.83
CA THR V 43 17.28 11.29 -37.45
C THR V 43 16.71 9.87 -37.45
N GLY V 44 17.28 9.01 -36.62
CA GLY V 44 16.73 7.68 -36.41
C GLY V 44 16.30 7.58 -34.97
N ILE V 45 15.17 6.95 -34.72
CA ILE V 45 14.59 6.98 -33.39
C ILE V 45 14.30 5.56 -32.92
N ALA V 46 14.48 5.34 -31.61
CA ALA V 46 14.22 4.06 -30.99
C ALA V 46 13.22 4.21 -29.85
N GLY V 47 12.36 3.22 -29.68
CA GLY V 47 11.39 3.28 -28.60
C GLY V 47 9.96 3.08 -29.04
N THR V 48 9.02 3.65 -28.28
CA THR V 48 7.62 3.53 -28.64
C THR V 48 7.39 4.14 -30.00
N ALA V 49 6.77 3.36 -30.90
CA ALA V 49 6.63 3.76 -32.29
C ALA V 49 5.91 5.08 -32.43
N ALA V 50 4.74 5.21 -31.79
CA ALA V 50 3.95 6.43 -31.91
C ALA V 50 4.77 7.66 -31.62
N VAL V 51 5.48 7.65 -30.48
CA VAL V 51 6.28 8.80 -30.10
C VAL V 51 7.39 9.02 -31.12
N ALA V 52 7.98 7.95 -31.65
CA ALA V 52 9.07 8.09 -32.60
C ALA V 52 8.61 8.77 -33.89
N VAL V 53 7.50 8.28 -34.46
CA VAL V 53 7.01 8.90 -35.69
C VAL V 53 6.62 10.35 -35.43
N GLU V 54 5.94 10.63 -34.31
CA GLU V 54 5.60 12.01 -34.01
C GLU V 54 6.85 12.88 -33.87
N PHE V 55 7.89 12.36 -33.22
CA PHE V 55 9.16 13.09 -33.13
C PHE V 55 9.69 13.44 -34.51
N ALA V 56 9.86 12.44 -35.37
CA ALA V 56 10.45 12.68 -36.69
C ALA V 56 9.62 13.68 -37.48
N ARG V 57 8.31 13.46 -37.50
CA ARG V 57 7.38 14.31 -38.24
C ARG V 57 7.47 15.76 -37.75
N LEU V 58 7.27 15.95 -36.46
CA LEU V 58 7.26 17.29 -35.88
C LEU V 58 8.61 17.97 -36.04
N TYR V 59 9.70 17.22 -35.94
CA TYR V 59 11.04 17.80 -36.06
C TYR V 59 11.30 18.30 -37.47
N ALA V 60 11.02 17.46 -38.47
CA ALA V 60 11.17 17.91 -39.85
C ALA V 60 10.35 19.16 -40.10
N VAL V 61 9.09 19.16 -39.64
CA VAL V 61 8.24 20.34 -39.80
C VAL V 61 8.85 21.56 -39.12
N GLU V 62 9.41 21.39 -37.93
CA GLU V 62 9.95 22.56 -37.22
C GLU V 62 11.16 23.14 -37.95
N LEU V 63 12.06 22.28 -38.43
CA LEU V 63 13.23 22.76 -39.15
C LEU V 63 12.81 23.52 -40.40
N GLU V 64 11.98 22.90 -41.25
CA GLU V 64 11.56 23.62 -42.46
C GLU V 64 10.80 24.89 -42.13
N HIS V 65 10.04 24.87 -41.03
CA HIS V 65 9.33 26.07 -40.61
C HIS V 65 10.29 27.23 -40.38
N TYR V 66 11.32 27.01 -39.57
CA TYR V 66 12.30 28.07 -39.37
C TYR V 66 12.92 28.49 -40.69
N GLU V 67 13.27 27.51 -41.53
CA GLU V 67 13.98 27.85 -42.76
C GLU V 67 13.14 28.73 -43.68
N LYS V 68 11.85 28.45 -43.80
CA LYS V 68 11.01 29.30 -44.65
C LYS V 68 10.72 30.64 -43.99
N LEU V 69 10.56 30.67 -42.66
CA LEU V 69 10.24 31.93 -42.00
C LEU V 69 11.40 32.91 -42.09
N GLU V 70 12.61 32.44 -41.83
CA GLU V 70 13.75 33.33 -41.69
C GLU V 70 14.65 33.35 -42.92
N GLY V 71 14.33 32.56 -43.94
CA GLY V 71 15.08 32.60 -45.18
C GLY V 71 16.41 31.89 -45.13
N VAL V 72 16.78 31.29 -44.01
CA VAL V 72 18.06 30.60 -43.86
C VAL V 72 17.85 29.42 -42.92
N PRO V 73 18.50 28.28 -43.14
CA PRO V 73 18.33 27.16 -42.23
C PRO V 73 19.00 27.42 -40.89
N LEU V 74 18.59 26.62 -39.91
CA LEU V 74 19.22 26.70 -38.59
C LEU V 74 20.67 26.26 -38.68
N THR V 75 21.51 26.88 -37.84
CA THR V 75 22.83 26.31 -37.63
C THR V 75 22.70 24.95 -36.97
N PHE V 76 23.72 24.11 -37.15
CA PHE V 76 23.64 22.75 -36.63
C PHE V 76 23.40 22.73 -35.14
N ALA V 77 24.08 23.60 -34.40
CA ALA V 77 23.81 23.69 -32.98
C ALA V 77 22.33 23.92 -32.71
N GLY V 78 21.69 24.76 -33.53
CA GLY V 78 20.28 25.01 -33.35
C GLY V 78 19.43 23.77 -33.55
N LYS V 79 19.72 23.01 -34.60
CA LYS V 79 19.01 21.75 -34.82
C LYS V 79 19.15 20.83 -33.62
N ILE V 80 20.36 20.73 -33.08
CA ILE V 80 20.57 19.94 -31.87
C ILE V 80 19.69 20.44 -30.74
N ASN V 81 19.70 21.74 -30.49
CA ASN V 81 18.96 22.26 -29.35
C ASN V 81 17.47 22.02 -29.49
N ARG V 82 16.93 22.15 -30.71
CA ARG V 82 15.49 21.95 -30.83
C ARG V 82 15.13 20.49 -30.59
N LEU V 83 15.90 19.57 -31.17
CA LEU V 83 15.63 18.16 -30.92
C LEU V 83 15.73 17.83 -29.43
N ALA V 84 16.77 18.36 -28.77
CA ALA V 84 16.93 18.12 -27.34
C ALA V 84 15.73 18.64 -26.56
N ILE V 85 15.26 19.85 -26.89
CA ILE V 85 14.12 20.42 -26.18
C ILE V 85 12.88 19.56 -26.36
N MET V 86 12.69 19.00 -27.56
CA MET V 86 11.54 18.11 -27.78
C MET V 86 11.64 16.87 -26.90
N VAL V 87 12.82 16.24 -26.92
CA VAL V 87 13.05 15.06 -26.09
C VAL V 87 12.76 15.37 -24.62
N ARG V 88 13.33 16.46 -24.11
CA ARG V 88 13.06 16.83 -22.73
C ARG V 88 11.58 17.06 -22.50
N GLY V 89 10.88 17.58 -23.51
CA GLY V 89 9.46 17.76 -23.38
C GLY V 89 8.71 16.48 -23.15
N ASN V 90 9.16 15.39 -23.75
CA ASN V 90 8.46 14.12 -23.57
C ASN V 90 8.82 13.38 -22.28
N LEU V 91 9.64 13.95 -21.40
CA LEU V 91 10.17 13.18 -20.27
C LEU V 91 9.06 12.58 -19.40
N ALA V 92 8.01 13.36 -19.12
CA ALA V 92 6.94 12.86 -18.26
C ALA V 92 6.29 11.62 -18.85
N ALA V 93 5.86 11.69 -20.11
CA ALA V 93 5.27 10.52 -20.75
C ALA V 93 6.26 9.36 -20.81
N ALA V 94 7.54 9.64 -21.05
CA ALA V 94 8.53 8.56 -21.08
C ALA V 94 8.57 7.83 -19.74
N MET V 95 8.55 8.57 -18.64
CA MET V 95 8.53 7.89 -17.34
C MET V 95 7.25 7.10 -17.12
N GLN V 96 6.26 7.25 -17.98
CA GLN V 96 5.04 6.46 -17.92
C GLN V 96 4.98 5.40 -19.01
N GLY V 97 6.09 5.14 -19.71
CA GLY V 97 6.17 4.06 -20.64
C GLY V 97 6.29 4.46 -22.10
N LEU V 98 6.07 5.73 -22.45
CA LEU V 98 6.17 6.17 -23.84
C LEU V 98 7.55 6.75 -24.13
N LEU V 99 8.57 5.91 -23.99
CA LEU V 99 9.96 6.34 -24.12
C LEU V 99 10.38 6.30 -25.58
N ALA V 100 11.10 7.34 -26.02
CA ALA V 100 11.67 7.36 -27.35
C ALA V 100 12.92 8.23 -27.34
N LEU V 101 14.02 7.68 -27.81
CA LEU V 101 15.30 8.38 -27.88
C LEU V 101 15.73 8.53 -29.33
N PRO V 102 16.15 9.71 -29.76
CA PRO V 102 16.64 9.88 -31.13
C PRO V 102 18.15 9.86 -31.25
N LEU V 103 18.62 9.72 -32.48
CA LEU V 103 20.01 9.82 -32.85
C LEU V 103 20.09 10.67 -34.09
N LEU V 104 20.94 11.69 -34.07
CA LEU V 104 21.00 12.71 -35.09
C LEU V 104 22.27 12.56 -35.90
N ALA V 105 22.14 12.56 -37.22
CA ALA V 105 23.28 12.54 -38.13
C ALA V 105 23.14 13.68 -39.11
N GLY V 106 24.20 14.46 -39.29
CA GLY V 106 24.12 15.60 -40.18
C GLY V 106 25.45 15.95 -40.82
N TYR V 107 25.37 16.90 -41.76
CA TYR V 107 26.52 17.45 -42.43
C TYR V 107 26.49 18.96 -42.23
N ASP V 108 27.50 19.48 -41.54
CA ASP V 108 27.51 20.91 -41.18
C ASP V 108 28.07 21.70 -42.36
N ILE V 109 27.18 22.36 -43.11
CA ILE V 109 27.60 23.10 -44.28
C ILE V 109 28.46 24.31 -43.92
N HIS V 110 28.46 24.73 -42.66
CA HIS V 110 29.29 25.84 -42.23
C HIS V 110 30.60 25.40 -41.57
N ALA V 111 30.93 24.12 -41.65
CA ALA V 111 32.13 23.66 -40.98
C ALA V 111 33.38 24.10 -41.72
N SER V 112 34.47 24.22 -40.99
CA SER V 112 35.75 24.63 -41.56
C SER V 112 36.27 23.59 -42.54
N ASP V 113 36.50 22.37 -42.06
CA ASP V 113 37.07 21.31 -42.88
C ASP V 113 35.98 20.42 -43.45
N PRO V 114 35.86 20.31 -44.78
CA PRO V 114 34.80 19.47 -45.35
C PRO V 114 35.00 17.98 -45.12
N GLN V 115 36.12 17.56 -44.55
CA GLN V 115 36.30 16.15 -44.21
C GLN V 115 35.63 15.83 -42.88
N SER V 116 35.92 16.64 -41.85
CA SER V 116 35.31 16.49 -40.54
C SER V 116 33.98 17.24 -40.43
N ALA V 117 33.28 17.43 -41.53
CA ALA V 117 32.00 18.11 -41.48
C ALA V 117 30.86 17.21 -41.05
N GLY V 118 31.11 15.91 -40.92
CA GLY V 118 30.08 15.03 -40.42
C GLY V 118 29.82 15.28 -38.96
N ARG V 119 28.57 15.06 -38.56
CA ARG V 119 28.16 15.28 -37.18
C ARG V 119 27.26 14.14 -36.74
N ILE V 120 27.52 13.63 -35.54
CA ILE V 120 26.71 12.59 -34.91
C ILE V 120 26.42 13.02 -33.48
N VAL V 121 25.13 13.09 -33.14
CA VAL V 121 24.70 13.55 -31.82
C VAL V 121 23.78 12.50 -31.23
N SER V 122 24.02 12.15 -29.96
CA SER V 122 23.17 11.23 -29.21
C SER V 122 22.44 11.97 -28.10
N PHE V 123 21.33 11.39 -27.65
CA PHE V 123 20.45 12.03 -26.68
C PHE V 123 20.07 11.03 -25.60
N ASP V 124 19.71 11.56 -24.43
CA ASP V 124 19.17 10.76 -23.34
C ASP V 124 17.75 11.21 -23.05
N ALA V 125 17.08 10.46 -22.18
CA ALA V 125 15.65 10.68 -21.96
C ALA V 125 15.34 12.05 -21.38
N ALA V 126 16.31 12.71 -20.77
CA ALA V 126 16.11 14.00 -20.13
C ALA V 126 16.50 15.17 -21.01
N GLY V 127 16.83 14.93 -22.27
CA GLY V 127 17.20 16.00 -23.17
C GLY V 127 18.68 16.28 -23.28
N GLY V 128 19.51 15.62 -22.47
CA GLY V 128 20.94 15.76 -22.64
C GLY V 128 21.39 15.28 -24.00
N TRP V 129 22.53 15.81 -24.46
CA TRP V 129 23.04 15.45 -25.76
C TRP V 129 24.56 15.35 -25.71
N ASN V 130 25.11 14.59 -26.64
CA ASN V 130 26.54 14.45 -26.80
C ASN V 130 26.88 14.46 -28.29
N ILE V 131 27.77 15.36 -28.70
CA ILE V 131 28.33 15.32 -30.04
C ILE V 131 29.54 14.39 -29.99
N GLU V 132 29.50 13.33 -30.78
CA GLU V 132 30.47 12.26 -30.66
C GLU V 132 31.72 12.57 -31.48
N GLU V 133 32.86 12.66 -30.79
CA GLU V 133 34.12 12.84 -31.49
C GLU V 133 34.63 11.54 -32.10
N GLU V 134 34.49 10.44 -31.36
CA GLU V 134 35.18 9.20 -31.73
C GLU V 134 34.59 8.50 -32.96
N GLY V 135 33.60 9.06 -33.64
CA GLY V 135 33.33 8.66 -34.99
C GLY V 135 32.08 7.85 -35.20
N TYR V 136 31.58 7.18 -34.18
CA TYR V 136 30.42 6.31 -34.34
C TYR V 136 29.55 6.39 -33.10
N GLN V 137 28.30 5.97 -33.24
CA GLN V 137 27.38 5.97 -32.12
C GLN V 137 26.17 5.15 -32.50
N ALA V 138 25.44 4.68 -31.50
CA ALA V 138 24.23 3.90 -31.73
C ALA V 138 23.22 4.16 -30.62
N VAL V 139 21.97 3.78 -30.88
CA VAL V 139 20.89 3.90 -29.91
C VAL V 139 19.93 2.74 -30.14
N GLY V 140 19.27 2.32 -29.07
CA GLY V 140 18.31 1.23 -29.12
C GLY V 140 18.73 0.09 -28.22
N SER V 141 17.89 -0.96 -28.23
CA SER V 141 18.13 -2.10 -27.35
C SER V 141 19.37 -2.89 -27.74
N GLY V 142 19.81 -2.79 -28.99
CA GLY V 142 21.04 -3.42 -29.45
C GLY V 142 22.19 -2.48 -29.60
N SER V 143 22.10 -1.27 -29.05
CA SER V 143 23.11 -0.24 -29.29
C SER V 143 24.46 -0.62 -28.73
N LEU V 144 24.50 -1.35 -27.62
CA LEU V 144 25.77 -1.69 -27.01
C LEU V 144 26.53 -2.69 -27.86
N PHE V 145 25.83 -3.67 -28.43
CA PHE V 145 26.48 -4.62 -29.32
C PHE V 145 27.01 -3.92 -30.56
N ALA V 146 26.22 -3.01 -31.14
CA ALA V 146 26.66 -2.33 -32.34
C ALA V 146 27.85 -1.43 -32.07
N LYS V 147 27.83 -0.69 -30.96
CA LYS V 147 28.98 0.13 -30.62
C LYS V 147 30.23 -0.73 -30.41
N SER V 148 30.06 -1.87 -29.73
CA SER V 148 31.24 -2.70 -29.48
C SER V 148 31.77 -3.34 -30.76
N SER V 149 30.89 -3.59 -31.74
CA SER V 149 31.35 -4.07 -33.05
C SER V 149 32.08 -2.97 -33.81
N MET V 150 31.48 -1.78 -33.86
CA MET V 150 32.12 -0.67 -34.55
C MET V 150 33.47 -0.33 -33.91
N LYS V 151 33.61 -0.57 -32.61
CA LYS V 151 34.90 -0.35 -31.96
C LYS V 151 36.00 -1.17 -32.62
N LYS V 152 35.66 -2.34 -33.12
CA LYS V 152 36.64 -3.19 -33.78
C LYS V 152 36.70 -2.99 -35.28
N LEU V 153 35.58 -2.63 -35.92
CA LEU V 153 35.54 -2.51 -37.37
C LEU V 153 35.74 -1.08 -37.89
N TYR V 154 35.87 -0.08 -37.01
CA TYR V 154 35.80 1.29 -37.51
C TYR V 154 37.04 1.71 -38.27
N SER V 155 38.22 1.20 -37.90
CA SER V 155 39.43 1.56 -38.61
C SER V 155 39.38 1.23 -40.10
N GLN V 156 38.51 0.31 -40.52
CA GLN V 156 38.44 -0.08 -41.92
C GLN V 156 37.67 0.90 -42.77
N VAL V 157 37.14 1.97 -42.19
CA VAL V 157 36.28 2.91 -42.91
C VAL V 157 37.16 3.98 -43.56
N THR V 158 37.14 4.03 -44.89
CA THR V 158 37.87 5.04 -45.63
C THR V 158 37.02 5.83 -46.61
N ASP V 159 35.82 5.36 -46.94
CA ASP V 159 34.96 6.07 -47.85
C ASP V 159 33.52 5.82 -47.45
N GLY V 160 32.59 6.29 -48.29
CA GLY V 160 31.19 6.04 -48.00
C GLY V 160 30.81 4.58 -48.09
N ASP V 161 31.47 3.84 -48.98
CA ASP V 161 31.11 2.46 -49.18
C ASP V 161 31.58 1.59 -48.02
N SER V 162 32.82 1.77 -47.59
CA SER V 162 33.31 1.04 -46.42
C SER V 162 32.52 1.42 -45.18
N GLY V 163 32.17 2.70 -45.06
CA GLY V 163 31.35 3.12 -43.92
C GLY V 163 29.99 2.49 -43.92
N LEU V 164 29.33 2.42 -45.08
CA LEU V 164 28.06 1.75 -45.15
C LEU V 164 28.19 0.26 -44.79
N ARG V 165 29.29 -0.37 -45.22
CA ARG V 165 29.48 -1.79 -44.88
C ARG V 165 29.68 -1.98 -43.38
N VAL V 166 30.46 -1.11 -42.74
CA VAL V 166 30.64 -1.24 -41.30
C VAL V 166 29.33 -0.98 -40.58
N ALA V 167 28.53 -0.05 -41.09
CA ALA V 167 27.22 0.19 -40.48
C ALA V 167 26.35 -1.05 -40.54
N VAL V 168 26.22 -1.64 -41.74
CA VAL V 168 25.39 -2.84 -41.88
C VAL V 168 25.94 -3.98 -41.02
N GLU V 169 27.26 -4.10 -40.92
CA GLU V 169 27.80 -5.19 -40.10
C GLU V 169 27.50 -4.95 -38.63
N ALA V 170 27.57 -3.70 -38.19
CA ALA V 170 27.19 -3.38 -36.83
C ALA V 170 25.74 -3.74 -36.55
N LEU V 171 24.83 -3.37 -37.45
CA LEU V 171 23.45 -3.80 -37.26
C LEU V 171 23.33 -5.31 -37.25
N TYR V 172 24.19 -5.99 -38.01
CA TYR V 172 24.14 -7.45 -38.05
C TYR V 172 24.51 -8.03 -36.69
N ASP V 173 25.59 -7.54 -36.07
CA ASP V 173 25.96 -8.02 -34.74
C ASP V 173 24.88 -7.69 -33.71
N ALA V 174 24.31 -6.50 -33.78
CA ALA V 174 23.22 -6.14 -32.88
C ALA V 174 22.08 -7.13 -33.00
N ALA V 175 21.58 -7.35 -34.22
CA ALA V 175 20.50 -8.29 -34.40
C ALA V 175 20.92 -9.70 -34.00
N ASP V 176 22.20 -10.00 -34.06
CA ASP V 176 22.67 -11.33 -33.68
C ASP V 176 22.52 -11.54 -32.18
N ASP V 177 22.74 -10.50 -31.39
CA ASP V 177 22.68 -10.67 -29.94
C ASP V 177 21.44 -10.06 -29.30
N ASP V 178 20.59 -9.39 -30.07
CA ASP V 178 19.43 -8.70 -29.53
C ASP V 178 18.18 -9.13 -30.27
N SER V 179 17.20 -9.68 -29.54
CA SER V 179 16.00 -10.20 -30.17
C SER V 179 15.06 -9.09 -30.63
N ALA V 180 15.21 -7.87 -30.13
CA ALA V 180 14.37 -6.78 -30.55
C ALA V 180 14.86 -6.08 -31.81
N THR V 181 16.06 -6.41 -32.30
CA THR V 181 16.61 -5.85 -33.52
C THR V 181 16.58 -6.89 -34.62
N GLY V 182 16.08 -6.49 -35.80
CA GLY V 182 15.93 -7.42 -36.90
C GLY V 182 17.13 -7.41 -37.83
N GLY V 183 17.61 -8.60 -38.17
CA GLY V 183 18.68 -8.73 -39.13
C GLY V 183 18.16 -8.78 -40.55
N PRO V 184 19.05 -8.99 -41.51
CA PRO V 184 18.61 -9.02 -42.92
C PRO V 184 17.77 -10.25 -43.17
N ASP V 185 16.61 -10.05 -43.79
CA ASP V 185 15.69 -11.14 -44.10
C ASP V 185 15.89 -11.47 -45.58
N LEU V 186 16.69 -12.50 -45.86
CA LEU V 186 16.98 -12.85 -47.23
C LEU V 186 15.83 -13.57 -47.94
N VAL V 187 14.93 -14.23 -47.22
CA VAL V 187 13.81 -14.88 -47.90
C VAL V 187 12.82 -13.83 -48.39
N ARG V 188 12.51 -12.84 -47.56
CA ARG V 188 11.59 -11.79 -47.94
C ARG V 188 12.28 -10.64 -48.67
N GLY V 189 13.61 -10.58 -48.66
CA GLY V 189 14.29 -9.48 -49.30
C GLY V 189 14.05 -8.16 -48.60
N ILE V 190 14.12 -8.16 -47.28
CA ILE V 190 13.92 -6.97 -46.47
C ILE V 190 15.23 -6.67 -45.76
N PHE V 191 15.72 -5.46 -45.92
CA PHE V 191 17.03 -5.12 -45.39
C PHE V 191 16.97 -3.82 -44.60
N PRO V 192 17.99 -3.55 -43.77
CA PRO V 192 18.01 -2.29 -43.03
C PRO V 192 17.91 -1.10 -43.96
N THR V 193 17.42 0.01 -43.43
CA THR V 193 17.39 1.24 -44.21
C THR V 193 18.60 2.10 -43.85
N ALA V 194 19.10 2.83 -44.84
CA ALA V 194 20.26 3.66 -44.60
C ALA V 194 20.08 4.99 -45.33
N VAL V 195 20.69 6.02 -44.76
CA VAL V 195 20.74 7.36 -45.31
C VAL V 195 22.18 7.82 -45.26
N ILE V 196 22.66 8.42 -46.35
CA ILE V 196 24.02 8.93 -46.42
C ILE V 196 23.96 10.43 -46.69
N ILE V 197 24.85 11.19 -46.06
CA ILE V 197 24.82 12.64 -46.12
C ILE V 197 26.22 13.14 -46.40
N ASP V 198 26.38 13.91 -47.47
CA ASP V 198 27.65 14.54 -47.78
C ASP V 198 27.38 15.96 -48.25
N ALA V 199 28.36 16.57 -48.92
CA ALA V 199 28.20 17.95 -49.34
C ALA V 199 27.03 18.14 -50.31
N ASP V 200 26.66 17.10 -51.04
CA ASP V 200 25.54 17.17 -51.96
C ASP V 200 24.19 16.90 -51.29
N GLY V 201 24.18 16.62 -49.99
CA GLY V 201 22.93 16.44 -49.28
C GLY V 201 22.75 15.05 -48.73
N ALA V 202 21.50 14.76 -48.35
CA ALA V 202 21.10 13.50 -47.74
C ALA V 202 20.30 12.70 -48.75
N VAL V 203 20.68 11.44 -48.93
CA VAL V 203 20.03 10.55 -49.88
C VAL V 203 19.73 9.23 -49.19
N ASP V 204 18.60 8.63 -49.55
CA ASP V 204 18.30 7.26 -49.14
C ASP V 204 19.26 6.34 -49.86
N VAL V 205 19.91 5.45 -49.13
CA VAL V 205 20.77 4.46 -49.80
C VAL V 205 19.90 3.42 -50.50
N PRO V 206 20.16 3.11 -51.76
CA PRO V 206 19.29 2.16 -52.48
C PRO V 206 19.33 0.78 -51.86
N GLU V 207 18.17 0.12 -51.87
CA GLU V 207 18.04 -1.16 -51.17
C GLU V 207 19.01 -2.20 -51.72
N SER V 208 19.21 -2.20 -53.04
CA SER V 208 20.04 -3.23 -53.65
C SER V 208 21.46 -3.21 -53.10
N ARG V 209 21.97 -2.02 -52.76
CA ARG V 209 23.33 -1.95 -52.26
C ARG V 209 23.43 -2.58 -50.87
N ILE V 210 22.52 -2.20 -49.98
CA ILE V 210 22.48 -2.82 -48.66
C ILE V 210 22.36 -4.33 -48.80
N ALA V 211 21.55 -4.78 -49.74
CA ALA V 211 21.42 -6.22 -49.99
C ALA V 211 22.76 -6.84 -50.34
N GLU V 212 23.47 -6.24 -51.30
CA GLU V 212 24.78 -6.75 -51.68
C GLU V 212 25.70 -6.86 -50.48
N LEU V 213 25.73 -5.82 -49.64
CA LEU V 213 26.64 -5.80 -48.50
C LEU V 213 26.23 -6.84 -47.45
N ALA V 214 24.93 -7.00 -47.22
CA ALA V 214 24.46 -8.01 -46.28
C ALA V 214 24.90 -9.40 -46.72
N ARG V 215 24.63 -9.75 -47.98
CA ARG V 215 25.12 -11.03 -48.51
C ARG V 215 26.62 -11.17 -48.28
N ALA V 216 27.38 -10.14 -48.61
CA ALA V 216 28.84 -10.22 -48.44
C ALA V 216 29.20 -10.54 -46.99
N ILE V 217 28.54 -9.91 -46.03
CA ILE V 217 28.88 -10.13 -44.63
C ILE V 217 28.52 -11.56 -44.21
N ILE V 218 27.33 -12.01 -44.59
CA ILE V 218 26.91 -13.37 -44.26
C ILE V 218 27.92 -14.38 -44.79
N GLU V 219 28.17 -14.36 -46.11
CA GLU V 219 29.13 -15.29 -46.69
C GLU V 219 30.47 -15.17 -45.99
N SER V 220 30.89 -13.96 -45.65
CA SER V 220 32.13 -13.79 -44.90
C SER V 220 32.11 -14.53 -43.59
N ARG V 221 30.93 -14.68 -42.97
CA ARG V 221 30.85 -15.38 -41.71
C ARG V 221 30.59 -16.86 -41.85
N SER V 222 30.26 -17.34 -43.06
CA SER V 222 30.01 -18.76 -43.28
C SER V 222 31.25 -19.54 -43.65
N GLY V 223 32.40 -18.88 -43.76
CA GLY V 223 33.63 -19.53 -44.18
C GLY V 223 33.89 -19.38 -45.66
N THR W 1 -13.34 -10.78 -30.81
CA THR W 1 -13.43 -10.03 -32.05
C THR W 1 -12.26 -10.36 -32.96
N THR W 2 -12.51 -10.45 -34.25
CA THR W 2 -11.43 -10.58 -35.22
C THR W 2 -11.82 -9.84 -36.49
N ILE W 3 -10.94 -8.96 -36.94
CA ILE W 3 -11.09 -8.23 -38.19
C ILE W 3 -9.89 -8.55 -39.05
N VAL W 4 -10.12 -8.92 -40.30
CA VAL W 4 -9.05 -9.24 -41.22
C VAL W 4 -9.11 -8.29 -42.42
N ALA W 5 -7.96 -8.06 -43.02
CA ALA W 5 -7.86 -7.30 -44.25
C ALA W 5 -6.72 -7.85 -45.08
N LEU W 6 -6.92 -7.95 -46.39
CA LEU W 6 -5.84 -8.42 -47.25
C LEU W 6 -5.91 -7.72 -48.60
N LYS W 7 -4.74 -7.58 -49.22
CA LYS W 7 -4.58 -7.01 -50.55
C LYS W 7 -4.65 -8.08 -51.62
N TYR W 8 -5.38 -7.80 -52.68
CA TYR W 8 -5.35 -8.60 -53.89
C TYR W 8 -5.04 -7.69 -55.07
N PRO W 9 -4.61 -8.26 -56.21
CA PRO W 9 -4.27 -7.41 -57.35
C PRO W 9 -5.41 -6.49 -57.74
N GLY W 10 -5.21 -5.19 -57.49
CA GLY W 10 -6.18 -4.18 -57.85
C GLY W 10 -7.22 -3.86 -56.80
N GLY W 11 -7.09 -4.38 -55.59
CA GLY W 11 -8.09 -4.07 -54.59
C GLY W 11 -7.70 -4.57 -53.21
N VAL W 12 -8.64 -4.39 -52.29
CA VAL W 12 -8.46 -4.80 -50.90
C VAL W 12 -9.78 -5.32 -50.35
N VAL W 13 -9.69 -6.23 -49.39
CA VAL W 13 -10.87 -6.83 -48.75
C VAL W 13 -10.72 -6.74 -47.24
N MET W 14 -11.84 -6.48 -46.56
CA MET W 14 -11.87 -6.47 -45.10
C MET W 14 -13.12 -7.19 -44.63
N ALA W 15 -12.98 -8.03 -43.60
CA ALA W 15 -14.12 -8.79 -43.10
C ALA W 15 -14.03 -8.91 -41.59
N GLY W 16 -15.19 -9.04 -40.96
CA GLY W 16 -15.25 -9.11 -39.51
C GLY W 16 -16.38 -9.99 -39.05
N ASP W 17 -16.22 -10.57 -37.86
CA ASP W 17 -17.22 -11.44 -37.27
C ASP W 17 -18.36 -10.62 -36.67
N ARG W 18 -19.34 -11.31 -36.09
CA ARG W 18 -20.60 -10.71 -35.70
C ARG W 18 -20.91 -10.83 -34.21
N ARG W 19 -19.96 -11.28 -33.39
CA ARG W 19 -20.26 -11.62 -32.00
C ARG W 19 -19.96 -10.46 -31.06
N SER W 20 -20.82 -10.30 -30.05
CA SER W 20 -20.64 -9.33 -28.99
C SER W 20 -20.72 -10.05 -27.64
N THR W 21 -19.75 -9.79 -26.76
CA THR W 21 -19.65 -10.51 -25.50
C THR W 21 -19.55 -9.55 -24.32
N GLN W 22 -20.05 -10.01 -23.18
CA GLN W 22 -19.81 -9.42 -21.87
C GLN W 22 -19.12 -10.52 -21.06
N GLY W 23 -17.79 -10.51 -21.05
CA GLY W 23 -17.10 -11.60 -20.40
C GLY W 23 -17.29 -12.92 -21.12
N ASN W 24 -17.90 -13.88 -20.43
CA ASN W 24 -18.21 -15.17 -21.03
C ASN W 24 -19.55 -15.16 -21.74
N MET W 25 -20.41 -14.19 -21.45
CA MET W 25 -21.76 -14.19 -21.96
C MET W 25 -21.81 -13.63 -23.38
N ILE W 26 -22.62 -14.25 -24.22
CA ILE W 26 -22.83 -13.78 -25.57
C ILE W 26 -23.98 -12.79 -25.56
N SER W 27 -23.67 -11.51 -25.78
CA SER W 27 -24.64 -10.43 -25.77
C SER W 27 -25.06 -9.98 -27.17
N GLY W 28 -24.45 -10.54 -28.21
CA GLY W 28 -24.85 -10.18 -29.55
C GLY W 28 -24.41 -11.18 -30.58
N ARG W 29 -25.26 -11.42 -31.57
CA ARG W 29 -24.95 -12.35 -32.64
C ARG W 29 -24.91 -11.71 -34.01
N ASP W 30 -25.44 -10.51 -34.18
CA ASP W 30 -25.57 -9.89 -35.50
C ASP W 30 -24.80 -8.58 -35.62
N VAL W 31 -23.97 -8.23 -34.65
CA VAL W 31 -23.35 -6.90 -34.67
C VAL W 31 -22.53 -6.72 -35.93
N ARG W 32 -22.23 -5.46 -36.22
CA ARG W 32 -21.48 -5.06 -37.41
C ARG W 32 -20.24 -4.33 -36.93
N LYS W 33 -19.06 -4.81 -37.33
CA LYS W 33 -17.81 -4.23 -36.87
C LYS W 33 -16.95 -3.63 -37.98
N VAL W 34 -17.33 -3.80 -39.25
CA VAL W 34 -16.58 -3.24 -40.38
C VAL W 34 -17.48 -2.25 -41.07
N TYR W 35 -17.02 -1.01 -41.19
CA TYR W 35 -17.82 0.07 -41.74
C TYR W 35 -17.13 0.72 -42.92
N ILE W 36 -17.92 1.08 -43.93
CA ILE W 36 -17.45 1.88 -45.04
C ILE W 36 -17.39 3.32 -44.54
N THR W 37 -16.18 3.86 -44.39
CA THR W 37 -16.07 5.21 -43.84
C THR W 37 -16.01 6.28 -44.92
N ASP W 38 -15.62 5.93 -46.15
CA ASP W 38 -15.76 6.86 -47.27
C ASP W 38 -15.65 6.07 -48.56
N ASP W 39 -15.84 6.78 -49.69
CA ASP W 39 -15.96 6.12 -50.99
C ASP W 39 -14.85 5.12 -51.26
N TYR W 40 -13.68 5.29 -50.63
CA TYR W 40 -12.55 4.42 -50.89
C TYR W 40 -11.91 3.92 -49.60
N THR W 41 -12.63 3.95 -48.48
CA THR W 41 -12.04 3.53 -47.23
C THR W 41 -13.06 2.83 -46.37
N ALA W 42 -12.61 1.76 -45.72
CA ALA W 42 -13.36 1.04 -44.72
C ALA W 42 -12.50 0.89 -43.47
N THR W 43 -13.16 0.90 -42.31
CA THR W 43 -12.51 0.74 -41.02
C THR W 43 -13.19 -0.36 -40.24
N GLY W 44 -12.42 -1.26 -39.67
CA GLY W 44 -12.94 -2.26 -38.76
C GLY W 44 -12.27 -2.07 -37.41
N ILE W 45 -13.04 -2.18 -36.34
CA ILE W 45 -12.50 -1.86 -35.03
C ILE W 45 -12.77 -3.01 -34.07
N ALA W 46 -11.84 -3.23 -33.14
CA ALA W 46 -11.96 -4.26 -32.12
C ALA W 46 -11.83 -3.63 -30.74
N GLY W 47 -12.61 -4.15 -29.79
CA GLY W 47 -12.57 -3.64 -28.43
C GLY W 47 -13.94 -3.29 -27.89
N THR W 48 -13.99 -2.33 -26.98
CA THR W 48 -15.27 -1.91 -26.40
C THR W 48 -16.17 -1.36 -27.49
N ALA W 49 -17.39 -1.89 -27.55
CA ALA W 49 -18.31 -1.60 -28.65
C ALA W 49 -18.62 -0.12 -28.77
N ALA W 50 -19.00 0.51 -27.66
CA ALA W 50 -19.34 1.92 -27.69
C ALA W 50 -18.21 2.74 -28.31
N VAL W 51 -16.99 2.51 -27.83
CA VAL W 51 -15.84 3.24 -28.32
C VAL W 51 -15.56 2.92 -29.79
N ALA W 52 -15.71 1.66 -30.18
CA ALA W 52 -15.41 1.27 -31.56
C ALA W 52 -16.36 1.93 -32.54
N VAL W 53 -17.66 1.87 -32.24
CA VAL W 53 -18.65 2.51 -33.09
C VAL W 53 -18.45 4.02 -33.11
N GLU W 54 -18.16 4.62 -31.96
CA GLU W 54 -17.88 6.06 -31.96
C GLU W 54 -16.70 6.40 -32.84
N PHE W 55 -15.63 5.60 -32.77
CA PHE W 55 -14.50 5.78 -33.68
C PHE W 55 -14.95 5.77 -35.13
N ALA W 56 -15.65 4.70 -35.53
CA ALA W 56 -16.05 4.58 -36.93
C ALA W 56 -16.88 5.77 -37.37
N ARG W 57 -17.89 6.12 -36.59
CA ARG W 57 -18.80 7.20 -36.93
C ARG W 57 -18.09 8.54 -37.01
N LEU W 58 -17.41 8.92 -35.94
CA LEU W 58 -16.72 10.20 -35.91
C LEU W 58 -15.67 10.29 -37.01
N TYR W 59 -15.01 9.17 -37.31
CA TYR W 59 -13.97 9.17 -38.33
C TYR W 59 -14.57 9.45 -39.70
N ALA W 60 -15.64 8.73 -40.05
CA ALA W 60 -16.33 9.01 -41.31
C ALA W 60 -16.77 10.47 -41.39
N VAL W 61 -17.34 10.98 -40.29
CA VAL W 61 -17.78 12.37 -40.26
C VAL W 61 -16.59 13.31 -40.49
N GLU W 62 -15.45 13.01 -39.91
CA GLU W 62 -14.30 13.89 -40.08
C GLU W 62 -13.83 13.89 -41.54
N LEU W 63 -13.79 12.72 -42.16
CA LEU W 63 -13.36 12.63 -43.55
C LEU W 63 -14.29 13.41 -44.47
N GLU W 64 -15.60 13.14 -44.39
CA GLU W 64 -16.53 13.85 -45.25
C GLU W 64 -16.55 15.34 -44.94
N HIS W 65 -16.36 15.70 -43.68
CA HIS W 65 -16.25 17.11 -43.30
C HIS W 65 -15.12 17.78 -44.06
N TYR W 66 -13.91 17.21 -44.02
CA TYR W 66 -12.83 17.79 -44.80
C TYR W 66 -13.18 17.86 -46.28
N GLU W 67 -13.79 16.80 -46.82
CA GLU W 67 -14.08 16.80 -48.25
C GLU W 67 -15.00 17.96 -48.63
N LYS W 68 -16.05 18.18 -47.84
CA LYS W 68 -16.98 19.26 -48.16
C LYS W 68 -16.36 20.62 -47.92
N LEU W 69 -15.50 20.74 -46.90
CA LEU W 69 -14.91 22.04 -46.61
C LEU W 69 -13.96 22.46 -47.73
N GLU W 70 -13.11 21.56 -48.19
CA GLU W 70 -12.06 21.91 -49.13
C GLU W 70 -12.31 21.44 -50.56
N GLY W 71 -13.41 20.76 -50.83
CA GLY W 71 -13.75 20.38 -52.18
C GLY W 71 -13.03 19.19 -52.74
N VAL W 72 -12.12 18.57 -51.99
CA VAL W 72 -11.39 17.40 -52.46
C VAL W 72 -11.16 16.50 -51.25
N PRO W 73 -11.20 15.18 -51.39
CA PRO W 73 -10.95 14.31 -50.24
C PRO W 73 -9.50 14.35 -49.79
N LEU W 74 -9.28 13.91 -48.56
CA LEU W 74 -7.94 13.84 -48.03
C LEU W 74 -7.12 12.80 -48.78
N THR W 75 -5.82 13.06 -48.91
CA THR W 75 -4.91 12.02 -49.36
C THR W 75 -4.90 10.88 -48.35
N PHE W 76 -4.52 9.69 -48.81
CA PHE W 76 -4.57 8.53 -47.93
C PHE W 76 -3.69 8.72 -46.70
N ALA W 77 -2.49 9.27 -46.89
CA ALA W 77 -1.64 9.59 -45.74
C ALA W 77 -2.37 10.47 -44.75
N GLY W 78 -3.15 11.43 -45.24
CA GLY W 78 -3.93 12.27 -44.34
C GLY W 78 -4.94 11.47 -43.55
N LYS W 79 -5.67 10.57 -44.22
CA LYS W 79 -6.63 9.72 -43.53
C LYS W 79 -5.93 8.91 -42.43
N ILE W 80 -4.76 8.35 -42.74
CA ILE W 80 -3.99 7.65 -41.72
C ILE W 80 -3.73 8.57 -40.54
N ASN W 81 -3.25 9.78 -40.82
CA ASN W 81 -2.86 10.66 -39.73
C ASN W 81 -4.05 11.00 -38.86
N ARG W 82 -5.21 11.21 -39.45
CA ARG W 82 -6.36 11.57 -38.63
C ARG W 82 -6.78 10.40 -37.75
N LEU W 83 -6.84 9.18 -38.32
CA LEU W 83 -7.21 8.02 -37.50
C LEU W 83 -6.22 7.82 -36.37
N ALA W 84 -4.93 7.93 -36.67
CA ALA W 84 -3.91 7.78 -35.63
C ALA W 84 -4.10 8.82 -34.54
N ILE W 85 -4.34 10.07 -34.91
CA ILE W 85 -4.54 11.11 -33.90
C ILE W 85 -5.75 10.79 -33.03
N MET W 86 -6.80 10.21 -33.64
CA MET W 86 -7.99 9.85 -32.86
C MET W 86 -7.66 8.79 -31.82
N VAL W 87 -7.00 7.71 -32.23
CA VAL W 87 -6.61 6.66 -31.29
C VAL W 87 -5.73 7.23 -30.18
N ARG W 88 -4.67 7.94 -30.57
CA ARG W 88 -3.78 8.57 -29.61
C ARG W 88 -4.58 9.41 -28.62
N GLY W 89 -5.64 10.05 -29.10
CA GLY W 89 -6.50 10.80 -28.20
C GLY W 89 -7.22 9.91 -27.21
N ASN W 90 -7.61 8.72 -27.64
CA ASN W 90 -8.31 7.84 -26.71
C ASN W 90 -7.40 7.07 -25.77
N LEU W 91 -6.08 7.28 -25.84
CA LEU W 91 -5.17 6.42 -25.07
C LEU W 91 -5.50 6.38 -23.58
N ALA W 92 -5.77 7.53 -22.97
CA ALA W 92 -6.02 7.57 -21.53
C ALA W 92 -7.21 6.69 -21.14
N ALA W 93 -8.35 6.89 -21.80
CA ALA W 93 -9.51 6.05 -21.54
C ALA W 93 -9.18 4.58 -21.80
N ALA W 94 -8.37 4.31 -22.83
CA ALA W 94 -8.01 2.93 -23.09
C ALA W 94 -7.32 2.31 -21.89
N MET W 95 -6.38 3.03 -21.29
CA MET W 95 -5.67 2.53 -20.12
C MET W 95 -6.62 2.19 -18.98
N GLN W 96 -7.82 2.77 -18.96
CA GLN W 96 -8.82 2.49 -17.95
C GLN W 96 -9.85 1.48 -18.43
N GLY W 97 -9.61 0.80 -19.56
CA GLY W 97 -10.45 -0.30 -19.99
C GLY W 97 -11.29 -0.05 -21.23
N LEU W 98 -11.42 1.19 -21.69
CA LEU W 98 -12.24 1.51 -22.86
C LEU W 98 -11.38 1.54 -24.13
N LEU W 99 -10.77 0.41 -24.42
CA LEU W 99 -9.80 0.29 -25.50
C LEU W 99 -10.49 0.02 -26.83
N ALA W 100 -9.97 0.61 -27.89
CA ALA W 100 -10.45 0.33 -29.23
C ALA W 100 -9.30 0.46 -30.22
N LEU W 101 -9.06 -0.58 -31.00
CA LEU W 101 -8.03 -0.56 -32.02
C LEU W 101 -8.66 -0.69 -33.40
N PRO W 102 -8.33 0.19 -34.32
CA PRO W 102 -8.86 0.04 -35.68
C PRO W 102 -7.87 -0.63 -36.61
N LEU W 103 -8.40 -1.09 -37.73
CA LEU W 103 -7.65 -1.62 -38.86
C LEU W 103 -8.27 -0.98 -40.08
N LEU W 104 -7.42 -0.38 -40.91
CA LEU W 104 -7.84 0.49 -42.00
C LEU W 104 -7.55 -0.19 -43.31
N ALA W 105 -8.54 -0.21 -44.20
CA ALA W 105 -8.35 -0.73 -45.55
C ALA W 105 -8.85 0.32 -46.52
N GLY W 106 -8.06 0.60 -47.56
CA GLY W 106 -8.45 1.60 -48.52
C GLY W 106 -7.87 1.32 -49.88
N TYR W 107 -8.33 2.10 -50.85
CA TYR W 107 -7.80 2.08 -52.22
C TYR W 107 -7.35 3.50 -52.54
N ASP W 108 -6.05 3.66 -52.77
CA ASP W 108 -5.45 4.99 -52.98
C ASP W 108 -5.58 5.34 -54.45
N ILE W 109 -6.56 6.18 -54.77
CA ILE W 109 -6.80 6.55 -56.16
C ILE W 109 -5.68 7.39 -56.75
N HIS W 110 -4.80 7.95 -55.93
CA HIS W 110 -3.67 8.72 -56.42
C HIS W 110 -2.40 7.91 -56.53
N ALA W 111 -2.49 6.59 -56.39
CA ALA W 111 -1.29 5.76 -56.42
C ALA W 111 -0.73 5.64 -57.83
N SER W 112 0.57 5.35 -57.89
CA SER W 112 1.26 5.22 -59.17
C SER W 112 0.70 4.04 -59.96
N ASP W 113 0.82 2.83 -59.41
CA ASP W 113 0.36 1.63 -60.09
C ASP W 113 -1.02 1.29 -59.59
N PRO W 114 -2.04 1.26 -60.47
CA PRO W 114 -3.40 0.96 -59.99
C PRO W 114 -3.59 -0.47 -59.55
N GLN W 115 -2.68 -1.38 -59.90
CA GLN W 115 -2.81 -2.77 -59.48
C GLN W 115 -2.25 -3.00 -58.08
N SER W 116 -1.44 -2.08 -57.58
CA SER W 116 -0.90 -2.15 -56.23
C SER W 116 -1.37 -0.96 -55.39
N ALA W 117 -2.53 -0.42 -55.72
CA ALA W 117 -3.11 0.70 -55.01
C ALA W 117 -3.83 0.28 -53.73
N GLY W 118 -3.94 -1.01 -53.45
CA GLY W 118 -4.56 -1.43 -52.21
C GLY W 118 -3.68 -1.03 -51.04
N ARG W 119 -4.34 -0.66 -49.94
CA ARG W 119 -3.62 -0.20 -48.76
C ARG W 119 -4.26 -0.79 -47.52
N ILE W 120 -3.41 -1.29 -46.62
CA ILE W 120 -3.83 -1.84 -45.34
C ILE W 120 -2.96 -1.24 -44.26
N VAL W 121 -3.58 -0.60 -43.27
CA VAL W 121 -2.88 0.11 -42.22
C VAL W 121 -3.35 -0.43 -40.89
N SER W 122 -2.40 -0.74 -40.01
CA SER W 122 -2.71 -1.20 -38.67
C SER W 122 -2.24 -0.17 -37.64
N PHE W 123 -2.88 -0.20 -36.47
CA PHE W 123 -2.68 0.80 -35.45
C PHE W 123 -2.49 0.15 -34.08
N ASP W 124 -1.82 0.86 -33.19
CA ASP W 124 -1.68 0.44 -31.80
C ASP W 124 -2.37 1.43 -30.87
N ALA W 125 -2.47 1.04 -29.60
CA ALA W 125 -3.26 1.80 -28.65
C ALA W 125 -2.74 3.20 -28.44
N ALA W 126 -1.47 3.44 -28.75
CA ALA W 126 -0.83 4.73 -28.56
C ALA W 126 -0.83 5.56 -29.82
N GLY W 127 -1.48 5.10 -30.88
CA GLY W 127 -1.56 5.85 -32.11
C GLY W 127 -0.48 5.54 -33.11
N GLY W 128 0.50 4.72 -32.75
CA GLY W 128 1.47 4.29 -33.74
C GLY W 128 0.79 3.54 -34.85
N TRP W 129 1.39 3.58 -36.03
CA TRP W 129 0.75 2.93 -37.17
C TRP W 129 1.81 2.32 -38.06
N ASN W 130 1.40 1.32 -38.82
CA ASN W 130 2.27 0.71 -39.82
C ASN W 130 1.44 0.41 -41.05
N ILE W 131 1.95 0.82 -42.21
CA ILE W 131 1.38 0.41 -43.50
C ILE W 131 1.96 -0.95 -43.82
N GLU W 132 1.09 -1.94 -44.01
CA GLU W 132 1.51 -3.34 -44.09
C GLU W 132 1.91 -3.68 -45.51
N GLU W 133 3.19 -4.00 -45.70
CA GLU W 133 3.75 -4.32 -47.00
C GLU W 133 3.79 -5.82 -47.28
N GLU W 134 3.00 -6.61 -46.56
CA GLU W 134 3.03 -8.06 -46.69
C GLU W 134 1.69 -8.65 -47.09
N GLY W 135 0.69 -7.83 -47.37
CA GLY W 135 -0.52 -8.28 -48.02
C GLY W 135 -1.71 -8.54 -47.13
N TYR W 136 -1.51 -8.82 -45.85
CA TYR W 136 -2.63 -9.10 -44.96
C TYR W 136 -2.32 -8.59 -43.56
N GLN W 137 -3.37 -8.45 -42.76
CA GLN W 137 -3.25 -8.03 -41.37
C GLN W 137 -4.58 -8.29 -40.69
N ALA W 138 -4.55 -8.42 -39.36
CA ALA W 138 -5.76 -8.64 -38.59
C ALA W 138 -5.62 -7.97 -37.23
N VAL W 139 -6.76 -7.79 -36.55
CA VAL W 139 -6.78 -7.20 -35.22
C VAL W 139 -7.90 -7.86 -34.43
N GLY W 140 -7.71 -7.95 -33.12
CA GLY W 140 -8.69 -8.53 -32.24
C GLY W 140 -8.15 -9.74 -31.53
N SER W 141 -9.01 -10.31 -30.68
CA SER W 141 -8.59 -11.44 -29.85
C SER W 141 -8.28 -12.68 -30.66
N GLY W 142 -8.81 -12.80 -31.87
CA GLY W 142 -8.47 -13.90 -32.74
C GLY W 142 -7.50 -13.53 -33.83
N SER W 143 -6.87 -12.36 -33.75
CA SER W 143 -6.04 -11.87 -34.84
C SER W 143 -4.81 -12.74 -35.06
N LEU W 144 -4.29 -13.36 -34.00
CA LEU W 144 -3.09 -14.16 -34.15
C LEU W 144 -3.38 -15.44 -34.92
N PHE W 145 -4.51 -16.08 -34.61
CA PHE W 145 -4.92 -17.27 -35.34
C PHE W 145 -5.22 -16.93 -36.79
N ALA W 146 -5.91 -15.81 -37.02
CA ALA W 146 -6.26 -15.43 -38.38
C ALA W 146 -5.02 -15.10 -39.20
N LYS W 147 -4.09 -14.36 -38.61
CA LYS W 147 -2.85 -14.05 -39.31
C LYS W 147 -2.08 -15.33 -39.62
N SER W 148 -2.01 -16.26 -38.67
CA SER W 148 -1.26 -17.48 -38.93
C SER W 148 -1.94 -18.37 -39.96
N SER W 149 -3.27 -18.29 -40.06
CA SER W 149 -3.98 -18.99 -41.12
C SER W 149 -3.70 -18.36 -42.48
N MET W 150 -3.84 -17.04 -42.57
CA MET W 150 -3.56 -16.35 -43.81
C MET W 150 -2.12 -16.50 -44.25
N LYS W 151 -1.19 -16.67 -43.32
CA LYS W 151 0.20 -16.91 -43.71
C LYS W 151 0.31 -18.14 -44.58
N LYS W 152 -0.54 -19.13 -44.38
CA LYS W 152 -0.53 -20.33 -45.17
C LYS W 152 -1.44 -20.24 -46.39
N LEU W 153 -2.53 -19.50 -46.31
CA LEU W 153 -3.47 -19.44 -47.43
C LEU W 153 -3.22 -18.29 -48.39
N TYR W 154 -2.26 -17.42 -48.13
CA TYR W 154 -2.19 -16.18 -48.90
C TYR W 154 -1.72 -16.41 -50.32
N SER W 155 -0.88 -17.43 -50.54
CA SER W 155 -0.42 -17.73 -51.88
C SER W 155 -1.56 -17.99 -52.87
N GLN W 156 -2.76 -18.35 -52.39
CA GLN W 156 -3.88 -18.63 -53.27
C GLN W 156 -4.63 -17.38 -53.73
N VAL W 157 -4.25 -16.20 -53.26
CA VAL W 157 -5.01 -14.98 -53.56
C VAL W 157 -4.51 -14.40 -54.86
N THR W 158 -5.39 -14.37 -55.86
CA THR W 158 -5.07 -13.79 -57.16
C THR W 158 -6.07 -12.77 -57.66
N ASP W 159 -7.28 -12.71 -57.12
CA ASP W 159 -8.28 -11.74 -57.55
C ASP W 159 -9.17 -11.41 -56.35
N GLY W 160 -10.27 -10.71 -56.62
CA GLY W 160 -11.16 -10.35 -55.53
C GLY W 160 -11.83 -11.54 -54.88
N ASP W 161 -12.16 -12.56 -55.66
CA ASP W 161 -12.90 -13.69 -55.11
C ASP W 161 -12.02 -14.58 -54.24
N SER W 162 -10.81 -14.91 -54.70
CA SER W 162 -9.92 -15.69 -53.87
C SER W 162 -9.56 -14.94 -52.59
N GLY W 163 -9.36 -13.62 -52.71
CA GLY W 163 -9.08 -12.84 -51.52
C GLY W 163 -10.22 -12.87 -50.53
N LEU W 164 -11.46 -12.71 -51.01
CA LEU W 164 -12.60 -12.81 -50.11
C LEU W 164 -12.66 -14.17 -49.45
N ARG W 165 -12.43 -15.25 -50.22
CA ARG W 165 -12.50 -16.58 -49.63
C ARG W 165 -11.45 -16.77 -48.55
N VAL W 166 -10.22 -16.31 -48.80
CA VAL W 166 -9.18 -16.44 -47.80
C VAL W 166 -9.53 -15.64 -46.55
N ALA W 167 -10.14 -14.46 -46.74
CA ALA W 167 -10.55 -13.67 -45.58
C ALA W 167 -11.57 -14.42 -44.73
N VAL W 168 -12.64 -14.93 -45.36
CA VAL W 168 -13.66 -15.64 -44.61
C VAL W 168 -13.09 -16.88 -43.95
N GLU W 169 -12.16 -17.58 -44.62
CA GLU W 169 -11.59 -18.77 -44.01
C GLU W 169 -10.73 -18.41 -42.80
N ALA W 170 -9.98 -17.33 -42.89
CA ALA W 170 -9.22 -16.85 -41.73
C ALA W 170 -10.16 -16.56 -40.57
N LEU W 171 -11.25 -15.85 -40.84
CA LEU W 171 -12.22 -15.62 -39.77
C LEU W 171 -12.77 -16.93 -39.21
N TYR W 172 -12.87 -17.95 -40.06
CA TYR W 172 -13.33 -19.25 -39.59
C TYR W 172 -12.34 -19.84 -38.60
N ASP W 173 -11.05 -19.80 -38.92
CA ASP W 173 -10.04 -20.33 -38.01
C ASP W 173 -9.98 -19.52 -36.71
N ALA W 174 -10.07 -18.19 -36.82
CA ALA W 174 -10.11 -17.36 -35.62
C ALA W 174 -11.25 -17.77 -34.72
N ALA W 175 -12.47 -17.85 -35.27
CA ALA W 175 -13.60 -18.27 -34.47
C ALA W 175 -13.43 -19.69 -33.95
N ASP W 176 -12.65 -20.51 -34.67
CA ASP W 176 -12.44 -21.89 -34.26
C ASP W 176 -11.59 -21.96 -33.00
N ASP W 177 -10.63 -21.05 -32.84
CA ASP W 177 -9.76 -21.08 -31.68
C ASP W 177 -10.05 -19.97 -30.66
N ASP W 178 -10.97 -19.05 -30.93
CA ASP W 178 -11.24 -17.93 -30.05
C ASP W 178 -12.73 -17.88 -29.77
N SER W 179 -13.10 -18.02 -28.51
CA SER W 179 -14.52 -18.06 -28.18
C SER W 179 -15.17 -16.70 -28.28
N ALA W 180 -14.37 -15.64 -28.24
CA ALA W 180 -14.87 -14.28 -28.35
C ALA W 180 -15.08 -13.86 -29.79
N THR W 181 -14.68 -14.68 -30.75
CA THR W 181 -14.90 -14.44 -32.16
C THR W 181 -16.01 -15.36 -32.63
N GLY W 182 -16.99 -14.81 -33.33
CA GLY W 182 -18.15 -15.56 -33.74
C GLY W 182 -17.95 -16.20 -35.09
N GLY W 183 -18.27 -17.48 -35.17
CA GLY W 183 -18.19 -18.20 -36.42
C GLY W 183 -19.48 -18.09 -37.20
N PRO W 184 -19.54 -18.78 -38.33
CA PRO W 184 -20.77 -18.74 -39.14
C PRO W 184 -21.90 -19.48 -38.43
N ASP W 185 -23.05 -18.82 -38.32
CA ASP W 185 -24.22 -19.40 -37.69
C ASP W 185 -25.16 -19.87 -38.79
N LEU W 186 -25.10 -21.15 -39.12
CA LEU W 186 -25.96 -21.68 -40.17
C LEU W 186 -27.40 -21.84 -39.72
N VAL W 187 -27.65 -21.96 -38.42
CA VAL W 187 -29.02 -22.09 -37.92
C VAL W 187 -29.76 -20.76 -38.06
N ARG W 188 -29.14 -19.67 -37.65
CA ARG W 188 -29.77 -18.36 -37.72
C ARG W 188 -29.51 -17.66 -39.05
N GLY W 189 -28.61 -18.16 -39.87
CA GLY W 189 -28.24 -17.50 -41.12
C GLY W 189 -27.50 -16.20 -40.91
N ILE W 190 -26.54 -16.17 -40.00
CA ILE W 190 -25.74 -14.99 -39.70
C ILE W 190 -24.29 -15.30 -40.00
N PHE W 191 -23.66 -14.48 -40.83
CA PHE W 191 -22.31 -14.69 -41.32
C PHE W 191 -21.48 -13.44 -41.15
N PRO W 192 -20.15 -13.55 -41.26
CA PRO W 192 -19.30 -12.35 -41.19
C PRO W 192 -19.70 -11.28 -42.20
N THR W 193 -19.36 -10.03 -41.92
CA THR W 193 -19.56 -8.96 -42.88
C THR W 193 -18.25 -8.68 -43.62
N ALA W 194 -18.38 -8.25 -44.88
CA ALA W 194 -17.21 -7.99 -45.69
C ALA W 194 -17.41 -6.73 -46.52
N VAL W 195 -16.29 -6.10 -46.86
CA VAL W 195 -16.23 -4.94 -47.74
C VAL W 195 -15.11 -5.18 -48.75
N ILE W 196 -15.36 -4.84 -50.01
CA ILE W 196 -14.35 -4.89 -51.07
C ILE W 196 -14.15 -3.47 -51.57
N ILE W 197 -12.90 -3.11 -51.85
CA ILE W 197 -12.57 -1.76 -52.29
C ILE W 197 -11.63 -1.87 -53.49
N ASP W 198 -12.05 -1.32 -54.62
CA ASP W 198 -11.19 -1.21 -55.81
C ASP W 198 -11.42 0.14 -56.44
N ALA W 199 -11.04 0.27 -57.72
CA ALA W 199 -11.16 1.54 -58.41
C ALA W 199 -12.62 2.00 -58.51
N ASP W 200 -13.57 1.07 -58.49
CA ASP W 200 -14.96 1.47 -58.56
C ASP W 200 -15.51 1.89 -57.20
N GLY W 201 -14.71 1.80 -56.15
CA GLY W 201 -15.15 2.21 -54.83
C GLY W 201 -15.20 1.07 -53.84
N ALA W 202 -15.88 1.31 -52.73
CA ALA W 202 -16.04 0.34 -51.65
C ALA W 202 -17.50 -0.11 -51.61
N VAL W 203 -17.71 -1.42 -51.59
CA VAL W 203 -19.07 -1.94 -51.50
C VAL W 203 -19.12 -3.02 -50.43
N ASP W 204 -20.28 -3.08 -49.76
CA ASP W 204 -20.58 -4.17 -48.85
C ASP W 204 -20.81 -5.44 -49.64
N VAL W 205 -20.16 -6.52 -49.25
CA VAL W 205 -20.46 -7.79 -49.89
C VAL W 205 -21.82 -8.28 -49.44
N PRO W 206 -22.70 -8.68 -50.35
CA PRO W 206 -24.02 -9.15 -49.95
C PRO W 206 -23.89 -10.42 -49.12
N GLU W 207 -24.82 -10.56 -48.17
CA GLU W 207 -24.74 -11.65 -47.20
C GLU W 207 -24.71 -13.01 -47.88
N SER W 208 -25.45 -13.17 -48.97
CA SER W 208 -25.55 -14.47 -49.63
C SER W 208 -24.19 -14.98 -50.10
N ARG W 209 -23.35 -14.08 -50.63
CA ARG W 209 -22.04 -14.50 -51.12
C ARG W 209 -21.18 -15.03 -49.98
N ILE W 210 -21.18 -14.34 -48.85
CA ILE W 210 -20.44 -14.81 -47.69
C ILE W 210 -20.99 -16.13 -47.20
N ALA W 211 -22.31 -16.30 -47.23
CA ALA W 211 -22.89 -17.59 -46.88
C ALA W 211 -22.37 -18.69 -47.80
N GLU W 212 -22.30 -18.42 -49.11
CA GLU W 212 -21.71 -19.35 -50.06
C GLU W 212 -20.34 -19.81 -49.59
N LEU W 213 -19.40 -18.86 -49.49
CA LEU W 213 -18.04 -19.22 -49.11
C LEU W 213 -17.99 -19.92 -47.76
N ALA W 214 -18.84 -19.49 -46.83
CA ALA W 214 -18.89 -20.15 -45.53
C ALA W 214 -19.19 -21.63 -45.68
N ARG W 215 -20.31 -21.96 -46.34
CA ARG W 215 -20.69 -23.36 -46.46
C ARG W 215 -19.62 -24.14 -47.23
N ALA W 216 -19.00 -23.51 -48.24
CA ALA W 216 -17.92 -24.19 -48.95
C ALA W 216 -16.79 -24.56 -48.00
N ILE W 217 -16.41 -23.64 -47.11
CA ILE W 217 -15.31 -23.89 -46.20
C ILE W 217 -15.68 -24.98 -45.22
N ILE W 218 -16.88 -24.92 -44.65
CA ILE W 218 -17.31 -25.96 -43.72
C ILE W 218 -17.27 -27.32 -44.40
N GLU W 219 -17.77 -27.41 -45.64
CA GLU W 219 -17.78 -28.70 -46.33
C GLU W 219 -16.38 -29.18 -46.61
N SER W 220 -15.45 -28.29 -46.94
CA SER W 220 -14.07 -28.74 -47.11
C SER W 220 -13.49 -29.25 -45.80
N ARG W 221 -13.95 -28.71 -44.66
CA ARG W 221 -13.41 -29.16 -43.40
C ARG W 221 -14.12 -30.37 -42.83
N SER W 222 -15.25 -30.77 -43.38
CA SER W 222 -15.94 -31.96 -42.90
C SER W 222 -15.54 -33.21 -43.67
N GLY W 223 -15.28 -33.09 -44.96
CA GLY W 223 -14.96 -34.24 -45.78
C GLY W 223 -16.14 -34.73 -46.59
N THR X 1 -34.27 -5.78 -9.68
CA THR X 1 -35.02 -5.03 -10.68
C THR X 1 -35.08 -5.83 -11.98
N THR X 2 -36.21 -5.81 -12.65
CA THR X 2 -36.33 -6.43 -13.97
C THR X 2 -37.26 -5.60 -14.82
N ILE X 3 -36.79 -5.23 -16.01
CA ILE X 3 -37.58 -4.54 -17.01
C ILE X 3 -37.57 -5.41 -18.26
N VAL X 4 -38.74 -5.68 -18.81
CA VAL X 4 -38.85 -6.51 -20.00
C VAL X 4 -39.50 -5.70 -21.11
N ALA X 5 -39.14 -6.04 -22.35
CA ALA X 5 -39.77 -5.45 -23.52
C ALA X 5 -39.82 -6.48 -24.64
N LEU X 6 -40.94 -6.53 -25.35
CA LEU X 6 -41.05 -7.45 -26.47
C LEU X 6 -41.89 -6.84 -27.57
N LYS X 7 -41.60 -7.27 -28.81
CA LYS X 7 -42.31 -6.83 -30.00
C LYS X 7 -43.49 -7.77 -30.26
N TYR X 8 -44.64 -7.20 -30.57
CA TYR X 8 -45.76 -7.98 -31.07
C TYR X 8 -46.20 -7.38 -32.38
N PRO X 9 -46.99 -8.11 -33.18
CA PRO X 9 -47.39 -7.56 -34.49
C PRO X 9 -48.06 -6.21 -34.37
N GLY X 10 -47.36 -5.18 -34.84
CA GLY X 10 -47.87 -3.82 -34.84
C GLY X 10 -47.60 -3.01 -33.60
N GLY X 11 -46.80 -3.51 -32.67
CA GLY X 11 -46.56 -2.75 -31.46
C GLY X 11 -45.45 -3.33 -30.62
N VAL X 12 -45.29 -2.73 -29.44
CA VAL X 12 -44.25 -3.12 -28.50
C VAL X 12 -44.82 -3.01 -27.08
N VAL X 13 -44.27 -3.82 -26.17
CA VAL X 13 -44.71 -3.86 -24.78
C VAL X 13 -43.48 -3.71 -23.88
N MET X 14 -43.64 -2.96 -22.79
CA MET X 14 -42.60 -2.87 -21.79
C MET X 14 -43.22 -2.91 -20.41
N ALA X 15 -42.63 -3.68 -19.50
CA ALA X 15 -43.18 -3.79 -18.14
C ALA X 15 -42.04 -3.93 -17.14
N GLY X 16 -42.28 -3.47 -15.92
CA GLY X 16 -41.26 -3.50 -14.89
C GLY X 16 -41.85 -3.75 -13.52
N ASP X 17 -41.05 -4.36 -12.65
CA ASP X 17 -41.48 -4.72 -11.31
C ASP X 17 -41.52 -3.48 -10.43
N ARG X 18 -41.88 -3.66 -9.17
CA ARG X 18 -42.16 -2.55 -8.28
C ARG X 18 -41.26 -2.50 -7.06
N ARG X 19 -40.20 -3.29 -7.00
CA ARG X 19 -39.42 -3.44 -5.77
C ARG X 19 -38.21 -2.51 -5.76
N SER X 20 -37.96 -1.92 -4.59
CA SER X 20 -36.78 -1.11 -4.33
C SER X 20 -36.09 -1.63 -3.08
N THR X 21 -34.78 -1.85 -3.17
CA THR X 21 -34.03 -2.47 -2.10
C THR X 21 -32.81 -1.63 -1.74
N GLN X 22 -32.39 -1.73 -0.48
CA GLN X 22 -31.11 -1.24 0.01
C GLN X 22 -30.34 -2.46 0.50
N GLY X 23 -29.51 -3.03 -0.34
CA GLY X 23 -28.86 -4.27 0.01
C GLY X 23 -29.88 -5.37 0.12
N ASN X 24 -29.99 -5.98 1.31
CA ASN X 24 -30.98 -7.02 1.53
C ASN X 24 -32.34 -6.47 1.91
N MET X 25 -32.39 -5.23 2.36
CA MET X 25 -33.62 -4.66 2.89
C MET X 25 -34.52 -4.17 1.77
N ILE X 26 -35.82 -4.38 1.95
CA ILE X 26 -36.84 -3.88 1.02
C ILE X 26 -37.22 -2.47 1.45
N SER X 27 -36.86 -1.47 0.64
CA SER X 27 -37.15 -0.08 0.92
C SER X 27 -38.31 0.46 0.10
N GLY X 28 -38.87 -0.32 -0.81
CA GLY X 28 -40.00 0.13 -1.59
C GLY X 28 -40.78 -0.99 -2.23
N ARG X 29 -42.11 -0.85 -2.26
CA ARG X 29 -42.99 -1.84 -2.86
C ARG X 29 -43.82 -1.31 -4.01
N ASP X 30 -43.92 0.01 -4.18
CA ASP X 30 -44.80 0.60 -5.17
C ASP X 30 -44.05 1.39 -6.23
N VAL X 31 -42.72 1.36 -6.22
CA VAL X 31 -41.94 2.21 -7.10
C VAL X 31 -42.26 1.89 -8.57
N ARG X 32 -42.13 2.91 -9.40
CA ARG X 32 -42.46 2.82 -10.83
C ARG X 32 -41.18 2.96 -11.63
N LYS X 33 -40.87 1.97 -12.44
CA LYS X 33 -39.61 1.94 -13.16
C LYS X 33 -39.75 2.09 -14.67
N VAL X 34 -40.97 2.09 -15.20
CA VAL X 34 -41.20 2.25 -16.63
C VAL X 34 -41.92 3.56 -16.83
N TYR X 35 -41.35 4.43 -17.66
CA TYR X 35 -41.89 5.76 -17.89
C TYR X 35 -42.17 5.99 -19.36
N ILE X 36 -43.28 6.67 -19.64
CA ILE X 36 -43.57 7.13 -20.99
C ILE X 36 -42.76 8.41 -21.20
N THR X 37 -41.77 8.34 -22.08
CA THR X 37 -40.90 9.48 -22.29
C THR X 37 -41.36 10.39 -23.42
N ASP X 38 -42.13 9.89 -24.38
CA ASP X 38 -42.75 10.77 -25.36
C ASP X 38 -43.86 9.99 -26.06
N ASP X 39 -44.58 10.67 -26.94
CA ASP X 39 -45.80 10.12 -27.54
C ASP X 39 -45.60 8.71 -28.09
N TYR X 40 -44.38 8.36 -28.48
CA TYR X 40 -44.11 7.06 -29.09
C TYR X 40 -42.92 6.37 -28.45
N THR X 41 -42.53 6.73 -27.24
CA THR X 41 -41.37 6.13 -26.62
C THR X 41 -41.60 5.95 -25.13
N ALA X 42 -41.18 4.79 -24.64
CA ALA X 42 -41.16 4.48 -23.21
C ALA X 42 -39.78 4.00 -22.81
N THR X 43 -39.39 4.33 -21.58
CA THR X 43 -38.08 3.98 -21.03
C THR X 43 -38.27 3.31 -19.67
N GLY X 44 -37.58 2.20 -19.47
CA GLY X 44 -37.51 1.57 -18.15
C GLY X 44 -36.06 1.50 -17.72
N ILE X 45 -35.79 1.77 -16.46
CA ILE X 45 -34.41 1.86 -16.01
C ILE X 45 -34.20 0.93 -14.82
N ALA X 46 -32.99 0.37 -14.75
CA ALA X 46 -32.59 -0.48 -13.64
C ALA X 46 -31.29 0.07 -13.05
N GLY X 47 -31.14 -0.02 -11.74
CA GLY X 47 -29.92 0.45 -11.10
C GLY X 47 -30.16 1.41 -9.96
N THR X 48 -29.21 2.30 -9.69
CA THR X 48 -29.37 3.25 -8.60
C THR X 48 -30.57 4.15 -8.89
N ALA X 49 -31.49 4.21 -7.93
CA ALA X 49 -32.77 4.86 -8.16
C ALA X 49 -32.60 6.31 -8.57
N ALA X 50 -31.80 7.07 -7.83
CA ALA X 50 -31.62 8.48 -8.14
C ALA X 50 -31.21 8.68 -9.59
N VAL X 51 -30.16 7.96 -10.01
CA VAL X 51 -29.67 8.12 -11.37
C VAL X 51 -30.73 7.65 -12.37
N ALA X 52 -31.47 6.61 -12.03
CA ALA X 52 -32.46 6.08 -12.96
C ALA X 52 -33.57 7.09 -13.22
N VAL X 53 -34.15 7.65 -12.16
CA VAL X 53 -35.20 8.64 -12.32
C VAL X 53 -34.67 9.88 -13.00
N GLU X 54 -33.45 10.31 -12.66
CA GLU X 54 -32.86 11.45 -13.36
C GLU X 54 -32.75 11.16 -14.85
N PHE X 55 -32.33 9.94 -15.21
CA PHE X 55 -32.28 9.54 -16.61
C PHE X 55 -33.62 9.73 -17.29
N ALA X 56 -34.67 9.10 -16.74
CA ALA X 56 -35.96 9.16 -17.40
C ALA X 56 -36.46 10.59 -17.54
N ARG X 57 -36.41 11.35 -16.45
CA ARG X 57 -36.95 12.71 -16.44
C ARG X 57 -36.20 13.60 -17.41
N LEU X 58 -34.88 13.66 -17.27
CA LEU X 58 -34.06 14.51 -18.13
C LEU X 58 -34.19 14.10 -19.59
N TYR X 59 -34.32 12.80 -19.86
CA TYR X 59 -34.44 12.32 -21.23
C TYR X 59 -35.75 12.80 -21.86
N ALA X 60 -36.87 12.62 -21.15
CA ALA X 60 -38.13 13.14 -21.66
C ALA X 60 -38.03 14.63 -21.95
N VAL X 61 -37.41 15.38 -21.03
CA VAL X 61 -37.22 16.80 -21.26
C VAL X 61 -36.41 17.06 -22.51
N GLU X 62 -35.35 16.28 -22.74
CA GLU X 62 -34.49 16.54 -23.88
C GLU X 62 -35.22 16.30 -25.19
N LEU X 63 -35.98 15.21 -25.26
CA LEU X 63 -36.75 14.91 -26.46
C LEU X 63 -37.76 16.01 -26.75
N GLU X 64 -38.59 16.34 -25.76
CA GLU X 64 -39.59 17.38 -25.99
C GLU X 64 -38.96 18.72 -26.30
N HIS X 65 -37.80 18.99 -25.71
CA HIS X 65 -37.05 20.20 -26.00
C HIS X 65 -36.71 20.30 -27.48
N TYR X 66 -36.07 19.26 -28.03
CA TYR X 66 -35.79 19.28 -29.46
C TYR X 66 -37.07 19.45 -30.26
N GLU X 67 -38.13 18.77 -29.85
CA GLU X 67 -39.37 18.83 -30.61
C GLU X 67 -39.93 20.24 -30.67
N LYS X 68 -39.91 20.96 -29.55
CA LYS X 68 -40.44 22.32 -29.56
C LYS X 68 -39.51 23.29 -30.27
N LEU X 69 -38.20 23.08 -30.16
CA LEU X 69 -37.28 24.00 -30.82
C LEU X 69 -37.35 23.87 -32.34
N GLU X 70 -37.38 22.66 -32.86
CA GLU X 70 -37.28 22.47 -34.30
C GLU X 70 -38.60 22.13 -34.96
N GLY X 71 -39.70 22.03 -34.20
CA GLY X 71 -41.00 21.84 -34.80
C GLY X 71 -41.30 20.43 -35.25
N VAL X 72 -40.35 19.50 -35.10
CA VAL X 72 -40.54 18.13 -35.55
C VAL X 72 -39.79 17.23 -34.57
N PRO X 73 -40.29 16.05 -34.24
CA PRO X 73 -39.57 15.19 -33.31
C PRO X 73 -38.30 14.63 -33.90
N LEU X 74 -37.44 14.15 -33.01
CA LEU X 74 -36.20 13.52 -33.42
C LEU X 74 -36.51 12.23 -34.16
N THR X 75 -35.64 11.88 -35.11
CA THR X 75 -35.70 10.54 -35.65
C THR X 75 -35.41 9.55 -34.52
N PHE X 76 -35.89 8.32 -34.70
CA PHE X 76 -35.70 7.33 -33.65
C PHE X 76 -34.22 7.11 -33.37
N ALA X 77 -33.42 7.02 -34.44
CA ALA X 77 -31.98 6.93 -34.27
C ALA X 77 -31.44 8.07 -33.41
N GLY X 78 -32.00 9.27 -33.59
CA GLY X 78 -31.59 10.39 -32.75
C GLY X 78 -31.89 10.16 -31.29
N LYS X 79 -33.08 9.64 -30.99
CA LYS X 79 -33.40 9.30 -29.62
C LYS X 79 -32.41 8.28 -29.06
N ILE X 80 -32.06 7.27 -29.86
CA ILE X 80 -31.07 6.29 -29.41
C ILE X 80 -29.76 6.97 -29.08
N ASN X 81 -29.25 7.80 -29.99
CA ASN X 81 -27.95 8.40 -29.76
C ASN X 81 -27.95 9.30 -28.54
N ARG X 82 -29.05 10.02 -28.31
CA ARG X 82 -29.12 10.90 -27.15
C ARG X 82 -29.13 10.09 -25.85
N LEU X 83 -29.96 9.05 -25.79
CA LEU X 83 -29.97 8.21 -24.58
C LEU X 83 -28.60 7.61 -24.32
N ALA X 84 -27.94 7.11 -25.38
CA ALA X 84 -26.60 6.57 -25.25
C ALA X 84 -25.63 7.61 -24.71
N ILE X 85 -25.67 8.82 -25.24
CA ILE X 85 -24.76 9.86 -24.79
C ILE X 85 -24.96 10.17 -23.31
N MET X 86 -26.21 10.16 -22.86
CA MET X 86 -26.47 10.38 -21.43
C MET X 86 -25.87 9.26 -20.59
N VAL X 87 -26.13 8.02 -20.99
CA VAL X 87 -25.59 6.87 -20.27
C VAL X 87 -24.07 6.96 -20.17
N ARG X 88 -23.40 7.24 -21.30
CA ARG X 88 -21.95 7.37 -21.27
C ARG X 88 -21.52 8.53 -20.40
N GLY X 89 -22.32 9.59 -20.35
CA GLY X 89 -22.03 10.67 -19.44
C GLY X 89 -21.96 10.22 -18.00
N ASN X 90 -22.79 9.24 -17.63
CA ASN X 90 -22.76 8.75 -16.25
C ASN X 90 -21.64 7.76 -15.96
N LEU X 91 -20.78 7.43 -16.92
CA LEU X 91 -19.86 6.30 -16.73
C LEU X 91 -18.95 6.52 -15.52
N ALA X 92 -18.46 7.74 -15.32
CA ALA X 92 -17.53 7.99 -14.23
C ALA X 92 -18.18 7.66 -12.89
N ALA X 93 -19.37 8.21 -12.64
CA ALA X 93 -20.09 7.88 -11.41
C ALA X 93 -20.43 6.40 -11.34
N ALA X 94 -20.78 5.80 -12.47
CA ALA X 94 -21.11 4.38 -12.48
C ALA X 94 -19.94 3.54 -11.98
N MET X 95 -18.72 3.91 -12.35
CA MET X 95 -17.56 3.23 -11.80
C MET X 95 -17.47 3.36 -10.29
N GLN X 96 -18.08 4.41 -9.71
CA GLN X 96 -18.06 4.63 -8.28
C GLN X 96 -19.30 4.09 -7.59
N GLY X 97 -20.12 3.31 -8.28
CA GLY X 97 -21.23 2.63 -7.64
C GLY X 97 -22.61 3.13 -8.00
N LEU X 98 -22.75 4.28 -8.66
CA LEU X 98 -24.06 4.81 -9.01
C LEU X 98 -24.46 4.40 -10.42
N LEU X 99 -24.56 3.09 -10.64
CA LEU X 99 -24.79 2.56 -11.98
C LEU X 99 -26.28 2.51 -12.28
N ALA X 100 -26.64 2.88 -13.51
CA ALA X 100 -28.02 2.80 -13.96
C ALA X 100 -28.01 2.57 -15.46
N LEU X 101 -28.73 1.54 -15.90
CA LEU X 101 -28.85 1.16 -17.28
C LEU X 101 -30.29 1.30 -17.75
N PRO X 102 -30.54 1.91 -18.90
CA PRO X 102 -31.90 1.99 -19.42
C PRO X 102 -32.21 0.91 -20.45
N LEU X 103 -33.50 0.73 -20.70
CA LEU X 103 -34.02 -0.12 -21.75
C LEU X 103 -35.11 0.67 -22.44
N LEU X 104 -35.01 0.78 -23.76
CA LEU X 104 -35.84 1.67 -24.56
C LEU X 104 -36.78 0.87 -25.43
N ALA X 105 -38.06 1.22 -25.42
CA ALA X 105 -39.03 0.61 -26.31
C ALA X 105 -39.82 1.71 -27.00
N GLY X 106 -39.97 1.61 -28.32
CA GLY X 106 -40.66 2.65 -29.05
C GLY X 106 -41.35 2.11 -30.28
N TYR X 107 -42.12 2.99 -30.91
CA TYR X 107 -42.78 2.72 -32.18
C TYR X 107 -42.31 3.78 -33.14
N ASP X 108 -41.64 3.37 -34.21
CA ASP X 108 -41.05 4.31 -35.15
C ASP X 108 -42.10 4.69 -36.18
N ILE X 109 -42.65 5.90 -36.07
CA ILE X 109 -43.69 6.34 -36.98
C ILE X 109 -43.17 6.49 -38.41
N HIS X 110 -41.86 6.56 -38.59
CA HIS X 110 -41.24 6.68 -39.90
C HIS X 110 -40.74 5.34 -40.43
N ALA X 111 -41.12 4.25 -39.78
CA ALA X 111 -40.61 2.95 -40.18
C ALA X 111 -41.22 2.50 -41.51
N SER X 112 -40.50 1.63 -42.19
CA SER X 112 -40.93 1.14 -43.50
C SER X 112 -42.24 0.36 -43.39
N ASP X 113 -42.23 -0.73 -42.63
CA ASP X 113 -43.41 -1.57 -42.48
C ASP X 113 -44.13 -1.21 -41.19
N PRO X 114 -45.41 -0.85 -41.24
CA PRO X 114 -46.13 -0.45 -40.03
C PRO X 114 -46.34 -1.57 -39.02
N GLN X 115 -45.98 -2.82 -39.34
CA GLN X 115 -45.99 -3.87 -38.35
C GLN X 115 -44.63 -4.09 -37.71
N SER X 116 -43.57 -4.03 -38.49
CA SER X 116 -42.22 -4.16 -37.95
C SER X 116 -41.69 -2.81 -37.50
N ALA X 117 -42.60 -1.90 -37.14
CA ALA X 117 -42.23 -0.59 -36.64
C ALA X 117 -41.85 -0.61 -35.17
N GLY X 118 -41.99 -1.74 -34.49
CA GLY X 118 -41.57 -1.81 -33.10
C GLY X 118 -40.07 -1.75 -32.96
N ARG X 119 -39.62 -1.16 -31.86
CA ARG X 119 -38.19 -1.01 -31.60
C ARG X 119 -37.90 -1.28 -30.14
N ILE X 120 -36.87 -2.08 -29.89
CA ILE X 120 -36.37 -2.36 -28.55
C ILE X 120 -34.87 -2.19 -28.58
N VAL X 121 -34.36 -1.29 -27.74
CA VAL X 121 -32.95 -0.93 -27.74
C VAL X 121 -32.42 -1.10 -26.32
N SER X 122 -31.30 -1.80 -26.19
CA SER X 122 -30.62 -2.02 -24.92
C SER X 122 -29.30 -1.27 -24.89
N PHE X 123 -28.81 -0.96 -23.69
CA PHE X 123 -27.64 -0.12 -23.53
C PHE X 123 -26.71 -0.73 -22.50
N ASP X 124 -25.43 -0.38 -22.58
CA ASP X 124 -24.45 -0.78 -21.59
C ASP X 124 -23.86 0.44 -20.88
N ALA X 125 -23.05 0.15 -19.86
CA ALA X 125 -22.54 1.19 -18.98
C ALA X 125 -21.68 2.21 -19.70
N ALA X 126 -21.13 1.87 -20.86
CA ALA X 126 -20.26 2.77 -21.60
C ALA X 126 -20.97 3.52 -22.71
N GLY X 127 -22.29 3.39 -22.80
CA GLY X 127 -23.04 4.07 -23.84
C GLY X 127 -23.30 3.26 -25.09
N GLY X 128 -22.75 2.06 -25.19
CA GLY X 128 -23.08 1.20 -26.30
C GLY X 128 -24.56 0.85 -26.32
N TRP X 129 -25.08 0.54 -27.49
CA TRP X 129 -26.48 0.19 -27.64
C TRP X 129 -26.63 -0.91 -28.68
N ASN X 130 -27.73 -1.63 -28.58
CA ASN X 130 -28.11 -2.67 -29.53
C ASN X 130 -29.60 -2.60 -29.81
N ILE X 131 -29.95 -2.50 -31.09
CA ILE X 131 -31.32 -2.66 -31.51
C ILE X 131 -31.56 -4.15 -31.67
N GLU X 132 -32.50 -4.69 -30.91
CA GLU X 132 -32.65 -6.14 -30.83
C GLU X 132 -33.57 -6.61 -31.94
N GLU X 133 -33.06 -7.49 -32.79
CA GLU X 133 -33.83 -8.05 -33.89
C GLU X 133 -34.51 -9.37 -33.54
N GLU X 134 -34.31 -9.88 -32.33
CA GLU X 134 -34.90 -11.15 -31.94
C GLU X 134 -36.15 -10.98 -31.09
N GLY X 135 -36.64 -9.76 -30.92
CA GLY X 135 -38.01 -9.53 -30.51
C GLY X 135 -38.22 -9.21 -29.05
N TYR X 136 -37.30 -9.59 -28.17
CA TYR X 136 -37.47 -9.34 -26.76
C TYR X 136 -36.12 -9.00 -26.15
N GLN X 137 -36.16 -8.36 -24.98
CA GLN X 137 -34.94 -7.98 -24.29
C GLN X 137 -35.35 -7.57 -22.87
N ALA X 138 -34.38 -7.61 -21.95
CA ALA X 138 -34.64 -7.21 -20.58
C ALA X 138 -33.40 -6.58 -19.97
N VAL X 139 -33.58 -5.90 -18.85
CA VAL X 139 -32.48 -5.29 -18.11
C VAL X 139 -32.78 -5.39 -16.63
N GLY X 140 -31.73 -5.51 -15.83
CA GLY X 140 -31.85 -5.60 -14.39
C GLY X 140 -31.29 -6.90 -13.85
N SER X 141 -31.37 -7.02 -12.52
CA SER X 141 -30.76 -8.17 -11.84
C SER X 141 -31.45 -9.49 -12.18
N GLY X 142 -32.70 -9.44 -12.63
CA GLY X 142 -33.39 -10.64 -13.07
C GLY X 142 -33.49 -10.78 -14.57
N SER X 143 -32.74 -9.98 -15.33
CA SER X 143 -32.91 -9.93 -16.77
C SER X 143 -32.60 -11.26 -17.42
N LEU X 144 -31.67 -12.04 -16.86
CA LEU X 144 -31.30 -13.30 -17.48
C LEU X 144 -32.44 -14.30 -17.36
N PHE X 145 -33.09 -14.34 -16.20
CA PHE X 145 -34.25 -15.21 -16.03
C PHE X 145 -35.39 -14.79 -16.94
N ALA X 146 -35.63 -13.48 -17.05
CA ALA X 146 -36.72 -13.01 -17.90
C ALA X 146 -36.45 -13.29 -19.37
N LYS X 147 -35.22 -13.04 -19.83
CA LYS X 147 -34.88 -13.37 -21.22
C LYS X 147 -35.01 -14.86 -21.47
N SER X 148 -34.52 -15.68 -20.55
CA SER X 148 -34.57 -17.12 -20.80
C SER X 148 -35.99 -17.66 -20.75
N SER X 149 -36.88 -17.02 -19.97
CA SER X 149 -38.28 -17.40 -20.02
C SER X 149 -38.93 -16.97 -21.34
N MET X 150 -38.72 -15.72 -21.74
CA MET X 150 -39.30 -15.25 -23.00
C MET X 150 -38.78 -16.04 -24.19
N LYS X 151 -37.56 -16.56 -24.11
CA LYS X 151 -37.03 -17.40 -25.18
C LYS X 151 -37.93 -18.60 -25.42
N LYS X 152 -38.59 -19.10 -24.38
CA LYS X 152 -39.48 -20.24 -24.51
C LYS X 152 -40.92 -19.83 -24.74
N LEU X 153 -41.33 -18.67 -24.24
CA LEU X 153 -42.72 -18.22 -24.34
C LEU X 153 -43.00 -17.31 -25.52
N TYR X 154 -42.02 -16.95 -26.34
CA TYR X 154 -42.29 -15.89 -27.32
C TYR X 154 -43.19 -16.38 -28.44
N SER X 155 -43.14 -17.69 -28.75
CA SER X 155 -43.99 -18.24 -29.80
C SER X 155 -45.47 -17.98 -29.57
N GLN X 156 -45.87 -17.77 -28.32
CA GLN X 156 -47.28 -17.57 -28.01
C GLN X 156 -47.73 -16.15 -28.25
N VAL X 157 -46.86 -15.26 -28.70
CA VAL X 157 -47.20 -13.85 -28.88
C VAL X 157 -47.77 -13.73 -30.29
N THR X 158 -49.06 -13.39 -30.37
CA THR X 158 -49.74 -13.18 -31.65
C THR X 158 -50.46 -11.86 -31.75
N ASP X 159 -50.76 -11.20 -30.63
CA ASP X 159 -51.42 -9.90 -30.63
C ASP X 159 -50.89 -9.13 -29.44
N GLY X 160 -51.49 -7.96 -29.17
CA GLY X 160 -51.03 -7.16 -28.05
C GLY X 160 -51.26 -7.83 -26.72
N ASP X 161 -52.38 -8.54 -26.57
CA ASP X 161 -52.71 -9.10 -25.26
C ASP X 161 -51.83 -10.29 -24.93
N SER X 162 -51.57 -11.17 -25.90
CA SER X 162 -50.66 -12.27 -25.64
C SER X 162 -49.26 -11.77 -25.31
N GLY X 163 -48.83 -10.70 -25.98
CA GLY X 163 -47.54 -10.12 -25.65
C GLY X 163 -47.50 -9.59 -24.25
N LEU X 164 -48.57 -8.91 -23.83
CA LEU X 164 -48.63 -8.42 -22.45
C LEU X 164 -48.55 -9.58 -21.47
N ARG X 165 -49.24 -10.69 -21.77
CA ARG X 165 -49.16 -11.84 -20.88
C ARG X 165 -47.74 -12.35 -20.77
N VAL X 166 -47.10 -12.63 -21.92
CA VAL X 166 -45.73 -13.16 -21.89
C VAL X 166 -44.83 -12.22 -21.10
N ALA X 167 -45.05 -10.91 -21.22
CA ALA X 167 -44.26 -9.96 -20.44
C ALA X 167 -44.46 -10.20 -18.94
N VAL X 168 -45.71 -10.24 -18.49
CA VAL X 168 -45.97 -10.42 -17.05
C VAL X 168 -45.41 -11.75 -16.56
N GLU X 169 -45.49 -12.80 -17.37
CA GLU X 169 -44.96 -14.08 -16.92
C GLU X 169 -43.45 -14.04 -16.81
N ALA X 170 -42.78 -13.38 -17.76
CA ALA X 170 -41.33 -13.21 -17.65
C ALA X 170 -40.96 -12.48 -16.38
N LEU X 171 -41.67 -11.41 -16.06
CA LEU X 171 -41.41 -10.74 -14.78
C LEU X 171 -41.68 -11.67 -13.61
N TYR X 172 -42.64 -12.59 -13.74
CA TYR X 172 -42.90 -13.53 -12.65
C TYR X 172 -41.73 -14.47 -12.43
N ASP X 173 -41.19 -15.05 -13.50
CA ASP X 173 -40.03 -15.93 -13.35
C ASP X 173 -38.83 -15.17 -12.81
N ALA X 174 -38.62 -13.95 -13.30
CA ALA X 174 -37.54 -13.12 -12.76
C ALA X 174 -37.69 -12.96 -11.26
N ALA X 175 -38.87 -12.54 -10.81
CA ALA X 175 -39.09 -12.38 -9.38
C ALA X 175 -38.98 -13.71 -8.64
N ASP X 176 -39.25 -14.81 -9.34
CA ASP X 176 -39.16 -16.12 -8.73
C ASP X 176 -37.73 -16.49 -8.39
N ASP X 177 -36.79 -16.10 -9.24
CA ASP X 177 -35.40 -16.49 -9.02
C ASP X 177 -34.48 -15.37 -8.55
N ASP X 178 -34.95 -14.13 -8.47
CA ASP X 178 -34.11 -13.01 -8.09
C ASP X 178 -34.79 -12.25 -6.96
N SER X 179 -34.10 -12.14 -5.83
CA SER X 179 -34.73 -11.53 -4.66
C SER X 179 -34.83 -10.02 -4.78
N ALA X 180 -34.09 -9.41 -5.71
CA ALA X 180 -34.18 -7.97 -5.92
C ALA X 180 -35.32 -7.56 -6.83
N THR X 181 -36.01 -8.51 -7.46
CA THR X 181 -37.16 -8.23 -8.31
C THR X 181 -38.41 -8.64 -7.56
N GLY X 182 -39.40 -7.75 -7.51
CA GLY X 182 -40.61 -8.01 -6.77
C GLY X 182 -41.69 -8.61 -7.64
N GLY X 183 -42.27 -9.70 -7.17
CA GLY X 183 -43.37 -10.35 -7.85
C GLY X 183 -44.69 -9.76 -7.45
N PRO X 184 -45.78 -10.36 -7.94
CA PRO X 184 -47.11 -9.82 -7.64
C PRO X 184 -47.45 -10.02 -6.17
N ASP X 185 -47.90 -8.94 -5.54
CA ASP X 185 -48.30 -8.93 -4.13
C ASP X 185 -49.82 -9.00 -4.10
N LEU X 186 -50.36 -10.19 -3.90
CA LEU X 186 -51.81 -10.32 -3.86
C LEU X 186 -52.40 -9.78 -2.57
N VAL X 187 -51.62 -9.68 -1.49
CA VAL X 187 -52.13 -9.13 -0.24
C VAL X 187 -52.34 -7.64 -0.36
N ARG X 188 -51.33 -6.92 -0.87
CA ARG X 188 -51.43 -5.48 -0.99
C ARG X 188 -52.02 -5.01 -2.32
N GLY X 189 -52.15 -5.90 -3.31
CA GLY X 189 -52.65 -5.51 -4.61
C GLY X 189 -51.70 -4.63 -5.39
N ILE X 190 -50.43 -5.00 -5.44
CA ILE X 190 -49.40 -4.28 -6.19
C ILE X 190 -48.87 -5.18 -7.29
N PHE X 191 -48.91 -4.71 -8.52
CA PHE X 191 -48.52 -5.51 -9.68
C PHE X 191 -47.54 -4.71 -10.53
N PRO X 192 -46.80 -5.39 -11.43
CA PRO X 192 -45.89 -4.67 -12.32
C PRO X 192 -46.58 -3.59 -13.11
N THR X 193 -45.84 -2.57 -13.54
CA THR X 193 -46.41 -1.56 -14.43
C THR X 193 -46.05 -1.88 -15.87
N ALA X 194 -46.95 -1.52 -16.78
CA ALA X 194 -46.76 -1.83 -18.18
C ALA X 194 -47.16 -0.64 -19.04
N VAL X 195 -46.51 -0.55 -20.20
CA VAL X 195 -46.76 0.44 -21.23
C VAL X 195 -46.85 -0.29 -22.55
N ILE X 196 -47.85 0.07 -23.36
CA ILE X 196 -48.04 -0.50 -24.68
C ILE X 196 -47.93 0.62 -25.71
N ILE X 197 -47.30 0.32 -26.84
CA ILE X 197 -47.07 1.35 -27.86
C ILE X 197 -47.40 0.76 -29.22
N ASP X 198 -48.31 1.41 -29.95
CA ASP X 198 -48.60 1.02 -31.32
C ASP X 198 -48.74 2.30 -32.14
N ALA X 199 -49.33 2.18 -33.33
CA ALA X 199 -49.44 3.35 -34.20
C ALA X 199 -50.24 4.47 -33.56
N ASP X 200 -51.12 4.15 -32.62
CA ASP X 200 -51.92 5.16 -31.95
C ASP X 200 -51.20 5.83 -30.80
N GLY X 201 -49.97 5.43 -30.50
CA GLY X 201 -49.22 6.06 -29.43
C GLY X 201 -48.86 5.14 -28.30
N ALA X 202 -48.47 5.72 -27.18
CA ALA X 202 -48.08 5.00 -25.97
C ALA X 202 -49.11 5.23 -24.89
N VAL X 203 -49.62 4.15 -24.31
CA VAL X 203 -50.60 4.25 -23.24
C VAL X 203 -50.20 3.30 -22.11
N ASP X 204 -50.50 3.72 -20.88
CA ASP X 204 -50.31 2.86 -19.72
C ASP X 204 -51.32 1.72 -19.75
N VAL X 205 -50.83 0.50 -19.54
CA VAL X 205 -51.76 -0.61 -19.41
C VAL X 205 -52.44 -0.52 -18.05
N PRO X 206 -53.77 -0.62 -17.98
CA PRO X 206 -54.45 -0.48 -16.69
C PRO X 206 -54.10 -1.60 -15.72
N GLU X 207 -54.10 -1.25 -14.42
CA GLU X 207 -53.70 -2.19 -13.39
C GLU X 207 -54.55 -3.45 -13.41
N SER X 208 -55.85 -3.30 -13.68
CA SER X 208 -56.77 -4.44 -13.61
C SER X 208 -56.37 -5.55 -14.57
N ARG X 209 -55.93 -5.20 -15.78
CA ARG X 209 -55.60 -6.21 -16.76
C ARG X 209 -54.34 -6.98 -16.36
N ILE X 210 -53.35 -6.27 -15.82
CA ILE X 210 -52.15 -6.92 -15.30
C ILE X 210 -52.51 -7.82 -14.14
N ALA X 211 -53.41 -7.37 -13.27
CA ALA X 211 -53.85 -8.20 -12.16
C ALA X 211 -54.46 -9.51 -12.65
N GLU X 212 -55.41 -9.43 -13.58
CA GLU X 212 -56.01 -10.65 -14.11
C GLU X 212 -54.94 -11.57 -14.68
N LEU X 213 -54.02 -11.01 -15.46
CA LEU X 213 -52.99 -11.85 -16.07
C LEU X 213 -52.13 -12.53 -15.02
N ALA X 214 -51.76 -11.79 -13.97
CA ALA X 214 -50.97 -12.34 -12.89
C ALA X 214 -51.69 -13.51 -12.24
N ARG X 215 -52.93 -13.29 -11.80
CA ARG X 215 -53.65 -14.35 -11.12
C ARG X 215 -53.80 -15.58 -12.01
N ALA X 216 -54.01 -15.37 -13.31
CA ALA X 216 -54.03 -16.50 -14.23
C ALA X 216 -52.73 -17.28 -14.17
N ILE X 217 -51.60 -16.56 -14.13
CA ILE X 217 -50.31 -17.23 -14.09
C ILE X 217 -50.13 -17.99 -12.79
N ILE X 218 -50.47 -17.34 -11.67
CA ILE X 218 -50.37 -17.96 -10.35
C ILE X 218 -51.17 -19.26 -10.31
N GLU X 219 -52.46 -19.17 -10.63
CA GLU X 219 -53.29 -20.37 -10.60
C GLU X 219 -52.77 -21.43 -11.55
N SER X 220 -52.18 -21.04 -12.69
CA SER X 220 -51.62 -22.04 -13.57
C SER X 220 -50.44 -22.76 -12.95
N ARG X 221 -49.69 -22.09 -12.07
CA ARG X 221 -48.52 -22.72 -11.47
C ARG X 221 -48.83 -23.47 -10.18
N SER X 222 -50.05 -23.39 -9.67
CA SER X 222 -50.43 -24.08 -8.44
C SER X 222 -50.96 -25.48 -8.72
N THR Y 1 -29.89 8.99 16.26
CA THR Y 1 -30.98 9.86 15.85
C THR Y 1 -32.14 9.03 15.31
N THR Y 2 -33.36 9.47 15.60
CA THR Y 2 -34.53 8.88 14.96
C THR Y 2 -35.53 10.00 14.70
N ILE Y 3 -36.00 10.06 13.46
CA ILE Y 3 -37.02 11.00 13.02
C ILE Y 3 -38.16 10.16 12.47
N VAL Y 4 -39.38 10.44 12.92
CA VAL Y 4 -40.54 9.71 12.43
C VAL Y 4 -41.52 10.70 11.80
N ALA Y 5 -42.28 10.21 10.83
CA ALA Y 5 -43.33 10.99 10.21
C ALA Y 5 -44.45 10.04 9.81
N LEU Y 6 -45.69 10.47 10.01
CA LEU Y 6 -46.83 9.64 9.62
C LEU Y 6 -47.99 10.51 9.16
N LYS Y 7 -48.82 9.95 8.29
CA LYS Y 7 -50.02 10.63 7.82
C LYS Y 7 -51.19 10.36 8.75
N TYR Y 8 -51.95 11.40 9.05
CA TYR Y 8 -53.23 11.13 9.69
C TYR Y 8 -54.30 11.78 8.81
N PRO Y 9 -55.58 11.44 8.98
CA PRO Y 9 -56.62 12.01 8.12
C PRO Y 9 -56.62 13.54 8.11
N GLY Y 10 -56.21 14.13 7.00
CA GLY Y 10 -56.22 15.56 6.90
C GLY Y 10 -54.96 16.24 7.39
N GLY Y 11 -53.90 15.49 7.66
CA GLY Y 11 -52.69 16.13 8.13
C GLY Y 11 -51.53 15.16 8.17
N VAL Y 12 -50.42 15.66 8.70
CA VAL Y 12 -49.19 14.88 8.82
C VAL Y 12 -48.52 15.28 10.13
N VAL Y 13 -47.78 14.36 10.72
CA VAL Y 13 -47.07 14.63 11.96
C VAL Y 13 -45.63 14.14 11.84
N MET Y 14 -44.71 14.88 12.43
CA MET Y 14 -43.30 14.52 12.44
C MET Y 14 -42.74 14.78 13.82
N ALA Y 15 -41.90 13.87 14.30
CA ALA Y 15 -41.31 14.00 15.62
C ALA Y 15 -39.87 13.50 15.59
N GLY Y 16 -39.05 14.06 16.46
CA GLY Y 16 -37.64 13.70 16.47
C GLY Y 16 -37.10 13.74 17.88
N ASP Y 17 -36.09 12.91 18.12
CA ASP Y 17 -35.45 12.79 19.41
C ASP Y 17 -34.52 13.97 19.67
N ARG Y 18 -33.87 13.95 20.84
CA ARG Y 18 -33.15 15.11 21.31
C ARG Y 18 -31.67 14.86 21.60
N ARG Y 19 -31.14 13.72 21.22
CA ARG Y 19 -29.81 13.33 21.65
C ARG Y 19 -28.77 13.70 20.60
N SER Y 20 -27.63 14.17 21.06
CA SER Y 20 -26.48 14.43 20.22
C SER Y 20 -25.30 13.68 20.81
N THR Y 21 -24.61 12.92 19.97
CA THR Y 21 -23.56 12.03 20.43
C THR Y 21 -22.27 12.25 19.64
N GLN Y 22 -21.15 12.00 20.31
CA GLN Y 22 -19.84 11.87 19.66
C GLN Y 22 -19.34 10.46 19.98
N GLY Y 23 -19.57 9.52 19.08
CA GLY Y 23 -19.25 8.13 19.36
C GLY Y 23 -20.17 7.58 20.43
N ASN Y 24 -19.61 7.14 21.55
CA ASN Y 24 -20.43 6.67 22.66
C ASN Y 24 -20.80 7.79 23.62
N MET Y 25 -20.15 8.94 23.54
CA MET Y 25 -20.40 10.02 24.49
C MET Y 25 -21.64 10.80 24.12
N ILE Y 26 -22.44 11.13 25.12
CA ILE Y 26 -23.62 11.94 24.92
C ILE Y 26 -23.20 13.41 25.06
N SER Y 27 -23.21 14.14 23.95
CA SER Y 27 -22.79 15.53 23.93
C SER Y 27 -23.94 16.51 23.91
N GLY Y 28 -25.18 16.03 23.85
CA GLY Y 28 -26.31 16.95 23.89
C GLY Y 28 -27.62 16.27 24.24
N ARG Y 29 -28.45 16.96 25.03
CA ARG Y 29 -29.75 16.44 25.44
C ARG Y 29 -30.93 17.25 24.96
N ASP Y 30 -30.72 18.46 24.47
CA ASP Y 30 -31.79 19.39 24.14
C ASP Y 30 -31.87 19.66 22.65
N VAL Y 31 -31.09 18.93 21.85
CA VAL Y 31 -30.95 19.20 20.43
C VAL Y 31 -32.30 19.12 19.72
N ARG Y 32 -32.47 19.96 18.70
CA ARG Y 32 -33.67 19.99 17.89
C ARG Y 32 -33.34 19.56 16.48
N LYS Y 33 -34.10 18.60 15.97
CA LYS Y 33 -33.84 17.98 14.68
C LYS Y 33 -34.99 18.09 13.71
N VAL Y 34 -36.14 18.62 14.13
CA VAL Y 34 -37.29 18.82 13.26
C VAL Y 34 -37.50 20.32 13.14
N TYR Y 35 -37.48 20.82 11.90
CA TYR Y 35 -37.58 22.23 11.62
C TYR Y 35 -38.78 22.49 10.72
N ILE Y 36 -39.49 23.58 10.99
CA ILE Y 36 -40.54 24.03 10.10
C ILE Y 36 -39.85 24.77 8.96
N THR Y 37 -39.92 24.20 7.76
CA THR Y 37 -39.23 24.83 6.64
C THR Y 37 -40.11 25.79 5.86
N ASP Y 38 -41.43 25.62 5.89
CA ASP Y 38 -42.33 26.63 5.34
C ASP Y 38 -43.73 26.39 5.90
N ASP Y 39 -44.65 27.29 5.57
CA ASP Y 39 -45.98 27.29 6.18
C ASP Y 39 -46.64 25.91 6.16
N TYR Y 40 -46.29 25.05 5.21
CA TYR Y 40 -46.96 23.76 5.12
C TYR Y 40 -45.99 22.59 5.04
N THR Y 41 -44.73 22.77 5.42
CA THR Y 41 -43.77 21.68 5.36
C THR Y 41 -42.78 21.77 6.51
N ALA Y 42 -42.45 20.62 7.06
CA ALA Y 42 -41.40 20.44 8.05
C ALA Y 42 -40.45 19.33 7.60
N THR Y 43 -39.18 19.49 7.97
CA THR Y 43 -38.13 18.53 7.64
C THR Y 43 -37.37 18.15 8.90
N GLY Y 44 -37.11 16.86 9.07
CA GLY Y 44 -36.24 16.38 10.13
C GLY Y 44 -35.04 15.69 9.54
N ILE Y 45 -33.87 15.93 10.10
CA ILE Y 45 -32.64 15.45 9.48
C ILE Y 45 -31.83 14.63 10.47
N ALA Y 46 -31.16 13.60 9.94
CA ALA Y 46 -30.30 12.72 10.72
C ALA Y 46 -28.91 12.70 10.11
N GLY Y 47 -27.90 12.58 10.97
CA GLY Y 47 -26.53 12.51 10.50
C GLY Y 47 -25.62 13.51 11.17
N THR Y 48 -24.58 13.93 10.46
CA THR Y 48 -23.66 14.91 11.01
C THR Y 48 -24.40 16.20 11.31
N ALA Y 49 -24.24 16.69 12.54
CA ALA Y 49 -25.03 17.82 13.01
C ALA Y 49 -24.86 19.04 12.10
N ALA Y 50 -23.61 19.40 11.83
CA ALA Y 50 -23.32 20.56 11.00
C ALA Y 50 -24.04 20.49 9.67
N VAL Y 51 -23.89 19.36 8.97
CA VAL Y 51 -24.51 19.23 7.66
C VAL Y 51 -26.03 19.25 7.78
N ALA Y 52 -26.57 18.65 8.84
CA ALA Y 52 -28.02 18.60 8.99
C ALA Y 52 -28.61 19.99 9.16
N VAL Y 53 -28.04 20.77 10.09
CA VAL Y 53 -28.54 22.11 10.31
C VAL Y 53 -28.37 22.95 9.05
N GLU Y 54 -27.22 22.84 8.39
CA GLU Y 54 -26.99 23.58 7.16
C GLU Y 54 -28.07 23.25 6.12
N PHE Y 55 -28.40 21.96 6.00
CA PHE Y 55 -29.48 21.55 5.10
C PHE Y 55 -30.78 22.24 5.44
N ALA Y 56 -31.26 22.09 6.68
CA ALA Y 56 -32.56 22.63 7.02
C ALA Y 56 -32.62 24.13 6.79
N ARG Y 57 -31.62 24.85 7.27
CA ARG Y 57 -31.61 26.31 7.17
C ARG Y 57 -31.58 26.75 5.71
N LEU Y 58 -30.61 26.23 4.95
CA LEU Y 58 -30.48 26.59 3.54
C LEU Y 58 -31.74 26.26 2.76
N TYR Y 59 -32.39 25.14 3.10
CA TYR Y 59 -33.61 24.74 2.41
C TYR Y 59 -34.73 25.73 2.68
N ALA Y 60 -34.94 26.11 3.94
CA ALA Y 60 -35.95 27.11 4.26
C ALA Y 60 -35.71 28.40 3.48
N VAL Y 61 -34.46 28.86 3.46
CA VAL Y 61 -34.15 30.07 2.70
C VAL Y 61 -34.48 29.89 1.23
N GLU Y 62 -34.20 28.70 0.68
CA GLU Y 62 -34.45 28.50 -0.75
C GLU Y 62 -35.95 28.54 -1.07
N LEU Y 63 -36.76 27.87 -0.25
CA LEU Y 63 -38.20 27.85 -0.50
C LEU Y 63 -38.78 29.25 -0.43
N GLU Y 64 -38.52 29.95 0.67
CA GLU Y 64 -39.06 31.30 0.78
C GLU Y 64 -38.49 32.23 -0.29
N HIS Y 65 -37.25 31.97 -0.71
CA HIS Y 65 -36.65 32.74 -1.80
C HIS Y 65 -37.47 32.62 -3.08
N TYR Y 66 -37.74 31.38 -3.52
CA TYR Y 66 -38.59 31.22 -4.70
C TYR Y 66 -39.95 31.87 -4.49
N GLU Y 67 -40.54 31.70 -3.31
CA GLU Y 67 -41.88 32.23 -3.08
C GLU Y 67 -41.92 33.74 -3.23
N LYS Y 68 -40.92 34.43 -2.68
CA LYS Y 68 -40.91 35.88 -2.81
C LYS Y 68 -40.56 36.32 -4.23
N LEU Y 69 -39.70 35.58 -4.92
CA LEU Y 69 -39.33 36.01 -6.27
C LEU Y 69 -40.49 35.87 -7.24
N GLU Y 70 -41.20 34.74 -7.21
CA GLU Y 70 -42.21 34.46 -8.21
C GLU Y 70 -43.63 34.65 -7.71
N GLY Y 71 -43.82 35.05 -6.47
CA GLY Y 71 -45.13 35.36 -5.93
C GLY Y 71 -45.98 34.18 -5.51
N VAL Y 72 -45.51 32.96 -5.70
CA VAL Y 72 -46.25 31.76 -5.28
C VAL Y 72 -45.26 30.71 -4.81
N PRO Y 73 -45.64 29.95 -3.80
CA PRO Y 73 -44.73 28.90 -3.32
C PRO Y 73 -44.60 27.81 -4.35
N LEU Y 74 -43.52 27.05 -4.22
CA LEU Y 74 -43.29 25.95 -5.14
C LEU Y 74 -44.38 24.90 -5.00
N THR Y 75 -44.67 24.23 -6.11
CA THR Y 75 -45.48 23.04 -5.99
C THR Y 75 -44.74 22.05 -5.10
N PHE Y 76 -45.49 21.14 -4.49
CA PHE Y 76 -44.86 20.21 -3.56
C PHE Y 76 -43.79 19.38 -4.28
N ALA Y 77 -44.09 18.93 -5.50
CA ALA Y 77 -43.09 18.24 -6.30
C ALA Y 77 -41.82 19.08 -6.44
N GLY Y 78 -41.98 20.39 -6.62
CA GLY Y 78 -40.81 21.23 -6.72
C GLY Y 78 -39.97 21.21 -5.46
N LYS Y 79 -40.62 21.30 -4.30
CA LYS Y 79 -39.91 21.22 -3.02
C LYS Y 79 -39.16 19.91 -2.90
N ILE Y 80 -39.81 18.80 -3.28
CA ILE Y 80 -39.14 17.51 -3.26
C ILE Y 80 -37.88 17.56 -4.11
N ASN Y 81 -37.99 18.05 -5.34
CA ASN Y 81 -36.84 18.03 -6.22
C ASN Y 81 -35.71 18.88 -5.69
N ARG Y 82 -36.03 20.02 -5.08
CA ARG Y 82 -34.95 20.89 -4.59
C ARG Y 82 -34.21 20.24 -3.43
N LEU Y 83 -34.95 19.67 -2.47
CA LEU Y 83 -34.27 18.98 -1.38
C LEU Y 83 -33.41 17.84 -1.91
N ALA Y 84 -33.94 17.08 -2.86
CA ALA Y 84 -33.17 16.00 -3.46
C ALA Y 84 -31.88 16.51 -4.07
N ILE Y 85 -31.96 17.60 -4.83
CA ILE Y 85 -30.76 18.15 -5.47
C ILE Y 85 -29.74 18.56 -4.43
N MET Y 86 -30.21 19.12 -3.30
CA MET Y 86 -29.29 19.51 -2.25
C MET Y 86 -28.54 18.30 -1.69
N VAL Y 87 -29.27 17.23 -1.37
CA VAL Y 87 -28.64 16.02 -0.86
C VAL Y 87 -27.61 15.49 -1.85
N ARG Y 88 -28.03 15.29 -3.10
CA ARG Y 88 -27.09 14.82 -4.13
C ARG Y 88 -25.86 15.69 -4.17
N GLY Y 89 -26.03 17.00 -3.98
CA GLY Y 89 -24.86 17.87 -3.92
C GLY Y 89 -23.94 17.50 -2.77
N ASN Y 90 -24.51 17.10 -1.63
CA ASN Y 90 -23.62 16.76 -0.53
C ASN Y 90 -23.08 15.34 -0.61
N LEU Y 91 -23.38 14.59 -1.67
CA LEU Y 91 -22.97 13.18 -1.72
C LEU Y 91 -21.47 13.00 -1.53
N ALA Y 92 -20.66 13.81 -2.22
CA ALA Y 92 -19.21 13.61 -2.17
C ALA Y 92 -18.70 13.72 -0.74
N ALA Y 93 -19.07 14.79 -0.05
CA ALA Y 93 -18.71 14.93 1.36
C ALA Y 93 -19.29 13.79 2.18
N ALA Y 94 -20.50 13.33 1.84
CA ALA Y 94 -21.11 12.25 2.59
C ALA Y 94 -20.26 11.00 2.57
N MET Y 95 -19.57 10.74 1.46
CA MET Y 95 -18.69 9.59 1.46
C MET Y 95 -17.45 9.81 2.31
N GLN Y 96 -17.16 11.06 2.69
CA GLN Y 96 -16.03 11.37 3.55
C GLN Y 96 -16.43 11.64 4.99
N GLY Y 97 -17.65 11.29 5.37
CA GLY Y 97 -18.08 11.33 6.76
C GLY Y 97 -19.11 12.37 7.10
N LEU Y 98 -19.39 13.35 6.23
CA LEU Y 98 -20.36 14.38 6.54
C LEU Y 98 -21.74 14.02 5.97
N LEU Y 99 -22.27 12.88 6.41
CA LEU Y 99 -23.50 12.36 5.86
C LEU Y 99 -24.69 12.95 6.59
N ALA Y 100 -25.72 13.31 5.83
CA ALA Y 100 -26.96 13.81 6.42
C ALA Y 100 -28.11 13.46 5.49
N LEU Y 101 -29.15 12.84 6.03
CA LEU Y 101 -30.35 12.49 5.30
C LEU Y 101 -31.55 13.20 5.88
N PRO Y 102 -32.39 13.82 5.05
CA PRO Y 102 -33.60 14.44 5.56
C PRO Y 102 -34.81 13.54 5.41
N LEU Y 103 -35.88 13.93 6.08
CA LEU Y 103 -37.19 13.33 5.97
C LEU Y 103 -38.19 14.48 5.90
N LEU Y 104 -39.04 14.45 4.88
CA LEU Y 104 -39.92 15.56 4.55
C LEU Y 104 -41.36 15.20 4.84
N ALA Y 105 -42.05 16.08 5.56
CA ALA Y 105 -43.48 15.92 5.80
C ALA Y 105 -44.15 17.24 5.46
N GLY Y 106 -45.23 17.17 4.68
CA GLY Y 106 -45.88 18.39 4.25
C GLY Y 106 -47.37 18.19 4.03
N TYR Y 107 -48.05 19.29 3.76
CA TYR Y 107 -49.47 19.29 3.42
C TYR Y 107 -49.62 19.95 2.06
N ASP Y 108 -50.11 19.19 1.08
CA ASP Y 108 -50.20 19.67 -0.30
C ASP Y 108 -51.51 20.40 -0.46
N ILE Y 109 -51.43 21.74 -0.47
CA ILE Y 109 -52.63 22.56 -0.56
C ILE Y 109 -53.30 22.44 -1.93
N HIS Y 110 -52.60 21.91 -2.93
CA HIS Y 110 -53.17 21.72 -4.26
C HIS Y 110 -53.66 20.30 -4.49
N ALA Y 111 -53.74 19.48 -3.44
CA ALA Y 111 -54.13 18.09 -3.63
C ALA Y 111 -55.61 17.99 -3.92
N SER Y 112 -56.00 16.92 -4.60
CA SER Y 112 -57.39 16.71 -4.96
C SER Y 112 -58.26 16.54 -3.72
N ASP Y 113 -57.96 15.52 -2.92
CA ASP Y 113 -58.76 15.21 -1.75
C ASP Y 113 -58.11 15.81 -0.52
N PRO Y 114 -58.78 16.71 0.22
CA PRO Y 114 -58.16 17.31 1.41
C PRO Y 114 -57.97 16.34 2.56
N GLN Y 115 -58.53 15.14 2.50
CA GLN Y 115 -58.36 14.18 3.59
C GLN Y 115 -56.99 13.50 3.50
N SER Y 116 -56.51 13.27 2.28
CA SER Y 116 -55.23 12.62 2.02
C SER Y 116 -54.20 13.59 1.46
N ALA Y 117 -54.30 14.87 1.80
CA ALA Y 117 -53.36 15.87 1.32
C ALA Y 117 -52.04 15.86 2.08
N GLY Y 118 -51.91 15.06 3.13
CA GLY Y 118 -50.63 14.92 3.78
C GLY Y 118 -49.65 14.16 2.90
N ARG Y 119 -48.37 14.51 3.02
CA ARG Y 119 -47.33 13.92 2.18
C ARG Y 119 -46.10 13.61 3.02
N ILE Y 120 -45.50 12.44 2.78
CA ILE Y 120 -44.28 12.01 3.44
C ILE Y 120 -43.29 11.55 2.39
N VAL Y 121 -42.12 12.18 2.35
CA VAL Y 121 -41.10 11.90 1.36
C VAL Y 121 -39.80 11.58 2.07
N SER Y 122 -39.18 10.46 1.71
CA SER Y 122 -37.89 10.06 2.26
C SER Y 122 -36.82 10.11 1.19
N PHE Y 123 -35.56 10.23 1.64
CA PHE Y 123 -34.43 10.47 0.75
C PHE Y 123 -33.27 9.53 1.11
N ASP Y 124 -32.39 9.31 0.13
CA ASP Y 124 -31.16 8.58 0.35
C ASP Y 124 -29.96 9.48 0.07
N ALA Y 125 -28.77 8.97 0.40
CA ALA Y 125 -27.57 9.78 0.35
C ALA Y 125 -27.24 10.24 -1.06
N ALA Y 126 -27.79 9.58 -2.08
CA ALA Y 126 -27.51 9.91 -3.47
C ALA Y 126 -28.56 10.80 -4.11
N GLY Y 127 -29.53 11.28 -3.33
CA GLY Y 127 -30.56 12.16 -3.84
C GLY Y 127 -31.83 11.48 -4.31
N GLY Y 128 -31.88 10.15 -4.33
CA GLY Y 128 -33.12 9.48 -4.64
C GLY Y 128 -34.17 9.78 -3.59
N TRP Y 129 -35.44 9.69 -3.99
CA TRP Y 129 -36.52 9.96 -3.06
C TRP Y 129 -37.67 9.01 -3.33
N ASN Y 130 -38.48 8.79 -2.31
CA ASN Y 130 -39.70 8.03 -2.45
C ASN Y 130 -40.81 8.68 -1.63
N ILE Y 131 -41.94 8.90 -2.28
CA ILE Y 131 -43.15 9.34 -1.59
C ILE Y 131 -43.84 8.10 -1.03
N GLU Y 132 -44.03 8.08 0.28
CA GLU Y 132 -44.53 6.90 0.98
C GLU Y 132 -46.05 6.92 1.00
N GLU Y 133 -46.65 6.07 0.17
CA GLU Y 133 -48.10 5.90 0.16
C GLU Y 133 -48.57 4.86 1.15
N GLU Y 134 -47.81 4.65 2.24
CA GLU Y 134 -48.20 3.69 3.27
C GLU Y 134 -48.32 4.31 4.65
N GLY Y 135 -48.13 5.61 4.77
CA GLY Y 135 -48.59 6.35 5.91
C GLY Y 135 -47.51 6.76 6.89
N TYR Y 136 -46.40 6.04 6.95
CA TYR Y 136 -45.36 6.38 7.93
C TYR Y 136 -43.99 6.10 7.33
N GLN Y 137 -42.98 6.70 7.93
CA GLN Y 137 -41.60 6.51 7.52
C GLN Y 137 -40.73 7.08 8.62
N ALA Y 138 -39.47 6.64 8.67
CA ALA Y 138 -38.55 7.12 9.67
C ALA Y 138 -37.15 7.14 9.08
N VAL Y 139 -36.25 7.88 9.74
CA VAL Y 139 -34.87 8.00 9.29
C VAL Y 139 -34.00 8.13 10.53
N GLY Y 140 -32.77 7.65 10.43
CA GLY Y 140 -31.81 7.69 11.51
C GLY Y 140 -31.39 6.31 11.95
N SER Y 141 -30.49 6.27 12.92
CA SER Y 141 -29.94 4.99 13.36
C SER Y 141 -30.98 4.12 14.06
N GLY Y 142 -32.06 4.72 14.55
CA GLY Y 142 -33.16 3.98 15.13
C GLY Y 142 -34.37 3.86 14.24
N SER Y 143 -34.23 4.17 12.94
CA SER Y 143 -35.39 4.20 12.06
C SER Y 143 -36.04 2.84 11.88
N LEU Y 144 -35.25 1.76 11.95
CA LEU Y 144 -35.83 0.44 11.73
C LEU Y 144 -36.73 0.04 12.89
N PHE Y 145 -36.30 0.33 14.12
CA PHE Y 145 -37.15 0.04 15.26
C PHE Y 145 -38.42 0.87 15.24
N ALA Y 146 -38.31 2.16 14.91
CA ALA Y 146 -39.47 3.01 14.89
C ALA Y 146 -40.44 2.61 13.79
N LYS Y 147 -39.92 2.31 12.60
CA LYS Y 147 -40.78 1.85 11.52
C LYS Y 147 -41.48 0.55 11.90
N SER Y 148 -40.76 -0.36 12.56
CA SER Y 148 -41.39 -1.62 12.93
C SER Y 148 -42.43 -1.43 14.04
N SER Y 149 -42.24 -0.45 14.91
CA SER Y 149 -43.27 -0.17 15.89
C SER Y 149 -44.50 0.43 15.23
N MET Y 150 -44.30 1.43 14.36
CA MET Y 150 -45.43 2.03 13.66
C MET Y 150 -46.16 1.03 12.79
N LYS Y 151 -45.45 0.01 12.30
CA LYS Y 151 -46.11 -1.02 11.50
C LYS Y 151 -47.23 -1.69 12.27
N LYS Y 152 -47.08 -1.82 13.58
CA LYS Y 152 -48.11 -2.44 14.40
C LYS Y 152 -49.06 -1.42 14.99
N LEU Y 153 -48.59 -0.21 15.25
CA LEU Y 153 -49.41 0.80 15.91
C LEU Y 153 -50.16 1.71 14.96
N TYR Y 154 -49.98 1.56 13.65
CA TYR Y 154 -50.54 2.55 12.73
C TYR Y 154 -52.05 2.44 12.62
N SER Y 155 -52.60 1.24 12.80
CA SER Y 155 -54.04 1.07 12.74
C SER Y 155 -54.78 1.95 13.77
N GLN Y 156 -54.12 2.35 14.84
CA GLN Y 156 -54.78 3.17 15.84
C GLN Y 156 -54.80 4.64 15.48
N VAL Y 157 -54.25 5.03 14.34
CA VAL Y 157 -54.13 6.44 13.96
C VAL Y 157 -55.41 6.86 13.26
N THR Y 158 -56.16 7.77 13.88
CA THR Y 158 -57.36 8.30 13.26
C THR Y 158 -57.44 9.82 13.25
N ASP Y 159 -56.71 10.52 14.11
CA ASP Y 159 -56.73 11.98 14.11
C ASP Y 159 -55.35 12.47 14.55
N GLY Y 160 -55.24 13.78 14.80
CA GLY Y 160 -53.96 14.34 15.20
C GLY Y 160 -53.48 13.81 16.53
N ASP Y 161 -54.41 13.57 17.47
CA ASP Y 161 -53.98 13.16 18.80
C ASP Y 161 -53.47 11.73 18.80
N SER Y 162 -54.21 10.85 18.13
CA SER Y 162 -53.77 9.46 18.01
C SER Y 162 -52.48 9.37 17.23
N GLY Y 163 -52.38 10.14 16.15
CA GLY Y 163 -51.15 10.11 15.37
C GLY Y 163 -49.95 10.58 16.15
N LEU Y 164 -50.11 11.67 16.91
CA LEU Y 164 -49.00 12.12 17.73
C LEU Y 164 -48.61 11.07 18.76
N ARG Y 165 -49.60 10.37 19.33
CA ARG Y 165 -49.24 9.30 20.25
C ARG Y 165 -48.39 8.25 19.55
N VAL Y 166 -48.86 7.73 18.41
CA VAL Y 166 -48.11 6.69 17.72
C VAL Y 166 -46.70 7.17 17.37
N ALA Y 167 -46.56 8.43 16.99
CA ALA Y 167 -45.23 8.96 16.68
C ALA Y 167 -44.32 8.94 17.92
N VAL Y 168 -44.80 9.49 19.04
CA VAL Y 168 -43.97 9.51 20.24
C VAL Y 168 -43.66 8.09 20.72
N GLU Y 169 -44.62 7.16 20.60
CA GLU Y 169 -44.36 5.80 21.03
C GLU Y 169 -43.32 5.12 20.14
N ALA Y 170 -43.39 5.37 18.84
CA ALA Y 170 -42.35 4.88 17.94
C ALA Y 170 -40.98 5.42 18.34
N LEU Y 171 -40.89 6.72 18.62
CA LEU Y 171 -39.63 7.24 19.12
C LEU Y 171 -39.23 6.58 20.42
N TYR Y 172 -40.21 6.19 21.24
CA TYR Y 172 -39.90 5.52 22.49
C TYR Y 172 -39.23 4.19 22.24
N ASP Y 173 -39.80 3.39 21.33
CA ASP Y 173 -39.20 2.10 20.99
C ASP Y 173 -37.83 2.28 20.35
N ALA Y 174 -37.70 3.28 19.48
CA ALA Y 174 -36.40 3.57 18.89
C ALA Y 174 -35.37 3.81 19.98
N ALA Y 175 -35.68 4.70 20.92
CA ALA Y 175 -34.75 4.96 22.01
C ALA Y 175 -34.54 3.73 22.88
N ASP Y 176 -35.53 2.84 22.92
CA ASP Y 176 -35.43 1.64 23.73
C ASP Y 176 -34.40 0.67 23.17
N ASP Y 177 -34.29 0.58 21.85
CA ASP Y 177 -33.39 -0.39 21.24
C ASP Y 177 -32.12 0.22 20.63
N ASP Y 178 -31.99 1.55 20.62
CA ASP Y 178 -30.86 2.23 20.00
C ASP Y 178 -30.25 3.23 20.96
N SER Y 179 -28.96 3.10 21.24
CA SER Y 179 -28.34 3.97 22.23
C SER Y 179 -28.10 5.37 21.70
N ALA Y 180 -28.10 5.57 20.39
CA ALA Y 180 -27.91 6.89 19.81
C ALA Y 180 -29.19 7.70 19.75
N THR Y 181 -30.34 7.13 20.08
CA THR Y 181 -31.61 7.84 20.14
C THR Y 181 -32.00 8.04 21.59
N GLY Y 182 -32.35 9.27 21.96
CA GLY Y 182 -32.66 9.59 23.32
C GLY Y 182 -34.14 9.50 23.61
N GLY Y 183 -34.49 8.84 24.71
CA GLY Y 183 -35.85 8.77 25.17
C GLY Y 183 -36.23 9.93 26.06
N PRO Y 184 -37.44 9.89 26.61
CA PRO Y 184 -37.89 11.00 27.46
C PRO Y 184 -37.11 11.05 28.76
N ASP Y 185 -36.62 12.24 29.10
CA ASP Y 185 -35.85 12.47 30.31
C ASP Y 185 -36.78 13.05 31.34
N LEU Y 186 -37.29 12.20 32.23
CA LEU Y 186 -38.23 12.65 33.23
C LEU Y 186 -37.57 13.47 34.32
N VAL Y 187 -36.25 13.31 34.51
CA VAL Y 187 -35.57 14.13 35.51
C VAL Y 187 -35.42 15.55 35.02
N ARG Y 188 -34.95 15.73 33.79
CA ARG Y 188 -34.73 17.06 33.22
C ARG Y 188 -35.94 17.62 32.48
N GLY Y 189 -36.95 16.81 32.20
CA GLY Y 189 -38.09 17.31 31.46
C GLY Y 189 -37.77 17.66 30.02
N ILE Y 190 -37.04 16.80 29.33
CA ILE Y 190 -36.69 16.99 27.93
C ILE Y 190 -37.36 15.88 27.15
N PHE Y 191 -38.17 16.25 26.16
CA PHE Y 191 -38.96 15.30 25.41
C PHE Y 191 -38.73 15.51 23.92
N PRO Y 192 -39.11 14.57 23.10
CA PRO Y 192 -38.96 14.76 21.65
C PRO Y 192 -39.64 16.02 21.19
N THR Y 193 -39.20 16.58 20.08
CA THR Y 193 -39.89 17.71 19.50
C THR Y 193 -40.83 17.19 18.43
N ALA Y 194 -41.97 17.86 18.29
CA ALA Y 194 -42.95 17.41 17.32
C ALA Y 194 -43.54 18.61 16.59
N VAL Y 195 -43.94 18.36 15.36
CA VAL Y 195 -44.62 19.32 14.51
C VAL Y 195 -45.82 18.64 13.89
N ILE Y 196 -46.95 19.33 13.86
CA ILE Y 196 -48.17 18.85 13.24
C ILE Y 196 -48.55 19.82 12.12
N ILE Y 197 -49.02 19.28 11.00
CA ILE Y 197 -49.30 20.07 9.80
C ILE Y 197 -50.66 19.68 9.26
N ASP Y 198 -51.55 20.65 9.12
CA ASP Y 198 -52.85 20.42 8.48
C ASP Y 198 -53.15 21.60 7.55
N ALA Y 199 -54.43 21.74 7.18
CA ALA Y 199 -54.80 22.79 6.23
C ALA Y 199 -54.52 24.18 6.78
N ASP Y 200 -54.48 24.33 8.09
CA ASP Y 200 -54.17 25.61 8.72
C ASP Y 200 -52.68 25.86 8.85
N GLY Y 201 -51.83 24.95 8.40
CA GLY Y 201 -50.41 25.17 8.44
C GLY Y 201 -49.62 24.21 9.30
N ALA Y 202 -48.38 24.60 9.61
CA ALA Y 202 -47.47 23.81 10.41
C ALA Y 202 -47.33 24.47 11.77
N VAL Y 203 -47.49 23.68 12.83
CA VAL Y 203 -47.42 24.18 14.20
C VAL Y 203 -46.48 23.30 15.00
N ASP Y 204 -45.74 23.94 15.91
CA ASP Y 204 -44.99 23.20 16.91
C ASP Y 204 -45.95 22.62 17.92
N VAL Y 205 -45.82 21.34 18.21
CA VAL Y 205 -46.58 20.79 19.34
C VAL Y 205 -45.94 21.28 20.63
N PRO Y 206 -46.70 21.85 21.56
CA PRO Y 206 -46.06 22.34 22.79
C PRO Y 206 -45.45 21.17 23.55
N GLU Y 207 -44.31 21.44 24.18
CA GLU Y 207 -43.54 20.37 24.81
C GLU Y 207 -44.35 19.64 25.87
N SER Y 208 -45.20 20.37 26.61
CA SER Y 208 -45.97 19.77 27.68
C SER Y 208 -46.87 18.64 27.17
N ARG Y 209 -47.45 18.80 25.99
CA ARG Y 209 -48.29 17.75 25.43
C ARG Y 209 -47.47 16.48 25.18
N ILE Y 210 -46.31 16.65 24.57
CA ILE Y 210 -45.41 15.52 24.36
C ILE Y 210 -45.09 14.86 25.70
N ALA Y 211 -44.88 15.68 26.73
CA ALA Y 211 -44.63 15.15 28.06
C ALA Y 211 -45.77 14.25 28.52
N GLU Y 212 -47.00 14.76 28.46
CA GLU Y 212 -48.15 13.95 28.86
C GLU Y 212 -48.16 12.62 28.11
N LEU Y 213 -47.93 12.65 26.80
CA LEU Y 213 -47.96 11.40 26.04
C LEU Y 213 -46.85 10.45 26.48
N ALA Y 214 -45.67 11.00 26.74
CA ALA Y 214 -44.58 10.18 27.23
C ALA Y 214 -44.96 9.48 28.52
N ARG Y 215 -45.49 10.23 29.50
CA ARG Y 215 -45.91 9.61 30.74
C ARG Y 215 -46.98 8.55 30.49
N ALA Y 216 -47.86 8.78 29.52
CA ALA Y 216 -48.85 7.75 29.20
C ALA Y 216 -48.18 6.47 28.73
N ILE Y 217 -47.18 6.59 27.88
CA ILE Y 217 -46.51 5.41 27.34
C ILE Y 217 -45.76 4.68 28.44
N ILE Y 218 -45.01 5.43 29.25
CA ILE Y 218 -44.26 4.86 30.35
C ILE Y 218 -45.18 4.11 31.31
N GLU Y 219 -46.29 4.74 31.71
CA GLU Y 219 -47.24 4.05 32.57
C GLU Y 219 -47.79 2.80 31.90
N SER Y 220 -48.03 2.86 30.59
CA SER Y 220 -48.55 1.69 29.91
C SER Y 220 -47.57 0.53 29.89
N ARG Y 221 -46.27 0.82 29.90
CA ARG Y 221 -45.31 -0.28 29.80
C ARG Y 221 -44.91 -0.87 31.15
N SER Y 222 -45.18 -0.19 32.26
CA SER Y 222 -44.86 -0.69 33.58
C SER Y 222 -46.08 -1.35 34.22
N GLY Y 223 -45.83 -2.09 35.29
CA GLY Y 223 -46.88 -2.72 36.06
C GLY Y 223 -47.57 -1.77 37.01
N THR Z 1 -5.10 21.56 27.36
CA THR Z 1 -5.93 22.75 27.38
C THR Z 1 -7.29 22.44 27.96
N THR Z 2 -7.81 23.38 28.76
CA THR Z 2 -9.18 23.32 29.24
C THR Z 2 -9.70 24.74 29.32
N ILE Z 3 -10.87 24.95 28.72
CA ILE Z 3 -11.60 26.21 28.79
C ILE Z 3 -12.97 25.89 29.36
N VAL Z 4 -13.38 26.64 30.37
CA VAL Z 4 -14.67 26.45 31.00
C VAL Z 4 -15.49 27.72 30.85
N ALA Z 5 -16.81 27.55 30.83
CA ALA Z 5 -17.72 28.69 30.86
C ALA Z 5 -18.99 28.25 31.57
N LEU Z 6 -19.53 29.15 32.40
CA LEU Z 6 -20.77 28.87 33.10
C LEU Z 6 -21.60 30.13 33.19
N LYS Z 7 -22.92 29.94 33.24
CA LYS Z 7 -23.88 31.01 33.43
C LYS Z 7 -24.16 31.20 34.91
N TYR Z 8 -24.21 32.45 35.35
CA TYR Z 8 -24.69 32.78 36.68
C TYR Z 8 -25.80 33.80 36.56
N PRO Z 9 -26.59 34.01 37.62
CA PRO Z 9 -27.71 34.97 37.51
C PRO Z 9 -27.27 36.34 37.04
N GLY Z 10 -27.64 36.69 35.82
CA GLY Z 10 -27.33 38.00 35.30
C GLY Z 10 -26.00 38.10 34.58
N GLY Z 11 -25.32 37.00 34.33
CA GLY Z 11 -24.05 37.09 33.64
C GLY Z 11 -23.50 35.74 33.26
N VAL Z 12 -22.27 35.76 32.74
CA VAL Z 12 -21.58 34.55 32.31
C VAL Z 12 -20.11 34.72 32.65
N VAL Z 13 -19.44 33.60 32.88
CA VAL Z 13 -18.02 33.59 33.22
C VAL Z 13 -17.32 32.56 32.33
N MET Z 14 -16.10 32.88 31.91
CA MET Z 14 -15.28 31.98 31.13
C MET Z 14 -13.85 32.04 31.66
N ALA Z 15 -13.21 30.88 31.77
CA ALA Z 15 -11.84 30.83 32.28
C ALA Z 15 -11.06 29.77 31.52
N GLY Z 16 -9.75 29.95 31.44
CA GLY Z 16 -8.91 29.02 30.72
C GLY Z 16 -7.55 28.89 31.36
N ASP Z 17 -6.93 27.73 31.16
CA ASP Z 17 -5.62 27.43 31.72
C ASP Z 17 -4.54 28.13 30.91
N ARG Z 18 -3.28 27.92 31.32
CA ARG Z 18 -2.17 28.70 30.80
C ARG Z 18 -1.07 27.88 30.16
N ARG Z 19 -1.28 26.59 29.93
CA ARG Z 19 -0.20 25.70 29.53
C ARG Z 19 -0.14 25.55 28.01
N SER Z 20 1.07 25.52 27.49
CA SER Z 20 1.34 25.23 26.08
C SER Z 20 2.31 24.07 25.99
N THR Z 21 1.97 23.06 25.20
CA THR Z 21 2.77 21.84 25.12
C THR Z 21 3.14 21.52 23.69
N GLN Z 22 4.29 20.88 23.54
CA GLN Z 22 4.73 20.23 22.31
C GLN Z 22 4.88 18.75 22.65
N GLY Z 23 3.83 17.98 22.40
CA GLY Z 23 3.87 16.61 22.83
C GLY Z 23 3.88 16.52 24.34
N ASN Z 24 4.93 15.95 24.89
CA ASN Z 24 5.09 15.83 26.33
C ASN Z 24 5.76 17.04 26.95
N MET Z 25 6.44 17.86 26.14
CA MET Z 25 7.22 18.97 26.65
C MET Z 25 6.35 20.18 26.90
N ILE Z 26 6.63 20.88 27.99
CA ILE Z 26 5.94 22.12 28.33
C ILE Z 26 6.67 23.27 27.64
N SER Z 27 6.02 23.88 26.65
CA SER Z 27 6.61 24.97 25.89
C SER Z 27 6.09 26.33 26.32
N GLY Z 28 5.13 26.38 27.24
CA GLY Z 28 4.64 27.66 27.71
C GLY Z 28 3.89 27.61 29.02
N ARG Z 29 4.08 28.62 29.87
CA ARG Z 29 3.40 28.69 31.15
C ARG Z 29 2.48 29.89 31.30
N ASP Z 30 2.60 30.90 30.45
CA ASP Z 30 1.89 32.16 30.59
C ASP Z 30 0.89 32.34 29.47
N VAL Z 31 0.68 31.30 28.67
CA VAL Z 31 -0.13 31.39 27.47
C VAL Z 31 -1.55 31.85 27.80
N ARG Z 32 -2.10 32.70 26.94
CA ARG Z 32 -3.45 33.22 27.09
C ARG Z 32 -4.36 32.58 26.05
N LYS Z 33 -5.46 31.98 26.51
CA LYS Z 33 -6.37 31.25 25.62
C LYS Z 33 -7.79 31.78 25.60
N VAL Z 34 -8.13 32.74 26.46
CA VAL Z 34 -9.48 33.31 26.50
C VAL Z 34 -9.36 34.78 26.11
N TYR Z 35 -10.09 35.17 25.07
CA TYR Z 35 -10.01 36.52 24.54
C TYR Z 35 -11.38 37.17 24.52
N ILE Z 36 -11.40 38.45 24.88
CA ILE Z 36 -12.62 39.25 24.77
C ILE Z 36 -12.74 39.64 23.30
N THR Z 37 -13.74 39.11 22.62
CA THR Z 37 -13.88 39.38 21.21
C THR Z 37 -14.76 40.59 20.91
N ASP Z 38 -15.65 40.96 21.83
CA ASP Z 38 -16.37 42.23 21.68
C ASP Z 38 -16.98 42.61 23.02
N ASP Z 39 -17.57 43.81 23.05
CA ASP Z 39 -18.02 44.39 24.31
C ASP Z 39 -18.87 43.44 25.14
N TYR Z 40 -19.52 42.47 24.51
CA TYR Z 40 -20.39 41.56 25.24
C TYR Z 40 -20.14 40.09 24.94
N THR Z 41 -18.98 39.73 24.40
CA THR Z 41 -18.67 38.33 24.13
C THR Z 41 -17.18 38.06 24.29
N ALA Z 42 -16.88 36.87 24.82
CA ALA Z 42 -15.54 36.32 24.94
C ALA Z 42 -15.50 34.94 24.29
N THR Z 43 -14.34 34.59 23.76
CA THR Z 43 -14.08 33.31 23.12
C THR Z 43 -12.84 32.66 23.71
N GLY Z 44 -12.93 31.38 24.01
CA GLY Z 44 -11.76 30.61 24.41
C GLY Z 44 -11.56 29.47 23.42
N ILE Z 45 -10.32 29.21 23.04
CA ILE Z 45 -10.05 28.23 21.98
C ILE Z 45 -9.04 27.19 22.43
N ALA Z 46 -9.23 25.96 21.96
CA ALA Z 46 -8.34 24.84 22.25
C ALA Z 46 -7.82 24.25 20.95
N GLY Z 47 -6.57 23.80 20.96
CA GLY Z 47 -6.00 23.18 19.78
C GLY Z 47 -4.67 23.77 19.37
N THR Z 48 -4.35 23.72 18.08
CA THR Z 48 -3.10 24.28 17.61
C THR Z 48 -3.06 25.79 17.88
N ALA Z 49 -1.98 26.23 18.53
CA ALA Z 49 -1.90 27.60 19.00
C ALA Z 49 -2.06 28.58 17.85
N ALA Z 50 -1.31 28.38 16.76
CA ALA Z 50 -1.40 29.30 15.63
C ALA Z 50 -2.84 29.46 15.18
N VAL Z 51 -3.52 28.34 14.97
CA VAL Z 51 -4.90 28.39 14.51
C VAL Z 51 -5.81 29.03 15.56
N ALA Z 52 -5.55 28.77 16.84
CA ALA Z 52 -6.41 29.31 17.88
C ALA Z 52 -6.32 30.84 17.95
N VAL Z 53 -5.11 31.38 18.02
CA VAL Z 53 -4.97 32.83 18.07
C VAL Z 53 -5.50 33.45 16.78
N GLU Z 54 -5.24 32.81 15.64
CA GLU Z 54 -5.76 33.32 14.39
C GLU Z 54 -7.28 33.40 14.41
N PHE Z 55 -7.94 32.36 14.94
CA PHE Z 55 -9.39 32.39 15.09
C PHE Z 55 -9.84 33.57 15.93
N ALA Z 56 -9.29 33.71 17.14
CA ALA Z 56 -9.75 34.76 18.04
C ALA Z 56 -9.57 36.14 17.41
N ARG Z 57 -8.37 36.41 16.91
CA ARG Z 57 -8.07 37.71 16.33
C ARG Z 57 -8.97 38.02 15.14
N LEU Z 58 -8.99 37.11 14.17
CA LEU Z 58 -9.80 37.32 12.99
C LEU Z 58 -11.27 37.50 13.33
N TYR Z 59 -11.75 36.77 14.34
CA TYR Z 59 -13.16 36.85 14.73
C TYR Z 59 -13.49 38.20 15.31
N ALA Z 60 -12.69 38.68 16.27
CA ALA Z 60 -12.91 40.01 16.81
C ALA Z 60 -12.92 41.06 15.70
N VAL Z 61 -11.95 40.98 14.79
CA VAL Z 61 -11.93 41.92 13.68
C VAL Z 61 -13.20 41.81 12.85
N GLU Z 62 -13.69 40.59 12.63
CA GLU Z 62 -14.88 40.42 11.80
C GLU Z 62 -16.11 41.04 12.46
N LEU Z 63 -16.28 40.82 13.75
CA LEU Z 63 -17.42 41.40 14.45
C LEU Z 63 -17.36 42.92 14.41
N GLU Z 64 -16.24 43.50 14.82
CA GLU Z 64 -16.16 44.96 14.81
C GLU Z 64 -16.28 45.52 13.39
N HIS Z 65 -15.80 44.78 12.40
CA HIS Z 65 -15.96 45.19 11.01
C HIS Z 65 -17.43 45.36 10.66
N TYR Z 66 -18.23 44.32 10.92
CA TYR Z 66 -19.67 44.46 10.66
C TYR Z 66 -20.25 45.63 11.44
N GLU Z 67 -19.82 45.80 12.70
CA GLU Z 67 -20.40 46.84 13.55
C GLU Z 67 -20.15 48.23 12.98
N LYS Z 68 -18.93 48.49 12.50
CA LYS Z 68 -18.64 49.79 11.92
C LYS Z 68 -19.29 49.97 10.55
N LEU Z 69 -19.41 48.90 9.77
CA LEU Z 69 -20.01 49.04 8.45
C LEU Z 69 -21.49 49.35 8.54
N GLU Z 70 -22.23 48.62 9.37
CA GLU Z 70 -23.69 48.72 9.39
C GLU Z 70 -24.23 49.52 10.56
N GLY Z 71 -23.37 50.03 11.44
CA GLY Z 71 -23.78 50.91 12.52
C GLY Z 71 -24.41 50.24 13.72
N VAL Z 72 -24.55 48.92 13.72
CA VAL Z 72 -25.16 48.21 14.84
C VAL Z 72 -24.46 46.85 14.90
N PRO Z 73 -24.21 46.30 16.09
CA PRO Z 73 -23.54 45.00 16.15
C PRO Z 73 -24.44 43.89 15.67
N LEU Z 74 -23.82 42.76 15.35
CA LEU Z 74 -24.57 41.59 14.96
C LEU Z 74 -25.40 41.08 16.13
N THR Z 75 -26.57 40.53 15.83
CA THR Z 75 -27.31 39.78 16.83
C THR Z 75 -26.48 38.59 17.29
N PHE Z 76 -26.80 38.08 18.48
CA PHE Z 76 -26.01 36.97 19.00
C PHE Z 76 -26.05 35.78 18.05
N ALA Z 77 -27.22 35.46 17.50
CA ALA Z 77 -27.31 34.40 16.51
C ALA Z 77 -26.34 34.64 15.36
N GLY Z 78 -26.20 35.89 14.93
CA GLY Z 78 -25.25 36.19 13.88
C GLY Z 78 -23.82 35.92 14.28
N LYS Z 79 -23.44 36.33 15.48
CA LYS Z 79 -22.10 36.05 15.98
C LYS Z 79 -21.83 34.54 16.00
N ILE Z 80 -22.82 33.78 16.46
CA ILE Z 80 -22.72 32.32 16.44
C ILE Z 80 -22.46 31.83 15.03
N ASN Z 81 -23.26 32.27 14.07
CA ASN Z 81 -23.15 31.75 12.72
C ASN Z 81 -21.80 32.08 12.11
N ARG Z 82 -21.29 33.28 12.38
CA ARG Z 82 -20.00 33.63 11.79
C ARG Z 82 -18.89 32.78 12.38
N LEU Z 83 -18.87 32.61 13.70
CA LEU Z 83 -17.87 31.73 14.30
C LEU Z 83 -17.97 30.32 13.73
N ALA Z 84 -19.19 29.80 13.60
CA ALA Z 84 -19.38 28.49 13.02
C ALA Z 84 -18.80 28.39 11.62
N ILE Z 85 -19.07 29.38 10.77
CA ILE Z 85 -18.55 29.32 9.41
C ILE Z 85 -17.03 29.32 9.41
N MET Z 86 -16.42 30.05 10.34
CA MET Z 86 -14.96 30.05 10.40
C MET Z 86 -14.43 28.66 10.74
N VAL Z 87 -15.00 28.05 11.78
CA VAL Z 87 -14.60 26.69 12.14
C VAL Z 87 -14.79 25.72 10.98
N ARG Z 88 -15.93 25.81 10.28
CA ARG Z 88 -16.17 24.91 9.14
C ARG Z 88 -15.20 25.18 8.01
N GLY Z 89 -14.73 26.42 7.88
CA GLY Z 89 -13.72 26.71 6.89
C GLY Z 89 -12.42 26.00 7.19
N ASN Z 90 -12.07 25.87 8.47
CA ASN Z 90 -10.79 25.24 8.78
C ASN Z 90 -10.83 23.71 8.75
N LEU Z 91 -11.96 23.09 8.39
CA LEU Z 91 -12.09 21.64 8.57
C LEU Z 91 -10.99 20.86 7.84
N ALA Z 92 -10.67 21.26 6.61
CA ALA Z 92 -9.67 20.52 5.85
C ALA Z 92 -8.35 20.48 6.58
N ALA Z 93 -7.83 21.65 6.97
CA ALA Z 93 -6.59 21.70 7.73
C ALA Z 93 -6.73 20.96 9.07
N ALA Z 94 -7.90 21.05 9.70
CA ALA Z 94 -8.10 20.38 10.97
C ALA Z 94 -7.86 18.89 10.83
N MET Z 95 -8.36 18.29 9.75
CA MET Z 95 -8.08 16.88 9.52
C MET Z 95 -6.60 16.61 9.35
N GLN Z 96 -5.81 17.61 9.00
CA GLN Z 96 -4.37 17.45 8.82
C GLN Z 96 -3.56 17.85 10.05
N GLY Z 97 -4.23 18.07 11.19
CA GLY Z 97 -3.54 18.30 12.44
C GLY Z 97 -3.65 19.72 12.98
N LEU Z 98 -4.10 20.67 12.17
CA LEU Z 98 -4.24 22.05 12.62
C LEU Z 98 -5.64 22.33 13.13
N LEU Z 99 -6.01 21.58 14.17
CA LEU Z 99 -7.36 21.62 14.73
C LEU Z 99 -7.49 22.71 15.79
N ALA Z 100 -8.63 23.39 15.80
CA ALA Z 100 -8.92 24.38 16.83
C ALA Z 100 -10.43 24.43 17.03
N LEU Z 101 -10.86 24.28 18.28
CA LEU Z 101 -12.26 24.33 18.65
C LEU Z 101 -12.52 25.51 19.54
N PRO Z 102 -13.54 26.30 19.26
CA PRO Z 102 -13.85 27.44 20.12
C PRO Z 102 -14.97 27.15 21.11
N LEU Z 103 -15.07 28.00 22.12
CA LEU Z 103 -16.19 28.04 23.06
C LEU Z 103 -16.54 29.50 23.23
N LEU Z 104 -17.81 29.83 23.01
CA LEU Z 104 -18.25 31.21 22.98
C LEU Z 104 -19.13 31.49 24.18
N ALA Z 105 -18.87 32.57 24.89
CA ALA Z 105 -19.71 33.01 25.99
C ALA Z 105 -20.07 34.47 25.79
N GLY Z 106 -21.34 34.81 25.94
CA GLY Z 106 -21.76 36.16 25.70
C GLY Z 106 -22.96 36.54 26.55
N TYR Z 107 -23.31 37.82 26.48
CA TYR Z 107 -24.48 38.37 27.14
C TYR Z 107 -25.34 39.02 26.06
N ASP Z 108 -26.55 38.51 25.87
CA ASP Z 108 -27.43 38.95 24.79
C ASP Z 108 -28.21 40.16 25.26
N ILE Z 109 -27.81 41.34 24.80
CA ILE Z 109 -28.45 42.58 25.22
C ILE Z 109 -29.89 42.69 24.70
N HIS Z 110 -30.26 41.88 23.71
CA HIS Z 110 -31.61 41.89 23.15
C HIS Z 110 -32.49 40.80 23.74
N ALA Z 111 -32.05 40.13 24.79
CA ALA Z 111 -32.83 39.05 25.36
C ALA Z 111 -34.02 39.61 26.13
N SER Z 112 -35.07 38.78 26.23
CA SER Z 112 -36.25 39.19 26.97
C SER Z 112 -35.94 39.37 28.45
N ASP Z 113 -35.50 38.29 29.11
CA ASP Z 113 -35.26 38.34 30.54
C ASP Z 113 -33.78 38.61 30.78
N PRO Z 114 -33.43 39.73 31.43
CA PRO Z 114 -32.01 40.04 31.63
C PRO Z 114 -31.30 39.13 32.62
N GLN Z 115 -32.02 38.43 33.48
CA GLN Z 115 -31.37 37.54 34.41
C GLN Z 115 -30.92 36.24 33.76
N SER Z 116 -31.48 35.90 32.60
CA SER Z 116 -31.12 34.71 31.85
C SER Z 116 -30.60 35.06 30.46
N ALA Z 117 -30.01 36.25 30.32
CA ALA Z 117 -29.44 36.69 29.06
C ALA Z 117 -28.06 36.11 28.79
N GLY Z 118 -27.50 35.35 29.73
CA GLY Z 118 -26.21 34.72 29.47
C GLY Z 118 -26.33 33.65 28.40
N ARG Z 119 -25.25 33.50 27.64
CA ARG Z 119 -25.25 32.55 26.53
C ARG Z 119 -23.92 31.82 26.50
N ILE Z 120 -23.98 30.50 26.34
CA ILE Z 120 -22.82 29.63 26.19
C ILE Z 120 -23.06 28.74 24.99
N VAL Z 121 -22.16 28.81 24.01
CA VAL Z 121 -22.29 28.08 22.76
C VAL Z 121 -21.03 27.27 22.54
N SER Z 122 -21.19 25.98 22.22
CA SER Z 122 -20.08 25.08 21.94
C SER Z 122 -20.07 24.66 20.47
N PHE Z 123 -18.89 24.26 20.00
CA PHE Z 123 -18.68 23.98 18.59
C PHE Z 123 -17.92 22.67 18.39
N ASP Z 124 -18.11 22.07 17.21
CA ASP Z 124 -17.37 20.90 16.77
C ASP Z 124 -16.56 21.23 15.52
N ALA Z 125 -15.67 20.31 15.16
CA ALA Z 125 -14.71 20.59 14.10
C ALA Z 125 -15.36 20.85 12.75
N ALA Z 126 -16.60 20.41 12.56
CA ALA Z 126 -17.28 20.57 11.29
C ALA Z 126 -18.16 21.80 11.25
N GLY Z 127 -18.12 22.62 12.29
CA GLY Z 127 -18.91 23.83 12.34
C GLY Z 127 -20.24 23.70 13.03
N GLY Z 128 -20.64 22.49 13.43
CA GLY Z 128 -21.84 22.36 14.23
C GLY Z 128 -21.71 23.10 15.54
N TRP Z 129 -22.84 23.54 16.07
CA TRP Z 129 -22.84 24.31 17.30
C TRP Z 129 -24.07 23.97 18.11
N ASN Z 130 -23.97 24.20 19.41
CA ASN Z 130 -25.12 24.02 20.28
C ASN Z 130 -25.11 25.15 21.31
N ILE Z 131 -26.25 25.82 21.45
CA ILE Z 131 -26.41 26.80 22.52
C ILE Z 131 -26.73 26.02 23.79
N GLU Z 132 -25.88 26.17 24.79
CA GLU Z 132 -25.88 25.25 25.92
C GLU Z 132 -26.90 25.70 26.94
N GLU Z 133 -27.90 24.85 27.19
CA GLU Z 133 -29.00 25.21 28.06
C GLU Z 133 -28.78 24.79 29.51
N GLU Z 134 -27.75 24.01 29.80
CA GLU Z 134 -27.57 23.49 31.14
C GLU Z 134 -26.69 24.36 32.04
N GLY Z 135 -26.24 25.51 31.56
CA GLY Z 135 -25.58 26.45 32.42
C GLY Z 135 -24.06 26.43 32.36
N TYR Z 136 -23.46 25.31 31.95
CA TYR Z 136 -22.01 25.21 31.89
C TYR Z 136 -21.59 24.38 30.69
N GLN Z 137 -20.33 24.55 30.30
CA GLN Z 137 -19.75 23.81 29.19
C GLN Z 137 -18.24 24.02 29.23
N ALA Z 138 -17.51 23.11 28.60
CA ALA Z 138 -16.06 23.19 28.56
C ALA Z 138 -15.56 22.61 27.25
N VAL Z 139 -14.29 22.88 26.95
CA VAL Z 139 -13.63 22.38 25.75
C VAL Z 139 -12.16 22.17 26.06
N GLY Z 140 -11.55 21.21 25.38
CA GLY Z 140 -10.13 20.92 25.54
C GLY Z 140 -9.90 19.51 26.02
N SER Z 141 -8.61 19.18 26.15
CA SER Z 141 -8.24 17.82 26.51
C SER Z 141 -8.66 17.45 27.92
N GLY Z 142 -8.86 18.42 28.79
CA GLY Z 142 -9.37 18.19 30.13
C GLY Z 142 -10.83 18.55 30.30
N SER Z 143 -11.57 18.79 29.22
CA SER Z 143 -12.93 19.30 29.33
C SER Z 143 -13.85 18.31 30.02
N LEU Z 144 -13.58 17.01 29.90
CA LEU Z 144 -14.49 16.04 30.48
C LEU Z 144 -14.43 16.08 31.99
N PHE Z 145 -13.22 16.19 32.55
CA PHE Z 145 -13.06 16.28 33.98
C PHE Z 145 -13.71 17.55 34.52
N ALA Z 146 -13.53 18.68 33.82
CA ALA Z 146 -14.10 19.94 34.26
C ALA Z 146 -15.62 19.90 34.20
N LYS Z 147 -16.19 19.36 33.11
CA LYS Z 147 -17.65 19.25 33.07
C LYS Z 147 -18.15 18.39 34.21
N SER Z 148 -17.46 17.29 34.52
CA SER Z 148 -17.95 16.44 35.60
C SER Z 148 -17.81 17.10 36.96
N SER Z 149 -16.82 17.99 37.12
CA SER Z 149 -16.73 18.73 38.38
C SER Z 149 -17.87 19.75 38.49
N MET Z 150 -18.09 20.52 37.43
CA MET Z 150 -19.16 21.51 37.46
C MET Z 150 -20.52 20.85 37.65
N LYS Z 151 -20.68 19.61 37.17
CA LYS Z 151 -21.95 18.91 37.37
C LYS Z 151 -22.28 18.80 38.85
N LYS Z 152 -21.27 18.69 39.71
CA LYS Z 152 -21.50 18.59 41.13
C LYS Z 152 -21.45 19.95 41.83
N LEU Z 153 -20.65 20.89 41.34
CA LEU Z 153 -20.49 22.16 42.03
C LEU Z 153 -21.45 23.25 41.55
N TYR Z 154 -22.27 22.98 40.54
CA TYR Z 154 -23.04 24.06 39.92
C TYR Z 154 -24.16 24.55 40.83
N SER Z 155 -24.68 23.67 41.69
CA SER Z 155 -25.70 24.09 42.63
C SER Z 155 -25.25 25.26 43.49
N GLN Z 156 -23.96 25.44 43.66
CA GLN Z 156 -23.42 26.51 44.51
C GLN Z 156 -23.34 27.86 43.81
N VAL Z 157 -23.74 27.97 42.55
CA VAL Z 157 -23.59 29.22 41.81
C VAL Z 157 -24.84 30.07 42.06
N THR Z 158 -24.64 31.20 42.73
CA THR Z 158 -25.71 32.16 43.00
C THR Z 158 -25.37 33.58 42.60
N ASP Z 159 -24.10 33.90 42.38
CA ASP Z 159 -23.68 35.23 42.00
C ASP Z 159 -22.46 35.12 41.11
N GLY Z 160 -21.86 36.26 40.77
CA GLY Z 160 -20.65 36.24 39.99
C GLY Z 160 -19.49 35.61 40.74
N ASP Z 161 -19.45 35.80 42.06
CA ASP Z 161 -18.30 35.34 42.84
C ASP Z 161 -18.31 33.83 42.98
N SER Z 162 -19.45 33.25 43.36
CA SER Z 162 -19.52 31.80 43.47
C SER Z 162 -19.32 31.14 42.12
N GLY Z 163 -19.87 31.73 41.06
CA GLY Z 163 -19.67 31.19 39.73
C GLY Z 163 -18.22 31.20 39.32
N LEU Z 164 -17.52 32.31 39.57
CA LEU Z 164 -16.10 32.34 39.26
C LEU Z 164 -15.35 31.28 40.06
N ARG Z 165 -15.64 31.17 41.35
CA ARG Z 165 -15.00 30.14 42.16
C ARG Z 165 -15.18 28.77 41.54
N VAL Z 166 -16.42 28.45 41.13
CA VAL Z 166 -16.67 27.13 40.56
C VAL Z 166 -15.90 26.96 39.25
N ALA Z 167 -15.79 28.03 38.47
CA ALA Z 167 -15.03 27.93 37.22
C ALA Z 167 -13.57 27.56 37.51
N VAL Z 168 -12.94 28.30 38.42
CA VAL Z 168 -11.54 28.03 38.74
C VAL Z 168 -11.38 26.63 39.33
N GLU Z 169 -12.37 26.17 40.11
CA GLU Z 169 -12.23 24.84 40.67
C GLU Z 169 -12.35 23.78 39.58
N ALA Z 170 -13.22 24.00 38.60
CA ALA Z 170 -13.30 23.09 37.47
C ALA Z 170 -11.97 23.02 36.73
N LEU Z 171 -11.36 24.17 36.46
CA LEU Z 171 -10.03 24.15 35.86
C LEU Z 171 -9.02 23.44 36.74
N TYR Z 172 -9.19 23.53 38.06
CA TYR Z 172 -8.28 22.83 38.98
C TYR Z 172 -8.40 21.32 38.81
N ASP Z 173 -9.62 20.80 38.77
CA ASP Z 173 -9.80 19.37 38.57
C ASP Z 173 -9.27 18.94 37.21
N ALA Z 174 -9.52 19.76 36.19
CA ALA Z 174 -9.00 19.46 34.85
C ALA Z 174 -7.49 19.30 34.88
N ALA Z 175 -6.79 20.30 35.43
CA ALA Z 175 -5.34 20.19 35.52
C ALA Z 175 -4.92 19.03 36.40
N ASP Z 176 -5.78 18.63 37.34
CA ASP Z 176 -5.45 17.54 38.25
C ASP Z 176 -5.42 16.20 37.52
N ASP Z 177 -6.30 16.00 36.55
CA ASP Z 177 -6.36 14.72 35.84
C ASP Z 177 -5.85 14.77 34.40
N ASP Z 178 -5.46 15.94 33.90
CA ASP Z 178 -4.98 16.07 32.52
C ASP Z 178 -3.64 16.80 32.54
N SER Z 179 -2.60 16.13 32.04
CA SER Z 179 -1.28 16.73 32.07
C SER Z 179 -1.13 17.85 31.05
N ALA Z 180 -2.02 17.90 30.06
CA ALA Z 180 -1.97 18.96 29.06
C ALA Z 180 -2.62 20.24 29.54
N THR Z 181 -3.26 20.21 30.70
CA THR Z 181 -3.88 21.38 31.32
C THR Z 181 -3.04 21.82 32.51
N GLY Z 182 -2.73 23.11 32.58
CA GLY Z 182 -1.87 23.61 33.63
C GLY Z 182 -2.67 24.09 34.83
N GLY Z 183 -2.24 23.67 36.02
CA GLY Z 183 -2.86 24.12 37.24
C GLY Z 183 -2.25 25.41 37.73
N PRO Z 184 -2.71 25.90 38.87
CA PRO Z 184 -2.17 27.15 39.40
C PRO Z 184 -0.73 26.95 39.84
N ASP Z 185 0.14 27.83 39.38
CA ASP Z 185 1.57 27.77 39.69
C ASP Z 185 1.84 28.77 40.80
N LEU Z 186 1.89 28.28 42.04
CA LEU Z 186 2.11 29.18 43.16
C LEU Z 186 3.55 29.65 43.26
N VAL Z 187 4.52 28.91 42.70
CA VAL Z 187 5.90 29.35 42.74
C VAL Z 187 6.12 30.53 41.80
N ARG Z 188 5.61 30.43 40.58
CA ARG Z 188 5.75 31.55 39.65
C ARG Z 188 4.61 32.55 39.76
N GLY Z 189 3.54 32.22 40.47
CA GLY Z 189 2.41 33.11 40.56
C GLY Z 189 1.66 33.29 39.25
N ILE Z 190 1.41 32.19 38.54
CA ILE Z 190 0.69 32.20 37.28
C ILE Z 190 -0.60 31.43 37.48
N PHE Z 191 -1.72 32.05 37.16
CA PHE Z 191 -3.04 31.48 37.39
C PHE Z 191 -3.86 31.55 36.12
N PRO Z 192 -4.95 30.78 36.04
CA PRO Z 192 -5.79 30.83 34.84
C PRO Z 192 -6.26 32.24 34.52
N THR Z 193 -6.59 32.49 33.25
CA THR Z 193 -7.18 33.77 32.91
C THR Z 193 -8.69 33.62 32.90
N ALA Z 194 -9.38 34.70 33.22
CA ALA Z 194 -10.83 34.68 33.27
C ALA Z 194 -11.38 35.96 32.68
N VAL Z 195 -12.59 35.85 32.15
CA VAL Z 195 -13.37 36.96 31.63
C VAL Z 195 -14.76 36.82 32.24
N ILE Z 196 -15.31 37.92 32.71
CA ILE Z 196 -16.64 37.96 33.28
C ILE Z 196 -17.46 38.94 32.46
N ILE Z 197 -18.73 38.59 32.19
CA ILE Z 197 -19.58 39.39 31.31
C ILE Z 197 -20.96 39.55 31.92
N ASP Z 198 -21.42 40.79 32.09
CA ASP Z 198 -22.77 41.06 32.55
C ASP Z 198 -23.33 42.22 31.73
N ALA Z 199 -24.38 42.87 32.24
CA ALA Z 199 -25.00 43.96 31.50
C ALA Z 199 -24.06 45.11 31.24
N ASP Z 200 -23.03 45.28 32.05
CA ASP Z 200 -22.06 46.34 31.84
C ASP Z 200 -20.98 45.96 30.85
N GLY Z 201 -20.98 44.73 30.34
CA GLY Z 201 -19.98 44.34 29.37
C GLY Z 201 -19.08 43.22 29.83
N ALA Z 202 -17.96 43.05 29.11
CA ALA Z 202 -16.98 42.01 29.37
C ALA Z 202 -15.70 42.62 29.91
N VAL Z 203 -15.22 42.09 31.03
CA VAL Z 203 -13.99 42.57 31.65
C VAL Z 203 -13.11 41.40 32.04
N ASP Z 204 -11.78 41.61 31.94
CA ASP Z 204 -10.81 40.66 32.45
C ASP Z 204 -10.85 40.64 33.98
N VAL Z 205 -10.94 39.45 34.54
CA VAL Z 205 -10.85 39.32 36.00
C VAL Z 205 -9.40 39.55 36.41
N PRO Z 206 -9.12 40.38 37.41
CA PRO Z 206 -7.73 40.61 37.80
C PRO Z 206 -7.10 39.31 38.33
N GLU Z 207 -5.81 39.13 38.03
CA GLU Z 207 -5.16 37.87 38.36
C GLU Z 207 -5.22 37.58 39.85
N SER Z 208 -5.09 38.62 40.67
CA SER Z 208 -5.04 38.45 42.11
C SER Z 208 -6.32 37.81 42.67
N ARG Z 209 -7.47 38.08 42.05
CA ARG Z 209 -8.70 37.43 42.48
C ARG Z 209 -8.67 35.95 42.17
N ILE Z 210 -8.29 35.60 40.94
CA ILE Z 210 -8.14 34.19 40.58
C ILE Z 210 -7.19 33.51 41.55
N ALA Z 211 -6.09 34.18 41.91
CA ALA Z 211 -5.13 33.64 42.85
C ALA Z 211 -5.78 33.34 44.20
N GLU Z 212 -6.48 34.31 44.77
CA GLU Z 212 -7.15 34.08 46.05
C GLU Z 212 -8.07 32.87 45.96
N LEU Z 213 -8.81 32.74 44.85
CA LEU Z 213 -9.67 31.57 44.71
C LEU Z 213 -8.84 30.29 44.60
N ALA Z 214 -7.70 30.36 43.92
CA ALA Z 214 -6.84 29.19 43.81
C ALA Z 214 -6.40 28.70 45.18
N ARG Z 215 -5.84 29.59 45.99
CA ARG Z 215 -5.39 29.18 47.31
C ARG Z 215 -6.57 28.69 48.15
N ALA Z 216 -7.73 29.31 47.99
CA ALA Z 216 -8.91 28.82 48.69
C ALA Z 216 -9.19 27.36 48.32
N ILE Z 217 -9.10 27.02 47.04
CA ILE Z 217 -9.41 25.67 46.59
C ILE Z 217 -8.36 24.68 47.08
N ILE Z 218 -7.08 25.03 46.91
CA ILE Z 218 -5.99 24.16 47.36
C ILE Z 218 -6.14 23.87 48.85
N GLU Z 219 -6.12 24.93 49.66
CA GLU Z 219 -6.34 24.82 51.10
C GLU Z 219 -7.55 23.96 51.40
N SER Z 220 -8.66 24.21 50.69
CA SER Z 220 -9.86 23.39 50.89
C SER Z 220 -9.59 21.91 50.67
N ARG Z 221 -8.62 21.57 49.83
CA ARG Z 221 -8.34 20.18 49.55
C ARG Z 221 -7.29 19.54 50.46
N SER Z 222 -6.60 20.30 51.29
CA SER Z 222 -5.61 19.70 52.18
C SER Z 222 -6.21 19.30 53.53
N THR AA 1 22.47 23.13 15.27
CA THR AA 1 22.28 24.57 15.35
C THR AA 1 21.81 24.92 16.75
N THR AA 2 22.32 26.00 17.31
CA THR AA 2 21.79 26.51 18.57
C THR AA 2 21.87 28.02 18.55
N ILE AA 3 20.74 28.65 18.82
CA ILE AA 3 20.64 30.10 18.96
C ILE AA 3 20.03 30.41 20.32
N VAL AA 4 20.68 31.28 21.08
CA VAL AA 4 20.20 31.68 22.39
C VAL AA 4 19.95 33.18 22.36
N ALA AA 5 19.00 33.62 23.18
CA ALA AA 5 18.76 35.03 23.37
C ALA AA 5 18.31 35.22 24.80
N LEU AA 6 18.77 36.30 25.43
CA LEU AA 6 18.34 36.56 26.79
C LEU AA 6 18.25 38.07 27.01
N LYS AA 7 17.36 38.45 27.91
CA LYS AA 7 17.14 39.83 28.29
C LYS AA 7 18.07 40.19 29.43
N TYR AA 8 18.70 41.37 29.33
CA TYR AA 8 19.48 41.88 30.44
C TYR AA 8 18.97 43.26 30.80
N PRO AA 9 19.35 43.81 31.96
CA PRO AA 9 18.85 45.15 32.32
C PRO AA 9 19.10 46.18 31.24
N GLY AA 10 18.03 46.60 30.58
CA GLY AA 10 18.09 47.63 29.57
C GLY AA 10 18.37 47.16 28.17
N GLY AA 11 18.38 45.85 27.92
CA GLY AA 11 18.69 45.41 26.58
C GLY AA 11 18.45 43.92 26.40
N VAL AA 12 18.87 43.42 25.23
CA VAL AA 12 18.73 42.02 24.89
C VAL AA 12 19.99 41.58 24.13
N VAL AA 13 20.31 40.30 24.24
CA VAL AA 13 21.47 39.72 23.58
C VAL AA 13 21.03 38.46 22.84
N MET AA 14 21.59 38.24 21.66
CA MET AA 14 21.33 37.03 20.90
C MET AA 14 22.63 36.51 20.31
N ALA AA 15 22.85 35.21 20.40
CA ALA AA 15 24.08 34.61 19.88
C ALA AA 15 23.76 33.27 19.26
N GLY AA 16 24.58 32.87 18.30
CA GLY AA 16 24.38 31.62 17.59
C GLY AA 16 25.71 31.00 17.24
N ASP AA 17 25.71 29.68 17.13
CA ASP AA 17 26.91 28.93 16.81
C ASP AA 17 27.24 29.06 15.33
N ARG AA 18 28.30 28.40 14.89
CA ARG AA 18 28.85 28.65 13.56
C ARG AA 18 28.89 27.41 12.67
N ARG AA 19 28.29 26.30 13.08
CA ARG AA 19 28.45 25.04 12.40
C ARG AA 19 27.32 24.78 11.40
N SER AA 20 27.69 24.22 10.25
CA SER AA 20 26.72 23.77 9.26
C SER AA 20 27.02 22.31 8.94
N THR AA 21 25.99 21.48 8.98
CA THR AA 21 26.16 20.04 8.84
C THR AA 21 25.25 19.49 7.75
N GLN AA 22 25.70 18.40 7.13
CA GLN AA 22 24.90 17.56 6.24
C GLN AA 22 24.83 16.18 6.91
N GLY AA 23 23.81 15.95 7.73
CA GLY AA 23 23.81 14.72 8.50
C GLY AA 23 24.93 14.70 9.50
N ASN AA 24 25.84 13.72 9.37
CA ASN AA 24 26.99 13.65 10.26
C ASN AA 24 28.15 14.50 9.79
N MET AA 25 28.13 14.93 8.52
CA MET AA 25 29.25 15.64 7.95
C MET AA 25 29.20 17.12 8.29
N ILE AA 26 30.36 17.68 8.59
CA ILE AA 26 30.49 19.12 8.84
C ILE AA 26 30.78 19.79 7.51
N SER AA 27 29.81 20.55 7.00
CA SER AA 27 29.94 21.25 5.73
C SER AA 27 30.28 22.72 5.88
N GLY AA 28 30.32 23.23 7.11
CA GLY AA 28 30.68 24.61 7.33
C GLY AA 28 31.11 24.88 8.75
N ARG AA 29 32.10 25.75 8.93
CA ARG AA 29 32.58 26.13 10.24
C ARG AA 29 32.41 27.60 10.58
N ASP AA 30 32.13 28.46 9.61
CA ASP AA 30 32.07 29.91 9.84
C ASP AA 30 30.71 30.52 9.55
N VAL AA 31 29.68 29.70 9.31
CA VAL AA 31 28.40 30.25 8.89
C VAL AA 31 27.86 31.20 9.95
N ARG AA 32 27.11 32.20 9.50
CA ARG AA 32 26.49 33.16 10.40
C ARG AA 32 24.99 32.89 10.43
N LYS AA 33 24.46 32.69 11.64
CA LYS AA 33 23.06 32.34 11.82
C LYS AA 33 22.24 33.40 12.52
N VAL AA 34 22.85 34.46 13.03
CA VAL AA 34 22.16 35.54 13.71
C VAL AA 34 22.36 36.81 12.90
N TYR AA 35 21.26 37.45 12.51
CA TYR AA 35 21.31 38.62 11.64
C TYR AA 35 20.64 39.81 12.29
N ILE AA 36 21.21 40.99 12.06
CA ILE AA 36 20.57 42.25 12.42
C ILE AA 36 19.53 42.54 11.35
N THR AA 37 18.25 42.47 11.71
CA THR AA 37 17.18 42.67 10.72
C THR AA 37 16.70 44.11 10.64
N ASP AA 38 16.86 44.89 11.70
CA ASP AA 38 16.59 46.31 11.63
C ASP AA 38 17.24 46.97 12.83
N ASP AA 39 17.20 48.31 12.83
CA ASP AA 39 17.95 49.09 13.81
C ASP AA 39 17.71 48.61 15.23
N TYR AA 40 16.55 48.00 15.51
CA TYR AA 40 16.22 47.59 16.87
C TYR AA 40 15.77 46.15 16.96
N THR AA 41 16.04 45.32 15.96
CA THR AA 41 15.66 43.91 16.03
C THR AA 41 16.71 43.06 15.32
N ALA AA 42 17.00 41.91 15.92
CA ALA AA 42 17.86 40.89 15.35
C ALA AA 42 17.10 39.57 15.32
N THR AA 43 17.41 38.77 14.31
CA THR AA 43 16.77 37.47 14.11
C THR AA 43 17.81 36.38 13.95
N GLY AA 44 17.63 35.27 14.64
CA GLY AA 44 18.45 34.09 14.43
C GLY AA 44 17.59 32.94 13.98
N ILE AA 45 18.07 32.16 13.03
CA ILE AA 45 17.24 31.12 12.44
C ILE AA 45 17.94 29.78 12.58
N ALA AA 46 17.15 28.73 12.79
CA ALA AA 46 17.65 27.36 12.87
C ALA AA 46 16.92 26.51 11.86
N GLY AA 47 17.63 25.57 11.23
CA GLY AA 47 16.99 24.71 10.26
C GLY AA 47 17.69 24.67 8.91
N THR AA 48 16.93 24.41 7.85
CA THR AA 48 17.52 24.37 6.52
C THR AA 48 18.16 25.69 6.17
N ALA AA 49 19.42 25.64 5.77
CA ALA AA 49 20.20 26.86 5.57
C ALA AA 49 19.54 27.80 4.57
N ALA AA 50 19.16 27.26 3.41
CA ALA AA 50 18.54 28.09 2.37
C ALA AA 50 17.33 28.84 2.91
N VAL AA 51 16.41 28.10 3.53
CA VAL AA 51 15.19 28.71 4.04
C VAL AA 51 15.51 29.71 5.15
N ALA AA 52 16.50 29.41 5.97
CA ALA AA 52 16.84 30.31 7.07
C ALA AA 52 17.34 31.65 6.55
N VAL AA 53 18.30 31.62 5.63
CA VAL AA 53 18.84 32.86 5.09
C VAL AA 53 17.76 33.64 4.34
N GLU AA 54 16.94 32.95 3.53
CA GLU AA 54 15.87 33.66 2.86
C GLU AA 54 14.91 34.30 3.86
N PHE AA 55 14.59 33.60 4.95
CA PHE AA 55 13.77 34.20 6.00
C PHE AA 55 14.38 35.51 6.48
N ALA AA 56 15.65 35.47 6.90
CA ALA AA 56 16.27 36.67 7.45
C ALA AA 56 16.27 37.81 6.43
N ARG AA 57 16.70 37.51 5.22
CA ARG AA 57 16.83 38.52 4.17
C ARG AA 57 15.47 39.13 3.83
N LEU AA 58 14.51 38.29 3.49
CA LEU AA 58 13.19 38.78 3.12
C LEU AA 58 12.53 39.54 4.24
N TYR AA 59 12.74 39.11 5.49
CA TYR AA 59 12.12 39.79 6.63
C TYR AA 59 12.69 41.19 6.81
N ALA AA 60 14.01 41.32 6.79
CA ALA AA 60 14.62 42.65 6.86
C ALA AA 60 14.09 43.54 5.73
N VAL AA 61 14.06 43.01 4.51
CA VAL AA 61 13.55 43.78 3.39
C VAL AA 61 12.10 44.21 3.64
N GLU AA 62 11.28 43.33 4.20
CA GLU AA 62 9.88 43.68 4.43
C GLU AA 62 9.75 44.80 5.45
N LEU AA 63 10.49 44.71 6.56
CA LEU AA 63 10.40 45.76 7.57
C LEU AA 63 10.81 47.11 6.99
N GLU AA 64 12.00 47.17 6.38
CA GLU AA 64 12.45 48.44 5.82
C GLU AA 64 11.51 48.92 4.71
N HIS AA 65 10.90 47.98 3.99
CA HIS AA 65 9.91 48.33 2.99
C HIS AA 65 8.76 49.10 3.59
N TYR AA 66 8.14 48.55 4.63
CA TYR AA 66 7.06 49.28 5.31
C TYR AA 66 7.56 50.63 5.80
N GLU AA 67 8.77 50.68 6.36
CA GLU AA 67 9.25 51.93 6.92
C GLU AA 67 9.34 53.01 5.86
N LYS AA 68 9.87 52.68 4.67
CA LYS AA 68 9.99 53.67 3.62
C LYS AA 68 8.65 54.03 3.03
N LEU AA 69 7.73 53.07 2.94
CA LEU AA 69 6.43 53.39 2.36
C LEU AA 69 5.62 54.32 3.26
N GLU AA 70 5.57 54.05 4.56
CA GLU AA 70 4.68 54.80 5.44
C GLU AA 70 5.40 55.81 6.33
N GLY AA 71 6.72 55.92 6.23
CA GLY AA 71 7.47 56.92 6.96
C GLY AA 71 7.75 56.61 8.41
N VAL AA 72 7.30 55.46 8.92
CA VAL AA 72 7.51 55.09 10.33
C VAL AA 72 7.69 53.58 10.42
N PRO AA 73 8.51 53.08 11.34
CA PRO AA 73 8.66 51.63 11.49
C PRO AA 73 7.40 51.00 12.03
N LEU AA 74 7.30 49.69 11.82
CA LEU AA 74 6.19 48.94 12.37
C LEU AA 74 6.26 48.91 13.90
N THR AA 75 5.11 48.87 14.54
CA THR AA 75 5.11 48.55 15.95
C THR AA 75 5.69 47.14 16.13
N PHE AA 76 6.21 46.88 17.33
CA PHE AA 76 6.84 45.58 17.55
C PHE AA 76 5.86 44.44 17.30
N ALA AA 77 4.62 44.58 17.76
CA ALA AA 77 3.61 43.58 17.47
C ALA AA 77 3.48 43.35 15.98
N GLY AA 78 3.52 44.42 15.20
CA GLY AA 78 3.45 44.26 13.76
C GLY AA 78 4.60 43.43 13.22
N LYS AA 79 5.81 43.70 13.71
CA LYS AA 79 6.96 42.90 13.30
C LYS AA 79 6.75 41.42 13.61
N ILE AA 80 6.26 41.13 14.82
CA ILE AA 80 5.97 39.75 15.19
C ILE AA 80 4.99 39.13 14.20
N ASN AA 81 3.89 39.82 13.92
CA ASN AA 81 2.86 39.23 13.06
C ASN AA 81 3.39 38.97 11.67
N ARG AA 82 4.25 39.85 11.16
CA ARG AA 82 4.76 39.62 9.81
C ARG AA 82 5.68 38.41 9.78
N LEU AA 83 6.60 38.29 10.75
CA LEU AA 83 7.45 37.10 10.79
C LEU AA 83 6.63 35.82 10.90
N ALA AA 84 5.61 35.84 11.77
CA ALA AA 84 4.75 34.68 11.94
C ALA AA 84 4.07 34.31 10.63
N ILE AA 85 3.52 35.30 9.92
CA ILE AA 85 2.84 35.03 8.66
C ILE AA 85 3.81 34.40 7.68
N MET AA 86 5.07 34.84 7.70
CA MET AA 86 6.07 34.27 6.81
C MET AA 86 6.29 32.79 7.10
N VAL AA 87 6.51 32.45 8.39
CA VAL AA 87 6.71 31.06 8.77
C VAL AA 87 5.53 30.20 8.34
N ARG AA 88 4.32 30.59 8.74
CA ARG AA 88 3.15 29.83 8.32
C ARG AA 88 3.09 29.69 6.82
N GLY AA 89 3.59 30.68 6.09
CA GLY AA 89 3.74 30.53 4.65
C GLY AA 89 4.66 29.38 4.28
N ASN AA 90 5.72 29.18 5.06
CA ASN AA 90 6.63 28.08 4.74
C ASN AA 90 6.16 26.73 5.26
N LEU AA 91 4.98 26.65 5.89
CA LEU AA 91 4.60 25.41 6.56
C LEU AA 91 4.63 24.19 5.62
N ALA AA 92 4.11 24.32 4.41
CA ALA AA 92 4.05 23.16 3.51
C ALA AA 92 5.44 22.61 3.20
N ALA AA 93 6.34 23.48 2.74
CA ALA AA 93 7.71 23.06 2.49
C ALA AA 93 8.33 22.48 3.75
N ALA AA 94 8.00 23.05 4.91
CA ALA AA 94 8.52 22.49 6.14
C ALA AA 94 8.06 21.05 6.32
N MET AA 95 6.82 20.76 5.93
CA MET AA 95 6.34 19.39 5.97
C MET AA 95 7.11 18.51 5.00
N GLN AA 96 7.63 19.07 3.92
CA GLN AA 96 8.42 18.27 3.00
C GLN AA 96 9.93 18.35 3.27
N GLY AA 97 10.34 18.87 4.42
CA GLY AA 97 11.74 18.82 4.83
C GLY AA 97 12.45 20.16 4.86
N LEU AA 98 11.88 21.23 4.33
CA LEU AA 98 12.53 22.54 4.32
C LEU AA 98 12.06 23.38 5.51
N LEU AA 99 12.32 22.86 6.70
CA LEU AA 99 11.87 23.49 7.93
C LEU AA 99 12.90 24.49 8.42
N ALA AA 100 12.42 25.63 8.89
CA ALA AA 100 13.28 26.63 9.51
C ALA AA 100 12.46 27.41 10.51
N LEU AA 101 12.96 27.53 11.74
CA LEU AA 101 12.31 28.24 12.82
C LEU AA 101 13.13 29.45 13.21
N PRO AA 102 12.50 30.61 13.35
CA PRO AA 102 13.25 31.78 13.80
C PRO AA 102 13.12 32.03 15.29
N LEU AA 103 14.01 32.85 15.80
CA LEU AA 103 13.99 33.37 17.16
C LEU AA 103 14.27 34.85 17.03
N LEU AA 104 13.39 35.66 17.60
CA LEU AA 104 13.39 37.10 17.41
C LEU AA 104 13.80 37.79 18.70
N ALA AA 105 14.73 38.72 18.60
CA ALA AA 105 15.14 39.55 19.73
C ALA AA 105 15.04 40.99 19.31
N GLY AA 106 14.45 41.83 20.16
CA GLY AA 106 14.28 43.23 19.80
C GLY AA 106 14.27 44.14 20.99
N TYR AA 107 14.30 45.43 20.70
CA TYR AA 107 14.15 46.48 21.70
C TYR AA 107 13.01 47.38 21.26
N ASP AA 108 11.93 47.42 22.04
CA ASP AA 108 10.74 48.18 21.68
C ASP AA 108 10.89 49.62 22.13
N ILE AA 109 11.15 50.52 21.19
CA ILE AA 109 11.34 51.93 21.54
C ILE AA 109 10.05 52.58 22.04
N HIS AA 110 8.89 51.96 21.82
CA HIS AA 110 7.63 52.46 22.33
C HIS AA 110 7.21 51.81 23.64
N ALA AA 111 8.13 51.10 24.31
CA ALA AA 111 7.79 50.46 25.56
C ALA AA 111 7.65 51.50 26.67
N SER AA 112 6.91 51.11 27.72
CA SER AA 112 6.68 52.04 28.83
C SER AA 112 7.98 52.37 29.55
N ASP AA 113 8.62 51.37 30.16
CA ASP AA 113 9.86 51.58 30.89
C ASP AA 113 11.04 51.19 30.03
N PRO AA 114 11.99 52.08 29.77
CA PRO AA 114 13.13 51.73 28.92
C PRO AA 114 14.05 50.71 29.56
N GLN AA 115 13.64 50.16 30.71
CA GLN AA 115 14.46 49.18 31.42
C GLN AA 115 14.17 47.75 30.94
N SER AA 116 12.88 47.37 30.92
CA SER AA 116 12.46 46.05 30.48
C SER AA 116 11.93 46.06 29.04
N ALA AA 117 12.46 46.95 28.20
CA ALA AA 117 12.01 47.07 26.83
C ALA AA 117 12.54 45.97 25.92
N GLY AA 118 13.39 45.08 26.43
CA GLY AA 118 13.84 43.96 25.63
C GLY AA 118 12.70 43.00 25.36
N ARG AA 119 12.75 42.36 24.20
CA ARG AA 119 11.68 41.47 23.77
C ARG AA 119 12.30 40.23 23.15
N ILE AA 120 11.82 39.05 23.53
CA ILE AA 120 12.27 37.80 22.96
C ILE AA 120 11.05 36.99 22.56
N VAL AA 121 10.96 36.66 21.28
CA VAL AA 121 9.79 36.00 20.72
C VAL AA 121 10.24 34.72 20.03
N SER AA 122 9.53 33.62 20.32
CA SER AA 122 9.78 32.34 19.71
C SER AA 122 8.61 31.95 18.81
N PHE AA 123 8.88 31.08 17.85
CA PHE AA 123 7.91 30.70 16.84
C PHE AA 123 7.89 29.20 16.65
N ASP AA 124 6.76 28.68 16.19
CA ASP AA 124 6.63 27.28 15.83
C ASP AA 124 6.31 27.15 14.34
N ALA AA 125 6.36 25.91 13.85
CA ALA AA 125 6.32 25.68 12.42
C ALA AA 125 5.03 26.15 11.77
N ALA AA 126 3.96 26.31 12.54
CA ALA AA 126 2.68 26.73 12.00
C ALA AA 126 2.46 28.22 12.13
N GLY AA 127 3.48 28.97 12.56
CA GLY AA 127 3.32 30.39 12.71
C GLY AA 127 2.91 30.84 14.09
N GLY AA 128 2.65 29.93 15.02
CA GLY AA 128 2.40 30.34 16.39
C GLY AA 128 3.62 31.03 16.97
N TRP AA 129 3.37 31.89 17.95
CA TRP AA 129 4.44 32.65 18.56
C TRP AA 129 4.18 32.80 20.06
N ASN AA 130 5.27 33.03 20.79
CA ASN AA 130 5.21 33.30 22.22
C ASN AA 130 6.21 34.40 22.55
N ILE AA 131 5.73 35.44 23.23
CA ILE AA 131 6.65 36.44 23.78
C ILE AA 131 7.15 35.92 25.11
N GLU AA 132 8.46 35.74 25.22
CA GLU AA 132 9.03 35.08 26.39
C GLU AA 132 9.27 36.11 27.47
N GLU AA 133 8.56 35.97 28.59
CA GLU AA 133 8.73 36.87 29.72
C GLU AA 133 9.69 36.33 30.77
N GLU AA 134 10.14 35.09 30.63
CA GLU AA 134 11.08 34.51 31.59
C GLU AA 134 12.52 34.89 31.31
N GLY AA 135 12.80 35.71 30.30
CA GLY AA 135 14.08 36.36 30.17
C GLY AA 135 15.03 35.71 29.19
N TYR AA 136 14.87 34.44 28.89
CA TYR AA 136 15.78 33.75 27.98
C TYR AA 136 14.99 32.76 27.14
N GLN AA 137 15.58 32.37 26.02
CA GLN AA 137 14.96 31.40 25.13
C GLN AA 137 16.03 30.93 24.15
N ALA AA 138 15.79 29.76 23.55
CA ALA AA 138 16.71 29.23 22.56
C ALA AA 138 15.96 28.43 21.51
N VAL AA 139 16.63 28.17 20.39
CA VAL AA 139 16.07 27.39 19.29
C VAL AA 139 17.21 26.60 18.65
N GLY AA 140 16.90 25.43 18.10
CA GLY AA 140 17.88 24.61 17.44
C GLY AA 140 18.02 23.24 18.09
N SER AA 141 18.92 22.44 17.52
CA SER AA 141 19.09 21.06 17.97
C SER AA 141 19.67 20.98 19.37
N GLY AA 142 20.36 22.01 19.82
CA GLY AA 142 20.87 22.09 21.18
C GLY AA 142 20.08 23.01 22.09
N SER AA 143 18.88 23.43 21.70
CA SER AA 143 18.17 24.45 22.45
C SER AA 143 17.80 23.96 23.84
N LEU AA 144 17.56 22.66 24.01
CA LEU AA 144 17.18 22.18 25.33
C LEU AA 144 18.35 22.26 26.30
N PHE AA 145 19.54 21.89 25.85
CA PHE AA 145 20.70 22.01 26.72
C PHE AA 145 20.99 23.46 27.07
N ALA AA 146 20.89 24.34 26.08
CA ALA AA 146 21.16 25.75 26.31
C ALA AA 146 20.13 26.38 27.25
N LYS AA 147 18.85 26.08 27.04
CA LYS AA 147 17.82 26.57 27.93
C LYS AA 147 18.03 26.06 29.35
N SER AA 148 18.39 24.79 29.50
CA SER AA 148 18.60 24.25 30.83
C SER AA 148 19.83 24.85 31.49
N SER AA 149 20.82 25.25 30.69
CA SER AA 149 21.97 25.94 31.25
C SER AA 149 21.61 27.34 31.70
N MET AA 150 20.91 28.10 30.85
CA MET AA 150 20.51 29.45 31.23
C MET AA 150 19.57 29.43 32.42
N LYS AA 151 18.76 28.37 32.58
CA LYS AA 151 17.90 28.28 33.75
C LYS AA 151 18.71 28.33 35.04
N LYS AA 152 19.94 27.85 35.02
CA LYS AA 152 20.80 27.88 36.18
C LYS AA 152 21.69 29.11 36.21
N LEU AA 153 22.09 29.62 35.05
CA LEU AA 153 23.03 30.74 34.97
C LEU AA 153 22.38 32.11 34.90
N TYR AA 154 21.05 32.21 34.89
CA TYR AA 154 20.45 33.51 34.57
C TYR AA 154 20.57 34.51 35.71
N SER AA 155 20.58 34.05 36.96
CA SER AA 155 20.73 34.97 38.08
C SER AA 155 22.00 35.81 37.97
N GLN AA 156 22.99 35.36 37.22
CA GLN AA 156 24.22 36.12 37.08
C GLN AA 156 24.11 37.26 36.08
N VAL AA 157 22.94 37.46 35.47
CA VAL AA 157 22.78 38.49 34.46
C VAL AA 157 22.44 39.79 35.18
N THR AA 158 23.37 40.74 35.15
CA THR AA 158 23.17 42.05 35.76
C THR AA 158 23.46 43.22 34.84
N ASP AA 159 24.20 43.02 33.75
CA ASP AA 159 24.45 44.05 32.76
C ASP AA 159 24.55 43.37 31.41
N GLY AA 160 24.94 44.13 30.39
CA GLY AA 160 25.08 43.54 29.07
C GLY AA 160 26.20 42.52 29.01
N ASP AA 161 27.28 42.75 29.75
CA ASP AA 161 28.44 41.87 29.66
C ASP AA 161 28.19 40.53 30.34
N SER AA 162 27.59 40.54 31.53
CA SER AA 162 27.26 39.28 32.19
C SER AA 162 26.27 38.47 31.36
N GLY AA 163 25.31 39.16 30.75
CA GLY AA 163 24.38 38.49 29.86
C GLY AA 163 25.06 37.88 28.66
N LEU AA 164 26.02 38.61 28.08
CA LEU AA 164 26.78 38.07 26.97
C LEU AA 164 27.55 36.82 27.39
N ARG AA 165 28.24 36.89 28.53
CA ARG AA 165 28.93 35.71 29.04
C ARG AA 165 27.98 34.53 29.17
N VAL AA 166 26.82 34.75 29.78
CA VAL AA 166 25.87 33.66 29.97
C VAL AA 166 25.42 33.10 28.63
N ALA AA 167 25.25 33.97 27.63
CA ALA AA 167 24.90 33.48 26.31
C ALA AA 167 25.98 32.56 25.75
N VAL AA 168 27.24 33.00 25.77
CA VAL AA 168 28.33 32.17 25.26
C VAL AA 168 28.46 30.88 26.05
N GLU AA 169 28.25 30.93 27.36
CA GLU AA 169 28.38 29.71 28.14
C GLU AA 169 27.25 28.74 27.83
N ALA AA 170 26.04 29.25 27.64
CA ALA AA 170 24.93 28.41 27.21
C ALA AA 170 25.24 27.75 25.87
N LEU AA 171 25.72 28.52 24.91
CA LEU AA 171 26.11 27.92 23.65
C LEU AA 171 27.22 26.89 23.85
N TYR AA 172 28.07 27.09 24.84
CA TYR AA 172 29.13 26.13 25.13
C TYR AA 172 28.54 24.81 25.58
N ASP AA 173 27.60 24.84 26.53
CA ASP AA 173 26.97 23.61 26.98
C ASP AA 173 26.20 22.94 25.84
N ALA AA 174 25.51 23.74 25.04
CA ALA AA 174 24.80 23.20 23.88
C ALA AA 174 25.74 22.44 22.98
N ALA AA 175 26.84 23.06 22.56
CA ALA AA 175 27.80 22.37 21.71
C ALA AA 175 28.42 21.19 22.42
N ASP AA 176 28.46 21.24 23.75
CA ASP AA 176 29.06 20.16 24.52
C ASP AA 176 28.23 18.89 24.43
N ASP AA 177 26.90 19.02 24.39
CA ASP AA 177 26.04 17.84 24.35
C ASP AA 177 25.38 17.59 23.00
N ASP AA 178 25.58 18.47 22.02
CA ASP AA 178 24.94 18.33 20.71
C ASP AA 178 26.00 18.43 19.63
N SER AA 179 26.12 17.40 18.80
CA SER AA 179 27.14 17.37 17.78
C SER AA 179 26.83 18.28 16.60
N ALA AA 180 25.58 18.69 16.43
CA ALA AA 180 25.24 19.59 15.35
C ALA AA 180 25.53 21.04 15.69
N THR AA 181 25.89 21.32 16.94
CA THR AA 181 26.23 22.65 17.40
C THR AA 181 27.73 22.75 17.60
N GLY AA 182 28.33 23.81 17.05
CA GLY AA 182 29.76 23.98 17.12
C GLY AA 182 30.17 24.83 18.30
N GLY AA 183 31.18 24.35 19.01
CA GLY AA 183 31.76 25.11 20.09
C GLY AA 183 32.82 26.05 19.57
N PRO AA 184 33.52 26.74 20.47
CA PRO AA 184 34.60 27.63 20.04
C PRO AA 184 35.76 26.80 19.49
N ASP AA 185 36.25 27.21 18.32
CA ASP AA 185 37.39 26.55 17.67
C ASP AA 185 38.62 27.38 17.96
N LEU AA 186 39.41 26.95 18.96
CA LEU AA 186 40.59 27.73 19.30
C LEU AA 186 41.71 27.58 18.28
N VAL AA 187 41.70 26.52 17.47
CA VAL AA 187 42.73 26.36 16.45
C VAL AA 187 42.54 27.37 15.33
N ARG AA 188 41.32 27.45 14.80
CA ARG AA 188 41.02 28.35 13.70
C ARG AA 188 40.58 29.73 14.18
N GLY AA 189 40.30 29.90 15.46
CA GLY AA 189 39.84 31.17 15.97
C GLY AA 189 38.45 31.55 15.49
N ILE AA 190 37.51 30.61 15.53
CA ILE AA 190 36.13 30.83 15.13
C ILE AA 190 35.27 30.65 16.36
N PHE AA 191 34.45 31.64 16.66
CA PHE AA 191 33.63 31.68 17.87
C PHE AA 191 32.19 31.99 17.49
N PRO AA 192 31.24 31.74 18.40
CA PRO AA 192 29.85 32.10 18.10
C PRO AA 192 29.71 33.57 17.72
N THR AA 193 28.66 33.90 16.96
CA THR AA 193 28.38 35.29 16.65
C THR AA 193 27.34 35.81 17.62
N ALA AA 194 27.42 37.09 17.93
CA ALA AA 194 26.50 37.70 18.87
C ALA AA 194 26.09 39.07 18.37
N VAL AA 195 24.90 39.48 18.79
CA VAL AA 195 24.32 40.80 18.55
C VAL AA 195 23.79 41.29 19.89
N ILE AA 196 24.04 42.56 20.19
CA ILE AA 196 23.55 43.22 21.40
C ILE AA 196 22.63 44.34 20.97
N ILE AA 197 21.54 44.54 21.72
CA ILE AA 197 20.53 45.53 21.36
C ILE AA 197 20.11 46.31 22.60
N ASP AA 198 20.25 47.62 22.56
CA ASP AA 198 19.73 48.48 23.63
C ASP AA 198 19.10 49.72 22.97
N ALA AA 199 18.89 50.76 23.77
CA ALA AA 199 18.23 51.96 23.27
C ALA AA 199 19.01 52.61 22.14
N ASP AA 200 20.33 52.39 22.08
CA ASP AA 200 21.16 52.96 21.03
C ASP AA 200 21.12 52.14 19.75
N GLY AA 201 20.40 51.03 19.73
CA GLY AA 201 20.24 50.22 18.55
C GLY AA 201 20.82 48.83 18.73
N ALA AA 202 20.95 48.14 17.60
CA ALA AA 202 21.49 46.79 17.57
C ALA AA 202 22.85 46.82 16.91
N VAL AA 203 23.86 46.27 17.58
CA VAL AA 203 25.22 46.25 17.05
C VAL AA 203 25.79 44.85 17.20
N ASP AA 204 26.64 44.48 16.25
CA ASP AA 204 27.37 43.22 16.33
C ASP AA 204 28.35 43.25 17.48
N VAL AA 205 28.36 42.19 18.28
CA VAL AA 205 29.39 42.06 19.32
C VAL AA 205 30.72 41.77 18.65
N PRO AA 206 31.78 42.51 18.97
CA PRO AA 206 33.07 42.27 18.31
C PRO AA 206 33.65 40.92 18.66
N GLU AA 207 34.33 40.34 17.67
CA GLU AA 207 34.86 38.98 17.80
C GLU AA 207 35.79 38.84 18.99
N SER AA 208 36.62 39.86 19.24
CA SER AA 208 37.59 39.77 20.31
C SER AA 208 36.93 39.57 21.67
N ARG AA 209 35.83 40.27 21.92
CA ARG AA 209 35.15 40.15 23.21
C ARG AA 209 34.67 38.72 23.42
N ILE AA 210 34.03 38.14 22.40
CA ILE AA 210 33.53 36.78 22.52
C ILE AA 210 34.68 35.82 22.73
N ALA AA 211 35.79 36.02 22.01
CA ALA AA 211 36.95 35.15 22.22
C ALA AA 211 37.42 35.19 23.66
N GLU AA 212 37.49 36.39 24.26
CA GLU AA 212 37.84 36.48 25.66
C GLU AA 212 36.89 35.67 26.53
N LEU AA 213 35.58 35.86 26.33
CA LEU AA 213 34.63 35.15 27.18
C LEU AA 213 34.74 33.63 27.00
N ALA AA 214 34.92 33.18 25.77
CA ALA AA 214 35.07 31.75 25.50
C ALA AA 214 36.27 31.19 26.23
N ARG AA 215 37.45 31.77 26.01
CA ARG AA 215 38.65 31.25 26.65
C ARG AA 215 38.50 31.24 28.18
N ALA AA 216 37.88 32.29 28.73
CA ALA AA 216 37.62 32.29 30.16
C ALA AA 216 36.77 31.09 30.56
N ILE AA 217 35.75 30.77 29.76
CA ILE AA 217 34.88 29.65 30.11
C ILE AA 217 35.63 28.33 30.01
N ILE AA 218 36.38 28.13 28.92
CA ILE AA 218 37.16 26.91 28.74
C ILE AA 218 38.10 26.70 29.92
N GLU AA 219 39.00 27.66 30.14
CA GLU AA 219 39.98 27.48 31.20
C GLU AA 219 39.33 27.50 32.58
N SER AA 220 38.10 28.00 32.71
CA SER AA 220 37.36 27.80 33.94
C SER AA 220 36.91 26.35 34.07
N ARG AA 221 36.68 25.66 32.97
CA ARG AA 221 36.22 24.28 33.05
C ARG AA 221 37.35 23.28 33.15
N SER AA 222 38.58 23.68 32.82
CA SER AA 222 39.76 22.83 32.96
C SER AA 222 40.52 23.11 34.24
N GLY AA 223 39.83 23.56 35.28
CA GLY AA 223 40.49 23.95 36.51
C GLY AA 223 41.22 25.28 36.39
N THR BA 1 31.59 12.34 -10.99
CA THR BA 1 31.96 13.70 -11.36
C THR BA 1 32.76 14.31 -10.23
N THR BA 2 33.79 15.08 -10.55
CA THR BA 2 34.47 15.85 -9.53
C THR BA 2 34.88 17.18 -10.13
N ILE BA 3 34.50 18.26 -9.45
CA ILE BA 3 34.90 19.61 -9.82
C ILE BA 3 35.56 20.24 -8.61
N VAL BA 4 36.75 20.78 -8.81
CA VAL BA 4 37.51 21.40 -7.74
C VAL BA 4 37.76 22.86 -8.10
N ALA BA 5 37.89 23.68 -7.07
CA ALA BA 5 38.28 25.07 -7.22
C ALA BA 5 39.09 25.50 -6.01
N LEU BA 6 40.14 26.27 -6.23
CA LEU BA 6 40.95 26.75 -5.13
C LEU BA 6 41.44 28.15 -5.45
N LYS BA 7 41.67 28.93 -4.40
CA LYS BA 7 42.18 30.27 -4.51
C LYS BA 7 43.70 30.24 -4.49
N TYR BA 8 44.32 30.99 -5.39
CA TYR BA 8 45.75 31.17 -5.28
C TYR BA 8 45.99 32.66 -5.16
N PRO BA 9 47.18 33.11 -4.75
CA PRO BA 9 47.40 34.55 -4.60
C PRO BA 9 47.03 35.35 -5.84
N GLY BA 10 45.95 36.12 -5.75
CA GLY BA 10 45.53 36.98 -6.83
C GLY BA 10 44.62 36.35 -7.85
N GLY BA 11 44.12 35.14 -7.61
CA GLY BA 11 43.26 34.52 -8.60
C GLY BA 11 42.58 33.28 -8.07
N VAL BA 12 41.86 32.61 -8.97
CA VAL BA 12 41.13 31.39 -8.63
C VAL BA 12 41.25 30.40 -9.79
N VAL BA 13 41.22 29.12 -9.46
CA VAL BA 13 41.35 28.06 -10.46
C VAL BA 13 40.24 27.03 -10.25
N MET BA 14 39.69 26.52 -11.36
CA MET BA 14 38.66 25.49 -11.31
C MET BA 14 38.95 24.42 -12.35
N ALA BA 15 38.80 23.16 -11.97
CA ALA BA 15 39.06 22.07 -12.90
C ALA BA 15 38.06 20.95 -12.66
N GLY BA 16 37.75 20.22 -13.71
CA GLY BA 16 36.77 19.14 -13.62
C GLY BA 16 37.14 18.00 -14.53
N ASP BA 17 36.71 16.80 -14.13
CA ASP BA 17 37.01 15.58 -14.86
C ASP BA 17 36.17 15.50 -16.13
N ARG BA 18 36.37 14.42 -16.87
CA ARG BA 18 35.80 14.30 -18.21
C ARG BA 18 34.89 13.10 -18.40
N ARG BA 19 34.52 12.40 -17.33
CA ARG BA 19 33.81 11.14 -17.45
C ARG BA 19 32.31 11.36 -17.34
N SER BA 20 31.55 10.65 -18.18
CA SER BA 20 30.10 10.66 -18.16
C SER BA 20 29.60 9.23 -18.07
N THR BA 21 28.68 8.97 -17.15
CA THR BA 21 28.23 7.61 -16.88
C THR BA 21 26.71 7.52 -16.91
N GLN BA 22 26.22 6.32 -17.24
CA GLN BA 22 24.83 5.93 -17.03
C GLN BA 22 24.90 4.74 -16.08
N GLY BA 23 24.76 4.98 -14.79
CA GLY BA 23 24.96 3.95 -13.80
C GLY BA 23 26.40 3.51 -13.75
N ASN BA 24 26.66 2.24 -14.00
CA ASN BA 24 28.03 1.75 -14.02
C ASN BA 24 28.70 1.94 -15.37
N MET BA 25 27.91 2.19 -16.41
CA MET BA 25 28.43 2.25 -17.77
C MET BA 25 29.01 3.62 -18.08
N ILE BA 26 30.14 3.62 -18.76
CA ILE BA 26 30.82 4.84 -19.17
C ILE BA 26 30.25 5.26 -20.52
N SER BA 27 29.48 6.34 -20.55
CA SER BA 27 28.87 6.83 -21.78
C SER BA 27 29.61 8.01 -22.37
N GLY BA 28 30.65 8.50 -21.70
CA GLY BA 28 31.41 9.60 -22.26
C GLY BA 28 32.79 9.78 -21.67
N ARG BA 29 33.74 10.17 -22.52
CA ARG BA 29 35.11 10.42 -22.12
C ARG BA 29 35.57 11.84 -22.34
N ASP BA 30 34.86 12.65 -23.12
CA ASP BA 30 35.32 13.96 -23.53
C ASP BA 30 34.45 15.10 -23.00
N VAL BA 31 33.48 14.81 -22.14
CA VAL BA 31 32.53 15.84 -21.74
C VAL BA 31 33.24 16.99 -21.00
N ARG BA 32 32.72 18.19 -21.20
CA ARG BA 32 33.21 19.36 -20.49
C ARG BA 32 32.20 19.74 -19.41
N LYS BA 33 32.67 19.89 -18.18
CA LYS BA 33 31.81 20.21 -17.06
C LYS BA 33 32.10 21.55 -16.41
N VAL BA 34 33.14 22.24 -16.85
CA VAL BA 34 33.51 23.56 -16.34
C VAL BA 34 33.37 24.55 -17.48
N TYR BA 35 32.58 25.59 -17.28
CA TYR BA 35 32.26 26.56 -18.31
C TYR BA 35 32.60 27.97 -17.86
N ILE BA 36 33.11 28.78 -18.78
CA ILE BA 36 33.28 30.20 -18.51
C ILE BA 36 31.93 30.87 -18.70
N THR BA 37 31.33 31.33 -17.59
CA THR BA 37 30.00 31.91 -17.65
C THR BA 37 30.01 33.41 -17.84
N ASP BA 38 31.09 34.09 -17.48
CA ASP BA 38 31.26 35.49 -17.84
C ASP BA 38 32.72 35.85 -17.65
N ASP BA 39 33.08 37.06 -18.07
CA ASP BA 39 34.47 37.46 -18.13
C ASP BA 39 35.21 37.19 -16.82
N TYR BA 40 34.50 37.14 -15.70
CA TYR BA 40 35.20 36.94 -14.43
C TYR BA 40 34.59 35.82 -13.58
N THR BA 41 33.80 34.93 -14.17
CA THR BA 41 33.25 33.83 -13.39
C THR BA 41 33.14 32.59 -14.28
N ALA BA 42 33.46 31.45 -13.68
CA ALA BA 42 33.27 30.14 -14.26
C ALA BA 42 32.50 29.27 -13.29
N THR BA 43 31.70 28.36 -13.83
CA THR BA 43 30.91 27.44 -13.03
C THR BA 43 31.17 26.02 -13.50
N GLY BA 44 31.33 25.11 -12.56
CA GLY BA 44 31.41 23.69 -12.87
C GLY BA 44 30.25 23.01 -12.17
N ILE BA 45 29.60 22.07 -12.86
CA ILE BA 45 28.37 21.48 -12.37
C ILE BA 45 28.50 19.96 -12.34
N ALA BA 46 27.89 19.34 -11.34
CA ALA BA 46 27.89 17.90 -11.18
C ALA BA 46 26.47 17.39 -11.08
N GLY BA 47 26.22 16.21 -11.67
CA GLY BA 47 24.89 15.65 -11.63
C GLY BA 47 24.36 15.29 -13.00
N THR BA 48 23.05 15.35 -13.17
CA THR BA 48 22.43 15.04 -14.44
C THR BA 48 22.94 15.97 -15.51
N ALA BA 49 23.42 15.39 -16.62
CA ALA BA 49 24.06 16.18 -17.66
C ALA BA 49 23.11 17.24 -18.21
N ALA BA 50 21.91 16.82 -18.60
CA ALA BA 50 20.95 17.76 -19.18
C ALA BA 50 20.74 18.97 -18.29
N VAL BA 51 20.44 18.72 -17.01
CA VAL BA 51 20.17 19.81 -16.09
C VAL BA 51 21.42 20.66 -15.90
N ALA BA 52 22.59 20.03 -15.85
CA ALA BA 52 23.81 20.77 -15.60
C ALA BA 52 24.11 21.74 -16.73
N VAL BA 53 24.11 21.25 -17.96
CA VAL BA 53 24.39 22.13 -19.09
C VAL BA 53 23.31 23.19 -19.21
N GLU BA 54 22.04 22.83 -18.98
CA GLU BA 54 21.01 23.87 -19.01
C GLU BA 54 21.30 24.96 -18.00
N PHE BA 55 21.74 24.58 -16.79
CA PHE BA 55 22.16 25.56 -15.80
C PHE BA 55 23.22 26.48 -16.36
N ALA BA 56 24.32 25.91 -16.86
CA ALA BA 56 25.43 26.73 -17.32
C ALA BA 56 24.98 27.70 -18.42
N ARG BA 57 24.26 27.18 -19.41
CA ARG BA 57 23.83 27.99 -20.53
C ARG BA 57 22.90 29.10 -20.07
N LEU BA 58 21.84 28.74 -19.37
CA LEU BA 58 20.85 29.70 -18.94
C LEU BA 58 21.46 30.77 -18.05
N TYR BA 59 22.40 30.38 -17.20
CA TYR BA 59 23.05 31.32 -16.29
C TYR BA 59 23.89 32.33 -17.06
N ALA BA 60 24.72 31.86 -17.99
CA ALA BA 60 25.49 32.78 -18.80
C ALA BA 60 24.58 33.78 -19.51
N VAL BA 61 23.49 33.28 -20.11
CA VAL BA 61 22.56 34.17 -20.79
C VAL BA 61 21.95 35.17 -19.81
N GLU BA 62 21.61 34.74 -18.59
CA GLU BA 62 20.98 35.67 -17.66
C GLU BA 62 21.93 36.80 -17.27
N LEU BA 63 23.19 36.46 -16.97
CA LEU BA 63 24.15 37.49 -16.60
C LEU BA 63 24.36 38.48 -17.73
N GLU BA 64 24.68 37.98 -18.94
CA GLU BA 64 24.91 38.93 -20.02
C GLU BA 64 23.66 39.72 -20.35
N HIS BA 65 22.49 39.12 -20.20
CA HIS BA 65 21.23 39.84 -20.39
C HIS BA 65 21.14 41.04 -19.46
N TYR BA 66 21.38 40.84 -18.15
CA TYR BA 66 21.38 41.96 -17.23
C TYR BA 66 22.40 43.01 -17.65
N GLU BA 67 23.59 42.57 -18.08
CA GLU BA 67 24.62 43.54 -18.42
C GLU BA 67 24.20 44.41 -19.61
N LYS BA 68 23.61 43.81 -20.64
CA LYS BA 68 23.21 44.62 -21.79
C LYS BA 68 22.02 45.50 -21.46
N LEU BA 69 21.10 45.02 -20.63
CA LEU BA 69 19.94 45.84 -20.30
C LEU BA 69 20.34 47.05 -19.47
N GLU BA 70 21.17 46.84 -18.46
CA GLU BA 70 21.46 47.90 -17.50
C GLU BA 70 22.83 48.55 -17.69
N GLY BA 71 23.61 48.12 -18.67
CA GLY BA 71 24.87 48.78 -18.95
C GLY BA 71 26.00 48.48 -18.00
N VAL BA 72 25.79 47.64 -17.00
CA VAL BA 72 26.82 47.31 -16.02
C VAL BA 72 26.62 45.86 -15.58
N PRO BA 73 27.68 45.10 -15.34
CA PRO BA 73 27.49 43.72 -14.87
C PRO BA 73 26.97 43.68 -13.45
N LEU BA 74 26.43 42.52 -13.10
CA LEU BA 74 25.95 42.30 -11.74
C LEU BA 74 27.11 42.33 -10.75
N THR BA 75 26.82 42.79 -9.54
CA THR BA 75 27.74 42.57 -8.46
C THR BA 75 27.87 41.08 -8.22
N PHE BA 76 29.00 40.67 -7.63
CA PHE BA 76 29.21 39.25 -7.43
C PHE BA 76 28.12 38.65 -6.56
N ALA BA 77 27.73 39.36 -5.49
CA ALA BA 77 26.62 38.89 -4.67
C ALA BA 77 25.38 38.65 -5.52
N GLY BA 78 25.13 39.53 -6.49
CA GLY BA 78 23.99 39.34 -7.37
C GLY BA 78 24.12 38.07 -8.20
N LYS BA 79 25.31 37.83 -8.74
CA LYS BA 79 25.53 36.61 -9.51
C LYS BA 79 25.25 35.38 -8.67
N ILE BA 80 25.75 35.38 -7.43
CA ILE BA 80 25.48 34.28 -6.51
C ILE BA 80 23.98 34.11 -6.32
N ASN BA 81 23.28 35.21 -6.06
CA ASN BA 81 21.86 35.09 -5.77
C ASN BA 81 21.10 34.53 -6.95
N ARG BA 82 21.48 34.91 -8.16
CA ARG BA 82 20.76 34.37 -9.31
C ARG BA 82 21.03 32.88 -9.48
N LEU BA 83 22.30 32.46 -9.36
CA LEU BA 83 22.59 31.04 -9.47
C LEU BA 83 21.83 30.24 -8.40
N ALA BA 84 21.84 30.74 -7.16
CA ALA BA 84 21.12 30.06 -6.09
C ALA BA 84 19.64 29.96 -6.40
N ILE BA 85 19.04 31.06 -6.89
CA ILE BA 85 17.62 31.04 -7.21
C ILE BA 85 17.33 30.00 -8.28
N MET BA 86 18.23 29.86 -9.27
CA MET BA 86 18.01 28.84 -10.30
C MET BA 86 18.05 27.45 -9.70
N VAL BA 87 19.06 27.17 -8.86
CA VAL BA 87 19.15 25.86 -8.21
C VAL BA 87 17.87 25.57 -7.44
N ARG BA 88 17.41 26.55 -6.67
CA ARG BA 88 16.19 26.37 -5.88
C ARG BA 88 15.01 26.05 -6.79
N GLY BA 89 14.88 26.78 -7.87
CA GLY BA 89 13.83 26.50 -8.83
C GLY BA 89 13.83 25.06 -9.28
N ASN BA 90 15.00 24.43 -9.38
CA ASN BA 90 15.02 23.05 -9.83
C ASN BA 90 14.71 22.03 -8.74
N LEU BA 91 14.40 22.43 -7.51
CA LEU BA 91 14.31 21.48 -6.41
C LEU BA 91 13.30 20.37 -6.68
N ALA BA 92 12.13 20.73 -7.21
CA ALA BA 92 11.09 19.73 -7.42
C ALA BA 92 11.57 18.61 -8.32
N ALA BA 93 12.11 18.97 -9.49
CA ALA BA 93 12.67 17.97 -10.38
C ALA BA 93 13.82 17.22 -9.74
N ALA BA 94 14.64 17.92 -8.95
CA ALA BA 94 15.79 17.27 -8.31
C ALA BA 94 15.37 16.12 -7.42
N MET BA 95 14.34 16.35 -6.59
CA MET BA 95 13.84 15.26 -5.76
C MET BA 95 13.23 14.12 -6.59
N GLN BA 96 12.92 14.37 -7.86
CA GLN BA 96 12.48 13.33 -8.79
C GLN BA 96 13.63 12.72 -9.58
N GLY BA 97 14.87 13.02 -9.21
CA GLY BA 97 16.03 12.36 -9.81
C GLY BA 97 16.89 13.22 -10.71
N LEU BA 98 16.43 14.40 -11.13
CA LEU BA 98 17.20 15.27 -12.02
C LEU BA 98 18.00 16.31 -11.23
N LEU BA 99 18.91 15.80 -10.39
CA LEU BA 99 19.68 16.65 -9.49
C LEU BA 99 20.93 17.17 -10.18
N ALA BA 100 21.25 18.43 -9.93
CA ALA BA 100 22.49 19.02 -10.43
C ALA BA 100 22.90 20.13 -9.47
N LEU BA 101 24.15 20.07 -9.01
CA LEU BA 101 24.69 21.05 -8.10
C LEU BA 101 25.83 21.81 -8.78
N PRO BA 102 25.84 23.13 -8.71
CA PRO BA 102 26.96 23.87 -9.27
C PRO BA 102 27.99 24.24 -8.23
N LEU BA 103 29.15 24.65 -8.72
CA LEU BA 103 30.24 25.22 -7.95
C LEU BA 103 30.74 26.42 -8.72
N LEU BA 104 30.79 27.57 -8.04
CA LEU BA 104 31.05 28.85 -8.69
C LEU BA 104 32.42 29.35 -8.26
N ALA BA 105 33.24 29.73 -9.23
CA ALA BA 105 34.53 30.33 -8.95
C ALA BA 105 34.60 31.61 -9.76
N GLY BA 106 34.99 32.71 -9.12
CA GLY BA 106 35.00 33.99 -9.80
C GLY BA 106 36.08 34.90 -9.27
N TYR BA 107 36.22 36.04 -9.94
CA TYR BA 107 37.13 37.09 -9.51
C TYR BA 107 36.31 38.35 -9.35
N ASP BA 108 36.22 38.86 -8.12
CA ASP BA 108 35.36 40.01 -7.83
C ASP BA 108 36.12 41.28 -8.14
N ILE BA 109 35.78 41.92 -9.27
CA ILE BA 109 36.48 43.12 -9.69
C ILE BA 109 36.28 44.28 -8.75
N HIS BA 110 35.28 44.23 -7.88
CA HIS BA 110 35.02 45.30 -6.93
C HIS BA 110 35.62 45.02 -5.56
N ALA BA 111 36.44 43.99 -5.44
CA ALA BA 111 37.00 43.67 -4.13
C ALA BA 111 38.07 44.68 -3.76
N SER BA 112 38.29 44.84 -2.46
CA SER BA 112 39.30 45.78 -1.99
C SER BA 112 40.70 45.31 -2.39
N ASP BA 113 41.09 44.13 -1.92
CA ASP BA 113 42.43 43.63 -2.15
C ASP BA 113 42.43 42.72 -3.37
N PRO BA 114 43.18 43.05 -4.43
CA PRO BA 114 43.17 42.20 -5.62
C PRO BA 114 43.85 40.85 -5.43
N GLN BA 115 44.61 40.65 -4.35
CA GLN BA 115 45.19 39.34 -4.11
C GLN BA 115 44.16 38.36 -3.56
N SER BA 116 43.21 38.85 -2.76
CA SER BA 116 42.14 38.03 -2.22
C SER BA 116 40.81 38.31 -2.90
N ALA BA 117 40.85 38.74 -4.15
CA ALA BA 117 39.61 38.98 -4.88
C ALA BA 117 39.03 37.69 -5.45
N GLY BA 118 39.72 36.57 -5.33
CA GLY BA 118 39.16 35.30 -5.77
C GLY BA 118 38.02 34.89 -4.86
N ARG BA 119 37.03 34.26 -5.46
CA ARG BA 119 35.82 33.87 -4.74
C ARG BA 119 35.43 32.46 -5.14
N ILE BA 120 35.11 31.63 -4.16
CA ILE BA 120 34.64 30.28 -4.40
C ILE BA 120 33.36 30.09 -3.59
N VAL BA 121 32.27 29.76 -4.27
CA VAL BA 121 30.95 29.64 -3.68
C VAL BA 121 30.40 28.27 -4.04
N SER BA 122 29.89 27.56 -3.04
CA SER BA 122 29.26 26.26 -3.24
C SER BA 122 27.77 26.34 -2.92
N PHE BA 123 27.02 25.39 -3.49
CA PHE BA 123 25.57 25.39 -3.41
C PHE BA 123 25.06 24.00 -3.05
N ASP BA 124 23.87 23.95 -2.45
CA ASP BA 124 23.16 22.70 -2.18
C ASP BA 124 21.83 22.69 -2.93
N ALA BA 125 21.16 21.54 -2.88
CA ALA BA 125 20.00 21.33 -3.72
C ALA BA 125 18.86 22.30 -3.43
N ALA BA 126 18.85 22.93 -2.26
CA ALA BA 126 17.80 23.85 -1.87
C ALA BA 126 18.16 25.29 -2.16
N GLY BA 127 19.28 25.54 -2.80
CA GLY BA 127 19.67 26.89 -3.12
C GLY BA 127 20.54 27.55 -2.08
N GLY BA 128 20.78 26.91 -0.95
CA GLY BA 128 21.71 27.46 0.00
C GLY BA 128 23.08 27.58 -0.61
N TRP BA 129 23.87 28.53 -0.10
CA TRP BA 129 25.20 28.75 -0.64
C TRP BA 129 26.14 29.08 0.50
N ASN BA 130 27.42 28.83 0.25
CA ASN BA 130 28.46 29.21 1.18
C ASN BA 130 29.64 29.76 0.39
N ILE BA 131 30.09 30.95 0.77
CA ILE BA 131 31.32 31.52 0.24
C ILE BA 131 32.48 30.93 1.03
N GLU BA 132 33.42 30.32 0.33
CA GLU BA 132 34.44 29.49 0.95
C GLU BA 132 35.59 30.37 1.39
N GLU BA 133 35.78 30.49 2.70
CA GLU BA 133 36.98 31.16 3.21
C GLU BA 133 38.16 30.21 3.27
N GLU BA 134 37.90 28.91 3.45
CA GLU BA 134 38.97 27.94 3.66
C GLU BA 134 39.93 27.86 2.49
N GLY BA 135 39.58 28.38 1.33
CA GLY BA 135 40.50 28.49 0.21
C GLY BA 135 40.25 27.51 -0.90
N TYR BA 136 39.59 26.39 -0.64
CA TYR BA 136 39.34 25.40 -1.67
C TYR BA 136 37.98 24.78 -1.43
N GLN BA 137 37.44 24.14 -2.47
CA GLN BA 137 36.17 23.46 -2.37
C GLN BA 137 36.01 22.58 -3.59
N ALA BA 138 35.16 21.56 -3.47
CA ALA BA 138 34.88 20.66 -4.57
C ALA BA 138 33.45 20.19 -4.47
N VAL BA 139 32.95 19.60 -5.57
CA VAL BA 139 31.60 19.05 -5.61
C VAL BA 139 31.63 17.85 -6.53
N GLY BA 140 30.75 16.90 -6.27
CA GLY BA 140 30.62 15.70 -7.07
C GLY BA 140 30.85 14.44 -6.26
N SER BA 141 30.69 13.31 -6.94
CA SER BA 141 30.77 12.03 -6.25
C SER BA 141 32.15 11.75 -5.69
N GLY BA 142 33.18 12.41 -6.22
CA GLY BA 142 34.52 12.33 -5.69
C GLY BA 142 34.96 13.54 -4.89
N SER BA 143 34.01 14.41 -4.51
CA SER BA 143 34.39 15.67 -3.88
C SER BA 143 35.06 15.47 -2.54
N LEU BA 144 34.68 14.42 -1.80
CA LEU BA 144 35.26 14.25 -0.47
C LEU BA 144 36.73 13.86 -0.55
N PHE BA 145 37.06 12.96 -1.48
CA PHE BA 145 38.46 12.59 -1.66
C PHE BA 145 39.29 13.77 -2.14
N ALA BA 146 38.75 14.56 -3.07
CA ALA BA 146 39.50 15.70 -3.58
C ALA BA 146 39.71 16.75 -2.50
N LYS BA 147 38.67 17.07 -1.73
CA LYS BA 147 38.82 18.02 -0.64
C LYS BA 147 39.82 17.52 0.38
N SER BA 148 39.77 16.24 0.73
CA SER BA 148 40.69 15.74 1.74
C SER BA 148 42.12 15.74 1.21
N SER BA 149 42.30 15.59 -0.10
CA SER BA 149 43.64 15.71 -0.69
C SER BA 149 44.13 17.15 -0.66
N MET BA 150 43.29 18.08 -1.09
CA MET BA 150 43.67 19.49 -1.06
C MET BA 150 43.97 19.95 0.34
N LYS BA 151 43.31 19.37 1.34
CA LYS BA 151 43.59 19.74 2.72
C LYS BA 151 45.07 19.55 3.05
N LYS BA 152 45.71 18.57 2.45
CA LYS BA 152 47.12 18.33 2.69
C LYS BA 152 48.00 19.06 1.69
N LEU BA 153 47.50 19.27 0.48
CA LEU BA 153 48.34 19.86 -0.57
C LEU BA 153 48.24 21.38 -0.65
N TYR BA 154 47.38 22.03 0.15
CA TYR BA 154 47.10 23.44 -0.11
C TYR BA 154 48.27 24.32 0.28
N SER BA 155 49.04 23.92 1.28
CA SER BA 155 50.21 24.69 1.67
C SER BA 155 51.19 24.88 0.51
N GLN BA 156 51.14 24.02 -0.50
CA GLN BA 156 52.06 24.15 -1.63
C GLN BA 156 51.61 25.16 -2.66
N VAL BA 157 50.48 25.83 -2.47
CA VAL BA 157 49.95 26.75 -3.46
C VAL BA 157 50.56 28.11 -3.22
N THR BA 158 51.35 28.59 -4.19
CA THR BA 158 51.96 29.91 -4.11
C THR BA 158 51.71 30.80 -5.31
N ASP BA 159 51.34 30.25 -6.47
CA ASP BA 159 51.02 31.05 -7.63
C ASP BA 159 49.99 30.28 -8.45
N GLY BA 160 49.73 30.76 -9.67
CA GLY BA 160 48.78 30.08 -10.52
C GLY BA 160 49.23 28.68 -10.90
N ASP BA 161 50.53 28.47 -11.08
CA ASP BA 161 51.01 27.17 -11.53
C ASP BA 161 50.90 26.14 -10.41
N SER BA 162 51.34 26.49 -9.21
CA SER BA 162 51.20 25.57 -8.09
C SER BA 162 49.73 25.30 -7.80
N GLY BA 163 48.88 26.32 -7.92
CA GLY BA 163 47.46 26.11 -7.71
C GLY BA 163 46.87 25.15 -8.72
N LEU BA 164 47.24 25.32 -9.98
CA LEU BA 164 46.76 24.40 -11.01
C LEU BA 164 47.24 22.97 -10.72
N ARG BA 165 48.50 22.83 -10.32
CA ARG BA 165 49.02 21.50 -10.01
C ARG BA 165 48.25 20.86 -8.86
N VAL BA 166 47.92 21.65 -7.84
CA VAL BA 166 47.20 21.08 -6.71
C VAL BA 166 45.79 20.69 -7.15
N ALA BA 167 45.17 21.48 -8.01
CA ALA BA 167 43.84 21.13 -8.51
C ALA BA 167 43.88 19.81 -9.27
N VAL BA 168 44.80 19.68 -10.21
CA VAL BA 168 44.88 18.45 -11.00
C VAL BA 168 45.18 17.26 -10.11
N GLU BA 169 46.03 17.44 -9.10
CA GLU BA 169 46.35 16.31 -8.23
C GLU BA 169 45.12 15.92 -7.41
N ALA BA 170 44.34 16.90 -6.98
CA ALA BA 170 43.08 16.59 -6.31
C ALA BA 170 42.17 15.78 -7.20
N LEU BA 171 42.00 16.18 -8.46
CA LEU BA 171 41.18 15.38 -9.36
C LEU BA 171 41.76 13.98 -9.54
N TYR BA 172 43.08 13.85 -9.50
CA TYR BA 172 43.69 12.54 -9.63
C TYR BA 172 43.31 11.64 -8.47
N ASP BA 173 43.41 12.15 -7.24
CA ASP BA 173 43.05 11.35 -6.08
C ASP BA 173 41.56 11.01 -6.08
N ALA BA 174 40.71 11.99 -6.44
CA ALA BA 174 39.29 11.72 -6.55
C ALA BA 174 39.03 10.57 -7.51
N ALA BA 175 39.57 10.66 -8.72
CA ALA BA 175 39.39 9.57 -9.67
C ALA BA 175 40.00 8.28 -9.18
N ASP BA 176 41.00 8.37 -8.31
CA ASP BA 176 41.64 7.18 -7.77
C ASP BA 176 40.68 6.42 -6.87
N ASP BA 177 39.83 7.12 -6.13
CA ASP BA 177 38.91 6.46 -5.23
C ASP BA 177 37.45 6.46 -5.69
N ASP BA 178 37.11 7.13 -6.79
CA ASP BA 178 35.71 7.23 -7.22
C ASP BA 178 35.61 6.80 -8.68
N SER BA 179 34.81 5.77 -8.95
CA SER BA 179 34.72 5.22 -10.29
C SER BA 179 33.91 6.10 -11.23
N ALA BA 180 33.09 6.99 -10.68
CA ALA BA 180 32.32 7.89 -11.53
C ALA BA 180 33.10 9.11 -11.95
N THR BA 181 34.33 9.26 -11.46
CA THR BA 181 35.24 10.33 -11.84
C THR BA 181 36.37 9.75 -12.67
N GLY BA 182 36.65 10.39 -13.81
CA GLY BA 182 37.66 9.90 -14.72
C GLY BA 182 39.02 10.52 -14.48
N GLY BA 183 40.05 9.68 -14.46
CA GLY BA 183 41.41 10.14 -14.34
C GLY BA 183 42.02 10.44 -15.70
N PRO BA 184 43.29 10.80 -15.74
CA PRO BA 184 43.93 11.14 -17.00
C PRO BA 184 44.07 9.90 -17.89
N ASP BA 185 43.62 10.02 -19.13
CA ASP BA 185 43.64 8.93 -20.12
C ASP BA 185 44.85 9.15 -21.02
N LEU BA 186 45.93 8.45 -20.72
CA LEU BA 186 47.16 8.63 -21.49
C LEU BA 186 47.10 8.01 -22.88
N VAL BA 187 46.25 6.98 -23.08
CA VAL BA 187 46.15 6.36 -24.39
C VAL BA 187 45.43 7.29 -25.36
N ARG BA 188 44.30 7.86 -24.93
CA ARG BA 188 43.54 8.76 -25.77
C ARG BA 188 43.98 10.21 -25.65
N GLY BA 189 44.78 10.56 -24.65
CA GLY BA 189 45.17 11.93 -24.49
C GLY BA 189 44.05 12.85 -24.08
N ILE BA 190 43.22 12.44 -23.13
CA ILE BA 190 42.13 13.25 -22.61
C ILE BA 190 42.42 13.53 -21.14
N PHE BA 191 42.39 14.81 -20.77
CA PHE BA 191 42.75 15.25 -19.43
C PHE BA 191 41.67 16.15 -18.87
N PRO BA 192 41.66 16.38 -17.55
CA PRO BA 192 40.65 17.28 -16.97
C PRO BA 192 40.70 18.64 -17.64
N THR BA 193 39.57 19.33 -17.65
CA THR BA 193 39.55 20.70 -18.16
C THR BA 193 39.67 21.66 -17.00
N ALA BA 194 40.32 22.79 -17.26
CA ALA BA 194 40.54 23.76 -16.22
C ALA BA 194 40.32 25.16 -16.79
N VAL BA 195 39.92 26.06 -15.91
CA VAL BA 195 39.75 27.47 -16.20
C VAL BA 195 40.45 28.24 -15.09
N ILE BA 196 41.19 29.28 -15.45
CA ILE BA 196 41.88 30.13 -14.48
C ILE BA 196 41.36 31.55 -14.63
N ILE BA 197 41.19 32.24 -13.50
CA ILE BA 197 40.60 33.57 -13.47
C ILE BA 197 41.43 34.47 -12.58
N ASP BA 198 41.91 35.58 -13.13
CA ASP BA 198 42.59 36.61 -12.34
C ASP BA 198 42.11 37.97 -12.83
N ALA BA 199 42.86 39.02 -12.51
CA ALA BA 199 42.44 40.36 -12.86
C ALA BA 199 42.30 40.58 -14.36
N ASP BA 200 43.01 39.79 -15.18
CA ASP BA 200 42.90 39.92 -16.63
C ASP BA 200 41.71 39.16 -17.19
N GLY BA 201 40.95 38.46 -16.36
CA GLY BA 201 39.76 37.74 -16.79
C GLY BA 201 39.88 36.24 -16.58
N ALA BA 202 38.97 35.52 -17.22
CA ALA BA 202 38.90 34.06 -17.14
C ALA BA 202 39.28 33.47 -18.48
N VAL BA 203 40.22 32.54 -18.46
CA VAL BA 203 40.72 31.89 -19.68
C VAL BA 203 40.76 30.39 -19.48
N ASP BA 204 40.50 29.67 -20.57
CA ASP BA 204 40.69 28.23 -20.57
C ASP BA 204 42.18 27.91 -20.47
N VAL BA 205 42.53 27.05 -19.53
CA VAL BA 205 43.92 26.61 -19.44
C VAL BA 205 44.21 25.66 -20.61
N PRO BA 206 45.29 25.85 -21.33
CA PRO BA 206 45.56 24.98 -22.49
C PRO BA 206 45.78 23.55 -22.03
N GLU BA 207 45.36 22.61 -22.89
CA GLU BA 207 45.41 21.19 -22.55
C GLU BA 207 46.83 20.74 -22.26
N SER BA 208 47.82 21.27 -22.98
CA SER BA 208 49.19 20.80 -22.86
C SER BA 208 49.70 20.92 -21.43
N ARG BA 209 49.38 22.02 -20.74
CA ARG BA 209 49.89 22.19 -19.38
C ARG BA 209 49.27 21.18 -18.43
N ILE BA 210 47.99 20.89 -18.61
CA ILE BA 210 47.36 19.88 -17.79
C ILE BA 210 47.98 18.51 -18.04
N ALA BA 211 48.24 18.20 -19.31
CA ALA BA 211 48.91 16.94 -19.62
C ALA BA 211 50.29 16.85 -18.97
N GLU BA 212 51.05 17.94 -19.00
CA GLU BA 212 52.38 17.93 -18.41
C GLU BA 212 52.29 17.68 -16.91
N LEU BA 213 51.34 18.34 -16.24
CA LEU BA 213 51.18 18.14 -14.80
C LEU BA 213 50.70 16.73 -14.49
N ALA BA 214 49.80 16.19 -15.32
CA ALA BA 214 49.33 14.83 -15.15
C ALA BA 214 50.47 13.84 -15.20
N ARG BA 215 51.27 13.88 -16.28
CA ARG BA 215 52.39 12.97 -16.37
C ARG BA 215 53.35 13.15 -15.20
N ALA BA 216 53.54 14.40 -14.74
CA ALA BA 216 54.40 14.61 -13.59
C ALA BA 216 53.85 13.93 -12.34
N ILE BA 217 52.55 14.03 -12.11
CA ILE BA 217 51.96 13.41 -10.93
C ILE BA 217 52.02 11.89 -11.03
N ILE BA 218 51.66 11.36 -12.20
CA ILE BA 218 51.68 9.93 -12.43
C ILE BA 218 53.08 9.37 -12.16
N GLU BA 219 54.10 10.02 -12.70
CA GLU BA 219 55.46 9.56 -12.43
C GLU BA 219 55.81 9.72 -10.96
N SER BA 220 55.32 10.79 -10.32
CA SER BA 220 55.59 10.98 -8.90
C SER BA 220 55.03 9.84 -8.07
N ARG BA 221 53.92 9.21 -8.52
CA ARG BA 221 53.34 8.14 -7.74
C ARG BA 221 53.86 6.76 -8.13
N SER BA 222 54.44 6.60 -9.31
CA SER BA 222 55.01 5.33 -9.75
C SER BA 222 56.50 5.29 -9.54
N GLY BA 223 56.98 5.70 -8.36
CA GLY BA 223 58.40 5.71 -8.07
C GLY BA 223 59.18 6.67 -8.94
#